data_5LF7
#
_entry.id   5LF7
#
_cell.length_a   113.410
_cell.length_b   202.610
_cell.length_c   314.510
_cell.angle_alpha   90.00
_cell.angle_beta   90.00
_cell.angle_gamma   90.00
#
_symmetry.space_group_name_H-M   'P 21 21 21'
#
loop_
_entity.id
_entity.type
_entity.pdbx_description
1 polymer 'Proteasome subunit alpha type-2'
2 polymer 'Proteasome subunit alpha type-4'
3 polymer 'Proteasome subunit alpha type-7'
4 polymer 'Proteasome subunit alpha type-5'
5 polymer 'Proteasome subunit alpha type-1'
6 polymer 'Proteasome subunit alpha type-3'
7 polymer 'Proteasome subunit alpha type-6'
8 polymer 'Proteasome subunit beta type-7'
9 polymer 'Proteasome subunit beta type-3'
10 polymer 'Proteasome subunit beta type-2'
11 polymer 'Proteasome subunit beta type-5'
12 polymer 'Proteasome subunit beta type-1'
13 polymer 'Proteasome subunit beta type-4'
14 polymer 'Proteasome subunit beta type-6'
15 non-polymer 'CHLORIDE ION'
16 non-polymer 'POTASSIUM ION'
17 non-polymer 'MAGNESIUM ION'
18 non-polymer 'PENTAETHYLENE GLYCOL'
19 non-polymer '[(1~{R})-1-[2-[[2,5-bis(chloranyl)phenyl]carbonylamino]ethanoylamino]-3-methyl-butyl]boronic acid'
20 water water
#
loop_
_entity_poly.entity_id
_entity_poly.type
_entity_poly.pdbx_seq_one_letter_code
_entity_poly.pdbx_strand_id
1 'polypeptide(L)'
;MAERGYSFSLTTFSPSGKLVQIEYALAAVAGGAPSVGIKAANGVVLATEKKQKSILYDERSVHKVEPITKHIGLVYSGMG
PDYRVLVHRARKLAQQYYLVYQEPIPTAQLVQRVASVMQEYTQSGGVRPFGVSLLICGWNEGRPYLFQSDPSGAYFAWKA
TAMGKNYVNGKTFLEKRYNEDLELEDAIHTAILTLKESFEGQMTEDNIEVGICNEAGFRRLTPTEVKDYLAAIA
;
A,O
2 'polypeptide(L)'
;MSRRYDSRTTIFSPEGRLYQVEYAMEAIGHAGTCLGILANDGVLLAAERRNIHKLLDEVFFSEKIYKLNEDMACSVAGIT
SDANVLTNELRLIAQRYLLQYQEPIPCEQLVTALCDIKQAYTQFGGKRPFGVSLLYIGWDKHYGFQLYQSDPSGNYGGWK
ATCIGNNSAAAVSMLKQDYKEGEMTLKSALALAIKVLNKTMDVSKLSAEKVEIATLTRENGKTVIRVLKQKEVEQLIKKH
EEEEAKAEREKKEKEQKEKDK
;
B,P
3 'polypeptide(L)'
;MSYDRAITVFSPDGHLFQVEYAQEAVKKGSTAVGVRGRDIVVLGVEKKSVAKLQDERTVRKI(YCM)ALDDNVCMAFAGL
TADARIVINRARVECQSHRLTVEDPVTVEYITRYIASLKQRYTQSNGRRPFGISALIVGFDFDGTPRLYQTDPSGTYHAW
KANAIGRGAKSVREFLEKNYTDEAIETDDLTIKLVIKALLEVVQSGGKNIELAVMRRDQSLKILNPEEIEKYVAEIEKEK
EENEKKKQKKAS
;
C,Q
4 'polypeptide(L)'
;MFLTRSEYDRGVNTFSPEGRLFQVEYAIEAIKLGSTAIGIQTSEGVCLAVEKRITSPLMEPSSIEKIVEIDAHIGCAMSG
LIADAKTLIDKARVETQNHWFTYNETMTVESVTQAVSNLALQFGEEDADPGAMSRPFGVALLFGGVDEKGPQLFHMDPSG
TFVQCDARAIGSASEGAQSSLQEVYHKSMTLKEAIKSSLIILKQVMEEKLNATNIELATVQPGQNFHMFTKEELEEVIKD
I
;
D,R
5 'polypeptide(L)'
;MFRNQYDNDVTVWSPQGRIHQIEYAMEAVKQGSATVGLKSKTHAVLVALKRAQSELAAHQKKILHVDNHIGISIAGLTAD
ARLLCNFMRQECLDSRFVFDRPLPVSRLVSLIGSKTQIPTQRYGRRPYGVGLLIAGYDDMGPHIFQT(6V1)PSANYFDC
RAMSIGARSQSARTYLERHMSEFMECNLNELVKHGLRALRETLPAEQDLTTKNVSIGIVGKDLEFTIYDDDDVSPFLEGL
EERPQRKAQPAQPADEPAEKADEPMEH
;
E,S
6 'polypeptide(L)'
;MSSIGTGYDLSASTFSPDGRVFQVEYAMKAVENSSTAIGIRCKDGVVFGVEKLVLSKLYEEGSNKRLFNVDRHVGMAVAG
LLADARSLADIAREEASNFRSNFGYNIPLKHLADRVAMYVHAYTLYSAVRPFGCSFMLGSYSVNDGAQLYMIDPSGVSYG
YWGCAIGKARQAAKTEIEKLQMKEMTCRDIVKEVAKIIYIVHDEVKDKAFELELSWVGELTNGRHEIVPKDIREEAEKYA
KESLKEEDESDDDNM
;
F,T
7 'polypeptide(L)'
;MSRGSSAGFDRHITIFSPEGRLYQVEYAFKAINQGGLTSVAVRGKD(6V1)AVIVTQKKVPDKLLDSSTVTHLFKITENI
GCVMTGMTADSRSQVQRARYEAANWKYKYGYEIPVDMLCKRIADISQVYTQNAEMRPLGC(YCM)MILIGIDEEQGPQVY
KCDPAGYY(6V1)GFKATAAGVKQTESTSFLEKKVKKKFDWTFEQTVETAITCLSTVLSIDFKPSEIEVGVVTVENPKFR
ILTEAEIDAHLVALAERD
;
G,U
8 'polypeptide(L)'
;TTIAGVVYKDGIVLGADTRATEGMVVADKNCSKIHFISPNIYCCGAGTAADTDMTTQLISSNLELHSLSTGRLPRVVTAN
RMLKQMLFRYQGYIGAALVLGGVDVTGPHLYSIYPHGSTDKLPYVTMGSGSLAAMAVFEDKFRPDMEEEEAKNLVSEAIA
AGIFNDLGSGSNIDLCVISKNKLDFLRPYTVPNKKGTRLGRYRCEKGTTAVLTEKITPLEIEVLEETVQTMDTS
;
H,V
9 'polypeptide(L)'
;MSIMSYNGGAVMAMKGKNCVAIAADRRFGIQAQMVTTDFQKIFPMGDRLYIGLAGLATDVQTVAQRLKFRLNLYELKEGR
QIKPYTLMSMVANLLYEKRFGPYYTEPVIAGLDPKTFKPFICSLDLIGCPMVTDDFVVSGTCAEQMYGMCESLWEPNMDP
DHLFETISQAMLNAVDRDAVSGMGVIVHIIEKDKITTRTLKARMD
;
I,W
10 'polypeptide(L)'
;MEYLIGIQGPDYVLVASDRVAASNIVQMKDDHDKMFKMSEKILLLCVGEAGDTVQFAEYIQKNVQLYKMRNGYELSPTAA
ANFTRRNLAD(6V1)LRSRTPYHVNLLLAGYDEHEGPALYYMDYLAALAKAPFAAHGYGAFLTLSILDRYYTPTISRERA
VELLRKCLEELQKRFILNLPTFSVRIIDKNGIHDLDNISFPKQGS
;
J,X
11 'polypeptide(L)'
;TTTLAFKFRHGVIVAADSRATAGAYIASQTVKKVIEINPYLLGTMAGGAADCSFWERLLARQCRIYELRNKERISVAAAS
KLLANMVYQYKGMGLSMGTMICGWDKRGPGLYYVDSEGNRISGATFSVGSGSVYAYGVMDRGYSYDLEVEQAYDLARRAI
YQATYRDAYSGGAVNLYHVREDGWIRVSSDNVADLHEKYSGSTP
;
K,Y
12 'polypeptide(L)'
;RFSPYVFNGGTILAIAGEDFAIVASDTRLSEGFSIHTRDSPKCYKLTDKTVIGCSGFHGDCLTLTKIIEARLKMYKHSNN
KAMTTGAIAAMLSTILYSRRFFPYYVYNIIGGLDEEGKGAVYSFDPVGSYQRDSFKAGGSASAMLQPLLDNQVGFKNMQN
VEHVPLSLDRAMRLVKDVFISAAERDVYTGDALRICIVTKEGIREETVSLRKD
;
L,Z
13 'polypeptide(L)'
;TQNPMVTGTSVLGVKFEGGVVIAADMLGSYGSLARFRNISRIMRVNNSTMLGASGDYADFQYLKQVLGQMVIDEELLGDG
HSYSPRAIHSWLTRAMYSRRSKMNPLWNTMVIGGYADGESFLGYVDMLGVAYEAPSLATGYGAYLAQPLLREVLEKQPVL
SQTEARDLVERCMRVLYYRDARSYNRFQIATVTEKGVEIEGPLSTETNWDIAHMISGFE
;
M,a
14 'polypeptide(L)'
;TTIMAVQFDGGVVLGADSRTTTGSYIANRVTDKLTPIHDRIFCCRSGSAADTQAVADAVTYQLGFHSIELNEPPLVHTAA
SLFKEMCYRYREDLMAGIIIAGWDPQEGGQVYSVPMGGMMVRQSFAIGGSGSSYIYGYVDATYREGMTKEECLQFTANAL
ALAMERDGSSGGVIRLAAIAESGVERQVLLGDQIPKFAVATLPPA
;
N,b
#
# COMPACT_ATOMS: atom_id res chain seq x y z
N ARG A 4 -21.17 45.79 20.28
CA ARG A 4 -21.02 45.17 18.90
C ARG A 4 -20.87 46.20 17.74
N GLY A 5 -21.59 47.33 17.82
CA GLY A 5 -21.70 48.25 16.71
C GLY A 5 -23.19 48.54 16.49
N TYR A 6 -23.52 49.76 16.12
CA TYR A 6 -24.89 50.15 15.89
C TYR A 6 -25.14 49.76 14.42
N SER A 7 -26.23 49.04 14.18
CA SER A 7 -26.50 48.48 12.89
C SER A 7 -27.47 49.34 12.04
N PHE A 8 -28.00 50.43 12.60
CA PHE A 8 -28.91 51.36 11.93
C PHE A 8 -28.17 52.52 11.30
N SER A 9 -28.71 53.10 10.27
CA SER A 9 -28.08 54.28 9.60
C SER A 9 -28.17 55.52 10.49
N LEU A 10 -27.10 56.31 10.56
CA LEU A 10 -27.12 57.61 11.27
C LEU A 10 -27.37 58.72 10.28
N THR A 11 -27.33 58.43 8.99
CA THR A 11 -27.80 59.36 7.98
C THR A 11 -29.11 58.83 7.41
N THR A 12 -30.15 59.68 7.47
CA THR A 12 -31.48 59.38 6.93
C THR A 12 -32.06 60.58 6.14
N PHE A 13 -33.12 60.33 5.42
CA PHE A 13 -33.91 61.40 4.76
C PHE A 13 -34.78 62.22 5.68
N SER A 14 -34.62 63.51 5.59
CA SER A 14 -35.57 64.46 6.21
C SER A 14 -36.87 64.52 5.39
N PRO A 15 -37.95 65.10 5.96
CA PRO A 15 -39.22 65.24 5.23
C PRO A 15 -39.15 66.01 3.91
N SER A 16 -38.21 66.95 3.78
CA SER A 16 -37.98 67.63 2.47
C SER A 16 -37.02 66.89 1.52
N GLY A 17 -36.63 65.66 1.84
CA GLY A 17 -35.78 64.90 0.97
C GLY A 17 -34.29 65.10 1.14
N LYS A 18 -33.85 65.81 2.16
CA LYS A 18 -32.45 66.03 2.40
C LYS A 18 -31.79 64.96 3.29
N LEU A 19 -30.53 64.62 3.00
CA LEU A 19 -29.73 63.84 3.89
C LEU A 19 -28.89 64.80 4.72
N VAL A 20 -29.43 65.24 5.86
CA VAL A 20 -28.77 66.38 6.50
C VAL A 20 -27.34 66.10 6.98
N GLN A 21 -27.06 64.86 7.45
CA GLN A 21 -25.69 64.58 7.86
C GLN A 21 -24.68 64.84 6.74
N ILE A 22 -25.06 64.62 5.50
CA ILE A 22 -24.19 64.91 4.36
C ILE A 22 -24.02 66.40 4.17
N GLU A 23 -25.13 67.14 4.27
CA GLU A 23 -25.06 68.57 4.28
C GLU A 23 -24.12 69.12 5.38
N TYR A 24 -24.19 68.53 6.56
CA TYR A 24 -23.39 69.03 7.63
C TYR A 24 -21.92 68.67 7.44
N ALA A 25 -21.65 67.50 6.86
CA ALA A 25 -20.33 67.15 6.42
C ALA A 25 -19.73 68.11 5.43
N LEU A 26 -20.54 68.52 4.47
CA LEU A 26 -20.20 69.58 3.57
C LEU A 26 -19.88 70.89 4.29
N ALA A 27 -20.57 71.19 5.40
CA ALA A 27 -20.22 72.37 6.16
C ALA A 27 -18.85 72.23 6.85
N ALA A 28 -18.49 71.02 7.33
CA ALA A 28 -17.08 70.82 7.80
C ALA A 28 -16.06 71.06 6.69
N VAL A 29 -16.39 70.62 5.49
CA VAL A 29 -15.51 70.85 4.35
C VAL A 29 -15.33 72.36 4.10
N ALA A 30 -16.45 73.08 4.05
CA ALA A 30 -16.46 74.52 3.77
C ALA A 30 -15.68 75.34 4.76
N GLY A 31 -15.57 74.85 5.97
CA GLY A 31 -14.79 75.47 7.00
C GLY A 31 -13.37 74.99 7.04
N GLY A 32 -13.01 74.05 6.19
CA GLY A 32 -11.62 73.61 6.10
C GLY A 32 -10.69 74.66 5.47
N ALA A 33 -9.39 74.40 5.54
CA ALA A 33 -8.40 75.23 4.90
C ALA A 33 -8.53 75.14 3.38
N PRO A 34 -8.32 76.24 2.68
CA PRO A 34 -8.49 76.20 1.20
C PRO A 34 -7.59 75.27 0.45
N SER A 35 -8.13 74.65 -0.59
CA SER A 35 -7.38 73.78 -1.51
C SER A 35 -7.78 74.15 -2.93
N VAL A 36 -6.84 73.93 -3.85
CA VAL A 36 -6.98 74.35 -5.25
C VAL A 36 -6.47 73.24 -6.14
N GLY A 37 -7.18 72.99 -7.24
CA GLY A 37 -6.65 72.16 -8.32
C GLY A 37 -6.81 72.83 -9.69
N ILE A 38 -5.76 72.76 -10.52
CA ILE A 38 -5.79 73.35 -11.90
C ILE A 38 -5.14 72.37 -12.90
N LYS A 39 -5.96 71.93 -13.83
CA LYS A 39 -5.53 71.05 -14.92
C LYS A 39 -5.00 71.86 -16.07
N ALA A 40 -3.67 71.83 -16.24
CA ALA A 40 -3.00 72.49 -17.33
C ALA A 40 -3.06 71.52 -18.53
N ALA A 41 -2.55 72.01 -19.66
CA ALA A 41 -2.50 71.21 -20.87
C ALA A 41 -1.59 69.99 -20.67
N ASN A 42 -0.46 70.18 -19.96
CA ASN A 42 0.60 69.16 -19.80
C ASN A 42 0.79 68.62 -18.38
N GLY A 43 -0.15 68.93 -17.48
CA GLY A 43 -0.12 68.41 -16.13
C GLY A 43 -1.22 68.96 -15.25
N VAL A 44 -1.16 68.62 -13.96
CA VAL A 44 -2.10 69.08 -12.97
C VAL A 44 -1.33 69.57 -11.76
N VAL A 45 -1.86 70.58 -11.10
CA VAL A 45 -1.30 71.07 -9.84
C VAL A 45 -2.36 71.08 -8.79
N LEU A 46 -1.98 70.64 -7.61
CA LEU A 46 -2.79 70.69 -6.39
C LEU A 46 -2.06 71.56 -5.35
N ALA A 47 -2.79 72.49 -4.73
CA ALA A 47 -2.17 73.36 -3.74
C ALA A 47 -3.11 73.58 -2.59
N THR A 48 -2.51 73.76 -1.42
CA THR A 48 -3.30 73.91 -0.22
C THR A 48 -2.58 74.76 0.78
N GLU A 49 -3.37 75.38 1.63
CA GLU A 49 -2.91 76.16 2.72
C GLU A 49 -2.77 75.27 3.96
N LYS A 50 -1.67 75.41 4.67
CA LYS A 50 -1.61 74.87 6.01
C LYS A 50 -2.30 75.84 7.00
N LYS A 51 -3.44 75.40 7.59
CA LYS A 51 -4.00 76.04 8.85
C LYS A 51 -2.98 75.97 10.08
N GLN A 52 -1.75 76.43 9.82
CA GLN A 52 -0.54 76.16 10.59
C GLN A 52 -0.24 77.44 11.33
N LYS A 53 -0.73 77.45 12.57
CA LYS A 53 -0.27 78.38 13.59
C LYS A 53 1.25 78.25 13.69
N SER A 54 1.71 78.56 14.86
CA SER A 54 2.99 78.16 15.37
C SER A 54 4.18 77.81 14.45
N ILE A 55 5.21 78.58 14.65
CA ILE A 55 6.56 78.16 14.37
C ILE A 55 6.98 76.82 15.02
N LEU A 56 6.28 76.39 16.08
CA LEU A 56 6.58 75.12 16.73
C LEU A 56 6.34 73.89 15.88
N TYR A 57 5.43 73.95 14.90
CA TYR A 57 5.14 72.81 14.06
C TYR A 57 6.30 72.44 13.20
N ASP A 58 6.56 71.12 13.05
CA ASP A 58 7.51 70.65 12.12
C ASP A 58 6.65 70.42 10.90
N GLU A 59 6.77 71.37 9.95
N GLU A 59 6.74 71.37 9.96
CA GLU A 59 5.89 71.42 8.75
CA GLU A 59 5.83 71.39 8.80
C GLU A 59 6.02 70.19 7.87
C GLU A 59 6.00 70.19 7.87
N ARG A 60 7.20 69.60 7.87
CA ARG A 60 7.51 68.39 7.09
C ARG A 60 7.04 67.08 7.77
N SER A 61 6.48 67.13 8.97
CA SER A 61 6.12 65.88 9.70
C SER A 61 4.85 65.24 9.17
N VAL A 62 3.88 66.04 8.74
CA VAL A 62 2.73 65.52 8.08
C VAL A 62 2.37 66.34 6.84
N HIS A 63 1.83 65.68 5.83
CA HIS A 63 1.57 66.31 4.52
C HIS A 63 0.10 66.20 4.20
N LYS A 64 -0.42 67.25 3.62
CA LYS A 64 -1.77 67.28 3.09
C LYS A 64 -1.83 66.80 1.65
N VAL A 65 -0.78 67.04 0.88
CA VAL A 65 -0.66 66.59 -0.47
C VAL A 65 0.05 65.25 -0.40
N GLU A 66 -0.59 64.17 -0.83
CA GLU A 66 -0.07 62.82 -0.68
C GLU A 66 -0.07 62.01 -1.96
N PRO A 67 0.99 61.24 -2.20
CA PRO A 67 0.97 60.25 -3.28
C PRO A 67 0.09 59.00 -2.94
N ILE A 68 -0.70 58.62 -3.92
CA ILE A 68 -1.44 57.39 -3.97
C ILE A 68 -0.67 56.32 -4.73
N THR A 69 -0.21 56.64 -5.90
CA THR A 69 0.58 55.77 -6.74
C THR A 69 1.66 56.65 -7.32
N LYS A 70 2.53 56.07 -8.14
CA LYS A 70 3.51 56.85 -8.93
C LYS A 70 2.88 57.96 -9.72
N HIS A 71 1.64 57.75 -10.14
CA HIS A 71 0.99 58.64 -11.12
C HIS A 71 -0.25 59.37 -10.60
N ILE A 72 -0.66 59.14 -9.36
CA ILE A 72 -1.81 59.73 -8.77
C ILE A 72 -1.46 60.39 -7.45
N GLY A 73 -2.03 61.57 -7.24
CA GLY A 73 -1.97 62.27 -5.94
C GLY A 73 -3.28 62.91 -5.52
N LEU A 74 -3.33 63.29 -4.24
CA LEU A 74 -4.54 63.76 -3.54
C LEU A 74 -4.19 65.01 -2.72
N VAL A 75 -5.21 65.83 -2.54
CA VAL A 75 -5.25 66.80 -1.42
C VAL A 75 -6.71 66.88 -0.94
N TYR A 76 -6.98 67.62 0.11
CA TYR A 76 -8.35 67.73 0.62
C TYR A 76 -8.60 69.03 1.28
N SER A 77 -9.87 69.23 1.58
CA SER A 77 -10.34 70.23 2.48
C SER A 77 -11.32 69.56 3.45
N GLY A 78 -11.18 69.87 4.73
CA GLY A 78 -12.09 69.44 5.80
C GLY A 78 -11.32 68.80 6.92
N MET A 79 -11.80 67.65 7.40
CA MET A 79 -11.17 67.04 8.62
C MET A 79 -10.00 66.15 8.28
N GLY A 80 -8.82 66.54 8.72
CA GLY A 80 -7.58 65.83 8.44
C GLY A 80 -7.60 64.32 8.81
N PRO A 81 -7.98 63.96 10.02
CA PRO A 81 -7.96 62.52 10.34
C PRO A 81 -8.86 61.69 9.43
N ASP A 82 -9.98 62.25 8.97
CA ASP A 82 -10.84 61.54 8.03
C ASP A 82 -10.13 61.31 6.69
N TYR A 83 -9.38 62.33 6.25
CA TYR A 83 -8.56 62.24 5.05
C TYR A 83 -7.55 61.13 5.10
N ARG A 84 -6.89 60.95 6.25
CA ARG A 84 -5.93 59.91 6.40
C ARG A 84 -6.53 58.49 6.22
N VAL A 85 -7.78 58.29 6.64
CA VAL A 85 -8.49 57.07 6.36
C VAL A 85 -8.61 56.82 4.86
N LEU A 86 -8.97 57.85 4.14
CA LEU A 86 -9.24 57.73 2.73
C LEU A 86 -7.95 57.56 1.89
N VAL A 87 -6.86 58.20 2.30
CA VAL A 87 -5.54 58.02 1.68
C VAL A 87 -5.10 56.55 1.78
N HIS A 88 -5.22 55.99 2.99
CA HIS A 88 -4.88 54.64 3.21
C HIS A 88 -5.73 53.69 2.32
N ARG A 89 -7.01 53.91 2.28
CA ARG A 89 -7.89 53.04 1.49
CA ARG A 89 -7.91 53.05 1.48
C ARG A 89 -7.60 53.22 -0.01
N ALA A 90 -7.33 54.46 -0.45
CA ALA A 90 -7.04 54.70 -1.85
C ALA A 90 -5.78 53.99 -2.26
N ARG A 91 -4.77 54.02 -1.41
CA ARG A 91 -3.55 53.33 -1.68
C ARG A 91 -3.76 51.82 -1.79
N LYS A 92 -4.55 51.27 -0.89
CA LYS A 92 -4.83 49.87 -0.89
C LYS A 92 -5.65 49.47 -2.11
N LEU A 93 -6.66 50.27 -2.45
CA LEU A 93 -7.42 50.09 -3.69
C LEU A 93 -6.51 50.10 -4.90
N ALA A 94 -5.52 50.98 -4.91
CA ALA A 94 -4.67 51.10 -6.09
C ALA A 94 -3.82 49.82 -6.24
N GLN A 95 -3.35 49.28 -5.11
CA GLN A 95 -2.54 48.08 -5.12
C GLN A 95 -3.35 46.84 -5.51
N GLN A 96 -4.55 46.72 -4.96
CA GLN A 96 -5.46 45.59 -5.34
C GLN A 96 -5.68 45.57 -6.86
N TYR A 97 -5.87 46.77 -7.43
CA TYR A 97 -6.04 46.89 -8.89
C TYR A 97 -4.78 46.39 -9.60
N TYR A 98 -3.62 46.86 -9.13
CA TYR A 98 -2.36 46.54 -9.80
C TYR A 98 -2.07 45.03 -9.74
N LEU A 99 -2.40 44.42 -8.61
CA LEU A 99 -2.13 42.98 -8.47
C LEU A 99 -2.89 42.16 -9.50
N VAL A 100 -4.08 42.58 -9.83
CA VAL A 100 -4.94 41.86 -10.74
C VAL A 100 -4.60 42.22 -12.17
N TYR A 101 -4.59 43.49 -12.51
CA TYR A 101 -4.43 43.92 -13.89
C TYR A 101 -3.02 44.15 -14.31
N GLN A 102 -2.10 44.28 -13.38
CA GLN A 102 -0.67 44.53 -13.70
C GLN A 102 -0.49 45.81 -14.60
N GLU A 103 -1.32 46.80 -14.33
CA GLU A 103 -1.26 48.11 -14.97
C GLU A 103 -1.60 49.07 -13.83
N PRO A 104 -0.92 50.24 -13.72
CA PRO A 104 -1.42 51.21 -12.72
C PRO A 104 -2.90 51.61 -12.92
N ILE A 105 -3.57 51.84 -11.81
CA ILE A 105 -5.02 52.11 -11.83
C ILE A 105 -5.24 53.46 -12.57
N PRO A 106 -6.16 53.52 -13.56
CA PRO A 106 -6.52 54.81 -14.19
C PRO A 106 -7.12 55.69 -13.10
N THR A 107 -6.87 56.98 -13.22
CA THR A 107 -7.31 57.94 -12.28
C THR A 107 -8.79 57.88 -12.00
N ALA A 108 -9.59 57.77 -13.04
CA ALA A 108 -11.02 57.72 -12.87
C ALA A 108 -11.45 56.47 -12.13
N GLN A 109 -10.77 55.36 -12.32
CA GLN A 109 -11.14 54.09 -11.64
C GLN A 109 -10.83 54.18 -10.16
N LEU A 110 -9.73 54.83 -9.82
CA LEU A 110 -9.37 55.08 -8.47
C LEU A 110 -10.38 55.99 -7.79
N VAL A 111 -10.76 57.07 -8.44
CA VAL A 111 -11.78 57.95 -7.92
C VAL A 111 -13.10 57.23 -7.68
N GLN A 112 -13.55 56.44 -8.66
CA GLN A 112 -14.81 55.69 -8.53
C GLN A 112 -14.77 54.77 -7.29
N ARG A 113 -13.64 54.12 -7.05
CA ARG A 113 -13.56 53.19 -5.92
C ARG A 113 -13.52 53.87 -4.57
N VAL A 114 -12.78 54.99 -4.49
CA VAL A 114 -12.78 55.83 -3.31
C VAL A 114 -14.14 56.48 -3.03
N ALA A 115 -14.74 57.07 -4.08
CA ALA A 115 -16.09 57.61 -3.95
C ALA A 115 -17.10 56.58 -3.37
N SER A 116 -16.91 55.38 -3.74
CA SER A 116 -17.79 54.28 -3.31
C SER A 116 -17.61 53.97 -1.81
N VAL A 117 -16.38 54.09 -1.31
CA VAL A 117 -16.15 54.01 0.08
C VAL A 117 -16.85 55.14 0.84
N MET A 118 -16.76 56.34 0.29
CA MET A 118 -17.44 57.50 0.89
C MET A 118 -18.96 57.33 0.88
N GLN A 119 -19.52 56.77 -0.18
CA GLN A 119 -20.95 56.48 -0.17
C GLN A 119 -21.34 55.56 0.96
N GLU A 120 -20.55 54.55 1.21
CA GLU A 120 -20.84 53.56 2.30
C GLU A 120 -21.05 54.16 3.65
N TYR A 121 -20.27 55.20 3.91
CA TYR A 121 -20.31 55.92 5.21
C TYR A 121 -21.48 56.87 5.30
N THR A 122 -22.31 56.95 4.25
CA THR A 122 -23.55 57.71 4.33
C THR A 122 -24.76 56.77 4.56
N GLN A 123 -24.54 55.48 4.58
CA GLN A 123 -25.68 54.50 4.68
C GLN A 123 -25.48 53.37 5.65
N SER A 124 -24.25 52.99 5.80
CA SER A 124 -23.88 51.85 6.62
C SER A 124 -24.13 52.13 8.13
N GLY A 125 -24.23 51.12 8.94
CA GLY A 125 -24.67 51.28 10.26
C GLY A 125 -23.67 51.94 11.22
N GLY A 126 -24.16 52.85 12.06
CA GLY A 126 -23.45 53.37 13.22
C GLY A 126 -22.28 54.30 12.93
N VAL A 127 -22.25 54.88 11.73
CA VAL A 127 -21.17 55.76 11.32
C VAL A 127 -21.72 57.02 10.66
N ARG A 128 -20.92 58.08 10.75
CA ARG A 128 -21.17 59.36 10.11
C ARG A 128 -20.42 59.45 8.79
N PRO A 129 -20.88 60.32 7.90
CA PRO A 129 -20.05 60.47 6.72
C PRO A 129 -18.70 61.08 7.01
N PHE A 130 -17.79 61.00 6.02
CA PHE A 130 -16.51 61.64 6.06
C PHE A 130 -16.70 63.14 5.91
N GLY A 131 -16.02 63.92 6.72
CA GLY A 131 -16.11 65.38 6.61
C GLY A 131 -14.97 65.94 5.75
N VAL A 132 -14.83 65.39 4.54
CA VAL A 132 -13.75 65.75 3.64
C VAL A 132 -14.29 65.70 2.24
N SER A 133 -13.77 66.63 1.42
CA SER A 133 -13.80 66.49 -0.01
C SER A 133 -12.36 66.37 -0.50
N LEU A 134 -12.19 65.47 -1.46
CA LEU A 134 -10.88 65.16 -2.02
C LEU A 134 -10.73 65.85 -3.36
N LEU A 135 -9.54 66.31 -3.69
CA LEU A 135 -9.16 66.58 -5.07
C LEU A 135 -8.09 65.55 -5.45
N ILE A 136 -8.34 64.83 -6.52
CA ILE A 136 -7.48 63.74 -6.97
C ILE A 136 -6.96 64.09 -8.39
N CYS A 137 -5.64 64.03 -8.56
CA CYS A 137 -5.04 64.24 -9.87
C CYS A 137 -4.28 62.99 -10.31
N GLY A 138 -4.17 62.84 -11.60
CA GLY A 138 -3.39 61.80 -12.18
C GLY A 138 -3.10 62.03 -13.63
N TRP A 139 -2.27 61.15 -14.15
CA TRP A 139 -1.94 61.12 -15.56
C TRP A 139 -2.05 59.70 -16.05
N ASN A 140 -2.90 59.48 -17.01
CA ASN A 140 -2.90 58.21 -17.74
C ASN A 140 -3.54 58.36 -19.12
N GLU A 141 -3.29 57.38 -19.98
CA GLU A 141 -3.71 57.43 -21.38
C GLU A 141 -3.24 58.73 -22.03
N GLY A 142 -2.00 59.12 -21.72
CA GLY A 142 -1.35 60.29 -22.32
C GLY A 142 -1.92 61.63 -21.89
N ARG A 143 -2.61 61.73 -20.76
CA ARG A 143 -3.43 62.94 -20.51
C ARG A 143 -3.66 63.19 -19.01
N PRO A 144 -3.78 64.49 -18.60
CA PRO A 144 -4.04 64.84 -17.19
C PRO A 144 -5.52 64.76 -16.76
N TYR A 145 -5.75 64.36 -15.50
CA TYR A 145 -7.07 64.30 -14.94
C TYR A 145 -7.06 64.99 -13.56
N LEU A 146 -8.13 65.76 -13.29
CA LEU A 146 -8.43 66.37 -12.01
C LEU A 146 -9.89 66.00 -11.66
N PHE A 147 -10.07 65.39 -10.49
CA PHE A 147 -11.37 65.03 -9.97
C PHE A 147 -11.58 65.55 -8.53
N GLN A 148 -12.82 65.88 -8.21
CA GLN A 148 -13.26 66.11 -6.87
C GLN A 148 -14.18 64.95 -6.37
N SER A 149 -14.05 64.49 -5.14
CA SER A 149 -15.01 63.52 -4.58
C SER A 149 -15.51 64.10 -3.24
N ASP A 150 -16.84 64.19 -3.09
CA ASP A 150 -17.47 64.90 -1.97
CA ASP A 150 -17.47 64.92 -1.98
C ASP A 150 -18.00 63.92 -0.90
N PRO A 151 -18.46 64.41 0.24
CA PRO A 151 -18.83 63.44 1.34
C PRO A 151 -19.96 62.48 0.97
N SER A 152 -20.79 62.83 -0.03
CA SER A 152 -21.85 61.90 -0.47
C SER A 152 -21.31 60.72 -1.26
N GLY A 153 -20.06 60.78 -1.72
CA GLY A 153 -19.60 59.82 -2.72
C GLY A 153 -19.84 60.27 -4.16
N ALA A 154 -20.34 61.48 -4.35
CA ALA A 154 -20.45 61.99 -5.73
C ALA A 154 -19.10 62.52 -6.14
N TYR A 155 -18.77 62.32 -7.41
CA TYR A 155 -17.49 62.80 -7.90
C TYR A 155 -17.69 63.56 -9.22
N PHE A 156 -16.73 64.41 -9.55
CA PHE A 156 -16.90 65.36 -10.71
C PHE A 156 -15.51 65.58 -11.27
N ALA A 157 -15.42 65.70 -12.58
CA ALA A 157 -14.17 66.02 -13.26
C ALA A 157 -14.13 67.52 -13.50
N TRP A 158 -13.07 68.17 -13.01
CA TRP A 158 -12.84 69.62 -13.17
C TRP A 158 -11.62 69.95 -14.03
N LYS A 159 -11.72 71.06 -14.72
CA LYS A 159 -10.57 71.73 -15.33
C LYS A 159 -9.79 72.55 -14.30
N ALA A 160 -10.51 73.16 -13.36
CA ALA A 160 -9.96 73.84 -12.22
C ALA A 160 -11.06 74.03 -11.19
N THR A 161 -10.67 74.01 -9.93
CA THR A 161 -11.60 74.27 -8.85
C THR A 161 -10.92 74.60 -7.51
N ALA A 162 -11.74 75.04 -6.58
CA ALA A 162 -11.29 75.37 -5.22
C ALA A 162 -12.27 74.74 -4.27
N MET A 163 -11.81 74.44 -3.08
CA MET A 163 -12.65 73.93 -2.02
C MET A 163 -12.17 74.47 -0.67
N GLY A 164 -12.99 74.28 0.40
CA GLY A 164 -12.70 74.87 1.70
C GLY A 164 -13.15 76.32 1.85
N LYS A 165 -12.56 77.06 2.80
CA LYS A 165 -12.94 78.41 3.13
C LYS A 165 -12.83 79.25 1.85
N ASN A 166 -13.84 80.07 1.61
CA ASN A 166 -13.82 81.04 0.52
C ASN A 166 -13.76 80.39 -0.88
N TYR A 167 -14.29 79.17 -0.97
CA TYR A 167 -14.20 78.44 -2.23
C TYR A 167 -15.03 79.09 -3.36
N VAL A 168 -16.19 79.67 -3.00
CA VAL A 168 -17.08 80.26 -3.99
C VAL A 168 -16.34 81.36 -4.75
N ASN A 169 -15.65 82.24 -4.03
CA ASN A 169 -14.80 83.27 -4.63
C ASN A 169 -13.59 82.73 -5.36
N GLY A 170 -12.94 81.71 -4.78
CA GLY A 170 -11.83 81.00 -5.45
C GLY A 170 -12.19 80.48 -6.83
N LYS A 171 -13.40 79.92 -6.95
CA LYS A 171 -13.91 79.41 -8.24
C LYS A 171 -14.13 80.54 -9.27
N THR A 172 -14.72 81.65 -8.85
CA THR A 172 -14.86 82.79 -9.72
C THR A 172 -13.47 83.40 -10.09
N PHE A 173 -12.52 83.44 -9.16
CA PHE A 173 -11.13 83.82 -9.49
C PHE A 173 -10.53 82.91 -10.60
N LEU A 174 -10.68 81.59 -10.46
CA LEU A 174 -10.24 80.62 -11.50
C LEU A 174 -10.97 80.77 -12.85
N GLU A 175 -12.27 81.01 -12.78
CA GLU A 175 -13.09 81.24 -14.00
C GLU A 175 -12.51 82.36 -14.79
N LYS A 176 -12.14 83.46 -14.12
CA LYS A 176 -11.57 84.64 -14.82
C LYS A 176 -10.05 84.57 -14.99
N ARG A 177 -9.49 83.40 -15.27
CA ARG A 177 -8.02 83.20 -15.23
C ARG A 177 -7.50 81.90 -15.80
N TYR A 178 -8.30 80.86 -15.79
CA TYR A 178 -7.93 79.58 -16.39
C TYR A 178 -8.14 79.70 -17.90
N ASN A 179 -7.24 79.12 -18.70
CA ASN A 179 -7.52 78.86 -20.11
C ASN A 179 -7.00 77.48 -20.51
N GLU A 180 -7.64 76.90 -21.53
CA GLU A 180 -7.41 75.48 -21.94
C GLU A 180 -5.95 75.18 -22.31
N ASP A 181 -5.28 76.13 -22.94
CA ASP A 181 -3.92 75.95 -23.45
C ASP A 181 -2.80 76.27 -22.45
N LEU A 182 -3.15 76.77 -21.26
CA LEU A 182 -2.19 77.00 -20.15
C LEU A 182 -1.19 75.83 -19.83
N GLU A 183 0.08 76.18 -19.63
CA GLU A 183 1.17 75.26 -19.26
C GLU A 183 1.13 75.03 -17.75
N LEU A 184 1.84 74.00 -17.31
CA LEU A 184 1.90 73.62 -15.89
C LEU A 184 2.61 74.70 -15.04
N GLU A 185 3.73 75.25 -15.54
CA GLU A 185 4.49 76.24 -14.75
C GLU A 185 3.63 77.47 -14.49
N ASP A 186 2.82 77.84 -15.45
CA ASP A 186 1.89 78.95 -15.32
C ASP A 186 0.76 78.61 -14.37
N ALA A 187 0.20 77.43 -14.53
CA ALA A 187 -0.81 76.86 -13.63
C ALA A 187 -0.45 76.83 -12.12
N ILE A 188 0.80 76.50 -11.82
CA ILE A 188 1.31 76.50 -10.45
C ILE A 188 1.22 77.88 -9.86
N HIS A 189 1.67 78.87 -10.64
CA HIS A 189 1.53 80.25 -10.25
C HIS A 189 0.05 80.49 -9.81
N THR A 190 -0.87 80.18 -10.74
CA THR A 190 -2.26 80.75 -10.63
C THR A 190 -2.92 80.03 -9.50
N ALA A 191 -2.48 78.80 -9.23
CA ALA A 191 -2.94 78.06 -8.08
C ALA A 191 -2.55 78.78 -6.80
N ILE A 192 -1.28 79.16 -6.67
CA ILE A 192 -0.82 79.93 -5.52
C ILE A 192 -1.50 81.32 -5.39
N LEU A 193 -1.62 82.06 -6.50
CA LEU A 193 -2.46 83.25 -6.49
C LEU A 193 -3.90 83.02 -5.97
N THR A 194 -4.48 81.89 -6.33
CA THR A 194 -5.82 81.59 -5.87
C THR A 194 -5.81 81.43 -4.35
N LEU A 195 -4.82 80.73 -3.79
CA LEU A 195 -4.63 80.70 -2.33
C LEU A 195 -4.37 82.07 -1.68
N LYS A 196 -3.64 82.97 -2.34
CA LYS A 196 -3.37 84.31 -1.80
C LYS A 196 -4.64 85.10 -1.60
N GLU A 197 -5.62 84.89 -2.48
CA GLU A 197 -6.97 85.51 -2.39
C GLU A 197 -7.65 85.32 -1.06
N SER A 198 -7.35 84.26 -0.37
CA SER A 198 -8.04 84.02 0.89
C SER A 198 -7.04 83.68 1.99
N PHE A 199 -5.81 84.22 1.92
CA PHE A 199 -4.76 83.68 2.80
C PHE A 199 -4.85 84.18 4.23
N GLU A 200 -4.52 85.45 4.43
CA GLU A 200 -4.41 86.04 5.77
C GLU A 200 -3.21 85.43 6.52
N GLY A 201 -2.05 86.08 6.46
CA GLY A 201 -0.88 85.58 7.19
C GLY A 201 0.49 85.81 6.59
N GLN A 202 0.55 86.13 5.31
CA GLN A 202 1.83 86.18 4.58
C GLN A 202 2.32 84.72 4.31
N MET A 203 2.33 84.34 3.04
CA MET A 203 2.76 83.03 2.58
C MET A 203 4.24 82.79 2.64
N THR A 204 4.63 81.69 3.25
CA THR A 204 5.95 81.11 3.10
C THR A 204 5.81 79.73 2.48
N GLU A 205 6.96 79.19 2.11
CA GLU A 205 7.06 77.83 1.62
C GLU A 205 6.76 76.77 2.67
N ASP A 206 6.62 77.17 3.94
CA ASP A 206 6.37 76.27 5.03
C ASP A 206 4.90 76.21 5.37
N ASN A 207 4.11 77.18 4.91
CA ASN A 207 2.70 77.10 5.20
C ASN A 207 1.79 76.92 3.99
N ILE A 208 2.37 76.59 2.84
CA ILE A 208 1.59 75.98 1.78
C ILE A 208 2.29 74.72 1.31
N GLU A 209 1.54 73.89 0.61
CA GLU A 209 2.03 72.66 0.05
C GLU A 209 1.52 72.63 -1.40
N VAL A 210 2.37 72.14 -2.30
CA VAL A 210 2.04 72.05 -3.70
C VAL A 210 2.47 70.71 -4.20
N GLY A 211 1.63 70.11 -5.02
CA GLY A 211 1.93 68.86 -5.68
C GLY A 211 1.64 68.99 -7.16
N ILE A 212 2.38 68.26 -7.97
CA ILE A 212 2.15 68.30 -9.39
C ILE A 212 2.08 66.92 -9.96
N CYS A 213 1.30 66.81 -11.02
CA CYS A 213 1.16 65.58 -11.78
C CYS A 213 1.45 65.89 -13.29
N ASN A 214 2.37 65.18 -13.91
CA ASN A 214 2.54 65.19 -15.38
C ASN A 214 2.89 63.77 -15.85
N GLU A 215 3.39 63.64 -17.06
CA GLU A 215 3.81 62.39 -17.61
C GLU A 215 4.93 61.69 -16.83
N ALA A 216 5.80 62.42 -16.16
CA ALA A 216 6.78 61.77 -15.27
C ALA A 216 6.19 61.20 -13.96
N GLY A 217 4.98 61.58 -13.57
CA GLY A 217 4.39 61.05 -12.34
C GLY A 217 3.95 62.15 -11.40
N PHE A 218 3.45 61.75 -10.27
CA PHE A 218 3.00 62.67 -9.25
C PHE A 218 4.11 62.90 -8.24
N ARG A 219 4.30 64.14 -7.83
CA ARG A 219 5.22 64.41 -6.70
C ARG A 219 4.85 65.71 -5.98
N ARG A 220 5.24 65.81 -4.71
CA ARG A 220 5.19 67.08 -3.97
C ARG A 220 6.32 67.90 -4.42
N LEU A 221 6.06 69.18 -4.62
CA LEU A 221 7.15 70.14 -4.76
C LEU A 221 7.86 70.30 -3.41
N THR A 222 9.16 70.52 -3.51
CA THR A 222 9.97 70.61 -2.35
C THR A 222 9.81 72.07 -1.83
N PRO A 223 10.05 72.28 -0.51
CA PRO A 223 10.12 73.65 0.02
C PRO A 223 10.89 74.64 -0.88
N THR A 224 12.10 74.29 -1.29
CA THR A 224 12.94 75.20 -2.14
C THR A 224 12.27 75.53 -3.53
N GLU A 225 11.57 74.56 -4.09
CA GLU A 225 10.79 74.77 -5.32
C GLU A 225 9.61 75.68 -5.08
N VAL A 226 8.90 75.50 -3.96
CA VAL A 226 7.81 76.38 -3.62
C VAL A 226 8.28 77.80 -3.36
N LYS A 227 9.36 77.93 -2.58
CA LYS A 227 10.04 79.21 -2.29
C LYS A 227 10.25 80.04 -3.55
N ASP A 228 10.67 79.35 -4.62
CA ASP A 228 10.95 79.96 -5.95
C ASP A 228 9.70 80.47 -6.66
N TYR A 229 8.63 79.71 -6.64
CA TYR A 229 7.35 80.18 -7.16
C TYR A 229 6.78 81.35 -6.33
N LEU A 230 7.03 81.34 -5.03
CA LEU A 230 6.60 82.42 -4.12
C LEU A 230 7.38 83.74 -4.31
N ALA A 231 8.56 83.71 -4.88
CA ALA A 231 9.32 84.96 -5.01
C ALA A 231 8.55 86.01 -5.85
N ALA A 232 7.95 85.60 -6.98
CA ALA A 232 7.06 86.45 -7.86
C ALA A 232 5.73 86.88 -7.17
N ILE A 233 5.23 86.03 -6.28
CA ILE A 233 4.05 86.28 -5.42
C ILE A 233 4.51 86.65 -4.00
N SER B 2 -28.55 50.29 20.03
CA SER B 2 -29.09 51.33 20.97
C SER B 2 -30.34 52.05 20.48
N ARG B 3 -31.28 51.96 21.37
CA ARG B 3 -32.67 52.19 21.04
C ARG B 3 -32.93 53.66 20.99
N ARG B 4 -32.22 54.45 21.78
CA ARG B 4 -32.39 55.88 21.80
C ARG B 4 -32.01 56.50 20.48
N TYR B 5 -31.00 55.98 19.82
CA TYR B 5 -30.44 56.65 18.66
C TYR B 5 -30.99 56.10 17.38
N ASP B 6 -31.71 55.00 17.43
CA ASP B 6 -32.17 54.32 16.24
C ASP B 6 -33.33 55.12 15.71
N SER B 7 -33.19 55.63 14.50
CA SER B 7 -34.31 56.39 13.90
C SER B 7 -35.40 55.49 13.26
N ARG B 8 -35.19 54.18 13.18
CA ARG B 8 -36.20 53.23 12.80
C ARG B 8 -36.69 53.45 11.37
N THR B 9 -35.78 53.28 10.44
CA THR B 9 -36.03 53.58 9.06
C THR B 9 -36.96 52.57 8.39
N THR B 10 -37.17 51.39 9.00
CA THR B 10 -37.86 50.30 8.31
C THR B 10 -39.09 49.91 9.04
N ILE B 11 -39.83 50.86 9.56
CA ILE B 11 -41.09 50.56 10.25
C ILE B 11 -42.24 51.31 9.60
N PHE B 12 -43.45 50.78 9.78
CA PHE B 12 -44.65 51.51 9.41
C PHE B 12 -44.98 52.67 10.35
N SER B 13 -45.48 53.74 9.74
CA SER B 13 -46.23 54.82 10.40
C SER B 13 -47.69 54.43 10.63
N PRO B 14 -48.45 55.22 11.40
CA PRO B 14 -49.82 54.83 11.70
C PRO B 14 -50.82 54.71 10.56
N GLU B 15 -50.55 55.24 9.35
CA GLU B 15 -51.49 55.06 8.22
C GLU B 15 -51.05 53.97 7.25
N GLY B 16 -50.07 53.16 7.66
CA GLY B 16 -49.50 52.16 6.83
C GLY B 16 -48.47 52.69 5.85
N ARG B 17 -47.80 53.79 6.20
CA ARG B 17 -46.79 54.34 5.32
C ARG B 17 -45.37 54.09 5.78
N LEU B 18 -44.48 54.19 4.81
CA LEU B 18 -43.06 54.08 5.02
C LEU B 18 -42.44 55.44 4.72
N TYR B 19 -42.21 56.20 5.78
CA TYR B 19 -41.80 57.59 5.63
C TYR B 19 -40.50 57.79 4.92
N GLN B 20 -39.50 56.94 5.18
CA GLN B 20 -38.19 57.08 4.52
C GLN B 20 -38.31 56.99 3.00
N VAL B 21 -39.16 56.06 2.56
CA VAL B 21 -39.48 55.89 1.16
C VAL B 21 -40.09 57.15 0.59
N GLU B 22 -41.08 57.69 1.28
CA GLU B 22 -41.72 58.93 0.82
C GLU B 22 -40.80 60.11 0.81
N TYR B 23 -39.96 60.19 1.84
CA TYR B 23 -38.97 61.27 1.90
C TYR B 23 -37.91 61.15 0.80
N ALA B 24 -37.53 59.93 0.49
CA ALA B 24 -36.63 59.66 -0.62
C ALA B 24 -37.26 60.11 -1.96
N MET B 25 -38.52 59.81 -2.13
CA MET B 25 -39.27 60.26 -3.34
CA MET B 25 -39.27 60.28 -3.34
C MET B 25 -39.28 61.80 -3.44
N GLU B 26 -39.28 62.53 -2.31
CA GLU B 26 -39.11 63.99 -2.36
C GLU B 26 -37.76 64.41 -2.90
N ALA B 27 -36.70 63.69 -2.55
CA ALA B 27 -35.35 64.02 -3.06
C ALA B 27 -35.28 63.84 -4.60
N ILE B 28 -35.92 62.79 -5.08
CA ILE B 28 -35.97 62.46 -6.49
C ILE B 28 -36.69 63.51 -7.29
N GLY B 29 -37.84 63.97 -6.78
CA GLY B 29 -38.61 65.01 -7.42
C GLY B 29 -37.87 66.33 -7.61
N HIS B 30 -36.84 66.58 -6.81
CA HIS B 30 -35.96 67.73 -7.00
C HIS B 30 -34.79 67.46 -7.95
N ALA B 31 -34.47 66.22 -8.27
CA ALA B 31 -33.32 65.94 -9.16
C ALA B 31 -33.64 66.28 -10.65
N GLY B 32 -32.62 66.20 -11.49
CA GLY B 32 -32.72 66.51 -12.90
C GLY B 32 -33.84 65.72 -13.51
N THR B 33 -34.54 66.37 -14.41
CA THR B 33 -35.64 65.69 -15.12
C THR B 33 -35.09 64.65 -16.10
N CYS B 34 -35.76 63.53 -16.15
CA CYS B 34 -35.28 62.42 -16.87
C CYS B 34 -36.46 61.71 -17.53
N LEU B 35 -36.51 61.65 -18.86
CA LEU B 35 -37.63 61.01 -19.54
C LEU B 35 -37.19 59.87 -20.44
N GLY B 36 -38.17 58.97 -20.66
CA GLY B 36 -37.99 57.82 -21.46
C GLY B 36 -39.13 57.75 -22.45
N ILE B 37 -38.82 57.39 -23.68
CA ILE B 37 -39.84 57.27 -24.76
C ILE B 37 -39.59 56.07 -25.66
N LEU B 38 -40.61 55.21 -25.73
CA LEU B 38 -40.61 54.01 -26.56
C LEU B 38 -41.17 54.30 -27.99
N ALA B 39 -40.47 53.79 -29.00
CA ALA B 39 -40.91 53.91 -30.38
C ALA B 39 -40.96 52.51 -31.02
N ASN B 40 -41.40 52.45 -32.28
CA ASN B 40 -41.45 51.19 -33.03
C ASN B 40 -40.10 50.67 -33.41
N ASP B 41 -39.16 51.54 -33.69
CA ASP B 41 -37.82 51.11 -34.06
C ASP B 41 -36.75 51.38 -33.01
N GLY B 42 -37.12 51.61 -31.77
CA GLY B 42 -36.13 51.94 -30.75
C GLY B 42 -36.70 52.54 -29.49
N VAL B 43 -35.81 52.84 -28.54
CA VAL B 43 -36.18 53.49 -27.31
C VAL B 43 -35.16 54.54 -27.00
N LEU B 44 -35.57 55.58 -26.29
CA LEU B 44 -34.65 56.64 -25.89
C LEU B 44 -34.79 57.10 -24.46
N LEU B 45 -33.68 57.66 -23.97
CA LEU B 45 -33.59 58.32 -22.68
C LEU B 45 -33.10 59.73 -23.01
N ALA B 46 -33.74 60.72 -22.40
CA ALA B 46 -33.28 62.10 -22.44
C ALA B 46 -33.31 62.70 -21.05
N ALA B 47 -32.19 63.29 -20.66
CA ALA B 47 -32.00 63.79 -19.27
C ALA B 47 -31.39 65.19 -19.20
N GLU B 48 -31.92 65.98 -18.29
CA GLU B 48 -31.35 67.23 -17.89
C GLU B 48 -30.00 67.00 -17.27
N ARG B 49 -29.01 67.76 -17.67
CA ARG B 49 -27.73 67.70 -17.00
C ARG B 49 -27.72 68.71 -15.86
N ARG B 50 -27.30 68.27 -14.69
CA ARG B 50 -26.98 69.19 -13.59
C ARG B 50 -25.49 69.64 -13.57
N ASN B 51 -24.57 68.78 -14.04
CA ASN B 51 -23.16 69.12 -14.24
C ASN B 51 -22.93 70.14 -15.41
N ILE B 52 -23.19 71.42 -15.16
CA ILE B 52 -23.09 72.50 -16.18
C ILE B 52 -22.16 73.68 -15.91
N HIS B 53 -21.47 73.71 -14.79
CA HIS B 53 -20.51 74.80 -14.51
C HIS B 53 -19.40 74.84 -15.59
N LYS B 54 -19.02 76.05 -15.96
CA LYS B 54 -18.04 76.27 -17.02
C LYS B 54 -16.75 75.46 -16.85
N LEU B 55 -16.21 75.50 -15.63
CA LEU B 55 -15.00 74.78 -15.29
C LEU B 55 -15.02 73.25 -15.17
N LEU B 56 -16.16 72.58 -15.37
CA LEU B 56 -16.20 71.12 -15.44
C LEU B 56 -15.41 70.59 -16.65
N ASP B 57 -14.82 69.37 -16.56
CA ASP B 57 -13.88 68.88 -17.59
C ASP B 57 -14.38 67.90 -18.62
N GLU B 58 -15.51 67.26 -18.43
CA GLU B 58 -16.02 66.43 -19.57
C GLU B 58 -15.05 65.31 -19.99
N VAL B 59 -15.15 64.22 -19.29
CA VAL B 59 -14.22 63.15 -19.34
C VAL B 59 -14.95 61.83 -19.61
N PHE B 60 -16.22 61.69 -19.25
CA PHE B 60 -16.94 60.45 -19.52
C PHE B 60 -17.86 60.67 -20.71
N PHE B 61 -18.40 59.57 -21.21
CA PHE B 61 -19.31 59.60 -22.34
C PHE B 61 -20.74 60.14 -22.02
N SER B 62 -21.13 60.11 -20.75
CA SER B 62 -22.34 60.80 -20.28
C SER B 62 -22.22 61.16 -18.80
N GLU B 63 -23.25 61.80 -18.25
CA GLU B 63 -23.33 62.18 -16.85
C GLU B 63 -24.25 61.21 -16.10
N LYS B 64 -25.40 60.86 -16.67
CA LYS B 64 -26.43 60.07 -16.00
C LYS B 64 -26.95 58.92 -16.89
N ILE B 65 -26.30 58.60 -18.00
CA ILE B 65 -26.73 57.46 -18.81
C ILE B 65 -25.75 56.30 -18.60
N TYR B 66 -26.24 55.17 -18.14
CA TYR B 66 -25.37 54.06 -17.86
C TYR B 66 -25.71 52.84 -18.76
N LYS B 67 -24.71 52.31 -19.42
CA LYS B 67 -24.83 50.99 -20.04
C LYS B 67 -24.84 49.89 -18.98
N LEU B 68 -25.79 48.98 -19.08
CA LEU B 68 -25.98 47.89 -18.09
C LEU B 68 -25.44 46.52 -18.55
N ASN B 69 -25.60 46.26 -19.84
CA ASN B 69 -25.13 45.06 -20.52
C ASN B 69 -25.28 45.34 -22.04
N GLU B 70 -25.13 44.32 -22.88
CA GLU B 70 -25.11 44.49 -24.35
C GLU B 70 -26.44 45.08 -24.92
N ASP B 71 -27.55 44.80 -24.26
CA ASP B 71 -28.87 45.14 -24.73
C ASP B 71 -29.63 46.19 -23.88
N MET B 72 -29.00 46.83 -22.89
CA MET B 72 -29.74 47.67 -21.96
C MET B 72 -28.96 48.79 -21.40
N ALA B 73 -29.67 49.87 -21.11
CA ALA B 73 -29.13 51.06 -20.49
C ALA B 73 -30.16 51.64 -19.54
N CYS B 74 -29.67 52.50 -18.66
CA CYS B 74 -30.55 53.19 -17.79
C CYS B 74 -30.15 54.64 -17.59
N SER B 75 -31.08 55.41 -17.06
CA SER B 75 -30.77 56.72 -16.49
C SER B 75 -31.37 56.83 -15.11
N VAL B 76 -30.97 57.84 -14.39
CA VAL B 76 -31.29 57.93 -12.96
C VAL B 76 -31.69 59.35 -12.58
N ALA B 77 -32.50 59.46 -11.53
CA ALA B 77 -32.80 60.70 -10.91
C ALA B 77 -32.72 60.45 -9.38
N GLY B 78 -31.93 61.27 -8.72
CA GLY B 78 -31.79 61.22 -7.26
C GLY B 78 -30.36 61.39 -6.77
N ILE B 79 -30.00 60.70 -5.71
CA ILE B 79 -28.70 60.82 -5.10
C ILE B 79 -27.74 60.07 -6.01
N THR B 80 -26.74 60.76 -6.56
CA THR B 80 -25.82 60.18 -7.51
C THR B 80 -25.03 58.98 -6.97
N SER B 81 -24.47 59.12 -5.78
CA SER B 81 -23.68 58.07 -5.21
C SER B 81 -24.54 56.82 -5.02
N ASP B 82 -25.78 56.97 -4.57
CA ASP B 82 -26.67 55.84 -4.51
C ASP B 82 -26.86 55.18 -5.88
N ALA B 83 -26.97 56.01 -6.95
CA ALA B 83 -27.17 55.50 -8.28
C ALA B 83 -25.96 54.66 -8.76
N ASN B 84 -24.74 55.10 -8.37
CA ASN B 84 -23.51 54.34 -8.68
C ASN B 84 -23.52 52.95 -8.06
N VAL B 85 -23.97 52.83 -6.84
CA VAL B 85 -24.13 51.52 -6.18
C VAL B 85 -25.14 50.65 -6.95
N LEU B 86 -26.28 51.19 -7.30
CA LEU B 86 -27.33 50.38 -7.91
C LEU B 86 -26.99 49.93 -9.31
N THR B 87 -26.30 50.79 -10.07
CA THR B 87 -25.98 50.47 -11.43
C THR B 87 -24.90 49.45 -11.45
N ASN B 88 -23.94 49.55 -10.52
CA ASN B 88 -22.97 48.50 -10.38
C ASN B 88 -23.66 47.14 -10.05
N GLU B 89 -24.62 47.17 -9.16
CA GLU B 89 -25.35 45.93 -8.84
C GLU B 89 -26.15 45.45 -10.07
N LEU B 90 -26.73 46.36 -10.85
CA LEU B 90 -27.41 45.95 -12.09
C LEU B 90 -26.48 45.19 -13.07
N ARG B 91 -25.27 45.68 -13.23
CA ARG B 91 -24.32 45.05 -14.12
C ARG B 91 -23.94 43.64 -13.62
N LEU B 92 -23.73 43.51 -12.32
CA LEU B 92 -23.45 42.24 -11.72
CA LEU B 92 -23.44 42.24 -11.74
C LEU B 92 -24.59 41.24 -11.94
N ILE B 93 -25.82 41.64 -11.69
CA ILE B 93 -26.93 40.75 -11.87
C ILE B 93 -26.99 40.26 -13.30
N ALA B 94 -26.79 41.20 -14.23
CA ALA B 94 -26.90 40.87 -15.64
C ALA B 94 -25.80 39.86 -16.07
N GLN B 95 -24.61 40.00 -15.51
CA GLN B 95 -23.54 39.05 -15.79
C GLN B 95 -23.72 37.70 -15.08
N ARG B 96 -24.31 37.69 -13.88
CA ARG B 96 -24.66 36.41 -13.20
C ARG B 96 -25.68 35.61 -14.01
N TYR B 97 -26.65 36.27 -14.58
CA TYR B 97 -27.60 35.62 -15.42
C TYR B 97 -26.92 35.07 -16.71
N LEU B 98 -26.14 35.91 -17.42
CA LEU B 98 -25.39 35.46 -18.62
C LEU B 98 -24.48 34.25 -18.33
N LEU B 99 -23.77 34.30 -17.19
CA LEU B 99 -22.94 33.21 -16.80
C LEU B 99 -23.74 31.87 -16.71
N GLN B 100 -24.86 31.97 -16.03
CA GLN B 100 -25.68 30.82 -15.68
C GLN B 100 -26.47 30.23 -16.89
N TYR B 101 -27.00 31.07 -17.72
CA TYR B 101 -27.88 30.65 -18.84
C TYR B 101 -27.30 30.83 -20.23
N GLN B 102 -26.23 31.61 -20.33
CA GLN B 102 -25.54 31.89 -21.60
C GLN B 102 -26.43 32.58 -22.62
N GLU B 103 -27.35 33.38 -22.13
CA GLU B 103 -28.16 34.31 -22.89
C GLU B 103 -28.34 35.55 -22.03
N PRO B 104 -28.58 36.69 -22.68
CA PRO B 104 -28.78 37.98 -21.96
C PRO B 104 -29.98 38.01 -21.02
N ILE B 105 -29.88 38.70 -19.91
CA ILE B 105 -31.04 38.81 -18.98
C ILE B 105 -32.21 39.52 -19.64
N PRO B 106 -33.41 38.95 -19.61
CA PRO B 106 -34.53 39.71 -20.12
C PRO B 106 -34.74 40.95 -19.27
N CYS B 107 -35.14 42.04 -19.92
CA CYS B 107 -35.21 43.35 -19.29
C CYS B 107 -35.98 43.40 -17.96
N GLU B 108 -37.16 42.83 -17.95
CA GLU B 108 -38.00 42.89 -16.80
C GLU B 108 -37.42 42.10 -15.64
N GLN B 109 -36.70 41.01 -15.94
CA GLN B 109 -36.04 40.23 -14.90
C GLN B 109 -34.89 40.98 -14.28
N LEU B 110 -34.22 41.83 -15.02
CA LEU B 110 -33.16 42.65 -14.42
C LEU B 110 -33.75 43.70 -13.45
N VAL B 111 -34.78 44.39 -13.94
CA VAL B 111 -35.46 45.41 -13.16
C VAL B 111 -36.02 44.83 -11.81
N THR B 112 -36.71 43.69 -11.93
CA THR B 112 -37.25 42.95 -10.77
C THR B 112 -36.20 42.55 -9.77
N ALA B 113 -35.05 42.07 -10.25
CA ALA B 113 -33.99 41.62 -9.39
C ALA B 113 -33.45 42.78 -8.57
N LEU B 114 -33.30 43.96 -9.17
CA LEU B 114 -32.83 45.15 -8.41
C LEU B 114 -33.91 45.65 -7.45
N CYS B 115 -35.15 45.65 -7.90
CA CYS B 115 -36.23 46.11 -7.10
C CYS B 115 -36.42 45.26 -5.82
N ASP B 116 -36.12 43.95 -5.88
CA ASP B 116 -36.14 43.09 -4.67
C ASP B 116 -35.08 43.53 -3.63
N ILE B 117 -33.95 44.05 -4.10
CA ILE B 117 -32.91 44.63 -3.23
C ILE B 117 -33.44 45.89 -2.59
N LYS B 118 -34.01 46.79 -3.43
CA LYS B 118 -34.63 48.01 -2.89
C LYS B 118 -35.74 47.71 -1.89
N GLN B 119 -36.58 46.73 -2.22
CA GLN B 119 -37.65 46.34 -1.30
C GLN B 119 -37.06 45.91 0.05
N ALA B 120 -36.00 45.10 0.03
CA ALA B 120 -35.43 44.56 1.26
C ALA B 120 -34.98 45.70 2.19
N TYR B 121 -34.43 46.78 1.59
CA TYR B 121 -33.99 47.94 2.35
C TYR B 121 -35.14 48.72 3.06
N THR B 122 -36.39 48.52 2.63
CA THR B 122 -37.55 49.08 3.27
C THR B 122 -38.14 48.17 4.37
N GLN B 123 -37.72 46.92 4.43
CA GLN B 123 -38.37 45.95 5.30
C GLN B 123 -37.51 45.45 6.43
N PHE B 124 -36.21 45.33 6.19
CA PHE B 124 -35.29 44.93 7.25
C PHE B 124 -33.94 45.61 7.11
N GLY B 125 -33.12 45.55 8.16
CA GLY B 125 -31.77 46.12 8.12
C GLY B 125 -31.60 47.43 8.80
N GLY B 126 -32.66 48.19 9.05
CA GLY B 126 -32.51 49.47 9.76
C GLY B 126 -31.70 50.55 9.02
N LYS B 127 -31.52 50.41 7.70
CA LYS B 127 -30.76 51.38 6.93
C LYS B 127 -31.70 52.36 6.12
N ARG B 128 -31.19 53.55 5.77
CA ARG B 128 -31.91 54.40 4.82
C ARG B 128 -32.05 53.72 3.47
N PRO B 129 -33.21 53.87 2.82
CA PRO B 129 -33.27 53.42 1.46
C PRO B 129 -32.36 54.23 0.50
N PHE B 130 -32.25 53.69 -0.69
CA PHE B 130 -31.54 54.32 -1.79
C PHE B 130 -32.42 55.44 -2.35
N GLY B 131 -31.83 56.62 -2.54
CA GLY B 131 -32.54 57.78 -3.02
C GLY B 131 -32.53 57.95 -4.53
N VAL B 132 -33.04 56.92 -5.20
CA VAL B 132 -32.90 56.81 -6.63
C VAL B 132 -34.17 56.27 -7.26
N SER B 133 -34.56 56.89 -8.36
CA SER B 133 -35.48 56.29 -9.30
C SER B 133 -34.71 56.10 -10.62
N LEU B 134 -35.08 55.05 -11.34
CA LEU B 134 -34.36 54.67 -12.56
C LEU B 134 -35.33 54.49 -13.70
N LEU B 135 -34.90 54.90 -14.88
CA LEU B 135 -35.56 54.50 -16.16
C LEU B 135 -34.66 53.51 -16.87
N TYR B 136 -35.20 52.39 -17.29
CA TYR B 136 -34.45 51.38 -18.01
C TYR B 136 -34.97 51.27 -19.44
N ILE B 137 -34.04 51.23 -20.39
CA ILE B 137 -34.35 50.92 -21.77
C ILE B 137 -33.60 49.67 -22.21
N GLY B 138 -34.25 48.91 -23.06
CA GLY B 138 -33.72 47.62 -23.44
C GLY B 138 -34.39 46.99 -24.65
N TRP B 139 -33.75 45.96 -25.18
CA TRP B 139 -34.35 45.02 -26.10
C TRP B 139 -34.10 43.60 -25.59
N ASP B 140 -35.11 42.75 -25.59
CA ASP B 140 -34.90 41.33 -25.50
C ASP B 140 -35.79 40.55 -26.48
N LYS B 141 -35.49 39.27 -26.59
CA LYS B 141 -36.21 38.42 -27.56
C LYS B 141 -37.59 38.07 -27.11
N HIS B 142 -38.02 38.37 -25.89
CA HIS B 142 -39.39 38.04 -25.49
C HIS B 142 -40.37 39.16 -25.76
N TYR B 143 -40.01 40.38 -25.43
CA TYR B 143 -40.91 41.55 -25.61
C TYR B 143 -40.34 42.71 -26.42
N GLY B 144 -39.23 42.50 -27.10
CA GLY B 144 -38.74 43.53 -28.01
C GLY B 144 -38.25 44.73 -27.22
N PHE B 145 -38.48 45.93 -27.76
CA PHE B 145 -38.12 47.19 -27.15
C PHE B 145 -39.00 47.49 -25.93
N GLN B 146 -38.37 47.87 -24.83
CA GLN B 146 -39.04 48.06 -23.57
C GLN B 146 -38.44 49.23 -22.78
N LEU B 147 -39.29 49.79 -21.92
CA LEU B 147 -38.99 50.92 -21.08
C LEU B 147 -39.61 50.65 -19.72
N TYR B 148 -38.78 50.66 -18.66
CA TYR B 148 -39.23 50.45 -17.28
C TYR B 148 -38.85 51.62 -16.40
N GLN B 149 -39.58 51.75 -15.30
CA GLN B 149 -39.33 52.72 -14.30
C GLN B 149 -39.36 52.03 -12.95
N SER B 150 -38.40 52.33 -12.09
CA SER B 150 -38.45 51.86 -10.69
C SER B 150 -38.18 52.98 -9.69
N ASP B 151 -38.68 52.83 -8.47
CA ASP B 151 -38.50 53.84 -7.42
C ASP B 151 -38.02 53.26 -6.08
N PRO B 152 -37.71 54.13 -5.12
CA PRO B 152 -37.13 53.59 -3.89
C PRO B 152 -37.94 52.60 -3.11
N SER B 153 -39.24 52.50 -3.30
CA SER B 153 -39.99 51.39 -2.69
C SER B 153 -39.70 49.99 -3.24
N GLY B 154 -38.96 49.92 -4.36
CA GLY B 154 -38.79 48.67 -5.07
C GLY B 154 -39.99 48.33 -5.92
N ASN B 155 -40.85 49.29 -6.16
CA ASN B 155 -41.91 49.15 -7.17
C ASN B 155 -41.44 49.55 -8.56
N TYR B 156 -42.00 48.94 -9.57
CA TYR B 156 -41.63 49.26 -10.95
C TYR B 156 -42.84 49.08 -11.79
N GLY B 157 -42.74 49.62 -13.00
CA GLY B 157 -43.72 49.32 -14.03
C GLY B 157 -43.12 49.58 -15.40
N GLY B 158 -43.77 49.00 -16.42
CA GLY B 158 -43.42 49.25 -17.79
C GLY B 158 -44.25 50.40 -18.34
N TRP B 159 -43.67 51.13 -19.27
CA TRP B 159 -44.22 52.36 -19.83
C TRP B 159 -43.89 52.48 -21.29
N LYS B 160 -44.77 53.15 -22.02
CA LYS B 160 -44.51 53.56 -23.39
C LYS B 160 -43.81 54.93 -23.41
N ALA B 161 -44.13 55.76 -22.42
CA ALA B 161 -43.37 56.97 -22.16
C ALA B 161 -43.56 57.35 -20.71
N THR B 162 -42.51 57.89 -20.09
CA THR B 162 -42.63 58.37 -18.75
C THR B 162 -41.53 59.36 -18.40
N CYS B 163 -41.60 59.85 -17.18
CA CYS B 163 -40.67 60.89 -16.67
C CYS B 163 -40.48 60.80 -15.15
N ILE B 164 -39.27 61.02 -14.73
CA ILE B 164 -38.95 61.12 -13.31
C ILE B 164 -38.13 62.38 -13.10
N GLY B 165 -38.10 62.85 -11.86
CA GLY B 165 -37.33 64.01 -11.49
C GLY B 165 -38.14 65.27 -11.60
N ASN B 166 -37.44 66.38 -11.76
CA ASN B 166 -38.10 67.67 -11.71
C ASN B 166 -39.21 67.88 -12.78
N ASN B 167 -40.36 68.34 -12.32
CA ASN B 167 -41.54 68.59 -13.18
C ASN B 167 -42.10 67.38 -13.88
N SER B 168 -41.94 66.20 -13.27
CA SER B 168 -42.43 64.94 -13.83
C SER B 168 -43.87 65.02 -14.24
N ALA B 169 -44.72 65.48 -13.31
CA ALA B 169 -46.18 65.58 -13.51
C ALA B 169 -46.49 66.37 -14.77
N ALA B 170 -45.84 67.51 -14.94
CA ALA B 170 -46.05 68.33 -16.12
C ALA B 170 -45.58 67.60 -17.37
N ALA B 171 -44.45 66.91 -17.26
CA ALA B 171 -43.91 66.19 -18.40
C ALA B 171 -44.81 65.02 -18.81
N VAL B 172 -45.35 64.30 -17.84
CA VAL B 172 -46.27 63.19 -18.16
C VAL B 172 -47.54 63.68 -18.84
N SER B 173 -48.08 64.85 -18.45
CA SER B 173 -49.26 65.40 -19.14
C SER B 173 -48.98 65.70 -20.61
N MET B 174 -47.84 66.32 -20.90
CA MET B 174 -47.41 66.59 -22.26
C MET B 174 -47.22 65.33 -23.06
N LEU B 175 -46.65 64.29 -22.43
CA LEU B 175 -46.54 63.01 -23.10
C LEU B 175 -47.93 62.38 -23.39
N LYS B 176 -48.82 62.34 -22.40
CA LYS B 176 -50.20 61.83 -22.55
C LYS B 176 -50.86 62.41 -23.78
N GLN B 177 -50.58 63.67 -24.04
CA GLN B 177 -51.24 64.35 -25.09
C GLN B 177 -50.61 64.12 -26.42
N ASP B 178 -49.30 64.09 -26.50
CA ASP B 178 -48.62 64.02 -27.80
C ASP B 178 -48.23 62.65 -28.31
N TYR B 179 -48.11 61.68 -27.41
CA TYR B 179 -47.59 60.37 -27.74
C TYR B 179 -48.65 59.56 -28.51
N LYS B 180 -48.26 58.86 -29.56
CA LYS B 180 -49.15 58.09 -30.41
C LYS B 180 -48.91 56.58 -30.27
N GLU B 181 -49.69 55.92 -29.41
CA GLU B 181 -49.51 54.49 -29.16
C GLU B 181 -49.43 53.72 -30.51
N GLY B 182 -48.38 52.94 -30.70
CA GLY B 182 -48.18 52.12 -31.93
C GLY B 182 -47.65 52.86 -33.16
N GLU B 183 -47.54 54.18 -33.12
CA GLU B 183 -47.28 54.99 -34.32
C GLU B 183 -45.99 55.85 -34.21
N MET B 184 -45.21 55.70 -33.13
CA MET B 184 -44.00 56.51 -32.92
C MET B 184 -42.78 55.90 -33.62
N THR B 185 -41.93 56.78 -34.09
CA THR B 185 -40.61 56.43 -34.63
C THR B 185 -39.60 57.09 -33.73
N LEU B 186 -38.36 56.59 -33.80
CA LEU B 186 -37.25 57.16 -33.03
C LEU B 186 -37.12 58.66 -33.35
N LYS B 187 -37.34 59.01 -34.61
CA LYS B 187 -37.23 60.40 -35.03
C LYS B 187 -38.35 61.30 -34.44
N SER B 188 -39.58 60.81 -34.38
CA SER B 188 -40.64 61.58 -33.75
C SER B 188 -40.57 61.53 -32.20
N ALA B 189 -40.07 60.44 -31.63
CA ALA B 189 -39.86 60.35 -30.15
C ALA B 189 -38.76 61.33 -29.73
N LEU B 190 -37.71 61.45 -30.53
CA LEU B 190 -36.68 62.45 -30.33
C LEU B 190 -37.24 63.85 -30.34
N ALA B 191 -38.12 64.15 -31.30
CA ALA B 191 -38.78 65.46 -31.38
C ALA B 191 -39.67 65.74 -30.15
N LEU B 192 -40.41 64.73 -29.71
CA LEU B 192 -41.28 64.87 -28.56
C LEU B 192 -40.44 65.09 -27.28
N ALA B 193 -39.32 64.40 -27.18
CA ALA B 193 -38.46 64.48 -25.99
C ALA B 193 -38.01 65.91 -25.84
N ILE B 194 -37.55 66.51 -26.93
CA ILE B 194 -37.08 67.90 -26.89
C ILE B 194 -38.19 68.89 -26.58
N LYS B 195 -39.35 68.64 -27.17
CA LYS B 195 -40.56 69.43 -26.87
C LYS B 195 -40.83 69.38 -25.36
N VAL B 196 -40.80 68.21 -24.77
CA VAL B 196 -41.11 68.08 -23.34
C VAL B 196 -40.06 68.80 -22.49
N LEU B 197 -38.78 68.58 -22.74
CA LEU B 197 -37.70 69.22 -21.96
C LEU B 197 -37.68 70.74 -22.07
N ASN B 198 -38.11 71.23 -23.23
CA ASN B 198 -38.24 72.64 -23.47
C ASN B 198 -39.26 73.29 -22.54
N LYS B 199 -40.41 72.64 -22.34
CA LYS B 199 -41.42 73.15 -21.41
C LYS B 199 -41.06 72.89 -19.93
N THR B 200 -40.38 71.79 -19.60
CA THR B 200 -40.13 71.44 -18.19
C THR B 200 -38.81 71.92 -17.60
N MET B 201 -37.87 72.34 -18.43
CA MET B 201 -36.76 73.14 -17.97
C MET B 201 -37.21 74.61 -18.14
N ASP B 202 -38.21 75.07 -17.39
CA ASP B 202 -38.65 76.49 -17.39
C ASP B 202 -37.70 77.35 -16.56
N VAL B 203 -36.43 76.95 -16.47
CA VAL B 203 -35.37 77.66 -15.74
C VAL B 203 -33.96 77.29 -16.33
N SER B 204 -33.63 77.67 -17.59
CA SER B 204 -34.40 78.56 -18.50
C SER B 204 -34.34 78.18 -20.01
N LYS B 205 -33.64 78.93 -20.87
CA LYS B 205 -33.64 78.71 -22.37
C LYS B 205 -32.74 77.52 -22.78
N LEU B 206 -33.35 76.49 -23.40
CA LEU B 206 -32.75 75.13 -23.56
C LEU B 206 -31.59 75.00 -24.53
N SER B 207 -30.62 74.19 -24.16
CA SER B 207 -29.31 74.22 -24.80
C SER B 207 -28.77 72.81 -24.81
N ALA B 208 -27.93 72.49 -25.78
CA ALA B 208 -27.31 71.17 -25.90
C ALA B 208 -26.40 70.79 -24.74
N GLU B 209 -25.68 71.78 -24.19
CA GLU B 209 -24.90 71.62 -22.96
C GLU B 209 -25.76 71.13 -21.79
N LYS B 210 -27.07 71.40 -21.80
CA LYS B 210 -27.99 71.13 -20.67
C LYS B 210 -28.77 69.82 -20.76
N VAL B 211 -28.62 69.07 -21.87
CA VAL B 211 -29.25 67.76 -22.01
C VAL B 211 -28.33 66.68 -22.54
N GLU B 212 -28.79 65.46 -22.27
CA GLU B 212 -28.13 64.24 -22.69
C GLU B 212 -29.18 63.35 -23.27
N ILE B 213 -28.93 62.80 -24.44
CA ILE B 213 -29.87 61.90 -25.07
C ILE B 213 -29.13 60.62 -25.48
N ALA B 214 -29.74 59.49 -25.15
CA ALA B 214 -29.25 58.20 -25.54
C ALA B 214 -30.37 57.53 -26.32
N THR B 215 -29.98 56.81 -27.37
CA THR B 215 -30.91 55.96 -28.09
C THR B 215 -30.42 54.50 -28.16
N LEU B 216 -31.41 53.60 -28.29
CA LEU B 216 -31.21 52.16 -28.25
C LEU B 216 -32.04 51.61 -29.42
N THR B 217 -31.34 50.98 -30.38
CA THR B 217 -31.91 50.43 -31.58
C THR B 217 -31.31 49.04 -31.88
N ARG B 218 -31.86 48.40 -32.88
CA ARG B 218 -31.36 47.10 -33.38
C ARG B 218 -30.84 47.33 -34.80
N GLU B 219 -29.61 46.90 -35.08
CA GLU B 219 -29.01 46.93 -36.42
C GLU B 219 -28.33 45.59 -36.66
N ASN B 220 -28.84 44.83 -37.63
CA ASN B 220 -28.25 43.55 -38.06
C ASN B 220 -28.12 42.52 -36.96
N GLY B 221 -29.22 42.26 -36.26
CA GLY B 221 -29.28 41.30 -35.18
C GLY B 221 -28.47 41.63 -33.92
N LYS B 222 -28.15 42.91 -33.73
CA LYS B 222 -27.30 43.40 -32.65
C LYS B 222 -27.93 44.70 -32.05
N THR B 223 -27.87 44.87 -30.74
CA THR B 223 -28.33 46.11 -30.10
C THR B 223 -27.26 47.23 -30.20
N VAL B 224 -27.67 48.45 -30.54
CA VAL B 224 -26.73 49.58 -30.57
C VAL B 224 -27.22 50.61 -29.61
N ILE B 225 -26.35 51.11 -28.77
CA ILE B 225 -26.68 52.05 -27.72
C ILE B 225 -25.73 53.19 -27.93
N ARG B 226 -26.25 54.41 -28.13
CA ARG B 226 -25.41 55.54 -28.52
C ARG B 226 -25.87 56.77 -27.72
N VAL B 227 -24.91 57.51 -27.18
CA VAL B 227 -25.15 58.83 -26.65
C VAL B 227 -24.95 59.79 -27.82
N LEU B 228 -25.96 60.58 -28.12
CA LEU B 228 -25.88 61.54 -29.25
C LEU B 228 -24.82 62.61 -29.02
N LYS B 229 -24.08 62.91 -30.08
CA LYS B 229 -23.06 63.98 -30.00
C LYS B 229 -23.80 65.33 -29.96
N GLN B 230 -23.12 66.34 -29.44
CA GLN B 230 -23.75 67.68 -29.25
C GLN B 230 -24.23 68.34 -30.48
N LYS B 231 -23.55 68.06 -31.58
CA LYS B 231 -23.98 68.53 -32.90
C LYS B 231 -25.40 68.02 -33.21
N GLU B 232 -25.65 66.75 -32.92
CA GLU B 232 -26.97 66.16 -33.15
C GLU B 232 -28.06 66.73 -32.26
N VAL B 233 -27.72 67.00 -31.01
CA VAL B 233 -28.63 67.58 -30.05
C VAL B 233 -28.96 69.03 -30.45
N GLU B 234 -27.96 69.82 -30.83
CA GLU B 234 -28.21 71.20 -31.34
C GLU B 234 -29.16 71.23 -32.54
N GLN B 235 -29.01 70.24 -33.42
CA GLN B 235 -29.84 70.11 -34.62
C GLN B 235 -31.27 69.79 -34.20
N LEU B 236 -31.48 68.90 -33.23
CA LEU B 236 -32.85 68.62 -32.81
C LEU B 236 -33.55 69.83 -32.16
N ILE B 237 -32.76 70.66 -31.47
CA ILE B 237 -33.29 71.84 -30.76
C ILE B 237 -33.64 72.87 -31.81
N LYS B 238 -32.73 73.08 -32.76
CA LYS B 238 -32.98 73.92 -33.94
C LYS B 238 -34.30 73.56 -34.63
N LYS B 239 -34.45 72.28 -34.96
CA LYS B 239 -35.67 71.77 -35.61
C LYS B 239 -36.94 71.99 -34.77
N HIS B 240 -36.86 71.74 -33.47
CA HIS B 240 -37.99 72.06 -32.60
C HIS B 240 -38.35 73.58 -32.64
N GLU B 241 -37.34 74.45 -32.73
CA GLU B 241 -37.55 75.91 -32.75
C GLU B 241 -38.13 76.32 -34.09
N GLU B 242 -37.63 75.75 -35.18
CA GLU B 242 -38.27 75.95 -36.53
C GLU B 242 -39.73 75.48 -36.50
N GLU B 243 -40.00 74.32 -35.88
CA GLU B 243 -41.39 73.81 -35.79
C GLU B 243 -42.34 74.76 -35.06
N GLU B 244 -41.94 75.32 -33.92
CA GLU B 244 -42.68 76.43 -33.27
C GLU B 244 -42.85 77.71 -34.12
N ALA B 245 -41.97 77.95 -35.10
CA ALA B 245 -42.16 79.03 -36.08
C ALA B 245 -43.36 78.80 -36.97
N LYS B 246 -43.60 77.54 -37.33
CA LYS B 246 -44.80 77.19 -38.08
C LYS B 246 -46.09 77.34 -37.29
N ALA B 247 -46.01 77.23 -35.97
CA ALA B 247 -47.16 76.85 -35.13
C ALA B 247 -48.49 77.58 -35.40
N GLU B 248 -48.44 78.85 -35.78
CA GLU B 248 -49.66 79.61 -36.06
C GLU B 248 -50.02 79.49 -37.55
N ARG B 249 -49.26 80.15 -38.44
CA ARG B 249 -49.49 80.10 -39.89
C ARG B 249 -48.27 79.48 -40.56
N SER C 2 -25.54 42.68 12.07
CA SER C 2 -26.94 42.68 11.57
C SER C 2 -27.91 43.36 12.54
N TYR C 3 -28.99 43.90 12.00
CA TYR C 3 -29.90 44.72 12.74
C TYR C 3 -30.89 43.86 13.46
N ASP C 4 -30.91 43.94 14.78
CA ASP C 4 -31.73 43.09 15.63
C ASP C 4 -32.79 43.80 16.41
N ARG C 5 -33.16 45.01 16.08
CA ARG C 5 -34.16 45.72 16.82
C ARG C 5 -35.49 44.97 16.83
N ALA C 6 -36.18 44.98 17.94
CA ALA C 6 -37.52 44.41 18.06
C ALA C 6 -38.50 45.44 17.45
N ILE C 7 -39.13 45.14 16.33
CA ILE C 7 -39.96 46.09 15.62
C ILE C 7 -41.42 45.90 15.96
N THR C 8 -41.90 44.67 15.92
CA THR C 8 -43.27 44.47 16.29
C THR C 8 -43.26 44.06 17.76
N VAL C 9 -43.86 44.89 18.59
CA VAL C 9 -43.96 44.67 20.06
C VAL C 9 -45.37 44.91 20.51
N PHE C 10 -45.72 44.39 21.70
CA PHE C 10 -47.02 44.66 22.29
C PHE C 10 -47.06 46.05 22.84
N SER C 11 -48.24 46.61 22.82
CA SER C 11 -48.57 47.88 23.48
C SER C 11 -49.57 47.59 24.59
N PRO C 12 -49.86 48.60 25.44
CA PRO C 12 -50.86 48.38 26.49
C PRO C 12 -52.22 47.96 25.85
N ASP C 13 -52.92 47.06 26.47
CA ASP C 13 -54.15 46.41 25.94
C ASP C 13 -54.02 45.42 24.83
N GLY C 14 -52.83 44.91 24.63
CA GLY C 14 -52.65 43.78 23.77
C GLY C 14 -52.48 44.07 22.30
N HIS C 15 -52.35 45.32 21.91
CA HIS C 15 -52.17 45.66 20.50
C HIS C 15 -50.76 45.41 19.97
N LEU C 16 -50.70 44.96 18.69
CA LEU C 16 -49.49 44.91 17.93
C LEU C 16 -49.56 45.96 16.86
N PHE C 17 -49.12 47.17 17.19
CA PHE C 17 -49.22 48.34 16.31
C PHE C 17 -48.62 48.20 14.92
N GLN C 18 -47.44 47.58 14.77
CA GLN C 18 -46.94 47.34 13.42
C GLN C 18 -47.86 46.49 12.53
N VAL C 19 -48.59 45.54 13.13
CA VAL C 19 -49.47 44.68 12.41
C VAL C 19 -50.73 45.45 12.02
N GLU C 20 -51.29 46.22 12.97
CA GLU C 20 -52.41 47.12 12.70
C GLU C 20 -52.10 48.14 11.59
N TYR C 21 -50.88 48.69 11.60
CA TYR C 21 -50.45 49.61 10.57
C TYR C 21 -50.28 48.91 9.22
N ALA C 22 -49.76 47.70 9.22
CA ALA C 22 -49.70 46.92 8.01
C ALA C 22 -51.13 46.66 7.46
N GLN C 23 -52.08 46.41 8.36
CA GLN C 23 -53.52 46.25 7.94
C GLN C 23 -54.06 47.54 7.33
N GLU C 24 -53.62 48.71 7.79
CA GLU C 24 -53.99 49.98 7.14
C GLU C 24 -53.46 50.12 5.75
N ALA C 25 -52.27 49.60 5.52
CA ALA C 25 -51.72 49.60 4.15
C ALA C 25 -52.60 48.72 3.21
N VAL C 26 -53.04 47.58 3.72
CA VAL C 26 -53.90 46.71 2.94
C VAL C 26 -55.18 47.47 2.54
N LYS C 27 -55.77 48.19 3.49
CA LYS C 27 -57.03 48.91 3.27
C LYS C 27 -56.92 49.99 2.22
N LYS C 28 -55.75 50.61 2.08
CA LYS C 28 -55.52 51.55 0.97
C LYS C 28 -55.15 50.89 -0.38
N GLY C 29 -55.08 49.56 -0.45
CA GLY C 29 -54.82 48.86 -1.71
C GLY C 29 -56.07 48.75 -2.58
N SER C 30 -55.90 48.33 -3.82
CA SER C 30 -56.98 48.19 -4.76
C SER C 30 -57.82 47.01 -4.34
N THR C 31 -59.10 47.10 -4.61
CA THR C 31 -60.04 46.08 -4.19
C THR C 31 -59.77 44.78 -4.93
N ALA C 32 -59.76 43.68 -4.21
CA ALA C 32 -59.64 42.35 -4.82
C ALA C 32 -60.80 41.52 -4.33
N VAL C 33 -61.36 40.67 -5.21
CA VAL C 33 -62.51 39.85 -4.89
C VAL C 33 -62.27 38.42 -5.36
N GLY C 34 -62.76 37.49 -4.57
CA GLY C 34 -62.66 36.08 -4.86
C GLY C 34 -64.00 35.41 -4.66
N VAL C 35 -64.38 34.56 -5.60
CA VAL C 35 -65.54 33.67 -5.39
C VAL C 35 -65.21 32.27 -5.79
N ARG C 36 -65.54 31.39 -4.86
CA ARG C 36 -65.50 29.96 -5.08
C ARG C 36 -66.83 29.43 -5.72
N GLY C 37 -66.72 29.05 -7.00
CA GLY C 37 -67.79 28.39 -7.72
C GLY C 37 -67.93 26.91 -7.38
N ARG C 38 -68.72 26.25 -8.17
CA ARG C 38 -68.95 24.80 -8.06
C ARG C 38 -67.76 24.03 -8.70
N ASP C 39 -67.40 24.42 -9.92
CA ASP C 39 -66.26 23.81 -10.62
C ASP C 39 -65.37 24.89 -11.28
N ILE C 40 -65.41 26.09 -10.72
CA ILE C 40 -64.55 27.19 -11.16
C ILE C 40 -64.20 28.02 -9.89
N VAL C 41 -63.11 28.78 -9.97
CA VAL C 41 -62.81 29.81 -8.98
C VAL C 41 -62.44 31.06 -9.72
N VAL C 42 -62.92 32.20 -9.23
CA VAL C 42 -62.70 33.44 -9.93
C VAL C 42 -62.09 34.50 -9.02
N LEU C 43 -61.05 35.17 -9.52
CA LEU C 43 -60.50 36.37 -8.94
C LEU C 43 -60.72 37.53 -9.83
N GLY C 44 -61.06 38.66 -9.22
CA GLY C 44 -61.13 39.94 -9.94
C GLY C 44 -60.53 41.03 -9.09
N VAL C 45 -59.86 42.00 -9.73
CA VAL C 45 -59.31 43.13 -9.02
C VAL C 45 -59.43 44.47 -9.73
N GLU C 46 -59.59 45.50 -8.90
CA GLU C 46 -59.75 46.89 -9.32
C GLU C 46 -58.49 47.50 -9.90
N LYS C 47 -58.74 48.37 -10.86
CA LYS C 47 -57.88 49.49 -11.34
C LYS C 47 -56.49 49.05 -11.75
N LYS C 48 -55.40 49.43 -11.05
CA LYS C 48 -55.30 50.33 -9.87
C LYS C 48 -55.28 51.86 -10.17
N SER C 49 -54.45 52.26 -11.14
CA SER C 49 -54.26 53.66 -11.51
C SER C 49 -54.80 54.02 -12.93
N VAL C 50 -55.16 53.03 -13.77
CA VAL C 50 -55.47 53.30 -15.18
C VAL C 50 -54.17 53.81 -15.86
N ALA C 51 -54.23 54.88 -16.66
CA ALA C 51 -53.03 55.53 -17.28
C ALA C 51 -52.65 54.95 -18.63
N LYS C 52 -52.97 55.69 -19.69
CA LYS C 52 -52.82 55.25 -21.07
C LYS C 52 -51.39 54.85 -21.44
N LEU C 53 -50.37 55.39 -20.77
CA LEU C 53 -48.98 55.14 -21.17
C LEU C 53 -48.36 53.92 -20.49
N GLN C 54 -49.13 53.29 -19.62
CA GLN C 54 -48.72 52.10 -18.92
C GLN C 54 -48.72 50.90 -19.86
N ASP C 55 -47.76 50.00 -19.68
CA ASP C 55 -47.79 48.66 -20.24
C ASP C 55 -48.57 47.79 -19.23
N GLU C 56 -49.81 47.48 -19.59
CA GLU C 56 -50.80 46.80 -18.68
C GLU C 56 -50.24 45.46 -18.06
N ARG C 57 -49.53 44.69 -18.90
CA ARG C 57 -48.91 43.38 -18.57
C ARG C 57 -48.04 43.41 -17.29
N THR C 58 -47.39 44.56 -17.05
CA THR C 58 -46.35 44.71 -16.01
C THR C 58 -46.89 44.98 -14.61
N VAL C 59 -48.20 45.24 -14.48
CA VAL C 59 -48.76 45.59 -13.17
C VAL C 59 -49.91 44.70 -12.67
N ARG C 60 -50.09 43.51 -13.23
CA ARG C 60 -51.15 42.61 -12.74
C ARG C 60 -51.04 42.32 -11.25
N LYS C 61 -52.19 42.23 -10.61
CA LYS C 61 -52.28 41.86 -9.21
C LYS C 61 -52.76 40.46 -9.04
N ILE C 62 -52.87 39.72 -10.13
CA ILE C 62 -53.23 38.30 -10.07
C ILE C 62 -52.02 37.54 -10.60
N ALA C 64 -49.94 33.47 -10.80
CA ALA C 64 -49.80 32.02 -10.61
C ALA C 64 -48.68 31.74 -9.59
N LEU C 65 -48.98 30.87 -8.62
CA LEU C 65 -47.98 30.33 -7.72
C LEU C 65 -47.44 29.01 -8.26
N ASP C 66 -48.33 28.20 -8.82
CA ASP C 66 -48.03 26.94 -9.44
C ASP C 66 -49.16 26.65 -10.46
N ASP C 67 -49.12 25.52 -11.18
CA ASP C 67 -50.16 25.21 -12.17
C ASP C 67 -51.57 25.16 -11.59
N ASN C 68 -51.71 24.72 -10.33
CA ASN C 68 -53.03 24.56 -9.75
C ASN C 68 -53.41 25.60 -8.63
N VAL C 69 -52.57 26.60 -8.37
CA VAL C 69 -52.84 27.62 -7.32
C VAL C 69 -52.46 28.99 -7.82
N CYS C 70 -53.29 29.96 -7.57
CA CYS C 70 -52.94 31.35 -7.88
C CYS C 70 -53.43 32.24 -6.80
N MET C 71 -53.05 33.52 -6.90
CA MET C 71 -53.38 34.45 -5.88
C MET C 71 -53.58 35.82 -6.41
N ALA C 72 -54.45 36.56 -5.71
CA ALA C 72 -54.49 38.00 -5.79
C ALA C 72 -54.04 38.59 -4.44
N PHE C 73 -53.64 39.83 -4.45
CA PHE C 73 -53.29 40.51 -3.22
C PHE C 73 -53.88 41.89 -3.23
N ALA C 74 -53.96 42.52 -2.06
CA ALA C 74 -54.13 43.96 -1.91
C ALA C 74 -53.09 44.45 -0.90
N GLY C 75 -52.51 45.60 -1.17
CA GLY C 75 -51.63 46.25 -0.22
C GLY C 75 -50.38 46.74 -0.94
N LEU C 76 -49.23 46.66 -0.28
CA LEU C 76 -47.96 47.11 -0.83
C LEU C 76 -47.46 46.14 -1.90
N THR C 77 -47.35 46.61 -3.14
CA THR C 77 -47.11 45.71 -4.24
C THR C 77 -45.71 45.10 -4.18
N ALA C 78 -44.73 45.88 -3.75
CA ALA C 78 -43.33 45.37 -3.60
C ALA C 78 -43.28 44.25 -2.55
N ASP C 79 -43.96 44.44 -1.42
CA ASP C 79 -44.08 43.38 -0.43
C ASP C 79 -44.72 42.12 -1.02
N ALA C 80 -45.80 42.27 -1.80
CA ALA C 80 -46.48 41.14 -2.38
C ALA C 80 -45.55 40.29 -3.24
N ARG C 81 -44.70 40.97 -4.01
CA ARG C 81 -43.79 40.30 -4.91
C ARG C 81 -42.85 39.38 -4.11
N ILE C 82 -42.44 39.80 -2.91
CA ILE C 82 -41.57 38.98 -2.08
C ILE C 82 -42.32 37.75 -1.62
N VAL C 83 -43.57 37.93 -1.19
CA VAL C 83 -44.37 36.81 -0.71
C VAL C 83 -44.62 35.84 -1.86
N ILE C 84 -44.95 36.38 -3.03
CA ILE C 84 -45.28 35.54 -4.16
C ILE C 84 -44.10 34.67 -4.59
N ASN C 85 -42.90 35.26 -4.61
CA ASN C 85 -41.75 34.50 -5.01
CA ASN C 85 -41.70 34.49 -4.96
C ASN C 85 -41.35 33.44 -3.96
N ARG C 86 -41.49 33.75 -2.70
CA ARG C 86 -41.28 32.76 -1.62
C ARG C 86 -42.28 31.60 -1.78
N ALA C 87 -43.55 31.90 -2.08
CA ALA C 87 -44.57 30.85 -2.22
C ALA C 87 -44.32 29.96 -3.43
N ARG C 88 -43.81 30.57 -4.51
CA ARG C 88 -43.44 29.85 -5.68
C ARG C 88 -42.28 28.90 -5.46
N VAL C 89 -41.27 29.32 -4.73
CA VAL C 89 -40.17 28.45 -4.38
C VAL C 89 -40.72 27.28 -3.59
N GLU C 90 -41.54 27.58 -2.60
CA GLU C 90 -42.09 26.54 -1.71
C GLU C 90 -42.93 25.53 -2.44
N CYS C 91 -43.73 25.96 -3.45
CA CYS C 91 -44.52 24.98 -4.25
C CYS C 91 -43.64 23.94 -4.95
N GLN C 92 -42.50 24.40 -5.48
CA GLN C 92 -41.49 23.53 -6.03
C GLN C 92 -40.77 22.62 -4.97
N SER C 93 -40.42 23.09 -3.76
CA SER C 93 -40.01 22.16 -2.67
C SER C 93 -41.08 21.08 -2.39
N HIS C 94 -42.32 21.46 -2.19
CA HIS C 94 -43.37 20.46 -1.97
C HIS C 94 -43.37 19.38 -3.07
N ARG C 95 -43.53 19.79 -4.33
CA ARG C 95 -43.46 18.85 -5.46
C ARG C 95 -42.21 17.99 -5.41
N LEU C 96 -41.10 18.56 -4.96
CA LEU C 96 -39.87 17.83 -4.86
C LEU C 96 -40.07 16.72 -3.84
N THR C 97 -40.41 17.08 -2.60
CA THR C 97 -40.35 16.16 -1.42
C THR C 97 -41.60 15.20 -1.21
N VAL C 98 -42.72 15.55 -1.83
CA VAL C 98 -43.97 14.80 -1.71
C VAL C 98 -44.53 14.32 -3.06
N GLU C 99 -44.00 14.87 -4.16
CA GLU C 99 -44.41 14.48 -5.50
C GLU C 99 -45.93 14.57 -5.65
N ASP C 100 -46.51 15.58 -5.01
CA ASP C 100 -47.85 16.00 -5.41
C ASP C 100 -47.72 17.48 -5.50
N PRO C 101 -48.60 18.09 -6.31
CA PRO C 101 -48.77 19.52 -6.12
C PRO C 101 -49.30 19.83 -4.70
N VAL C 102 -49.00 21.03 -4.25
CA VAL C 102 -49.48 21.51 -2.99
C VAL C 102 -50.97 21.51 -3.03
N THR C 103 -51.59 21.35 -1.87
CA THR C 103 -52.96 21.79 -1.74
C THR C 103 -52.98 23.30 -1.56
N VAL C 104 -54.14 23.89 -1.76
CA VAL C 104 -54.30 25.31 -1.63
C VAL C 104 -54.13 25.68 -0.16
N GLU C 105 -54.63 24.79 0.71
CA GLU C 105 -54.51 24.97 2.11
C GLU C 105 -53.05 24.93 2.60
N TYR C 106 -52.26 23.98 2.10
CA TYR C 106 -50.83 23.89 2.41
C TYR C 106 -50.12 25.21 2.08
N ILE C 107 -50.31 25.71 0.86
CA ILE C 107 -49.56 26.90 0.45
C ILE C 107 -50.05 28.16 1.16
N THR C 108 -51.35 28.16 1.49
CA THR C 108 -51.96 29.20 2.29
C THR C 108 -51.35 29.21 3.69
N ARG C 109 -51.32 28.04 4.31
CA ARG C 109 -50.72 27.82 5.59
C ARG C 109 -49.21 28.27 5.60
N TYR C 110 -48.48 27.98 4.53
CA TYR C 110 -47.11 28.39 4.38
C TYR C 110 -47.00 29.92 4.30
N ILE C 111 -47.80 30.56 3.48
CA ILE C 111 -47.81 32.02 3.37
C ILE C 111 -48.19 32.71 4.67
N ALA C 112 -49.22 32.21 5.32
CA ALA C 112 -49.66 32.73 6.57
C ALA C 112 -48.55 32.66 7.66
N SER C 113 -47.82 31.56 7.70
CA SER C 113 -46.86 31.42 8.73
C SER C 113 -45.61 32.25 8.41
N LEU C 114 -45.31 32.47 7.13
CA LEU C 114 -44.28 33.45 6.73
C LEU C 114 -44.63 34.85 7.26
N LYS C 115 -45.88 35.25 7.03
CA LYS C 115 -46.39 36.52 7.50
C LYS C 115 -46.34 36.63 9.04
N GLN C 116 -46.77 35.58 9.75
CA GLN C 116 -46.71 35.56 11.18
C GLN C 116 -45.26 35.77 11.65
N ARG C 117 -44.30 35.09 11.06
CA ARG C 117 -42.91 35.19 11.46
C ARG C 117 -42.34 36.59 11.35
N TYR C 118 -42.76 37.33 10.34
CA TYR C 118 -42.36 38.74 10.17
C TYR C 118 -43.15 39.68 11.09
N THR C 119 -44.10 39.17 11.91
CA THR C 119 -44.61 39.91 13.04
C THR C 119 -43.94 39.56 14.39
N GLN C 120 -43.04 38.62 14.40
CA GLN C 120 -42.43 38.16 15.63
C GLN C 120 -40.90 37.97 15.55
N SER C 121 -40.22 38.58 14.57
CA SER C 121 -38.81 38.45 14.38
C SER C 121 -38.11 39.76 14.42
N ASN C 122 -36.96 39.78 15.05
CA ASN C 122 -36.20 41.01 15.14
C ASN C 122 -35.76 41.53 13.80
N GLY C 123 -35.65 42.84 13.70
CA GLY C 123 -35.06 43.50 12.55
C GLY C 123 -35.99 43.70 11.36
N ARG C 124 -37.22 43.18 11.39
CA ARG C 124 -38.17 43.21 10.25
C ARG C 124 -39.51 43.80 10.62
N ARG C 125 -40.13 44.46 9.65
CA ARG C 125 -41.50 44.89 9.79
C ARG C 125 -42.42 43.83 9.13
N PRO C 126 -43.69 43.78 9.50
CA PRO C 126 -44.61 42.91 8.85
C PRO C 126 -44.84 43.20 7.35
N PHE C 127 -45.41 42.22 6.65
CA PHE C 127 -45.74 42.44 5.22
C PHE C 127 -47.02 43.23 5.15
N GLY C 128 -47.05 44.27 4.34
CA GLY C 128 -48.25 45.08 4.19
C GLY C 128 -49.23 44.54 3.10
N ILE C 129 -49.59 43.25 3.17
CA ILE C 129 -50.50 42.65 2.23
C ILE C 129 -51.45 41.64 2.84
N SER C 130 -52.62 41.54 2.21
CA SER C 130 -53.49 40.34 2.33
C SER C 130 -53.56 39.68 0.98
N ALA C 131 -53.82 38.39 0.99
CA ALA C 131 -53.83 37.59 -0.23
C ALA C 131 -55.09 36.78 -0.28
N LEU C 132 -55.66 36.67 -1.48
CA LEU C 132 -56.72 35.69 -1.74
C LEU C 132 -56.09 34.58 -2.58
N ILE C 133 -56.17 33.36 -2.10
CA ILE C 133 -55.48 32.25 -2.71
C ILE C 133 -56.53 31.24 -3.17
N VAL C 134 -56.45 30.84 -4.43
CA VAL C 134 -57.49 29.96 -5.01
C VAL C 134 -56.89 28.82 -5.76
N GLY C 135 -57.67 27.74 -5.82
CA GLY C 135 -57.40 26.65 -6.73
C GLY C 135 -58.20 25.41 -6.42
N PHE C 136 -57.66 24.27 -6.85
CA PHE C 136 -58.30 22.98 -6.67
C PHE C 136 -57.35 21.98 -6.04
N ASP C 137 -57.90 21.17 -5.13
CA ASP C 137 -57.21 20.00 -4.60
C ASP C 137 -57.28 18.74 -5.48
N PHE C 138 -56.23 17.91 -5.38
CA PHE C 138 -56.10 16.60 -6.10
C PHE C 138 -57.43 15.92 -6.39
N ASP C 139 -58.37 15.95 -5.45
CA ASP C 139 -59.70 15.35 -5.62
C ASP C 139 -60.80 16.22 -6.33
N GLY C 140 -60.41 17.34 -6.95
CA GLY C 140 -61.33 18.26 -7.61
C GLY C 140 -62.03 19.36 -6.79
N THR C 141 -61.88 19.38 -5.45
CA THR C 141 -62.62 20.36 -4.63
C THR C 141 -62.05 21.77 -4.85
N PRO C 142 -62.91 22.75 -5.18
CA PRO C 142 -62.46 24.14 -5.34
C PRO C 142 -62.25 24.84 -3.99
N ARG C 143 -61.35 25.82 -3.96
CA ARG C 143 -60.91 26.44 -2.68
C ARG C 143 -60.62 27.95 -2.81
N LEU C 144 -61.02 28.68 -1.78
CA LEU C 144 -60.69 30.08 -1.66
C LEU C 144 -60.25 30.36 -0.22
N TYR C 145 -59.02 30.83 -0.05
CA TYR C 145 -58.45 31.14 1.26
C TYR C 145 -58.03 32.57 1.27
N GLN C 146 -58.06 33.19 2.46
CA GLN C 146 -57.53 34.52 2.62
C GLN C 146 -56.51 34.56 3.78
N THR C 147 -55.40 35.28 3.55
CA THR C 147 -54.36 35.55 4.61
C THR C 147 -54.27 37.06 4.84
N ASP C 148 -53.92 37.44 6.05
CA ASP C 148 -53.68 38.84 6.33
C ASP C 148 -52.34 39.06 7.00
N PRO C 149 -51.95 40.33 7.19
CA PRO C 149 -50.59 40.60 7.69
C PRO C 149 -50.26 39.95 9.00
N SER C 150 -51.26 39.67 9.84
CA SER C 150 -51.01 39.02 11.14
C SER C 150 -50.59 37.58 10.99
N GLY C 151 -50.82 36.99 9.80
CA GLY C 151 -50.65 35.56 9.60
C GLY C 151 -51.91 34.72 9.84
N THR C 152 -53.01 35.35 10.19
CA THR C 152 -54.29 34.59 10.31
C THR C 152 -54.75 34.21 8.90
N TYR C 153 -55.38 33.05 8.79
CA TYR C 153 -55.97 32.65 7.51
C TYR C 153 -57.25 31.86 7.74
N HIS C 154 -58.17 32.03 6.80
CA HIS C 154 -59.45 31.23 6.79
C HIS C 154 -59.85 30.91 5.36
N ALA C 155 -60.74 29.92 5.21
CA ALA C 155 -61.37 29.61 3.93
C ALA C 155 -62.65 30.40 3.82
N TRP C 156 -63.00 30.75 2.59
CA TRP C 156 -64.14 31.55 2.30
C TRP C 156 -64.88 30.97 1.07
N LYS C 157 -66.21 31.16 1.07
CA LYS C 157 -67.07 30.91 -0.08
C LYS C 157 -66.88 32.02 -1.08
N ALA C 158 -66.79 33.23 -0.57
CA ALA C 158 -66.43 34.41 -1.34
C ALA C 158 -65.88 35.45 -0.37
N ASN C 159 -65.09 36.39 -0.87
CA ASN C 159 -64.52 37.45 -0.04
C ASN C 159 -63.91 38.59 -0.87
N ALA C 160 -63.68 39.72 -0.21
CA ALA C 160 -62.99 40.85 -0.81
C ALA C 160 -61.96 41.36 0.20
N ILE C 161 -60.87 41.94 -0.30
CA ILE C 161 -59.86 42.67 0.48
C ILE C 161 -59.49 43.95 -0.27
N GLY C 162 -58.77 44.86 0.40
CA GLY C 162 -58.49 46.19 -0.17
C GLY C 162 -59.54 47.23 0.15
N ARG C 163 -59.44 48.41 -0.47
CA ARG C 163 -60.36 49.50 -0.19
C ARG C 163 -61.77 49.14 -0.63
N GLY C 164 -62.74 49.49 0.18
CA GLY C 164 -64.13 49.06 -0.10
C GLY C 164 -64.44 47.57 0.12
N ALA C 165 -63.52 46.81 0.70
CA ALA C 165 -63.86 45.44 1.11
C ALA C 165 -65.16 45.31 1.96
N LYS C 166 -65.45 46.27 2.85
CA LYS C 166 -66.61 46.18 3.79
C LYS C 166 -67.89 46.08 2.98
N SER C 167 -68.08 47.03 2.07
CA SER C 167 -69.29 47.08 1.27
C SER C 167 -69.33 45.93 0.24
N VAL C 168 -68.18 45.60 -0.38
CA VAL C 168 -68.13 44.46 -1.31
C VAL C 168 -68.47 43.14 -0.59
N ARG C 169 -67.96 42.98 0.64
CA ARG C 169 -68.36 41.82 1.43
C ARG C 169 -69.86 41.82 1.73
N GLU C 170 -70.44 42.98 2.05
CA GLU C 170 -71.91 43.13 2.28
C GLU C 170 -72.70 42.67 1.07
N PHE C 171 -72.27 43.10 -0.11
CA PHE C 171 -72.89 42.66 -1.33
C PHE C 171 -72.80 41.15 -1.57
N LEU C 172 -71.62 40.58 -1.39
CA LEU C 172 -71.46 39.13 -1.54
C LEU C 172 -72.36 38.36 -0.55
N GLU C 173 -72.47 38.86 0.68
CA GLU C 173 -73.31 38.21 1.70
C GLU C 173 -74.77 38.08 1.25
N LYS C 174 -75.33 39.12 0.61
CA LYS C 174 -76.73 39.09 0.10
C LYS C 174 -76.82 38.36 -1.24
N ASN C 175 -75.76 38.36 -2.04
CA ASN C 175 -75.83 37.83 -3.42
C ASN C 175 -75.20 36.45 -3.64
N TYR C 176 -74.46 35.91 -2.69
CA TYR C 176 -73.85 34.62 -2.93
C TYR C 176 -74.81 33.50 -2.58
N THR C 177 -75.34 32.83 -3.59
CA THR C 177 -76.32 31.74 -3.43
C THR C 177 -76.02 30.57 -4.40
N ASP C 178 -76.68 29.42 -4.19
CA ASP C 178 -76.49 28.26 -5.08
C ASP C 178 -76.82 28.62 -6.53
N GLU C 179 -77.81 29.50 -6.71
CA GLU C 179 -78.20 30.06 -8.01
C GLU C 179 -77.15 30.90 -8.67
N ALA C 180 -76.57 31.81 -7.91
CA ALA C 180 -75.58 32.75 -8.44
C ALA C 180 -74.25 32.12 -8.91
N ILE C 181 -73.99 30.89 -8.46
CA ILE C 181 -72.85 30.10 -8.90
C ILE C 181 -73.21 28.75 -9.60
N GLU C 182 -74.44 28.63 -10.10
CA GLU C 182 -74.84 27.39 -10.74
C GLU C 182 -74.01 27.11 -12.00
N THR C 183 -73.57 28.17 -12.67
CA THR C 183 -72.69 28.05 -13.81
C THR C 183 -71.53 28.96 -13.72
N ASP C 184 -70.59 28.70 -14.65
CA ASP C 184 -69.37 29.49 -14.87
C ASP C 184 -69.55 30.98 -15.16
N ASP C 185 -70.43 31.27 -16.10
CA ASP C 185 -70.77 32.63 -16.47
C ASP C 185 -71.36 33.47 -15.31
N LEU C 186 -72.22 32.86 -14.48
CA LEU C 186 -72.88 33.53 -13.36
C LEU C 186 -71.89 33.79 -12.20
N THR C 187 -71.01 32.84 -11.93
CA THR C 187 -69.89 33.01 -11.05
C THR C 187 -68.96 34.19 -11.45
N ILE C 188 -68.59 34.22 -12.73
CA ILE C 188 -67.81 35.33 -13.26
C ILE C 188 -68.59 36.62 -13.12
N LYS C 189 -69.88 36.59 -13.45
CA LYS C 189 -70.74 37.80 -13.37
C LYS C 189 -70.88 38.29 -11.92
N LEU C 190 -70.98 37.36 -10.97
CA LEU C 190 -71.04 37.74 -9.55
C LEU C 190 -69.81 38.54 -9.12
N VAL C 191 -68.62 38.14 -9.57
CA VAL C 191 -67.39 38.91 -9.30
C VAL C 191 -67.40 40.30 -9.91
N ILE C 192 -67.80 40.39 -11.17
CA ILE C 192 -67.87 41.69 -11.84
C ILE C 192 -68.88 42.62 -11.15
N LYS C 193 -70.06 42.08 -10.84
CA LYS C 193 -71.09 42.87 -10.12
C LYS C 193 -70.51 43.34 -8.79
N ALA C 194 -69.87 42.44 -8.07
CA ALA C 194 -69.24 42.79 -6.78
C ALA C 194 -68.21 43.94 -6.91
N LEU C 195 -67.29 43.86 -7.88
CA LEU C 195 -66.39 44.98 -8.21
C LEU C 195 -67.16 46.24 -8.63
N LEU C 196 -68.12 46.10 -9.56
CA LEU C 196 -68.83 47.24 -10.18
C LEU C 196 -69.51 48.12 -9.17
N GLU C 197 -69.70 47.61 -7.97
CA GLU C 197 -70.09 48.44 -6.86
C GLU C 197 -69.11 49.48 -6.32
N VAL C 198 -67.85 49.13 -6.31
CA VAL C 198 -66.82 50.02 -5.80
C VAL C 198 -65.99 50.64 -6.92
N VAL C 199 -65.91 49.99 -8.08
CA VAL C 199 -64.99 50.37 -9.14
C VAL C 199 -65.27 51.74 -9.72
N GLN C 200 -64.37 52.70 -9.48
CA GLN C 200 -64.57 54.13 -9.84
C GLN C 200 -65.28 54.41 -11.18
N SER C 201 -64.58 54.35 -12.31
CA SER C 201 -65.20 54.65 -13.63
C SER C 201 -65.58 53.35 -14.36
N GLY C 202 -66.52 52.59 -13.76
CA GLY C 202 -66.73 51.19 -14.15
C GLY C 202 -66.76 51.10 -15.67
N GLY C 203 -66.02 50.22 -16.32
CA GLY C 203 -65.15 49.18 -15.75
C GLY C 203 -64.71 48.21 -16.87
N LYS C 204 -63.89 48.65 -17.84
CA LYS C 204 -62.86 49.67 -17.76
C LYS C 204 -61.80 48.91 -16.96
N ASN C 205 -61.58 49.26 -15.69
CA ASN C 205 -60.40 48.81 -15.06
C ASN C 205 -60.70 47.77 -14.01
N ILE C 206 -61.30 46.66 -14.41
CA ILE C 206 -61.36 45.45 -13.60
C ILE C 206 -60.43 44.49 -14.34
N GLU C 207 -59.50 43.85 -13.63
CA GLU C 207 -58.73 42.72 -14.19
C GLU C 207 -59.41 41.46 -13.65
N LEU C 208 -59.46 40.42 -14.46
CA LEU C 208 -60.16 39.22 -14.05
C LEU C 208 -59.56 37.92 -14.56
N ALA C 209 -59.58 36.91 -13.69
CA ALA C 209 -59.01 35.63 -14.01
C ALA C 209 -59.79 34.49 -13.39
N VAL C 210 -59.68 33.36 -14.07
CA VAL C 210 -60.48 32.20 -13.77
C VAL C 210 -59.61 30.99 -13.70
N MET C 211 -59.99 30.04 -12.85
CA MET C 211 -59.34 28.75 -12.80
C MET C 211 -60.34 27.63 -12.78
N ARG C 212 -60.23 26.76 -13.79
CA ARG C 212 -61.09 25.61 -13.89
C ARG C 212 -60.35 24.36 -13.46
N ARG C 213 -61.13 23.39 -13.00
CA ARG C 213 -60.61 22.09 -12.51
C ARG C 213 -59.68 21.54 -13.59
N ASP C 214 -58.38 21.45 -13.27
CA ASP C 214 -57.32 20.97 -14.18
C ASP C 214 -56.86 21.96 -15.27
N GLN C 215 -57.72 22.87 -15.73
CA GLN C 215 -57.48 23.59 -16.98
C GLN C 215 -56.49 24.76 -16.87
N SER C 216 -55.98 25.06 -15.67
CA SER C 216 -55.01 26.17 -15.43
C SER C 216 -55.44 27.63 -15.76
N LEU C 217 -54.78 28.56 -15.11
CA LEU C 217 -55.19 29.98 -15.03
C LEU C 217 -55.37 30.66 -16.40
N LYS C 218 -56.60 31.11 -16.71
CA LYS C 218 -56.90 31.96 -17.89
C LYS C 218 -57.15 33.40 -17.38
N ILE C 219 -56.35 34.39 -17.79
CA ILE C 219 -56.75 35.77 -17.59
C ILE C 219 -57.71 36.17 -18.73
N LEU C 220 -58.80 36.87 -18.41
CA LEU C 220 -59.68 37.42 -19.47
C LEU C 220 -59.10 38.73 -20.04
N ASN C 221 -59.31 38.92 -21.34
CA ASN C 221 -58.82 40.13 -22.03
CA ASN C 221 -58.84 40.12 -22.06
C ASN C 221 -59.95 41.15 -22.01
N PRO C 222 -59.62 42.44 -22.20
CA PRO C 222 -60.64 43.51 -22.07
C PRO C 222 -61.88 43.30 -22.93
N GLU C 223 -61.68 42.76 -24.14
CA GLU C 223 -62.78 42.39 -25.07
C GLU C 223 -63.69 41.31 -24.43
N GLU C 224 -63.10 40.29 -23.80
CA GLU C 224 -63.88 39.23 -23.13
C GLU C 224 -64.61 39.76 -21.86
N ILE C 225 -64.06 40.76 -21.19
CA ILE C 225 -64.63 41.35 -19.95
C ILE C 225 -65.85 42.21 -20.26
N GLU C 226 -65.66 43.20 -21.11
CA GLU C 226 -66.77 44.12 -21.49
C GLU C 226 -67.95 43.42 -22.21
N LYS C 227 -67.73 42.21 -22.72
CA LYS C 227 -68.81 41.30 -23.10
C LYS C 227 -69.69 40.99 -21.89
N TYR C 228 -69.09 40.52 -20.79
CA TYR C 228 -69.82 40.25 -19.54
C TYR C 228 -70.44 41.52 -18.95
N VAL C 229 -69.74 42.67 -19.06
CA VAL C 229 -70.19 43.94 -18.48
C VAL C 229 -71.52 44.36 -19.09
N ALA C 230 -71.58 44.37 -20.42
CA ALA C 230 -72.81 44.68 -21.22
C ALA C 230 -73.96 43.68 -20.94
N GLU C 231 -73.61 42.41 -21.04
CA GLU C 231 -74.47 41.26 -20.67
C GLU C 231 -75.05 41.27 -19.23
N ILE C 232 -74.45 42.04 -18.31
CA ILE C 232 -74.97 42.27 -16.93
C ILE C 232 -75.73 43.62 -16.77
N GLU C 233 -75.25 44.64 -17.48
CA GLU C 233 -75.75 46.02 -17.38
C GLU C 233 -77.12 46.16 -18.05
N LYS C 234 -77.26 45.54 -19.21
CA LYS C 234 -78.55 45.44 -19.87
C LYS C 234 -79.55 44.50 -19.18
N GLU C 235 -79.07 43.52 -18.42
CA GLU C 235 -79.97 42.68 -17.59
C GLU C 235 -80.55 43.46 -16.41
N LYS C 236 -79.76 44.38 -15.86
CA LYS C 236 -80.22 45.30 -14.82
C LYS C 236 -80.94 46.53 -15.43
N GLU C 237 -82.05 46.30 -16.12
CA GLU C 237 -82.94 47.37 -16.65
C GLU C 237 -84.40 47.01 -16.39
N GLU C 238 -84.85 45.93 -17.04
CA GLU C 238 -85.84 45.00 -16.51
C GLU C 238 -86.50 45.35 -15.17
N ASP D 9 -40.65 54.81 24.98
CA ASP D 9 -40.21 53.48 24.47
C ASP D 9 -38.96 52.96 25.25
N ARG D 10 -39.03 51.67 25.51
CA ARG D 10 -38.15 50.93 26.39
C ARG D 10 -37.95 49.58 25.74
N GLY D 11 -37.02 48.80 26.20
CA GLY D 11 -36.77 47.56 25.57
C GLY D 11 -37.83 46.51 25.92
N VAL D 12 -37.87 45.46 25.14
CA VAL D 12 -38.80 44.37 25.40
C VAL D 12 -38.55 43.58 26.69
N ASN D 13 -37.35 43.65 27.23
CA ASN D 13 -37.08 43.00 28.52
C ASN D 13 -37.00 43.95 29.71
N THR D 14 -37.79 45.00 29.71
CA THR D 14 -37.84 45.97 30.75
C THR D 14 -38.90 45.52 31.79
N PHE D 15 -38.46 45.49 33.03
CA PHE D 15 -39.34 45.38 34.21
C PHE D 15 -40.05 46.71 34.54
N SER D 16 -41.32 46.59 34.92
CA SER D 16 -42.08 47.68 35.56
C SER D 16 -41.64 47.78 37.02
N PRO D 17 -41.96 48.89 37.70
CA PRO D 17 -41.73 49.01 39.15
C PRO D 17 -42.47 47.99 40.03
N GLU D 18 -43.46 47.31 39.50
CA GLU D 18 -44.11 46.25 40.25
C GLU D 18 -43.48 44.93 39.99
N GLY D 19 -42.43 44.86 39.17
CA GLY D 19 -41.74 43.61 38.99
C GLY D 19 -42.32 42.70 37.93
N ARG D 20 -43.00 43.28 36.96
CA ARG D 20 -43.47 42.52 35.84
C ARG D 20 -42.82 42.99 34.55
N LEU D 21 -42.73 42.07 33.60
CA LEU D 21 -42.26 42.40 32.29
C LEU D 21 -43.43 43.02 31.51
N PHE D 22 -43.31 44.28 31.15
CA PHE D 22 -44.35 44.99 30.39
C PHE D 22 -44.91 44.12 29.26
N GLN D 23 -44.01 43.53 28.47
CA GLN D 23 -44.42 42.80 27.26
C GLN D 23 -45.26 41.57 27.56
N VAL D 24 -44.90 40.90 28.65
CA VAL D 24 -45.72 39.77 29.14
C VAL D 24 -47.10 40.26 29.62
N GLU D 25 -47.12 41.35 30.37
CA GLU D 25 -48.42 41.87 30.84
C GLU D 25 -49.30 42.27 29.67
N TYR D 26 -48.69 42.88 28.64
CA TYR D 26 -49.46 43.26 27.49
C TYR D 26 -49.89 42.05 26.67
N ALA D 27 -49.07 41.02 26.60
CA ALA D 27 -49.46 39.76 25.95
C ALA D 27 -50.67 39.13 26.65
N ILE D 28 -50.69 39.19 27.99
CA ILE D 28 -51.81 38.66 28.77
C ILE D 28 -53.11 39.43 28.44
N GLU D 29 -53.02 40.74 28.23
CA GLU D 29 -54.18 41.50 27.77
C GLU D 29 -54.72 41.07 26.38
N ALA D 30 -53.85 40.64 25.49
CA ALA D 30 -54.24 40.19 24.20
C ALA D 30 -55.05 38.91 24.26
N ILE D 31 -54.87 38.08 25.29
CA ILE D 31 -55.71 36.87 25.51
C ILE D 31 -57.20 37.25 25.65
N LYS D 32 -57.46 38.38 26.26
CA LYS D 32 -58.84 38.85 26.44
C LYS D 32 -59.56 39.23 25.14
N LEU D 33 -58.84 39.40 24.03
CA LEU D 33 -59.41 39.58 22.67
C LEU D 33 -59.80 38.24 22.02
N GLY D 34 -59.46 37.11 22.65
CA GLY D 34 -59.76 35.84 22.07
C GLY D 34 -61.17 35.35 22.37
N SER D 35 -61.61 34.36 21.63
CA SER D 35 -62.86 33.65 21.92
C SER D 35 -62.74 32.82 23.15
N THR D 36 -63.88 32.55 23.77
CA THR D 36 -63.87 31.80 25.01
C THR D 36 -63.61 30.33 24.74
N ALA D 37 -62.72 29.72 25.52
CA ALA D 37 -62.54 28.29 25.47
C ALA D 37 -62.65 27.75 26.88
N ILE D 38 -63.15 26.53 26.98
CA ILE D 38 -63.38 25.86 28.25
C ILE D 38 -62.74 24.48 28.23
N GLY D 39 -62.17 24.09 29.37
CA GLY D 39 -61.67 22.73 29.56
C GLY D 39 -62.20 22.22 30.86
N ILE D 40 -62.64 20.95 30.90
CA ILE D 40 -63.05 20.28 32.14
C ILE D 40 -62.43 18.88 32.20
N GLN D 41 -61.83 18.56 33.35
CA GLN D 41 -61.25 17.26 33.63
C GLN D 41 -62.17 16.46 34.54
N THR D 42 -62.50 15.24 34.11
CA THR D 42 -63.26 14.30 34.93
C THR D 42 -62.50 12.99 35.03
N SER D 43 -62.93 12.11 35.93
CA SER D 43 -62.32 10.78 36.02
C SER D 43 -62.54 9.95 34.73
N GLU D 44 -63.53 10.31 33.90
CA GLU D 44 -63.79 9.59 32.63
C GLU D 44 -63.18 10.22 31.39
N GLY D 45 -62.47 11.33 31.53
CA GLY D 45 -61.84 11.97 30.39
C GLY D 45 -61.87 13.49 30.54
N VAL D 46 -61.22 14.16 29.61
CA VAL D 46 -61.32 15.61 29.54
C VAL D 46 -62.05 16.02 28.28
N CYS D 47 -62.78 17.13 28.38
CA CYS D 47 -63.36 17.80 27.23
C CYS D 47 -62.87 19.22 27.10
N LEU D 48 -62.84 19.64 25.86
CA LEU D 48 -62.40 20.95 25.48
C LEU D 48 -63.49 21.48 24.59
N ALA D 49 -63.91 22.71 24.82
CA ALA D 49 -64.96 23.35 24.03
C ALA D 49 -64.58 24.78 23.77
N VAL D 50 -64.90 25.27 22.57
CA VAL D 50 -64.49 26.61 22.21
C VAL D 50 -65.53 27.26 21.29
N GLU D 51 -65.73 28.54 21.49
CA GLU D 51 -66.55 29.40 20.67
C GLU D 51 -65.81 29.69 19.39
N LYS D 52 -66.43 29.51 18.25
CA LYS D 52 -65.69 29.79 17.00
C LYS D 52 -65.55 31.26 16.71
N ARG D 53 -66.64 31.98 16.87
CA ARG D 53 -66.72 33.42 16.62
C ARG D 53 -66.67 33.71 15.14
N ILE D 54 -67.73 33.32 14.48
CA ILE D 54 -67.88 33.46 13.03
C ILE D 54 -68.15 34.94 12.79
N THR D 55 -67.44 35.57 11.86
CA THR D 55 -67.62 37.00 11.57
C THR D 55 -68.40 37.30 10.31
N SER D 56 -68.64 36.30 9.45
CA SER D 56 -69.40 36.44 8.17
C SER D 56 -69.99 35.08 7.81
N PRO D 57 -71.21 35.05 7.26
CA PRO D 57 -71.67 33.76 6.77
C PRO D 57 -70.88 33.19 5.55
N LEU D 58 -70.10 34.05 4.89
CA LEU D 58 -69.27 33.63 3.73
C LEU D 58 -68.02 32.86 4.15
N MET D 59 -67.61 33.02 5.40
CA MET D 59 -66.51 32.27 5.97
C MET D 59 -66.88 30.79 6.11
N GLU D 60 -65.97 29.87 5.82
CA GLU D 60 -66.17 28.46 6.14
C GLU D 60 -65.88 28.17 7.61
N PRO D 61 -66.91 27.78 8.38
CA PRO D 61 -66.67 27.48 9.79
C PRO D 61 -65.66 26.37 10.07
N SER D 62 -65.58 25.36 9.22
CA SER D 62 -64.64 24.29 9.48
C SER D 62 -63.15 24.76 9.28
N SER D 63 -62.90 25.90 8.64
CA SER D 63 -61.54 26.45 8.58
C SER D 63 -61.14 27.15 9.86
N ILE D 64 -62.04 27.27 10.84
CA ILE D 64 -61.63 27.81 12.16
C ILE D 64 -61.27 26.61 13.02
N GLU D 65 -59.98 26.47 13.35
CA GLU D 65 -59.54 25.36 14.21
C GLU D 65 -58.86 25.85 15.46
N LYS D 66 -59.63 25.94 16.53
CA LYS D 66 -59.13 26.42 17.80
C LYS D 66 -58.94 25.29 18.77
N ILE D 67 -59.30 24.08 18.35
CA ILE D 67 -58.91 22.88 19.04
C ILE D 67 -58.16 22.02 18.02
N VAL D 68 -57.02 21.49 18.45
CA VAL D 68 -56.13 20.70 17.60
C VAL D 68 -55.62 19.51 18.38
N GLU D 69 -55.36 18.45 17.63
CA GLU D 69 -54.69 17.26 18.17
C GLU D 69 -53.19 17.53 18.29
N ILE D 70 -52.64 17.24 19.47
CA ILE D 70 -51.18 17.25 19.69
C ILE D 70 -50.59 15.86 19.39
N ASP D 71 -51.22 14.84 19.99
CA ASP D 71 -50.98 13.44 19.75
C ASP D 71 -52.30 12.69 20.08
N ALA D 72 -52.31 11.37 19.96
CA ALA D 72 -53.56 10.64 20.03
C ALA D 72 -54.23 10.82 21.38
N HIS D 73 -53.41 11.09 22.38
CA HIS D 73 -53.86 11.18 23.79
C HIS D 73 -53.95 12.61 24.30
N ILE D 74 -53.74 13.60 23.43
CA ILE D 74 -53.58 14.98 23.87
C ILE D 74 -54.17 15.91 22.85
N GLY D 75 -55.12 16.73 23.29
CA GLY D 75 -55.61 17.85 22.49
C GLY D 75 -55.25 19.18 23.11
N CYS D 76 -55.47 20.21 22.33
CA CYS D 76 -55.14 21.55 22.77
C CYS D 76 -56.17 22.56 22.31
N ALA D 77 -56.68 23.36 23.24
CA ALA D 77 -57.57 24.50 22.92
C ALA D 77 -56.80 25.80 23.10
N MET D 78 -57.04 26.78 22.24
CA MET D 78 -56.33 28.01 22.28
C MET D 78 -57.27 29.22 22.26
N SER D 79 -56.76 30.34 22.80
CA SER D 79 -57.40 31.63 22.72
C SER D 79 -56.36 32.73 22.72
N GLY D 80 -56.64 33.77 21.95
CA GLY D 80 -55.81 34.93 21.91
C GLY D 80 -55.49 35.23 20.49
N LEU D 81 -54.25 35.59 20.21
CA LEU D 81 -53.79 35.81 18.82
C LEU D 81 -53.43 34.46 18.22
N ILE D 82 -54.36 33.87 17.46
CA ILE D 82 -54.30 32.50 16.98
C ILE D 82 -53.12 32.22 16.10
N ALA D 83 -52.75 33.17 15.26
CA ALA D 83 -51.56 32.95 14.42
C ALA D 83 -50.28 32.65 15.29
N ASP D 84 -50.15 33.29 16.44
CA ASP D 84 -49.04 33.03 17.34
C ASP D 84 -49.04 31.59 17.86
N ALA D 85 -50.20 30.96 17.95
CA ALA D 85 -50.30 29.62 18.50
C ALA D 85 -49.67 28.53 17.64
N LYS D 86 -49.45 28.81 16.35
CA LYS D 86 -48.99 27.81 15.41
C LYS D 86 -47.63 27.26 15.76
N THR D 87 -46.66 28.11 16.08
CA THR D 87 -45.38 27.58 16.43
C THR D 87 -45.45 26.87 17.79
N LEU D 88 -46.36 27.25 18.68
CA LEU D 88 -46.46 26.54 19.96
C LEU D 88 -46.99 25.11 19.78
N ILE D 89 -47.98 24.98 18.94
CA ILE D 89 -48.67 23.72 18.66
C ILE D 89 -47.69 22.78 17.92
N ASP D 90 -46.95 23.35 16.99
CA ASP D 90 -46.01 22.59 16.24
C ASP D 90 -44.91 22.08 17.13
N LYS D 91 -44.45 22.93 18.05
CA LYS D 91 -43.47 22.52 19.04
C LYS D 91 -44.03 21.43 19.95
N ALA D 92 -45.27 21.53 20.39
CA ALA D 92 -45.85 20.43 21.21
C ALA D 92 -45.83 19.13 20.42
N ARG D 93 -46.20 19.19 19.15
CA ARG D 93 -46.25 18.01 18.29
C ARG D 93 -44.95 17.34 18.05
N VAL D 94 -43.95 18.13 17.72
CA VAL D 94 -42.59 17.67 17.53
C VAL D 94 -42.01 17.09 18.82
N GLU D 95 -42.19 17.77 19.92
CA GLU D 95 -41.72 17.22 21.21
C GLU D 95 -42.33 15.84 21.53
N THR D 96 -43.64 15.65 21.28
CA THR D 96 -44.27 14.38 21.67
C THR D 96 -43.73 13.30 20.77
N GLN D 97 -43.56 13.60 19.48
CA GLN D 97 -42.93 12.67 18.56
C GLN D 97 -41.46 12.36 18.82
N ASN D 98 -40.69 13.34 19.30
CA ASN D 98 -39.32 13.08 19.71
C ASN D 98 -39.32 12.17 20.92
N HIS D 99 -40.22 12.40 21.85
CA HIS D 99 -40.20 11.63 23.04
C HIS D 99 -40.55 10.16 22.72
N TRP D 100 -41.53 9.98 21.82
CA TRP D 100 -41.90 8.64 21.37
C TRP D 100 -40.67 7.92 20.67
N PHE D 101 -39.98 8.69 19.81
CA PHE D 101 -38.80 8.23 19.11
C PHE D 101 -37.73 7.74 20.07
N THR D 102 -37.45 8.53 21.06
CA THR D 102 -36.34 8.27 21.98
C THR D 102 -36.65 7.24 23.04
N TYR D 103 -37.84 7.31 23.58
CA TYR D 103 -38.26 6.53 24.76
C TYR D 103 -39.33 5.45 24.56
N ASN D 104 -39.89 5.41 23.36
CA ASN D 104 -40.91 4.47 22.95
C ASN D 104 -42.08 4.39 23.94
N GLU D 105 -42.61 5.55 24.29
CA GLU D 105 -43.69 5.75 25.25
C GLU D 105 -44.30 7.08 24.89
N THR D 106 -45.50 7.28 25.37
CA THR D 106 -46.23 8.53 25.21
C THR D 106 -45.69 9.53 26.26
N MET D 107 -45.64 10.78 25.88
CA MET D 107 -45.17 11.85 26.76
C MET D 107 -46.38 12.23 27.65
N THR D 108 -46.15 12.51 28.92
CA THR D 108 -47.30 12.99 29.78
C THR D 108 -47.78 14.39 29.38
N VAL D 109 -49.00 14.71 29.76
CA VAL D 109 -49.61 16.00 29.45
C VAL D 109 -48.84 17.13 30.11
N GLU D 110 -48.47 16.91 31.37
CA GLU D 110 -47.64 17.83 32.12
C GLU D 110 -46.33 18.09 31.41
N SER D 111 -45.68 17.04 30.95
CA SER D 111 -44.40 17.20 30.24
C SER D 111 -44.50 17.96 28.92
N VAL D 112 -45.52 17.68 28.11
CA VAL D 112 -45.76 18.46 26.90
C VAL D 112 -45.95 19.90 27.26
N THR D 113 -46.77 20.17 28.29
CA THR D 113 -47.09 21.53 28.65
C THR D 113 -45.82 22.26 29.11
N GLN D 114 -45.03 21.60 29.93
CA GLN D 114 -43.69 22.12 30.32
C GLN D 114 -42.77 22.47 29.13
N ALA D 115 -42.65 21.57 28.16
CA ALA D 115 -41.77 21.80 27.03
C ALA D 115 -42.16 23.06 26.25
N VAL D 116 -43.47 23.21 26.04
CA VAL D 116 -43.97 24.40 25.37
C VAL D 116 -43.71 25.66 26.20
N SER D 117 -43.86 25.52 27.51
CA SER D 117 -43.79 26.67 28.38
C SER D 117 -42.36 27.18 28.45
N ASN D 118 -41.37 26.33 28.21
CA ASN D 118 -39.98 26.80 28.11
C ASN D 118 -39.66 27.74 26.95
N LEU D 119 -40.58 27.89 26.01
CA LEU D 119 -40.44 28.93 24.98
C LEU D 119 -40.83 30.31 25.42
N ALA D 120 -41.65 30.43 26.44
CA ALA D 120 -42.37 31.69 26.67
C ALA D 120 -41.56 33.04 26.84
N LEU D 121 -40.47 33.09 27.61
CA LEU D 121 -39.74 34.30 27.80
C LEU D 121 -38.50 34.36 26.90
N GLN D 122 -38.45 33.50 25.88
CA GLN D 122 -37.33 33.50 24.96
C GLN D 122 -37.53 34.55 23.88
N PHE D 123 -37.60 35.81 24.28
CA PHE D 123 -37.61 36.90 23.33
C PHE D 123 -36.57 37.95 23.78
N GLY D 124 -36.16 38.79 22.88
CA GLY D 124 -35.21 39.86 23.23
C GLY D 124 -34.33 40.12 22.07
N GLU D 125 -33.66 41.26 22.08
CA GLU D 125 -32.92 41.80 20.91
C GLU D 125 -31.43 42.04 21.04
N GLU D 126 -30.76 41.43 22.02
CA GLU D 126 -29.24 41.51 21.98
C GLU D 126 -28.43 40.38 22.68
N ASP D 127 -29.05 39.22 22.92
CA ASP D 127 -28.31 37.96 23.20
C ASP D 127 -28.26 37.04 21.96
N ALA D 128 -29.29 37.12 21.10
CA ALA D 128 -29.79 35.93 20.36
C ALA D 128 -29.50 35.91 18.81
N ASP D 129 -30.10 34.93 18.11
CA ASP D 129 -29.88 34.72 16.66
C ASP D 129 -30.28 35.90 15.77
N PRO D 130 -29.73 35.98 14.54
CA PRO D 130 -29.85 37.23 13.72
C PRO D 130 -31.29 37.84 13.56
N GLY D 131 -32.33 36.98 13.59
CA GLY D 131 -33.74 37.41 13.80
C GLY D 131 -34.64 36.47 14.66
N ALA D 132 -34.31 36.36 15.96
CA ALA D 132 -35.02 35.51 16.95
C ALA D 132 -36.34 36.17 17.38
N MET D 133 -37.09 35.57 18.30
CA MET D 133 -38.40 36.14 18.74
C MET D 133 -38.25 37.56 19.31
N SER D 134 -39.00 38.52 18.80
CA SER D 134 -38.97 39.90 19.28
C SER D 134 -39.93 40.21 20.41
N ARG D 135 -40.83 39.27 20.75
CA ARG D 135 -41.90 39.56 21.67
C ARG D 135 -42.50 38.25 22.16
N PRO D 136 -43.18 38.28 23.26
CA PRO D 136 -43.87 37.05 23.68
C PRO D 136 -45.07 36.66 22.74
N PHE D 137 -45.60 35.49 23.00
CA PHE D 137 -46.72 34.92 22.30
C PHE D 137 -48.00 35.40 22.95
N GLY D 138 -48.90 35.94 22.13
CA GLY D 138 -50.19 36.42 22.60
C GLY D 138 -51.32 35.38 22.75
N VAL D 139 -51.02 34.27 23.43
CA VAL D 139 -51.81 33.07 23.37
C VAL D 139 -51.94 32.49 24.73
N ALA D 140 -53.13 32.00 25.07
CA ALA D 140 -53.25 31.06 26.20
C ALA D 140 -53.68 29.70 25.66
N LEU D 141 -53.28 28.64 26.35
CA LEU D 141 -53.50 27.29 25.89
C LEU D 141 -54.03 26.41 27.01
N LEU D 142 -55.00 25.58 26.65
CA LEU D 142 -55.45 24.45 27.48
C LEU D 142 -55.00 23.15 26.82
N PHE D 143 -54.17 22.37 27.51
CA PHE D 143 -53.79 21.04 27.07
C PHE D 143 -54.66 20.03 27.85
N GLY D 144 -55.43 19.23 27.12
CA GLY D 144 -56.29 18.17 27.72
C GLY D 144 -56.00 16.77 27.18
N GLY D 145 -55.74 15.85 28.08
CA GLY D 145 -55.38 14.52 27.67
C GLY D 145 -55.42 13.46 28.77
N VAL D 146 -54.99 12.27 28.39
CA VAL D 146 -54.89 11.12 29.27
C VAL D 146 -53.48 10.52 29.19
N ASP D 147 -52.88 10.31 30.35
CA ASP D 147 -51.58 9.63 30.47
C ASP D 147 -51.74 8.68 31.65
N GLU D 148 -50.67 8.07 32.14
CA GLU D 148 -50.80 7.17 33.33
C GLU D 148 -51.21 7.84 34.64
N LYS D 149 -51.11 9.18 34.74
CA LYS D 149 -51.74 9.88 35.85
C LYS D 149 -53.28 9.89 35.69
N GLY D 150 -53.79 9.41 34.56
CA GLY D 150 -55.24 9.49 34.25
C GLY D 150 -55.51 10.75 33.47
N PRO D 151 -56.80 11.12 33.32
CA PRO D 151 -57.13 12.36 32.58
C PRO D 151 -56.52 13.62 33.20
N GLN D 152 -56.17 14.59 32.35
CA GLN D 152 -55.53 15.79 32.84
C GLN D 152 -55.69 17.01 31.96
N LEU D 153 -55.93 18.13 32.63
CA LEU D 153 -56.07 19.42 31.99
C LEU D 153 -55.08 20.38 32.59
N PHE D 154 -54.31 21.04 31.73
CA PHE D 154 -53.29 22.01 32.16
C PHE D 154 -53.55 23.31 31.39
N HIS D 155 -53.29 24.44 32.07
CA HIS D 155 -53.40 25.77 31.48
C HIS D 155 -52.01 26.36 31.40
N MET D 156 -51.78 27.12 30.35
CA MET D 156 -50.53 27.87 30.17
C MET D 156 -50.87 29.22 29.55
N ASP D 157 -50.16 30.28 30.03
CA ASP D 157 -50.32 31.64 29.50
C ASP D 157 -48.95 32.22 29.04
N PRO D 158 -48.92 33.44 28.50
CA PRO D 158 -47.70 33.96 27.97
C PRO D 158 -46.52 34.17 28.95
N SER D 159 -46.75 34.13 30.24
CA SER D 159 -45.65 34.20 31.25
C SER D 159 -44.82 32.93 31.32
N GLY D 160 -45.35 31.87 30.76
CA GLY D 160 -44.72 30.57 30.83
C GLY D 160 -45.18 29.80 32.06
N THR D 161 -46.04 30.40 32.86
CA THR D 161 -46.58 29.69 34.01
C THR D 161 -47.59 28.66 33.49
N PHE D 162 -47.52 27.44 34.02
CA PHE D 162 -48.48 26.42 33.68
C PHE D 162 -48.90 25.68 34.94
N VAL D 163 -50.10 25.17 34.92
CA VAL D 163 -50.69 24.55 36.09
C VAL D 163 -51.85 23.61 35.69
N GLN D 164 -52.02 22.54 36.47
CA GLN D 164 -53.17 21.63 36.30
C GLN D 164 -54.42 22.35 36.83
N CYS D 165 -55.56 22.20 36.16
CA CYS D 165 -56.83 22.72 36.65
C CYS D 165 -57.89 21.65 36.51
N ASP D 166 -58.85 21.59 37.43
CA ASP D 166 -59.99 20.70 37.26
C ASP D 166 -60.96 21.20 36.17
N ALA D 167 -61.20 22.51 36.14
CA ALA D 167 -61.86 23.17 35.01
C ALA D 167 -61.36 24.60 34.83
N ARG D 168 -61.37 25.10 33.61
CA ARG D 168 -60.77 26.42 33.34
C ARG D 168 -61.33 27.03 32.10
N ALA D 169 -61.66 28.32 32.15
CA ALA D 169 -61.99 29.05 30.95
C ALA D 169 -60.86 30.03 30.59
N ILE D 170 -60.70 30.34 29.30
CA ILE D 170 -59.78 31.36 28.86
C ILE D 170 -60.42 32.17 27.75
N GLY D 171 -59.87 33.35 27.46
CA GLY D 171 -60.44 34.27 26.48
C GLY D 171 -61.33 35.34 27.07
N SER D 172 -62.06 36.02 26.19
CA SER D 172 -62.89 37.22 26.50
C SER D 172 -63.85 37.06 27.68
N ALA D 173 -64.63 35.99 27.73
CA ALA D 173 -65.63 35.87 28.78
C ALA D 173 -65.19 34.94 29.91
N SER D 174 -63.89 34.85 30.15
CA SER D 174 -63.39 33.81 31.03
C SER D 174 -63.77 34.03 32.48
N GLU D 175 -63.90 35.30 32.85
N GLU D 175 -63.94 35.30 32.90
CA GLU D 175 -64.52 35.64 34.11
CA GLU D 175 -64.35 35.60 34.31
C GLU D 175 -65.89 35.77 33.54
C GLU D 175 -65.71 35.00 34.74
N GLY D 176 -66.86 35.55 34.35
CA GLY D 176 -68.02 34.84 33.93
C GLY D 176 -68.05 33.33 33.78
N ALA D 177 -67.38 32.80 32.77
CA ALA D 177 -67.36 31.36 32.57
C ALA D 177 -66.75 30.59 33.73
N GLN D 178 -65.65 31.14 34.27
CA GLN D 178 -64.97 30.53 35.42
C GLN D 178 -65.87 30.46 36.66
N SER D 179 -66.69 31.49 36.90
CA SER D 179 -67.67 31.46 38.01
C SER D 179 -68.64 30.32 37.85
N SER D 180 -69.18 30.19 36.63
CA SER D 180 -70.14 29.11 36.37
C SER D 180 -69.47 27.74 36.52
N LEU D 181 -68.20 27.65 36.11
CA LEU D 181 -67.46 26.42 36.34
C LEU D 181 -67.31 26.08 37.82
N GLN D 182 -66.95 27.06 38.68
CA GLN D 182 -66.93 26.87 40.16
C GLN D 182 -68.26 26.27 40.62
N GLU D 183 -69.35 26.87 40.15
CA GLU D 183 -70.71 26.47 40.47
C GLU D 183 -71.03 25.02 40.12
N VAL D 184 -70.76 24.61 38.89
CA VAL D 184 -71.17 23.27 38.42
C VAL D 184 -70.15 22.14 38.64
N TYR D 185 -68.88 22.44 38.87
CA TYR D 185 -67.90 21.38 38.88
C TYR D 185 -68.00 20.50 40.12
N HIS D 186 -67.75 19.21 40.00
CA HIS D 186 -67.44 18.36 41.16
C HIS D 186 -66.55 17.19 40.76
N LYS D 187 -65.71 16.70 41.67
CA LYS D 187 -64.67 15.68 41.38
C LYS D 187 -65.23 14.38 40.82
N SER D 188 -66.44 14.03 41.22
CA SER D 188 -67.11 12.81 40.73
C SER D 188 -68.01 13.05 39.48
N MET D 189 -68.09 14.27 38.97
CA MET D 189 -68.83 14.56 37.74
C MET D 189 -68.47 13.61 36.59
N THR D 190 -69.46 13.16 35.82
CA THR D 190 -69.16 12.35 34.62
C THR D 190 -68.71 13.22 33.45
N LEU D 191 -68.10 12.59 32.46
CA LEU D 191 -67.77 13.27 31.22
C LEU D 191 -69.00 13.82 30.49
N LYS D 192 -70.11 13.09 30.43
CA LYS D 192 -71.29 13.58 29.70
C LYS D 192 -71.87 14.86 30.36
N GLU D 193 -71.81 14.91 31.68
CA GLU D 193 -72.20 16.09 32.48
C GLU D 193 -71.24 17.26 32.19
N ALA D 194 -69.95 16.97 32.10
CA ALA D 194 -68.95 18.03 31.77
C ALA D 194 -69.16 18.63 30.36
N ILE D 195 -69.53 17.78 29.42
CA ILE D 195 -69.83 18.21 28.05
C ILE D 195 -71.02 19.18 28.02
N LYS D 196 -72.12 18.74 28.66
CA LYS D 196 -73.35 19.55 28.78
C LYS D 196 -73.06 20.87 29.51
N SER D 197 -72.37 20.77 30.65
CA SER D 197 -72.00 21.98 31.41
C SER D 197 -71.22 23.01 30.60
N SER D 198 -70.29 22.53 29.79
CA SER D 198 -69.41 23.43 29.06
C SER D 198 -70.16 24.05 27.89
N LEU D 199 -71.11 23.34 27.29
CA LEU D 199 -71.93 23.94 26.27
C LEU D 199 -72.94 24.92 26.85
N ILE D 200 -73.58 24.58 27.98
CA ILE D 200 -74.46 25.53 28.66
C ILE D 200 -73.73 26.84 28.94
N ILE D 201 -72.50 26.74 29.42
CA ILE D 201 -71.73 27.94 29.74
C ILE D 201 -71.31 28.72 28.49
N LEU D 202 -70.85 28.03 27.46
CA LEU D 202 -70.55 28.72 26.21
C LEU D 202 -71.80 29.44 25.73
N LYS D 203 -72.95 28.77 25.82
CA LYS D 203 -74.21 29.38 25.40
C LYS D 203 -74.53 30.69 26.12
N GLN D 204 -74.36 30.73 27.45
CA GLN D 204 -74.49 32.00 28.19
C GLN D 204 -73.59 33.09 27.67
N VAL D 205 -72.31 32.78 27.52
CA VAL D 205 -71.30 33.83 27.37
C VAL D 205 -71.15 34.31 25.94
N MET D 206 -71.48 33.45 24.97
CA MET D 206 -71.37 33.80 23.53
C MET D 206 -72.34 34.91 23.15
N GLU D 207 -71.88 35.88 22.36
CA GLU D 207 -72.76 36.94 21.79
C GLU D 207 -73.81 36.33 20.85
N GLU D 208 -73.36 35.40 20.00
CA GLU D 208 -74.25 34.69 19.06
C GLU D 208 -74.96 33.48 19.70
N LYS D 209 -76.12 33.17 19.13
CA LYS D 209 -76.87 31.98 19.50
C LYS D 209 -76.01 30.76 19.21
N LEU D 210 -75.75 29.94 20.23
CA LEU D 210 -74.99 28.71 20.06
C LEU D 210 -75.68 27.77 19.11
N ASN D 211 -74.95 27.16 18.20
CA ASN D 211 -75.43 26.06 17.33
C ASN D 211 -74.26 25.11 16.99
N ALA D 212 -74.55 24.08 16.19
CA ALA D 212 -73.59 23.03 15.87
C ALA D 212 -72.48 23.39 14.86
N THR D 213 -72.49 24.59 14.26
CA THR D 213 -71.37 25.05 13.43
C THR D 213 -70.50 26.15 14.08
N ASN D 214 -70.98 26.90 15.07
CA ASN D 214 -70.17 28.01 15.65
C ASN D 214 -69.45 27.69 16.96
N ILE D 215 -69.33 26.41 17.28
CA ILE D 215 -68.54 25.90 18.37
C ILE D 215 -67.74 24.66 17.89
N GLU D 216 -66.71 24.28 18.64
CA GLU D 216 -66.07 22.99 18.46
C GLU D 216 -65.98 22.33 19.83
N LEU D 217 -65.94 21.03 19.83
CA LEU D 217 -65.82 20.27 21.05
C LEU D 217 -64.97 19.05 20.75
N ALA D 218 -64.06 18.73 21.67
CA ALA D 218 -63.27 17.52 21.59
C ALA D 218 -63.15 16.86 22.93
N THR D 219 -62.88 15.57 22.91
CA THR D 219 -62.64 14.80 24.12
C THR D 219 -61.44 13.89 23.96
N VAL D 220 -60.85 13.52 25.09
CA VAL D 220 -59.91 12.44 25.20
C VAL D 220 -60.37 11.63 26.43
N GLN D 221 -60.41 10.31 26.32
CA GLN D 221 -60.86 9.42 27.40
C GLN D 221 -59.89 8.27 27.58
N PRO D 222 -59.82 7.67 28.78
CA PRO D 222 -58.88 6.55 28.99
C PRO D 222 -59.04 5.45 27.93
N GLY D 223 -60.27 5.17 27.53
CA GLY D 223 -60.49 4.24 26.47
C GLY D 223 -59.87 4.66 25.17
N GLN D 224 -60.09 5.91 24.80
CA GLN D 224 -60.24 6.33 23.42
C GLN D 224 -59.38 7.56 23.07
N ASN D 225 -58.96 7.60 21.81
CA ASN D 225 -58.15 8.67 21.29
C ASN D 225 -58.89 10.01 21.20
N PHE D 226 -58.07 11.07 21.03
CA PHE D 226 -58.53 12.40 20.73
C PHE D 226 -59.64 12.34 19.72
N HIS D 227 -60.75 12.96 20.05
CA HIS D 227 -61.87 12.93 19.19
C HIS D 227 -62.56 14.29 19.06
N MET D 228 -62.51 14.83 17.85
CA MET D 228 -63.26 16.00 17.50
C MET D 228 -64.68 15.55 17.20
N PHE D 229 -65.66 16.19 17.85
CA PHE D 229 -67.07 16.00 17.54
C PHE D 229 -67.41 16.48 16.14
N THR D 230 -68.17 15.62 15.46
CA THR D 230 -68.76 15.91 14.16
C THR D 230 -69.98 16.81 14.38
N LYS D 231 -70.46 17.44 13.30
CA LYS D 231 -71.68 18.23 13.30
C LYS D 231 -72.82 17.46 13.96
N GLU D 232 -72.98 16.21 13.53
CA GLU D 232 -74.10 15.35 13.95
C GLU D 232 -73.98 15.05 15.45
N GLU D 233 -72.78 14.79 15.93
CA GLU D 233 -72.56 14.54 17.37
C GLU D 233 -72.76 15.82 18.23
N LEU D 234 -72.48 16.98 17.65
CA LEU D 234 -72.71 18.25 18.33
C LEU D 234 -74.20 18.53 18.45
N GLU D 235 -74.89 18.39 17.31
CA GLU D 235 -76.38 18.49 17.24
C GLU D 235 -77.06 17.63 18.29
N GLU D 236 -76.65 16.37 18.43
CA GLU D 236 -77.21 15.48 19.47
C GLU D 236 -77.08 16.07 20.86
N VAL D 237 -75.88 16.52 21.22
CA VAL D 237 -75.65 17.13 22.55
C VAL D 237 -76.38 18.46 22.71
N ILE D 238 -76.53 19.23 21.63
CA ILE D 238 -77.14 20.55 21.70
C ILE D 238 -78.62 20.49 22.07
N LYS D 239 -79.29 19.37 21.75
CA LYS D 239 -80.73 19.18 22.02
C LYS D 239 -81.18 19.43 23.46
N ASP D 240 -80.42 18.93 24.41
CA ASP D 240 -80.71 19.09 25.85
C ASP D 240 -80.52 20.51 26.40
N ILE D 241 -79.71 21.30 25.69
CA ILE D 241 -79.17 22.55 26.22
C ILE D 241 -79.89 23.77 25.66
N ASN E 4 -36.27 57.44 36.39
CA ASN E 4 -37.22 57.83 35.24
C ASN E 4 -36.54 57.71 33.85
N GLN E 5 -35.65 58.66 33.48
CA GLN E 5 -34.61 58.33 32.45
C GLN E 5 -33.63 57.25 32.93
N TYR E 6 -33.56 56.98 34.25
CA TYR E 6 -32.67 56.01 34.81
C TYR E 6 -33.34 54.69 35.08
N ASP E 7 -34.57 54.45 34.66
CA ASP E 7 -35.18 53.20 35.15
C ASP E 7 -35.60 52.14 34.14
N ASN E 8 -35.15 52.28 32.91
CA ASN E 8 -35.56 51.33 31.93
C ASN E 8 -34.48 50.32 31.52
N ASP E 9 -33.21 50.64 31.76
CA ASP E 9 -32.09 49.86 31.31
C ASP E 9 -31.19 49.48 32.45
N VAL E 10 -30.87 48.20 32.49
CA VAL E 10 -30.07 47.63 33.52
C VAL E 10 -28.64 48.16 33.44
N THR E 11 -28.24 48.68 32.27
CA THR E 11 -26.97 49.38 32.13
C THR E 11 -26.92 50.79 32.59
N VAL E 12 -28.02 51.41 33.01
CA VAL E 12 -28.03 52.80 33.42
C VAL E 12 -27.98 52.93 34.96
N TRP E 13 -26.82 53.34 35.49
CA TRP E 13 -26.72 53.77 36.89
C TRP E 13 -27.51 55.02 37.08
N SER E 14 -28.24 55.12 38.18
CA SER E 14 -28.85 56.42 38.58
C SER E 14 -27.82 57.30 39.30
N PRO E 15 -28.15 58.56 39.48
CA PRO E 15 -27.21 59.45 40.15
C PRO E 15 -26.96 59.14 41.64
N GLN E 16 -27.77 58.27 42.26
CA GLN E 16 -27.57 57.84 43.65
C GLN E 16 -26.82 56.57 43.72
N GLY E 17 -26.29 56.10 42.58
CA GLY E 17 -25.55 54.87 42.54
C GLY E 17 -26.42 53.63 42.72
N ARG E 18 -27.59 53.65 42.11
CA ARG E 18 -28.50 52.47 42.10
C ARG E 18 -28.83 52.03 40.65
N ILE E 19 -29.36 50.82 40.52
CA ILE E 19 -29.81 50.33 39.22
C ILE E 19 -31.27 49.96 39.43
N HIS E 20 -32.13 50.82 38.93
CA HIS E 20 -33.58 50.67 39.13
C HIS E 20 -34.12 49.35 38.53
N GLN E 21 -33.59 48.91 37.37
CA GLN E 21 -34.01 47.59 36.85
C GLN E 21 -33.75 46.41 37.78
N ILE E 22 -32.65 46.43 38.53
CA ILE E 22 -32.38 45.38 39.50
C ILE E 22 -33.37 45.46 40.65
N GLU E 23 -33.62 46.67 41.14
CA GLU E 23 -34.61 46.86 42.21
C GLU E 23 -36.00 46.42 41.77
N TYR E 24 -36.36 46.74 40.52
CA TYR E 24 -37.67 46.32 40.04
C TYR E 24 -37.80 44.83 39.90
N ALA E 25 -36.73 44.17 39.46
CA ALA E 25 -36.74 42.72 39.37
C ALA E 25 -36.93 42.08 40.77
N MET E 26 -36.36 42.72 41.79
CA MET E 26 -36.56 42.23 43.17
C MET E 26 -38.01 42.32 43.62
N GLU E 27 -38.75 43.28 43.10
CA GLU E 27 -40.19 43.28 43.35
C GLU E 27 -40.92 42.04 42.89
N ALA E 28 -40.45 41.40 41.82
CA ALA E 28 -41.07 40.18 41.37
C ALA E 28 -40.98 39.14 42.48
N VAL E 29 -39.87 39.09 43.21
CA VAL E 29 -39.74 38.12 44.29
C VAL E 29 -40.62 38.45 45.50
N LYS E 30 -40.73 39.74 45.85
CA LYS E 30 -41.58 40.17 46.99
C LYS E 30 -43.05 39.93 46.81
N GLN E 31 -43.51 39.94 45.56
CA GLN E 31 -44.86 39.51 45.24
C GLN E 31 -45.14 38.03 45.02
N GLY E 32 -44.12 37.19 44.93
CA GLY E 32 -44.34 35.73 44.96
C GLY E 32 -44.98 35.26 46.27
N SER E 33 -45.54 34.04 46.30
CA SER E 33 -46.02 33.51 47.55
C SER E 33 -44.85 33.13 48.47
N ALA E 34 -45.02 33.24 49.77
CA ALA E 34 -43.92 32.95 50.69
C ALA E 34 -43.39 31.52 50.65
N THR E 35 -42.10 31.43 50.99
CA THR E 35 -41.46 30.20 51.27
C THR E 35 -40.45 30.41 52.36
N VAL E 36 -40.15 29.31 53.05
CA VAL E 36 -39.29 29.33 54.20
C VAL E 36 -38.24 28.22 54.05
N GLY E 37 -37.02 28.54 54.49
CA GLY E 37 -35.95 27.58 54.60
C GLY E 37 -35.28 27.63 55.96
N LEU E 38 -34.99 26.47 56.50
CA LEU E 38 -34.26 26.39 57.79
C LEU E 38 -33.46 25.11 57.87
N LYS E 39 -32.50 25.07 58.80
CA LYS E 39 -31.66 23.92 58.93
C LYS E 39 -31.35 23.60 60.39
N SER E 40 -31.01 22.34 60.62
CA SER E 40 -30.49 21.89 61.93
C SER E 40 -29.05 21.46 61.67
N LYS E 41 -28.44 20.78 62.65
CA LYS E 41 -27.13 20.11 62.47
C LYS E 41 -27.14 19.08 61.30
N THR E 42 -28.27 18.41 61.08
CA THR E 42 -28.35 17.26 60.16
C THR E 42 -29.30 17.36 58.96
N HIS E 43 -30.24 18.29 58.95
CA HIS E 43 -31.21 18.42 57.82
C HIS E 43 -31.43 19.87 57.39
N ALA E 44 -31.81 20.04 56.11
CA ALA E 44 -32.17 21.34 55.57
C ALA E 44 -33.59 21.18 55.06
N VAL E 45 -34.47 22.10 55.45
CA VAL E 45 -35.88 22.07 55.08
C VAL E 45 -36.34 23.30 54.38
N LEU E 46 -37.14 23.05 53.34
CA LEU E 46 -37.88 24.07 52.63
C LEU E 46 -39.39 23.87 52.82
N VAL E 47 -40.08 24.96 53.10
CA VAL E 47 -41.55 24.92 53.18
C VAL E 47 -42.06 26.02 52.24
N ALA E 48 -43.06 25.72 51.41
CA ALA E 48 -43.62 26.73 50.51
C ALA E 48 -45.15 26.79 50.55
N LEU E 49 -45.70 28.00 50.47
CA LEU E 49 -47.12 28.20 50.16
C LEU E 49 -47.35 28.22 48.65
N LYS E 50 -48.29 27.42 48.22
CA LYS E 50 -48.68 27.39 46.84
C LYS E 50 -49.97 28.23 46.71
N ARG E 51 -49.89 29.27 45.89
CA ARG E 51 -51.00 30.14 45.43
C ARG E 51 -51.83 29.39 44.30
N ALA E 52 -53.15 29.35 44.44
CA ALA E 52 -54.06 28.75 43.43
C ALA E 52 -54.88 29.83 42.70
N GLN E 53 -54.79 29.87 41.36
CA GLN E 53 -55.46 30.90 40.53
C GLN E 53 -57.00 30.90 40.72
N SER E 54 -57.60 29.71 40.82
CA SER E 54 -59.02 29.52 41.15
C SER E 54 -59.20 28.35 42.13
N GLU E 55 -60.43 28.16 42.64
CA GLU E 55 -60.74 27.03 43.55
C GLU E 55 -60.59 25.66 42.86
N LEU E 56 -60.69 25.65 41.53
CA LEU E 56 -60.54 24.45 40.70
C LEU E 56 -59.11 24.19 40.14
N ALA E 57 -58.18 25.13 40.33
CA ALA E 57 -56.75 24.95 39.98
C ALA E 57 -55.91 24.22 41.08
N ALA E 58 -54.98 23.37 40.63
CA ALA E 58 -54.04 22.56 41.49
C ALA E 58 -53.25 23.27 42.57
N HIS E 59 -52.68 24.41 42.22
CA HIS E 59 -51.72 25.08 43.14
C HIS E 59 -50.34 24.90 42.46
N GLN E 60 -49.72 26.02 42.15
CA GLN E 60 -48.41 26.09 41.48
C GLN E 60 -47.34 25.29 42.23
N LYS E 61 -46.57 24.48 41.52
CA LYS E 61 -45.32 23.93 42.09
C LYS E 61 -44.30 25.02 42.57
N LYS E 62 -43.83 24.89 43.80
CA LYS E 62 -42.89 25.81 44.38
C LYS E 62 -41.52 25.22 44.74
N ILE E 63 -41.44 23.91 44.79
CA ILE E 63 -40.27 23.25 45.22
C ILE E 63 -39.82 22.33 44.09
N LEU E 64 -38.52 22.39 43.77
CA LEU E 64 -37.97 21.68 42.63
C LEU E 64 -36.74 20.90 43.00
N HIS E 65 -36.62 19.71 42.40
CA HIS E 65 -35.46 18.82 42.59
C HIS E 65 -34.31 19.28 41.71
N VAL E 66 -33.15 19.42 42.32
CA VAL E 66 -31.91 19.80 41.56
C VAL E 66 -30.99 18.60 41.41
N ASP E 67 -30.63 17.98 42.52
CA ASP E 67 -29.83 16.78 42.54
C ASP E 67 -30.19 15.99 43.78
N ASN E 68 -29.61 14.84 43.96
CA ASN E 68 -29.93 14.03 45.14
C ASN E 68 -29.72 14.74 46.48
N HIS E 69 -28.75 15.65 46.51
CA HIS E 69 -28.34 16.39 47.68
C HIS E 69 -28.81 17.88 47.68
N ILE E 70 -29.59 18.31 46.67
CA ILE E 70 -29.99 19.70 46.52
C ILE E 70 -31.40 19.88 45.99
N GLY E 71 -32.19 20.71 46.68
CA GLY E 71 -33.48 21.17 46.15
C GLY E 71 -33.65 22.65 46.34
N ILE E 72 -34.58 23.21 45.59
CA ILE E 72 -34.85 24.62 45.66
C ILE E 72 -36.33 24.95 45.86
N SER E 73 -36.54 26.15 46.38
CA SER E 73 -37.84 26.79 46.48
C SER E 73 -37.76 28.12 45.78
N ILE E 74 -38.84 28.48 45.14
CA ILE E 74 -38.83 29.60 44.17
C ILE E 74 -39.81 30.69 44.52
N ALA E 75 -39.45 31.94 44.23
CA ALA E 75 -40.40 33.05 44.27
C ALA E 75 -40.11 34.06 43.21
N GLY E 76 -41.12 34.45 42.43
CA GLY E 76 -40.91 35.31 41.29
C GLY E 76 -41.38 34.73 40.00
N LEU E 77 -40.75 35.12 38.89
CA LEU E 77 -41.17 34.62 37.56
C LEU E 77 -40.88 33.13 37.40
N THR E 78 -41.92 32.33 37.20
CA THR E 78 -41.73 30.90 37.12
C THR E 78 -40.79 30.45 35.96
N ALA E 79 -40.87 31.12 34.83
CA ALA E 79 -40.09 30.74 33.69
C ALA E 79 -38.61 30.98 33.93
N ASP E 80 -38.29 32.09 34.60
CA ASP E 80 -36.94 32.31 35.05
C ASP E 80 -36.48 31.30 36.13
N ALA E 81 -37.39 30.89 36.98
CA ALA E 81 -37.08 29.86 37.97
C ALA E 81 -36.68 28.59 37.24
N ARG E 82 -37.44 28.20 36.21
CA ARG E 82 -37.11 26.96 35.48
C ARG E 82 -35.77 27.09 34.74
N LEU E 83 -35.51 28.24 34.15
CA LEU E 83 -34.25 28.42 33.42
C LEU E 83 -33.06 28.26 34.38
N LEU E 84 -33.15 28.84 35.56
CA LEU E 84 -32.09 28.79 36.53
C LEU E 84 -31.97 27.38 37.15
N CYS E 85 -33.10 26.75 37.40
CA CYS E 85 -33.12 25.41 37.91
C CYS E 85 -32.48 24.47 36.91
N ASN E 86 -32.73 24.70 35.61
CA ASN E 86 -32.11 23.86 34.57
C ASN E 86 -30.60 24.04 34.55
N PHE E 87 -30.13 25.26 34.70
CA PHE E 87 -28.71 25.53 34.83
C PHE E 87 -28.08 24.83 36.06
N MET E 88 -28.76 24.89 37.20
CA MET E 88 -28.29 24.20 38.41
C MET E 88 -28.20 22.71 38.23
N ARG E 89 -29.23 22.13 37.60
CA ARG E 89 -29.23 20.71 37.29
C ARG E 89 -28.07 20.30 36.44
N GLN E 90 -27.76 21.12 35.45
CA GLN E 90 -26.72 20.80 34.52
C GLN E 90 -25.36 20.92 35.18
N GLU E 91 -25.13 21.93 35.99
CA GLU E 91 -23.88 22.05 36.73
C GLU E 91 -23.64 20.84 37.70
N CYS E 92 -24.71 20.37 38.34
CA CYS E 92 -24.63 19.19 39.19
C CYS E 92 -24.33 17.92 38.42
N LEU E 93 -24.99 17.73 37.25
CA LEU E 93 -24.74 16.57 36.42
C LEU E 93 -23.25 16.57 35.96
N ASP E 94 -22.78 17.74 35.53
CA ASP E 94 -21.38 17.91 35.11
C ASP E 94 -20.38 17.52 36.21
N SER E 95 -20.66 17.90 37.43
CA SER E 95 -19.71 17.60 38.48
C SER E 95 -19.71 16.10 38.80
N ARG E 96 -20.86 15.44 38.79
CA ARG E 96 -20.88 13.99 38.89
C ARG E 96 -20.23 13.25 37.73
N PHE E 97 -20.46 13.72 36.50
CA PHE E 97 -19.84 13.14 35.35
C PHE E 97 -18.26 13.24 35.46
N VAL E 98 -17.75 14.42 35.73
CA VAL E 98 -16.33 14.65 35.70
C VAL E 98 -15.63 14.07 36.93
N PHE E 99 -16.17 14.31 38.12
CA PHE E 99 -15.48 14.00 39.43
C PHE E 99 -16.11 12.82 40.22
N ASP E 100 -17.25 12.35 39.75
CA ASP E 100 -17.95 11.22 40.38
C ASP E 100 -18.33 11.53 41.83
N ARG E 101 -18.64 12.78 42.15
CA ARG E 101 -19.04 13.20 43.48
CA ARG E 101 -19.04 13.20 43.48
C ARG E 101 -19.96 14.40 43.38
N PRO E 102 -20.77 14.63 44.42
CA PRO E 102 -21.73 15.73 44.37
C PRO E 102 -21.08 17.05 44.37
N LEU E 103 -21.62 17.99 43.60
CA LEU E 103 -21.13 19.39 43.57
C LEU E 103 -21.38 20.02 44.92
N PRO E 104 -20.32 20.54 45.58
CA PRO E 104 -20.59 21.24 46.84
C PRO E 104 -21.58 22.42 46.68
N VAL E 105 -22.48 22.53 47.67
CA VAL E 105 -23.59 23.43 47.61
C VAL E 105 -23.09 24.85 47.43
N SER E 106 -22.06 25.25 48.17
CA SER E 106 -21.56 26.64 48.06
C SER E 106 -20.93 26.94 46.72
N ARG E 107 -20.33 25.94 46.07
CA ARG E 107 -19.80 26.09 44.73
C ARG E 107 -20.91 26.24 43.69
N LEU E 108 -21.97 25.47 43.84
CA LEU E 108 -23.10 25.68 43.00
C LEU E 108 -23.65 27.12 43.14
N VAL E 109 -23.78 27.60 44.40
CA VAL E 109 -24.36 28.90 44.60
C VAL E 109 -23.43 30.00 43.97
N SER E 110 -22.10 29.87 44.12
CA SER E 110 -21.16 30.76 43.38
C SER E 110 -21.36 30.78 41.87
N LEU E 111 -21.66 29.62 41.30
CA LEU E 111 -22.00 29.51 39.89
C LEU E 111 -23.22 30.31 39.49
N ILE E 112 -24.24 30.24 40.33
CA ILE E 112 -25.50 31.00 40.11
C ILE E 112 -25.22 32.53 40.14
N GLY E 113 -24.47 32.96 41.14
CA GLY E 113 -24.03 34.35 41.29
C GLY E 113 -23.35 34.91 40.06
N SER E 114 -22.41 34.15 39.57
CA SER E 114 -21.65 34.50 38.36
C SER E 114 -22.55 34.47 37.09
N LYS E 115 -23.40 33.46 36.97
CA LYS E 115 -24.32 33.40 35.86
C LYS E 115 -25.30 34.55 35.81
N THR E 116 -25.91 34.81 36.96
CA THR E 116 -26.98 35.81 37.08
C THR E 116 -26.45 37.22 37.06
N GLN E 117 -25.18 37.40 37.35
CA GLN E 117 -24.59 38.79 37.28
C GLN E 117 -24.47 39.31 35.88
N ILE E 118 -24.20 38.42 34.93
CA ILE E 118 -23.84 38.81 33.55
C ILE E 118 -24.87 39.68 32.87
N PRO E 119 -26.14 39.23 32.79
CA PRO E 119 -27.12 40.13 32.17
C PRO E 119 -27.39 41.44 32.93
N THR E 120 -26.94 41.64 34.20
CA THR E 120 -27.13 42.91 34.82
C THR E 120 -26.14 43.98 34.31
N GLN E 121 -25.24 43.63 33.43
CA GLN E 121 -24.21 44.57 32.98
C GLN E 121 -24.18 44.78 31.47
N ARG E 122 -25.12 44.20 30.74
CA ARG E 122 -25.16 44.28 29.30
C ARG E 122 -26.45 44.86 28.78
N TYR E 123 -26.33 45.76 27.82
CA TYR E 123 -27.46 46.45 27.28
C TYR E 123 -28.44 45.49 26.63
N GLY E 124 -29.71 45.78 26.79
CA GLY E 124 -30.78 44.92 26.25
C GLY E 124 -31.01 43.64 27.04
N ARG E 125 -30.23 43.36 28.07
CA ARG E 125 -30.48 42.15 28.87
C ARG E 125 -31.21 42.57 30.12
N ARG E 126 -31.65 41.61 30.94
CA ARG E 126 -32.37 41.94 32.12
C ARG E 126 -31.99 41.05 33.28
N PRO E 127 -32.18 41.51 34.48
CA PRO E 127 -31.94 40.57 35.53
C PRO E 127 -32.90 39.37 35.48
N TYR E 128 -32.52 38.30 36.14
CA TYR E 128 -33.43 37.22 36.46
C TYR E 128 -34.45 37.68 37.45
N GLY E 129 -35.70 37.39 37.23
CA GLY E 129 -36.77 37.92 38.08
C GLY E 129 -37.18 36.87 39.10
N VAL E 130 -36.23 36.25 39.78
CA VAL E 130 -36.54 35.11 40.65
C VAL E 130 -35.59 35.08 41.81
N GLY E 131 -36.13 34.70 42.95
CA GLY E 131 -35.34 34.51 44.14
C GLY E 131 -35.48 33.06 44.48
N LEU E 132 -34.41 32.49 44.97
CA LEU E 132 -34.42 31.05 45.33
C LEU E 132 -34.01 30.86 46.77
N LEU E 133 -34.66 29.89 47.43
CA LEU E 133 -34.06 29.32 48.65
C LEU E 133 -33.52 27.97 48.27
N ILE E 134 -32.29 27.69 48.65
CA ILE E 134 -31.59 26.47 48.25
C ILE E 134 -31.26 25.61 49.46
N ALA E 135 -31.75 24.37 49.46
CA ALA E 135 -31.51 23.42 50.57
C ALA E 135 -30.55 22.36 50.07
N GLY E 136 -29.49 22.10 50.82
CA GLY E 136 -28.54 21.12 50.41
C GLY E 136 -27.86 20.45 51.56
N TYR E 137 -27.21 19.35 51.28
CA TYR E 137 -26.35 18.64 52.24
C TYR E 137 -25.07 18.14 51.56
N ASP E 138 -23.92 18.44 52.13
CA ASP E 138 -22.65 17.95 51.63
C ASP E 138 -21.67 17.69 52.78
N ASP E 139 -20.39 17.53 52.50
CA ASP E 139 -19.36 17.29 53.51
C ASP E 139 -19.33 18.35 54.58
N MET E 140 -19.81 19.55 54.26
CA MET E 140 -19.86 20.60 55.27
C MET E 140 -21.23 20.65 55.99
N GLY E 141 -22.03 19.59 55.89
CA GLY E 141 -23.33 19.58 56.55
C GLY E 141 -24.47 20.20 55.76
N PRO E 142 -25.55 20.58 56.44
CA PRO E 142 -26.71 21.11 55.76
C PRO E 142 -26.51 22.56 55.44
N HIS E 143 -27.21 23.02 54.40
CA HIS E 143 -27.12 24.42 53.99
C HIS E 143 -28.47 24.95 53.54
N ILE E 144 -28.69 26.23 53.87
CA ILE E 144 -29.77 26.99 53.31
C ILE E 144 -29.12 28.24 52.68
N PHE E 145 -29.28 28.42 51.37
CA PHE E 145 -28.75 29.64 50.73
C PHE E 145 -29.93 30.38 50.10
N GLN E 146 -29.75 31.69 49.91
CA GLN E 146 -30.73 32.51 49.26
C GLN E 146 -30.07 33.22 48.08
N THR E 147 -30.73 33.25 46.95
CA THR E 147 -30.24 33.99 45.75
C THR E 147 -31.24 35.01 45.37
N PRO E 149 -32.21 38.51 42.42
CA PRO E 149 -32.08 39.03 41.05
C PRO E 149 -30.89 39.97 40.85
N SER E 150 -30.39 40.51 41.93
CA SER E 150 -29.15 41.33 41.95
C SER E 150 -27.90 40.49 41.75
N ALA E 151 -28.07 39.15 41.73
CA ALA E 151 -26.97 38.19 41.70
C ALA E 151 -26.23 37.96 42.97
N ASN E 152 -26.58 38.67 44.03
CA ASN E 152 -25.99 38.44 45.33
C ASN E 152 -26.68 37.21 45.93
N TYR E 153 -26.01 36.59 46.86
CA TYR E 153 -26.48 35.40 47.50
C TYR E 153 -25.97 35.42 48.91
N PHE E 154 -26.60 34.60 49.77
CA PHE E 154 -26.46 34.66 51.19
C PHE E 154 -26.51 33.23 51.80
N ASP E 155 -25.68 32.99 52.79
CA ASP E 155 -25.61 31.77 53.48
C ASP E 155 -26.39 32.02 54.77
N CYS E 156 -27.42 31.20 55.01
CA CYS E 156 -28.44 31.49 55.98
C CYS E 156 -28.59 30.39 57.03
N ARG E 157 -28.92 30.80 58.23
CA ARG E 157 -29.35 29.90 59.33
C ARG E 157 -30.79 29.50 58.99
N ALA E 158 -31.57 30.47 58.49
CA ALA E 158 -32.91 30.26 58.03
C ALA E 158 -33.28 31.45 57.22
N MET E 159 -34.35 31.34 56.43
CA MET E 159 -34.76 32.54 55.63
C MET E 159 -36.20 32.34 55.14
N SER E 160 -36.84 33.45 54.80
CA SER E 160 -38.11 33.50 54.08
C SER E 160 -38.06 34.62 53.08
N ILE E 161 -38.65 34.38 51.91
CA ILE E 161 -38.78 35.40 50.84
C ILE E 161 -40.23 35.26 50.35
N GLY E 162 -40.68 36.31 49.67
CA GLY E 162 -42.00 36.42 49.11
C GLY E 162 -42.92 37.31 49.91
N ALA E 163 -44.20 37.24 49.61
CA ALA E 163 -45.18 38.15 50.19
C ALA E 163 -45.43 37.82 51.68
N ARG E 164 -45.39 38.90 52.46
CA ARG E 164 -45.50 38.90 53.92
C ARG E 164 -44.43 38.01 54.60
N SER E 165 -43.30 37.85 53.92
CA SER E 165 -42.19 37.09 54.45
C SER E 165 -41.51 37.70 55.69
N GLN E 166 -41.69 39.00 55.92
CA GLN E 166 -41.18 39.67 57.08
C GLN E 166 -41.69 39.00 58.38
N SER E 167 -42.95 38.58 58.40
CA SER E 167 -43.51 37.89 59.59
C SER E 167 -42.79 36.57 59.83
N ALA E 168 -42.56 35.84 58.76
CA ALA E 168 -41.89 34.59 58.83
C ALA E 168 -40.42 34.78 59.28
N ARG E 169 -39.75 35.79 58.80
CA ARG E 169 -38.39 36.09 59.29
C ARG E 169 -38.31 36.41 60.77
N THR E 170 -39.32 37.13 61.29
CA THR E 170 -39.39 37.53 62.66
C THR E 170 -39.54 36.28 63.53
N TYR E 171 -40.43 35.40 63.11
CA TYR E 171 -40.63 34.10 63.80
C TYR E 171 -39.32 33.29 63.84
N LEU E 172 -38.69 33.19 62.67
CA LEU E 172 -37.41 32.50 62.53
C LEU E 172 -36.27 33.12 63.35
N GLU E 173 -36.19 34.44 63.46
CA GLU E 173 -35.24 35.04 64.42
C GLU E 173 -35.52 34.69 65.83
N ARG E 174 -36.81 34.65 66.17
CA ARG E 174 -37.24 34.43 67.52
C ARG E 174 -36.85 33.02 68.02
N HIS E 175 -36.90 32.02 67.17
CA HIS E 175 -36.67 30.63 67.56
C HIS E 175 -35.36 30.01 67.03
N MET E 176 -34.54 30.78 66.32
CA MET E 176 -33.39 30.18 65.63
C MET E 176 -32.34 29.53 66.56
N SER E 177 -32.20 30.00 67.77
CA SER E 177 -31.26 29.35 68.72
C SER E 177 -31.66 27.91 69.01
N GLU E 178 -32.89 27.52 68.69
CA GLU E 178 -33.40 26.15 68.89
C GLU E 178 -33.08 25.27 67.69
N PHE E 179 -32.80 25.85 66.51
CA PHE E 179 -32.89 25.04 65.29
C PHE E 179 -31.84 23.89 65.19
N MET E 180 -30.63 24.17 65.67
CA MET E 180 -29.48 23.32 65.42
C MET E 180 -29.69 21.96 66.11
N GLU E 181 -30.31 21.99 67.26
CA GLU E 181 -30.52 20.79 68.04
C GLU E 181 -31.85 20.10 67.79
N CYS E 182 -32.63 20.55 66.81
CA CYS E 182 -33.97 19.95 66.56
C CYS E 182 -33.92 18.64 65.82
N ASN E 183 -34.80 17.71 66.16
CA ASN E 183 -35.03 16.55 65.30
C ASN E 183 -35.80 17.00 64.06
N LEU E 184 -35.98 16.12 63.10
CA LEU E 184 -36.55 16.54 61.84
C LEU E 184 -37.98 17.11 61.96
N ASN E 185 -38.74 16.46 62.83
CA ASN E 185 -40.11 16.78 63.02
C ASN E 185 -40.32 18.15 63.60
N GLU E 186 -39.51 18.45 64.60
CA GLU E 186 -39.43 19.75 65.21
C GLU E 186 -39.06 20.79 64.19
N LEU E 187 -38.11 20.48 63.39
CA LEU E 187 -37.55 21.47 62.43
C LEU E 187 -38.61 21.82 61.38
N VAL E 188 -39.30 20.81 60.87
CA VAL E 188 -40.37 21.02 59.87
C VAL E 188 -41.54 21.82 60.45
N LYS E 189 -41.92 21.47 61.66
CA LYS E 189 -42.94 22.23 62.40
C LYS E 189 -42.56 23.73 62.53
N HIS E 190 -41.31 23.99 62.88
CA HIS E 190 -40.83 25.37 62.97
C HIS E 190 -40.97 26.09 61.59
N GLY E 191 -40.63 25.39 60.51
CA GLY E 191 -40.82 25.89 59.17
C GLY E 191 -42.25 26.18 58.83
N LEU E 192 -43.14 25.25 59.23
CA LEU E 192 -44.55 25.43 59.02
C LEU E 192 -45.13 26.59 59.84
N ARG E 193 -44.77 26.74 61.10
CA ARG E 193 -45.24 27.87 61.89
C ARG E 193 -44.76 29.26 61.38
N ALA E 194 -43.54 29.32 60.93
CA ALA E 194 -43.02 30.56 60.31
C ALA E 194 -43.84 30.90 59.08
N LEU E 195 -44.06 29.90 58.24
CA LEU E 195 -44.88 30.08 57.03
C LEU E 195 -46.31 30.50 57.34
N ARG E 196 -46.86 29.94 58.41
CA ARG E 196 -48.21 30.28 58.82
C ARG E 196 -48.37 31.73 59.26
N GLU E 197 -47.34 32.32 59.82
CA GLU E 197 -47.33 33.75 60.11
C GLU E 197 -47.59 34.62 58.86
N THR E 198 -47.33 34.12 57.67
CA THR E 198 -47.48 34.95 56.46
C THR E 198 -48.94 35.07 56.02
N LEU E 199 -49.83 34.22 56.57
CA LEU E 199 -51.21 34.14 56.16
C LEU E 199 -52.18 35.15 56.80
N PRO E 200 -53.24 35.54 56.06
CA PRO E 200 -54.35 36.27 56.69
C PRO E 200 -54.95 35.47 57.85
N ALA E 201 -55.36 36.18 58.91
CA ALA E 201 -55.80 35.56 60.19
C ALA E 201 -56.86 34.46 60.05
N GLU E 202 -57.71 34.61 59.04
CA GLU E 202 -58.74 33.61 58.74
C GLU E 202 -58.04 32.28 58.51
N GLN E 203 -57.08 32.30 57.59
CA GLN E 203 -56.73 31.16 56.77
C GLN E 203 -55.61 30.34 57.38
N ASP E 204 -55.57 29.08 56.98
CA ASP E 204 -54.69 28.09 57.60
C ASP E 204 -53.87 27.35 56.54
N LEU E 205 -52.89 26.62 57.06
CA LEU E 205 -52.15 25.66 56.29
C LEU E 205 -53.06 24.48 56.04
N THR E 206 -53.08 24.00 54.82
CA THR E 206 -53.86 22.80 54.45
C THR E 206 -52.99 21.93 53.61
N THR E 207 -53.47 20.73 53.37
CA THR E 207 -52.79 19.83 52.45
C THR E 207 -52.82 20.34 51.00
N LYS E 208 -53.69 21.26 50.63
CA LYS E 208 -53.74 21.79 49.23
C LYS E 208 -52.73 22.87 48.95
N ASN E 209 -52.41 23.68 49.96
CA ASN E 209 -51.56 24.85 49.77
C ASN E 209 -50.12 24.78 50.30
N VAL E 210 -49.73 23.69 50.96
CA VAL E 210 -48.40 23.54 51.53
C VAL E 210 -47.62 22.48 50.77
N SER E 211 -46.34 22.80 50.57
CA SER E 211 -45.39 21.91 49.98
C SER E 211 -44.12 21.92 50.88
N ILE E 212 -43.46 20.76 50.96
CA ILE E 212 -42.33 20.56 51.86
C ILE E 212 -41.21 19.83 51.14
N GLY E 213 -39.96 20.33 51.30
CA GLY E 213 -38.77 19.66 50.78
C GLY E 213 -37.73 19.43 51.87
N ILE E 214 -37.14 18.25 51.92
CA ILE E 214 -36.22 17.89 52.98
C ILE E 214 -35.02 17.16 52.40
N VAL E 215 -33.84 17.52 52.89
CA VAL E 215 -32.60 16.82 52.58
C VAL E 215 -31.77 16.77 53.82
N GLY E 216 -31.03 15.68 54.02
CA GLY E 216 -30.06 15.64 55.12
C GLY E 216 -29.17 14.44 55.10
N LYS E 217 -28.46 14.25 56.22
CA LYS E 217 -27.48 13.15 56.41
C LYS E 217 -27.94 11.76 55.95
N ASP E 218 -29.18 11.44 56.16
CA ASP E 218 -29.69 10.11 55.86
C ASP E 218 -30.75 10.15 54.74
N LEU E 219 -30.88 11.26 54.04
CA LEU E 219 -32.11 11.50 53.27
C LEU E 219 -31.84 12.40 52.03
N GLU E 220 -31.96 11.80 50.86
CA GLU E 220 -31.92 12.49 49.60
C GLU E 220 -33.01 13.51 49.53
N PHE E 221 -32.79 14.55 48.73
CA PHE E 221 -33.79 15.58 48.58
C PHE E 221 -35.16 14.97 48.12
N THR E 222 -36.22 15.21 48.89
CA THR E 222 -37.53 14.61 48.73
C THR E 222 -38.61 15.72 48.87
N ILE E 223 -39.60 15.71 47.97
CA ILE E 223 -40.67 16.64 48.00
C ILE E 223 -41.96 15.95 48.51
N TYR E 224 -42.64 16.59 49.45
CA TYR E 224 -43.92 16.13 49.99
C TYR E 224 -45.06 17.11 49.63
N ASP E 225 -46.07 16.60 48.94
CA ASP E 225 -47.25 17.39 48.53
C ASP E 225 -48.50 16.66 48.85
N ASP E 226 -49.59 17.42 48.91
CA ASP E 226 -50.97 16.88 48.98
C ASP E 226 -51.10 15.97 50.17
N ASP E 227 -51.57 14.76 50.00
CA ASP E 227 -51.74 13.87 51.13
C ASP E 227 -50.45 13.61 51.88
N ASP E 228 -49.29 13.66 51.21
CA ASP E 228 -47.99 13.44 51.90
C ASP E 228 -47.56 14.52 52.93
N VAL E 229 -48.24 15.67 52.97
CA VAL E 229 -47.94 16.66 54.01
C VAL E 229 -48.76 16.48 55.27
N SER E 230 -49.87 15.69 55.23
CA SER E 230 -50.73 15.50 56.38
C SER E 230 -50.03 15.13 57.69
N PRO E 231 -49.09 14.16 57.67
CA PRO E 231 -48.28 13.87 58.85
C PRO E 231 -47.58 15.07 59.48
N PHE E 232 -47.05 15.96 58.67
CA PHE E 232 -46.35 17.12 59.20
C PHE E 232 -47.32 18.19 59.76
N LEU E 233 -48.51 18.30 59.16
CA LEU E 233 -49.51 19.28 59.61
C LEU E 233 -50.22 18.87 60.90
N GLU E 234 -50.43 17.57 61.10
CA GLU E 234 -51.01 17.05 62.34
C GLU E 234 -50.03 17.23 63.49
N GLY E 235 -50.56 17.56 64.64
CA GLY E 235 -49.69 17.90 65.77
C GLY E 235 -48.79 19.09 65.51
N LEU E 236 -49.37 20.14 64.89
CA LEU E 236 -49.02 21.54 65.17
C LEU E 236 -49.83 21.86 66.44
N GLU E 237 -49.46 21.19 67.55
CA GLU E 237 -50.32 21.05 68.76
C GLU E 237 -49.75 21.84 69.94
N GLY F 7 -30.46 64.13 28.29
CA GLY F 7 -29.38 64.32 29.30
C GLY F 7 -28.09 63.54 28.99
N TYR F 8 -27.01 64.07 29.56
CA TYR F 8 -25.67 63.69 29.22
C TYR F 8 -25.15 62.59 30.09
N ASP F 9 -26.00 61.95 30.88
CA ASP F 9 -25.54 61.01 31.88
C ASP F 9 -26.09 59.64 31.79
N LEU F 10 -26.49 59.22 30.61
CA LEU F 10 -27.12 57.92 30.42
C LEU F 10 -26.26 56.82 29.91
N SER F 11 -25.13 57.17 29.34
CA SER F 11 -24.26 56.23 28.68
C SER F 11 -22.80 56.51 28.94
N ALA F 12 -22.04 55.44 29.15
CA ALA F 12 -20.59 55.54 29.32
C ALA F 12 -19.87 55.90 27.99
N SER F 13 -20.56 55.84 26.85
CA SER F 13 -20.06 56.36 25.58
C SER F 13 -20.39 57.81 25.31
N THR F 14 -20.89 58.56 26.31
CA THR F 14 -21.24 59.99 26.12
C THR F 14 -20.47 60.85 27.12
N PHE F 15 -19.62 61.73 26.63
CA PHE F 15 -19.09 62.79 27.44
C PHE F 15 -20.13 63.89 27.68
N SER F 16 -20.11 64.47 28.89
CA SER F 16 -20.82 65.70 29.17
C SER F 16 -20.07 66.88 28.54
N PRO F 17 -20.70 68.05 28.46
CA PRO F 17 -19.98 69.22 27.89
C PRO F 17 -18.76 69.72 28.63
N ASP F 18 -18.57 69.35 29.89
CA ASP F 18 -17.31 69.69 30.65
C ASP F 18 -16.32 68.52 30.62
N GLY F 19 -16.57 67.47 29.83
CA GLY F 19 -15.61 66.42 29.69
C GLY F 19 -15.69 65.36 30.79
N ARG F 20 -16.86 65.14 31.37
CA ARG F 20 -17.03 64.08 32.40
C ARG F 20 -17.78 62.88 31.86
N VAL F 21 -17.63 61.73 32.49
CA VAL F 21 -18.34 60.55 32.12
C VAL F 21 -19.22 60.17 33.30
N PHE F 22 -20.45 60.66 33.30
CA PHE F 22 -21.25 60.62 34.52
C PHE F 22 -21.59 59.20 34.91
N GLN F 23 -21.74 58.31 33.91
CA GLN F 23 -22.03 56.91 34.29
C GLN F 23 -20.91 56.28 35.15
N VAL F 24 -19.65 56.65 34.90
CA VAL F 24 -18.54 56.23 35.76
C VAL F 24 -18.62 56.83 37.14
N GLU F 25 -18.90 58.12 37.24
CA GLU F 25 -19.14 58.83 38.50
C GLU F 25 -20.32 58.27 39.31
N TYR F 26 -21.38 57.81 38.63
CA TYR F 26 -22.49 57.19 39.36
C TYR F 26 -22.17 55.84 39.98
N ALA F 27 -21.42 55.04 39.22
CA ALA F 27 -20.84 53.80 39.68
C ALA F 27 -19.94 54.01 40.87
N MET F 28 -19.11 55.04 40.82
CA MET F 28 -18.34 55.41 41.99
C MET F 28 -19.20 55.73 43.24
N LYS F 29 -20.39 56.30 43.06
CA LYS F 29 -21.24 56.58 44.15
C LYS F 29 -21.72 55.30 44.82
N ALA F 30 -21.96 54.26 44.03
CA ALA F 30 -22.29 52.95 44.60
C ALA F 30 -21.22 52.44 45.58
N VAL F 31 -19.97 52.69 45.26
CA VAL F 31 -18.86 52.34 46.12
C VAL F 31 -18.91 53.20 47.35
N GLU F 32 -19.04 54.50 47.15
CA GLU F 32 -19.11 55.43 48.29
C GLU F 32 -20.31 55.25 49.24
N ASN F 33 -21.33 54.55 48.84
CA ASN F 33 -22.43 54.19 49.73
C ASN F 33 -22.20 52.93 50.57
N SER F 34 -21.24 52.14 50.17
CA SER F 34 -20.95 50.87 50.78
C SER F 34 -20.17 51.07 52.09
N SER F 35 -20.18 50.09 52.99
CA SER F 35 -19.37 50.17 54.22
C SER F 35 -17.88 50.02 53.93
N THR F 36 -17.05 50.34 54.88
CA THR F 36 -15.66 50.63 54.65
C THR F 36 -14.74 49.41 54.69
N ALA F 37 -13.79 49.39 53.76
CA ALA F 37 -12.71 48.42 53.72
C ALA F 37 -11.38 49.17 53.73
N ILE F 38 -10.37 48.62 54.38
CA ILE F 38 -9.06 49.23 54.51
C ILE F 38 -7.98 48.23 54.22
N GLY F 39 -6.88 48.71 53.62
CA GLY F 39 -5.69 47.93 53.53
C GLY F 39 -4.51 48.72 54.03
N ILE F 40 -3.57 48.01 54.67
CA ILE F 40 -2.34 48.63 55.13
C ILE F 40 -1.15 47.77 54.76
N ARG F 41 -0.20 48.38 54.09
CA ARG F 41 1.09 47.76 53.81
C ARG F 41 2.02 48.05 54.95
N CYS F 42 2.82 47.07 55.34
CA CYS F 42 3.76 47.32 56.44
C CYS F 42 5.03 46.63 56.14
N LYS F 43 5.89 46.49 57.13
CA LYS F 43 7.29 46.09 56.91
C LYS F 43 7.35 44.73 56.25
N ASP F 44 6.44 43.80 56.63
CA ASP F 44 6.56 42.40 56.24
C ASP F 44 5.25 41.84 55.63
N GLY F 45 4.36 42.73 55.20
CA GLY F 45 3.14 42.32 54.42
C GLY F 45 2.02 43.32 54.33
N VAL F 46 0.85 42.82 54.01
CA VAL F 46 -0.30 43.59 53.85
C VAL F 46 -1.48 42.99 54.67
N VAL F 47 -2.24 43.85 55.35
CA VAL F 47 -3.39 43.45 56.15
C VAL F 47 -4.62 44.16 55.58
N PHE F 48 -5.69 43.40 55.43
CA PHE F 48 -6.99 43.95 55.04
C PHE F 48 -7.99 43.83 56.15
N GLY F 49 -8.84 44.85 56.27
CA GLY F 49 -10.00 44.82 57.16
C GLY F 49 -11.25 45.33 56.48
N VAL F 50 -12.39 44.70 56.80
CA VAL F 50 -13.70 45.16 56.30
C VAL F 50 -14.72 45.24 57.35
N GLU F 51 -15.43 46.38 57.35
CA GLU F 51 -16.66 46.57 58.14
C GLU F 51 -17.82 45.89 57.43
N LYS F 52 -18.17 44.72 57.84
CA LYS F 52 -19.16 43.94 57.09
C LYS F 52 -20.49 44.10 57.78
N LEU F 53 -21.39 44.87 57.20
CA LEU F 53 -22.61 45.25 57.87
C LEU F 53 -23.53 43.98 57.88
N VAL F 54 -24.13 43.65 58.99
CA VAL F 54 -24.98 42.49 59.01
C VAL F 54 -26.44 43.00 58.85
N LEU F 55 -27.05 42.70 57.70
CA LEU F 55 -28.36 43.21 57.38
C LEU F 55 -29.45 42.37 58.00
N SER F 56 -29.16 41.12 58.37
CA SER F 56 -30.12 40.27 59.15
C SER F 56 -29.40 39.33 60.06
N LYS F 57 -29.90 39.17 61.26
CA LYS F 57 -29.39 38.12 62.15
C LYS F 57 -29.63 36.67 61.66
N LEU F 58 -30.44 36.50 60.63
CA LEU F 58 -30.63 35.20 60.04
C LEU F 58 -29.48 34.70 59.20
N TYR F 59 -28.56 35.57 58.81
CA TYR F 59 -27.43 35.17 58.06
C TYR F 59 -26.38 34.51 58.93
N GLU F 60 -25.65 33.56 58.36
CA GLU F 60 -24.47 32.90 58.97
C GLU F 60 -23.33 33.86 59.09
N GLU F 61 -22.57 33.75 60.15
CA GLU F 61 -21.21 34.34 60.22
C GLU F 61 -20.41 33.96 59.00
N GLY F 62 -19.82 34.91 58.26
CA GLY F 62 -19.07 34.57 57.06
C GLY F 62 -19.89 34.78 55.80
N SER F 63 -21.23 34.78 55.88
CA SER F 63 -21.96 35.11 54.67
C SER F 63 -21.45 36.46 53.99
N ASN F 64 -21.64 36.58 52.71
CA ASN F 64 -21.21 37.75 51.94
C ASN F 64 -19.81 38.26 52.31
N LYS F 65 -18.79 37.38 52.30
CA LYS F 65 -17.38 37.81 52.37
C LYS F 65 -17.06 38.93 51.40
N ARG F 66 -16.20 39.83 51.82
CA ARG F 66 -15.69 40.90 51.00
C ARG F 66 -14.19 40.79 50.83
N LEU F 67 -13.61 39.70 51.30
CA LEU F 67 -12.19 39.40 51.19
C LEU F 67 -12.06 38.11 50.44
N PHE F 68 -11.27 38.11 49.37
CA PHE F 68 -11.16 36.94 48.48
C PHE F 68 -9.70 36.57 48.27
N ASN F 69 -9.43 35.33 48.03
CA ASN F 69 -8.11 34.89 47.51
C ASN F 69 -8.21 34.87 45.94
N VAL F 70 -7.39 35.66 45.29
CA VAL F 70 -7.43 35.61 43.83
C VAL F 70 -6.28 34.81 43.27
N ASP F 71 -5.24 34.62 44.06
CA ASP F 71 -4.21 33.68 43.72
C ASP F 71 -3.62 33.25 45.04
N ARG F 72 -2.80 32.23 45.07
CA ARG F 72 -2.32 31.81 46.40
C ARG F 72 -1.55 32.91 47.14
N HIS F 73 -0.91 33.82 46.38
CA HIS F 73 -0.13 34.91 46.96
C HIS F 73 -0.86 36.30 46.95
N VAL F 74 -2.10 36.33 46.51
CA VAL F 74 -2.84 37.56 46.32
C VAL F 74 -4.20 37.56 46.95
N GLY F 75 -4.41 38.55 47.81
CA GLY F 75 -5.74 38.86 48.33
C GLY F 75 -6.43 40.02 47.68
N MET F 76 -7.77 40.01 47.74
CA MET F 76 -8.59 41.09 47.25
C MET F 76 -9.61 41.50 48.25
N ALA F 77 -9.73 42.78 48.46
CA ALA F 77 -10.73 43.40 49.36
C ALA F 77 -11.60 44.38 48.56
N VAL F 78 -12.92 44.24 48.70
CA VAL F 78 -13.87 44.96 47.85
C VAL F 78 -14.77 45.90 48.61
N ALA F 79 -15.28 46.88 47.89
CA ALA F 79 -16.42 47.66 48.34
C ALA F 79 -17.28 47.99 47.13
N GLY F 80 -18.59 48.06 47.34
CA GLY F 80 -19.54 48.45 46.28
C GLY F 80 -20.49 47.37 46.05
N LEU F 81 -20.92 47.22 44.82
CA LEU F 81 -21.99 46.21 44.51
C LEU F 81 -21.35 44.81 44.49
N LEU F 82 -21.81 43.92 45.37
CA LEU F 82 -21.02 42.77 45.66
C LEU F 82 -20.98 41.77 44.49
N ALA F 83 -22.06 41.65 43.72
CA ALA F 83 -22.08 40.75 42.60
C ALA F 83 -21.09 41.21 41.53
N ASP F 84 -20.98 42.51 41.34
CA ASP F 84 -19.89 43.04 40.43
C ASP F 84 -18.48 42.74 40.98
N ALA F 85 -18.29 42.85 42.31
CA ALA F 85 -16.98 42.58 42.88
C ALA F 85 -16.62 41.13 42.70
N ARG F 86 -17.58 40.23 42.87
CA ARG F 86 -17.28 38.81 42.72
C ARG F 86 -16.92 38.44 41.30
N SER F 87 -17.54 39.09 40.37
CA SER F 87 -17.21 38.88 38.99
C SER F 87 -15.81 39.38 38.68
N LEU F 88 -15.44 40.46 39.28
CA LEU F 88 -14.07 40.93 39.20
C LEU F 88 -13.05 40.01 39.89
N ALA F 89 -13.36 39.45 41.06
CA ALA F 89 -12.57 38.44 41.61
C ALA F 89 -12.35 37.26 40.70
N ASP F 90 -13.39 36.81 40.03
CA ASP F 90 -13.21 35.77 39.03
C ASP F 90 -12.34 36.19 37.79
N ILE F 91 -12.49 37.39 37.35
CA ILE F 91 -11.57 37.91 36.30
C ILE F 91 -10.17 37.86 36.81
N ALA F 92 -9.93 38.34 38.01
CA ALA F 92 -8.57 38.38 38.55
C ALA F 92 -8.02 37.00 38.67
N ARG F 93 -8.90 36.02 39.08
CA ARG F 93 -8.46 34.66 39.24
C ARG F 93 -7.99 34.05 37.91
N GLU F 94 -8.79 34.29 36.87
CA GLU F 94 -8.51 33.81 35.57
C GLU F 94 -7.22 34.45 35.00
N GLU F 95 -7.03 35.71 35.25
CA GLU F 95 -5.81 36.40 34.71
C GLU F 95 -4.55 35.80 35.41
N ALA F 96 -4.67 35.49 36.70
CA ALA F 96 -3.56 34.90 37.42
C ALA F 96 -3.25 33.53 36.97
N SER F 97 -4.30 32.74 36.77
CA SER F 97 -4.22 31.40 36.28
C SER F 97 -3.57 31.38 34.87
N ASN F 98 -4.11 32.14 33.96
CA ASN F 98 -3.59 32.21 32.57
C ASN F 98 -2.16 32.72 32.51
N PHE F 99 -1.81 33.63 33.39
CA PHE F 99 -0.39 34.07 33.48
C PHE F 99 0.53 32.89 33.85
N ARG F 100 0.20 32.13 34.88
CA ARG F 100 0.97 30.99 35.26
C ARG F 100 1.08 29.93 34.13
N SER F 101 -0.04 29.59 33.49
CA SER F 101 0.01 28.71 32.36
C SER F 101 0.95 29.14 31.17
N ASN F 102 0.96 30.41 30.85
CA ASN F 102 1.71 31.00 29.69
C ASN F 102 3.15 31.30 29.97
N PHE F 103 3.42 31.90 31.12
CA PHE F 103 4.76 32.32 31.52
C PHE F 103 5.44 31.43 32.51
N GLY F 104 4.67 30.56 33.18
CA GLY F 104 5.29 29.59 34.10
C GLY F 104 5.73 30.10 35.47
N TYR F 105 5.16 31.19 35.95
CA TYR F 105 5.46 31.64 37.33
C TYR F 105 4.30 32.45 37.91
N ASN F 106 4.33 32.75 39.18
CA ASN F 106 3.27 33.50 39.82
C ASN F 106 3.18 34.97 39.36
N ILE F 107 1.98 35.42 39.00
CA ILE F 107 1.79 36.75 38.46
C ILE F 107 2.28 37.83 39.45
N PRO F 108 3.12 38.77 38.99
CA PRO F 108 3.53 39.88 39.87
C PRO F 108 2.33 40.73 40.14
N LEU F 109 2.26 41.28 41.33
CA LEU F 109 1.07 41.98 41.76
C LEU F 109 0.71 43.16 40.87
N LYS F 110 1.70 43.96 40.62
CA LYS F 110 1.47 45.13 39.81
C LYS F 110 0.90 44.76 38.46
N HIS F 111 1.42 43.71 37.83
CA HIS F 111 0.91 43.30 36.54
C HIS F 111 -0.55 42.80 36.65
N LEU F 112 -0.87 42.11 37.74
CA LEU F 112 -2.22 41.64 37.92
C LEU F 112 -3.15 42.83 38.10
N ALA F 113 -2.73 43.79 38.90
CA ALA F 113 -3.52 45.03 39.09
C ALA F 113 -3.73 45.78 37.76
N ASP F 114 -2.70 45.92 36.96
CA ASP F 114 -2.83 46.63 35.68
C ASP F 114 -3.73 45.89 34.69
N ARG F 115 -3.69 44.56 34.69
CA ARG F 115 -4.52 43.77 33.80
C ARG F 115 -5.97 43.83 34.15
N VAL F 116 -6.31 43.65 35.42
CA VAL F 116 -7.71 43.74 35.80
C VAL F 116 -8.22 45.21 35.66
N ALA F 117 -7.39 46.21 35.99
CA ALA F 117 -7.72 47.65 35.74
C ALA F 117 -8.13 47.90 34.30
N MET F 118 -7.42 47.28 33.37
CA MET F 118 -7.73 47.48 31.94
C MET F 118 -9.06 46.79 31.59
N TYR F 119 -9.34 45.66 32.21
CA TYR F 119 -10.63 45.05 32.02
C TYR F 119 -11.79 45.94 32.56
N VAL F 120 -11.58 46.54 33.74
CA VAL F 120 -12.52 47.50 34.35
C VAL F 120 -12.67 48.68 33.42
N HIS F 121 -11.56 49.22 32.95
CA HIS F 121 -11.60 50.37 32.04
C HIS F 121 -12.40 50.09 30.77
N ALA F 122 -12.36 48.88 30.26
CA ALA F 122 -13.09 48.53 29.04
C ALA F 122 -14.60 48.70 29.19
N TYR F 123 -15.13 48.65 30.41
CA TYR F 123 -16.52 48.87 30.70
C TYR F 123 -16.88 50.33 30.94
N THR F 124 -16.02 51.30 30.55
CA THR F 124 -16.32 52.67 30.73
C THR F 124 -16.30 53.46 29.39
N LEU F 125 -16.41 52.76 28.26
CA LEU F 125 -16.32 53.36 26.91
C LEU F 125 -17.58 53.27 26.06
N TYR F 126 -18.54 52.45 26.49
CA TYR F 126 -19.56 51.95 25.59
C TYR F 126 -20.97 52.08 26.13
N SER F 127 -21.94 52.29 25.24
CA SER F 127 -23.35 52.14 25.59
C SER F 127 -23.75 50.70 25.76
N ALA F 128 -22.97 49.73 25.24
CA ALA F 128 -23.33 48.35 25.27
C ALA F 128 -23.20 47.68 26.66
N VAL F 129 -22.41 48.27 27.54
CA VAL F 129 -22.17 47.74 28.87
C VAL F 129 -22.11 48.90 29.89
N ARG F 130 -22.26 48.57 31.20
CA ARG F 130 -22.13 49.56 32.26
C ARG F 130 -20.90 49.37 33.11
N PRO F 131 -20.37 50.48 33.71
CA PRO F 131 -19.20 50.39 34.51
C PRO F 131 -19.48 49.48 35.75
N PHE F 132 -18.45 48.82 36.21
CA PHE F 132 -18.49 48.06 37.49
C PHE F 132 -18.72 49.02 38.64
N GLY F 133 -19.58 48.61 39.57
CA GLY F 133 -19.96 49.41 40.69
C GLY F 133 -19.12 49.01 41.89
N CYS F 134 -17.80 48.90 41.71
CA CYS F 134 -16.93 48.43 42.79
CA CYS F 134 -16.92 48.39 42.73
C CYS F 134 -15.55 48.99 42.70
N SER F 135 -14.95 49.15 43.88
CA SER F 135 -13.54 49.44 44.02
C SER F 135 -12.93 48.25 44.76
N PHE F 136 -11.67 47.98 44.50
CA PHE F 136 -11.06 46.84 45.20
C PHE F 136 -9.59 47.08 45.39
N MET F 137 -9.08 46.50 46.46
CA MET F 137 -7.67 46.48 46.74
C MET F 137 -7.14 45.06 46.46
N LEU F 138 -5.89 45.01 45.99
CA LEU F 138 -5.10 43.77 45.79
C LEU F 138 -3.83 43.86 46.65
N GLY F 139 -3.55 42.82 47.43
CA GLY F 139 -2.38 42.82 48.31
C GLY F 139 -1.59 41.55 48.12
N SER F 140 -0.28 41.66 48.12
CA SER F 140 0.60 40.49 48.20
CA SER F 140 0.59 40.50 48.16
C SER F 140 1.93 40.76 48.90
N TYR F 141 2.69 39.69 49.08
CA TYR F 141 4.00 39.72 49.61
C TYR F 141 4.83 38.56 49.02
N SER F 142 6.07 38.86 48.74
CA SER F 142 7.11 37.85 48.44
C SER F 142 8.43 38.41 48.89
N VAL F 143 9.41 37.53 49.05
CA VAL F 143 10.74 37.97 49.47
C VAL F 143 11.31 38.85 48.39
N ASN F 144 11.16 38.47 47.12
CA ASN F 144 11.68 39.28 46.00
C ASN F 144 11.04 40.66 45.79
N ASP F 145 9.72 40.75 45.92
CA ASP F 145 9.01 41.96 45.61
C ASP F 145 8.62 42.80 46.82
N GLY F 146 8.80 42.28 48.02
CA GLY F 146 8.28 42.93 49.19
C GLY F 146 6.73 42.87 49.26
N ALA F 147 6.20 43.80 50.04
CA ALA F 147 4.79 43.95 50.27
C ALA F 147 4.29 44.94 49.21
N GLN F 148 3.15 44.63 48.61
CA GLN F 148 2.49 45.49 47.64
C GLN F 148 0.99 45.53 47.84
N LEU F 149 0.45 46.74 47.82
CA LEU F 149 -0.98 47.04 48.02
C LEU F 149 -1.39 47.99 46.87
N TYR F 150 -2.31 47.54 46.02
CA TYR F 150 -2.86 48.36 44.92
C TYR F 150 -4.34 48.51 45.12
N MET F 151 -4.88 49.58 44.58
CA MET F 151 -6.31 49.82 44.62
C MET F 151 -6.77 50.27 43.24
N ILE F 152 -7.89 49.71 42.80
CA ILE F 152 -8.47 49.95 41.47
C ILE F 152 -9.91 50.45 41.71
N ASP F 153 -10.30 51.50 40.96
CA ASP F 153 -11.63 52.09 41.07
C ASP F 153 -12.43 51.83 39.77
N PRO F 154 -13.73 52.14 39.75
CA PRO F 154 -14.56 51.92 38.56
C PRO F 154 -14.13 52.58 37.27
N SER F 155 -13.28 53.61 37.28
CA SER F 155 -12.77 54.14 36.03
C SER F 155 -11.69 53.25 35.46
N GLY F 156 -11.12 52.34 36.27
CA GLY F 156 -9.97 51.56 35.87
C GLY F 156 -8.62 52.17 36.27
N VAL F 157 -8.60 53.22 37.06
CA VAL F 157 -7.30 53.72 37.58
C VAL F 157 -6.81 52.74 38.69
N SER F 158 -5.50 52.56 38.71
CA SER F 158 -4.77 51.64 39.56
C SER F 158 -3.52 52.31 40.09
N TYR F 159 -3.35 52.39 41.39
CA TYR F 159 -2.17 52.98 41.97
C TYR F 159 -1.76 52.07 43.14
N GLY F 160 -0.50 52.20 43.53
CA GLY F 160 0.02 51.59 44.72
C GLY F 160 -0.04 52.51 45.96
N TYR F 161 -0.14 51.90 47.13
CA TYR F 161 -0.40 52.59 48.37
C TYR F 161 0.39 51.99 49.55
N TRP F 162 0.69 52.85 50.52
CA TRP F 162 1.04 52.43 51.85
C TRP F 162 -0.18 52.06 52.68
N GLY F 163 -1.26 52.79 52.45
CA GLY F 163 -2.50 52.62 53.19
C GLY F 163 -3.64 53.09 52.30
N CYS F 164 -4.78 52.48 52.44
CA CYS F 164 -5.86 52.75 51.56
C CYS F 164 -7.20 52.38 52.20
N ALA F 165 -8.22 53.15 51.85
CA ALA F 165 -9.56 52.92 52.31
C ALA F 165 -10.54 53.25 51.25
N ILE F 166 -11.57 52.44 51.21
CA ILE F 166 -12.66 52.59 50.21
C ILE F 166 -14.01 52.36 50.91
N GLY F 167 -15.03 52.98 50.37
CA GLY F 167 -16.35 52.99 50.94
C GLY F 167 -16.62 54.29 51.65
N LYS F 168 -17.65 54.30 52.46
CA LYS F 168 -18.27 55.53 52.89
C LYS F 168 -17.58 56.30 53.98
N ALA F 169 -16.71 55.66 54.78
CA ALA F 169 -15.96 56.38 55.78
C ALA F 169 -14.46 56.46 55.35
N ARG F 170 -14.27 56.58 54.07
CA ARG F 170 -12.96 56.51 53.45
CA ARG F 170 -12.97 56.53 53.45
C ARG F 170 -12.01 57.55 54.08
N GLN F 171 -12.48 58.80 54.15
CA GLN F 171 -11.66 59.90 54.66
C GLN F 171 -11.39 59.78 56.13
N ALA F 172 -12.40 59.46 56.92
CA ALA F 172 -12.17 59.18 58.35
C ALA F 172 -11.12 58.05 58.54
N ALA F 173 -11.23 56.98 57.77
CA ALA F 173 -10.28 55.90 57.82
C ALA F 173 -8.85 56.34 57.49
N LYS F 174 -8.69 57.05 56.37
CA LYS F 174 -7.38 57.54 55.93
C LYS F 174 -6.72 58.41 56.96
N THR F 175 -7.48 59.32 57.57
CA THR F 175 -6.89 60.15 58.59
C THR F 175 -6.33 59.36 59.81
N GLU F 176 -6.96 58.23 60.18
CA GLU F 176 -6.44 57.37 61.21
C GLU F 176 -5.24 56.58 60.72
N ILE F 177 -5.28 56.08 59.48
CA ILE F 177 -4.20 55.29 58.91
C ILE F 177 -2.88 56.13 58.86
N GLU F 178 -2.99 57.41 58.48
CA GLU F 178 -1.86 58.36 58.50
C GLU F 178 -1.16 58.55 59.80
N LYS F 179 -1.80 58.20 60.92
CA LYS F 179 -1.17 58.28 62.21
C LYS F 179 -0.19 57.15 62.43
N LEU F 180 -0.23 56.10 61.63
CA LEU F 180 0.66 54.96 61.88
C LEU F 180 1.94 55.11 61.10
N GLN F 181 3.04 54.71 61.71
CA GLN F 181 4.29 54.50 61.03
C GLN F 181 4.31 53.05 60.52
N MET F 182 3.58 52.81 59.42
CA MET F 182 3.33 51.44 58.97
C MET F 182 4.59 50.79 58.38
N LYS F 183 5.50 51.59 57.81
CA LYS F 183 6.79 51.13 57.29
C LYS F 183 7.66 50.37 58.29
N GLU F 184 7.53 50.65 59.56
CA GLU F 184 8.33 50.03 60.60
C GLU F 184 7.51 49.05 61.44
N MET F 185 6.29 48.72 61.03
CA MET F 185 5.46 47.79 61.83
C MET F 185 5.31 46.43 61.13
N THR F 186 5.07 45.39 61.93
CA THR F 186 4.84 44.08 61.43
C THR F 186 3.32 43.86 61.27
N CYS F 187 2.99 42.85 60.48
CA CYS F 187 1.60 42.44 60.29
C CYS F 187 0.85 42.15 61.60
N ARG F 188 1.51 41.51 62.55
CA ARG F 188 0.84 41.17 63.85
C ARG F 188 0.42 42.44 64.59
N ASP F 189 1.23 43.50 64.57
CA ASP F 189 0.89 44.77 65.19
C ASP F 189 -0.21 45.47 64.40
N ILE F 190 -0.08 45.44 63.07
CA ILE F 190 -1.03 46.13 62.17
C ILE F 190 -2.47 45.60 62.23
N VAL F 191 -2.68 44.31 62.37
CA VAL F 191 -4.06 43.76 62.43
C VAL F 191 -4.85 44.46 63.53
N LYS F 192 -4.22 44.66 64.67
CA LYS F 192 -4.88 45.35 65.80
C LYS F 192 -5.26 46.73 65.43
N GLU F 193 -4.36 47.41 64.72
CA GLU F 193 -4.63 48.79 64.27
C GLU F 193 -5.73 48.89 63.20
N VAL F 194 -5.75 47.95 62.29
CA VAL F 194 -6.86 47.79 61.32
C VAL F 194 -8.20 47.62 62.08
N ALA F 195 -8.25 46.75 63.07
CA ALA F 195 -9.51 46.51 63.78
C ALA F 195 -9.92 47.76 64.49
N LYS F 196 -8.95 48.41 65.12
CA LYS F 196 -9.17 49.66 65.79
C LYS F 196 -9.82 50.71 64.88
N ILE F 197 -9.23 50.93 63.70
CA ILE F 197 -9.69 51.93 62.77
C ILE F 197 -11.14 51.64 62.22
N ILE F 198 -11.41 50.40 61.87
CA ILE F 198 -12.78 49.99 61.53
C ILE F 198 -13.77 50.37 62.68
N TYR F 199 -13.43 50.09 63.96
CA TYR F 199 -14.27 50.50 65.06
C TYR F 199 -14.45 51.98 65.25
N ILE F 200 -13.41 52.74 64.90
CA ILE F 200 -13.46 54.22 64.95
C ILE F 200 -14.48 54.76 63.93
N VAL F 201 -14.40 54.30 62.70
CA VAL F 201 -15.18 54.89 61.59
C VAL F 201 -16.62 54.33 61.41
N HIS F 202 -16.89 53.23 62.07
CA HIS F 202 -18.21 52.61 62.15
C HIS F 202 -19.15 53.49 62.91
N ASP F 203 -20.24 53.82 62.29
CA ASP F 203 -21.27 54.66 62.89
C ASP F 203 -22.30 53.76 63.62
N GLU F 204 -22.06 53.46 64.88
CA GLU F 204 -22.87 52.50 65.64
C GLU F 204 -24.33 52.98 65.80
N VAL F 205 -24.56 54.31 65.78
CA VAL F 205 -25.95 54.84 65.80
C VAL F 205 -26.70 54.48 64.52
N LYS F 206 -26.18 54.87 63.36
CA LYS F 206 -26.86 54.64 62.09
C LYS F 206 -26.92 53.19 61.61
N ASP F 207 -25.89 52.36 61.87
CA ASP F 207 -25.96 50.93 61.47
C ASP F 207 -25.53 49.92 62.60
N LYS F 208 -26.46 49.09 63.00
CA LYS F 208 -26.45 48.56 64.36
C LYS F 208 -25.40 47.49 64.62
N ALA F 209 -25.15 46.69 63.59
CA ALA F 209 -24.47 45.43 63.72
C ALA F 209 -23.53 45.29 62.56
N PHE F 210 -22.29 44.90 62.88
CA PHE F 210 -21.34 44.49 61.86
C PHE F 210 -20.41 43.37 62.33
N GLU F 211 -19.87 42.63 61.36
CA GLU F 211 -18.76 41.72 61.56
C GLU F 211 -17.46 42.39 61.06
N LEU F 212 -16.41 42.24 61.83
CA LEU F 212 -15.10 42.49 61.33
C LEU F 212 -14.53 41.32 60.48
N GLU F 213 -14.09 41.60 59.29
CA GLU F 213 -13.47 40.61 58.46
C GLU F 213 -11.98 41.02 58.32
N LEU F 214 -11.06 40.06 58.55
CA LEU F 214 -9.62 40.32 58.46
C LEU F 214 -8.88 39.29 57.62
N SER F 215 -7.97 39.73 56.77
CA SER F 215 -7.09 38.84 56.05
C SER F 215 -5.67 39.47 55.96
N TRP F 216 -4.68 38.65 55.65
CA TRP F 216 -3.34 39.11 55.51
C TRP F 216 -2.50 38.23 54.62
N VAL F 217 -1.43 38.86 54.18
CA VAL F 217 -0.42 38.18 53.39
C VAL F 217 0.92 38.78 53.73
N GLY F 218 1.90 37.97 54.05
CA GLY F 218 3.17 38.48 54.54
C GLY F 218 4.19 37.43 54.87
N GLU F 219 5.33 37.83 55.40
CA GLU F 219 6.37 36.90 55.78
C GLU F 219 5.79 35.83 56.73
N LEU F 220 4.87 36.23 57.59
CA LEU F 220 4.35 35.32 58.57
C LEU F 220 3.40 34.28 57.98
N THR F 221 2.88 34.47 56.76
CA THR F 221 2.05 33.46 56.15
C THR F 221 2.81 32.76 55.00
N ASN F 222 4.11 33.04 54.96
CA ASN F 222 4.97 32.60 53.88
C ASN F 222 4.51 33.05 52.48
N GLY F 223 3.97 34.24 52.40
CA GLY F 223 3.59 34.81 51.12
C GLY F 223 2.28 34.26 50.58
N ARG F 224 1.52 33.56 51.39
CA ARG F 224 0.21 33.09 51.08
C ARG F 224 -0.88 34.06 51.68
N HIS F 225 -1.89 34.45 50.87
CA HIS F 225 -3.01 35.28 51.37
C HIS F 225 -3.93 34.35 52.15
N GLU F 226 -4.29 34.72 53.36
CA GLU F 226 -5.00 33.83 54.34
C GLU F 226 -5.95 34.69 55.18
N ILE F 227 -7.00 34.10 55.68
CA ILE F 227 -7.83 34.72 56.70
C ILE F 227 -6.98 34.91 57.94
N VAL F 228 -7.19 35.95 58.72
CA VAL F 228 -6.50 36.07 59.99
C VAL F 228 -7.15 35.00 60.89
N PRO F 229 -6.35 34.24 61.62
CA PRO F 229 -6.95 33.24 62.49
C PRO F 229 -7.92 33.82 63.51
N LYS F 230 -8.93 33.01 63.85
CA LYS F 230 -10.01 33.40 64.75
C LYS F 230 -9.53 34.04 66.04
N ASP F 231 -8.58 33.44 66.74
CA ASP F 231 -8.13 34.01 68.00
C ASP F 231 -7.41 35.36 67.86
N ILE F 232 -6.56 35.49 66.86
CA ILE F 232 -5.98 36.81 66.59
C ILE F 232 -7.08 37.83 66.26
N ARG F 233 -8.08 37.48 65.43
CA ARG F 233 -9.14 38.46 65.13
CA ARG F 233 -9.15 38.44 65.11
C ARG F 233 -9.86 38.87 66.39
N GLU F 234 -10.14 37.90 67.30
CA GLU F 234 -10.92 38.21 68.49
C GLU F 234 -10.13 39.11 69.38
N GLU F 235 -8.85 38.87 69.49
CA GLU F 235 -7.99 39.77 70.27
C GLU F 235 -7.93 41.17 69.67
N ALA F 236 -7.81 41.26 68.35
CA ALA F 236 -7.82 42.52 67.71
C ALA F 236 -9.12 43.28 67.97
N GLU F 237 -10.28 42.61 67.89
CA GLU F 237 -11.57 43.27 68.15
C GLU F 237 -11.61 43.79 69.58
N LYS F 238 -11.17 42.95 70.50
CA LYS F 238 -11.19 43.34 71.87
C LYS F 238 -10.27 44.55 72.11
N TYR F 239 -9.06 44.52 71.57
CA TYR F 239 -8.18 45.73 71.62
C TYR F 239 -8.89 46.97 71.05
N ALA F 240 -9.56 46.85 69.92
CA ALA F 240 -10.27 48.00 69.25
C ALA F 240 -11.40 48.53 70.08
N LYS F 241 -12.18 47.61 70.65
CA LYS F 241 -13.35 47.94 71.45
C LYS F 241 -12.92 48.64 72.73
N GLU F 242 -11.94 48.11 73.45
CA GLU F 242 -11.47 48.78 74.65
C GLU F 242 -10.76 50.10 74.35
N SER F 243 -10.07 50.16 73.23
CA SER F 243 -9.46 51.40 72.77
C SER F 243 -10.49 52.51 72.50
N LEU F 244 -11.69 52.12 72.08
CA LEU F 244 -12.85 53.02 71.93
C LEU F 244 -13.41 53.60 73.27
N LYS F 245 -13.40 52.82 74.36
CA LYS F 245 -13.51 53.33 75.75
C LYS F 245 -14.37 54.60 75.79
N SER G 2 -26.48 78.46 12.76
CA SER G 2 -25.03 78.31 13.05
C SER G 2 -24.59 79.10 14.31
N ARG G 3 -23.31 78.99 14.68
CA ARG G 3 -22.71 79.55 15.91
C ARG G 3 -23.33 78.84 17.12
N GLY G 4 -22.79 77.68 17.43
CA GLY G 4 -23.22 76.86 18.52
C GLY G 4 -24.55 76.19 18.34
N SER G 5 -25.04 76.05 17.10
CA SER G 5 -26.31 75.30 16.86
C SER G 5 -26.20 73.78 17.06
N SER G 6 -27.35 73.18 17.30
CA SER G 6 -27.45 71.78 17.61
C SER G 6 -28.76 71.19 17.04
N ALA G 7 -28.67 70.01 16.42
CA ALA G 7 -29.84 69.22 16.06
C ALA G 7 -29.68 67.74 16.50
N GLY G 8 -30.80 67.14 16.86
CA GLY G 8 -30.87 65.74 17.20
C GLY G 8 -29.89 65.35 18.28
N PHE G 9 -29.13 64.31 18.01
CA PHE G 9 -28.29 63.71 19.02
C PHE G 9 -26.81 64.18 18.85
N ASP G 10 -26.60 65.35 18.23
CA ASP G 10 -25.23 65.78 17.93
C ASP G 10 -24.40 66.23 19.14
N ARG G 11 -24.97 66.31 20.32
CA ARG G 11 -24.16 66.47 21.55
C ARG G 11 -23.94 65.22 22.36
N HIS G 12 -24.52 64.12 21.93
CA HIS G 12 -24.41 62.82 22.60
C HIS G 12 -23.50 61.77 21.93
N ILE G 13 -23.50 61.76 20.60
CA ILE G 13 -22.71 60.82 19.78
C ILE G 13 -21.97 61.64 18.69
N THR G 14 -21.01 61.02 18.06
CA THR G 14 -20.14 61.60 17.11
C THR G 14 -20.75 61.71 15.70
N ILE G 15 -21.85 62.44 15.62
CA ILE G 15 -22.46 62.85 14.38
C ILE G 15 -22.23 64.34 14.23
N PHE G 16 -22.33 64.84 12.99
CA PHE G 16 -22.10 66.29 12.74
C PHE G 16 -23.20 67.20 13.30
N SER G 17 -22.78 68.31 13.88
CA SER G 17 -23.68 69.40 14.17
C SER G 17 -23.92 70.18 12.88
N PRO G 18 -24.87 71.13 12.92
CA PRO G 18 -25.17 71.87 11.70
C PRO G 18 -24.00 72.73 11.17
N GLU G 19 -23.06 73.11 12.02
CA GLU G 19 -21.87 73.84 11.54
C GLU G 19 -20.82 72.85 11.10
N GLY G 20 -21.06 71.55 11.19
CA GLY G 20 -20.02 70.57 10.86
C GLY G 20 -19.06 70.23 11.98
N ARG G 21 -19.38 70.54 13.22
CA ARG G 21 -18.55 70.21 14.33
C ARG G 21 -18.92 68.79 14.92
N LEU G 22 -18.01 68.24 15.74
CA LEU G 22 -18.23 67.00 16.47
C LEU G 22 -18.11 67.33 17.96
N TYR G 23 -19.23 67.70 18.60
CA TYR G 23 -19.23 68.12 19.95
C TYR G 23 -18.59 67.13 20.89
N GLN G 24 -18.78 65.84 20.60
CA GLN G 24 -18.35 64.77 21.55
C GLN G 24 -16.82 64.75 21.54
N VAL G 25 -16.24 65.08 20.36
CA VAL G 25 -14.78 65.22 20.23
C VAL G 25 -14.24 66.48 20.96
N GLU G 26 -14.91 67.59 20.79
CA GLU G 26 -14.63 68.79 21.56
C GLU G 26 -14.69 68.47 23.05
N TYR G 27 -15.69 67.73 23.51
CA TYR G 27 -15.80 67.43 24.96
C TYR G 27 -14.70 66.51 25.47
N ALA G 28 -14.14 65.68 24.61
CA ALA G 28 -13.02 64.86 24.96
C ALA G 28 -11.78 65.67 25.23
N PHE G 29 -11.64 66.81 24.58
CA PHE G 29 -10.57 67.73 24.91
C PHE G 29 -10.72 68.37 26.26
N LYS G 30 -11.94 68.71 26.63
CA LYS G 30 -12.18 69.20 28.00
C LYS G 30 -11.82 68.12 29.04
N ALA G 31 -12.11 66.86 28.72
CA ALA G 31 -11.79 65.76 29.67
C ALA G 31 -10.28 65.67 29.95
N ILE G 32 -9.46 66.06 28.98
CA ILE G 32 -8.01 66.13 29.17
C ILE G 32 -7.61 67.04 30.34
N ASN G 33 -8.32 68.13 30.52
CA ASN G 33 -8.05 69.07 31.58
C ASN G 33 -8.62 68.66 32.99
N GLN G 34 -9.56 67.72 33.06
CA GLN G 34 -10.13 67.31 34.33
C GLN G 34 -9.06 66.91 35.33
N GLY G 35 -8.02 66.22 34.87
CA GLY G 35 -6.87 65.81 35.68
C GLY G 35 -5.99 66.91 36.24
N GLY G 36 -6.14 68.14 35.75
CA GLY G 36 -5.52 69.30 36.38
C GLY G 36 -4.02 69.40 36.11
N LEU G 37 -3.47 68.62 35.18
CA LEU G 37 -2.05 68.57 34.94
C LEU G 37 -1.66 69.16 33.55
N THR G 38 -0.40 69.53 33.45
CA THR G 38 0.22 70.09 32.24
C THR G 38 1.57 69.36 32.02
N SER G 39 1.83 69.03 30.75
CA SER G 39 3.06 68.40 30.30
C SER G 39 3.69 69.29 29.18
N VAL G 40 5.03 69.24 29.08
CA VAL G 40 5.81 69.95 28.08
C VAL G 40 6.85 69.03 27.46
N ALA G 41 7.11 69.18 26.17
CA ALA G 41 8.14 68.40 25.52
C ALA G 41 8.93 69.29 24.59
N VAL G 42 10.23 69.12 24.53
CA VAL G 42 11.12 69.96 23.67
C VAL G 42 12.24 69.14 23.05
N ARG G 43 12.54 69.44 21.79
CA ARG G 43 13.51 68.67 21.03
C ARG G 43 14.62 69.70 20.65
N GLY G 44 15.87 69.27 20.70
CA GLY G 44 16.98 70.03 20.17
C GLY G 44 17.70 69.12 19.19
N LYS G 45 18.93 69.48 18.87
CA LYS G 45 19.75 68.74 17.94
C LYS G 45 20.24 67.45 18.56
N ASP G 46 20.51 67.42 19.85
CA ASP G 46 21.08 66.25 20.52
C ASP G 46 20.08 65.40 21.35
N ALA G 48 15.74 64.92 23.02
CA ALA G 48 14.38 65.28 23.24
C ALA G 48 14.00 64.95 24.66
N VAL G 49 13.15 65.81 25.22
CA VAL G 49 12.81 65.77 26.64
CA VAL G 49 12.82 65.79 26.62
C VAL G 49 11.30 65.88 26.82
N ILE G 50 10.79 65.13 27.79
CA ILE G 50 9.44 65.26 28.28
C ILE G 50 9.51 65.61 29.76
N VAL G 51 8.71 66.60 30.16
CA VAL G 51 8.56 67.03 31.57
C VAL G 51 7.09 67.12 31.87
N THR G 52 6.67 66.61 33.03
CA THR G 52 5.28 66.77 33.46
C THR G 52 5.22 67.00 34.96
N GLN G 53 4.07 67.49 35.42
CA GLN G 53 3.82 67.66 36.85
C GLN G 53 3.60 66.33 37.52
N LYS G 54 4.08 66.21 38.74
CA LYS G 54 3.87 65.00 39.51
C LYS G 54 3.21 65.45 40.77
N LYS G 55 1.92 65.17 40.91
CA LYS G 55 1.13 65.55 42.06
C LYS G 55 0.78 64.31 42.85
N VAL G 56 1.30 64.26 44.06
CA VAL G 56 1.01 63.24 45.07
C VAL G 56 0.29 63.97 46.25
N PRO G 57 -1.02 64.25 46.13
CA PRO G 57 -1.73 64.98 47.23
C PRO G 57 -1.79 64.13 48.52
N ASP G 58 -2.13 62.86 48.34
CA ASP G 58 -2.27 61.88 49.40
C ASP G 58 -0.91 61.32 49.86
N LYS G 59 -0.54 61.51 51.11
CA LYS G 59 0.66 60.87 51.73
C LYS G 59 0.68 59.28 51.74
N LEU G 60 -0.50 58.68 51.60
CA LEU G 60 -0.65 57.25 51.73
C LEU G 60 -0.39 56.53 50.41
N LEU G 61 -0.30 57.27 49.29
CA LEU G 61 0.13 56.76 48.01
C LEU G 61 1.58 56.35 48.04
N ASP G 62 1.89 55.29 47.31
CA ASP G 62 3.27 54.89 47.09
C ASP G 62 3.64 55.73 45.86
N SER G 63 4.33 56.82 46.12
CA SER G 63 4.63 57.80 45.05
C SER G 63 5.46 57.27 43.89
N SER G 64 6.22 56.21 44.11
CA SER G 64 6.85 55.49 42.97
C SER G 64 5.90 54.87 41.98
N THR G 65 4.63 54.68 42.31
CA THR G 65 3.67 54.17 41.35
C THR G 65 2.91 55.31 40.66
N VAL G 66 3.10 56.56 41.06
CA VAL G 66 2.41 57.66 40.44
C VAL G 66 3.28 58.25 39.36
N THR G 67 2.97 57.94 38.13
CA THR G 67 3.77 58.52 36.97
C THR G 67 2.88 58.70 35.79
N HIS G 68 3.21 59.67 34.95
CA HIS G 68 2.67 59.79 33.60
C HIS G 68 3.64 59.56 32.45
N LEU G 69 4.82 59.05 32.77
CA LEU G 69 5.88 58.76 31.81
C LEU G 69 5.88 57.26 31.58
N PHE G 70 5.87 56.85 30.32
CA PHE G 70 5.89 55.43 30.01
C PHE G 70 6.87 55.04 28.94
N LYS G 71 7.57 53.93 29.19
CA LYS G 71 8.34 53.29 28.15
C LYS G 71 7.44 52.55 27.16
N ILE G 72 7.56 52.87 25.87
CA ILE G 72 6.77 52.20 24.83
C ILE G 72 7.59 51.04 24.21
N THR G 73 8.82 51.34 23.86
CA THR G 73 9.86 50.40 23.45
C THR G 73 11.13 50.88 24.23
N GLU G 74 12.26 50.18 24.07
CA GLU G 74 13.49 50.65 24.68
C GLU G 74 13.87 52.11 24.21
N ASN G 75 13.54 52.46 22.97
CA ASN G 75 13.87 53.73 22.36
C ASN G 75 12.77 54.78 22.23
N ILE G 76 11.55 54.50 22.68
CA ILE G 76 10.49 55.43 22.59
C ILE G 76 9.89 55.63 23.92
N GLY G 77 9.77 56.88 24.29
CA GLY G 77 9.21 57.25 25.58
C GLY G 77 7.93 58.01 25.35
N CYS G 78 7.13 58.10 26.41
CA CYS G 78 5.90 58.86 26.27
C CYS G 78 5.44 59.53 27.50
N VAL G 79 4.82 60.67 27.34
CA VAL G 79 4.10 61.32 28.46
C VAL G 79 2.63 61.40 28.05
N MET G 80 1.79 60.99 28.98
CA MET G 80 0.34 61.02 28.83
C MET G 80 -0.28 62.13 29.67
N THR G 81 -1.31 62.75 29.13
CA THR G 81 -2.01 63.76 29.80
C THR G 81 -3.50 63.52 29.61
N GLY G 82 -4.26 63.65 30.71
CA GLY G 82 -5.66 63.58 30.68
C GLY G 82 -6.12 62.39 31.51
N MET G 83 -7.25 61.79 31.13
CA MET G 83 -7.88 60.77 31.96
C MET G 83 -6.95 59.57 32.09
N THR G 84 -6.72 59.12 33.30
CA THR G 84 -5.64 58.17 33.60
C THR G 84 -5.87 56.76 33.01
N ALA G 85 -7.01 56.11 33.29
CA ALA G 85 -7.22 54.85 32.75
C ALA G 85 -7.28 54.90 31.22
N ASP G 86 -7.92 55.89 30.61
CA ASP G 86 -7.85 56.03 29.16
C ASP G 86 -6.39 56.06 28.70
N SER G 87 -5.55 56.82 29.40
CA SER G 87 -4.14 56.94 29.01
C SER G 87 -3.41 55.57 29.07
N ARG G 88 -3.66 54.79 30.15
CA ARG G 88 -3.01 53.54 30.26
C ARG G 88 -3.36 52.63 29.14
N SER G 89 -4.63 52.65 28.80
CA SER G 89 -5.10 51.87 27.71
CA SER G 89 -5.11 51.85 27.68
C SER G 89 -4.39 52.29 26.37
N GLN G 90 -4.22 53.57 26.14
CA GLN G 90 -3.59 54.02 24.93
C GLN G 90 -2.08 53.63 24.95
N VAL G 91 -1.47 53.65 26.16
CA VAL G 91 -0.08 53.23 26.30
C VAL G 91 0.07 51.73 25.91
N GLN G 92 -0.82 50.89 26.42
CA GLN G 92 -0.75 49.48 26.10
C GLN G 92 -0.92 49.28 24.62
N ARG G 93 -1.84 49.94 24.02
CA ARG G 93 -2.05 49.79 22.59
C ARG G 93 -0.78 50.23 21.78
N ALA G 94 -0.11 51.29 22.21
CA ALA G 94 1.12 51.75 21.53
C ALA G 94 2.21 50.69 21.69
N ARG G 95 2.32 50.12 22.90
CA ARG G 95 3.25 49.04 23.14
C ARG G 95 3.02 47.83 22.20
N TYR G 96 1.74 47.48 22.04
CA TYR G 96 1.36 46.43 21.17
C TYR G 96 1.70 46.78 19.71
N GLU G 97 1.31 47.94 19.26
CA GLU G 97 1.60 48.33 17.86
C GLU G 97 3.08 48.29 17.55
N ALA G 98 3.93 48.75 18.47
CA ALA G 98 5.33 48.79 18.24
C ALA G 98 5.94 47.42 18.17
N ALA G 99 5.51 46.56 19.09
CA ALA G 99 6.08 45.25 19.16
C ALA G 99 5.69 44.45 17.89
N ASN G 100 4.46 44.64 17.46
CA ASN G 100 3.98 43.99 16.28
C ASN G 100 4.69 44.49 14.98
N TRP G 101 4.92 45.79 14.90
CA TRP G 101 5.72 46.36 13.81
C TRP G 101 7.08 45.69 13.73
N LYS G 102 7.79 45.61 14.84
CA LYS G 102 9.08 44.99 14.86
C LYS G 102 9.08 43.50 14.40
N TYR G 103 8.10 42.77 14.92
CA TYR G 103 7.94 41.37 14.56
C TYR G 103 7.67 41.19 12.99
N LYS G 104 6.81 41.99 12.44
CA LYS G 104 6.43 41.92 11.01
C LYS G 104 7.47 42.49 10.05
N TYR G 105 8.19 43.52 10.47
CA TYR G 105 9.04 44.31 9.55
C TYR G 105 10.52 44.31 9.86
N GLY G 106 10.93 43.87 11.05
CA GLY G 106 12.29 43.59 11.35
C GLY G 106 13.12 44.80 11.74
N TYR G 107 12.49 45.95 12.00
CA TYR G 107 13.17 47.12 12.50
C TYR G 107 12.23 47.84 13.39
N GLU G 108 12.75 48.69 14.23
CA GLU G 108 11.95 49.43 15.20
C GLU G 108 11.00 50.43 14.56
N ILE G 109 9.81 50.54 15.10
CA ILE G 109 8.80 51.47 14.55
C ILE G 109 9.29 52.93 14.69
N PRO G 110 9.26 53.73 13.58
CA PRO G 110 9.67 55.14 13.77
C PRO G 110 8.64 55.82 14.65
N VAL G 111 9.07 56.81 15.42
CA VAL G 111 8.15 57.54 16.27
C VAL G 111 6.99 58.15 15.50
N ASP G 112 7.25 58.71 14.31
CA ASP G 112 6.14 59.28 13.55
C ASP G 112 5.06 58.24 13.16
N MET G 113 5.48 57.01 12.84
CA MET G 113 4.56 56.00 12.38
C MET G 113 3.78 55.52 13.61
N LEU G 114 4.43 55.43 14.75
CA LEU G 114 3.74 55.00 15.96
C LEU G 114 2.67 56.05 16.31
N CYS G 115 3.02 57.33 16.24
CA CYS G 115 2.09 58.40 16.57
C CYS G 115 0.90 58.38 15.57
N LYS G 116 1.21 58.25 14.31
CA LYS G 116 0.21 58.13 13.27
C LYS G 116 -0.73 56.95 13.52
N ARG G 117 -0.20 55.80 13.84
CA ARG G 117 -1.05 54.65 14.06
C ARG G 117 -2.02 54.88 15.22
N ILE G 118 -1.53 55.43 16.31
CA ILE G 118 -2.38 55.77 17.45
C ILE G 118 -3.45 56.82 17.08
N ALA G 119 -3.04 57.82 16.35
CA ALA G 119 -3.98 58.75 15.84
C ALA G 119 -5.05 58.16 14.93
N ASP G 120 -4.68 57.23 14.08
CA ASP G 120 -5.64 56.60 13.18
C ASP G 120 -6.65 55.70 14.00
N ILE G 121 -6.21 55.07 15.06
CA ILE G 121 -7.07 54.32 15.96
C ILE G 121 -8.06 55.30 16.60
N SER G 122 -7.60 56.44 17.07
CA SER G 122 -8.45 57.46 17.71
C SER G 122 -9.48 58.02 16.74
N GLN G 123 -9.09 58.14 15.48
CA GLN G 123 -10.03 58.61 14.47
C GLN G 123 -11.29 57.74 14.39
N VAL G 124 -11.14 56.45 14.54
CA VAL G 124 -12.29 55.54 14.43
C VAL G 124 -13.33 55.92 15.47
N TYR G 125 -12.88 56.24 16.69
CA TYR G 125 -13.79 56.69 17.75
C TYR G 125 -14.55 57.98 17.49
N THR G 126 -14.07 58.83 16.58
CA THR G 126 -14.73 60.02 16.21
C THR G 126 -15.76 59.81 15.08
N GLN G 127 -15.68 58.68 14.40
CA GLN G 127 -16.61 58.35 13.26
C GLN G 127 -17.67 57.26 13.55
N ASN G 128 -17.42 56.43 14.56
CA ASN G 128 -18.30 55.34 14.95
C ASN G 128 -19.01 55.69 16.20
N ALA G 129 -20.31 55.56 16.24
CA ALA G 129 -21.13 56.19 17.31
C ALA G 129 -21.14 55.47 18.66
N GLU G 130 -20.79 54.18 18.66
CA GLU G 130 -21.07 53.35 19.84
C GLU G 130 -20.06 53.42 21.02
N MET G 131 -18.95 54.08 20.83
CA MET G 131 -17.96 54.26 21.85
C MET G 131 -17.54 55.75 21.93
N ARG G 132 -17.02 56.20 23.06
CA ARG G 132 -16.52 57.56 23.16
C ARG G 132 -15.07 57.62 22.78
N PRO G 133 -14.62 58.81 22.37
CA PRO G 133 -13.17 59.06 22.32
C PRO G 133 -12.49 58.91 23.69
N LEU G 134 -11.22 58.58 23.69
CA LEU G 134 -10.38 58.62 24.91
C LEU G 134 -10.02 60.10 25.26
N GLY G 135 -10.15 60.45 26.51
CA GLY G 135 -9.96 61.79 26.97
C GLY G 135 -8.50 61.97 27.43
N CYS G 136 -7.60 61.66 26.53
CA CYS G 136 -6.20 61.78 26.81
C CYS G 136 -5.46 62.15 25.55
N MET G 138 -1.38 62.00 23.87
CA MET G 138 -0.10 61.27 23.99
C MET G 138 0.99 62.14 23.36
N ILE G 139 2.10 62.31 24.05
CA ILE G 139 3.32 62.94 23.47
C ILE G 139 4.46 61.88 23.45
N LEU G 140 5.01 61.57 22.28
CA LEU G 140 6.03 60.56 22.11
C LEU G 140 7.37 61.22 21.81
N ILE G 141 8.46 60.67 22.38
CA ILE G 141 9.85 61.12 22.00
C ILE G 141 10.67 59.89 21.56
N GLY G 142 11.51 60.07 20.56
CA GLY G 142 12.51 59.08 20.18
C GLY G 142 13.51 59.69 19.26
N ILE G 143 14.56 58.94 18.94
CA ILE G 143 15.60 59.34 17.97
C ILE G 143 15.36 58.66 16.63
N ASP G 144 15.27 59.44 15.55
CA ASP G 144 15.26 58.90 14.22
C ASP G 144 16.67 58.96 13.67
N GLU G 145 17.14 57.85 13.10
CA GLU G 145 18.53 57.76 12.60
C GLU G 145 18.93 58.89 11.64
N GLU G 146 17.98 59.34 10.83
CA GLU G 146 18.22 60.42 9.85
C GLU G 146 17.77 61.81 10.33
N GLN G 147 16.61 61.92 10.96
CA GLN G 147 16.10 63.26 11.37
C GLN G 147 16.48 63.72 12.80
N GLY G 148 17.23 62.92 13.55
CA GLY G 148 17.55 63.32 14.88
C GLY G 148 16.39 63.14 15.88
N PRO G 149 16.49 63.82 17.03
CA PRO G 149 15.47 63.72 18.07
C PRO G 149 14.10 64.15 17.53
N GLN G 150 13.06 63.46 17.96
CA GLN G 150 11.71 63.73 17.52
C GLN G 150 10.74 63.90 18.67
N VAL G 151 9.78 64.83 18.50
CA VAL G 151 8.68 65.00 19.44
C VAL G 151 7.41 64.95 18.62
N TYR G 152 6.53 64.00 18.92
CA TYR G 152 5.26 63.89 18.26
C TYR G 152 4.13 63.94 19.28
N LYS G 153 2.99 64.49 18.88
CA LYS G 153 1.80 64.51 19.74
C LYS G 153 0.57 64.09 18.95
N CYS G 154 -0.31 63.31 19.57
CA CYS G 154 -1.58 63.07 18.98
C CYS G 154 -2.71 63.28 19.99
N ASP G 155 -3.93 63.51 19.51
CA ASP G 155 -5.01 64.02 20.33
C ASP G 155 -6.35 63.22 20.13
N PRO G 156 -7.40 63.56 20.88
CA PRO G 156 -8.66 62.69 20.77
C PRO G 156 -9.40 62.87 19.42
N ALA G 157 -9.05 63.90 18.63
CA ALA G 157 -9.64 64.05 17.31
C ALA G 157 -8.95 63.14 16.29
N GLY G 158 -7.86 62.45 16.67
CA GLY G 158 -7.06 61.76 15.71
C GLY G 158 -6.10 62.68 14.91
N TYR G 159 -5.97 63.94 15.27
CA TYR G 159 -4.87 64.79 14.69
C TYR G 159 -3.54 64.40 15.30
N TYR G 160 -2.48 64.56 14.54
CA TYR G 160 -1.10 64.37 15.06
C TYR G 160 -0.14 65.24 14.29
N GLY G 162 4.39 66.38 14.32
CA GLY G 162 5.70 66.51 14.95
C GLY G 162 5.99 67.98 15.29
N PHE G 163 6.83 68.22 16.28
CA PHE G 163 7.05 69.54 16.83
C PHE G 163 8.52 69.81 17.17
N LYS G 164 8.88 71.08 17.20
CA LYS G 164 10.05 71.52 17.87
C LYS G 164 9.87 71.47 19.40
N ALA G 165 8.68 71.89 19.85
CA ALA G 165 8.29 71.77 21.22
C ALA G 165 6.81 71.85 21.24
N THR G 166 6.25 71.28 22.31
CA THR G 166 4.81 71.32 22.44
C THR G 166 4.39 71.06 23.91
N ALA G 167 3.10 71.12 24.12
CA ALA G 167 2.58 70.93 25.46
C ALA G 167 1.21 70.30 25.38
N ALA G 168 0.72 69.92 26.55
CA ALA G 168 -0.61 69.35 26.69
C ALA G 168 -1.14 69.65 28.08
N GLY G 169 -2.47 69.68 28.18
CA GLY G 169 -3.14 69.83 29.46
C GLY G 169 -3.58 71.26 29.75
N VAL G 170 -3.72 71.57 31.03
CA VAL G 170 -4.46 72.73 31.50
C VAL G 170 -3.83 74.02 30.93
N LYS G 171 -2.50 74.12 31.03
CA LYS G 171 -1.75 75.31 30.54
C LYS G 171 -1.11 75.13 29.16
N GLN G 172 -1.75 74.34 28.34
CA GLN G 172 -1.23 74.10 26.97
C GLN G 172 -1.03 75.40 26.17
N THR G 173 -2.01 76.29 26.17
CA THR G 173 -1.92 77.55 25.37
C THR G 173 -0.79 78.42 25.81
N GLU G 174 -0.67 78.53 27.13
CA GLU G 174 0.32 79.42 27.73
C GLU G 174 1.70 78.89 27.43
N SER G 175 1.84 77.57 27.53
CA SER G 175 3.09 76.89 27.19
C SER G 175 3.44 77.11 25.73
N THR G 176 2.46 76.93 24.85
CA THR G 176 2.65 77.21 23.44
C THR G 176 3.18 78.62 23.16
N SER G 177 2.63 79.65 23.83
CA SER G 177 3.09 81.05 23.67
C SER G 177 4.49 81.22 24.23
N PHE G 178 4.74 80.63 25.42
CA PHE G 178 6.09 80.67 26.01
C PHE G 178 7.14 80.12 24.99
N LEU G 179 6.82 78.95 24.43
CA LEU G 179 7.76 78.22 23.58
C LEU G 179 7.92 78.92 22.25
N GLU G 180 6.84 79.40 21.67
CA GLU G 180 6.92 80.23 20.46
C GLU G 180 7.82 81.43 20.64
N LYS G 181 7.61 82.22 21.71
CA LYS G 181 8.44 83.41 22.00
C LYS G 181 9.91 83.02 22.14
N LYS G 182 10.20 81.89 22.76
CA LYS G 182 11.60 81.48 22.94
C LYS G 182 12.30 80.99 21.65
N VAL G 183 11.63 80.16 20.83
CA VAL G 183 12.28 79.73 19.55
C VAL G 183 12.56 80.85 18.55
N LYS G 184 11.66 81.82 18.45
CA LYS G 184 11.86 82.96 17.53
C LYS G 184 13.20 83.62 17.77
N LYS G 185 13.60 83.71 19.03
CA LYS G 185 14.90 84.30 19.46
C LYS G 185 16.11 83.46 19.10
N LYS G 186 15.94 82.14 19.12
CA LYS G 186 17.03 81.17 18.83
C LYS G 186 17.45 81.15 17.33
N PHE G 187 18.75 80.98 17.03
CA PHE G 187 19.24 80.82 15.62
C PHE G 187 18.86 79.46 15.00
N ASP G 188 18.46 79.54 13.74
CA ASP G 188 17.89 78.43 12.97
C ASP G 188 16.64 77.87 13.66
N TRP G 189 15.90 78.75 14.35
CA TRP G 189 14.67 78.47 15.12
C TRP G 189 14.67 77.12 15.87
N THR G 190 15.73 76.88 16.65
CA THR G 190 15.99 75.58 17.26
C THR G 190 16.46 75.68 18.71
N PHE G 191 15.77 74.92 19.56
CA PHE G 191 16.11 74.81 20.97
C PHE G 191 17.47 74.16 21.11
N GLU G 192 18.17 74.59 22.13
CA GLU G 192 19.52 74.13 22.38
C GLU G 192 19.64 73.63 23.85
N GLN G 193 19.05 74.34 24.84
CA GLN G 193 19.12 73.93 26.23
C GLN G 193 17.83 73.22 26.59
N THR G 194 17.73 71.97 26.17
CA THR G 194 16.41 71.42 26.01
C THR G 194 15.72 71.10 27.35
N VAL G 195 16.47 70.52 28.30
CA VAL G 195 15.83 70.20 29.61
C VAL G 195 15.46 71.49 30.33
N GLU G 196 16.32 72.50 30.26
CA GLU G 196 16.06 73.78 30.93
C GLU G 196 14.85 74.49 30.40
N THR G 197 14.74 74.53 29.06
CA THR G 197 13.61 75.16 28.43
C THR G 197 12.33 74.49 28.88
N ALA G 198 12.30 73.15 28.85
CA ALA G 198 11.08 72.41 29.28
C ALA G 198 10.69 72.73 30.71
N ILE G 199 11.64 72.71 31.63
CA ILE G 199 11.30 72.92 33.05
C ILE G 199 10.90 74.38 33.27
N THR G 200 11.66 75.29 32.70
CA THR G 200 11.35 76.73 32.78
C THR G 200 9.94 77.06 32.23
N CYS G 201 9.61 76.50 31.07
CA CYS G 201 8.32 76.71 30.48
C CYS G 201 7.27 76.25 31.44
N LEU G 202 7.46 75.07 31.98
CA LEU G 202 6.48 74.54 32.91
C LEU G 202 6.35 75.39 34.15
N SER G 203 7.48 75.81 34.68
CA SER G 203 7.52 76.60 35.90
C SER G 203 6.91 78.02 35.69
N THR G 204 7.09 78.59 34.51
CA THR G 204 6.51 79.89 34.20
C THR G 204 4.99 79.82 34.15
N VAL G 205 4.45 78.92 33.35
CA VAL G 205 3.03 78.92 33.12
C VAL G 205 2.25 78.47 34.35
N LEU G 206 2.85 77.67 35.22
CA LEU G 206 2.22 77.31 36.51
C LEU G 206 2.53 78.29 37.66
N SER G 207 3.61 79.08 37.54
CA SER G 207 4.15 79.89 38.63
C SER G 207 4.46 79.07 39.87
N ILE G 208 5.33 78.06 39.77
CA ILE G 208 5.59 77.21 40.93
C ILE G 208 7.02 77.28 41.44
N ASP G 209 8.01 77.06 40.59
CA ASP G 209 9.43 76.89 41.08
C ASP G 209 9.53 75.57 41.88
N PHE G 210 9.93 74.53 41.18
CA PHE G 210 9.66 73.15 41.58
C PHE G 210 10.63 72.58 42.58
N LYS G 211 10.17 71.60 43.34
CA LYS G 211 11.05 70.69 44.06
C LYS G 211 11.30 69.51 43.15
N PRO G 212 12.38 68.74 43.40
CA PRO G 212 12.65 67.63 42.48
C PRO G 212 11.60 66.51 42.48
N SER G 213 10.84 66.35 43.57
CA SER G 213 9.72 65.43 43.65
C SER G 213 8.39 65.89 43.04
N GLU G 214 8.32 67.13 42.53
CA GLU G 214 7.09 67.64 41.92
C GLU G 214 7.05 67.60 40.39
N ILE G 215 8.12 67.13 39.76
CA ILE G 215 8.11 66.91 38.33
C ILE G 215 8.73 65.56 37.99
N GLU G 216 8.38 65.05 36.82
CA GLU G 216 9.08 63.91 36.25
C GLU G 216 9.68 64.38 34.92
N VAL G 217 10.81 63.78 34.58
CA VAL G 217 11.56 64.10 33.39
C VAL G 217 12.03 62.84 32.75
N GLY G 218 11.78 62.74 31.46
CA GLY G 218 12.29 61.68 30.64
C GLY G 218 12.99 62.16 29.40
N VAL G 219 14.00 61.40 28.95
CA VAL G 219 14.90 61.86 27.86
C VAL G 219 15.25 60.75 26.86
N VAL G 220 15.52 61.13 25.61
CA VAL G 220 16.24 60.32 24.63
C VAL G 220 17.30 61.24 23.97
N THR G 221 18.49 60.69 23.67
CA THR G 221 19.60 61.48 23.08
C THR G 221 20.18 60.73 21.92
N VAL G 222 20.89 61.44 21.07
CA VAL G 222 21.50 60.81 19.91
C VAL G 222 22.63 59.87 20.37
N GLU G 223 23.41 60.26 21.38
CA GLU G 223 24.40 59.39 21.92
C GLU G 223 23.77 58.24 22.74
N ASN G 224 22.60 58.43 23.36
CA ASN G 224 22.00 57.40 24.21
C ASN G 224 20.51 57.34 23.87
N PRO G 225 20.15 56.59 22.81
CA PRO G 225 18.77 56.65 22.33
C PRO G 225 17.78 55.93 23.22
N LYS G 226 18.23 55.10 24.14
CA LYS G 226 17.30 54.39 24.99
C LYS G 226 16.57 55.43 25.88
N PHE G 227 15.27 55.35 25.96
CA PHE G 227 14.48 56.22 26.82
C PHE G 227 14.91 56.10 28.28
N ARG G 228 15.16 57.22 28.95
CA ARG G 228 15.64 57.25 30.32
C ARG G 228 14.78 58.19 31.19
N ILE G 229 14.43 57.74 32.40
CA ILE G 229 13.71 58.56 33.37
C ILE G 229 14.77 59.08 34.33
N LEU G 230 14.78 60.39 34.55
CA LEU G 230 15.69 60.98 35.53
C LEU G 230 15.23 60.63 36.93
N THR G 231 16.19 60.37 37.77
CA THR G 231 15.99 60.28 39.18
C THR G 231 15.74 61.71 39.76
N GLU G 232 15.32 61.75 41.01
CA GLU G 232 15.21 62.98 41.81
C GLU G 232 16.49 63.81 41.88
N ALA G 233 17.60 63.16 42.23
CA ALA G 233 18.88 63.76 42.34
C ALA G 233 19.33 64.36 41.00
N GLU G 234 19.15 63.60 39.92
CA GLU G 234 19.43 64.12 38.60
C GLU G 234 18.59 65.39 38.28
N ILE G 235 17.30 65.35 38.60
CA ILE G 235 16.40 66.48 38.36
C ILE G 235 16.82 67.67 39.22
N ASP G 236 17.18 67.40 40.46
CA ASP G 236 17.61 68.41 41.40
C ASP G 236 18.83 69.14 40.86
N ALA G 237 19.77 68.41 40.25
CA ALA G 237 20.97 69.07 39.71
C ALA G 237 20.56 70.08 38.66
N HIS G 238 19.54 69.78 37.85
CA HIS G 238 19.04 70.75 36.90
C HIS G 238 18.36 71.93 37.58
N LEU G 239 17.53 71.68 38.57
CA LEU G 239 16.85 72.75 39.26
C LEU G 239 17.83 73.75 39.97
N VAL G 240 18.98 73.24 40.44
CA VAL G 240 20.00 73.99 41.16
C VAL G 240 20.84 74.80 40.17
N ALA G 241 21.20 74.19 39.03
CA ALA G 241 21.91 74.90 37.96
C ALA G 241 21.12 76.08 37.43
N LEU G 242 19.80 75.91 37.37
CA LEU G 242 18.91 76.98 36.98
C LEU G 242 18.82 78.04 38.04
N ALA G 243 18.56 77.64 39.27
CA ALA G 243 18.48 78.56 40.42
C ALA G 243 19.64 79.57 40.52
N GLU G 244 20.85 79.16 40.13
CA GLU G 244 22.05 79.97 40.21
C GLU G 244 22.54 80.62 38.88
N ARG G 245 22.02 81.77 38.45
CA ARG G 245 22.59 82.51 37.30
C ARG G 245 22.38 84.02 37.29
N THR H 1 16.61 26.10 -13.34
CA THR H 1 16.99 27.47 -12.98
C THR H 1 18.32 27.57 -12.27
N THR H 2 19.04 28.63 -12.59
CA THR H 2 20.21 29.00 -11.86
C THR H 2 20.04 30.45 -11.48
N ILE H 3 19.94 30.73 -10.19
CA ILE H 3 19.90 32.11 -9.69
C ILE H 3 20.96 32.25 -8.58
N ALA H 4 21.52 33.43 -8.48
CA ALA H 4 22.65 33.67 -7.61
C ALA H 4 22.76 35.15 -7.26
N GLY H 5 23.51 35.40 -6.21
CA GLY H 5 23.79 36.76 -5.76
C GLY H 5 25.04 36.80 -4.95
N VAL H 6 25.62 37.98 -4.96
CA VAL H 6 26.87 38.29 -4.33
C VAL H 6 26.81 39.69 -3.72
N VAL H 7 27.46 39.85 -2.55
CA VAL H 7 27.63 41.15 -1.97
C VAL H 7 29.04 41.62 -2.45
N TYR H 8 29.10 42.77 -3.06
CA TYR H 8 30.43 43.37 -3.47
C TYR H 8 30.69 44.61 -2.67
N LYS H 9 31.83 45.30 -2.93
CA LYS H 9 32.26 46.34 -2.07
C LYS H 9 31.04 47.27 -1.77
N ASP H 10 30.40 47.71 -2.86
CA ASP H 10 29.44 48.83 -2.87
C ASP H 10 28.02 48.47 -3.11
N GLY H 11 27.72 47.17 -3.05
CA GLY H 11 26.36 46.76 -3.34
C GLY H 11 26.14 45.26 -3.47
N ILE H 12 25.17 44.97 -4.30
CA ILE H 12 24.71 43.64 -4.61
C ILE H 12 24.74 43.44 -6.14
N VAL H 13 25.18 42.25 -6.56
CA VAL H 13 24.93 41.79 -7.92
C VAL H 13 24.06 40.54 -7.82
N LEU H 14 22.91 40.57 -8.50
CA LEU H 14 22.04 39.38 -8.68
C LEU H 14 22.15 38.88 -10.10
N GLY H 15 22.00 37.57 -10.22
CA GLY H 15 22.04 36.92 -11.52
C GLY H 15 21.00 35.87 -11.75
N ALA H 16 20.67 35.64 -13.03
CA ALA H 16 19.78 34.53 -13.38
C ALA H 16 19.85 34.11 -14.80
N ASP H 17 19.43 32.86 -15.06
CA ASP H 17 19.29 32.31 -16.42
C ASP H 17 17.87 32.62 -16.86
N THR H 18 17.52 32.27 -18.08
CA THR H 18 16.24 32.64 -18.62
C THR H 18 15.41 31.50 -19.16
N ARG H 19 15.78 30.26 -18.81
CA ARG H 19 15.01 29.09 -19.24
C ARG H 19 13.91 28.77 -18.26
N ALA H 20 12.72 28.52 -18.78
CA ALA H 20 11.69 27.80 -18.06
C ALA H 20 11.30 26.50 -18.78
N THR H 21 11.08 25.44 -18.00
CA THR H 21 10.75 24.17 -18.53
C THR H 21 9.41 23.67 -17.99
N GLU H 22 8.77 22.82 -18.80
CA GLU H 22 7.52 22.16 -18.49
C GLU H 22 7.89 20.74 -18.82
N GLY H 23 7.91 19.88 -17.82
CA GLY H 23 8.52 18.56 -18.01
C GLY H 23 10.01 18.74 -18.35
N MET H 24 10.51 17.98 -19.31
CA MET H 24 11.87 18.18 -19.74
C MET H 24 11.85 18.88 -21.13
N VAL H 25 10.89 19.80 -21.31
CA VAL H 25 10.73 20.61 -22.51
C VAL H 25 10.86 22.05 -22.16
N VAL H 26 11.62 22.80 -22.99
CA VAL H 26 11.73 24.24 -22.78
C VAL H 26 10.45 24.92 -23.22
N ALA H 27 9.86 25.64 -22.32
CA ALA H 27 8.58 26.37 -22.55
C ALA H 27 8.83 27.82 -22.83
N ASP H 28 9.73 28.39 -22.08
CA ASP H 28 10.20 29.76 -22.35
C ASP H 28 11.72 29.79 -22.42
N LYS H 29 12.20 30.36 -23.49
CA LYS H 29 13.60 30.67 -23.69
C LYS H 29 14.08 31.93 -23.06
N ASN H 30 13.16 32.80 -22.67
CA ASN H 30 13.52 34.16 -22.21
C ASN H 30 12.67 34.66 -21.10
N CYS H 31 12.56 33.80 -20.11
CA CYS H 31 11.83 34.08 -18.92
C CYS H 31 12.61 35.13 -18.07
N SER H 32 11.93 36.09 -17.43
CA SER H 32 12.61 37.09 -16.60
C SER H 32 12.52 36.67 -15.16
N LYS H 33 13.64 36.27 -14.53
CA LYS H 33 13.61 35.65 -13.19
C LYS H 33 14.08 36.63 -12.11
N ILE H 34 14.56 37.81 -12.51
CA ILE H 34 14.93 38.84 -11.55
C ILE H 34 13.79 39.86 -11.36
N HIS H 35 13.07 39.79 -10.23
CA HIS H 35 11.83 40.55 -9.97
C HIS H 35 12.03 41.81 -9.11
N PHE H 36 11.41 42.92 -9.56
CA PHE H 36 11.29 44.12 -8.81
C PHE H 36 10.59 43.89 -7.46
N ILE H 37 11.23 44.36 -6.39
CA ILE H 37 10.58 44.43 -5.08
C ILE H 37 10.30 45.86 -4.70
N SER H 38 11.36 46.70 -4.74
CA SER H 38 11.25 48.08 -4.56
C SER H 38 12.40 48.80 -5.36
N PRO H 39 12.38 50.12 -5.50
CA PRO H 39 13.49 50.70 -6.35
C PRO H 39 14.93 50.26 -5.89
N ASN H 40 15.12 49.94 -4.60
CA ASN H 40 16.41 49.49 -4.04
C ASN H 40 16.53 47.98 -3.70
N ILE H 41 15.49 47.21 -4.03
CA ILE H 41 15.47 45.79 -3.69
C ILE H 41 14.91 44.94 -4.83
N TYR H 42 15.69 43.95 -5.25
CA TYR H 42 15.24 42.98 -6.26
C TYR H 42 15.34 41.58 -5.67
N CYS H 43 14.73 40.65 -6.38
CA CYS H 43 14.54 39.23 -5.90
C CYS H 43 14.52 38.25 -7.06
N CYS H 44 15.51 37.35 -7.11
CA CYS H 44 15.56 36.28 -8.12
C CYS H 44 14.65 35.20 -7.65
N GLY H 45 13.98 34.55 -8.60
CA GLY H 45 13.07 33.44 -8.25
C GLY H 45 13.36 32.12 -8.98
N ALA H 46 13.35 31.02 -8.19
CA ALA H 46 13.45 29.69 -8.70
C ALA H 46 12.26 28.88 -8.12
N GLY H 47 11.88 27.83 -8.75
CA GLY H 47 10.86 26.90 -8.18
C GLY H 47 9.67 26.98 -9.08
N THR H 48 8.46 26.95 -8.52
CA THR H 48 7.21 27.00 -9.33
C THR H 48 6.97 28.43 -9.82
N ALA H 49 6.88 28.62 -11.12
CA ALA H 49 6.93 29.95 -11.73
C ALA H 49 5.79 30.83 -11.29
N ALA H 50 4.57 30.28 -11.20
CA ALA H 50 3.42 31.09 -10.82
C ALA H 50 3.67 31.55 -9.33
N ASP H 51 4.26 30.71 -8.52
CA ASP H 51 4.44 31.03 -7.11
C ASP H 51 5.54 32.10 -6.92
N THR H 52 6.63 32.02 -7.63
CA THR H 52 7.66 33.07 -7.51
C THR H 52 7.10 34.42 -7.97
N ASP H 53 6.41 34.40 -9.10
CA ASP H 53 5.73 35.61 -9.64
C ASP H 53 4.76 36.23 -8.70
N MET H 54 3.82 35.43 -8.19
CA MET H 54 2.82 35.96 -7.35
C MET H 54 3.34 36.40 -5.98
N THR H 55 4.24 35.62 -5.40
CA THR H 55 4.80 35.96 -4.12
C THR H 55 5.62 37.30 -4.19
N THR H 56 6.52 37.41 -5.14
CA THR H 56 7.28 38.66 -5.24
C THR H 56 6.38 39.86 -5.54
N GLN H 57 5.38 39.72 -6.42
CA GLN H 57 4.41 40.80 -6.74
C GLN H 57 3.64 41.24 -5.48
N LEU H 58 3.18 40.28 -4.71
CA LEU H 58 2.44 40.61 -3.50
C LEU H 58 3.28 41.36 -2.46
N ILE H 59 4.47 40.84 -2.20
CA ILE H 59 5.38 41.49 -1.25
C ILE H 59 5.82 42.88 -1.78
N SER H 60 6.01 43.00 -3.08
CA SER H 60 6.45 44.31 -3.68
C SER H 60 5.33 45.31 -3.43
N SER H 61 4.11 44.90 -3.67
CA SER H 61 2.98 45.71 -3.45
C SER H 61 2.75 46.13 -1.97
N ASN H 62 2.85 45.15 -1.03
CA ASN H 62 2.71 45.47 0.37
C ASN H 62 3.84 46.38 0.82
N LEU H 63 5.04 46.19 0.28
CA LEU H 63 6.16 47.10 0.55
C LEU H 63 5.98 48.49 0.02
N GLU H 64 5.29 48.62 -1.12
CA GLU H 64 4.98 49.93 -1.66
C GLU H 64 4.00 50.66 -0.74
N LEU H 65 2.98 49.95 -0.22
CA LEU H 65 2.10 50.46 0.81
C LEU H 65 2.87 50.89 2.08
N HIS H 66 3.81 50.09 2.50
CA HIS H 66 4.68 50.41 3.63
C HIS H 66 5.49 51.75 3.36
N SER H 67 6.16 51.85 2.22
CA SER H 67 6.97 53.02 1.96
C SER H 67 6.21 54.27 1.69
N LEU H 68 5.06 54.19 1.07
CA LEU H 68 4.18 55.31 0.88
C LEU H 68 3.80 55.88 2.26
N SER H 69 3.62 55.00 3.22
CA SER H 69 3.21 55.36 4.50
C SER H 69 4.39 55.93 5.32
N THR H 70 5.55 55.30 5.29
CA THR H 70 6.68 55.76 6.10
C THR H 70 7.38 56.95 5.45
N GLY H 71 7.15 57.18 4.14
CA GLY H 71 7.91 58.15 3.34
C GLY H 71 9.36 57.72 3.14
N ARG H 72 9.75 56.50 3.45
CA ARG H 72 11.17 56.11 3.42
C ARG H 72 11.33 54.93 2.45
N LEU H 73 12.54 54.76 2.03
CA LEU H 73 12.92 53.63 1.21
C LEU H 73 12.88 52.36 2.10
N PRO H 74 12.35 51.28 1.58
CA PRO H 74 12.26 50.12 2.42
C PRO H 74 13.59 49.47 2.74
N ARG H 75 13.55 48.64 3.74
CA ARG H 75 14.68 47.85 4.15
C ARG H 75 14.63 46.43 3.65
N VAL H 76 15.80 45.85 3.38
CA VAL H 76 15.86 44.48 2.89
C VAL H 76 15.31 43.54 3.99
N VAL H 77 15.63 43.79 5.27
CA VAL H 77 15.13 42.95 6.35
C VAL H 77 13.60 42.81 6.30
N THR H 78 12.92 43.88 5.95
CA THR H 78 11.50 43.90 5.82
C THR H 78 10.97 43.00 4.75
N ALA H 79 11.51 43.11 3.53
CA ALA H 79 11.13 42.16 2.48
C ALA H 79 11.38 40.71 2.94
N ASN H 80 12.53 40.47 3.59
CA ASN H 80 12.84 39.14 4.07
C ASN H 80 11.81 38.60 5.06
N ARG H 81 11.49 39.37 6.09
CA ARG H 81 10.49 38.98 7.10
C ARG H 81 9.16 38.67 6.45
N MET H 82 8.71 39.58 5.61
CA MET H 82 7.41 39.40 4.95
C MET H 82 7.32 38.12 4.10
N LEU H 83 8.37 37.85 3.34
CA LEU H 83 8.45 36.67 2.46
C LEU H 83 8.50 35.42 3.31
N LYS H 84 9.35 35.42 4.29
CA LYS H 84 9.49 34.19 5.13
C LYS H 84 8.28 33.88 5.96
N GLN H 85 7.63 34.88 6.56
CA GLN H 85 6.43 34.65 7.35
C GLN H 85 5.24 34.14 6.47
N MET H 86 5.12 34.65 5.23
CA MET H 86 4.17 34.12 4.31
C MET H 86 4.50 32.66 3.91
N LEU H 87 5.75 32.37 3.51
CA LEU H 87 6.12 31.06 3.06
C LEU H 87 6.00 30.02 4.24
N PHE H 88 6.34 30.44 5.45
CA PHE H 88 6.16 29.58 6.64
C PHE H 88 4.72 29.24 6.84
N ARG H 89 3.85 30.24 6.77
CA ARG H 89 2.41 30.04 6.92
C ARG H 89 1.86 29.02 5.94
N TYR H 90 2.39 28.99 4.71
CA TYR H 90 1.94 28.04 3.69
C TYR H 90 2.70 26.71 3.71
N GLN H 91 3.65 26.58 4.62
CA GLN H 91 4.15 25.24 5.03
C GLN H 91 4.90 24.57 3.91
N GLY H 92 5.41 25.38 2.99
CA GLY H 92 6.17 24.81 1.91
C GLY H 92 5.35 24.52 0.66
N TYR H 93 4.06 24.74 0.68
CA TYR H 93 3.22 24.56 -0.50
C TYR H 93 3.34 25.66 -1.52
N ILE H 94 3.97 26.78 -1.19
CA ILE H 94 4.28 27.81 -2.18
C ILE H 94 5.70 27.58 -2.53
N GLY H 95 5.93 27.10 -3.74
CA GLY H 95 7.22 26.59 -4.09
C GLY H 95 8.08 27.74 -4.61
N ALA H 96 8.37 28.73 -3.77
CA ALA H 96 9.26 29.84 -4.12
C ALA H 96 10.58 29.72 -3.39
N ALA H 97 11.66 29.63 -4.18
CA ALA H 97 12.99 29.66 -3.67
C ALA H 97 13.65 30.96 -4.22
N LEU H 98 14.08 31.85 -3.35
CA LEU H 98 14.36 33.22 -3.70
C LEU H 98 15.74 33.64 -3.28
N VAL H 99 16.29 34.54 -4.09
CA VAL H 99 17.54 35.23 -3.71
C VAL H 99 17.17 36.75 -3.66
N LEU H 100 17.19 37.30 -2.46
CA LEU H 100 16.72 38.58 -2.19
C LEU H 100 17.94 39.45 -1.87
N GLY H 101 18.08 40.50 -2.64
CA GLY H 101 19.19 41.41 -2.47
C GLY H 101 18.76 42.86 -2.63
N GLY H 102 19.37 43.72 -1.82
CA GLY H 102 19.17 45.16 -1.93
C GLY H 102 20.16 45.99 -1.16
N VAL H 103 19.97 47.29 -1.31
CA VAL H 103 20.74 48.28 -0.60
C VAL H 103 19.80 49.27 0.07
N ASP H 104 19.97 49.38 1.38
CA ASP H 104 19.13 50.26 2.17
C ASP H 104 19.99 51.16 3.08
N VAL H 105 19.36 51.94 3.97
CA VAL H 105 20.03 52.84 4.87
C VAL H 105 21.14 52.19 5.63
N THR H 106 21.04 50.91 5.94
CA THR H 106 22.12 50.19 6.64
C THR H 106 23.08 49.50 5.71
N GLY H 107 23.00 49.79 4.41
CA GLY H 107 23.91 49.16 3.45
C GLY H 107 23.39 47.93 2.68
N PRO H 108 24.31 47.17 2.06
CA PRO H 108 23.89 46.04 1.21
C PRO H 108 23.54 44.79 2.00
N HIS H 109 22.53 44.07 1.57
CA HIS H 109 22.13 42.85 2.30
C HIS H 109 21.62 41.86 1.27
N LEU H 110 21.97 40.61 1.52
CA LEU H 110 21.61 39.51 0.66
C LEU H 110 21.14 38.32 1.43
N TYR H 111 20.01 37.75 1.01
CA TYR H 111 19.39 36.60 1.71
C TYR H 111 18.97 35.53 0.69
N SER H 112 19.08 34.27 1.07
CA SER H 112 18.44 33.23 0.36
C SER H 112 17.20 32.84 1.18
N ILE H 113 16.08 32.52 0.52
CA ILE H 113 14.83 32.25 1.15
C ILE H 113 14.28 30.99 0.56
N TYR H 114 13.98 30.00 1.44
CA TYR H 114 13.49 28.72 1.03
C TYR H 114 11.96 28.51 1.14
N PRO H 115 11.37 27.54 0.38
CA PRO H 115 9.94 27.46 0.35
C PRO H 115 9.27 27.24 1.68
N HIS H 116 9.90 26.52 2.59
CA HIS H 116 9.29 26.29 3.92
C HIS H 116 9.44 27.52 4.82
N GLY H 117 10.17 28.58 4.37
CA GLY H 117 10.25 29.78 5.15
C GLY H 117 11.56 30.00 5.91
N SER H 118 12.61 29.21 5.67
CA SER H 118 13.89 29.48 6.29
C SER H 118 14.63 30.48 5.43
N THR H 119 15.45 31.28 6.06
CA THR H 119 16.30 32.22 5.34
C THR H 119 17.71 32.19 5.93
N ASP H 120 18.69 32.51 5.08
CA ASP H 120 20.08 32.57 5.48
C ASP H 120 20.62 33.93 4.89
N LYS H 121 21.32 34.71 5.71
CA LYS H 121 21.88 35.97 5.33
C LYS H 121 23.37 35.73 5.13
N LEU H 122 23.84 35.88 3.90
CA LEU H 122 25.13 35.44 3.48
C LEU H 122 25.70 36.35 2.41
N PRO H 123 27.00 36.35 2.23
CA PRO H 123 27.60 37.29 1.22
C PRO H 123 27.52 36.77 -0.22
N TYR H 124 27.18 35.48 -0.40
CA TYR H 124 26.93 34.90 -1.68
C TYR H 124 26.02 33.69 -1.53
N VAL H 125 25.06 33.57 -2.43
CA VAL H 125 24.09 32.51 -2.34
C VAL H 125 23.71 32.09 -3.71
N THR H 126 23.16 30.88 -3.82
CA THR H 126 22.69 30.36 -5.07
C THR H 126 21.43 29.47 -4.83
N MET H 127 20.53 29.43 -5.82
CA MET H 127 19.30 28.59 -5.74
CA MET H 127 19.31 28.57 -5.76
C MET H 127 18.98 28.05 -7.15
N GLY H 128 18.11 27.06 -7.18
CA GLY H 128 17.66 26.45 -8.41
C GLY H 128 18.34 25.12 -8.64
N SER H 129 17.91 24.42 -9.65
CA SER H 129 18.56 23.16 -10.05
C SER H 129 20.03 23.32 -10.48
N GLY H 130 20.46 24.53 -10.85
CA GLY H 130 21.89 24.78 -11.18
C GLY H 130 22.66 25.37 -10.03
N SER H 131 22.08 25.36 -8.82
CA SER H 131 22.71 26.06 -7.73
C SER H 131 24.09 25.51 -7.28
N LEU H 132 24.33 24.21 -7.41
CA LEU H 132 25.60 23.65 -7.04
C LEU H 132 26.73 24.04 -8.02
N ALA H 133 26.41 24.09 -9.31
CA ALA H 133 27.36 24.52 -10.32
C ALA H 133 27.78 25.97 -10.05
N ALA H 134 26.80 26.85 -9.83
CA ALA H 134 27.03 28.23 -9.51
C ALA H 134 27.78 28.42 -8.15
N MET H 135 27.40 27.61 -7.14
CA MET H 135 28.12 27.61 -5.87
C MET H 135 29.59 27.18 -5.94
N ALA H 136 29.91 26.24 -6.82
CA ALA H 136 31.25 25.82 -6.98
C ALA H 136 32.11 27.03 -7.53
N VAL H 137 31.55 27.81 -8.44
CA VAL H 137 32.25 28.98 -8.95
C VAL H 137 32.51 29.97 -7.83
N PHE H 138 31.46 30.21 -7.00
CA PHE H 138 31.58 31.12 -5.86
C PHE H 138 32.62 30.64 -4.85
N GLU H 139 32.55 29.37 -4.41
CA GLU H 139 33.56 28.87 -3.46
C GLU H 139 35.00 29.01 -3.99
N ASP H 140 35.18 28.81 -5.29
CA ASP H 140 36.45 28.83 -5.90
C ASP H 140 37.03 30.25 -6.10
N LYS H 141 36.17 31.23 -6.34
CA LYS H 141 36.61 32.56 -6.78
C LYS H 141 36.07 33.77 -6.01
N PHE H 142 35.07 33.63 -5.14
CA PHE H 142 34.57 34.77 -4.43
C PHE H 142 35.72 35.40 -3.57
N ARG H 143 35.76 36.71 -3.52
CA ARG H 143 36.59 37.40 -2.54
C ARG H 143 35.68 38.43 -1.91
N PRO H 144 35.92 38.74 -0.65
CA PRO H 144 35.24 39.94 -0.11
C PRO H 144 35.65 41.28 -0.80
N ASP H 145 34.74 42.24 -0.80
CA ASP H 145 34.93 43.57 -1.30
C ASP H 145 35.37 43.63 -2.73
N MET H 146 34.79 42.84 -3.57
CA MET H 146 35.11 42.96 -4.98
C MET H 146 34.61 44.27 -5.54
N GLU H 147 35.27 44.69 -6.60
CA GLU H 147 34.82 45.83 -7.40
C GLU H 147 33.66 45.41 -8.29
N GLU H 148 32.99 46.40 -8.83
CA GLU H 148 31.76 46.19 -9.52
C GLU H 148 31.92 45.25 -10.70
N GLU H 149 32.91 45.53 -11.54
CA GLU H 149 33.13 44.68 -12.69
C GLU H 149 33.60 43.26 -12.33
N GLU H 150 34.45 43.10 -11.31
CA GLU H 150 34.85 41.79 -10.87
C GLU H 150 33.59 40.97 -10.44
N ALA H 151 32.70 41.59 -9.68
CA ALA H 151 31.48 40.94 -9.13
C ALA H 151 30.50 40.55 -10.21
N LYS H 152 30.41 41.37 -11.25
CA LYS H 152 29.60 41.06 -12.41
C LYS H 152 30.16 39.88 -13.18
N ASN H 153 31.48 39.87 -13.42
CA ASN H 153 32.18 38.73 -14.00
C ASN H 153 31.92 37.43 -13.25
N LEU H 154 32.02 37.47 -11.92
CA LEU H 154 31.89 36.31 -11.10
C LEU H 154 30.43 35.79 -11.13
N VAL H 155 29.45 36.67 -11.07
CA VAL H 155 28.04 36.22 -11.08
C VAL H 155 27.69 35.67 -12.46
N SER H 156 28.15 36.30 -13.54
CA SER H 156 27.90 35.70 -14.84
C SER H 156 28.60 34.36 -15.04
N GLU H 157 29.82 34.19 -14.55
CA GLU H 157 30.47 32.92 -14.65
C GLU H 157 29.62 31.82 -13.88
N ALA H 158 29.09 32.20 -12.73
CA ALA H 158 28.33 31.27 -11.89
C ALA H 158 27.06 30.90 -12.52
N ILE H 159 26.36 31.85 -13.10
CA ILE H 159 25.16 31.54 -13.88
C ILE H 159 25.52 30.67 -15.08
N ALA H 160 26.59 31.01 -15.79
CA ALA H 160 27.01 30.22 -16.95
C ALA H 160 27.30 28.75 -16.52
N ALA H 161 27.87 28.55 -15.34
CA ALA H 161 28.20 27.22 -14.92
C ALA H 161 26.85 26.40 -14.79
N GLY H 162 25.79 27.02 -14.31
CA GLY H 162 24.47 26.37 -14.24
C GLY H 162 23.88 26.12 -15.60
N ILE H 163 24.00 27.14 -16.49
CA ILE H 163 23.46 27.05 -17.86
C ILE H 163 24.01 25.88 -18.65
N PHE H 164 25.32 25.67 -18.50
CA PHE H 164 25.96 24.65 -19.24
C PHE H 164 25.97 23.26 -18.61
N ASN H 165 25.83 23.16 -17.31
CA ASN H 165 25.90 21.86 -16.59
C ASN H 165 24.61 21.29 -16.04
N ASP H 166 23.56 22.07 -16.08
CA ASP H 166 22.24 21.78 -15.61
C ASP H 166 21.22 21.83 -16.77
N LEU H 167 20.54 20.70 -16.96
CA LEU H 167 19.52 20.63 -17.98
C LEU H 167 18.27 21.52 -17.71
N GLY H 168 18.03 21.88 -16.46
CA GLY H 168 17.00 22.79 -16.10
C GLY H 168 17.33 24.27 -16.34
N SER H 169 18.50 24.58 -16.84
CA SER H 169 18.95 25.97 -17.02
C SER H 169 19.39 26.16 -18.40
N GLY H 170 19.23 27.38 -18.83
CA GLY H 170 19.73 27.75 -20.19
C GLY H 170 19.55 29.20 -20.66
N SER H 171 19.82 29.38 -21.92
CA SER H 171 19.54 30.60 -22.66
C SER H 171 20.41 31.71 -22.09
N ASN H 172 19.83 32.84 -21.70
CA ASN H 172 20.64 34.06 -21.44
C ASN H 172 21.00 34.19 -19.98
N ILE H 173 21.96 35.08 -19.75
CA ILE H 173 22.32 35.52 -18.40
C ILE H 173 21.80 36.94 -18.21
N ASP H 174 20.94 37.13 -17.21
CA ASP H 174 20.47 38.48 -16.78
C ASP H 174 21.18 38.84 -15.48
N LEU H 175 21.59 40.09 -15.33
CA LEU H 175 22.09 40.63 -14.07
C LEU H 175 21.30 41.82 -13.56
N CYS H 176 21.38 42.06 -12.26
CA CYS H 176 20.92 43.29 -11.66
C CYS H 176 21.98 43.78 -10.68
N VAL H 177 22.46 45.00 -10.88
CA VAL H 177 23.44 45.63 -10.01
C VAL H 177 22.79 46.75 -9.22
N ILE H 178 22.97 46.71 -7.91
CA ILE H 178 22.31 47.61 -6.98
C ILE H 178 23.36 48.18 -6.09
N SER H 179 23.53 49.49 -6.13
CA SER H 179 24.39 50.22 -5.16
C SER H 179 23.61 51.37 -4.55
N LYS H 180 24.22 52.08 -3.57
CA LYS H 180 23.67 53.35 -3.02
C LYS H 180 23.32 54.33 -4.14
N ASN H 181 24.13 54.36 -5.19
CA ASN H 181 23.98 55.37 -6.24
C ASN H 181 23.25 54.98 -7.52
N LYS H 182 23.04 53.70 -7.74
CA LYS H 182 22.69 53.23 -9.06
C LYS H 182 21.93 51.89 -9.00
N LEU H 183 21.03 51.71 -9.99
CA LEU H 183 20.43 50.45 -10.32
C LEU H 183 20.56 50.17 -11.82
N ASP H 184 21.37 49.15 -12.16
CA ASP H 184 21.55 48.64 -13.52
C ASP H 184 20.87 47.29 -13.69
N PHE H 185 19.78 47.25 -14.43
CA PHE H 185 18.99 46.04 -14.72
C PHE H 185 19.42 45.62 -16.08
N LEU H 186 20.25 44.56 -16.16
CA LEU H 186 20.97 44.18 -17.39
C LEU H 186 20.34 42.92 -17.94
N ARG H 187 19.38 43.12 -18.83
CA ARG H 187 18.56 42.05 -19.40
CA ARG H 187 18.56 42.05 -19.40
C ARG H 187 18.50 42.17 -20.91
N PRO H 188 19.18 41.32 -21.67
CA PRO H 188 20.16 40.33 -21.22
C PRO H 188 21.51 40.96 -20.87
N TYR H 189 22.26 40.35 -19.97
CA TYR H 189 23.67 40.66 -19.78
C TYR H 189 24.52 40.01 -20.82
N THR H 190 24.28 38.74 -21.05
CA THR H 190 25.00 37.92 -22.03
C THR H 190 24.03 36.96 -22.72
N VAL H 191 24.33 36.65 -24.00
CA VAL H 191 23.54 35.67 -24.77
C VAL H 191 24.51 34.58 -25.19
N PRO H 192 24.88 33.64 -24.26
CA PRO H 192 25.86 32.61 -24.62
C PRO H 192 25.30 31.51 -25.55
N ASN H 193 23.98 31.40 -25.72
CA ASN H 193 23.36 30.37 -26.58
C ASN H 193 22.49 30.93 -27.66
N LYS H 194 22.46 30.26 -28.78
CA LYS H 194 21.74 30.77 -29.95
C LYS H 194 21.23 29.59 -30.77
N LYS H 195 20.03 29.73 -31.31
CA LYS H 195 19.55 28.77 -32.29
C LYS H 195 20.47 28.79 -33.50
N GLY H 196 20.82 27.60 -34.03
CA GLY H 196 21.53 27.55 -35.35
C GLY H 196 20.69 28.10 -36.49
N THR H 197 21.30 28.47 -37.61
CA THR H 197 20.44 29.01 -38.67
C THR H 197 19.95 27.91 -39.58
N ARG H 198 18.77 28.21 -40.13
CA ARG H 198 17.99 27.31 -40.94
C ARG H 198 18.63 27.12 -42.31
N LEU H 199 18.89 25.88 -42.69
CA LEU H 199 19.55 25.57 -43.98
C LEU H 199 18.58 25.47 -45.15
N GLY H 200 17.38 24.94 -44.92
CA GLY H 200 16.33 24.83 -45.98
C GLY H 200 15.31 25.96 -45.87
N ARG H 201 14.39 26.06 -46.83
CA ARG H 201 13.21 26.98 -46.67
C ARG H 201 11.89 26.22 -46.88
N TYR H 202 10.95 26.50 -46.00
CA TYR H 202 9.62 25.91 -46.03
C TYR H 202 8.51 27.01 -46.17
N ARG H 203 8.85 28.09 -46.89
CA ARG H 203 7.93 29.19 -47.29
C ARG H 203 6.80 28.68 -48.21
N CYS H 204 5.74 28.16 -47.56
CA CYS H 204 4.62 27.55 -48.28
C CYS H 204 3.67 28.62 -48.87
N GLU H 205 3.67 28.65 -50.19
CA GLU H 205 2.84 29.55 -50.95
C GLU H 205 1.34 29.34 -50.78
N LYS H 206 0.58 30.41 -51.04
CA LYS H 206 -0.88 30.43 -50.96
C LYS H 206 -1.51 29.28 -51.78
N GLY H 207 -2.47 28.59 -51.17
CA GLY H 207 -3.15 27.42 -51.74
C GLY H 207 -2.55 26.06 -51.42
N THR H 208 -1.36 26.05 -50.81
CA THR H 208 -0.73 24.83 -50.29
C THR H 208 -1.65 24.09 -49.32
N THR H 209 -2.23 24.85 -48.39
CA THR H 209 -3.20 24.36 -47.43
C THR H 209 -4.62 24.33 -48.06
N ALA H 210 -5.22 23.17 -48.22
CA ALA H 210 -6.60 23.06 -48.65
C ALA H 210 -7.59 23.53 -47.58
N VAL H 211 -8.59 24.28 -48.03
CA VAL H 211 -9.52 24.95 -47.16
C VAL H 211 -10.93 24.48 -47.43
N LEU H 212 -11.66 24.15 -46.36
CA LEU H 212 -13.07 23.74 -46.45
C LEU H 212 -14.05 24.88 -46.41
N THR H 213 -13.79 25.91 -45.62
CA THR H 213 -14.76 26.96 -45.30
C THR H 213 -13.98 28.21 -44.95
N GLU H 214 -14.56 29.34 -45.28
CA GLU H 214 -13.97 30.64 -44.98
C GLU H 214 -15.08 31.65 -44.68
N LYS H 215 -14.82 32.52 -43.72
CA LYS H 215 -15.69 33.64 -43.43
C LYS H 215 -14.78 34.85 -43.11
N ILE H 216 -14.96 35.92 -43.87
CA ILE H 216 -14.37 37.22 -43.58
C ILE H 216 -15.42 38.02 -42.81
N THR H 217 -15.00 38.59 -41.69
CA THR H 217 -15.81 39.54 -40.93
C THR H 217 -15.01 40.86 -40.89
N PRO H 218 -15.51 41.92 -41.60
CA PRO H 218 -14.86 43.24 -41.57
C PRO H 218 -15.09 43.93 -40.23
N LEU H 219 -14.10 44.65 -39.74
CA LEU H 219 -14.15 45.43 -38.48
C LEU H 219 -13.95 46.96 -38.72
N GLU H 220 -13.94 47.79 -37.68
CA GLU H 220 -13.89 49.26 -37.85
C GLU H 220 -12.50 49.86 -37.88
N SER I 2 -3.36 10.70 -17.27
CA SER I 2 -3.21 12.22 -17.12
C SER I 2 -4.53 12.98 -17.33
N ILE I 3 -4.89 13.87 -16.43
CA ILE I 3 -6.12 14.60 -16.45
C ILE I 3 -6.21 15.40 -17.76
N MET I 4 -5.10 15.95 -18.23
CA MET I 4 -5.09 16.81 -19.38
C MET I 4 -5.20 16.05 -20.64
N SER I 5 -4.91 14.76 -20.68
CA SER I 5 -5.19 14.02 -21.88
C SER I 5 -6.57 13.33 -21.96
N TYR I 6 -7.43 13.53 -20.94
CA TYR I 6 -8.74 12.81 -20.86
C TYR I 6 -9.60 13.20 -22.13
N ASN I 7 -9.59 14.49 -22.43
CA ASN I 7 -10.32 15.03 -23.62
C ASN I 7 -9.45 15.36 -24.81
N GLY I 8 -8.18 15.44 -24.60
CA GLY I 8 -7.24 15.65 -25.71
C GLY I 8 -7.34 17.09 -26.20
N GLY I 9 -6.67 17.46 -27.28
CA GLY I 9 -6.90 18.81 -27.80
C GLY I 9 -5.64 19.61 -27.94
N ALA I 10 -5.69 20.59 -28.81
CA ALA I 10 -4.51 21.37 -29.09
C ALA I 10 -4.89 22.71 -29.57
N VAL I 11 -4.16 23.71 -29.08
CA VAL I 11 -4.26 25.05 -29.56
C VAL I 11 -2.87 25.64 -29.82
N MET I 12 -2.81 26.62 -30.72
CA MET I 12 -1.60 27.38 -30.89
C MET I 12 -1.88 28.77 -31.38
N ALA I 13 -0.96 29.68 -31.13
CA ALA I 13 -1.07 31.03 -31.65
C ALA I 13 0.27 31.43 -32.20
N MET I 14 0.25 32.41 -33.08
CA MET I 14 1.43 32.75 -33.85
CA MET I 14 1.43 32.75 -33.85
C MET I 14 1.35 34.21 -34.36
N LYS I 15 2.48 34.89 -34.30
CA LYS I 15 2.57 36.30 -34.60
C LYS I 15 3.17 36.53 -36.01
N GLY I 16 2.55 37.42 -36.76
CA GLY I 16 3.14 38.01 -37.98
C GLY I 16 3.33 39.53 -37.96
N LYS I 17 3.56 40.11 -39.12
N LYS I 17 3.48 40.06 -39.18
CA LYS I 17 3.96 41.57 -39.16
CA LYS I 17 3.54 41.51 -39.48
C LYS I 17 3.15 42.70 -38.35
C LYS I 17 2.14 42.09 -39.69
N ASN I 18 1.86 42.87 -38.66
CA ASN I 18 0.66 43.51 -38.14
C ASN I 18 -0.55 42.58 -38.04
N CYS I 19 -0.31 41.34 -37.66
CA CYS I 19 -1.40 40.37 -37.64
C CYS I 19 -1.05 39.22 -36.74
N VAL I 20 -2.08 38.52 -36.24
CA VAL I 20 -1.85 37.31 -35.39
C VAL I 20 -2.77 36.21 -35.86
N ALA I 21 -2.43 34.98 -35.48
CA ALA I 21 -3.23 33.82 -35.85
C ALA I 21 -3.41 32.94 -34.65
N ILE I 22 -4.58 32.30 -34.56
CA ILE I 22 -4.84 31.34 -33.50
C ILE I 22 -5.62 30.18 -34.12
N ALA I 23 -5.30 28.95 -33.69
CA ALA I 23 -5.82 27.73 -34.30
C ALA I 23 -6.10 26.68 -33.24
N ALA I 24 -7.04 25.77 -33.55
CA ALA I 24 -7.38 24.70 -32.62
C ALA I 24 -7.89 23.49 -33.39
N ASP I 25 -7.73 22.29 -32.82
CA ASP I 25 -8.36 21.14 -33.34
C ASP I 25 -9.83 21.24 -32.94
N ARG I 26 -10.68 20.32 -33.45
CA ARG I 26 -12.12 20.44 -33.27
CA ARG I 26 -12.12 20.44 -33.27
C ARG I 26 -12.74 19.24 -32.54
N ARG I 27 -11.91 18.28 -32.13
CA ARG I 27 -12.36 17.04 -31.48
C ARG I 27 -12.83 17.31 -30.09
N PHE I 28 -14.03 16.81 -29.75
CA PHE I 28 -14.42 16.61 -28.35
C PHE I 28 -14.56 15.14 -28.21
N GLY I 29 -13.69 14.57 -27.40
CA GLY I 29 -13.73 13.18 -27.13
C GLY I 29 -13.48 12.90 -25.65
N ILE I 30 -13.81 11.66 -25.25
CA ILE I 30 -13.62 11.16 -23.92
C ILE I 30 -12.74 9.90 -24.04
N GLN I 31 -11.47 9.98 -23.55
CA GLN I 31 -10.47 9.00 -23.80
C GLN I 31 -10.49 8.65 -25.28
N ALA I 32 -10.61 7.37 -25.64
CA ALA I 32 -10.54 6.95 -27.02
C ALA I 32 -11.73 7.42 -27.89
N GLN I 33 -12.88 7.72 -27.27
CA GLN I 33 -14.11 7.91 -28.02
C GLN I 33 -14.34 9.35 -28.48
N MET I 34 -14.38 9.57 -29.82
CA MET I 34 -14.79 10.87 -30.34
C MET I 34 -16.28 10.97 -30.05
N VAL I 35 -16.69 12.10 -29.51
CA VAL I 35 -18.13 12.40 -29.22
C VAL I 35 -18.68 13.43 -30.23
N THR I 36 -17.85 14.41 -30.59
CA THR I 36 -18.31 15.43 -31.58
C THR I 36 -17.07 15.96 -32.27
N THR I 37 -17.22 16.53 -33.46
CA THR I 37 -16.14 17.06 -34.23
C THR I 37 -16.25 18.58 -34.53
N ASP I 38 -17.03 19.30 -33.74
CA ASP I 38 -17.12 20.78 -33.92
C ASP I 38 -17.09 21.50 -32.60
N PHE I 39 -16.21 21.09 -31.69
CA PHE I 39 -16.23 21.62 -30.31
C PHE I 39 -15.43 22.90 -30.29
N GLN I 40 -16.00 23.95 -29.72
CA GLN I 40 -15.32 25.26 -29.69
C GLN I 40 -14.27 25.38 -28.56
N LYS I 41 -13.06 25.76 -28.92
CA LYS I 41 -11.97 25.93 -27.98
C LYS I 41 -11.37 27.32 -28.05
N ILE I 42 -11.70 28.12 -29.10
CA ILE I 42 -11.26 29.49 -29.25
C ILE I 42 -12.47 30.45 -29.12
N PHE I 43 -12.33 31.47 -28.27
CA PHE I 43 -13.43 32.34 -27.87
C PHE I 43 -13.02 33.77 -27.99
N PRO I 44 -13.85 34.59 -28.61
CA PRO I 44 -13.60 36.04 -28.76
C PRO I 44 -13.71 36.78 -27.42
N MET I 45 -12.68 37.57 -27.11
CA MET I 45 -12.70 38.34 -25.90
C MET I 45 -12.67 39.82 -26.30
N GLY I 46 -13.06 40.10 -27.51
CA GLY I 46 -12.85 41.41 -28.11
C GLY I 46 -12.88 41.28 -29.61
N ASP I 47 -12.94 42.40 -30.28
CA ASP I 47 -12.97 42.39 -31.73
C ASP I 47 -11.69 41.82 -32.34
N ARG I 48 -10.54 42.14 -31.74
CA ARG I 48 -9.23 41.70 -32.16
C ARG I 48 -8.46 40.95 -31.07
N LEU I 49 -9.17 40.17 -30.27
CA LEU I 49 -8.54 39.48 -29.13
C LEU I 49 -9.30 38.20 -28.81
N TYR I 50 -8.61 37.07 -28.92
CA TYR I 50 -9.18 35.75 -28.78
C TYR I 50 -8.38 34.98 -27.75
N ILE I 51 -9.04 34.04 -27.06
CA ILE I 51 -8.41 33.11 -26.15
C ILE I 51 -8.72 31.69 -26.61
N GLY I 52 -7.69 30.86 -26.68
CA GLY I 52 -7.81 29.47 -26.99
C GLY I 52 -7.47 28.65 -25.78
N LEU I 53 -8.24 27.62 -25.52
CA LEU I 53 -8.07 26.81 -24.28
C LEU I 53 -8.02 25.39 -24.66
N ALA I 54 -6.97 24.69 -24.23
CA ALA I 54 -6.90 23.22 -24.39
C ALA I 54 -6.85 22.67 -22.99
N GLY I 55 -7.24 21.44 -22.86
CA GLY I 55 -7.21 20.78 -21.55
C GLY I 55 -8.55 20.06 -21.33
N LEU I 56 -8.96 19.95 -20.08
CA LEU I 56 -10.23 19.29 -19.71
C LEU I 56 -11.40 20.11 -20.17
N ALA I 57 -12.24 19.50 -21.02
CA ALA I 57 -13.28 20.24 -21.75
C ALA I 57 -14.20 20.98 -20.81
N THR I 58 -14.55 20.39 -19.65
CA THR I 58 -15.41 21.13 -18.79
C THR I 58 -14.81 22.47 -18.29
N ASP I 59 -13.49 22.48 -18.06
CA ASP I 59 -12.74 23.68 -17.59
C ASP I 59 -12.44 24.64 -18.72
N VAL I 60 -12.25 24.14 -19.91
CA VAL I 60 -12.22 25.01 -21.12
C VAL I 60 -13.45 25.91 -21.12
N GLN I 61 -14.63 25.30 -20.94
CA GLN I 61 -15.90 25.99 -20.94
C GLN I 61 -16.10 26.92 -19.73
N THR I 62 -15.84 26.44 -18.52
CA THR I 62 -15.94 27.23 -17.34
C THR I 62 -14.98 28.43 -17.33
N VAL I 63 -13.72 28.22 -17.69
CA VAL I 63 -12.74 29.32 -17.69
C VAL I 63 -13.08 30.38 -18.76
N ALA I 64 -13.52 29.94 -19.94
CA ALA I 64 -14.02 30.87 -20.97
C ALA I 64 -15.19 31.73 -20.46
N GLN I 65 -16.15 31.10 -19.80
CA GLN I 65 -17.34 31.74 -19.30
C GLN I 65 -17.09 32.69 -18.15
N ARG I 66 -16.32 32.25 -17.18
CA ARG I 66 -16.06 33.04 -16.04
C ARG I 66 -15.11 34.18 -16.42
N LEU I 67 -14.25 33.93 -17.39
CA LEU I 67 -13.40 35.00 -17.90
C LEU I 67 -14.28 36.04 -18.53
N LYS I 68 -15.27 35.60 -19.27
CA LYS I 68 -16.15 36.53 -19.99
C LYS I 68 -16.96 37.41 -19.02
N PHE I 69 -17.38 36.81 -17.92
CA PHE I 69 -18.05 37.48 -16.86
C PHE I 69 -17.19 38.62 -16.32
N ARG I 70 -15.96 38.31 -15.99
CA ARG I 70 -15.05 39.34 -15.52
C ARG I 70 -14.77 40.42 -16.52
N LEU I 71 -14.57 40.02 -17.74
CA LEU I 71 -14.22 40.98 -18.81
C LEU I 71 -15.35 41.92 -19.09
N ASN I 72 -16.57 41.40 -19.16
CA ASN I 72 -17.72 42.25 -19.41
C ASN I 72 -17.86 43.29 -18.33
N LEU I 73 -17.67 42.88 -17.05
CA LEU I 73 -17.73 43.84 -15.93
C LEU I 73 -16.63 44.87 -16.03
N TYR I 74 -15.41 44.43 -16.34
CA TYR I 74 -14.30 45.29 -16.56
C TYR I 74 -14.59 46.36 -17.64
N GLU I 75 -15.11 45.95 -18.77
CA GLU I 75 -15.34 46.87 -19.89
C GLU I 75 -16.46 47.89 -19.61
N LEU I 76 -17.52 47.45 -18.95
CA LEU I 76 -18.59 48.33 -18.55
C LEU I 76 -18.09 49.37 -17.57
N LYS I 77 -17.29 48.95 -16.59
CA LYS I 77 -16.77 49.86 -15.60
C LYS I 77 -15.71 50.83 -16.11
N GLU I 78 -14.82 50.33 -16.92
CA GLU I 78 -13.73 51.11 -17.43
C GLU I 78 -14.24 51.83 -18.69
N GLY I 79 -13.53 52.73 -19.21
CA GLY I 79 -14.16 53.23 -20.45
C GLY I 79 -14.22 52.43 -21.76
N ARG I 80 -13.91 51.15 -21.79
CA ARG I 80 -13.00 50.74 -22.90
C ARG I 80 -12.77 49.28 -23.10
N GLN I 81 -12.23 48.99 -24.26
CA GLN I 81 -11.79 47.64 -24.61
C GLN I 81 -10.51 47.22 -23.91
N ILE I 82 -10.46 45.99 -23.43
CA ILE I 82 -9.29 45.58 -22.65
C ILE I 82 -8.05 45.42 -23.56
N LYS I 83 -6.91 45.84 -23.06
CA LYS I 83 -5.65 45.51 -23.68
C LYS I 83 -5.28 44.02 -23.57
N PRO I 84 -4.54 43.51 -24.58
CA PRO I 84 -4.08 42.12 -24.58
C PRO I 84 -3.29 41.70 -23.34
N TYR I 85 -2.33 42.52 -22.96
CA TYR I 85 -1.55 42.29 -21.76
C TYR I 85 -2.40 42.24 -20.44
N THR I 86 -3.40 43.12 -20.39
CA THR I 86 -4.33 43.18 -19.27
C THR I 86 -5.24 41.98 -19.23
N LEU I 87 -5.62 41.47 -20.39
CA LEU I 87 -6.40 40.21 -20.41
C LEU I 87 -5.59 39.03 -19.85
N MET I 88 -4.32 38.96 -20.25
CA MET I 88 -3.45 37.99 -19.73
C MET I 88 -3.44 38.03 -18.21
N SER I 89 -3.33 39.21 -17.64
CA SER I 89 -3.25 39.37 -16.22
C SER I 89 -4.52 38.95 -15.50
N MET I 90 -5.63 39.35 -16.09
CA MET I 90 -6.96 38.97 -15.63
C MET I 90 -7.11 37.45 -15.56
N VAL I 91 -6.64 36.76 -16.59
CA VAL I 91 -6.65 35.32 -16.71
C VAL I 91 -5.69 34.67 -15.70
N ALA I 92 -4.47 35.21 -15.59
CA ALA I 92 -3.52 34.79 -14.58
C ALA I 92 -4.10 34.79 -13.16
N ASN I 93 -4.78 35.90 -12.84
CA ASN I 93 -5.41 36.07 -11.55
C ASN I 93 -6.50 35.05 -11.36
N LEU I 94 -7.38 34.87 -12.37
CA LEU I 94 -8.43 33.87 -12.28
C LEU I 94 -7.91 32.44 -12.00
N LEU I 95 -6.88 32.03 -12.76
CA LEU I 95 -6.29 30.68 -12.58
C LEU I 95 -5.60 30.53 -11.24
N TYR I 96 -4.83 31.53 -10.80
CA TYR I 96 -4.08 31.40 -9.55
C TYR I 96 -4.96 31.42 -8.30
N GLU I 97 -6.13 32.03 -8.38
CA GLU I 97 -7.10 31.88 -7.33
C GLU I 97 -7.37 30.42 -7.04
N LYS I 98 -7.24 29.53 -8.04
CA LYS I 98 -7.39 28.11 -7.83
C LYS I 98 -6.10 27.34 -7.72
N ARG I 99 -5.05 27.99 -7.21
CA ARG I 99 -3.73 27.45 -7.10
C ARG I 99 -3.75 26.07 -6.43
N PHE I 100 -4.59 25.88 -5.42
CA PHE I 100 -4.59 24.58 -4.74
C PHE I 100 -5.72 23.59 -5.19
N GLY I 101 -6.42 23.86 -6.26
CA GLY I 101 -7.40 22.89 -6.89
C GLY I 101 -7.71 23.51 -8.27
N PRO I 102 -6.74 23.49 -9.20
CA PRO I 102 -6.79 24.30 -10.40
C PRO I 102 -7.77 23.84 -11.43
N TYR I 103 -8.11 24.76 -12.29
CA TYR I 103 -8.74 24.41 -13.54
C TYR I 103 -7.68 23.73 -14.39
N TYR I 104 -8.05 22.73 -15.18
CA TYR I 104 -7.14 21.94 -15.96
C TYR I 104 -7.22 22.46 -17.37
N THR I 105 -6.74 23.66 -17.54
CA THR I 105 -6.69 24.23 -18.83
C THR I 105 -5.52 25.17 -18.92
N GLU I 106 -4.90 25.29 -20.10
CA GLU I 106 -3.66 26.08 -20.28
C GLU I 106 -3.85 27.00 -21.53
N PRO I 107 -4.33 28.19 -21.32
CA PRO I 107 -4.82 28.97 -22.42
C PRO I 107 -3.71 29.62 -23.22
N VAL I 108 -4.06 29.94 -24.44
CA VAL I 108 -3.26 30.86 -25.26
C VAL I 108 -4.13 32.06 -25.60
N ILE I 109 -3.52 33.22 -25.68
CA ILE I 109 -4.20 34.44 -26.07
C ILE I 109 -3.53 35.02 -27.33
N ALA I 110 -4.34 35.51 -28.25
CA ALA I 110 -3.84 36.15 -29.44
C ALA I 110 -4.69 37.38 -29.76
N GLY I 111 -4.01 38.49 -30.03
CA GLY I 111 -4.71 39.69 -30.34
C GLY I 111 -3.90 40.85 -30.87
N LEU I 112 -4.62 41.89 -31.24
CA LEU I 112 -4.00 43.18 -31.54
C LEU I 112 -4.45 44.21 -30.52
N ASP I 113 -3.53 45.06 -30.09
CA ASP I 113 -3.87 46.16 -29.16
C ASP I 113 -5.02 47.04 -29.69
N PRO I 114 -6.10 47.24 -28.88
CA PRO I 114 -7.30 47.90 -29.45
C PRO I 114 -7.09 49.33 -29.91
N LYS I 115 -6.00 49.95 -29.47
CA LYS I 115 -5.62 51.31 -29.97
C LYS I 115 -4.45 51.33 -30.93
N THR I 116 -3.37 50.63 -30.64
CA THR I 116 -2.16 50.65 -31.52
C THR I 116 -2.12 49.56 -32.62
N PHE I 117 -2.95 48.52 -32.44
CA PHE I 117 -2.95 47.34 -33.30
C PHE I 117 -1.64 46.53 -33.33
N LYS I 118 -0.78 46.68 -32.33
CA LYS I 118 0.45 45.90 -32.24
C LYS I 118 0.06 44.41 -31.94
N PRO I 119 0.75 43.43 -32.53
CA PRO I 119 0.47 42.01 -32.30
C PRO I 119 0.81 41.53 -30.88
N PHE I 120 0.01 40.67 -30.32
CA PHE I 120 0.29 40.13 -28.98
C PHE I 120 -0.10 38.67 -28.95
N ILE I 121 0.80 37.85 -28.38
CA ILE I 121 0.49 36.48 -28.09
C ILE I 121 1.11 36.07 -26.77
N CYS I 122 0.44 35.11 -26.09
CA CYS I 122 0.96 34.58 -24.85
C CYS I 122 0.32 33.24 -24.52
N SER I 123 0.90 32.54 -23.56
CA SER I 123 0.26 31.44 -23.00
C SER I 123 0.39 31.44 -21.51
N LEU I 124 -0.45 30.66 -20.85
CA LEU I 124 -0.32 30.51 -19.40
C LEU I 124 -0.45 29.08 -19.03
N ASP I 125 0.21 28.70 -17.94
CA ASP I 125 0.02 27.40 -17.36
C ASP I 125 -1.26 27.33 -16.52
N LEU I 126 -1.58 26.14 -16.02
CA LEU I 126 -2.87 25.93 -15.38
C LEU I 126 -3.06 26.71 -14.08
N ILE I 127 -1.96 27.17 -13.47
CA ILE I 127 -2.05 28.03 -12.30
C ILE I 127 -1.73 29.51 -12.58
N GLY I 128 -1.63 29.90 -13.82
CA GLY I 128 -1.61 31.27 -14.15
C GLY I 128 -0.25 31.93 -14.31
N CYS I 129 0.79 31.18 -14.62
CA CYS I 129 2.05 31.75 -14.86
C CYS I 129 2.00 32.28 -16.32
N PRO I 130 2.15 33.58 -16.52
CA PRO I 130 2.15 34.08 -17.94
C PRO I 130 3.49 33.98 -18.70
N MET I 131 3.42 33.65 -19.97
CA MET I 131 4.55 33.68 -20.85
C MET I 131 4.17 34.41 -22.15
N VAL I 132 4.73 35.59 -22.34
CA VAL I 132 4.62 36.37 -23.54
C VAL I 132 5.79 35.97 -24.48
N THR I 133 5.50 35.71 -25.75
CA THR I 133 6.56 35.53 -26.74
C THR I 133 6.37 36.40 -27.97
N ASP I 134 7.45 36.49 -28.75
CA ASP I 134 7.42 37.20 -30.03
C ASP I 134 7.23 36.32 -31.27
N ASP I 135 6.91 35.02 -31.10
CA ASP I 135 6.78 34.12 -32.23
C ASP I 135 5.56 33.24 -32.20
N PHE I 136 5.51 32.32 -31.24
CA PHE I 136 4.42 31.38 -31.23
C PHE I 136 4.33 30.90 -29.83
N VAL I 137 3.16 30.30 -29.55
CA VAL I 137 2.92 29.55 -28.34
C VAL I 137 2.02 28.38 -28.68
N VAL I 138 2.11 27.35 -27.87
CA VAL I 138 1.40 26.13 -28.11
C VAL I 138 0.87 25.56 -26.77
N SER I 139 -0.25 24.84 -26.82
CA SER I 139 -0.75 24.19 -25.59
C SER I 139 -1.55 22.99 -26.01
N GLY I 140 -1.36 21.87 -25.37
CA GLY I 140 -2.29 20.74 -25.56
C GLY I 140 -1.56 19.41 -25.46
N THR I 141 -2.23 18.34 -25.86
CA THR I 141 -1.63 17.02 -25.79
C THR I 141 -0.58 16.74 -26.85
N CYS I 142 -0.47 17.50 -27.91
CA CYS I 142 0.65 17.30 -28.79
C CYS I 142 1.62 18.51 -28.81
N ALA I 143 1.96 19.04 -27.65
CA ALA I 143 2.84 20.20 -27.51
C ALA I 143 4.20 20.00 -28.16
N GLU I 144 4.78 18.84 -27.98
CA GLU I 144 6.04 18.49 -28.59
C GLU I 144 6.04 18.47 -30.14
N GLN I 145 4.98 17.92 -30.69
CA GLN I 145 4.75 17.93 -32.11
C GLN I 145 4.61 19.37 -32.64
N MET I 146 3.80 20.17 -31.95
CA MET I 146 3.62 21.52 -32.25
C MET I 146 4.93 22.33 -32.15
N TYR I 147 5.70 22.15 -31.07
CA TYR I 147 6.98 22.77 -30.98
C TYR I 147 7.90 22.46 -32.16
N GLY I 148 7.98 21.20 -32.56
CA GLY I 148 8.76 20.81 -33.68
C GLY I 148 8.38 21.51 -35.01
N MET I 149 7.08 21.58 -35.29
CA MET I 149 6.63 22.29 -36.46
C MET I 149 6.88 23.79 -36.40
N CYS I 150 6.60 24.41 -35.25
CA CYS I 150 6.70 25.82 -35.11
C CYS I 150 8.17 26.27 -35.21
N GLU I 151 9.06 25.58 -34.51
CA GLU I 151 10.47 25.89 -34.54
C GLU I 151 11.08 25.79 -35.94
N SER I 152 10.59 24.85 -36.73
CA SER I 152 11.10 24.67 -38.06
C SER I 152 10.52 25.60 -39.11
N LEU I 153 9.25 26.02 -38.97
CA LEU I 153 8.55 26.76 -40.00
C LEU I 153 8.45 28.26 -39.73
N TRP I 154 8.34 28.70 -38.49
CA TRP I 154 7.96 30.05 -38.25
C TRP I 154 9.08 31.02 -38.72
N GLU I 155 8.71 32.16 -39.28
CA GLU I 155 9.71 33.21 -39.57
C GLU I 155 9.15 34.57 -39.18
N PRO I 156 10.06 35.49 -38.85
CA PRO I 156 9.62 36.85 -38.52
C PRO I 156 8.84 37.59 -39.66
N ASN I 157 7.95 38.50 -39.25
CA ASN I 157 7.37 39.48 -40.13
C ASN I 157 6.61 38.89 -41.31
N MET I 158 5.94 37.79 -41.09
CA MET I 158 5.16 37.16 -42.15
C MET I 158 3.88 37.97 -42.44
N ASP I 159 3.47 38.05 -43.70
CA ASP I 159 2.17 38.66 -44.06
C ASP I 159 1.02 37.68 -43.71
N PRO I 160 -0.23 38.16 -43.66
CA PRO I 160 -1.41 37.33 -43.38
C PRO I 160 -1.54 35.98 -44.13
N ASP I 161 -1.24 35.97 -45.42
CA ASP I 161 -1.28 34.77 -46.28
C ASP I 161 -0.21 33.74 -45.86
N HIS I 162 1.02 34.21 -45.66
CA HIS I 162 2.08 33.34 -45.21
C HIS I 162 1.88 32.82 -43.74
N LEU I 163 1.39 33.70 -42.86
CA LEU I 163 1.07 33.31 -41.46
C LEU I 163 0.02 32.22 -41.44
N PHE I 164 -1.05 32.42 -42.21
CA PHE I 164 -2.09 31.40 -42.42
C PHE I 164 -1.57 30.04 -42.87
N GLU I 165 -0.77 30.04 -43.94
CA GLU I 165 -0.11 28.78 -44.36
C GLU I 165 0.78 28.12 -43.25
N THR I 166 1.54 28.90 -42.51
CA THR I 166 2.45 28.34 -41.54
C THR I 166 1.71 27.76 -40.31
N ILE I 167 0.71 28.47 -39.82
CA ILE I 167 0.00 28.04 -38.64
C ILE I 167 -0.76 26.78 -39.02
N SER I 168 -1.36 26.79 -40.22
CA SER I 168 -2.14 25.64 -40.73
C SER I 168 -1.31 24.35 -40.85
N GLN I 169 -0.15 24.48 -41.47
CA GLN I 169 0.76 23.38 -41.63
C GLN I 169 1.35 22.92 -40.32
N ALA I 170 1.64 23.82 -39.42
CA ALA I 170 2.09 23.46 -38.09
C ALA I 170 1.03 22.65 -37.34
N MET I 171 -0.21 23.14 -37.31
CA MET I 171 -1.29 22.42 -36.70
C MET I 171 -1.61 21.05 -37.29
N LEU I 172 -1.85 21.01 -38.63
CA LEU I 172 -2.24 19.78 -39.31
C LEU I 172 -1.25 18.65 -39.15
N ASN I 173 0.03 18.99 -39.34
CA ASN I 173 1.04 17.98 -39.22
C ASN I 173 1.35 17.51 -37.75
N ALA I 174 1.15 18.41 -36.80
CA ALA I 174 1.36 18.14 -35.39
C ALA I 174 0.25 17.20 -34.87
N VAL I 175 -1.00 17.57 -35.12
CA VAL I 175 -2.13 16.79 -34.68
C VAL I 175 -2.22 15.42 -35.36
N ASP I 176 -1.67 15.33 -36.58
CA ASP I 176 -1.59 14.04 -37.30
C ASP I 176 -0.63 13.08 -36.64
N ARG I 177 0.19 13.51 -35.68
CA ARG I 177 0.94 12.57 -34.83
C ARG I 177 0.41 12.35 -33.43
N ASP I 178 -0.83 12.74 -33.21
CA ASP I 178 -1.46 12.66 -31.89
C ASP I 178 -2.83 11.96 -31.98
N ALA I 179 -2.98 10.86 -31.27
CA ALA I 179 -4.22 10.04 -31.38
C ALA I 179 -5.47 10.79 -30.93
N VAL I 180 -5.36 11.63 -29.89
CA VAL I 180 -6.49 12.33 -29.29
C VAL I 180 -6.61 13.81 -29.58
N SER I 181 -5.95 14.28 -30.64
CA SER I 181 -6.23 15.54 -31.19
C SER I 181 -6.52 15.38 -32.69
N GLY I 182 -7.36 16.26 -33.14
CA GLY I 182 -7.60 16.42 -34.60
C GLY I 182 -9.08 16.45 -34.86
N MET I 183 -9.50 15.62 -35.80
CA MET I 183 -10.84 15.69 -36.32
C MET I 183 -11.17 17.08 -36.83
N GLY I 184 -10.22 17.81 -37.38
CA GLY I 184 -10.55 19.11 -37.97
C GLY I 184 -9.70 20.14 -37.27
N VAL I 185 -9.43 21.21 -37.99
CA VAL I 185 -8.68 22.34 -37.47
C VAL I 185 -9.40 23.62 -37.88
N ILE I 186 -9.52 24.56 -36.94
CA ILE I 186 -10.04 25.88 -37.20
C ILE I 186 -8.95 26.91 -37.01
N VAL I 187 -8.96 27.93 -37.87
CA VAL I 187 -7.93 28.97 -37.83
C VAL I 187 -8.56 30.35 -37.98
N HIS I 188 -8.14 31.28 -37.12
CA HIS I 188 -8.58 32.67 -37.18
C HIS I 188 -7.36 33.51 -37.46
N ILE I 189 -7.40 34.33 -38.50
CA ILE I 189 -6.37 35.33 -38.70
C ILE I 189 -6.95 36.67 -38.26
N ILE I 190 -6.25 37.37 -37.38
CA ILE I 190 -6.67 38.66 -36.88
C ILE I 190 -5.85 39.80 -37.45
N GLU I 191 -6.51 40.68 -38.18
CA GLU I 191 -5.89 41.87 -38.79
C GLU I 191 -6.62 43.11 -38.23
N LYS I 192 -6.02 44.32 -38.47
CA LYS I 192 -6.59 45.61 -38.04
C LYS I 192 -8.06 45.65 -38.42
N ASP I 193 -8.28 45.31 -39.70
CA ASP I 193 -9.50 45.66 -40.44
C ASP I 193 -10.42 44.50 -40.67
N LYS I 194 -9.95 43.27 -40.39
CA LYS I 194 -10.82 42.08 -40.50
C LYS I 194 -10.33 40.85 -39.73
N ILE I 195 -11.28 39.96 -39.48
CA ILE I 195 -11.01 38.63 -39.01
C ILE I 195 -11.39 37.67 -40.14
N THR I 196 -10.50 36.73 -40.42
CA THR I 196 -10.76 35.66 -41.37
C THR I 196 -10.78 34.30 -40.64
N THR I 197 -11.89 33.58 -40.76
CA THR I 197 -12.06 32.30 -40.10
C THR I 197 -12.20 31.18 -41.15
N ARG I 198 -11.34 30.17 -41.05
CA ARG I 198 -11.28 29.00 -41.95
C ARG I 198 -11.26 27.66 -41.20
N THR I 199 -12.01 26.68 -41.69
CA THR I 199 -11.75 25.29 -41.31
C THR I 199 -10.93 24.70 -42.48
N LEU I 200 -10.01 23.81 -42.09
CA LEU I 200 -9.03 23.22 -42.98
C LEU I 200 -9.49 21.87 -43.43
N LYS I 201 -9.07 21.47 -44.61
CA LYS I 201 -9.19 20.08 -44.99
C LYS I 201 -8.26 19.24 -44.11
N ALA I 202 -8.79 18.28 -43.39
CA ALA I 202 -8.00 17.58 -42.37
C ALA I 202 -8.37 16.13 -42.24
N ARG I 203 -7.42 15.31 -41.84
CA ARG I 203 -7.70 13.91 -41.53
C ARG I 203 -8.80 13.83 -40.48
N MET I 204 -9.68 12.84 -40.61
CA MET I 204 -10.74 12.55 -39.67
C MET I 204 -10.63 11.16 -39.01
N ASP I 205 -9.40 10.73 -38.76
CA ASP I 205 -9.14 9.46 -37.94
C ASP I 205 -8.34 9.77 -36.60
N MET J 1 -27.05 -1.89 -17.05
CA MET J 1 -26.45 -0.52 -17.27
CA MET J 1 -26.46 -0.49 -17.12
C MET J 1 -26.96 0.35 -18.33
N GLU J 2 -27.03 1.63 -18.12
CA GLU J 2 -28.09 2.41 -18.64
C GLU J 2 -27.80 2.93 -20.05
N TYR J 3 -28.80 3.02 -20.88
CA TYR J 3 -28.60 3.40 -22.24
C TYR J 3 -29.49 4.57 -22.51
N LEU J 4 -28.90 5.62 -23.11
CA LEU J 4 -29.66 6.75 -23.62
C LEU J 4 -29.25 7.03 -25.06
N ILE J 5 -30.22 7.45 -25.89
CA ILE J 5 -29.94 7.81 -27.27
C ILE J 5 -30.86 8.97 -27.65
N GLY J 6 -30.31 9.86 -28.45
CA GLY J 6 -31.02 10.96 -29.06
C GLY J 6 -30.66 11.10 -30.55
N ILE J 7 -31.67 11.45 -31.36
CA ILE J 7 -31.52 11.73 -32.78
C ILE J 7 -32.31 12.98 -33.15
N GLN J 8 -31.65 14.00 -33.71
CA GLN J 8 -32.26 15.27 -34.00
C GLN J 8 -32.44 15.36 -35.49
N GLY J 9 -33.69 15.47 -35.91
CA GLY J 9 -34.04 15.76 -37.32
C GLY J 9 -34.31 17.23 -37.59
N PRO J 10 -34.81 17.58 -38.76
CA PRO J 10 -34.94 18.99 -39.14
C PRO J 10 -35.87 19.81 -38.28
N ASP J 11 -37.00 19.21 -37.89
CA ASP J 11 -37.96 19.86 -37.00
C ASP J 11 -38.42 18.99 -35.76
N TYR J 12 -37.64 18.01 -35.33
CA TYR J 12 -37.99 17.19 -34.13
C TYR J 12 -36.72 16.65 -33.48
N VAL J 13 -36.83 16.17 -32.25
CA VAL J 13 -35.78 15.34 -31.68
C VAL J 13 -36.48 14.09 -31.17
N LEU J 14 -35.88 12.96 -31.49
CA LEU J 14 -36.34 11.65 -31.03
C LEU J 14 -35.35 11.21 -29.93
N VAL J 15 -35.87 10.69 -28.82
CA VAL J 15 -35.07 10.16 -27.76
C VAL J 15 -35.58 8.80 -27.27
N ALA J 16 -34.64 7.98 -26.76
CA ALA J 16 -35.02 6.74 -26.14
C ALA J 16 -34.11 6.40 -25.02
N SER J 17 -34.58 5.53 -24.15
CA SER J 17 -33.81 5.13 -22.94
C SER J 17 -34.25 3.72 -22.57
N ASP J 18 -33.34 2.93 -22.04
CA ASP J 18 -33.75 1.63 -21.54
C ASP J 18 -34.67 1.74 -20.30
N ARG J 19 -35.38 0.67 -20.00
CA ARG J 19 -36.34 0.69 -18.93
C ARG J 19 -35.99 -0.25 -17.78
N VAL J 20 -34.70 -0.51 -17.62
CA VAL J 20 -34.24 -1.45 -16.61
C VAL J 20 -33.72 -0.67 -15.44
N ALA J 21 -34.05 -1.13 -14.27
CA ALA J 21 -33.32 -0.69 -13.06
C ALA J 21 -32.74 -1.96 -12.51
N ALA J 22 -31.44 -1.99 -12.40
CA ALA J 22 -30.79 -3.16 -12.00
C ALA J 22 -30.05 -2.97 -10.70
N SER J 23 -29.69 -4.08 -10.10
CA SER J 23 -28.97 -4.10 -8.88
C SER J 23 -28.31 -5.44 -8.72
N ASN J 24 -26.96 -5.46 -8.68
CA ASN J 24 -26.11 -6.67 -8.52
C ASN J 24 -26.37 -7.54 -9.78
N ILE J 25 -26.91 -8.73 -9.64
CA ILE J 25 -27.16 -9.57 -10.82
C ILE J 25 -28.63 -9.58 -11.31
N VAL J 26 -29.55 -8.81 -10.68
CA VAL J 26 -30.99 -8.83 -11.02
C VAL J 26 -31.48 -7.53 -11.59
N GLN J 27 -32.37 -7.63 -12.57
CA GLN J 27 -33.25 -6.51 -12.97
CA GLN J 27 -33.23 -6.51 -12.96
C GLN J 27 -34.34 -6.46 -11.91
N MET J 28 -34.50 -5.33 -11.24
CA MET J 28 -35.48 -5.11 -10.19
C MET J 28 -36.70 -4.37 -10.70
N LYS J 29 -36.58 -3.73 -11.84
CA LYS J 29 -37.69 -3.09 -12.51
C LYS J 29 -37.44 -3.15 -14.01
N ASP J 30 -38.50 -3.49 -14.74
CA ASP J 30 -38.47 -3.53 -16.22
C ASP J 30 -39.27 -2.47 -16.92
N ASP J 31 -39.95 -1.58 -16.18
CA ASP J 31 -40.64 -0.41 -16.76
C ASP J 31 -40.11 0.92 -16.18
N HIS J 32 -38.84 1.02 -15.95
CA HIS J 32 -38.27 2.23 -15.38
C HIS J 32 -38.21 3.33 -16.46
N ASP J 33 -38.43 4.57 -16.08
CA ASP J 33 -38.38 5.71 -16.99
C ASP J 33 -37.21 6.61 -16.60
N LYS J 34 -36.27 6.84 -17.51
CA LYS J 34 -35.12 7.69 -17.26
C LYS J 34 -35.26 9.09 -17.79
N MET J 35 -36.46 9.46 -18.23
CA MET J 35 -36.72 10.81 -18.77
C MET J 35 -37.44 11.71 -17.79
N PHE J 36 -37.07 12.97 -17.76
CA PHE J 36 -37.71 13.96 -16.90
C PHE J 36 -38.17 15.12 -17.76
N LYS J 37 -39.45 15.45 -17.65
CA LYS J 37 -40.03 16.59 -18.38
C LYS J 37 -39.68 17.90 -17.67
N MET J 38 -38.98 18.78 -18.33
CA MET J 38 -38.56 20.02 -17.69
C MET J 38 -39.56 21.13 -17.94
N SER J 39 -40.16 21.08 -19.14
CA SER J 39 -41.02 22.13 -19.69
C SER J 39 -41.82 21.51 -20.83
N GLU J 40 -42.71 22.25 -21.48
CA GLU J 40 -43.52 21.65 -22.55
C GLU J 40 -42.72 21.04 -23.68
N LYS J 41 -41.53 21.58 -23.93
CA LYS J 41 -40.71 21.17 -25.05
C LYS J 41 -39.30 20.77 -24.67
N ILE J 42 -39.10 20.28 -23.45
CA ILE J 42 -37.76 19.89 -22.98
C ILE J 42 -37.82 18.58 -22.18
N LEU J 43 -37.05 17.60 -22.59
CA LEU J 43 -36.77 16.39 -21.80
C LEU J 43 -35.27 16.38 -21.34
N LEU J 44 -35.04 16.06 -20.07
CA LEU J 44 -33.73 15.67 -19.58
C LEU J 44 -33.68 14.14 -19.38
N LEU J 45 -32.66 13.50 -19.95
CA LEU J 45 -32.49 12.04 -19.80
C LEU J 45 -31.25 11.94 -18.95
N CYS J 46 -31.33 11.19 -17.87
CA CYS J 46 -30.30 11.21 -16.87
C CYS J 46 -30.01 9.77 -16.38
N VAL J 47 -28.73 9.40 -16.43
CA VAL J 47 -28.19 8.12 -15.96
C VAL J 47 -26.99 8.40 -15.10
N GLY J 48 -26.58 7.39 -14.33
CA GLY J 48 -25.41 7.48 -13.56
C GLY J 48 -25.57 6.88 -12.20
N GLU J 49 -24.91 7.45 -11.21
CA GLU J 49 -24.91 6.82 -9.90
C GLU J 49 -26.31 6.90 -9.24
N ALA J 50 -26.68 5.85 -8.55
CA ALA J 50 -27.92 5.84 -7.79
C ALA J 50 -27.96 7.02 -6.80
N GLY J 51 -29.16 7.59 -6.65
CA GLY J 51 -29.40 8.72 -5.76
C GLY J 51 -29.00 10.02 -6.52
N ASP J 52 -27.77 10.11 -7.03
CA ASP J 52 -27.29 11.36 -7.70
C ASP J 52 -28.15 11.65 -8.91
N THR J 53 -28.59 10.62 -9.62
CA THR J 53 -29.33 10.82 -10.87
C THR J 53 -30.67 11.47 -10.65
N VAL J 54 -31.52 10.91 -9.78
CA VAL J 54 -32.80 11.54 -9.47
C VAL J 54 -32.62 12.85 -8.76
N GLN J 55 -31.72 12.95 -7.76
CA GLN J 55 -31.63 14.15 -7.03
C GLN J 55 -31.23 15.31 -7.96
N PHE J 56 -30.29 15.04 -8.85
CA PHE J 56 -29.84 16.05 -9.76
C PHE J 56 -30.96 16.42 -10.78
N ALA J 57 -31.50 15.43 -11.45
CA ALA J 57 -32.56 15.65 -12.45
C ALA J 57 -33.75 16.42 -11.90
N GLU J 58 -34.26 15.99 -10.75
CA GLU J 58 -35.37 16.70 -10.11
C GLU J 58 -35.07 18.12 -9.61
N TYR J 59 -33.86 18.38 -9.10
CA TYR J 59 -33.48 19.71 -8.78
C TYR J 59 -33.55 20.58 -10.01
N ILE J 60 -32.99 20.11 -11.12
CA ILE J 60 -32.99 20.91 -12.37
C ILE J 60 -34.45 21.14 -12.86
N GLN J 61 -35.24 20.06 -12.86
CA GLN J 61 -36.62 20.12 -13.22
C GLN J 61 -37.41 21.18 -12.42
N LYS J 62 -37.29 21.14 -11.10
CA LYS J 62 -37.99 22.07 -10.27
C LYS J 62 -37.57 23.49 -10.48
N ASN J 63 -36.28 23.70 -10.76
CA ASN J 63 -35.77 25.05 -11.01
C ASN J 63 -36.19 25.55 -12.39
N VAL J 64 -36.33 24.67 -13.33
CA VAL J 64 -36.83 25.09 -14.68
C VAL J 64 -38.31 25.47 -14.60
N GLN J 65 -39.08 24.70 -13.85
CA GLN J 65 -40.46 24.99 -13.60
C GLN J 65 -40.60 26.32 -12.84
N LEU J 66 -39.70 26.57 -11.89
CA LEU J 66 -39.75 27.80 -11.13
C LEU J 66 -39.52 29.03 -12.02
N TYR J 67 -38.58 28.92 -12.93
CA TYR J 67 -38.30 29.97 -13.86
C TYR J 67 -39.59 30.34 -14.65
N LYS J 68 -40.29 29.32 -15.11
CA LYS J 68 -41.58 29.49 -15.81
C LYS J 68 -42.60 30.24 -14.91
N MET J 69 -42.72 29.84 -13.63
CA MET J 69 -43.67 30.46 -12.75
C MET J 69 -43.29 31.89 -12.45
N ARG J 70 -42.01 32.17 -12.27
CA ARG J 70 -41.58 33.54 -12.01
C ARG J 70 -41.77 34.43 -13.23
N ASN J 71 -41.52 33.93 -14.41
CA ASN J 71 -41.39 34.78 -15.59
C ASN J 71 -42.52 34.69 -16.63
N GLY J 72 -43.36 33.67 -16.55
CA GLY J 72 -44.46 33.52 -17.45
C GLY J 72 -44.17 32.85 -18.77
N TYR J 73 -42.92 32.60 -19.09
CA TYR J 73 -42.51 31.87 -20.28
C TYR J 73 -41.41 30.94 -19.82
N GLU J 74 -41.05 30.01 -20.72
CA GLU J 74 -40.11 28.96 -20.43
C GLU J 74 -38.70 29.31 -20.89
N LEU J 75 -37.74 28.68 -20.21
CA LEU J 75 -36.35 28.64 -20.67
C LEU J 75 -36.31 27.93 -21.99
N SER J 76 -35.49 28.42 -22.89
CA SER J 76 -35.15 27.70 -24.10
C SER J 76 -34.33 26.42 -23.81
N PRO J 77 -34.35 25.43 -24.73
CA PRO J 77 -33.44 24.27 -24.57
C PRO J 77 -31.97 24.63 -24.29
N THR J 78 -31.44 25.57 -25.04
CA THR J 78 -30.09 25.97 -24.87
C THR J 78 -29.80 26.61 -23.46
N ALA J 79 -30.67 27.52 -23.02
CA ALA J 79 -30.55 28.10 -21.73
C ALA J 79 -30.66 27.05 -20.63
N ALA J 80 -31.54 26.08 -20.83
CA ALA J 80 -31.73 24.99 -19.84
C ALA J 80 -30.51 24.11 -19.80
N ALA J 81 -29.92 23.86 -20.97
CA ALA J 81 -28.72 23.07 -21.04
C ALA J 81 -27.55 23.78 -20.33
N ASN J 82 -27.40 25.10 -20.59
CA ASN J 82 -26.39 25.84 -19.91
C ASN J 82 -26.62 25.96 -18.37
N PHE J 83 -27.87 26.13 -17.94
CA PHE J 83 -28.22 26.10 -16.52
C PHE J 83 -27.81 24.77 -15.91
N THR J 84 -28.16 23.68 -16.60
CA THR J 84 -27.81 22.33 -16.15
C THR J 84 -26.29 22.18 -15.97
N ARG J 85 -25.58 22.67 -17.00
CA ARG J 85 -24.15 22.66 -17.00
C ARG J 85 -23.53 23.43 -15.83
N ARG J 86 -24.03 24.65 -15.58
CA ARG J 86 -23.44 25.50 -14.57
C ARG J 86 -23.57 24.78 -13.23
N ASN J 87 -24.72 24.19 -12.96
CA ASN J 87 -24.93 23.50 -11.68
C ASN J 87 -23.98 22.32 -11.50
N LEU J 88 -23.88 21.46 -12.52
CA LEU J 88 -23.01 20.30 -12.52
C LEU J 88 -21.55 20.71 -12.37
N ALA J 89 -21.11 21.70 -13.14
CA ALA J 89 -19.71 22.17 -13.03
C ALA J 89 -19.40 22.80 -11.72
N ASP J 90 -20.35 23.57 -11.21
CA ASP J 90 -20.18 24.30 -9.97
C ASP J 90 -20.07 23.28 -8.83
N LEU J 92 -18.79 20.17 -9.18
CA LEU J 92 -17.74 19.23 -9.47
C LEU J 92 -16.61 19.22 -8.45
N ARG J 93 -16.19 20.38 -7.98
CA ARG J 93 -15.13 20.44 -7.02
C ARG J 93 -15.67 20.69 -5.61
N SER J 94 -16.97 20.54 -5.40
CA SER J 94 -17.59 20.79 -4.12
C SER J 94 -17.59 19.52 -3.33
N ARG J 95 -18.14 19.66 -2.16
CA ARG J 95 -18.42 18.56 -1.24
C ARG J 95 -19.55 17.64 -1.77
N THR J 96 -20.35 18.09 -2.74
CA THR J 96 -21.46 17.29 -3.31
C THR J 96 -21.44 17.27 -4.83
N PRO J 97 -20.51 16.53 -5.42
CA PRO J 97 -20.48 16.39 -6.89
C PRO J 97 -21.60 15.39 -7.25
N TYR J 98 -22.15 15.50 -8.43
CA TYR J 98 -23.19 14.55 -8.90
C TYR J 98 -22.61 13.72 -10.03
N HIS J 99 -22.66 12.40 -9.89
N HIS J 99 -22.62 12.37 -9.89
CA HIS J 99 -22.06 11.52 -10.88
CA HIS J 99 -22.02 11.51 -10.95
C HIS J 99 -23.14 11.09 -11.85
C HIS J 99 -23.12 11.09 -11.87
N VAL J 100 -23.43 11.98 -12.82
CA VAL J 100 -24.54 11.81 -13.75
C VAL J 100 -24.11 12.10 -15.17
N ASN J 101 -24.68 11.40 -16.10
CA ASN J 101 -24.45 11.63 -17.53
C ASN J 101 -25.79 11.92 -18.10
N LEU J 102 -25.85 12.86 -19.03
CA LEU J 102 -27.18 13.37 -19.46
C LEU J 102 -27.28 13.63 -20.95
N LEU J 103 -28.49 13.51 -21.47
CA LEU J 103 -28.92 14.18 -22.73
C LEU J 103 -30.00 15.14 -22.40
N LEU J 104 -29.96 16.31 -23.04
CA LEU J 104 -31.04 17.25 -22.98
C LEU J 104 -31.58 17.43 -24.39
N ALA J 105 -32.89 17.19 -24.56
CA ALA J 105 -33.55 17.33 -25.85
C ALA J 105 -34.60 18.42 -25.77
N GLY J 106 -34.71 19.24 -26.83
CA GLY J 106 -35.66 20.29 -26.81
C GLY J 106 -36.03 20.82 -28.18
N TYR J 107 -37.16 21.54 -28.20
CA TYR J 107 -37.62 22.24 -29.39
C TYR J 107 -37.86 23.68 -28.99
N ASP J 108 -37.20 24.60 -29.68
CA ASP J 108 -37.42 26.03 -29.49
C ASP J 108 -38.18 26.64 -30.68
N GLU J 109 -39.17 27.51 -30.39
CA GLU J 109 -39.99 28.16 -31.40
C GLU J 109 -39.11 28.80 -32.47
N HIS J 110 -37.98 29.36 -32.10
CA HIS J 110 -37.12 30.09 -33.04
C HIS J 110 -35.86 29.38 -33.51
N GLU J 111 -35.24 28.54 -32.67
CA GLU J 111 -34.04 27.78 -33.03
C GLU J 111 -34.27 26.38 -33.61
N GLY J 112 -35.46 25.84 -33.43
CA GLY J 112 -35.79 24.51 -33.87
C GLY J 112 -35.35 23.48 -32.84
N PRO J 113 -35.18 22.22 -33.29
CA PRO J 113 -34.80 21.15 -32.39
C PRO J 113 -33.36 21.26 -31.92
N ALA J 114 -33.10 20.76 -30.73
CA ALA J 114 -31.74 20.70 -30.21
C ALA J 114 -31.56 19.45 -29.33
N LEU J 115 -30.38 18.85 -29.48
CA LEU J 115 -29.91 17.75 -28.66
C LEU J 115 -28.52 18.15 -28.08
N TYR J 116 -28.39 18.02 -26.76
CA TYR J 116 -27.20 18.34 -26.03
C TYR J 116 -26.73 17.13 -25.24
N TYR J 117 -25.43 16.95 -25.21
CA TYR J 117 -24.76 15.89 -24.49
C TYR J 117 -23.91 16.45 -23.41
N MET J 118 -24.02 15.83 -22.23
CA MET J 118 -23.22 16.20 -21.16
C MET J 118 -22.71 14.99 -20.41
N ASP J 119 -21.43 15.03 -20.01
CA ASP J 119 -20.90 13.98 -19.09
C ASP J 119 -20.79 14.47 -17.68
N TYR J 120 -20.37 13.59 -16.76
CA TYR J 120 -20.34 13.91 -15.38
C TYR J 120 -19.36 15.05 -15.10
N LEU J 121 -18.35 15.21 -15.90
CA LEU J 121 -17.43 16.34 -15.69
C LEU J 121 -18.04 17.74 -16.05
N ALA J 122 -19.20 17.68 -16.70
CA ALA J 122 -20.00 18.80 -17.13
C ALA J 122 -19.50 19.47 -18.41
N ALA J 123 -18.77 18.72 -19.20
CA ALA J 123 -18.56 19.16 -20.59
C ALA J 123 -19.89 19.11 -21.35
N LEU J 124 -20.25 20.20 -22.04
CA LEU J 124 -21.49 20.26 -22.81
C LEU J 124 -21.20 20.36 -24.31
N ALA J 125 -21.80 19.47 -25.11
CA ALA J 125 -21.68 19.51 -26.57
C ALA J 125 -23.05 19.37 -27.24
N LYS J 126 -23.30 20.22 -28.20
CA LYS J 126 -24.48 20.09 -29.07
C LYS J 126 -24.14 19.07 -30.15
N ALA J 127 -25.07 18.24 -30.48
CA ALA J 127 -24.81 17.16 -31.41
C ALA J 127 -26.04 16.82 -32.25
N PRO J 128 -25.87 16.35 -33.46
CA PRO J 128 -27.02 15.89 -34.20
C PRO J 128 -27.58 14.55 -33.75
N PHE J 129 -26.77 13.75 -33.07
CA PHE J 129 -27.19 12.52 -32.40
C PHE J 129 -26.12 12.17 -31.39
N ALA J 130 -26.50 11.36 -30.39
CA ALA J 130 -25.60 11.06 -29.31
C ALA J 130 -26.17 9.93 -28.48
N ALA J 131 -25.31 9.33 -27.66
CA ALA J 131 -25.73 8.24 -26.83
C ALA J 131 -24.81 8.09 -25.61
N HIS J 132 -25.36 7.53 -24.53
CA HIS J 132 -24.64 7.31 -23.31
C HIS J 132 -24.82 5.88 -22.90
N GLY J 133 -23.90 5.37 -22.08
CA GLY J 133 -23.84 4.01 -21.66
C GLY J 133 -22.85 3.19 -22.46
N TYR J 134 -22.52 2.02 -21.94
CA TYR J 134 -21.78 1.04 -22.72
C TYR J 134 -22.42 0.68 -24.06
N GLY J 135 -23.75 0.68 -24.10
CA GLY J 135 -24.47 0.48 -25.33
C GLY J 135 -24.12 1.49 -26.43
N ALA J 136 -23.71 2.70 -26.07
CA ALA J 136 -23.26 3.75 -27.04
C ALA J 136 -22.10 3.26 -27.91
N PHE J 137 -21.23 2.45 -27.31
CA PHE J 137 -20.07 1.90 -28.03
C PHE J 137 -20.44 1.03 -29.22
N LEU J 138 -21.60 0.37 -29.13
CA LEU J 138 -22.03 -0.47 -30.18
C LEU J 138 -23.01 0.20 -31.12
N THR J 139 -23.54 1.36 -30.79
CA THR J 139 -24.55 1.99 -31.60
C THR J 139 -24.16 3.33 -32.29
N LEU J 140 -23.18 4.03 -31.77
CA LEU J 140 -22.77 5.32 -32.39
C LEU J 140 -22.31 5.18 -33.86
N SER J 141 -21.63 4.08 -34.19
CA SER J 141 -21.17 3.83 -35.54
C SER J 141 -22.35 3.50 -36.51
N ILE J 142 -23.41 2.90 -35.98
CA ILE J 142 -24.65 2.67 -36.72
C ILE J 142 -25.29 4.03 -37.03
N LEU J 143 -25.33 4.93 -36.04
CA LEU J 143 -25.81 6.27 -36.26
C LEU J 143 -24.90 7.03 -37.27
N ASP J 144 -23.56 7.02 -37.11
CA ASP J 144 -22.67 7.66 -38.12
C ASP J 144 -22.92 7.11 -39.52
N ARG J 145 -23.20 5.81 -39.63
CA ARG J 145 -23.36 5.15 -40.92
C ARG J 145 -24.63 5.58 -41.70
N TYR J 146 -25.73 5.71 -40.97
CA TYR J 146 -27.03 5.92 -41.55
C TYR J 146 -27.64 7.32 -41.28
N TYR J 147 -27.20 8.06 -40.27
CA TYR J 147 -27.84 9.38 -40.03
C TYR J 147 -27.59 10.38 -41.18
N THR J 148 -28.61 11.17 -41.51
CA THR J 148 -28.44 12.37 -42.30
C THR J 148 -29.16 13.47 -41.58
N PRO J 149 -28.72 14.73 -41.81
CA PRO J 149 -29.42 15.85 -41.17
C PRO J 149 -30.93 16.00 -41.51
N THR J 150 -31.37 15.52 -42.65
CA THR J 150 -32.78 15.64 -43.06
C THR J 150 -33.62 14.41 -42.78
N ILE J 151 -33.08 13.49 -41.99
CA ILE J 151 -33.75 12.24 -41.67
C ILE J 151 -35.18 12.51 -41.21
N SER J 152 -36.15 11.82 -41.80
CA SER J 152 -37.54 11.99 -41.40
C SER J 152 -37.79 11.23 -40.12
N ARG J 153 -38.92 11.52 -39.51
CA ARG J 153 -39.17 10.97 -38.20
C ARG J 153 -39.44 9.46 -38.25
N GLU J 154 -40.13 8.99 -39.28
CA GLU J 154 -40.33 7.54 -39.51
C GLU J 154 -38.99 6.79 -39.70
N ARG J 155 -38.06 7.37 -40.45
CA ARG J 155 -36.76 6.77 -40.66
C ARG J 155 -35.86 6.85 -39.42
N ALA J 156 -35.99 7.92 -38.63
CA ALA J 156 -35.31 8.04 -37.33
C ALA J 156 -35.77 6.93 -36.35
N VAL J 157 -37.07 6.62 -36.33
CA VAL J 157 -37.58 5.49 -35.53
C VAL J 157 -37.04 4.14 -36.04
N GLU J 158 -36.89 4.00 -37.36
CA GLU J 158 -36.22 2.84 -37.93
C GLU J 158 -34.71 2.71 -37.57
N LEU J 159 -34.00 3.81 -37.67
CA LEU J 159 -32.60 3.92 -37.28
C LEU J 159 -32.44 3.60 -35.80
N LEU J 160 -33.31 4.18 -34.99
CA LEU J 160 -33.35 3.84 -33.55
C LEU J 160 -33.50 2.35 -33.33
N ARG J 161 -34.40 1.74 -34.09
CA ARG J 161 -34.66 0.33 -33.99
C ARG J 161 -33.46 -0.53 -34.38
N LYS J 162 -32.70 -0.09 -35.37
CA LYS J 162 -31.49 -0.78 -35.71
C LYS J 162 -30.46 -0.78 -34.56
N CYS J 163 -30.33 0.35 -33.88
CA CYS J 163 -29.47 0.46 -32.71
C CYS J 163 -29.91 -0.45 -31.60
N LEU J 164 -31.22 -0.47 -31.32
CA LEU J 164 -31.75 -1.28 -30.23
C LEU J 164 -31.65 -2.77 -30.53
N GLU J 165 -31.77 -3.13 -31.79
CA GLU J 165 -31.57 -4.52 -32.24
C GLU J 165 -30.12 -4.98 -32.17
N GLU J 166 -29.22 -4.06 -32.43
CA GLU J 166 -27.84 -4.29 -32.23
C GLU J 166 -27.49 -4.57 -30.74
N LEU J 167 -28.14 -3.89 -29.82
CA LEU J 167 -27.94 -4.19 -28.36
C LEU J 167 -28.43 -5.60 -28.03
N GLN J 168 -29.55 -5.99 -28.60
CA GLN J 168 -30.08 -7.34 -28.39
C GLN J 168 -29.10 -8.39 -28.88
N LYS J 169 -28.51 -8.15 -30.03
CA LYS J 169 -27.65 -9.11 -30.64
C LYS J 169 -26.31 -9.19 -29.95
N ARG J 170 -25.71 -8.06 -29.71
CA ARG J 170 -24.28 -7.97 -29.47
C ARG J 170 -23.89 -7.58 -28.06
N PHE J 171 -24.73 -6.83 -27.36
CA PHE J 171 -24.42 -6.35 -26.00
C PHE J 171 -24.62 -7.46 -24.92
N ILE J 172 -23.72 -7.57 -23.96
CA ILE J 172 -23.87 -8.59 -22.93
C ILE J 172 -25.00 -8.42 -21.93
N LEU J 173 -25.51 -7.23 -21.80
CA LEU J 173 -26.61 -6.97 -20.90
C LEU J 173 -28.00 -7.18 -21.52
N ASN J 174 -28.90 -7.64 -20.69
CA ASN J 174 -30.31 -7.89 -21.00
C ASN J 174 -31.06 -6.55 -20.84
N LEU J 175 -31.18 -5.83 -21.94
CA LEU J 175 -31.98 -4.60 -22.01
C LEU J 175 -33.15 -4.82 -22.95
N PRO J 176 -34.26 -5.40 -22.49
CA PRO J 176 -35.23 -5.81 -23.43
C PRO J 176 -36.27 -4.77 -23.84
N THR J 177 -36.38 -3.63 -23.16
CA THR J 177 -37.43 -2.66 -23.51
C THR J 177 -36.92 -1.23 -23.35
N PHE J 178 -37.42 -0.36 -24.21
CA PHE J 178 -37.02 1.03 -24.29
C PHE J 178 -38.19 2.00 -24.37
N SER J 179 -38.07 3.11 -23.63
CA SER J 179 -39.02 4.23 -23.70
C SER J 179 -38.64 5.03 -24.91
N VAL J 180 -39.63 5.48 -25.67
CA VAL J 180 -39.40 6.36 -26.83
C VAL J 180 -40.34 7.60 -26.78
N ARG J 181 -39.77 8.76 -27.03
CA ARG J 181 -40.48 10.01 -27.09
C ARG J 181 -39.91 10.91 -28.17
N ILE J 182 -40.75 11.80 -28.71
CA ILE J 182 -40.33 12.76 -29.73
C ILE J 182 -40.77 14.12 -29.23
N ILE J 183 -39.96 15.12 -29.53
CA ILE J 183 -40.28 16.49 -29.23
C ILE J 183 -40.31 17.28 -30.52
N ASP J 184 -41.33 18.10 -30.69
CA ASP J 184 -41.43 18.97 -31.86
C ASP J 184 -42.22 20.25 -31.51
N LYS J 185 -42.61 21.02 -32.53
CA LYS J 185 -43.38 22.28 -32.38
C LYS J 185 -44.60 22.13 -31.49
N ASN J 186 -45.20 20.95 -31.47
CA ASN J 186 -46.35 20.70 -30.63
C ASN J 186 -46.05 19.98 -29.35
N GLY J 187 -44.81 20.01 -28.88
CA GLY J 187 -44.49 19.45 -27.56
C GLY J 187 -43.92 18.04 -27.55
N ILE J 188 -44.17 17.32 -26.46
CA ILE J 188 -43.57 16.05 -26.18
C ILE J 188 -44.61 14.98 -26.46
N HIS J 189 -44.25 13.97 -27.28
CA HIS J 189 -45.17 12.88 -27.60
C HIS J 189 -44.56 11.58 -27.16
N ASP J 190 -45.36 10.77 -26.47
CA ASP J 190 -44.99 9.41 -26.15
C ASP J 190 -45.21 8.51 -27.35
N LEU J 191 -44.20 7.78 -27.79
CA LEU J 191 -44.41 6.75 -28.79
C LEU J 191 -44.51 5.43 -28.06
N ASP J 192 -44.83 4.40 -28.80
CA ASP J 192 -44.83 3.07 -28.22
C ASP J 192 -43.41 2.66 -27.82
N ASN J 193 -43.35 1.89 -26.76
CA ASN J 193 -42.13 1.23 -26.37
C ASN J 193 -41.67 0.28 -27.46
N ILE J 194 -40.34 0.16 -27.57
CA ILE J 194 -39.74 -0.78 -28.44
C ILE J 194 -39.29 -1.86 -27.50
N SER J 195 -39.85 -3.05 -27.70
CA SER J 195 -39.58 -4.21 -26.85
C SER J 195 -39.16 -5.43 -27.64
N PHE J 196 -38.57 -6.38 -26.91
CA PHE J 196 -38.02 -7.60 -27.49
C PHE J 196 -38.44 -8.74 -26.54
N THR K 1 -30.62 -12.15 5.36
CA THR K 1 -32.04 -11.73 5.35
C THR K 1 -32.67 -12.04 4.05
N THR K 2 -33.94 -12.37 4.11
CA THR K 2 -34.77 -12.36 2.92
C THR K 2 -36.04 -11.61 3.25
N THR K 3 -36.38 -10.60 2.45
CA THR K 3 -37.66 -9.90 2.59
C THR K 3 -38.26 -9.87 1.19
N LEU K 4 -39.58 -9.88 1.12
CA LEU K 4 -40.25 -9.69 -0.17
C LEU K 4 -41.58 -8.94 -0.03
N ALA K 5 -42.02 -8.37 -1.13
CA ALA K 5 -43.32 -7.78 -1.19
C ALA K 5 -43.86 -7.76 -2.59
N PHE K 6 -45.19 -7.87 -2.71
CA PHE K 6 -45.85 -7.76 -4.02
C PHE K 6 -47.26 -7.18 -3.95
N LYS K 7 -47.58 -6.35 -4.94
CA LYS K 7 -48.88 -5.78 -5.15
C LYS K 7 -49.70 -6.80 -5.89
N PHE K 8 -50.96 -6.88 -5.55
CA PHE K 8 -51.89 -7.70 -6.32
C PHE K 8 -53.31 -7.15 -6.13
N ARG K 9 -54.29 -7.79 -6.73
CA ARG K 9 -55.64 -7.22 -6.73
C ARG K 9 -56.14 -6.86 -5.32
N HIS K 10 -55.72 -7.63 -4.31
CA HIS K 10 -56.23 -7.48 -2.96
C HIS K 10 -55.29 -6.74 -1.99
N GLY K 11 -54.31 -6.01 -2.53
CA GLY K 11 -53.40 -5.20 -1.73
C GLY K 11 -51.95 -5.53 -1.94
N VAL K 12 -51.21 -5.58 -0.85
CA VAL K 12 -49.82 -5.92 -0.95
C VAL K 12 -49.42 -6.90 0.15
N ILE K 13 -48.77 -7.98 -0.28
CA ILE K 13 -48.23 -8.97 0.62
C ILE K 13 -46.80 -8.56 1.00
N VAL K 14 -46.47 -8.68 2.27
CA VAL K 14 -45.13 -8.37 2.75
C VAL K 14 -44.67 -9.55 3.60
N ALA K 15 -43.48 -10.08 3.32
CA ALA K 15 -42.92 -11.20 4.11
C ALA K 15 -41.45 -11.07 4.41
N ALA K 16 -41.03 -11.64 5.54
CA ALA K 16 -39.67 -11.69 5.90
C ALA K 16 -39.32 -12.90 6.73
N ASP K 17 -38.00 -13.20 6.74
CA ASP K 17 -37.39 -14.11 7.69
C ASP K 17 -37.13 -13.37 8.97
N SER K 18 -36.45 -14.01 9.91
CA SER K 18 -36.21 -13.40 11.21
C SER K 18 -34.81 -13.54 11.79
N ARG K 19 -33.82 -13.84 10.94
CA ARG K 19 -32.48 -14.18 11.44
C ARG K 19 -31.63 -12.92 11.43
N ALA K 20 -30.79 -12.75 12.44
CA ALA K 20 -29.70 -11.74 12.44
C ALA K 20 -28.39 -12.44 12.63
N THR K 21 -27.38 -11.91 11.98
CA THR K 21 -26.04 -12.49 12.03
C THR K 21 -24.96 -11.48 12.23
N ALA K 22 -23.93 -11.89 12.98
CA ALA K 22 -22.74 -11.03 13.25
C ALA K 22 -21.63 -11.86 12.70
N GLY K 23 -21.16 -11.55 11.49
CA GLY K 23 -20.34 -12.49 10.70
C GLY K 23 -21.14 -13.80 10.51
N ALA K 24 -20.53 -14.91 10.80
CA ALA K 24 -21.25 -16.16 10.71
C ALA K 24 -22.01 -16.60 12.01
N TYR K 25 -21.89 -15.82 13.09
CA TYR K 25 -22.62 -16.05 14.32
C TYR K 25 -24.08 -15.66 14.17
N ILE K 26 -24.98 -16.61 14.44
CA ILE K 26 -26.41 -16.29 14.47
C ILE K 26 -26.75 -15.60 15.79
N ALA K 27 -27.08 -14.31 15.70
CA ALA K 27 -27.30 -13.45 16.86
C ALA K 27 -28.75 -13.50 17.34
N SER K 28 -29.67 -13.70 16.39
CA SER K 28 -31.05 -13.93 16.74
C SER K 28 -31.77 -14.68 15.64
N GLN K 29 -32.77 -15.46 16.05
CA GLN K 29 -33.70 -16.08 15.14
C GLN K 29 -35.07 -15.41 15.20
N THR K 30 -35.20 -14.32 15.95
CA THR K 30 -36.52 -13.77 16.29
C THR K 30 -36.61 -12.28 16.05
N VAL K 31 -35.95 -11.76 15.03
CA VAL K 31 -36.01 -10.36 14.69
C VAL K 31 -37.28 -10.06 13.92
N LYS K 32 -37.95 -8.96 14.26
CA LYS K 32 -39.12 -8.48 13.53
C LYS K 32 -38.61 -7.53 12.43
N LYS K 33 -38.61 -7.96 11.19
CA LYS K 33 -38.09 -7.20 10.08
C LYS K 33 -39.11 -6.34 9.35
N VAL K 34 -40.35 -6.49 9.74
CA VAL K 34 -41.44 -5.68 9.22
C VAL K 34 -41.78 -4.67 10.28
N ILE K 35 -41.63 -3.38 9.97
CA ILE K 35 -41.94 -2.32 10.89
C ILE K 35 -43.28 -1.68 10.54
N GLU K 36 -44.08 -1.42 11.57
CA GLU K 36 -45.40 -0.85 11.42
C GLU K 36 -45.27 0.64 11.53
N ILE K 37 -45.21 1.33 10.39
CA ILE K 37 -45.00 2.77 10.35
C ILE K 37 -46.26 3.49 10.77
N ASN K 38 -47.38 3.09 10.22
CA ASN K 38 -48.67 3.45 10.80
C ASN K 38 -49.66 2.32 10.45
N PRO K 39 -50.94 2.44 10.81
CA PRO K 39 -51.85 1.32 10.47
C PRO K 39 -52.11 1.06 8.98
N TYR K 40 -51.64 1.92 8.08
CA TYR K 40 -51.82 1.76 6.63
C TYR K 40 -50.47 1.57 5.84
N LEU K 41 -49.35 1.50 6.57
CA LEU K 41 -47.99 1.57 5.99
C LEU K 41 -46.97 0.68 6.72
N LEU K 42 -46.32 -0.21 5.99
CA LEU K 42 -45.26 -1.03 6.55
C LEU K 42 -43.94 -0.68 5.87
N GLY K 43 -42.87 -0.84 6.64
CA GLY K 43 -41.49 -0.87 6.11
C GLY K 43 -40.83 -2.20 6.37
N THR K 44 -40.04 -2.69 5.44
CA THR K 44 -39.20 -3.85 5.69
C THR K 44 -37.70 -3.49 5.85
N MET K 45 -36.97 -4.36 6.55
CA MET K 45 -35.60 -4.17 6.91
C MET K 45 -34.68 -5.29 6.37
N ALA K 46 -33.59 -4.89 5.73
CA ALA K 46 -32.53 -5.77 5.31
C ALA K 46 -31.26 -4.91 5.27
N GLY K 47 -30.13 -5.49 5.63
CA GLY K 47 -28.85 -4.80 5.67
C GLY K 47 -28.44 -4.69 7.10
N GLY K 48 -27.99 -3.53 7.52
CA GLY K 48 -27.48 -3.26 8.87
C GLY K 48 -28.64 -3.15 9.81
N ALA K 49 -28.64 -3.91 10.89
CA ALA K 49 -29.80 -3.95 11.77
C ALA K 49 -30.04 -2.56 12.43
N ALA K 50 -28.96 -1.97 12.97
CA ALA K 50 -29.12 -0.66 13.59
C ALA K 50 -29.55 0.37 12.55
N ASP K 51 -28.94 0.33 11.38
CA ASP K 51 -29.27 1.35 10.36
C ASP K 51 -30.74 1.27 9.93
N CYS K 52 -31.20 0.07 9.62
CA CYS K 52 -32.64 -0.08 9.25
C CYS K 52 -33.58 0.35 10.32
N SER K 53 -33.33 -0.09 11.52
CA SER K 53 -34.27 0.17 12.58
C SER K 53 -34.25 1.61 13.04
N PHE K 54 -33.07 2.31 13.05
CA PHE K 54 -33.03 3.74 13.29
C PHE K 54 -33.79 4.56 12.25
N TRP K 55 -33.47 4.36 10.99
CA TRP K 55 -33.96 5.24 9.89
C TRP K 55 -35.44 4.95 9.62
N GLU K 56 -35.87 3.71 9.81
CA GLU K 56 -37.33 3.43 9.72
C GLU K 56 -38.15 3.96 10.89
N ARG K 57 -37.56 3.96 12.06
CA ARG K 57 -38.20 4.61 13.17
C ARG K 57 -38.29 6.09 12.95
N LEU K 58 -37.25 6.68 12.37
CA LEU K 58 -37.26 8.12 12.08
C LEU K 58 -38.30 8.45 11.01
N LEU K 59 -38.40 7.61 10.01
CA LEU K 59 -39.46 7.71 9.02
C LEU K 59 -40.82 7.68 9.70
N ALA K 60 -41.06 6.73 10.59
CA ALA K 60 -42.33 6.70 11.36
C ALA K 60 -42.63 8.02 12.10
N ARG K 61 -41.62 8.61 12.77
CA ARG K 61 -41.79 9.86 13.41
C ARG K 61 -42.23 10.97 12.43
N GLN K 62 -41.57 11.02 11.31
CA GLN K 62 -41.81 12.09 10.31
C GLN K 62 -43.18 11.93 9.64
N CYS K 63 -43.55 10.70 9.34
CA CYS K 63 -44.90 10.41 8.81
C CYS K 63 -45.96 10.85 9.78
N ARG K 64 -45.77 10.60 11.07
CA ARG K 64 -46.73 11.05 12.08
C ARG K 64 -46.83 12.58 12.16
N ILE K 65 -45.69 13.26 12.20
CA ILE K 65 -45.68 14.72 12.19
C ILE K 65 -46.47 15.21 10.95
N TYR K 66 -46.16 14.63 9.80
CA TYR K 66 -46.80 14.98 8.53
C TYR K 66 -48.31 14.91 8.65
N GLU K 67 -48.78 13.83 9.24
CA GLU K 67 -50.18 13.58 9.42
C GLU K 67 -50.82 14.63 10.36
N LEU K 68 -50.16 14.93 11.48
CA LEU K 68 -50.62 15.96 12.37
C LEU K 68 -50.65 17.33 11.66
N ARG K 69 -49.60 17.68 10.90
CA ARG K 69 -49.57 19.01 10.26
C ARG K 69 -50.56 19.18 9.12
N ASN K 70 -50.70 18.17 8.29
CA ASN K 70 -51.51 18.25 7.08
C ASN K 70 -52.93 17.70 7.17
N LYS K 71 -53.27 17.03 8.28
CA LYS K 71 -54.60 16.46 8.50
C LYS K 71 -55.00 15.39 7.48
N GLU K 72 -54.02 14.64 6.98
CA GLU K 72 -54.27 13.50 6.09
C GLU K 72 -53.13 12.55 6.17
N ARG K 73 -53.44 11.29 5.87
CA ARG K 73 -52.48 10.18 5.78
C ARG K 73 -51.42 10.57 4.74
N ILE K 74 -50.15 10.32 5.02
CA ILE K 74 -49.09 10.52 4.01
C ILE K 74 -49.23 9.46 2.91
N SER K 75 -48.99 9.84 1.66
CA SER K 75 -48.96 8.86 0.57
C SER K 75 -47.72 7.95 0.66
N VAL K 76 -47.82 6.78 0.04
CA VAL K 76 -46.72 5.84 -0.05
C VAL K 76 -45.56 6.49 -0.81
N ALA K 77 -45.86 7.21 -1.89
CA ALA K 77 -44.83 7.94 -2.62
C ALA K 77 -44.08 8.95 -1.73
N ALA K 78 -44.81 9.74 -0.96
CA ALA K 78 -44.23 10.73 -0.10
C ALA K 78 -43.45 10.12 1.06
N ALA K 79 -43.95 9.04 1.64
CA ALA K 79 -43.21 8.35 2.70
C ALA K 79 -41.86 7.82 2.16
N SER K 80 -41.91 7.08 1.05
CA SER K 80 -40.73 6.53 0.48
C SER K 80 -39.73 7.69 0.10
N LYS K 81 -40.24 8.83 -0.34
CA LYS K 81 -39.37 9.94 -0.70
C LYS K 81 -38.71 10.59 0.53
N LEU K 82 -39.43 10.67 1.64
CA LEU K 82 -38.86 11.18 2.85
C LEU K 82 -37.70 10.34 3.22
N LEU K 83 -37.86 9.01 3.15
CA LEU K 83 -36.78 8.11 3.51
C LEU K 83 -35.54 8.28 2.57
N ALA K 84 -35.79 8.31 1.28
CA ALA K 84 -34.75 8.49 0.29
C ALA K 84 -33.96 9.78 0.51
N ASN K 85 -34.64 10.89 0.78
CA ASN K 85 -33.99 12.15 1.01
C ASN K 85 -33.20 12.16 2.31
N MET K 86 -33.66 11.46 3.33
CA MET K 86 -32.91 11.36 4.58
C MET K 86 -31.60 10.58 4.40
N VAL K 87 -31.67 9.42 3.73
CA VAL K 87 -30.42 8.61 3.56
C VAL K 87 -29.42 9.17 2.48
N TYR K 88 -29.92 10.00 1.57
CA TYR K 88 -29.09 10.46 0.47
C TYR K 88 -27.86 11.22 1.00
N GLN K 89 -28.06 12.06 2.02
CA GLN K 89 -26.97 12.87 2.70
C GLN K 89 -25.84 11.98 3.21
N TYR K 90 -26.13 10.73 3.52
CA TYR K 90 -25.17 9.83 4.10
C TYR K 90 -24.50 8.92 3.09
N LYS K 91 -24.75 9.06 1.78
CA LYS K 91 -24.11 8.13 0.84
C LYS K 91 -22.61 8.16 0.98
N GLY K 92 -21.97 7.01 0.88
CA GLY K 92 -20.52 6.97 1.02
C GLY K 92 -20.03 6.73 2.47
N MET K 93 -20.90 6.82 3.46
CA MET K 93 -20.49 6.74 4.86
C MET K 93 -20.71 5.36 5.45
N GLY K 94 -21.11 4.42 4.64
CA GLY K 94 -21.14 3.04 5.02
C GLY K 94 -22.49 2.61 5.61
N LEU K 95 -23.58 3.35 5.39
CA LEU K 95 -24.89 2.89 5.79
C LEU K 95 -25.25 1.73 4.95
N SER K 96 -25.95 0.75 5.52
CA SER K 96 -26.39 -0.38 4.74
C SER K 96 -27.87 -0.65 5.04
N MET K 97 -28.73 -0.32 4.10
CA MET K 97 -30.17 -0.44 4.28
C MET K 97 -30.84 -0.71 2.93
N GLY K 98 -31.77 -1.67 2.92
CA GLY K 98 -32.58 -1.98 1.76
C GLY K 98 -33.98 -2.23 2.30
N THR K 99 -34.89 -1.34 1.90
CA THR K 99 -36.19 -1.33 2.46
C THR K 99 -37.30 -1.34 1.39
N MET K 100 -38.41 -1.94 1.72
CA MET K 100 -39.62 -1.77 0.95
C MET K 100 -40.66 -1.00 1.77
N ILE K 101 -41.24 0.02 1.16
CA ILE K 101 -42.27 0.81 1.80
C ILE K 101 -43.57 0.43 1.12
N CYS K 102 -44.50 -0.06 1.90
CA CYS K 102 -45.70 -0.83 1.42
C CYS K 102 -46.96 -0.27 2.08
N GLY K 103 -47.89 0.21 1.26
CA GLY K 103 -49.13 0.77 1.78
C GLY K 103 -50.29 0.70 0.81
N TRP K 104 -51.34 1.43 1.13
CA TRP K 104 -52.49 1.60 0.27
C TRP K 104 -52.93 3.04 0.50
N ASP K 105 -52.95 3.84 -0.55
CA ASP K 105 -53.31 5.24 -0.45
C ASP K 105 -54.30 5.60 -1.55
N LYS K 106 -54.47 6.88 -1.87
CA LYS K 106 -55.37 7.33 -2.91
C LYS K 106 -55.06 6.82 -4.34
N ARG K 107 -53.83 6.40 -4.60
CA ARG K 107 -53.51 5.71 -5.86
C ARG K 107 -53.67 4.18 -5.74
N GLY K 108 -54.23 3.68 -4.63
CA GLY K 108 -54.39 2.24 -4.45
C GLY K 108 -53.16 1.62 -3.82
N PRO K 109 -52.94 0.33 -4.06
CA PRO K 109 -51.80 -0.34 -3.43
C PRO K 109 -50.49 0.28 -3.85
N GLY K 110 -49.56 0.43 -2.91
CA GLY K 110 -48.32 1.12 -3.16
C GLY K 110 -47.14 0.36 -2.64
N LEU K 111 -46.08 0.35 -3.44
CA LEU K 111 -44.87 -0.40 -3.10
C LEU K 111 -43.64 0.27 -3.70
N TYR K 112 -42.73 0.64 -2.83
CA TYR K 112 -41.46 1.27 -3.23
C TYR K 112 -40.25 0.58 -2.59
N TYR K 113 -39.21 0.40 -3.41
CA TYR K 113 -37.93 -0.07 -2.90
C TYR K 113 -37.05 1.17 -2.67
N VAL K 114 -36.45 1.26 -1.49
CA VAL K 114 -35.56 2.37 -1.14
C VAL K 114 -34.30 1.80 -0.46
N ASP K 115 -33.14 2.31 -0.82
CA ASP K 115 -31.94 1.80 -0.19
C ASP K 115 -30.95 2.89 0.08
N SER K 116 -29.89 2.49 0.76
CA SER K 116 -28.83 3.42 1.19
C SER K 116 -27.92 3.86 0.08
N GLU K 117 -27.97 3.19 -1.08
CA GLU K 117 -27.20 3.63 -2.29
C GLU K 117 -27.84 4.82 -2.97
N GLY K 118 -29.07 5.11 -2.58
CA GLY K 118 -29.84 6.19 -3.16
C GLY K 118 -30.96 5.78 -4.11
N ASN K 119 -31.24 4.48 -4.28
CA ASN K 119 -32.31 4.05 -5.18
C ASN K 119 -33.65 4.31 -4.51
N ARG K 120 -34.61 4.72 -5.32
CA ARG K 120 -36.00 4.75 -4.93
C ARG K 120 -36.85 4.39 -6.18
N ILE K 121 -37.56 3.26 -6.16
CA ILE K 121 -38.32 2.84 -7.30
C ILE K 121 -39.58 2.15 -6.90
N SER K 122 -40.60 2.45 -7.67
CA SER K 122 -41.91 1.83 -7.55
C SER K 122 -41.92 0.54 -8.32
N GLY K 123 -42.71 -0.44 -7.90
CA GLY K 123 -42.82 -1.64 -8.71
C GLY K 123 -43.80 -2.61 -8.16
N ALA K 124 -43.97 -3.68 -8.90
CA ALA K 124 -45.06 -4.62 -8.63
C ALA K 124 -44.64 -5.68 -7.60
N THR K 125 -43.40 -6.07 -7.67
CA THR K 125 -42.84 -7.06 -6.77
C THR K 125 -41.36 -6.72 -6.53
N PHE K 126 -40.85 -7.00 -5.35
CA PHE K 126 -39.44 -6.83 -5.01
C PHE K 126 -39.10 -7.91 -3.98
N SER K 127 -37.83 -8.28 -3.95
CA SER K 127 -37.25 -9.03 -2.84
C SER K 127 -35.89 -8.37 -2.54
N VAL K 128 -35.50 -8.36 -1.27
CA VAL K 128 -34.31 -7.62 -0.79
C VAL K 128 -33.60 -8.43 0.25
N GLY K 129 -32.28 -8.42 0.21
CA GLY K 129 -31.44 -9.08 1.16
C GLY K 129 -30.62 -10.13 0.50
N SER K 130 -29.77 -10.77 1.27
CA SER K 130 -28.86 -11.75 0.80
C SER K 130 -29.54 -12.98 0.24
N GLY K 131 -30.78 -13.23 0.69
CA GLY K 131 -31.56 -14.30 0.12
C GLY K 131 -32.50 -13.96 -1.01
N SER K 132 -32.51 -12.70 -1.44
CA SER K 132 -33.43 -12.23 -2.41
C SER K 132 -33.40 -12.98 -3.69
N VAL K 133 -32.22 -13.38 -4.14
CA VAL K 133 -32.15 -14.10 -5.43
C VAL K 133 -32.97 -15.43 -5.42
N TYR K 134 -32.99 -16.12 -4.30
CA TYR K 134 -33.70 -17.38 -4.09
C TYR K 134 -35.22 -17.14 -4.05
N ALA K 135 -35.61 -16.14 -3.26
CA ALA K 135 -36.99 -15.66 -3.22
C ALA K 135 -37.50 -15.22 -4.57
N TYR K 136 -36.68 -14.50 -5.35
CA TYR K 136 -37.16 -14.07 -6.69
C TYR K 136 -37.58 -15.22 -7.59
N GLY K 137 -36.77 -16.26 -7.60
CA GLY K 137 -37.05 -17.41 -8.42
C GLY K 137 -38.42 -18.00 -8.14
N VAL K 138 -38.71 -18.23 -6.87
CA VAL K 138 -40.00 -18.81 -6.51
C VAL K 138 -41.16 -17.82 -6.65
N MET K 139 -40.97 -16.63 -6.13
CA MET K 139 -41.96 -15.58 -6.29
C MET K 139 -42.30 -15.34 -7.75
N ASP K 140 -41.28 -15.20 -8.61
CA ASP K 140 -41.54 -14.93 -10.01
C ASP K 140 -42.30 -16.09 -10.71
N ARG K 141 -42.03 -17.35 -10.37
CA ARG K 141 -42.71 -18.42 -11.09
C ARG K 141 -44.16 -18.55 -10.66
N GLY K 142 -44.53 -18.00 -9.52
CA GLY K 142 -45.90 -18.12 -9.02
C GLY K 142 -46.74 -16.85 -9.05
N TYR K 143 -46.14 -15.70 -9.35
CA TYR K 143 -46.81 -14.43 -9.14
C TYR K 143 -47.81 -14.12 -10.23
N SER K 144 -48.93 -13.54 -9.83
CA SER K 144 -49.93 -12.98 -10.75
C SER K 144 -50.71 -11.90 -10.01
N TYR K 145 -51.08 -10.84 -10.72
CA TYR K 145 -51.90 -9.79 -10.12
C TYR K 145 -53.24 -10.37 -9.61
N ASP K 146 -53.73 -11.44 -10.24
CA ASP K 146 -55.01 -12.01 -9.91
C ASP K 146 -54.93 -13.21 -9.01
N LEU K 147 -53.85 -13.36 -8.28
CA LEU K 147 -53.79 -14.33 -7.19
C LEU K 147 -54.96 -14.14 -6.22
N GLU K 148 -55.57 -15.25 -5.81
CA GLU K 148 -56.48 -15.23 -4.67
C GLU K 148 -55.67 -14.97 -3.41
N VAL K 149 -56.35 -14.46 -2.39
CA VAL K 149 -55.71 -14.04 -1.17
C VAL K 149 -54.89 -15.17 -0.56
N GLU K 150 -55.52 -16.32 -0.38
CA GLU K 150 -54.81 -17.44 0.23
C GLU K 150 -53.63 -17.98 -0.66
N GLN K 151 -53.79 -17.91 -1.99
CA GLN K 151 -52.72 -18.31 -2.92
C GLN K 151 -51.51 -17.37 -2.75
N ALA K 152 -51.80 -16.10 -2.49
CA ALA K 152 -50.82 -15.08 -2.31
C ALA K 152 -50.03 -15.29 -1.00
N TYR K 153 -50.74 -15.63 0.07
CA TYR K 153 -50.12 -15.99 1.33
C TYR K 153 -49.21 -17.21 1.17
N ASP K 154 -49.71 -18.25 0.49
CA ASP K 154 -48.91 -19.44 0.17
C ASP K 154 -47.61 -19.12 -0.62
N LEU K 155 -47.69 -18.28 -1.64
CA LEU K 155 -46.55 -17.94 -2.45
C LEU K 155 -45.46 -17.22 -1.63
N ALA K 156 -45.86 -16.24 -0.83
CA ALA K 156 -44.93 -15.42 -0.04
C ALA K 156 -44.21 -16.27 0.97
N ARG K 157 -44.99 -17.04 1.69
CA ARG K 157 -44.48 -17.99 2.65
C ARG K 157 -43.45 -18.97 2.01
N ARG K 158 -43.82 -19.60 0.89
CA ARG K 158 -42.96 -20.58 0.23
C ARG K 158 -41.65 -19.92 -0.30
N ALA K 159 -41.74 -18.74 -0.86
CA ALA K 159 -40.57 -18.00 -1.37
C ALA K 159 -39.53 -17.66 -0.27
N ILE K 160 -39.97 -17.07 0.81
CA ILE K 160 -39.09 -16.88 1.94
C ILE K 160 -38.50 -18.18 2.43
N TYR K 161 -39.37 -19.21 2.61
CA TYR K 161 -38.91 -20.50 3.06
C TYR K 161 -37.73 -21.06 2.21
N GLN K 162 -37.94 -21.09 0.90
CA GLN K 162 -36.90 -21.55 -0.04
C GLN K 162 -35.60 -20.76 0.03
N ALA K 163 -35.71 -19.46 0.25
CA ALA K 163 -34.54 -18.61 0.52
C ALA K 163 -33.84 -19.02 1.82
N THR K 164 -34.59 -19.35 2.88
CA THR K 164 -33.98 -19.77 4.14
C THR K 164 -33.22 -21.07 4.01
N TYR K 165 -33.68 -21.90 3.10
CA TYR K 165 -33.03 -23.17 2.79
C TYR K 165 -31.65 -22.99 2.08
N ARG K 166 -31.58 -22.13 1.05
CA ARG K 166 -30.31 -21.93 0.31
C ARG K 166 -29.33 -20.96 0.96
N ASP K 167 -29.86 -19.91 1.56
CA ASP K 167 -29.05 -18.80 2.09
C ASP K 167 -28.72 -18.99 3.57
N ALA K 168 -27.43 -19.10 3.88
CA ALA K 168 -26.98 -19.25 5.25
C ALA K 168 -27.40 -18.10 6.14
N TYR K 169 -27.53 -16.89 5.54
CA TYR K 169 -27.90 -15.70 6.31
C TYR K 169 -29.40 -15.44 6.44
N SER K 170 -30.27 -16.40 6.01
CA SER K 170 -31.68 -16.26 6.22
C SER K 170 -32.21 -17.58 6.93
N GLY K 171 -33.16 -17.34 7.83
CA GLY K 171 -33.70 -18.42 8.69
C GLY K 171 -34.65 -17.93 9.75
N GLY K 172 -35.07 -18.87 10.63
CA GLY K 172 -35.85 -18.50 11.78
C GLY K 172 -37.32 -18.76 11.48
N ALA K 173 -38.06 -17.70 11.18
CA ALA K 173 -39.47 -17.82 11.00
C ALA K 173 -39.86 -17.00 9.84
N VAL K 174 -40.96 -17.36 9.21
CA VAL K 174 -41.54 -16.50 8.20
C VAL K 174 -42.72 -15.71 8.72
N ASN K 175 -42.57 -14.39 8.60
CA ASN K 175 -43.52 -13.45 9.15
C ASN K 175 -44.17 -12.78 7.98
N LEU K 176 -45.50 -12.84 7.98
CA LEU K 176 -46.29 -12.46 6.83
C LEU K 176 -47.43 -11.47 7.20
N TYR K 177 -47.56 -10.45 6.37
CA TYR K 177 -48.44 -9.32 6.53
C TYR K 177 -49.16 -9.07 5.22
N HIS K 178 -50.34 -8.49 5.36
CA HIS K 178 -51.16 -8.14 4.25
C HIS K 178 -51.63 -6.70 4.43
N VAL K 179 -51.26 -5.82 3.52
CA VAL K 179 -51.82 -4.47 3.48
C VAL K 179 -53.11 -4.47 2.69
N ARG K 180 -54.21 -4.12 3.34
CA ARG K 180 -55.55 -4.03 2.72
C ARG K 180 -55.97 -2.58 2.74
N GLU K 181 -57.06 -2.25 2.07
CA GLU K 181 -57.50 -0.85 1.96
C GLU K 181 -57.84 -0.19 3.31
N ASP K 182 -58.33 -0.97 4.27
CA ASP K 182 -58.59 -0.42 5.61
C ASP K 182 -57.45 -0.66 6.64
N GLY K 183 -56.24 -1.02 6.19
CA GLY K 183 -55.12 -1.21 7.10
C GLY K 183 -54.40 -2.51 6.86
N TRP K 184 -53.21 -2.63 7.41
CA TRP K 184 -52.50 -3.90 7.34
C TRP K 184 -53.04 -4.84 8.41
N ILE K 185 -52.90 -6.13 8.16
CA ILE K 185 -53.05 -7.15 9.18
C ILE K 185 -51.82 -8.03 9.21
N ARG K 186 -51.47 -8.50 10.41
CA ARG K 186 -50.50 -9.56 10.59
C ARG K 186 -51.17 -10.91 10.29
N VAL K 187 -50.71 -11.67 9.30
CA VAL K 187 -51.41 -12.85 8.89
C VAL K 187 -50.85 -14.14 9.48
N SER K 188 -49.54 -14.25 9.62
CA SER K 188 -48.98 -15.41 10.32
C SER K 188 -47.52 -15.28 10.63
N SER K 189 -47.10 -16.16 11.55
CA SER K 189 -45.72 -16.33 11.87
C SER K 189 -45.43 -17.82 11.90
N ASP K 190 -44.71 -18.36 10.90
CA ASP K 190 -44.43 -19.79 10.90
C ASP K 190 -42.92 -20.08 10.98
N ASN K 191 -42.51 -20.78 12.03
CA ASN K 191 -41.19 -21.33 12.12
C ASN K 191 -40.85 -22.19 10.89
N VAL K 192 -39.68 -21.90 10.31
CA VAL K 192 -39.13 -22.65 9.20
C VAL K 192 -39.03 -24.18 9.44
N ALA K 193 -38.78 -24.62 10.68
CA ALA K 193 -38.71 -26.05 11.00
C ALA K 193 -40.08 -26.69 10.92
N ASP K 194 -41.12 -25.93 11.27
CA ASP K 194 -42.50 -26.39 11.09
C ASP K 194 -42.86 -26.32 9.63
N LEU K 195 -42.42 -25.31 8.87
CA LEU K 195 -42.77 -25.31 7.42
C LEU K 195 -42.12 -26.45 6.65
N HIS K 196 -40.93 -26.86 7.06
CA HIS K 196 -40.22 -27.99 6.47
C HIS K 196 -41.02 -29.30 6.59
N GLU K 197 -41.56 -29.54 7.79
CA GLU K 197 -42.41 -30.67 8.10
C GLU K 197 -43.57 -30.72 7.10
N LYS K 198 -44.22 -29.59 6.93
CA LYS K 198 -45.35 -29.46 6.04
C LYS K 198 -44.96 -29.57 4.54
N TYR K 199 -43.93 -28.89 4.05
CA TYR K 199 -43.71 -28.94 2.60
C TYR K 199 -43.08 -30.24 2.09
N SER K 200 -42.84 -31.22 2.98
CA SER K 200 -42.56 -32.63 2.61
C SER K 200 -43.05 -33.59 3.68
N ARG L 1 -0.45 5.00 13.62
CA ARG L 1 -1.85 4.58 13.72
C ARG L 1 -2.09 4.20 15.22
N PHE L 2 -2.12 5.24 16.09
CA PHE L 2 -2.89 5.18 17.35
C PHE L 2 -4.22 4.43 17.11
N SER L 3 -4.53 3.31 17.84
CA SER L 3 -5.87 2.73 17.84
CA SER L 3 -5.91 2.73 17.84
C SER L 3 -6.68 3.21 19.05
N PRO L 4 -7.92 3.70 18.83
CA PRO L 4 -8.64 4.18 19.96
C PRO L 4 -9.35 3.09 20.77
N TYR L 5 -9.17 1.84 20.43
CA TYR L 5 -9.92 0.72 21.04
C TYR L 5 -9.00 -0.34 21.49
N VAL L 6 -9.39 -1.03 22.54
CA VAL L 6 -8.71 -2.20 22.93
C VAL L 6 -9.81 -3.17 23.49
N PHE L 7 -9.58 -4.45 23.39
CA PHE L 7 -10.55 -5.42 23.89
C PHE L 7 -10.23 -5.80 25.36
N ASN L 8 -11.16 -5.63 26.29
CA ASN L 8 -10.86 -5.92 27.70
C ASN L 8 -11.64 -7.11 28.25
N GLY L 9 -12.41 -7.77 27.40
CA GLY L 9 -12.96 -9.04 27.83
C GLY L 9 -14.20 -8.88 28.66
N GLY L 10 -14.69 -9.97 29.17
CA GLY L 10 -15.92 -9.93 29.95
C GLY L 10 -17.07 -10.63 29.27
N THR L 11 -17.79 -11.39 30.09
CA THR L 11 -18.98 -12.11 29.66
C THR L 11 -20.21 -11.68 30.52
N ILE L 12 -21.31 -11.37 29.82
CA ILE L 12 -22.55 -10.94 30.43
C ILE L 12 -23.68 -11.93 30.06
N LEU L 13 -24.68 -11.94 30.91
CA LEU L 13 -25.82 -12.84 30.74
C LEU L 13 -27.01 -12.19 31.43
N ALA L 14 -28.18 -12.30 30.80
CA ALA L 14 -29.45 -12.02 31.44
C ALA L 14 -30.56 -13.04 31.12
N ILE L 15 -31.45 -13.24 32.10
CA ILE L 15 -32.58 -14.20 31.99
C ILE L 15 -33.84 -13.53 32.54
N ALA L 16 -34.93 -13.54 31.74
CA ALA L 16 -36.21 -13.07 32.19
C ALA L 16 -37.01 -14.24 32.78
N GLY L 17 -37.48 -14.08 33.99
CA GLY L 17 -38.45 -15.02 34.59
C GLY L 17 -39.81 -14.37 34.61
N GLU L 18 -40.78 -15.07 35.21
CA GLU L 18 -42.14 -14.57 35.30
C GLU L 18 -42.20 -13.32 36.17
N ASP L 19 -41.47 -13.35 37.29
CA ASP L 19 -41.46 -12.24 38.23
C ASP L 19 -40.04 -11.89 38.68
N PHE L 20 -39.04 -12.11 37.83
CA PHE L 20 -37.70 -11.77 38.16
C PHE L 20 -36.88 -11.58 36.92
N ALA L 21 -35.72 -11.00 37.08
CA ALA L 21 -34.74 -10.94 36.01
C ALA L 21 -33.38 -11.11 36.62
N ILE L 22 -32.51 -11.85 35.98
CA ILE L 22 -31.14 -12.06 36.43
C ILE L 22 -30.20 -11.36 35.46
N VAL L 23 -29.22 -10.62 35.97
CA VAL L 23 -28.13 -10.13 35.16
C VAL L 23 -26.87 -10.58 35.86
N ALA L 24 -25.97 -11.23 35.09
CA ALA L 24 -24.76 -11.80 35.66
C ALA L 24 -23.56 -11.45 34.80
N SER L 25 -22.41 -11.36 35.43
CA SER L 25 -21.19 -11.14 34.72
C SER L 25 -20.01 -11.67 35.48
N ASP L 26 -18.94 -11.98 34.77
CA ASP L 26 -17.70 -12.35 35.45
C ASP L 26 -17.04 -11.10 35.88
N THR L 27 -15.96 -11.16 36.64
CA THR L 27 -15.34 -9.93 37.17
C THR L 27 -13.93 -9.69 36.71
N ARG L 28 -13.45 -10.42 35.73
CA ARG L 28 -12.09 -10.25 35.22
C ARG L 28 -11.99 -9.08 34.20
N LEU L 29 -10.96 -8.29 34.31
CA LEU L 29 -10.70 -7.22 33.34
C LEU L 29 -9.31 -7.48 32.78
N SER L 30 -9.25 -7.73 31.48
CA SER L 30 -8.07 -8.21 30.78
C SER L 30 -7.56 -7.16 29.75
N GLU L 31 -6.36 -7.39 29.25
CA GLU L 31 -5.85 -6.68 28.14
C GLU L 31 -4.70 -7.49 27.61
N GLY L 32 -4.74 -7.79 26.30
CA GLY L 32 -3.64 -8.54 25.68
C GLY L 32 -3.66 -9.94 26.26
N PHE L 33 -2.53 -10.38 26.77
CA PHE L 33 -2.43 -11.64 27.54
C PHE L 33 -2.43 -11.46 29.08
N SER L 34 -2.79 -10.27 29.57
CA SER L 34 -2.69 -9.88 30.97
C SER L 34 -4.03 -9.66 31.61
N ILE L 35 -4.02 -9.77 32.93
CA ILE L 35 -5.13 -9.40 33.70
C ILE L 35 -4.86 -8.09 34.40
N HIS L 36 -5.76 -7.12 34.21
CA HIS L 36 -5.72 -5.81 34.87
C HIS L 36 -6.16 -5.98 36.37
N THR L 37 -7.33 -6.55 36.57
CA THR L 37 -7.83 -6.82 37.93
C THR L 37 -8.78 -7.95 37.88
N ARG L 38 -8.86 -8.68 38.99
CA ARG L 38 -9.82 -9.76 39.18
C ARG L 38 -11.16 -9.33 39.73
N ASP L 39 -11.34 -8.04 40.00
CA ASP L 39 -12.53 -7.57 40.65
C ASP L 39 -13.19 -6.36 39.95
N SER L 40 -13.64 -6.56 38.73
CA SER L 40 -14.24 -5.51 37.93
C SER L 40 -15.52 -6.08 37.34
N PRO L 41 -16.65 -5.89 38.02
CA PRO L 41 -17.88 -6.48 37.47
C PRO L 41 -18.43 -5.60 36.32
N LYS L 42 -19.31 -6.20 35.54
CA LYS L 42 -19.79 -5.62 34.31
C LYS L 42 -21.21 -5.23 34.38
N CYS L 43 -21.76 -5.27 35.59
CA CYS L 43 -23.17 -4.95 35.84
CA CYS L 43 -23.16 -4.97 35.85
C CYS L 43 -23.25 -3.65 36.62
N TYR L 44 -24.29 -2.87 36.32
CA TYR L 44 -24.49 -1.53 36.88
C TYR L 44 -25.96 -1.38 37.11
N LYS L 45 -26.30 -1.00 38.33
CA LYS L 45 -27.66 -0.72 38.72
C LYS L 45 -28.11 0.60 38.11
N LEU L 46 -29.21 0.61 37.38
CA LEU L 46 -29.79 1.86 36.83
C LEU L 46 -30.93 2.46 37.63
N THR L 47 -31.91 1.61 38.00
CA THR L 47 -33.00 1.97 38.86
C THR L 47 -33.19 0.75 39.76
N ASP L 48 -34.15 0.83 40.66
CA ASP L 48 -34.58 -0.32 41.49
C ASP L 48 -35.08 -1.53 40.69
N LYS L 49 -35.50 -1.30 39.43
CA LYS L 49 -36.12 -2.26 38.55
C LYS L 49 -35.27 -2.65 37.34
N THR L 50 -34.07 -2.07 37.19
CA THR L 50 -33.27 -2.25 35.98
C THR L 50 -31.74 -2.24 36.23
N VAL L 51 -31.09 -3.25 35.68
CA VAL L 51 -29.68 -3.45 35.76
C VAL L 51 -29.21 -3.54 34.31
N ILE L 52 -28.01 -3.02 34.05
CA ILE L 52 -27.42 -3.16 32.71
C ILE L 52 -26.08 -3.90 32.84
N GLY L 53 -25.82 -4.84 31.93
CA GLY L 53 -24.52 -5.47 31.77
C GLY L 53 -23.81 -4.85 30.59
N CYS L 54 -22.51 -4.57 30.72
CA CYS L 54 -21.66 -3.96 29.65
C CYS L 54 -20.30 -4.60 29.58
N SER L 55 -19.92 -5.11 28.41
CA SER L 55 -18.54 -5.58 28.23
C SER L 55 -18.00 -5.12 26.90
N GLY L 56 -16.71 -5.22 26.76
CA GLY L 56 -16.07 -4.87 25.47
C GLY L 56 -14.92 -4.01 25.81
N PHE L 57 -14.84 -2.85 25.16
CA PHE L 57 -13.73 -1.88 25.47
C PHE L 57 -14.08 -1.14 26.72
N HIS L 58 -13.26 -1.29 27.78
CA HIS L 58 -13.63 -0.72 29.10
C HIS L 58 -13.73 0.78 29.11
N GLY L 59 -12.91 1.47 28.35
CA GLY L 59 -13.03 2.90 28.28
C GLY L 59 -14.44 3.37 27.86
N ASP L 60 -15.05 2.64 26.91
CA ASP L 60 -16.36 2.96 26.42
C ASP L 60 -17.41 2.45 27.47
N CYS L 61 -17.15 1.33 28.11
CA CYS L 61 -18.09 0.87 29.17
C CYS L 61 -18.28 1.94 30.20
N LEU L 62 -17.16 2.51 30.67
CA LEU L 62 -17.23 3.52 31.67
C LEU L 62 -17.95 4.75 31.18
N THR L 63 -17.59 5.23 30.01
CA THR L 63 -18.21 6.43 29.52
C THR L 63 -19.71 6.26 29.35
N LEU L 64 -20.09 5.23 28.67
CA LEU L 64 -21.49 4.99 28.36
C LEU L 64 -22.35 4.81 29.63
N THR L 65 -21.85 4.10 30.63
CA THR L 65 -22.65 3.97 31.87
C THR L 65 -22.81 5.32 32.58
N LYS L 66 -21.78 6.19 32.53
CA LYS L 66 -21.90 7.53 33.04
C LYS L 66 -22.87 8.39 32.27
N ILE L 67 -22.91 8.29 30.96
CA ILE L 67 -23.91 8.96 30.18
C ILE L 67 -25.35 8.44 30.50
N ILE L 68 -25.48 7.15 30.54
CA ILE L 68 -26.81 6.59 30.99
C ILE L 68 -27.23 7.18 32.30
N GLU L 69 -26.32 7.21 33.27
CA GLU L 69 -26.68 7.73 34.63
C GLU L 69 -27.15 9.18 34.60
N ALA L 70 -26.44 10.01 33.84
CA ALA L 70 -26.82 11.40 33.66
C ALA L 70 -28.18 11.48 32.97
N ARG L 71 -28.40 10.72 31.93
CA ARG L 71 -29.68 10.80 31.21
C ARG L 71 -30.88 10.30 32.03
N LEU L 72 -30.67 9.34 32.92
CA LEU L 72 -31.75 8.89 33.83
C LEU L 72 -32.17 10.03 34.73
N LYS L 73 -31.22 10.79 35.29
CA LYS L 73 -31.56 11.95 36.10
C LYS L 73 -32.25 13.06 35.33
N MET L 74 -31.76 13.31 34.14
CA MET L 74 -32.39 14.30 33.27
C MET L 74 -33.84 13.95 32.96
N TYR L 75 -34.09 12.71 32.62
CA TYR L 75 -35.48 12.23 32.38
C TYR L 75 -36.37 12.47 33.61
N LYS L 76 -35.84 12.09 34.77
CA LYS L 76 -36.61 12.13 35.99
C LYS L 76 -36.93 13.59 36.33
N HIS L 77 -35.97 14.46 36.13
CA HIS L 77 -36.19 15.87 36.29
C HIS L 77 -37.22 16.45 35.41
N SER L 78 -37.25 16.10 34.14
CA SER L 78 -38.23 16.73 33.26
C SER L 78 -39.58 16.00 33.21
N ASN L 79 -39.61 14.72 33.49
CA ASN L 79 -40.87 13.93 33.49
C ASN L 79 -41.43 13.58 34.89
N ASN L 80 -40.71 13.88 35.96
CA ASN L 80 -41.19 13.51 37.32
C ASN L 80 -41.57 12.07 37.55
N LYS L 81 -40.83 11.17 36.94
CA LYS L 81 -40.87 9.74 37.27
C LYS L 81 -39.57 9.06 36.79
N ALA L 82 -39.26 7.91 37.37
CA ALA L 82 -38.10 7.12 36.97
C ALA L 82 -38.39 6.50 35.61
N MET L 83 -37.37 6.36 34.81
CA MET L 83 -37.47 5.69 33.52
C MET L 83 -37.79 4.24 33.70
N THR L 84 -38.68 3.73 32.86
CA THR L 84 -39.00 2.29 32.82
C THR L 84 -37.88 1.50 32.11
N THR L 85 -37.96 0.19 32.26
CA THR L 85 -36.97 -0.68 31.63
C THR L 85 -36.97 -0.54 30.10
N GLY L 86 -38.18 -0.59 29.54
CA GLY L 86 -38.43 -0.36 28.14
C GLY L 86 -37.96 1.00 27.61
N ALA L 87 -38.17 2.05 28.39
CA ALA L 87 -37.74 3.39 27.97
C ALA L 87 -36.23 3.54 28.07
N ILE L 88 -35.60 2.93 29.07
CA ILE L 88 -34.14 2.87 29.14
C ILE L 88 -33.57 2.18 27.88
N ALA L 89 -34.21 1.09 27.46
CA ALA L 89 -33.73 0.32 26.31
C ALA L 89 -33.85 1.13 25.02
N ALA L 90 -35.00 1.78 24.82
CA ALA L 90 -35.21 2.62 23.66
C ALA L 90 -34.23 3.80 23.64
N MET L 91 -33.91 4.33 24.82
CA MET L 91 -33.01 5.45 24.93
C MET L 91 -31.64 5.04 24.55
N LEU L 92 -31.21 3.91 25.12
CA LEU L 92 -29.87 3.35 24.84
C LEU L 92 -29.65 3.11 23.35
N SER L 93 -30.66 2.62 22.67
CA SER L 93 -30.58 2.46 21.26
C SER L 93 -30.10 3.78 20.56
N THR L 94 -30.72 4.89 20.94
CA THR L 94 -30.41 6.21 20.34
C THR L 94 -29.02 6.72 20.78
N ILE L 95 -28.60 6.43 22.00
CA ILE L 95 -27.28 6.86 22.46
C ILE L 95 -26.23 6.11 21.67
N LEU L 96 -26.45 4.82 21.49
CA LEU L 96 -25.52 4.03 20.66
C LEU L 96 -25.43 4.53 19.20
N TYR L 97 -26.58 4.85 18.63
CA TYR L 97 -26.62 5.28 17.22
C TYR L 97 -25.99 6.68 17.04
N SER L 98 -25.97 7.51 18.08
CA SER L 98 -25.32 8.82 17.97
C SER L 98 -23.83 8.70 17.62
N ARG L 99 -23.25 7.57 17.95
CA ARG L 99 -21.90 7.23 17.62
C ARG L 99 -21.76 6.30 16.47
N ARG L 100 -22.74 6.29 15.55
CA ARG L 100 -22.74 5.37 14.42
C ARG L 100 -21.44 5.38 13.62
N PHE L 101 -20.83 6.52 13.51
CA PHE L 101 -19.53 6.68 12.82
C PHE L 101 -18.23 6.72 13.72
N PHE L 102 -18.33 6.46 15.05
CA PHE L 102 -17.16 6.17 15.96
C PHE L 102 -17.77 5.38 17.11
N PRO L 103 -18.15 4.14 16.86
CA PRO L 103 -19.01 3.43 17.81
C PRO L 103 -18.44 3.23 19.20
N TYR L 104 -19.29 3.22 20.17
CA TYR L 104 -19.02 2.57 21.47
C TYR L 104 -18.76 1.07 21.27
N TYR L 105 -17.57 0.59 21.62
CA TYR L 105 -17.22 -0.78 21.44
C TYR L 105 -17.68 -1.52 22.74
N VAL L 106 -18.99 -1.68 22.83
CA VAL L 106 -19.68 -2.22 24.01
C VAL L 106 -20.81 -3.16 23.57
N TYR L 107 -20.92 -4.29 24.24
CA TYR L 107 -22.09 -5.19 24.13
C TYR L 107 -22.90 -4.99 25.38
N ASN L 108 -24.16 -4.61 25.16
CA ASN L 108 -25.05 -4.32 26.24
C ASN L 108 -26.20 -5.33 26.34
N ILE L 109 -26.51 -5.68 27.57
CA ILE L 109 -27.73 -6.41 27.91
C ILE L 109 -28.42 -5.76 29.11
N ILE L 110 -29.69 -5.35 28.93
CA ILE L 110 -30.46 -4.81 30.03
C ILE L 110 -31.33 -5.95 30.62
N GLY L 111 -31.37 -6.08 31.95
CA GLY L 111 -32.31 -6.98 32.61
C GLY L 111 -33.07 -6.17 33.63
N GLY L 112 -34.37 -6.45 33.72
CA GLY L 112 -35.24 -5.76 34.68
C GLY L 112 -36.67 -6.22 34.64
N LEU L 113 -37.51 -5.44 35.29
CA LEU L 113 -38.94 -5.71 35.36
C LEU L 113 -39.64 -4.72 34.48
N ASP L 114 -40.65 -5.21 33.77
CA ASP L 114 -41.46 -4.37 32.91
C ASP L 114 -42.54 -3.75 33.78
N GLU L 115 -43.48 -3.06 33.14
CA GLU L 115 -44.50 -2.32 33.89
C GLU L 115 -45.63 -3.21 34.46
N GLU L 116 -45.70 -4.48 34.08
CA GLU L 116 -46.61 -5.45 34.76
C GLU L 116 -45.86 -6.32 35.78
N GLY L 117 -44.61 -6.03 36.08
CA GLY L 117 -43.83 -6.80 37.07
C GLY L 117 -43.23 -8.10 36.54
N LYS L 118 -43.27 -8.29 35.22
CA LYS L 118 -42.62 -9.44 34.60
C LYS L 118 -41.16 -9.14 34.23
N GLY L 119 -40.31 -10.17 34.33
CA GLY L 119 -38.96 -10.17 33.79
C GLY L 119 -38.87 -9.69 32.33
N ALA L 120 -37.86 -8.84 32.08
CA ALA L 120 -37.62 -8.34 30.77
C ALA L 120 -36.10 -8.27 30.47
N VAL L 121 -35.71 -8.76 29.29
CA VAL L 121 -34.33 -8.72 28.85
C VAL L 121 -34.28 -7.99 27.49
N TYR L 122 -33.41 -7.00 27.36
CA TYR L 122 -33.13 -6.37 26.04
C TYR L 122 -31.67 -6.52 25.69
N SER L 123 -31.41 -6.97 24.47
CA SER L 123 -30.06 -7.16 24.01
C SER L 123 -29.77 -6.22 22.83
N PHE L 124 -28.56 -5.74 22.77
CA PHE L 124 -28.12 -4.66 21.87
C PHE L 124 -26.89 -5.08 21.08
N ASP L 125 -26.79 -4.59 19.84
CA ASP L 125 -25.49 -4.52 19.22
C ASP L 125 -24.78 -3.15 19.48
N PRO L 126 -23.48 -3.05 19.18
CA PRO L 126 -22.75 -1.81 19.53
C PRO L 126 -23.28 -0.54 18.94
N VAL L 127 -23.98 -0.58 17.80
CA VAL L 127 -24.55 0.66 17.25
C VAL L 127 -26.05 0.84 17.48
N GLY L 128 -26.68 -0.03 18.29
CA GLY L 128 -27.99 0.32 18.90
C GLY L 128 -29.20 -0.49 18.46
N SER L 129 -28.97 -1.45 17.59
CA SER L 129 -30.04 -2.38 17.21
C SER L 129 -30.42 -3.12 18.50
N TYR L 130 -31.69 -3.37 18.75
CA TYR L 130 -32.05 -4.16 19.92
C TYR L 130 -33.40 -4.81 19.79
N GLN L 131 -33.67 -5.71 20.72
CA GLN L 131 -34.97 -6.32 20.86
C GLN L 131 -35.09 -6.92 22.26
N ARG L 132 -36.32 -7.31 22.55
CA ARG L 132 -36.64 -7.99 23.77
C ARG L 132 -36.34 -9.46 23.55
N ASP L 133 -35.69 -10.09 24.51
CA ASP L 133 -35.41 -11.51 24.50
C ASP L 133 -35.91 -12.12 25.78
N SER L 134 -36.00 -13.43 25.82
CA SER L 134 -36.34 -14.21 27.02
C SER L 134 -35.09 -14.44 27.87
N PHE L 135 -33.95 -14.56 27.19
CA PHE L 135 -32.63 -14.65 27.79
C PHE L 135 -31.60 -14.26 26.78
N LYS L 136 -30.42 -13.96 27.22
CA LYS L 136 -29.35 -13.59 26.23
C LYS L 136 -27.99 -13.58 26.88
N ALA L 137 -26.97 -14.09 26.19
CA ALA L 137 -25.61 -14.00 26.60
C ALA L 137 -24.86 -13.01 25.69
N GLY L 138 -23.84 -12.39 26.22
CA GLY L 138 -23.11 -11.31 25.47
C GLY L 138 -21.67 -11.34 25.90
N GLY L 139 -20.81 -10.76 25.10
CA GLY L 139 -19.41 -10.64 25.48
C GLY L 139 -18.57 -11.79 25.02
N SER L 140 -17.47 -11.93 25.68
CA SER L 140 -16.42 -12.81 25.25
C SER L 140 -16.83 -14.27 25.08
N ALA L 141 -17.51 -14.84 26.04
CA ALA L 141 -17.94 -16.20 25.96
C ALA L 141 -19.37 -16.35 25.46
N SER L 142 -19.98 -15.37 24.79
CA SER L 142 -21.38 -15.48 24.38
C SER L 142 -21.72 -16.65 23.49
N ALA L 143 -20.81 -17.03 22.61
CA ALA L 143 -21.04 -18.16 21.74
C ALA L 143 -21.00 -19.49 22.52
N MET L 144 -20.30 -19.50 23.64
CA MET L 144 -20.29 -20.67 24.49
C MET L 144 -21.55 -20.76 25.30
N LEU L 145 -22.01 -19.65 25.84
CA LEU L 145 -23.21 -19.72 26.68
C LEU L 145 -24.51 -19.84 25.89
N GLN L 146 -24.62 -19.17 24.74
CA GLN L 146 -25.93 -18.99 24.13
C GLN L 146 -26.59 -20.28 23.71
N PRO L 147 -25.85 -21.21 23.07
CA PRO L 147 -26.44 -22.52 22.74
C PRO L 147 -26.99 -23.33 23.92
N LEU L 148 -26.27 -23.34 25.04
CA LEU L 148 -26.77 -24.05 26.22
C LEU L 148 -28.08 -23.42 26.68
N LEU L 149 -28.14 -22.08 26.67
CA LEU L 149 -29.36 -21.41 27.12
C LEU L 149 -30.49 -21.70 26.12
N ASP L 150 -30.18 -21.61 24.81
CA ASP L 150 -31.17 -21.99 23.81
C ASP L 150 -31.82 -23.39 24.18
N ASN L 151 -30.98 -24.37 24.44
CA ASN L 151 -31.42 -25.71 24.71
C ASN L 151 -32.17 -25.87 26.04
N GLN L 152 -31.59 -25.40 27.11
CA GLN L 152 -32.08 -25.58 28.48
C GLN L 152 -33.17 -24.61 28.92
N VAL L 153 -33.16 -23.38 28.42
CA VAL L 153 -34.23 -22.43 28.72
C VAL L 153 -35.26 -22.40 27.63
N GLY L 154 -34.81 -22.46 26.39
CA GLY L 154 -35.71 -22.41 25.24
C GLY L 154 -36.24 -23.76 24.86
N PHE L 155 -35.67 -24.79 25.42
CA PHE L 155 -36.10 -26.18 25.18
C PHE L 155 -35.85 -26.62 23.73
N LYS L 156 -34.91 -25.94 23.06
CA LYS L 156 -34.66 -26.24 21.65
C LYS L 156 -33.88 -27.49 21.35
N ASN L 157 -34.32 -28.14 20.25
CA ASN L 157 -33.91 -29.48 19.86
C ASN L 157 -34.33 -30.63 20.80
N MET L 158 -35.25 -30.38 21.71
CA MET L 158 -35.76 -31.51 22.64
C MET L 158 -37.16 -31.93 22.32
N GLN L 159 -37.39 -33.26 22.29
CA GLN L 159 -38.72 -33.85 22.19
C GLN L 159 -39.09 -34.39 23.54
N ASN L 160 -40.38 -34.65 23.73
CA ASN L 160 -40.88 -35.33 24.93
C ASN L 160 -40.39 -34.63 26.23
N VAL L 161 -40.53 -33.30 26.30
CA VAL L 161 -40.29 -32.51 27.54
C VAL L 161 -41.38 -31.45 27.73
N GLU L 162 -41.92 -31.42 28.96
CA GLU L 162 -42.92 -30.42 29.36
C GLU L 162 -42.22 -29.05 29.43
N HIS L 163 -42.81 -28.05 28.76
CA HIS L 163 -42.28 -26.67 28.75
C HIS L 163 -42.73 -25.91 30.00
N VAL L 164 -42.13 -26.28 31.14
CA VAL L 164 -42.50 -25.67 32.42
C VAL L 164 -41.97 -24.21 32.52
N PRO L 165 -42.59 -23.37 33.41
CA PRO L 165 -41.99 -22.06 33.72
C PRO L 165 -40.65 -22.18 34.44
N LEU L 166 -39.80 -21.22 34.10
CA LEU L 166 -38.48 -21.18 34.64
C LEU L 166 -38.53 -20.65 36.08
N SER L 167 -38.21 -21.48 37.03
CA SER L 167 -38.10 -21.00 38.42
C SER L 167 -36.75 -20.25 38.59
N LEU L 168 -36.74 -19.42 39.63
CA LEU L 168 -35.57 -18.70 40.07
C LEU L 168 -34.44 -19.68 40.41
N ASP L 169 -34.78 -20.77 41.08
CA ASP L 169 -33.77 -21.71 41.59
C ASP L 169 -33.08 -22.60 40.51
N ARG L 170 -33.85 -22.99 39.50
CA ARG L 170 -33.27 -23.55 38.27
C ARG L 170 -32.47 -22.46 37.49
N ALA L 171 -32.99 -21.23 37.35
CA ALA L 171 -32.25 -20.17 36.54
C ALA L 171 -30.92 -19.88 37.20
N MET L 172 -30.94 -19.76 38.50
CA MET L 172 -29.70 -19.56 39.23
C MET L 172 -28.66 -20.70 38.98
N ARG L 173 -29.14 -21.94 39.05
CA ARG L 173 -28.31 -23.12 38.89
C ARG L 173 -27.74 -23.22 37.45
N LEU L 174 -28.55 -22.82 36.43
CA LEU L 174 -28.11 -22.65 35.06
C LEU L 174 -26.98 -21.63 34.96
N VAL L 175 -27.19 -20.46 35.55
CA VAL L 175 -26.27 -19.27 35.41
C VAL L 175 -24.90 -19.66 35.96
N LYS L 176 -24.90 -20.31 37.15
CA LYS L 176 -23.63 -20.73 37.73
C LYS L 176 -22.93 -21.79 36.86
N ASP L 177 -23.70 -22.76 36.37
CA ASP L 177 -23.13 -23.80 35.48
C ASP L 177 -22.52 -23.22 34.17
N VAL L 178 -23.24 -22.37 33.43
CA VAL L 178 -22.73 -21.90 32.16
C VAL L 178 -21.46 -21.07 32.38
N PHE L 179 -21.38 -20.25 33.43
CA PHE L 179 -20.17 -19.50 33.69
C PHE L 179 -18.98 -20.37 34.04
N ILE L 180 -19.23 -21.40 34.85
CA ILE L 180 -18.21 -22.36 35.18
C ILE L 180 -17.69 -23.04 33.91
N SER L 181 -18.60 -23.38 32.99
CA SER L 181 -18.18 -23.98 31.70
C SER L 181 -17.40 -23.00 30.82
N ALA L 182 -17.85 -21.75 30.75
CA ALA L 182 -17.13 -20.72 30.05
C ALA L 182 -15.73 -20.47 30.62
N ALA L 183 -15.59 -20.50 31.95
CA ALA L 183 -14.27 -20.27 32.55
C ALA L 183 -13.27 -21.40 32.25
N GLU L 184 -13.79 -22.59 31.90
CA GLU L 184 -12.94 -23.68 31.40
C GLU L 184 -12.27 -23.39 30.05
N ARG L 185 -12.94 -22.66 29.16
CA ARG L 185 -12.55 -22.54 27.75
C ARG L 185 -12.26 -21.12 27.23
N ASP L 186 -12.96 -20.11 27.68
CA ASP L 186 -12.65 -18.71 27.36
C ASP L 186 -11.56 -18.20 28.30
N VAL L 187 -10.40 -17.80 27.73
CA VAL L 187 -9.29 -17.28 28.61
C VAL L 187 -9.70 -16.01 29.35
N TYR L 188 -10.58 -15.21 28.76
CA TYR L 188 -11.04 -13.97 29.37
C TYR L 188 -12.02 -14.08 30.51
N THR L 189 -12.71 -15.20 30.64
CA THR L 189 -13.73 -15.36 31.64
C THR L 189 -13.21 -16.14 32.83
N GLY L 190 -13.34 -15.50 33.99
CA GLY L 190 -12.75 -16.05 35.20
C GLY L 190 -12.90 -15.22 36.44
N ASP L 191 -12.23 -15.71 37.48
CA ASP L 191 -12.09 -15.06 38.80
C ASP L 191 -13.32 -15.18 39.71
N ALA L 192 -14.42 -14.59 39.26
CA ALA L 192 -15.67 -14.56 40.03
C ALA L 192 -16.85 -14.25 39.13
N LEU L 193 -17.97 -14.80 39.53
CA LEU L 193 -19.25 -14.57 38.92
C LEU L 193 -20.09 -13.71 39.90
N ARG L 194 -20.61 -12.61 39.39
CA ARG L 194 -21.50 -11.70 40.12
C ARG L 194 -22.89 -11.84 39.52
N ILE L 195 -23.87 -12.08 40.36
CA ILE L 195 -25.25 -12.26 39.94
C ILE L 195 -26.12 -11.22 40.62
N CYS L 196 -26.98 -10.53 39.87
CA CYS L 196 -27.93 -9.57 40.41
C CYS L 196 -29.29 -10.18 40.16
N ILE L 197 -30.11 -10.30 41.18
CA ILE L 197 -31.47 -10.76 41.01
C ILE L 197 -32.45 -9.57 41.22
N VAL L 198 -33.19 -9.19 40.18
CA VAL L 198 -34.15 -8.13 40.26
C VAL L 198 -35.56 -8.71 40.45
N THR L 199 -36.23 -8.34 41.53
CA THR L 199 -37.64 -8.75 41.81
C THR L 199 -38.40 -7.50 42.35
N LYS L 200 -39.70 -7.64 42.62
CA LYS L 200 -40.49 -6.54 43.20
C LYS L 200 -39.92 -6.01 44.52
N GLU L 201 -39.24 -6.86 45.27
CA GLU L 201 -38.67 -6.51 46.56
C GLU L 201 -37.40 -5.72 46.43
N GLY L 202 -36.77 -5.72 45.25
CA GLY L 202 -35.53 -4.98 45.05
C GLY L 202 -34.54 -5.83 44.30
N ILE L 203 -33.25 -5.51 44.49
CA ILE L 203 -32.14 -6.13 43.78
C ILE L 203 -31.22 -6.77 44.78
N ARG L 204 -30.95 -8.05 44.64
CA ARG L 204 -29.92 -8.64 45.51
C ARG L 204 -28.81 -9.28 44.72
N GLU L 205 -27.71 -9.50 45.42
CA GLU L 205 -26.45 -9.78 44.86
C GLU L 205 -25.93 -11.07 45.42
N GLU L 206 -25.50 -11.98 44.57
CA GLU L 206 -24.69 -13.16 44.98
C GLU L 206 -23.36 -13.11 44.24
N THR L 207 -22.33 -13.65 44.86
CA THR L 207 -21.11 -13.88 44.17
C THR L 207 -20.54 -15.28 44.31
N VAL L 208 -20.09 -15.85 43.20
CA VAL L 208 -19.53 -17.20 43.12
C VAL L 208 -18.12 -17.15 42.57
N SER L 209 -17.26 -17.90 43.22
CA SER L 209 -15.89 -18.04 42.82
C SER L 209 -15.76 -18.77 41.48
N LEU L 210 -14.85 -18.30 40.60
CA LEU L 210 -14.48 -19.00 39.39
C LEU L 210 -12.98 -19.23 39.34
N ARG L 211 -12.52 -20.13 38.51
CA ARG L 211 -11.09 -20.40 38.29
C ARG L 211 -10.27 -19.10 38.01
N LYS L 212 -9.07 -19.02 38.56
CA LYS L 212 -8.18 -17.86 38.44
C LYS L 212 -7.09 -17.91 37.37
N ASP L 213 -6.93 -19.08 36.72
CA ASP L 213 -5.94 -19.24 35.58
C ASP L 213 -6.40 -18.65 34.24
N THR M 1 -0.68 13.91 21.25
CA THR M 1 0.49 13.16 20.73
C THR M 1 0.07 12.00 19.78
N GLN M 2 0.67 12.00 18.61
CA GLN M 2 0.63 10.89 17.66
C GLN M 2 1.85 9.97 17.85
N ASN M 3 2.98 10.54 18.25
CA ASN M 3 4.25 9.85 18.30
C ASN M 3 4.97 10.23 19.60
N PRO M 4 5.03 9.33 20.57
CA PRO M 4 5.64 9.76 21.82
C PRO M 4 7.12 10.07 21.62
N MET M 5 7.70 10.93 22.41
CA MET M 5 9.10 11.29 22.19
C MET M 5 9.89 10.83 23.41
N VAL M 6 10.10 11.66 24.40
CA VAL M 6 10.77 11.22 25.61
C VAL M 6 9.77 10.57 26.50
N THR M 7 10.07 9.37 26.94
CA THR M 7 9.11 8.52 27.65
C THR M 7 9.71 7.94 28.94
N GLY M 8 8.82 7.57 29.86
CA GLY M 8 9.19 6.89 31.06
C GLY M 8 8.55 5.51 31.07
N THR M 9 9.17 4.62 31.81
CA THR M 9 8.78 3.23 31.80
C THR M 9 7.80 2.99 32.94
N SER M 10 7.83 1.80 33.53
CA SER M 10 6.87 1.43 34.58
C SER M 10 6.67 2.36 35.78
N VAL M 11 5.44 2.33 36.30
CA VAL M 11 5.11 2.91 37.57
C VAL M 11 4.47 1.76 38.35
N LEU M 12 4.83 1.64 39.61
CA LEU M 12 4.27 0.62 40.52
C LEU M 12 3.44 1.28 41.58
N GLY M 13 2.44 0.56 42.11
CA GLY M 13 1.64 1.03 43.22
C GLY M 13 1.15 -0.13 44.08
N VAL M 14 1.15 0.06 45.38
CA VAL M 14 0.56 -0.97 46.28
C VAL M 14 -0.07 -0.32 47.54
N LYS M 15 -1.28 -0.74 47.85
CA LYS M 15 -1.95 -0.33 49.05
C LYS M 15 -1.37 -1.04 50.29
N PHE M 16 -1.31 -0.31 51.39
CA PHE M 16 -0.93 -0.86 52.70
C PHE M 16 -1.85 -0.31 53.76
N GLU M 17 -1.78 -0.86 54.97
CA GLU M 17 -2.65 -0.45 56.01
C GLU M 17 -2.28 0.95 56.46
N GLY M 18 -3.19 1.88 56.21
CA GLY M 18 -2.94 3.26 56.52
C GLY M 18 -2.34 4.04 55.34
N GLY M 19 -2.27 3.48 54.14
CA GLY M 19 -1.71 4.26 53.01
C GLY M 19 -1.47 3.56 51.71
N VAL M 20 -0.72 4.24 50.83
CA VAL M 20 -0.37 3.73 49.55
C VAL M 20 1.05 4.16 49.22
N VAL M 21 1.79 3.29 48.55
CA VAL M 21 3.13 3.62 48.08
C VAL M 21 3.15 3.47 46.53
N ILE M 22 3.75 4.44 45.85
CA ILE M 22 4.09 4.31 44.48
C ILE M 22 5.57 4.51 44.24
N ALA M 23 6.07 3.91 43.15
CA ALA M 23 7.50 3.95 42.77
C ALA M 23 7.66 4.19 41.28
N ALA M 24 8.67 4.96 40.91
CA ALA M 24 9.01 5.18 39.54
C ALA M 24 10.45 5.64 39.38
N ASP M 25 11.09 5.09 38.36
CA ASP M 25 12.43 5.45 38.07
C ASP M 25 12.48 6.92 37.53
N MET M 26 13.66 7.50 37.53
CA MET M 26 13.86 8.91 37.18
C MET M 26 14.37 9.16 35.79
N LEU M 27 14.01 8.28 34.87
CA LEU M 27 14.55 8.27 33.52
C LEU M 27 13.54 8.71 32.48
N GLY M 28 13.97 9.64 31.63
CA GLY M 28 13.27 9.88 30.37
C GLY M 28 14.09 9.34 29.22
N SER M 29 13.55 8.35 28.51
CA SER M 29 14.26 7.68 27.44
C SER M 29 13.84 8.30 26.12
N TYR M 30 14.73 8.33 25.18
CA TYR M 30 14.43 8.84 23.84
C TYR M 30 14.72 7.72 22.88
N GLY M 31 13.72 6.93 22.58
CA GLY M 31 13.99 5.63 21.96
C GLY M 31 14.80 4.78 22.97
N SER M 32 15.85 4.14 22.48
CA SER M 32 16.72 3.36 23.35
C SER M 32 17.72 4.24 24.19
N LEU M 33 17.86 5.52 23.85
CA LEU M 33 18.77 6.43 24.56
C LEU M 33 18.25 6.81 25.93
N ALA M 34 19.05 6.60 26.94
CA ALA M 34 18.70 7.02 28.32
C ALA M 34 19.13 8.47 28.42
N ARG M 35 18.23 9.36 28.01
CA ARG M 35 18.57 10.73 27.77
C ARG M 35 18.57 11.63 29.01
N PHE M 36 17.48 11.65 29.73
CA PHE M 36 17.28 12.53 30.87
C PHE M 36 17.20 11.66 32.12
N ARG M 37 18.28 11.63 32.88
CA ARG M 37 18.46 10.66 33.92
C ARG M 37 18.10 11.15 35.31
N ASN M 38 17.58 12.37 35.41
CA ASN M 38 17.18 12.88 36.69
C ASN M 38 15.85 13.59 36.73
N ILE M 39 14.79 12.97 36.21
CA ILE M 39 13.49 13.65 36.11
C ILE M 39 12.54 12.92 37.01
N SER M 40 11.64 13.65 37.66
CA SER M 40 10.64 13.04 38.51
C SER M 40 9.40 12.72 37.67
N ARG M 41 8.92 11.49 37.75
CA ARG M 41 7.73 11.03 37.12
C ARG M 41 6.58 10.82 38.11
N ILE M 42 6.70 11.43 39.27
CA ILE M 42 5.69 11.43 40.28
C ILE M 42 5.32 12.89 40.61
N MET M 43 4.03 13.10 40.83
CA MET M 43 3.48 14.37 41.25
C MET M 43 2.68 14.24 42.54
N ARG M 44 2.93 15.13 43.49
CA ARG M 44 2.04 15.34 44.60
C ARG M 44 0.89 16.22 44.06
N VAL M 45 -0.31 15.70 44.06
CA VAL M 45 -1.46 16.46 43.55
C VAL M 45 -2.01 17.38 44.67
N ASN M 46 -2.32 16.80 45.85
CA ASN M 46 -2.72 17.58 47.01
C ASN M 46 -2.37 16.75 48.20
N ASN M 47 -2.86 17.10 49.36
CA ASN M 47 -2.48 16.40 50.57
C ASN M 47 -2.87 14.92 50.69
N SER M 48 -3.81 14.46 49.86
CA SER M 48 -4.35 13.14 50.00
C SER M 48 -4.02 12.29 48.78
N THR M 49 -3.37 12.86 47.74
CA THR M 49 -3.32 12.25 46.40
C THR M 49 -1.99 12.48 45.70
N MET M 50 -1.50 11.40 45.10
CA MET M 50 -0.28 11.44 44.28
C MET M 50 -0.50 10.65 43.01
N LEU M 51 0.30 11.01 42.01
CA LEU M 51 0.18 10.51 40.67
C LEU M 51 1.58 10.09 40.14
N GLY M 52 1.64 8.93 39.52
CA GLY M 52 2.83 8.47 38.77
C GLY M 52 2.47 8.28 37.29
N ALA M 53 3.36 8.69 36.38
CA ALA M 53 3.10 8.52 34.96
C ALA M 53 4.19 7.81 34.15
N SER M 54 3.74 6.85 33.34
CA SER M 54 4.50 6.23 32.25
C SER M 54 4.15 6.99 30.95
N GLY M 55 4.95 6.78 29.97
CA GLY M 55 4.69 7.28 28.62
C GLY M 55 5.30 8.64 28.42
N ASP M 56 4.71 9.40 27.50
CA ASP M 56 5.30 10.65 27.07
C ASP M 56 5.44 11.72 28.16
N TYR M 57 6.67 12.12 28.47
CA TYR M 57 6.94 13.01 29.57
C TYR M 57 6.40 14.42 29.36
N ALA M 58 6.38 14.95 28.13
CA ALA M 58 5.80 16.25 27.89
C ALA M 58 4.32 16.24 28.15
N ASP M 59 3.63 15.20 27.69
CA ASP M 59 2.22 15.05 28.05
C ASP M 59 2.02 14.99 29.55
N PHE M 60 2.88 14.27 30.24
CA PHE M 60 2.80 14.28 31.74
C PHE M 60 2.93 15.70 32.31
N GLN M 61 3.93 16.45 31.82
CA GLN M 61 4.11 17.80 32.28
C GLN M 61 2.88 18.70 32.02
N TYR M 62 2.20 18.50 30.90
CA TYR M 62 0.97 19.18 30.63
C TYR M 62 -0.08 18.79 31.68
N LEU M 63 -0.26 17.53 31.90
CA LEU M 63 -1.23 17.10 32.95
C LEU M 63 -0.89 17.67 34.32
N LYS M 64 0.41 17.75 34.64
CA LYS M 64 0.85 18.34 35.89
C LYS M 64 0.45 19.78 35.99
N GLN M 65 0.66 20.51 34.87
CA GLN M 65 0.30 21.89 34.81
C GLN M 65 -1.22 22.06 35.04
N VAL M 66 -2.01 21.28 34.35
CA VAL M 66 -3.42 21.47 34.38
C VAL M 66 -3.98 21.07 35.77
N LEU M 67 -3.53 19.94 36.27
CA LEU M 67 -4.02 19.44 37.54
C LEU M 67 -3.53 20.29 38.70
N GLY M 68 -2.29 20.76 38.64
CA GLY M 68 -1.82 21.64 39.64
C GLY M 68 -2.64 22.93 39.71
N GLN M 69 -2.98 23.48 38.55
CA GLN M 69 -3.73 24.71 38.56
C GLN M 69 -5.21 24.46 39.09
N MET M 70 -5.78 23.32 38.75
CA MET M 70 -7.08 22.97 39.30
C MET M 70 -7.09 22.88 40.83
N VAL M 71 -6.03 22.38 41.43
CA VAL M 71 -5.93 22.27 42.87
C VAL M 71 -5.73 23.64 43.48
N ILE M 72 -4.90 24.50 42.85
CA ILE M 72 -4.82 25.87 43.29
C ILE M 72 -6.18 26.54 43.27
N ASP M 73 -6.93 26.39 42.17
CA ASP M 73 -8.22 27.09 41.98
C ASP M 73 -9.17 26.68 43.11
N GLU M 74 -9.19 25.40 43.43
CA GLU M 74 -10.01 24.88 44.54
C GLU M 74 -9.57 25.39 45.91
N GLU M 75 -8.27 25.47 46.17
CA GLU M 75 -7.79 26.04 47.41
C GLU M 75 -8.07 27.53 47.58
N LEU M 76 -8.20 28.30 46.50
CA LEU M 76 -8.55 29.68 46.64
C LEU M 76 -9.88 29.93 47.32
N LEU M 77 -10.81 29.00 47.14
CA LEU M 77 -12.16 29.16 47.68
C LEU M 77 -12.20 28.94 49.20
N GLY M 78 -11.27 28.15 49.74
CA GLY M 78 -11.20 27.93 51.20
C GLY M 78 -12.51 27.55 51.85
N ASP M 79 -13.22 26.61 51.24
CA ASP M 79 -14.59 26.32 51.58
C ASP M 79 -14.80 24.94 52.24
N GLY M 80 -13.74 24.26 52.60
CA GLY M 80 -13.88 22.91 53.29
C GLY M 80 -14.07 21.68 52.42
N HIS M 81 -14.01 21.84 51.10
CA HIS M 81 -14.15 20.72 50.16
C HIS M 81 -12.83 20.68 49.44
N SER M 82 -12.35 19.48 49.22
CA SER M 82 -11.16 19.23 48.46
C SER M 82 -11.43 18.12 47.54
N TYR M 83 -10.74 18.04 46.44
CA TYR M 83 -10.77 16.84 45.63
C TYR M 83 -10.17 15.60 46.35
N SER M 84 -10.98 14.54 46.46
CA SER M 84 -10.51 13.26 46.90
C SER M 84 -9.62 12.60 45.85
N PRO M 85 -8.87 11.56 46.23
CA PRO M 85 -8.14 10.72 45.27
C PRO M 85 -9.04 10.10 44.22
N ARG M 86 -10.22 9.75 44.63
CA ARG M 86 -11.20 9.22 43.70
C ARG M 86 -11.66 10.22 42.67
N ALA M 87 -11.89 11.45 43.10
CA ALA M 87 -12.34 12.53 42.21
C ALA M 87 -11.28 12.86 41.19
N ILE M 88 -10.03 12.87 41.62
CA ILE M 88 -8.92 13.14 40.73
C ILE M 88 -8.80 12.03 39.69
N HIS M 89 -8.93 10.80 40.16
CA HIS M 89 -8.93 9.63 39.29
C HIS M 89 -10.07 9.65 38.26
N SER M 90 -11.27 10.06 38.70
CA SER M 90 -12.40 10.26 37.79
C SER M 90 -12.07 11.34 36.72
N TRP M 91 -11.56 12.46 37.15
CA TRP M 91 -11.26 13.61 36.28
C TRP M 91 -10.29 13.16 35.18
N LEU M 92 -9.25 12.48 35.61
CA LEU M 92 -8.25 11.94 34.71
C LEU M 92 -8.80 10.90 33.71
N THR M 93 -9.65 9.99 34.19
CA THR M 93 -10.36 9.10 33.30
C THR M 93 -11.08 9.91 32.20
N ARG M 94 -11.83 10.93 32.58
CA ARG M 94 -12.57 11.72 31.61
C ARG M 94 -11.67 12.45 30.62
N ALA M 95 -10.59 13.04 31.15
CA ALA M 95 -9.66 13.85 30.33
C ALA M 95 -8.99 12.96 29.31
N MET M 96 -8.51 11.77 29.73
CA MET M 96 -7.89 10.84 28.83
C MET M 96 -8.87 10.29 27.80
N TYR M 97 -10.08 9.89 28.25
CA TYR M 97 -11.07 9.44 27.26
C TYR M 97 -11.39 10.53 26.23
N SER M 98 -11.55 11.74 26.69
CA SER M 98 -11.92 12.80 25.82
C SER M 98 -10.79 13.03 24.72
N ARG M 99 -9.53 12.95 25.12
CA ARG M 99 -8.43 13.23 24.22
C ARG M 99 -8.32 12.04 23.21
N ARG M 100 -8.59 10.81 23.70
CA ARG M 100 -8.66 9.64 22.87
C ARG M 100 -9.75 9.79 21.81
N SER M 101 -10.89 10.33 22.22
CA SER M 101 -12.07 10.45 21.36
C SER M 101 -11.89 11.54 20.35
N LYS M 102 -10.93 12.45 20.54
CA LYS M 102 -10.56 13.38 19.44
C LYS M 102 -9.43 12.88 18.58
N MET M 103 -9.02 11.61 18.77
CA MET M 103 -7.90 11.01 18.05
C MET M 103 -6.59 11.77 18.31
N ASN M 104 -6.44 12.34 19.52
CA ASN M 104 -5.27 13.04 19.91
C ASN M 104 -4.90 12.79 21.35
N PRO M 105 -4.46 11.56 21.66
CA PRO M 105 -4.32 11.16 23.02
C PRO M 105 -3.21 11.87 23.75
N LEU M 106 -3.32 11.88 25.05
CA LEU M 106 -2.21 12.13 25.95
C LEU M 106 -1.57 10.78 26.17
N TRP M 107 -0.30 10.64 25.82
CA TRP M 107 0.29 9.34 25.66
C TRP M 107 0.87 8.79 26.98
N ASN M 108 -0.01 8.53 27.96
CA ASN M 108 0.41 8.20 29.29
C ASN M 108 -0.39 7.08 29.84
N THR M 109 0.22 6.36 30.82
CA THR M 109 -0.52 5.44 31.68
C THR M 109 -0.17 5.85 33.10
N MET M 110 -1.20 6.07 33.93
CA MET M 110 -0.98 6.63 35.21
C MET M 110 -1.54 5.75 36.36
N VAL M 111 -0.92 5.97 37.52
CA VAL M 111 -1.24 5.33 38.77
C VAL M 111 -1.52 6.47 39.76
N ILE M 112 -2.75 6.51 40.30
CA ILE M 112 -3.17 7.51 41.26
C ILE M 112 -3.19 6.74 42.57
N GLY M 113 -2.47 7.25 43.54
CA GLY M 113 -2.48 6.75 44.93
C GLY M 113 -3.05 7.79 45.86
N GLY M 114 -3.83 7.40 46.85
CA GLY M 114 -4.29 8.35 47.83
C GLY M 114 -4.74 7.76 49.16
N TYR M 115 -4.95 8.64 50.10
CA TYR M 115 -5.51 8.24 51.42
C TYR M 115 -6.51 9.34 51.84
N ALA M 116 -7.75 8.96 52.02
CA ALA M 116 -8.80 9.85 52.44
C ALA M 116 -9.81 9.11 53.29
N ASP M 117 -10.24 9.74 54.39
CA ASP M 117 -11.30 9.19 55.27
C ASP M 117 -11.03 7.74 55.67
N GLY M 118 -9.82 7.45 56.15
CA GLY M 118 -9.47 6.06 56.46
C GLY M 118 -9.43 4.97 55.40
N GLU M 119 -9.53 5.32 54.13
CA GLU M 119 -9.47 4.35 53.01
C GLU M 119 -8.25 4.64 52.13
N SER M 120 -7.50 3.59 51.76
CA SER M 120 -6.47 3.67 50.76
C SER M 120 -7.11 3.65 49.35
N PHE M 121 -6.63 4.52 48.48
CA PHE M 121 -7.12 4.52 47.10
C PHE M 121 -5.93 4.26 46.13
N LEU M 122 -6.13 3.32 45.19
CA LEU M 122 -5.17 3.05 44.15
C LEU M 122 -5.88 2.80 42.85
N GLY M 123 -5.61 3.64 41.85
CA GLY M 123 -6.35 3.53 40.62
C GLY M 123 -5.44 3.74 39.42
N TYR M 124 -5.83 3.12 38.32
CA TYR M 124 -5.12 3.16 37.03
C TYR M 124 -5.94 3.96 36.04
N VAL M 125 -5.28 4.73 35.21
CA VAL M 125 -5.90 5.30 34.02
C VAL M 125 -4.91 5.26 32.83
N ASP M 126 -5.38 4.80 31.67
CA ASP M 126 -4.51 4.74 30.47
C ASP M 126 -4.96 5.72 29.42
N MET M 127 -4.23 5.76 28.32
CA MET M 127 -4.46 6.79 27.30
C MET M 127 -5.74 6.67 26.59
N LEU M 128 -6.36 5.50 26.69
CA LEU M 128 -7.64 5.30 26.13
C LEU M 128 -8.82 5.55 27.04
N GLY M 129 -8.59 5.88 28.32
CA GLY M 129 -9.67 6.04 29.28
C GLY M 129 -10.08 4.74 29.99
N VAL M 130 -9.26 3.69 29.86
CA VAL M 130 -9.41 2.45 30.61
C VAL M 130 -9.01 2.78 32.02
N ALA M 131 -9.89 2.59 33.00
CA ALA M 131 -9.54 2.90 34.37
C ALA M 131 -10.21 1.93 35.34
N TYR M 132 -9.56 1.69 36.45
CA TYR M 132 -10.05 0.71 37.43
C TYR M 132 -9.21 0.90 38.66
N GLU M 133 -9.63 0.22 39.68
CA GLU M 133 -8.94 0.21 40.96
C GLU M 133 -8.53 -1.17 41.39
N ALA M 134 -7.46 -1.26 42.15
CA ALA M 134 -6.94 -2.55 42.56
C ALA M 134 -5.98 -2.43 43.71
N PRO M 135 -5.75 -3.56 44.43
CA PRO M 135 -4.85 -3.44 45.60
C PRO M 135 -3.39 -3.21 45.22
N SER M 136 -3.02 -3.55 43.98
CA SER M 136 -1.71 -3.23 43.45
C SER M 136 -1.79 -2.99 41.95
N LEU M 137 -0.84 -2.27 41.44
CA LEU M 137 -0.81 -1.89 40.03
C LEU M 137 0.60 -1.79 39.58
N ALA M 138 0.79 -1.94 38.27
CA ALA M 138 2.09 -1.84 37.63
C ALA M 138 1.91 -1.59 36.12
N THR M 139 2.42 -0.50 35.60
CA THR M 139 2.24 -0.19 34.20
C THR M 139 3.44 -0.74 33.45
N GLY M 140 3.38 -0.69 32.13
CA GLY M 140 4.46 -1.13 31.23
C GLY M 140 4.95 -2.54 31.48
N TYR M 141 6.27 -2.70 31.45
CA TYR M 141 6.88 -3.95 31.72
C TYR M 141 6.57 -4.42 33.17
N GLY M 142 6.26 -3.47 34.06
CA GLY M 142 5.82 -3.74 35.42
C GLY M 142 4.65 -4.70 35.47
N ALA M 143 3.77 -4.61 34.47
CA ALA M 143 2.60 -5.48 34.38
C ALA M 143 3.00 -6.95 34.25
N TYR M 144 4.12 -7.22 33.56
CA TYR M 144 4.65 -8.55 33.39
C TYR M 144 5.63 -9.02 34.44
N LEU M 145 6.43 -8.13 34.99
CA LEU M 145 7.53 -8.50 35.85
C LEU M 145 7.24 -8.23 37.31
N ALA M 146 6.49 -7.20 37.63
CA ALA M 146 6.27 -6.73 39.01
C ALA M 146 4.97 -7.23 39.54
N GLN M 147 3.92 -7.06 38.76
CA GLN M 147 2.56 -7.43 39.18
C GLN M 147 2.41 -8.88 39.64
N PRO M 148 3.07 -9.86 38.96
CA PRO M 148 2.98 -11.24 39.48
C PRO M 148 3.51 -11.39 40.93
N LEU M 149 4.61 -10.70 41.23
CA LEU M 149 5.20 -10.74 42.56
C LEU M 149 4.28 -10.02 43.57
N LEU M 150 3.76 -8.86 43.16
CA LEU M 150 2.82 -8.11 44.01
C LEU M 150 1.60 -8.97 44.42
N ARG M 151 0.99 -9.58 43.40
CA ARG M 151 -0.26 -10.29 43.60
C ARG M 151 -0.07 -11.56 44.36
N GLU M 152 1.09 -12.19 44.21
CA GLU M 152 1.40 -13.42 44.91
C GLU M 152 1.54 -13.12 46.42
N VAL M 153 2.23 -12.03 46.75
CA VAL M 153 2.33 -11.58 48.13
C VAL M 153 0.95 -11.24 48.68
N LEU M 154 0.20 -10.43 47.96
CA LEU M 154 -1.14 -10.02 48.39
C LEU M 154 -2.16 -11.12 48.60
N GLU M 155 -1.98 -12.25 47.93
CA GLU M 155 -2.84 -13.41 48.11
C GLU M 155 -2.58 -14.10 49.44
N LYS M 156 -1.30 -14.32 49.75
CA LYS M 156 -0.88 -14.87 51.02
C LYS M 156 -1.18 -13.94 52.22
N GLN M 157 -1.33 -12.64 51.98
CA GLN M 157 -1.49 -11.64 53.03
C GLN M 157 -2.04 -10.34 52.42
N PRO M 158 -3.37 -10.18 52.37
CA PRO M 158 -3.94 -9.01 51.71
C PRO M 158 -3.66 -7.68 52.40
N VAL M 159 -3.42 -7.69 53.71
CA VAL M 159 -3.12 -6.45 54.44
C VAL M 159 -1.63 -6.37 54.77
N LEU M 160 -0.95 -5.40 54.15
CA LEU M 160 0.49 -5.24 54.34
C LEU M 160 0.73 -4.07 55.24
N SER M 161 1.77 -4.16 56.05
CA SER M 161 2.27 -3.00 56.74
C SER M 161 3.01 -2.07 55.75
N GLN M 162 3.29 -0.84 56.18
CA GLN M 162 4.04 0.12 55.38
C GLN M 162 5.42 -0.38 55.02
N THR M 163 6.13 -0.96 55.99
CA THR M 163 7.49 -1.39 55.75
C THR M 163 7.54 -2.66 54.84
N GLU M 164 6.57 -3.57 54.98
CA GLU M 164 6.41 -4.68 54.03
C GLU M 164 6.11 -4.25 52.56
N ALA M 165 5.23 -3.28 52.38
CA ALA M 165 4.89 -2.75 51.07
C ALA M 165 6.12 -2.12 50.45
N ARG M 166 6.88 -1.40 51.25
CA ARG M 166 8.09 -0.73 50.81
C ARG M 166 9.18 -1.76 50.41
N ASP M 167 9.41 -2.80 51.22
CA ASP M 167 10.37 -3.84 50.88
CA ASP M 167 10.38 -3.85 50.79
C ASP M 167 9.96 -4.53 49.52
N LEU M 168 8.65 -4.74 49.35
CA LEU M 168 8.12 -5.44 48.22
C LEU M 168 8.30 -4.58 46.92
N VAL M 169 8.06 -3.29 47.02
CA VAL M 169 8.33 -2.36 45.94
C VAL M 169 9.81 -2.36 45.56
N GLU M 170 10.73 -2.35 46.53
CA GLU M 170 12.17 -2.40 46.24
C GLU M 170 12.55 -3.67 45.47
N ARG M 171 11.97 -4.82 45.86
CA ARG M 171 12.23 -6.07 45.16
C ARG M 171 11.77 -5.99 43.70
N CYS M 172 10.58 -5.43 43.47
CA CYS M 172 10.03 -5.25 42.10
C CYS M 172 10.89 -4.30 41.28
N MET M 173 11.36 -3.23 41.90
CA MET M 173 12.24 -2.29 41.18
C MET M 173 13.57 -2.93 40.77
N ARG M 174 14.06 -3.87 41.57
CA ARG M 174 15.26 -4.60 41.24
C ARG M 174 15.09 -5.50 40.02
N VAL M 175 13.97 -6.22 39.99
CA VAL M 175 13.63 -7.08 38.91
C VAL M 175 13.50 -6.26 37.64
N LEU M 176 12.83 -5.14 37.72
CA LEU M 176 12.67 -4.27 36.55
C LEU M 176 14.01 -3.75 35.99
N TYR M 177 14.92 -3.39 36.86
CA TYR M 177 16.29 -3.03 36.48
C TYR M 177 17.03 -4.19 35.82
N TYR M 178 16.82 -5.42 36.30
CA TYR M 178 17.41 -6.58 35.65
C TYR M 178 16.89 -6.85 34.20
N ARG M 179 15.60 -6.61 33.95
CA ARG M 179 14.89 -7.21 32.81
C ARG M 179 14.22 -6.24 31.82
N ASP M 180 14.14 -4.97 32.15
CA ASP M 180 13.51 -3.93 31.30
C ASP M 180 14.67 -3.08 30.77
N ALA M 181 14.93 -3.18 29.48
CA ALA M 181 15.98 -2.45 28.85
C ALA M 181 15.78 -0.92 28.89
N ARG M 182 14.62 -0.42 29.31
CA ARG M 182 14.40 1.02 29.43
C ARG M 182 14.33 1.48 30.88
N SER M 183 14.75 0.64 31.83
CA SER M 183 14.76 1.06 33.20
C SER M 183 16.12 1.65 33.56
N TYR M 184 16.17 2.17 34.77
CA TYR M 184 17.34 2.87 35.27
C TYR M 184 17.39 2.72 36.78
N ASN M 185 18.58 2.60 37.35
CA ASN M 185 18.71 2.24 38.80
C ASN M 185 18.80 3.45 39.71
N ARG M 186 17.81 4.29 39.59
CA ARG M 186 17.71 5.58 40.26
C ARG M 186 16.21 5.84 40.24
N PHE M 187 15.62 5.74 41.41
CA PHE M 187 14.18 5.87 41.50
C PHE M 187 13.66 6.65 42.71
N GLN M 188 12.39 6.98 42.65
CA GLN M 188 11.67 7.62 43.74
C GLN M 188 10.57 6.70 44.26
N ILE M 189 10.32 6.81 45.54
CA ILE M 189 9.22 6.18 46.19
C ILE M 189 8.41 7.28 46.79
N ALA M 190 7.12 7.26 46.54
CA ALA M 190 6.22 8.22 47.13
C ALA M 190 5.17 7.53 48.00
N THR M 191 4.85 8.12 49.13
CA THR M 191 3.95 7.48 50.10
C THR M 191 2.88 8.47 50.51
N VAL M 192 1.66 7.99 50.59
CA VAL M 192 0.60 8.82 51.13
C VAL M 192 0.01 8.08 52.34
N THR M 193 -0.15 8.83 53.43
CA THR M 193 -0.81 8.36 54.66
C THR M 193 -1.75 9.49 55.14
N GLU M 194 -2.32 9.31 56.33
CA GLU M 194 -2.93 10.38 57.11
C GLU M 194 -2.16 11.69 57.17
N LYS M 195 -0.84 11.60 57.22
CA LYS M 195 0.02 12.76 57.39
C LYS M 195 0.26 13.51 56.06
N GLY M 196 -0.13 12.96 54.91
CA GLY M 196 0.12 13.62 53.64
C GLY M 196 1.00 12.78 52.74
N VAL M 197 1.59 13.45 51.78
CA VAL M 197 2.34 12.83 50.70
C VAL M 197 3.81 13.14 50.89
N GLU M 198 4.67 12.13 50.85
CA GLU M 198 6.14 12.30 50.88
C GLU M 198 6.75 11.62 49.69
N ILE M 199 7.70 12.28 49.08
CA ILE M 199 8.41 11.74 47.94
C ILE M 199 9.84 11.59 48.40
N GLU M 200 10.39 10.38 48.32
CA GLU M 200 11.79 10.13 48.66
C GLU M 200 12.56 9.76 47.43
N GLY M 201 13.81 10.17 47.41
CA GLY M 201 14.74 9.81 46.40
C GLY M 201 15.84 10.82 46.33
N PRO M 202 16.80 10.67 45.43
CA PRO M 202 17.00 9.51 44.60
C PRO M 202 17.46 8.23 45.33
N LEU M 203 16.81 7.10 45.02
CA LEU M 203 17.12 5.81 45.58
C LEU M 203 17.67 4.86 44.51
N SER M 204 18.43 3.87 44.97
CA SER M 204 19.01 2.78 44.15
C SER M 204 18.73 1.47 44.78
N THR M 205 18.68 0.40 43.99
CA THR M 205 18.62 -0.99 44.54
C THR M 205 19.99 -1.61 44.47
N GLU M 206 20.31 -2.45 45.47
CA GLU M 206 21.41 -3.38 45.37
C GLU M 206 21.11 -4.39 44.24
N THR M 207 22.17 -4.84 43.58
CA THR M 207 22.03 -5.82 42.49
C THR M 207 23.09 -6.92 42.68
N ASN M 208 22.78 -8.10 42.19
CA ASN M 208 23.68 -9.22 42.26
C ASN M 208 24.02 -9.73 40.85
N TRP M 209 25.31 -9.96 40.58
CA TRP M 209 25.77 -10.37 39.27
C TRP M 209 26.52 -11.69 39.27
N ASP M 210 26.32 -12.48 40.33
CA ASP M 210 26.93 -13.79 40.53
C ASP M 210 26.73 -14.70 39.30
N ILE M 211 25.55 -14.65 38.72
CA ILE M 211 25.28 -15.48 37.54
C ILE M 211 26.25 -15.23 36.35
N ALA M 212 26.92 -14.07 36.28
CA ALA M 212 27.95 -13.82 35.27
C ALA M 212 29.07 -14.84 35.26
N HIS M 213 29.34 -15.47 36.41
CA HIS M 213 30.34 -16.56 36.52
C HIS M 213 29.76 -17.98 36.48
N MET M 214 28.46 -18.16 36.28
CA MET M 214 27.82 -19.50 36.24
C MET M 214 27.47 -19.96 34.80
N ILE M 215 28.36 -19.69 33.84
CA ILE M 215 28.26 -20.15 32.44
C ILE M 215 29.53 -20.97 32.13
N SER M 216 29.39 -22.23 31.75
CA SER M 216 30.54 -22.96 31.19
C SER M 216 30.08 -24.21 30.42
N THR N 1 23.46 18.93 13.06
CA THR N 1 23.69 19.96 14.11
C THR N 1 24.17 19.39 15.42
N THR N 2 25.03 20.14 16.05
CA THR N 2 25.34 19.88 17.46
C THR N 2 25.20 21.17 18.22
N ILE N 3 24.45 21.13 19.33
CA ILE N 3 24.28 22.32 20.17
C ILE N 3 24.58 21.92 21.60
N MET N 4 25.00 22.91 22.39
CA MET N 4 25.41 22.65 23.81
C MET N 4 25.33 23.92 24.62
N ALA N 5 24.99 23.74 25.90
CA ALA N 5 25.11 24.82 26.88
C ALA N 5 25.44 24.29 28.26
N VAL N 6 26.11 25.10 29.03
CA VAL N 6 26.72 24.74 30.31
C VAL N 6 26.54 25.87 31.28
N GLN N 7 26.07 25.57 32.46
CA GLN N 7 26.01 26.58 33.52
C GLN N 7 27.35 26.71 34.23
N PHE N 8 27.71 27.91 34.63
CA PHE N 8 28.84 28.17 35.59
C PHE N 8 28.36 29.12 36.64
N ASP N 9 29.16 29.40 37.67
CA ASP N 9 28.72 30.30 38.74
C ASP N 9 28.75 31.76 38.23
N GLY N 10 27.57 32.33 37.96
CA GLY N 10 27.41 33.69 37.40
C GLY N 10 27.01 33.73 35.93
N GLY N 11 26.73 32.60 35.32
CA GLY N 11 26.43 32.62 33.87
C GLY N 11 26.36 31.31 33.16
N VAL N 12 26.30 31.44 31.84
CA VAL N 12 26.27 30.31 30.94
C VAL N 12 27.20 30.49 29.75
N VAL N 13 27.60 29.34 29.23
CA VAL N 13 28.27 29.18 27.93
C VAL N 13 27.38 28.38 26.97
N LEU N 14 27.25 28.86 25.76
CA LEU N 14 26.49 28.17 24.73
C LEU N 14 27.43 27.94 23.55
N GLY N 15 27.20 26.85 22.82
CA GLY N 15 27.88 26.61 21.53
C GLY N 15 27.05 25.92 20.49
N ALA N 16 27.46 26.12 19.25
CA ALA N 16 26.88 25.36 18.14
C ALA N 16 27.87 25.21 17.04
N ASP N 17 27.71 24.16 16.28
CA ASP N 17 28.37 24.06 14.93
C ASP N 17 27.64 25.00 13.98
N SER N 18 27.95 24.97 12.70
CA SER N 18 27.45 25.96 11.78
C SER N 18 26.99 25.41 10.47
N ARG N 19 26.51 24.17 10.46
CA ARG N 19 26.14 23.54 9.22
C ARG N 19 24.62 23.41 9.04
N THR N 20 24.11 23.91 7.94
CA THR N 20 22.76 23.67 7.46
C THR N 20 22.80 22.79 6.21
N THR N 21 22.01 21.71 6.24
CA THR N 21 21.97 20.73 5.18
C THR N 21 20.56 20.60 4.60
N THR N 22 20.48 20.36 3.30
CA THR N 22 19.29 19.77 2.63
C THR N 22 19.82 18.51 1.99
N GLY N 23 19.33 17.37 2.42
CA GLY N 23 19.92 16.08 2.01
C GLY N 23 21.37 16.13 2.48
N SER N 24 22.31 15.78 1.63
CA SER N 24 23.68 15.89 2.03
C SER N 24 24.41 17.08 1.37
N TYR N 25 23.62 18.03 0.86
CA TYR N 25 24.14 19.33 0.45
C TYR N 25 24.18 20.36 1.58
N ILE N 26 25.32 21.02 1.72
CA ILE N 26 25.50 22.01 2.72
C ILE N 26 25.02 23.36 2.14
N ALA N 27 23.85 23.81 2.58
CA ALA N 27 23.24 25.06 2.11
C ALA N 27 23.79 26.29 2.77
N ASN N 28 24.37 26.13 3.96
CA ASN N 28 25.07 27.18 4.65
C ASN N 28 26.13 26.54 5.51
N ARG N 29 27.38 26.86 5.26
CA ARG N 29 28.51 26.32 6.06
C ARG N 29 28.93 27.17 7.29
N VAL N 30 28.31 28.34 7.49
CA VAL N 30 28.60 29.26 8.57
C VAL N 30 27.35 29.77 9.28
N THR N 31 26.31 28.92 9.35
CA THR N 31 25.08 29.23 10.08
C THR N 31 25.36 29.70 11.51
N ASP N 32 24.58 30.69 11.95
CA ASP N 32 24.57 31.13 13.31
C ASP N 32 23.33 30.49 14.00
N LYS N 33 23.54 29.40 14.73
CA LYS N 33 22.46 28.67 15.37
C LYS N 33 22.18 29.12 16.82
N LEU N 34 22.87 30.15 17.26
CA LEU N 34 22.67 30.67 18.58
C LEU N 34 21.98 31.95 18.40
N THR N 35 20.71 32.05 18.81
CA THR N 35 19.96 33.28 18.54
C THR N 35 19.52 34.01 19.78
N PRO N 36 19.81 35.34 19.83
CA PRO N 36 19.38 36.12 20.99
C PRO N 36 17.90 36.26 21.08
N ILE N 37 17.36 36.03 22.24
CA ILE N 37 15.92 36.17 22.47
C ILE N 37 15.61 37.42 23.29
N HIS N 38 16.54 37.78 24.16
CA HIS N 38 16.52 39.03 24.88
C HIS N 38 17.97 39.38 25.20
N ASP N 39 18.24 40.43 25.91
CA ASP N 39 19.62 40.92 26.20
C ASP N 39 20.55 39.85 26.77
N ARG N 40 20.06 39.01 27.67
CA ARG N 40 20.89 37.97 28.27
C ARG N 40 20.31 36.58 28.21
N ILE N 41 19.51 36.33 27.17
CA ILE N 41 18.85 35.02 26.95
C ILE N 41 18.99 34.62 25.51
N PHE N 42 19.59 33.46 25.27
CA PHE N 42 19.77 32.91 23.90
C PHE N 42 19.03 31.57 23.78
N CYS N 43 18.72 31.20 22.55
CA CYS N 43 18.43 29.83 22.26
C CYS N 43 19.40 29.23 21.24
N CYS N 44 19.74 27.97 21.43
CA CYS N 44 20.50 27.21 20.45
C CYS N 44 19.45 26.39 19.68
N ARG N 45 19.55 26.38 18.37
CA ARG N 45 18.53 25.72 17.54
C ARG N 45 19.04 24.52 16.81
N SER N 46 18.29 23.44 16.87
CA SER N 46 18.50 22.25 16.02
C SER N 46 17.12 21.74 15.46
N GLY N 47 17.18 20.95 14.36
CA GLY N 47 16.00 20.38 13.71
C GLY N 47 15.75 21.15 12.42
N SER N 48 14.54 21.59 12.23
CA SER N 48 14.13 22.29 11.06
C SER N 48 14.56 23.75 11.14
N ALA N 49 15.26 24.22 10.13
CA ALA N 49 15.63 25.60 10.05
C ALA N 49 14.44 26.51 10.02
N ALA N 50 13.45 26.22 9.20
CA ALA N 50 12.28 27.08 9.13
C ALA N 50 11.52 27.14 10.43
N ASP N 51 11.27 25.95 11.01
CA ASP N 51 10.46 25.85 12.26
C ASP N 51 11.18 26.60 13.39
N THR N 52 12.49 26.39 13.53
CA THR N 52 13.18 26.99 14.67
C THR N 52 13.30 28.50 14.51
N GLN N 53 13.54 29.00 13.31
CA GLN N 53 13.54 30.47 13.09
C GLN N 53 12.17 31.14 13.37
N ALA N 54 11.07 30.50 12.92
CA ALA N 54 9.75 31.02 13.12
C ALA N 54 9.40 31.03 14.61
N VAL N 55 9.73 29.94 15.32
CA VAL N 55 9.42 29.88 16.73
C VAL N 55 10.29 30.91 17.50
N ALA N 56 11.56 31.00 17.15
CA ALA N 56 12.45 31.97 17.86
C ALA N 56 11.96 33.39 17.69
N ASP N 57 11.58 33.77 16.43
CA ASP N 57 10.99 35.10 16.15
C ASP N 57 9.70 35.37 16.95
N ALA N 58 8.81 34.36 17.01
CA ALA N 58 7.64 34.53 17.76
C ALA N 58 7.88 34.69 19.28
N VAL N 59 8.76 33.92 19.86
CA VAL N 59 9.11 34.03 21.29
C VAL N 59 9.83 35.35 21.62
N THR N 60 10.71 35.78 20.71
CA THR N 60 11.39 37.10 20.86
C THR N 60 10.34 38.19 20.99
N TYR N 61 9.31 38.15 20.13
CA TYR N 61 8.17 39.06 20.17
C TYR N 61 7.40 38.98 21.49
N GLN N 62 7.02 37.79 21.88
CA GLN N 62 6.26 37.63 23.12
C GLN N 62 7.07 38.13 24.35
N LEU N 63 8.31 37.71 24.41
CA LEU N 63 9.17 38.03 25.55
C LEU N 63 9.48 39.54 25.60
N GLY N 64 9.62 40.17 24.44
CA GLY N 64 9.93 41.60 24.40
C GLY N 64 8.78 42.38 24.94
N PHE N 65 7.55 42.01 24.52
CA PHE N 65 6.36 42.70 24.95
C PHE N 65 6.16 42.53 26.46
N HIS N 66 6.26 41.30 26.92
CA HIS N 66 6.16 40.91 28.38
C HIS N 66 7.14 41.75 29.20
N SER N 67 8.36 41.81 28.72
CA SER N 67 9.43 42.56 29.43
C SER N 67 9.17 44.07 29.51
N ILE N 68 8.60 44.69 28.47
CA ILE N 68 8.26 46.09 28.51
C ILE N 68 7.11 46.32 29.52
N GLU N 69 6.10 45.47 29.45
CA GLU N 69 4.96 45.55 30.38
C GLU N 69 5.38 45.44 31.85
N LEU N 70 6.25 44.51 32.16
CA LEU N 70 6.75 44.37 33.53
C LEU N 70 7.79 45.40 33.92
N ASN N 71 8.41 46.04 32.93
CA ASN N 71 9.54 46.95 33.18
C ASN N 71 10.68 46.32 34.00
N GLU N 72 11.10 45.13 33.59
CA GLU N 72 12.16 44.39 34.23
C GLU N 72 12.75 43.44 33.21
N PRO N 73 13.99 42.98 33.46
CA PRO N 73 14.53 41.92 32.57
C PRO N 73 13.73 40.61 32.74
N PRO N 74 13.54 39.87 31.66
CA PRO N 74 12.83 38.63 31.77
C PRO N 74 13.64 37.53 32.44
N LEU N 75 12.92 36.64 33.11
CA LEU N 75 13.48 35.43 33.64
C LEU N 75 13.86 34.46 32.56
N VAL N 76 14.99 33.75 32.73
CA VAL N 76 15.36 32.73 31.75
C VAL N 76 14.28 31.59 31.72
N HIS N 77 13.76 31.26 32.87
CA HIS N 77 12.68 30.32 33.01
C HIS N 77 11.43 30.72 32.21
N THR N 78 11.15 32.02 32.14
CA THR N 78 10.05 32.53 31.33
C THR N 78 10.25 32.37 29.81
N ALA N 79 11.44 32.72 29.33
CA ALA N 79 11.78 32.40 27.94
C ALA N 79 11.66 30.92 27.62
N ALA N 80 12.17 30.08 28.48
CA ALA N 80 12.04 28.66 28.28
C ALA N 80 10.58 28.19 28.26
N SER N 81 9.76 28.71 29.17
CA SER N 81 8.35 28.34 29.23
C SER N 81 7.61 28.78 27.96
N LEU N 82 7.98 29.92 27.41
CA LEU N 82 7.37 30.35 26.13
C LEU N 82 7.74 29.45 24.97
N PHE N 83 9.00 29.06 24.89
CA PHE N 83 9.40 28.06 23.91
C PHE N 83 8.62 26.74 24.06
N LYS N 84 8.58 26.24 25.29
CA LYS N 84 7.93 24.99 25.62
C LYS N 84 6.46 25.00 25.21
N GLU N 85 5.70 26.01 25.64
CA GLU N 85 4.32 26.20 25.30
C GLU N 85 4.10 26.10 23.80
N MET N 86 4.91 26.77 23.00
CA MET N 86 4.74 26.71 21.54
CA MET N 86 4.74 26.71 21.54
C MET N 86 5.18 25.36 20.92
N CYS N 87 6.34 24.83 21.37
CA CYS N 87 6.85 23.55 20.89
C CYS N 87 5.97 22.36 21.34
N TYR N 88 5.29 22.46 22.46
CA TYR N 88 4.41 21.35 22.97
C TYR N 88 3.07 21.40 22.21
N ARG N 89 2.46 22.56 22.16
CA ARG N 89 1.20 22.82 21.51
C ARG N 89 1.20 22.38 20.01
N TYR N 90 2.27 22.73 19.32
CA TYR N 90 2.46 22.41 17.93
C TYR N 90 3.44 21.28 17.69
N ARG N 91 3.59 20.37 18.66
CA ARG N 91 4.56 19.28 18.54
C ARG N 91 4.32 18.39 17.27
N GLU N 92 3.11 18.25 16.84
CA GLU N 92 2.89 17.51 15.66
C GLU N 92 3.25 18.28 14.36
N ASP N 93 3.48 19.58 14.38
CA ASP N 93 3.81 20.29 13.14
C ASP N 93 5.19 20.90 13.14
N LEU N 94 6.00 20.67 14.14
CA LEU N 94 7.29 21.32 14.29
C LEU N 94 8.33 20.27 14.53
N MET N 95 9.52 20.54 14.05
CA MET N 95 10.68 19.74 14.29
C MET N 95 11.74 20.66 14.87
N ALA N 96 11.77 20.76 16.19
CA ALA N 96 12.58 21.77 16.87
C ALA N 96 13.17 21.16 18.16
N GLY N 97 14.48 21.13 18.27
CA GLY N 97 15.20 20.67 19.50
C GLY N 97 15.99 21.85 19.99
N ILE N 98 15.55 22.43 21.11
CA ILE N 98 15.99 23.77 21.53
C ILE N 98 16.76 23.68 22.85
N ILE N 99 17.78 24.51 23.01
CA ILE N 99 18.31 24.76 24.34
C ILE N 99 18.15 26.26 24.61
N ILE N 100 17.57 26.60 25.77
CA ILE N 100 17.44 27.97 26.19
C ILE N 100 18.41 28.21 27.33
N ALA N 101 19.22 29.24 27.17
CA ALA N 101 20.21 29.54 28.23
C ALA N 101 20.43 31.02 28.37
N GLY N 102 20.68 31.43 29.58
CA GLY N 102 20.91 32.82 29.84
C GLY N 102 21.14 33.15 31.27
N TRP N 103 21.10 34.45 31.55
CA TRP N 103 21.27 34.96 32.88
C TRP N 103 20.11 35.88 33.22
N ASP N 104 19.64 35.80 34.46
CA ASP N 104 18.77 36.82 35.03
C ASP N 104 19.16 37.13 36.49
N PRO N 105 18.69 38.28 37.02
CA PRO N 105 19.19 38.67 38.34
C PRO N 105 18.59 37.87 39.50
N GLN N 106 17.57 37.11 39.23
CA GLN N 106 16.91 36.38 40.28
C GLN N 106 17.50 34.99 40.45
N GLU N 107 17.70 34.26 39.37
CA GLU N 107 18.25 32.92 39.43
C GLU N 107 19.65 32.70 38.83
N GLY N 108 20.30 33.75 38.29
CA GLY N 108 21.65 33.59 37.73
C GLY N 108 21.66 32.80 36.42
N GLY N 109 22.73 32.03 36.20
CA GLY N 109 22.96 31.32 34.98
C GLY N 109 22.09 30.08 34.92
N GLN N 110 21.37 29.94 33.84
CA GLN N 110 20.49 28.78 33.73
C GLN N 110 20.45 28.19 32.33
N VAL N 111 20.33 26.86 32.27
CA VAL N 111 20.24 26.09 31.05
C VAL N 111 18.99 25.23 31.06
N TYR N 112 18.15 25.36 30.04
CA TYR N 112 16.94 24.56 29.89
C TYR N 112 16.97 23.85 28.58
N SER N 113 16.61 22.57 28.59
CA SER N 113 16.35 21.81 27.36
C SER N 113 14.87 21.73 27.04
N VAL N 114 14.53 22.01 25.80
CA VAL N 114 13.20 21.78 25.24
C VAL N 114 13.38 20.87 24.04
N PRO N 115 13.47 19.56 24.28
CA PRO N 115 13.67 18.66 23.15
C PRO N 115 12.39 18.51 22.35
N MET N 116 12.49 17.80 21.25
CA MET N 116 11.35 17.55 20.38
C MET N 116 10.22 16.87 21.22
N GLY N 117 9.00 17.35 20.99
CA GLY N 117 7.87 16.93 21.80
C GLY N 117 7.43 18.00 22.78
N GLY N 118 8.33 18.85 23.20
CA GLY N 118 8.00 19.98 24.01
C GLY N 118 7.99 19.78 25.51
N MET N 119 8.78 18.87 26.01
CA MET N 119 9.03 18.80 27.46
C MET N 119 10.08 19.91 27.76
N MET N 120 10.24 20.25 29.04
CA MET N 120 11.23 21.26 29.46
C MET N 120 11.83 20.78 30.76
N VAL N 121 13.15 20.81 30.85
CA VAL N 121 13.85 20.38 32.06
C VAL N 121 15.08 21.31 32.18
N ARG N 122 15.34 21.76 33.40
CA ARG N 122 16.54 22.46 33.73
C ARG N 122 17.69 21.47 33.81
N GLN N 123 18.86 21.80 33.25
CA GLN N 123 20.09 20.97 33.39
C GLN N 123 21.38 21.77 33.68
N SER N 124 22.40 21.13 34.29
CA SER N 124 23.69 21.73 34.55
C SER N 124 24.34 22.00 33.25
N PHE N 125 24.18 21.06 32.34
CA PHE N 125 24.59 21.27 30.95
C PHE N 125 23.64 20.50 30.06
N ALA N 126 23.49 20.94 28.85
CA ALA N 126 22.60 20.30 27.87
C ALA N 126 23.29 20.15 26.54
N ILE N 127 22.99 19.09 25.82
CA ILE N 127 23.45 18.87 24.46
C ILE N 127 22.26 18.43 23.61
N GLY N 128 22.28 18.77 22.35
CA GLY N 128 21.22 18.39 21.44
C GLY N 128 21.68 18.41 20.01
N GLY N 129 20.75 18.13 19.13
CA GLY N 129 20.98 17.86 17.73
C GLY N 129 21.54 16.48 17.40
N SER N 130 21.55 16.17 16.13
CA SER N 130 22.04 14.87 15.66
C SER N 130 23.47 14.52 16.18
N GLY N 131 24.39 15.46 16.23
CA GLY N 131 25.74 15.17 16.65
C GLY N 131 25.88 14.87 18.14
N SER N 132 24.91 15.29 18.95
CA SER N 132 24.99 15.04 20.37
C SER N 132 25.15 13.57 20.69
N SER N 133 24.59 12.67 19.88
CA SER N 133 24.79 11.26 20.13
C SER N 133 26.23 10.89 20.35
N TYR N 134 27.13 11.44 19.55
CA TYR N 134 28.48 11.05 19.54
C TYR N 134 29.27 11.57 20.72
N ILE N 135 28.69 12.49 21.51
CA ILE N 135 29.39 13.07 22.62
C ILE N 135 28.76 12.81 23.99
N TYR N 136 27.72 11.95 24.10
CA TYR N 136 27.21 11.61 25.45
C TYR N 136 28.32 11.10 26.35
N GLY N 137 29.07 10.12 25.89
CA GLY N 137 30.14 9.53 26.67
C GLY N 137 31.22 10.54 27.06
N TYR N 138 31.67 11.33 26.11
CA TYR N 138 32.63 12.40 26.34
C TYR N 138 32.19 13.35 27.46
N VAL N 139 31.00 13.92 27.31
CA VAL N 139 30.51 14.87 28.32
C VAL N 139 30.24 14.22 29.68
N ASP N 140 29.73 12.98 29.70
CA ASP N 140 29.53 12.27 30.96
C ASP N 140 30.83 12.00 31.70
N ALA N 141 31.93 11.79 30.98
CA ALA N 141 33.21 11.55 31.58
C ALA N 141 33.97 12.81 31.96
N THR N 142 33.72 13.91 31.25
CA THR N 142 34.54 15.11 31.36
C THR N 142 33.89 16.17 32.25
N TYR N 143 32.57 16.26 32.27
CA TYR N 143 31.89 17.23 33.13
C TYR N 143 32.37 17.15 34.57
N ARG N 144 32.63 18.32 35.16
CA ARG N 144 33.01 18.50 36.59
C ARG N 144 32.13 19.62 37.15
N GLU N 145 31.60 19.39 38.34
CA GLU N 145 30.89 20.44 39.06
C GLU N 145 31.91 21.55 39.40
N GLY N 146 31.51 22.79 39.19
CA GLY N 146 32.28 23.95 39.65
C GLY N 146 33.29 24.44 38.65
N MET N 147 33.06 24.19 37.38
CA MET N 147 33.95 24.67 36.32
C MET N 147 33.87 26.19 36.20
N THR N 148 34.97 26.80 35.80
CA THR N 148 34.96 28.25 35.58
C THR N 148 34.38 28.51 34.23
N LYS N 149 34.14 29.78 33.95
CA LYS N 149 33.73 30.20 32.61
C LYS N 149 34.68 29.70 31.53
N GLU N 150 35.97 29.87 31.74
CA GLU N 150 36.96 29.50 30.73
C GLU N 150 37.02 27.96 30.49
N GLU N 151 36.85 27.19 31.54
CA GLU N 151 36.79 25.76 31.46
C GLU N 151 35.53 25.31 30.73
N CYS N 152 34.41 25.98 30.98
CA CYS N 152 33.17 25.72 30.28
C CYS N 152 33.30 26.00 28.79
N LEU N 153 33.99 27.08 28.42
CA LEU N 153 34.26 27.38 27.03
C LEU N 153 35.11 26.28 26.37
N GLN N 154 36.16 25.84 27.03
CA GLN N 154 37.01 24.79 26.52
C GLN N 154 36.26 23.45 26.36
N PHE N 155 35.49 23.08 27.38
CA PHE N 155 34.68 21.87 27.45
C PHE N 155 33.67 21.83 26.30
N THR N 156 32.96 22.95 26.12
CA THR N 156 32.03 23.10 25.01
C THR N 156 32.71 23.00 23.62
N ALA N 157 33.83 23.71 23.43
CA ALA N 157 34.57 23.65 22.14
C ALA N 157 35.08 22.27 21.80
N ASN N 158 35.60 21.56 22.82
CA ASN N 158 36.09 20.19 22.65
C ASN N 158 34.95 19.26 22.24
N ALA N 159 33.83 19.32 22.98
CA ALA N 159 32.66 18.50 22.72
C ALA N 159 32.12 18.71 21.34
N LEU N 160 31.94 19.97 20.96
CA LEU N 160 31.46 20.28 19.63
C LEU N 160 32.43 19.85 18.53
N ALA N 161 33.74 19.99 18.77
CA ALA N 161 34.73 19.54 17.79
C ALA N 161 34.66 18.00 17.52
N LEU N 162 34.49 17.23 18.59
CA LEU N 162 34.39 15.79 18.52
C LEU N 162 33.15 15.39 17.77
N ALA N 163 32.05 16.01 18.08
CA ALA N 163 30.78 15.76 17.38
C ALA N 163 30.86 16.11 15.88
N MET N 164 31.43 17.24 15.56
CA MET N 164 31.58 17.69 14.21
C MET N 164 32.44 16.78 13.40
N GLU N 165 33.46 16.20 13.99
CA GLU N 165 34.26 15.26 13.27
C GLU N 165 33.48 14.01 12.79
N ARG N 166 32.55 13.53 13.62
CA ARG N 166 31.83 12.29 13.36
C ARG N 166 30.42 12.42 12.69
N ASP N 167 29.73 13.52 12.93
CA ASP N 167 28.39 13.73 12.41
C ASP N 167 28.45 14.46 11.06
N GLY N 168 28.05 13.81 9.97
CA GLY N 168 27.90 14.40 8.66
C GLY N 168 27.01 15.64 8.65
N SER N 169 26.05 15.71 9.53
CA SER N 169 25.19 16.88 9.62
C SER N 169 25.67 18.01 10.46
N SER N 170 26.84 17.87 11.07
CA SER N 170 27.46 18.95 11.83
C SER N 170 28.78 19.30 11.16
N GLY N 171 29.22 20.54 11.30
CA GLY N 171 30.55 20.89 10.76
C GLY N 171 30.65 22.39 10.60
N GLY N 172 31.76 22.82 9.99
CA GLY N 172 31.96 24.22 9.72
C GLY N 172 32.83 24.87 10.79
N VAL N 173 32.30 25.92 11.42
CA VAL N 173 32.93 26.66 12.54
C VAL N 173 32.19 26.41 13.81
N ILE N 174 32.85 26.64 14.91
CA ILE N 174 32.19 26.60 16.22
C ILE N 174 31.91 28.02 16.60
N ARG N 175 30.66 28.31 16.87
CA ARG N 175 30.24 29.57 17.46
C ARG N 175 29.97 29.37 18.97
N LEU N 176 30.60 30.25 19.78
CA LEU N 176 30.45 30.27 21.22
C LEU N 176 29.89 31.57 21.69
N ALA N 177 29.17 31.51 22.77
CA ALA N 177 28.71 32.70 23.49
C ALA N 177 28.81 32.47 24.99
N ALA N 178 29.22 33.48 25.74
CA ALA N 178 29.19 33.45 27.18
C ALA N 178 28.25 34.53 27.64
N ILE N 179 27.36 34.21 28.56
CA ILE N 179 26.37 35.17 29.09
C ILE N 179 26.48 35.24 30.60
N ALA N 180 26.51 36.46 31.10
CA ALA N 180 26.69 36.77 32.52
C ALA N 180 26.03 38.13 32.78
N GLU N 181 26.01 38.56 34.02
CA GLU N 181 25.50 39.86 34.35
C GLU N 181 26.13 40.97 33.51
N SER N 182 27.42 40.91 33.26
CA SER N 182 28.13 42.00 32.54
C SER N 182 27.79 42.04 31.03
N GLY N 183 27.14 41.03 30.49
CA GLY N 183 26.74 41.03 29.09
C GLY N 183 27.02 39.72 28.36
N VAL N 184 27.12 39.84 27.05
CA VAL N 184 27.24 38.71 26.17
C VAL N 184 28.56 38.83 25.43
N GLU N 185 29.34 37.78 25.38
CA GLU N 185 30.59 37.71 24.64
C GLU N 185 30.52 36.57 23.64
N ARG N 186 30.64 36.90 22.38
CA ARG N 186 30.53 35.96 21.29
C ARG N 186 31.87 35.77 20.66
N GLN N 187 32.14 34.56 20.22
CA GLN N 187 33.32 34.29 19.39
C GLN N 187 33.14 33.10 18.50
N VAL N 188 34.00 33.05 17.49
CA VAL N 188 34.06 31.95 16.53
C VAL N 188 35.39 31.22 16.59
N LEU N 189 35.36 29.89 16.70
CA LEU N 189 36.56 29.08 16.45
C LEU N 189 36.46 28.59 15.03
N LEU N 190 37.46 28.92 14.23
CA LEU N 190 37.56 28.40 12.85
C LEU N 190 38.92 27.82 12.50
N GLY N 191 38.93 26.98 11.47
CA GLY N 191 40.18 26.39 10.99
C GLY N 191 40.97 25.73 12.10
N ASP N 192 42.19 26.19 12.26
CA ASP N 192 43.15 25.65 13.25
C ASP N 192 42.79 25.95 14.70
N GLN N 193 41.90 26.89 14.94
CA GLN N 193 41.45 27.21 16.29
C GLN N 193 40.49 26.12 16.83
N ILE N 194 39.97 25.23 15.97
CA ILE N 194 39.09 24.16 16.43
C ILE N 194 39.99 23.09 17.10
N PRO N 195 39.66 22.64 18.34
CA PRO N 195 40.45 21.58 18.95
C PRO N 195 40.54 20.36 18.04
N LYS N 196 41.71 19.74 18.04
CA LYS N 196 42.14 18.73 17.09
C LYS N 196 42.48 17.48 17.85
N PHE N 197 42.06 16.34 17.36
CA PHE N 197 42.41 15.06 17.96
C PHE N 197 42.89 14.18 16.76
N ALA N 198 44.07 13.58 16.84
CA ALA N 198 44.59 12.74 15.72
C ALA N 198 43.65 11.57 15.32
N VAL N 199 43.51 11.32 14.01
CA VAL N 199 42.93 10.04 13.49
C VAL N 199 43.95 8.95 13.85
N ALA N 200 43.45 7.77 14.23
CA ALA N 200 44.29 6.70 14.80
C ALA N 200 44.95 5.76 13.74
N THR N 201 46.10 6.19 13.19
CA THR N 201 46.88 5.41 12.19
C THR N 201 47.58 4.18 12.79
N LEU N 202 47.74 3.03 12.04
CA LEU N 202 48.48 1.91 12.66
C LEU N 202 49.97 2.19 12.89
N ARG O 4 30.68 -41.83 -11.60
CA ARG O 4 29.21 -42.03 -11.31
C ARG O 4 28.88 -43.40 -10.61
N GLY O 5 29.57 -44.49 -10.99
CA GLY O 5 29.20 -45.83 -10.61
C GLY O 5 29.04 -46.67 -11.88
N TYR O 6 29.23 -47.95 -11.74
CA TYR O 6 28.88 -48.88 -12.79
C TYR O 6 27.35 -49.08 -12.61
N SER O 7 26.61 -48.95 -13.71
CA SER O 7 25.17 -48.97 -13.68
C SER O 7 24.55 -50.36 -14.03
N PHE O 8 25.39 -51.34 -14.35
CA PHE O 8 24.95 -52.69 -14.71
C PHE O 8 25.01 -53.62 -13.53
N SER O 9 24.16 -54.64 -13.51
CA SER O 9 24.17 -55.59 -12.38
C SER O 9 25.46 -56.41 -12.38
N LEU O 10 26.05 -56.70 -11.20
CA LEU O 10 27.18 -57.65 -11.09
C LEU O 10 26.69 -59.02 -10.67
N THR O 11 25.45 -59.13 -10.18
CA THR O 11 24.84 -60.46 -10.02
C THR O 11 23.77 -60.68 -11.12
N THR O 12 23.92 -61.81 -11.83
CA THR O 12 23.11 -62.19 -12.96
C THR O 12 22.84 -63.67 -12.94
N PHE O 13 21.88 -64.09 -13.75
CA PHE O 13 21.52 -65.50 -13.85
C PHE O 13 22.54 -66.30 -14.67
N SER O 14 22.97 -67.44 -14.11
CA SER O 14 23.66 -68.46 -14.85
C SER O 14 22.65 -69.28 -15.71
N PRO O 15 23.15 -70.04 -16.69
CA PRO O 15 22.26 -70.82 -17.60
C PRO O 15 21.39 -71.86 -16.89
N SER O 16 21.84 -72.37 -15.75
CA SER O 16 21.00 -73.26 -14.91
C SER O 16 20.06 -72.52 -13.95
N GLY O 17 19.98 -71.21 -14.04
CA GLY O 17 19.07 -70.45 -13.20
C GLY O 17 19.60 -69.95 -11.88
N LYS O 18 20.88 -70.11 -11.61
CA LYS O 18 21.45 -69.68 -10.31
C LYS O 18 21.97 -68.23 -10.39
N LEU O 19 21.83 -67.50 -9.30
CA LEU O 19 22.53 -66.27 -9.08
C LEU O 19 23.83 -66.57 -8.32
N VAL O 20 24.93 -66.84 -9.03
CA VAL O 20 26.11 -67.37 -8.37
C VAL O 20 26.76 -66.41 -7.38
N GLN O 21 26.74 -65.09 -7.63
CA GLN O 21 27.21 -64.18 -6.59
C GLN O 21 26.51 -64.29 -5.24
N ILE O 22 25.23 -64.62 -5.23
CA ILE O 22 24.54 -64.83 -3.98
C ILE O 22 25.04 -66.13 -3.33
N GLU O 23 25.20 -67.18 -4.15
CA GLU O 23 25.74 -68.45 -3.68
C GLU O 23 27.09 -68.27 -3.09
N TYR O 24 27.89 -67.45 -3.72
CA TYR O 24 29.22 -67.21 -3.19
C TYR O 24 29.20 -66.35 -1.90
N ALA O 25 28.25 -65.44 -1.79
CA ALA O 25 28.00 -64.69 -0.56
C ALA O 25 27.61 -65.60 0.58
N LEU O 26 26.75 -66.56 0.29
CA LEU O 26 26.45 -67.63 1.24
C LEU O 26 27.67 -68.43 1.67
N ALA O 27 28.65 -68.62 0.79
CA ALA O 27 29.85 -69.28 1.15
C ALA O 27 30.69 -68.45 2.10
N ALA O 28 30.73 -67.14 1.91
CA ALA O 28 31.35 -66.28 2.95
C ALA O 28 30.66 -66.44 4.34
N VAL O 29 29.35 -66.55 4.33
CA VAL O 29 28.60 -66.70 5.55
C VAL O 29 28.97 -68.02 6.25
N ALA O 30 28.96 -69.11 5.48
CA ALA O 30 29.30 -70.43 5.97
C ALA O 30 30.70 -70.53 6.54
N GLY O 31 31.64 -69.72 6.04
CA GLY O 31 33.00 -69.67 6.58
C GLY O 31 33.14 -68.70 7.74
N GLY O 32 32.07 -67.99 8.11
CA GLY O 32 32.08 -67.10 9.25
C GLY O 32 32.09 -67.79 10.58
N ALA O 33 32.30 -67.01 11.64
CA ALA O 33 32.28 -67.55 13.00
C ALA O 33 30.86 -68.00 13.34
N PRO O 34 30.70 -69.10 14.09
CA PRO O 34 29.34 -69.55 14.40
C PRO O 34 28.48 -68.56 15.16
N SER O 35 27.20 -68.56 14.86
CA SER O 35 26.21 -67.81 15.63
C SER O 35 24.98 -68.67 15.86
N VAL O 36 24.27 -68.38 16.94
CA VAL O 36 23.13 -69.19 17.39
C VAL O 36 22.01 -68.29 17.86
N GLY O 37 20.78 -68.67 17.53
CA GLY O 37 19.60 -68.06 18.11
C GLY O 37 18.61 -69.11 18.60
N ILE O 38 18.08 -68.91 19.79
CA ILE O 38 17.05 -69.80 20.37
C ILE O 38 15.91 -68.95 20.96
N LYS O 39 14.72 -69.14 20.39
CA LYS O 39 13.50 -68.54 20.94
C LYS O 39 12.90 -69.39 22.04
N ALA O 40 12.98 -68.87 23.26
CA ALA O 40 12.34 -69.50 24.41
C ALA O 40 10.88 -69.05 24.48
N ALA O 41 10.15 -69.59 25.45
CA ALA O 41 8.75 -69.21 25.69
C ALA O 41 8.64 -67.76 26.13
N ASN O 42 9.58 -67.29 26.96
CA ASN O 42 9.56 -65.93 27.55
C ASN O 42 10.69 -64.98 27.06
N GLY O 43 11.41 -65.36 26.01
CA GLY O 43 12.45 -64.49 25.45
C GLY O 43 13.24 -65.15 24.34
N VAL O 44 14.26 -64.45 23.86
CA VAL O 44 15.15 -64.95 22.84
C VAL O 44 16.57 -64.75 23.31
N VAL O 45 17.46 -65.62 22.86
CA VAL O 45 18.89 -65.46 23.09
C VAL O 45 19.62 -65.57 21.78
N LEU O 46 20.62 -64.70 21.61
CA LEU O 46 21.54 -64.73 20.52
C LEU O 46 22.93 -64.97 21.11
N ALA O 47 23.72 -65.84 20.49
CA ALA O 47 25.09 -66.05 20.92
C ALA O 47 26.02 -66.24 19.77
N THR O 48 27.28 -65.87 19.97
CA THR O 48 28.24 -65.96 18.93
C THR O 48 29.61 -66.11 19.48
N GLU O 49 30.44 -66.69 18.65
CA GLU O 49 31.82 -66.93 18.97
C GLU O 49 32.60 -65.76 18.43
N LYS O 50 33.52 -65.25 19.24
CA LYS O 50 34.54 -64.36 18.71
C LYS O 50 35.67 -65.14 18.04
N LYS O 51 35.82 -65.01 16.70
CA LYS O 51 37.07 -65.41 15.99
C LYS O 51 38.26 -64.50 16.49
N GLN O 52 38.52 -64.55 17.81
CA GLN O 52 39.37 -63.64 18.57
C GLN O 52 40.65 -64.34 18.93
N LYS O 53 41.61 -64.21 18.04
CA LYS O 53 43.00 -64.57 18.30
C LYS O 53 43.47 -63.81 19.52
N SER O 54 44.77 -63.53 19.53
CA SER O 54 45.39 -62.48 20.31
C SER O 54 44.76 -61.94 21.59
N ILE O 55 45.50 -62.11 22.66
CA ILE O 55 45.43 -61.28 23.85
C ILE O 55 45.44 -59.77 23.52
N LEU O 56 46.05 -59.39 22.39
CA LEU O 56 46.21 -57.99 22.06
C LEU O 56 44.91 -57.26 21.80
N TYR O 57 43.85 -57.97 21.43
CA TYR O 57 42.55 -57.33 21.16
C TYR O 57 41.97 -56.78 22.43
N ASP O 58 41.30 -55.62 22.35
CA ASP O 58 40.39 -55.20 23.38
C ASP O 58 39.04 -55.76 22.96
N GLU O 59 38.63 -56.85 23.61
CA GLU O 59 37.40 -57.64 23.29
C GLU O 59 36.14 -56.81 23.40
N ARG O 60 36.13 -55.85 24.31
CA ARG O 60 34.94 -55.00 24.50
C ARG O 60 34.89 -53.81 23.51
N SER O 61 35.89 -53.63 22.64
CA SER O 61 35.92 -52.45 21.74
C SER O 61 34.95 -52.55 20.59
N VAL O 62 34.72 -53.75 20.06
CA VAL O 62 33.71 -53.95 19.02
C VAL O 62 32.83 -55.11 19.43
N HIS O 63 31.54 -55.02 19.12
CA HIS O 63 30.59 -56.04 19.52
C HIS O 63 29.94 -56.60 18.29
N LYS O 64 29.70 -57.90 18.33
CA LYS O 64 28.96 -58.60 17.31
C LYS O 64 27.48 -58.58 17.60
N VAL O 65 27.11 -58.62 18.84
CA VAL O 65 25.74 -58.60 19.25
C VAL O 65 25.41 -57.14 19.49
N GLU O 66 24.49 -56.56 18.73
CA GLU O 66 24.21 -55.12 18.73
C GLU O 66 22.74 -54.78 18.93
N PRO O 67 22.42 -53.76 19.74
CA PRO O 67 21.05 -53.27 19.82
C PRO O 67 20.68 -52.44 18.57
N ILE O 68 19.46 -52.66 18.10
CA ILE O 68 18.81 -51.87 17.06
C ILE O 68 17.84 -50.84 17.65
N THR O 69 16.98 -51.31 18.54
CA THR O 69 16.10 -50.47 19.33
C THR O 69 16.14 -50.99 20.74
N LYS O 70 15.36 -50.37 21.62
CA LYS O 70 15.15 -50.88 23.00
C LYS O 70 14.75 -52.32 23.02
N HIS O 71 14.02 -52.76 22.00
CA HIS O 71 13.36 -54.08 21.98
C HIS O 71 13.88 -55.07 20.89
N ILE O 72 14.86 -54.67 20.07
CA ILE O 72 15.38 -55.48 18.99
C ILE O 72 16.91 -55.51 19.03
N GLY O 73 17.44 -56.69 18.78
CA GLY O 73 18.88 -56.90 18.65
C GLY O 73 19.25 -57.88 17.56
N LEU O 74 20.53 -57.88 17.23
CA LEU O 74 21.10 -58.53 16.04
C LEU O 74 22.39 -59.22 16.37
N VAL O 75 22.64 -60.28 15.60
CA VAL O 75 24.00 -60.81 15.49
C VAL O 75 24.16 -61.31 14.05
N TYR O 76 25.35 -61.74 13.66
CA TYR O 76 25.55 -62.21 12.31
C TYR O 76 26.58 -63.31 12.25
N SER O 77 26.66 -63.89 11.06
CA SER O 77 27.78 -64.66 10.61
C SER O 77 28.19 -64.16 9.22
N GLY O 78 29.49 -64.01 9.01
CA GLY O 78 30.07 -63.68 7.71
C GLY O 78 30.98 -62.49 7.87
N MET O 79 30.89 -61.53 6.97
CA MET O 79 31.86 -60.46 6.93
C MET O 79 31.45 -59.30 7.85
N GLY O 80 32.29 -59.01 8.84
CA GLY O 80 32.03 -57.95 9.83
C GLY O 80 31.79 -56.56 9.28
N PRO O 81 32.61 -56.08 8.35
CA PRO O 81 32.34 -54.71 7.88
C PRO O 81 31.00 -54.58 7.15
N ASP O 82 30.61 -55.63 6.42
CA ASP O 82 29.27 -55.65 5.79
C ASP O 82 28.14 -55.54 6.84
N TYR O 83 28.32 -56.22 7.96
CA TYR O 83 27.36 -56.23 9.04
C TYR O 83 27.15 -54.86 9.57
N ARG O 84 28.25 -54.14 9.74
CA ARG O 84 28.17 -52.80 10.30
C ARG O 84 27.32 -51.88 9.41
N VAL O 85 27.39 -52.06 8.08
CA VAL O 85 26.52 -51.32 7.16
C VAL O 85 25.07 -51.60 7.50
N LEU O 86 24.75 -52.86 7.72
CA LEU O 86 23.36 -53.27 7.92
C LEU O 86 22.80 -52.84 9.30
N VAL O 87 23.65 -52.85 10.33
CA VAL O 87 23.32 -52.37 11.68
C VAL O 87 22.91 -50.88 11.59
N HIS O 88 23.76 -50.10 10.93
CA HIS O 88 23.47 -48.67 10.78
C HIS O 88 22.13 -48.46 10.03
N ARG O 89 21.90 -49.18 8.95
CA ARG O 89 20.65 -49.03 8.19
C ARG O 89 19.47 -49.49 8.99
N ALA O 90 19.60 -50.60 9.70
CA ALA O 90 18.52 -51.09 10.52
C ALA O 90 18.14 -50.08 11.59
N ARG O 91 19.15 -49.51 12.26
CA ARG O 91 18.91 -48.47 13.24
C ARG O 91 18.14 -47.27 12.62
N LYS O 92 18.58 -46.87 11.43
CA LYS O 92 18.00 -45.73 10.76
C LYS O 92 16.57 -46.06 10.35
N LEU O 93 16.36 -47.28 9.82
CA LEU O 93 15.01 -47.77 9.49
C LEU O 93 14.11 -47.77 10.68
N ALA O 94 14.62 -48.15 11.84
CA ALA O 94 13.79 -48.21 13.00
C ALA O 94 13.35 -46.79 13.45
N GLN O 95 14.27 -45.86 13.43
CA GLN O 95 13.95 -44.50 13.77
C GLN O 95 12.95 -43.83 12.77
N GLN O 96 13.14 -44.06 11.47
CA GLN O 96 12.18 -43.55 10.46
C GLN O 96 10.77 -44.03 10.72
N TYR O 97 10.66 -45.29 11.08
CA TYR O 97 9.38 -45.85 11.47
C TYR O 97 8.81 -45.17 12.69
N TYR O 98 9.62 -45.01 13.73
CA TYR O 98 9.15 -44.43 14.99
C TYR O 98 8.69 -42.97 14.79
N LEU O 99 9.40 -42.22 13.93
CA LEU O 99 9.00 -40.83 13.66
C LEU O 99 7.61 -40.72 13.08
N VAL O 100 7.26 -41.67 12.24
CA VAL O 100 5.98 -41.63 11.55
C VAL O 100 4.92 -42.19 12.47
N TYR O 101 5.12 -43.41 12.98
CA TYR O 101 4.06 -44.09 13.70
C TYR O 101 4.05 -43.84 15.18
N GLN O 102 5.14 -43.34 15.74
CA GLN O 102 5.25 -43.12 17.20
C GLN O 102 5.05 -44.41 18.05
N GLU O 103 5.49 -45.52 17.51
CA GLU O 103 5.39 -46.86 18.13
C GLU O 103 6.69 -47.55 17.74
N PRO O 104 7.35 -48.30 18.64
CA PRO O 104 8.55 -49.03 18.19
C PRO O 104 8.21 -50.01 17.04
N ILE O 105 9.16 -50.18 16.12
CA ILE O 105 8.95 -50.96 14.92
C ILE O 105 8.78 -52.42 15.33
N PRO O 106 7.69 -53.08 14.87
CA PRO O 106 7.58 -54.53 15.11
C PRO O 106 8.75 -55.23 14.48
N THR O 107 9.21 -56.26 15.15
CA THR O 107 10.39 -57.00 14.71
C THR O 107 10.29 -57.41 13.24
N ALA O 108 9.15 -57.94 12.82
CA ALA O 108 9.00 -58.43 11.48
C ALA O 108 9.08 -57.32 10.47
N GLN O 109 8.58 -56.15 10.83
CA GLN O 109 8.65 -54.97 9.96
C GLN O 109 10.07 -54.50 9.78
N LEU O 110 10.86 -54.58 10.84
CA LEU O 110 12.27 -54.22 10.75
C LEU O 110 13.01 -55.20 9.86
N VAL O 111 12.75 -56.50 10.06
CA VAL O 111 13.39 -57.54 9.25
C VAL O 111 13.07 -57.35 7.75
N GLN O 112 11.81 -57.10 7.44
CA GLN O 112 11.39 -56.90 6.08
C GLN O 112 12.14 -55.74 5.43
N ARG O 113 12.33 -54.66 6.18
CA ARG O 113 12.95 -53.48 5.63
C ARG O 113 14.45 -53.70 5.41
N VAL O 114 15.07 -54.43 6.35
CA VAL O 114 16.47 -54.78 6.19
C VAL O 114 16.71 -55.78 5.08
N ALA O 115 15.87 -56.80 5.02
CA ALA O 115 15.93 -57.78 3.94
C ALA O 115 15.81 -57.12 2.57
N SER O 116 14.97 -56.14 2.50
CA SER O 116 14.76 -55.38 1.26
C SER O 116 16.01 -54.59 0.81
N VAL O 117 16.77 -54.07 1.76
CA VAL O 117 18.07 -53.46 1.45
C VAL O 117 19.06 -54.49 0.90
N MET O 118 19.05 -55.67 1.49
CA MET O 118 19.93 -56.75 1.03
C MET O 118 19.51 -57.18 -0.37
N GLN O 119 18.21 -57.26 -0.64
CA GLN O 119 17.80 -57.58 -1.98
C GLN O 119 18.37 -56.55 -3.02
N GLU O 120 18.38 -55.27 -2.71
CA GLU O 120 18.86 -54.23 -3.61
C GLU O 120 20.26 -54.47 -4.05
N TYR O 121 21.08 -55.00 -3.12
CA TYR O 121 22.48 -55.28 -3.40
C TYR O 121 22.74 -56.56 -4.23
N THR O 122 21.68 -57.27 -4.60
CA THR O 122 21.76 -58.37 -5.51
C THR O 122 21.34 -58.00 -6.93
N GLN O 123 20.87 -56.77 -7.12
CA GLN O 123 20.33 -56.34 -8.46
C GLN O 123 20.80 -54.95 -8.94
N SER O 124 21.08 -54.08 -8.01
CA SER O 124 21.46 -52.72 -8.28
C SER O 124 22.83 -52.63 -8.95
N GLY O 125 23.14 -51.51 -9.57
CA GLY O 125 24.35 -51.40 -10.36
C GLY O 125 25.66 -51.37 -9.60
N GLY O 126 26.64 -52.16 -10.03
CA GLY O 126 28.03 -51.98 -9.67
C GLY O 126 28.36 -52.38 -8.23
N VAL O 127 27.50 -53.19 -7.62
CA VAL O 127 27.74 -53.68 -6.28
C VAL O 127 27.60 -55.17 -6.19
N ARG O 128 28.27 -55.72 -5.19
CA ARG O 128 28.12 -57.12 -4.84
C ARG O 128 27.12 -57.30 -3.71
N PRO O 129 26.55 -58.50 -3.56
CA PRO O 129 25.69 -58.68 -2.40
C PRO O 129 26.49 -58.60 -1.07
N PHE O 130 25.77 -58.45 0.04
CA PHE O 130 26.35 -58.52 1.34
C PHE O 130 26.76 -59.97 1.66
N GLY O 131 27.94 -60.14 2.23
CA GLY O 131 28.38 -61.44 2.64
C GLY O 131 28.06 -61.70 4.12
N VAL O 132 26.80 -61.53 4.52
CA VAL O 132 26.37 -61.73 5.87
C VAL O 132 24.97 -62.29 5.86
N SER O 133 24.70 -63.15 6.84
CA SER O 133 23.37 -63.46 7.24
C SER O 133 23.18 -62.92 8.64
N LEU O 134 21.99 -62.38 8.86
CA LEU O 134 21.66 -61.78 10.14
C LEU O 134 20.74 -62.71 10.93
N LEU O 135 20.89 -62.72 12.24
CA LEU O 135 19.83 -63.18 13.13
C LEU O 135 19.30 -61.96 13.87
N ILE O 136 17.98 -61.79 13.83
CA ILE O 136 17.33 -60.66 14.46
C ILE O 136 16.30 -61.13 15.49
N CYS O 137 16.42 -60.64 16.72
CA CYS O 137 15.46 -60.95 17.76
C CYS O 137 14.74 -59.70 18.21
N GLY O 138 13.52 -59.91 18.69
CA GLY O 138 12.75 -58.85 19.27
C GLY O 138 11.59 -59.34 20.06
N TRP O 139 10.93 -58.39 20.73
CA TRP O 139 9.73 -58.64 21.53
C TRP O 139 8.73 -57.59 21.21
N ASN O 140 7.58 -58.00 20.70
CA ASN O 140 6.45 -57.10 20.55
C ASN O 140 5.14 -57.87 20.44
N GLU O 141 4.02 -57.16 20.65
CA GLU O 141 2.69 -57.77 20.81
C GLU O 141 2.73 -58.88 21.85
N GLY O 142 3.43 -58.65 22.95
CA GLY O 142 3.52 -59.62 24.05
C GLY O 142 4.30 -60.90 23.81
N ARG O 143 5.23 -60.92 22.86
CA ARG O 143 5.70 -62.22 22.35
C ARG O 143 7.09 -62.14 21.68
N PRO O 144 7.92 -63.22 21.78
CA PRO O 144 9.28 -63.16 21.22
C PRO O 144 9.31 -63.54 19.74
N TYR O 145 10.26 -62.95 19.01
CA TYR O 145 10.50 -63.25 17.61
C TYR O 145 11.98 -63.49 17.40
N LEU O 146 12.30 -64.50 16.59
CA LEU O 146 13.63 -64.74 16.05
C LEU O 146 13.51 -64.84 14.51
N PHE O 147 14.31 -64.07 13.79
CA PHE O 147 14.36 -64.13 12.35
C PHE O 147 15.79 -64.23 11.83
N GLN O 148 15.93 -64.89 10.71
CA GLN O 148 17.17 -64.87 9.93
C GLN O 148 16.96 -64.09 8.60
N SER O 149 17.93 -63.31 8.17
CA SER O 149 17.86 -62.66 6.85
C SER O 149 19.16 -62.99 6.12
N ASP O 150 19.04 -63.54 4.91
CA ASP O 150 20.22 -64.05 4.17
C ASP O 150 20.70 -63.07 3.07
N PRO O 151 21.86 -63.31 2.44
CA PRO O 151 22.36 -62.40 1.41
C PRO O 151 21.42 -62.12 0.23
N SER O 152 20.52 -63.03 -0.12
CA SER O 152 19.51 -62.76 -1.15
C SER O 152 18.41 -61.75 -0.75
N GLY O 153 18.24 -61.47 0.54
CA GLY O 153 17.10 -60.75 0.99
C GLY O 153 15.94 -61.63 1.40
N ALA O 154 16.12 -62.94 1.38
CA ALA O 154 15.09 -63.82 1.92
C ALA O 154 15.24 -63.88 3.45
N TYR O 155 14.09 -63.94 4.13
CA TYR O 155 14.09 -64.02 5.58
C TYR O 155 13.14 -65.13 6.05
N PHE O 156 13.38 -65.61 7.27
CA PHE O 156 12.70 -66.80 7.77
C PHE O 156 12.55 -66.57 9.22
N ALA O 157 11.41 -66.96 9.77
CA ALA O 157 11.19 -66.99 11.20
C ALA O 157 11.58 -68.38 11.73
N TRP O 158 12.51 -68.41 12.69
CA TRP O 158 12.99 -69.62 13.37
C TRP O 158 12.61 -69.73 14.85
N LYS O 159 12.42 -70.96 15.33
CA LYS O 159 12.33 -71.28 16.76
C LYS O 159 13.72 -71.35 17.34
N ALA O 160 14.65 -71.85 16.54
CA ALA O 160 16.06 -71.90 16.86
C ALA O 160 16.84 -72.19 15.59
N THR O 161 18.05 -71.68 15.53
CA THR O 161 18.93 -71.99 14.42
C THR O 161 20.39 -71.65 14.70
N ALA O 162 21.23 -72.05 13.77
CA ALA O 162 22.65 -71.73 13.81
C ALA O 162 23.08 -71.28 12.44
N MET O 163 24.15 -70.51 12.38
CA MET O 163 24.71 -70.08 11.13
C MET O 163 26.23 -70.00 11.25
N GLY O 164 26.92 -69.84 10.12
CA GLY O 164 28.41 -69.85 10.10
C GLY O 164 29.01 -71.25 10.07
N LYS O 165 30.29 -71.38 10.46
CA LYS O 165 31.04 -72.66 10.42
C LYS O 165 30.27 -73.69 11.21
N ASN O 166 30.16 -74.89 10.64
CA ASN O 166 29.55 -76.01 11.33
C ASN O 166 28.06 -75.82 11.66
N TYR O 167 27.38 -75.02 10.86
CA TYR O 167 25.99 -74.73 11.16
C TYR O 167 25.07 -75.93 10.99
N VAL O 168 25.38 -76.76 9.98
CA VAL O 168 24.52 -77.87 9.64
C VAL O 168 24.41 -78.80 10.84
N ASN O 169 25.55 -79.08 11.49
CA ASN O 169 25.58 -79.84 12.77
C ASN O 169 24.93 -79.11 13.92
N GLY O 170 25.21 -77.81 14.06
CA GLY O 170 24.57 -76.96 15.05
C GLY O 170 23.05 -77.05 15.02
N LYS O 171 22.48 -77.07 13.81
CA LYS O 171 21.02 -77.21 13.62
C LYS O 171 20.48 -78.57 14.08
N THR O 172 21.17 -79.64 13.71
CA THR O 172 20.79 -80.97 14.20
C THR O 172 20.98 -81.09 15.74
N PHE O 173 22.01 -80.47 16.32
CA PHE O 173 22.14 -80.34 17.79
C PHE O 173 20.91 -79.65 18.44
N LEU O 174 20.49 -78.52 17.90
CA LEU O 174 19.29 -77.80 18.36
C LEU O 174 17.98 -78.59 18.16
N GLU O 175 17.89 -79.30 17.04
CA GLU O 175 16.76 -80.17 16.71
C GLU O 175 16.55 -81.28 17.74
N LYS O 176 17.64 -81.82 18.29
CA LYS O 176 17.59 -82.83 19.39
C LYS O 176 17.72 -82.21 20.81
N ARG O 177 17.09 -81.06 21.06
CA ARG O 177 17.36 -80.28 22.31
C ARG O 177 16.45 -79.07 22.58
N TYR O 178 15.93 -78.42 21.55
CA TYR O 178 14.93 -77.35 21.74
C TYR O 178 13.56 -78.01 22.09
N ASN O 179 12.79 -77.38 22.97
CA ASN O 179 11.35 -77.66 23.09
C ASN O 179 10.56 -76.37 23.28
N GLU O 180 9.29 -76.38 22.86
CA GLU O 180 8.44 -75.16 22.77
C GLU O 180 8.29 -74.43 24.10
N ASP O 181 8.21 -75.18 25.18
CA ASP O 181 7.93 -74.61 26.53
C ASP O 181 9.19 -74.17 27.31
N LEU O 182 10.38 -74.40 26.76
CA LEU O 182 11.69 -73.96 27.33
C LEU O 182 11.74 -72.46 27.79
N GLU O 183 12.31 -72.24 28.98
CA GLU O 183 12.53 -70.91 29.57
C GLU O 183 13.80 -70.28 29.02
N LEU O 184 13.95 -68.97 29.24
CA LEU O 184 15.09 -68.21 28.71
C LEU O 184 16.42 -68.59 29.36
N GLU O 185 16.42 -68.74 30.68
CA GLU O 185 17.67 -69.14 31.38
C GLU O 185 18.20 -70.48 30.87
N ASP O 186 17.28 -71.38 30.53
CA ASP O 186 17.63 -72.71 29.98
C ASP O 186 18.13 -72.59 28.56
N ALA O 187 17.42 -71.78 27.78
CA ALA O 187 17.79 -71.42 26.39
C ALA O 187 19.20 -70.83 26.23
N ILE O 188 19.60 -69.98 27.17
CA ILE O 188 20.95 -69.42 27.18
C ILE O 188 21.98 -70.55 27.30
N HIS O 189 21.76 -71.46 28.26
CA HIS O 189 22.64 -72.62 28.47
C HIS O 189 22.80 -73.30 27.07
N THR O 190 21.65 -73.66 26.46
CA THR O 190 21.71 -74.58 25.32
C THR O 190 22.34 -73.84 24.12
N ALA O 191 22.19 -72.52 24.08
CA ALA O 191 22.84 -71.73 23.05
C ALA O 191 24.35 -71.88 23.21
N ILE O 192 24.85 -71.72 24.43
CA ILE O 192 26.31 -71.84 24.70
C ILE O 192 26.81 -73.28 24.43
N LEU O 193 26.06 -74.29 24.87
CA LEU O 193 26.37 -75.68 24.47
C LEU O 193 26.46 -75.87 22.95
N THR O 194 25.59 -75.16 22.20
CA THR O 194 25.60 -75.26 20.74
C THR O 194 26.91 -74.69 20.20
N LEU O 195 27.33 -73.55 20.70
CA LEU O 195 28.67 -73.03 20.38
C LEU O 195 29.82 -73.96 20.81
N LYS O 196 29.71 -74.65 21.96
CA LYS O 196 30.77 -75.57 22.42
C LYS O 196 31.00 -76.72 21.44
N GLU O 197 29.92 -77.13 20.76
CA GLU O 197 29.99 -78.15 19.72
C GLU O 197 31.00 -77.87 18.63
N SER O 198 31.30 -76.62 18.38
CA SER O 198 32.19 -76.31 17.28
C SER O 198 33.24 -75.32 17.73
N PHE O 199 33.62 -75.35 19.01
CA PHE O 199 34.41 -74.24 19.51
C PHE O 199 35.89 -74.34 19.13
N GLU O 200 36.59 -75.29 19.76
CA GLU O 200 38.06 -75.44 19.64
C GLU O 200 38.79 -74.26 20.28
N GLY O 201 39.22 -74.42 21.54
CA GLY O 201 39.94 -73.35 22.22
C GLY O 201 39.73 -73.15 23.70
N GLN O 202 38.67 -73.74 24.27
CA GLN O 202 38.27 -73.47 25.65
C GLN O 202 37.61 -72.06 25.76
N MET O 203 36.32 -72.07 26.10
CA MET O 203 35.51 -70.85 26.18
C MET O 203 35.78 -70.03 27.39
N THR O 204 36.00 -68.75 27.20
CA THR O 204 35.91 -67.76 28.25
C THR O 204 34.79 -66.79 27.92
N GLU O 205 34.49 -65.98 28.93
CA GLU O 205 33.55 -64.87 28.80
C GLU O 205 34.03 -63.75 27.91
N ASP O 206 35.30 -63.79 27.48
CA ASP O 206 35.88 -62.79 26.59
C ASP O 206 35.88 -63.21 25.13
N ASN O 207 35.65 -64.49 24.84
CA ASN O 207 35.59 -64.87 23.44
C ASN O 207 34.25 -65.44 22.99
N ILE O 208 33.20 -65.27 23.80
CA ILE O 208 31.84 -65.33 23.27
C ILE O 208 31.10 -64.06 23.66
N GLU O 209 30.00 -63.81 22.98
CA GLU O 209 29.10 -62.70 23.25
C GLU O 209 27.68 -63.24 23.25
N VAL O 210 26.88 -62.80 24.20
CA VAL O 210 25.51 -63.27 24.34
C VAL O 210 24.62 -62.06 24.49
N GLY O 211 23.48 -62.13 23.85
CA GLY O 211 22.46 -61.10 23.98
C GLY O 211 21.13 -61.76 24.23
N ILE O 212 20.26 -61.04 24.93
CA ILE O 212 18.95 -61.59 25.21
C ILE O 212 17.88 -60.56 24.97
N CYS O 213 16.71 -61.07 24.63
CA CYS O 213 15.54 -60.28 24.39
C CYS O 213 14.37 -60.84 25.18
N ASN O 214 13.71 -60.01 25.97
CA ASN O 214 12.47 -60.40 26.63
C ASN O 214 11.55 -59.17 26.71
N GLU O 215 10.51 -59.25 27.53
CA GLU O 215 9.59 -58.14 27.76
C GLU O 215 10.26 -56.85 28.30
N ALA O 216 11.35 -56.97 29.06
CA ALA O 216 12.09 -55.76 29.44
C ALA O 216 12.87 -55.09 28.32
N GLY O 217 13.14 -55.79 27.21
CA GLY O 217 13.93 -55.21 26.13
C GLY O 217 15.14 -56.04 25.80
N PHE O 218 15.91 -55.57 24.85
CA PHE O 218 17.07 -56.28 24.35
C PHE O 218 18.28 -55.75 25.09
N ARG O 219 19.20 -56.65 25.47
CA ARG O 219 20.50 -56.22 26.01
C ARG O 219 21.59 -57.29 25.84
N ARG O 220 22.85 -56.85 25.77
CA ARG O 220 23.98 -57.77 25.83
C ARG O 220 24.11 -58.20 27.25
N LEU O 221 24.41 -59.47 27.46
CA LEU O 221 24.87 -59.92 28.77
C LEU O 221 26.27 -59.36 29.05
N THR O 222 26.55 -59.09 30.32
CA THR O 222 27.87 -58.60 30.71
C THR O 222 28.82 -59.78 30.75
N PRO O 223 30.13 -59.51 30.65
CA PRO O 223 31.16 -60.52 30.91
C PRO O 223 30.89 -61.34 32.16
N THR O 224 30.62 -60.69 33.28
CA THR O 224 30.37 -61.43 34.57
C THR O 224 29.11 -62.34 34.50
N GLU O 225 28.07 -61.91 33.77
CA GLU O 225 26.88 -62.75 33.57
C GLU O 225 27.21 -63.95 32.71
N VAL O 226 27.99 -63.74 31.65
CA VAL O 226 28.41 -64.83 30.77
C VAL O 226 29.29 -65.82 31.56
N LYS O 227 30.29 -65.30 32.30
CA LYS O 227 31.18 -66.08 33.18
C LYS O 227 30.41 -67.09 34.02
N ASP O 228 29.27 -66.62 34.56
CA ASP O 228 28.41 -67.44 35.40
C ASP O 228 27.72 -68.57 34.66
N TYR O 229 27.17 -68.29 33.49
CA TYR O 229 26.58 -69.35 32.67
C TYR O 229 27.65 -70.37 32.25
N LEU O 230 28.89 -69.90 32.08
CA LEU O 230 30.02 -70.77 31.70
C LEU O 230 30.44 -71.70 32.81
N ALA O 231 29.99 -71.46 34.04
CA ALA O 231 30.00 -72.46 35.13
C ALA O 231 28.71 -73.32 35.09
N ALA O 232 28.90 -74.60 34.80
CA ALA O 232 27.91 -75.55 34.32
C ALA O 232 28.37 -76.06 32.95
N ILE O 233 28.99 -75.18 32.17
CA ILE O 233 29.74 -75.54 30.93
C ILE O 233 31.25 -75.41 31.15
N SER P 2 35.04 -51.13 -17.41
CA SER P 2 33.55 -50.91 -17.40
C SER P 2 32.76 -51.58 -18.52
N ARG P 3 33.16 -51.37 -19.78
CA ARG P 3 32.63 -52.18 -20.87
C ARG P 3 33.12 -53.61 -20.70
N ARG P 4 34.28 -53.80 -20.11
CA ARG P 4 34.85 -55.11 -19.85
C ARG P 4 34.00 -55.90 -18.87
N TYR P 5 33.38 -55.26 -17.89
CA TYR P 5 32.73 -56.00 -16.84
C TYR P 5 31.25 -56.11 -17.05
N ASP P 6 30.70 -55.38 -18.02
CA ASP P 6 29.25 -55.31 -18.21
C ASP P 6 28.81 -56.62 -18.86
N SER P 7 27.96 -57.36 -18.14
CA SER P 7 27.28 -58.60 -18.51
CA SER P 7 27.53 -58.66 -18.71
C SER P 7 26.40 -58.46 -19.75
N ARG P 8 25.89 -57.25 -19.94
CA ARG P 8 24.96 -56.93 -21.01
C ARG P 8 23.68 -57.74 -20.90
N THR P 9 22.96 -57.51 -19.82
CA THR P 9 21.77 -58.29 -19.52
C THR P 9 20.56 -57.99 -20.42
N THR P 10 20.57 -56.85 -21.13
CA THR P 10 19.38 -56.37 -21.82
C THR P 10 19.61 -56.30 -23.32
N ILE P 11 20.30 -57.27 -23.88
CA ILE P 11 20.55 -57.31 -25.30
C ILE P 11 20.09 -58.61 -25.87
N PHE P 12 19.75 -58.56 -27.13
CA PHE P 12 19.48 -59.76 -27.93
C PHE P 12 20.70 -60.60 -28.20
N SER P 13 20.47 -61.92 -28.12
CA SER P 13 21.35 -62.95 -28.67
C SER P 13 21.12 -63.09 -30.16
N PRO P 14 21.99 -63.83 -30.85
CA PRO P 14 21.79 -63.94 -32.29
C PRO P 14 20.52 -64.59 -32.83
N GLU P 15 19.75 -65.30 -32.02
CA GLU P 15 18.52 -65.91 -32.49
C GLU P 15 17.30 -65.10 -32.08
N GLY P 16 17.52 -63.90 -31.56
CA GLY P 16 16.45 -63.04 -31.09
C GLY P 16 15.98 -63.38 -29.70
N ARG P 17 16.87 -63.96 -28.91
CA ARG P 17 16.51 -64.31 -27.57
C ARG P 17 17.10 -63.39 -26.55
N LEU P 18 16.45 -63.36 -25.41
CA LEU P 18 16.88 -62.67 -24.23
C LEU P 18 17.29 -63.69 -23.17
N TYR P 19 18.58 -63.95 -23.10
CA TYR P 19 19.07 -65.04 -22.28
C TYR P 19 18.79 -64.94 -20.79
N GLN P 20 18.91 -63.74 -20.22
CA GLN P 20 18.64 -63.53 -18.82
C GLN P 20 17.22 -63.93 -18.44
N VAL P 21 16.29 -63.61 -19.34
CA VAL P 21 14.89 -63.96 -19.19
C VAL P 21 14.76 -65.47 -19.19
N GLU P 22 15.38 -66.14 -20.15
CA GLU P 22 15.31 -67.60 -20.22
C GLU P 22 15.97 -68.31 -19.01
N TYR P 23 17.11 -67.77 -18.57
CA TYR P 23 17.79 -68.30 -17.42
C TYR P 23 16.97 -68.09 -16.14
N ALA P 24 16.27 -66.96 -16.04
CA ALA P 24 15.37 -66.69 -14.93
C ALA P 24 14.25 -67.72 -14.92
N MET P 25 13.71 -67.99 -16.11
CA MET P 25 12.66 -69.02 -16.24
CA MET P 25 12.69 -69.06 -16.33
C MET P 25 13.14 -70.41 -15.76
N GLU P 26 14.43 -70.74 -15.93
CA GLU P 26 15.00 -71.98 -15.35
C GLU P 26 14.96 -71.98 -13.84
N ALA P 27 15.24 -70.84 -13.21
CA ALA P 27 15.19 -70.72 -11.73
C ALA P 27 13.78 -70.98 -11.23
N ILE P 28 12.82 -70.41 -11.95
CA ILE P 28 11.40 -70.53 -11.62
C ILE P 28 10.92 -71.96 -11.68
N GLY P 29 11.31 -72.68 -12.75
CA GLY P 29 10.98 -74.09 -12.93
C GLY P 29 11.47 -75.02 -11.82
N HIS P 30 12.52 -74.60 -11.08
CA HIS P 30 13.02 -75.31 -9.89
C HIS P 30 12.33 -74.89 -8.61
N ALA P 31 11.63 -73.75 -8.59
CA ALA P 31 10.93 -73.31 -7.37
C ALA P 31 9.68 -74.16 -7.07
N GLY P 32 9.09 -73.92 -5.90
CA GLY P 32 7.91 -74.65 -5.45
C GLY P 32 6.84 -74.58 -6.50
N THR P 33 6.13 -75.68 -6.65
CA THR P 33 5.01 -75.73 -7.59
C THR P 33 3.85 -74.87 -7.05
N CYS P 34 3.22 -74.17 -7.98
CA CYS P 34 2.22 -73.22 -7.63
C CYS P 34 1.10 -73.27 -8.67
N LEU P 35 -0.12 -73.62 -8.28
CA LEU P 35 -1.22 -73.69 -9.26
C LEU P 35 -2.40 -72.80 -8.91
N GLY P 36 -3.18 -72.52 -9.94
CA GLY P 36 -4.32 -71.65 -9.86
C GLY P 36 -5.46 -72.27 -10.61
N ILE P 37 -6.66 -72.24 -10.04
CA ILE P 37 -7.85 -72.83 -10.64
C ILE P 37 -9.10 -71.98 -10.45
N LEU P 38 -9.76 -71.70 -11.58
CA LEU P 38 -10.96 -70.88 -11.64
C LEU P 38 -12.23 -71.69 -11.61
N ALA P 39 -13.18 -71.25 -10.81
CA ALA P 39 -14.45 -71.96 -10.72
C ALA P 39 -15.56 -70.95 -10.95
N ASN P 40 -16.80 -71.46 -11.00
CA ASN P 40 -17.96 -70.58 -11.15
C ASN P 40 -18.20 -69.67 -9.95
N ASP P 41 -17.90 -70.16 -8.75
CA ASP P 41 -18.21 -69.39 -7.53
C ASP P 41 -16.97 -68.90 -6.81
N GLY P 42 -15.83 -68.91 -7.48
CA GLY P 42 -14.57 -68.51 -6.84
C GLY P 42 -13.32 -68.89 -7.60
N VAL P 43 -12.17 -68.54 -7.03
CA VAL P 43 -10.87 -68.92 -7.57
C VAL P 43 -9.99 -69.36 -6.45
N LEU P 44 -9.02 -70.21 -6.76
CA LEU P 44 -8.05 -70.61 -5.77
C LEU P 44 -6.63 -70.65 -6.24
N LEU P 45 -5.76 -70.62 -5.23
CA LEU P 45 -4.32 -70.77 -5.37
C LEU P 45 -3.98 -71.90 -4.48
N ALA P 46 -3.14 -72.82 -4.96
CA ALA P 46 -2.52 -73.82 -4.12
C ALA P 46 -1.02 -73.91 -4.41
N ALA P 47 -0.20 -73.86 -3.36
CA ALA P 47 1.26 -73.85 -3.49
C ALA P 47 1.98 -74.82 -2.56
N GLU P 48 3.00 -75.46 -3.11
CA GLU P 48 3.98 -76.20 -2.35
C GLU P 48 4.72 -75.29 -1.41
N ARG P 49 4.89 -75.69 -0.17
CA ARG P 49 5.72 -74.94 0.75
C ARG P 49 7.13 -75.47 0.67
N ARG P 50 8.11 -74.58 0.55
CA ARG P 50 9.52 -74.92 0.73
C ARG P 50 10.03 -74.69 2.16
N ASN P 51 9.48 -73.68 2.85
CA ASN P 51 9.71 -73.45 4.30
C ASN P 51 8.98 -74.56 5.07
N ILE P 52 9.49 -75.78 4.91
CA ILE P 52 8.62 -76.94 5.10
C ILE P 52 9.50 -78.09 5.36
N HIS P 53 9.73 -78.43 6.62
CA HIS P 53 9.49 -77.61 7.79
C HIS P 53 10.90 -77.40 8.36
N LYS P 54 11.01 -77.38 9.69
CA LYS P 54 12.28 -77.57 10.38
C LYS P 54 11.97 -77.38 11.91
N LEU P 55 12.90 -76.70 12.58
CA LEU P 55 12.64 -75.75 13.67
C LEU P 55 12.10 -74.31 13.20
N LEU P 56 11.48 -74.18 12.01
CA LEU P 56 10.84 -72.90 11.54
C LEU P 56 9.70 -72.49 12.45
N ASP P 57 9.43 -71.17 12.57
CA ASP P 57 8.52 -70.67 13.65
C ASP P 57 7.08 -70.34 13.28
N GLU P 58 6.71 -70.19 12.03
CA GLU P 58 5.29 -69.98 11.72
C GLU P 58 4.71 -68.74 12.42
N VAL P 59 4.92 -67.62 11.78
CA VAL P 59 4.64 -66.31 12.33
C VAL P 59 3.74 -65.52 11.38
N PHE P 60 3.75 -65.78 10.07
CA PHE P 60 2.83 -65.10 9.13
C PHE P 60 1.69 -65.99 8.74
N PHE P 61 0.68 -65.39 8.11
CA PHE P 61 -0.53 -66.16 7.72
C PHE P 61 -0.34 -67.08 6.48
N SER P 62 0.70 -66.80 5.68
CA SER P 62 1.13 -67.74 4.65
C SER P 62 2.60 -67.56 4.34
N GLU P 63 3.14 -68.36 3.43
CA GLU P 63 4.55 -68.32 3.01
C GLU P 63 4.67 -67.62 1.67
N LYS P 64 3.78 -67.94 0.73
CA LYS P 64 3.85 -67.48 -0.65
C LYS P 64 2.51 -66.94 -1.16
N ILE P 65 1.50 -66.76 -0.30
CA ILE P 65 0.21 -66.17 -0.75
C ILE P 65 0.16 -64.70 -0.27
N TYR P 66 0.04 -63.76 -1.21
CA TYR P 66 0.08 -62.35 -0.82
C TYR P 66 -1.22 -61.68 -1.14
N LYS P 67 -1.81 -61.02 -0.16
CA LYS P 67 -2.96 -60.18 -0.45
C LYS P 67 -2.46 -58.90 -1.13
N LEU P 68 -3.13 -58.48 -2.20
CA LEU P 68 -2.70 -57.28 -3.02
C LEU P 68 -3.53 -56.05 -2.77
N ASN P 69 -4.85 -56.25 -2.63
CA ASN P 69 -5.82 -55.23 -2.28
C ASN P 69 -7.09 -55.95 -1.79
N GLU P 70 -8.23 -55.25 -1.69
CA GLU P 70 -9.49 -55.85 -1.18
C GLU P 70 -10.01 -57.05 -2.02
N ASP P 71 -9.72 -57.04 -3.31
CA ASP P 71 -10.30 -58.01 -4.22
C ASP P 71 -9.30 -58.96 -4.90
N MET P 72 -8.04 -58.98 -4.48
CA MET P 72 -7.04 -59.71 -5.23
C MET P 72 -5.96 -60.24 -4.37
N ALA P 73 -5.44 -61.41 -4.78
CA ALA P 73 -4.25 -62.01 -4.18
C ALA P 73 -3.36 -62.61 -5.27
N CYS P 74 -2.16 -62.97 -4.89
CA CYS P 74 -1.29 -63.66 -5.77
C CYS P 74 -0.40 -64.66 -5.05
N SER P 75 0.17 -65.56 -5.82
CA SER P 75 1.25 -66.42 -5.33
C SER P 75 2.40 -66.33 -6.28
N VAL P 76 3.53 -66.84 -5.86
CA VAL P 76 4.77 -66.61 -6.62
C VAL P 76 5.59 -67.91 -6.69
N ALA P 77 6.43 -68.01 -7.70
CA ALA P 77 7.40 -69.05 -7.82
C ALA P 77 8.68 -68.36 -8.31
N GLY P 78 9.77 -68.52 -7.56
CA GLY P 78 11.07 -68.03 -7.97
C GLY P 78 11.91 -67.52 -6.82
N ILE P 79 12.68 -66.47 -7.06
CA ILE P 79 13.54 -65.90 -6.05
C ILE P 79 12.59 -65.14 -5.08
N THR P 80 12.57 -65.54 -3.81
CA THR P 80 11.65 -64.95 -2.80
C THR P 80 11.83 -63.39 -2.59
N SER P 81 13.08 -62.95 -2.46
CA SER P 81 13.35 -61.55 -2.28
C SER P 81 12.82 -60.75 -3.48
N ASP P 82 13.04 -61.24 -4.70
CA ASP P 82 12.48 -60.54 -5.90
C ASP P 82 10.95 -60.48 -5.80
N ALA P 83 10.31 -61.55 -5.30
CA ALA P 83 8.85 -61.57 -5.16
C ALA P 83 8.33 -60.52 -4.17
N ASN P 84 9.09 -60.28 -3.08
CA ASN P 84 8.77 -59.26 -2.08
C ASN P 84 8.77 -57.81 -2.69
N VAL P 85 9.71 -57.54 -3.56
CA VAL P 85 9.77 -56.26 -4.27
C VAL P 85 8.56 -56.13 -5.16
N LEU P 86 8.23 -57.17 -5.91
CA LEU P 86 7.14 -57.04 -6.90
C LEU P 86 5.78 -56.95 -6.28
N THR P 87 5.57 -57.69 -5.17
CA THR P 87 4.28 -57.67 -4.50
C THR P 87 4.07 -56.34 -3.79
N ASN P 88 5.12 -55.81 -3.20
CA ASN P 88 5.05 -54.45 -2.72
C ASN P 88 4.68 -53.46 -3.84
N GLU P 89 5.32 -53.59 -5.00
CA GLU P 89 4.96 -52.70 -6.10
C GLU P 89 3.51 -52.91 -6.55
N LEU P 90 3.00 -54.16 -6.55
CA LEU P 90 1.61 -54.41 -6.91
C LEU P 90 0.66 -53.68 -5.97
N ARG P 91 0.93 -53.71 -4.66
CA ARG P 91 0.10 -53.02 -3.68
C ARG P 91 0.08 -51.47 -3.91
N LEU P 92 1.23 -50.89 -4.20
CA LEU P 92 1.33 -49.50 -4.54
C LEU P 92 0.50 -49.14 -5.76
N ILE P 93 0.63 -49.92 -6.84
CA ILE P 93 -0.11 -49.63 -8.05
C ILE P 93 -1.59 -49.68 -7.79
N ALA P 94 -2.04 -50.69 -7.02
CA ALA P 94 -3.42 -50.80 -6.74
C ALA P 94 -3.95 -49.66 -5.90
N GLN P 95 -3.17 -49.19 -4.94
CA GLN P 95 -3.58 -48.01 -4.18
C GLN P 95 -3.54 -46.68 -4.97
N ARG P 96 -2.58 -46.54 -5.88
CA ARG P 96 -2.55 -45.34 -6.80
C ARG P 96 -3.81 -45.31 -7.61
N TYR P 97 -4.30 -46.47 -8.05
CA TYR P 97 -5.49 -46.50 -8.90
C TYR P 97 -6.70 -46.08 -8.06
N LEU P 98 -6.82 -46.68 -6.87
CA LEU P 98 -7.90 -46.34 -5.97
C LEU P 98 -7.94 -44.86 -5.62
N LEU P 99 -6.77 -44.32 -5.31
CA LEU P 99 -6.65 -42.92 -5.00
C LEU P 99 -7.26 -42.07 -6.14
N GLN P 100 -6.90 -42.45 -7.32
CA GLN P 100 -7.19 -41.65 -8.50
C GLN P 100 -8.66 -41.73 -8.96
N TYR P 101 -9.19 -42.95 -8.95
CA TYR P 101 -10.53 -43.20 -9.51
C TYR P 101 -11.59 -43.50 -8.44
N GLN P 102 -11.14 -43.81 -7.22
CA GLN P 102 -12.04 -44.20 -6.10
C GLN P 102 -12.85 -45.43 -6.39
N GLU P 103 -12.28 -46.34 -7.14
CA GLU P 103 -12.79 -47.66 -7.33
C GLU P 103 -11.55 -48.59 -7.41
N PRO P 104 -11.77 -49.88 -7.17
CA PRO P 104 -10.66 -50.86 -7.20
C PRO P 104 -10.06 -51.08 -8.58
N ILE P 105 -8.75 -51.33 -8.65
CA ILE P 105 -8.12 -51.57 -9.95
C ILE P 105 -8.68 -52.88 -10.52
N PRO P 106 -9.14 -52.86 -11.79
CA PRO P 106 -9.51 -54.12 -12.40
C PRO P 106 -8.27 -55.00 -12.53
N CYS P 107 -8.51 -56.30 -12.36
CA CYS P 107 -7.45 -57.28 -12.23
C CYS P 107 -6.39 -57.20 -13.33
N GLU P 108 -6.87 -57.20 -14.56
CA GLU P 108 -5.98 -57.25 -15.69
C GLU P 108 -5.11 -55.98 -15.75
N GLN P 109 -5.63 -54.86 -15.31
CA GLN P 109 -4.87 -53.56 -15.34
C GLN P 109 -3.79 -53.61 -14.31
N LEU P 110 -4.01 -54.32 -13.20
CA LEU P 110 -2.94 -54.42 -12.22
C LEU P 110 -1.79 -55.30 -12.77
N VAL P 111 -2.17 -56.46 -13.33
CA VAL P 111 -1.21 -57.41 -13.92
C VAL P 111 -0.34 -56.68 -14.98
N THR P 112 -1.03 -56.00 -15.90
CA THR P 112 -0.42 -55.25 -16.99
C THR P 112 0.55 -54.22 -16.49
N ALA P 113 0.16 -53.47 -15.45
CA ALA P 113 1.02 -52.42 -14.95
C ALA P 113 2.30 -53.00 -14.41
N LEU P 114 2.23 -54.11 -13.68
CA LEU P 114 3.48 -54.75 -13.21
C LEU P 114 4.32 -55.31 -14.37
N CYS P 115 3.65 -55.92 -15.34
CA CYS P 115 4.34 -56.56 -16.45
C CYS P 115 5.09 -55.49 -17.29
N ASP P 116 4.62 -54.24 -17.32
CA ASP P 116 5.40 -53.12 -17.98
C ASP P 116 6.70 -52.82 -17.25
N ILE P 117 6.70 -53.00 -15.94
CA ILE P 117 7.91 -52.86 -15.13
C ILE P 117 8.89 -53.99 -15.48
N LYS P 118 8.37 -55.21 -15.47
CA LYS P 118 9.21 -56.36 -15.85
C LYS P 118 9.74 -56.20 -17.28
N GLN P 119 8.89 -55.80 -18.21
CA GLN P 119 9.31 -55.61 -19.59
C GLN P 119 10.46 -54.59 -19.66
N ALA P 120 10.35 -53.50 -18.90
CA ALA P 120 11.38 -52.42 -18.92
C ALA P 120 12.74 -52.95 -18.50
N TYR P 121 12.73 -53.86 -17.52
CA TYR P 121 13.95 -54.49 -17.06
C TYR P 121 14.63 -55.35 -18.10
N THR P 122 13.90 -55.79 -19.14
CA THR P 122 14.48 -56.56 -20.20
C THR P 122 14.95 -55.69 -21.38
N GLN P 123 14.58 -54.42 -21.38
CA GLN P 123 14.85 -53.51 -22.51
C GLN P 123 15.85 -52.36 -22.21
N PHE P 124 15.84 -51.85 -21.00
CA PHE P 124 16.84 -50.89 -20.58
C PHE P 124 17.30 -51.07 -19.18
N GLY P 125 18.39 -50.40 -18.82
CA GLY P 125 18.88 -50.38 -17.44
C GLY P 125 20.11 -51.25 -17.19
N GLY P 126 20.39 -52.23 -18.01
CA GLY P 126 21.51 -53.13 -17.77
C GLY P 126 21.44 -53.99 -16.47
N LYS P 127 20.24 -54.14 -15.92
CA LYS P 127 20.06 -54.93 -14.71
C LYS P 127 19.57 -56.36 -15.00
N ARG P 128 19.85 -57.28 -14.07
CA ARG P 128 19.21 -58.59 -14.15
C ARG P 128 17.69 -58.45 -14.03
N PRO P 129 16.92 -59.28 -14.73
CA PRO P 129 15.50 -59.29 -14.46
C PRO P 129 15.15 -59.85 -13.11
N PHE P 130 13.88 -59.67 -12.75
CA PHE P 130 13.28 -60.29 -11.56
C PHE P 130 13.04 -61.79 -11.84
N GLY P 131 13.45 -62.64 -10.90
CA GLY P 131 13.36 -64.09 -11.07
C GLY P 131 12.06 -64.66 -10.51
N VAL P 132 10.96 -64.18 -11.04
CA VAL P 132 9.67 -64.44 -10.48
C VAL P 132 8.61 -64.62 -11.56
N SER P 133 7.78 -65.64 -11.36
CA SER P 133 6.52 -65.77 -12.05
C SER P 133 5.44 -65.67 -11.00
N LEU P 134 4.31 -65.11 -11.40
CA LEU P 134 3.22 -64.87 -10.48
C LEU P 134 1.90 -65.45 -11.01
N LEU P 135 1.09 -65.99 -10.11
CA LEU P 135 -0.32 -66.24 -10.40
C LEU P 135 -1.18 -65.24 -9.66
N TYR P 136 -2.14 -64.62 -10.33
CA TYR P 136 -3.00 -63.65 -9.68
C TYR P 136 -4.38 -64.16 -9.67
N ILE P 137 -5.07 -64.04 -8.54
CA ILE P 137 -6.51 -64.27 -8.49
C ILE P 137 -7.24 -63.04 -8.04
N GLY P 138 -8.45 -62.88 -8.54
CA GLY P 138 -9.19 -61.67 -8.31
C GLY P 138 -10.63 -61.72 -8.71
N TRP P 139 -11.38 -60.72 -8.26
CA TRP P 139 -12.73 -60.42 -8.78
C TRP P 139 -12.75 -58.93 -9.14
N ASP P 140 -13.30 -58.57 -10.31
CA ASP P 140 -13.75 -57.23 -10.55
C ASP P 140 -15.12 -57.20 -11.21
N LYS P 141 -15.69 -56.00 -11.25
CA LYS P 141 -17.00 -55.79 -11.82
C LYS P 141 -17.03 -55.88 -13.31
N HIS P 142 -15.90 -55.95 -14.02
CA HIS P 142 -15.97 -56.10 -15.46
C HIS P 142 -16.07 -57.56 -15.89
N TYR P 143 -15.19 -58.41 -15.36
CA TYR P 143 -15.04 -59.78 -15.82
C TYR P 143 -15.17 -60.83 -14.70
N GLY P 144 -15.63 -60.41 -13.54
CA GLY P 144 -15.93 -61.38 -12.52
C GLY P 144 -14.63 -62.01 -12.03
N PHE P 145 -14.70 -63.31 -11.70
CA PHE P 145 -13.57 -64.04 -11.17
C PHE P 145 -12.54 -64.23 -12.26
N GLN P 146 -11.28 -64.05 -11.91
CA GLN P 146 -10.21 -64.11 -12.88
C GLN P 146 -8.96 -64.70 -12.29
N LEU P 147 -8.17 -65.29 -13.18
CA LEU P 147 -6.89 -65.89 -12.86
C LEU P 147 -5.91 -65.47 -13.95
N TYR P 148 -4.79 -64.85 -13.55
CA TYR P 148 -3.71 -64.45 -14.48
C TYR P 148 -2.38 -65.11 -14.11
N GLN P 149 -1.49 -65.17 -15.11
CA GLN P 149 -0.15 -65.61 -14.91
C GLN P 149 0.78 -64.59 -15.57
N SER P 150 1.88 -64.24 -14.92
CA SER P 150 2.93 -63.45 -15.57
C SER P 150 4.30 -64.04 -15.32
N ASP P 151 5.22 -63.80 -16.25
CA ASP P 151 6.61 -64.29 -16.13
C ASP P 151 7.67 -63.18 -16.28
N PRO P 152 8.95 -63.53 -16.06
CA PRO P 152 9.97 -62.46 -16.10
C PRO P 152 10.09 -61.64 -17.38
N SER P 153 9.59 -62.11 -18.52
CA SER P 153 9.62 -61.30 -19.75
C SER P 153 8.60 -60.14 -19.70
N GLY P 154 7.74 -60.11 -18.69
CA GLY P 154 6.65 -59.16 -18.66
C GLY P 154 5.52 -59.58 -19.59
N ASN P 155 5.50 -60.84 -20.01
CA ASN P 155 4.32 -61.39 -20.63
C ASN P 155 3.33 -61.90 -19.61
N TYR P 156 2.06 -61.83 -19.96
CA TYR P 156 1.02 -62.42 -19.07
C TYR P 156 -0.10 -62.92 -19.95
N GLY P 157 -0.94 -63.71 -19.34
CA GLY P 157 -2.14 -64.14 -19.94
C GLY P 157 -3.15 -64.64 -18.88
N GLY P 158 -4.40 -64.72 -19.29
CA GLY P 158 -5.51 -65.17 -18.45
C GLY P 158 -5.79 -66.63 -18.66
N TRP P 159 -6.20 -67.31 -17.60
CA TRP P 159 -6.26 -68.77 -17.56
C TRP P 159 -7.50 -69.18 -16.76
N LYS P 160 -8.08 -70.29 -17.15
CA LYS P 160 -9.06 -70.98 -16.34
C LYS P 160 -8.39 -71.92 -15.34
N ALA P 161 -7.22 -72.45 -15.72
CA ALA P 161 -6.36 -73.12 -14.75
C ALA P 161 -4.97 -73.13 -15.29
N THR P 162 -3.98 -73.04 -14.40
CA THR P 162 -2.60 -73.09 -14.81
C THR P 162 -1.66 -73.40 -13.64
N CYS P 163 -0.36 -73.54 -13.95
CA CYS P 163 0.66 -73.96 -12.97
C CYS P 163 2.04 -73.38 -13.32
N ILE P 164 2.78 -72.99 -12.30
CA ILE P 164 4.14 -72.55 -12.45
C ILE P 164 4.99 -73.25 -11.40
N GLY P 165 6.29 -73.30 -11.66
CA GLY P 165 7.25 -73.91 -10.77
C GLY P 165 7.45 -75.39 -11.11
N ASN P 166 7.88 -76.14 -10.10
CA ASN P 166 8.32 -77.52 -10.33
C ASN P 166 7.23 -78.40 -10.92
N ASN P 167 7.60 -79.12 -11.99
CA ASN P 167 6.68 -79.99 -12.70
C ASN P 167 5.44 -79.38 -13.30
N SER P 168 5.54 -78.12 -13.68
CA SER P 168 4.44 -77.38 -14.30
C SER P 168 3.83 -78.11 -15.46
N ALA P 169 4.69 -78.54 -16.40
CA ALA P 169 4.25 -79.27 -17.64
C ALA P 169 3.37 -80.44 -17.28
N ALA P 170 3.81 -81.26 -16.31
CA ALA P 170 3.01 -82.39 -15.88
C ALA P 170 1.71 -81.94 -15.26
N ALA P 171 1.76 -80.89 -14.47
CA ALA P 171 0.55 -80.37 -13.84
C ALA P 171 -0.45 -79.80 -14.86
N VAL P 172 0.03 -79.07 -15.87
CA VAL P 172 -0.88 -78.54 -16.89
C VAL P 172 -1.57 -79.67 -17.66
N SER P 173 -0.87 -80.78 -17.94
CA SER P 173 -1.50 -81.92 -18.64
C SER P 173 -2.63 -82.52 -17.83
N MET P 174 -2.41 -82.68 -16.53
CA MET P 174 -3.47 -83.14 -15.64
C MET P 174 -4.65 -82.20 -15.59
N LEU P 175 -4.38 -80.90 -15.60
CA LEU P 175 -5.46 -79.90 -15.63
C LEU P 175 -6.24 -79.93 -16.95
N LYS P 176 -5.54 -79.94 -18.10
CA LYS P 176 -6.14 -80.10 -19.43
C LYS P 176 -7.15 -81.24 -19.48
N GLN P 177 -6.83 -82.34 -18.82
CA GLN P 177 -7.66 -83.49 -18.90
C GLN P 177 -8.82 -83.43 -17.92
N ASP P 178 -8.63 -82.91 -16.70
CA ASP P 178 -9.67 -83.01 -15.66
C ASP P 178 -10.61 -81.83 -15.54
N TYR P 179 -10.17 -80.67 -16.00
CA TYR P 179 -10.89 -79.41 -15.78
C TYR P 179 -12.09 -79.34 -16.72
N LYS P 180 -13.23 -78.89 -16.21
CA LYS P 180 -14.49 -78.85 -16.97
C LYS P 180 -14.92 -77.39 -17.21
N GLU P 181 -14.56 -76.85 -18.39
CA GLU P 181 -14.90 -75.45 -18.75
C GLU P 181 -16.38 -75.13 -18.47
N GLY P 182 -16.63 -74.08 -17.68
CA GLY P 182 -18.00 -73.67 -17.32
C GLY P 182 -18.70 -74.47 -16.22
N GLU P 183 -18.10 -75.54 -15.73
CA GLU P 183 -18.79 -76.46 -14.83
C GLU P 183 -18.14 -76.64 -13.47
N MET P 184 -17.04 -75.95 -13.20
CA MET P 184 -16.31 -76.17 -11.95
C MET P 184 -16.95 -75.40 -10.78
N THR P 185 -16.86 -75.97 -9.58
CA THR P 185 -17.23 -75.36 -8.32
C THR P 185 -15.97 -75.34 -7.49
N LEU P 186 -15.98 -74.46 -6.48
CA LEU P 186 -14.82 -74.26 -5.59
C LEU P 186 -14.47 -75.59 -4.93
N LYS P 187 -15.50 -76.33 -4.62
CA LYS P 187 -15.32 -77.66 -4.03
C LYS P 187 -14.69 -78.71 -4.97
N SER P 188 -15.09 -78.74 -6.23
CA SER P 188 -14.42 -79.61 -7.18
C SER P 188 -13.03 -79.06 -7.66
N ALA P 189 -12.83 -77.72 -7.70
CA ALA P 189 -11.50 -77.17 -8.02
C ALA P 189 -10.52 -77.49 -6.89
N LEU P 190 -10.96 -77.37 -5.65
CA LEU P 190 -10.16 -77.80 -4.50
C LEU P 190 -9.71 -79.23 -4.63
N ALA P 191 -10.63 -80.11 -5.05
CA ALA P 191 -10.34 -81.55 -5.19
C ALA P 191 -9.31 -81.76 -6.30
N LEU P 192 -9.44 -80.99 -7.39
CA LEU P 192 -8.51 -81.13 -8.51
C LEU P 192 -7.14 -80.64 -8.11
N ALA P 193 -7.11 -79.58 -7.33
CA ALA P 193 -5.84 -78.96 -6.91
C ALA P 193 -5.02 -79.99 -6.16
N ILE P 194 -5.67 -80.67 -5.23
CA ILE P 194 -5.00 -81.71 -4.43
C ILE P 194 -4.57 -82.92 -5.23
N LYS P 195 -5.43 -83.31 -6.16
CA LYS P 195 -5.09 -84.34 -7.12
C LYS P 195 -3.81 -83.97 -7.89
N VAL P 196 -3.75 -82.74 -8.41
CA VAL P 196 -2.57 -82.32 -9.17
C VAL P 196 -1.31 -82.29 -8.29
N LEU P 197 -1.36 -81.66 -7.11
CA LEU P 197 -0.17 -81.57 -6.21
C LEU P 197 0.33 -82.90 -5.72
N ASN P 198 -0.60 -83.83 -5.59
CA ASN P 198 -0.27 -85.19 -5.23
C ASN P 198 0.60 -85.90 -6.27
N LYS P 199 0.28 -85.75 -7.54
CA LYS P 199 1.10 -86.32 -8.62
C LYS P 199 2.39 -85.51 -8.86
N THR P 200 2.39 -84.20 -8.66
CA THR P 200 3.57 -83.38 -8.98
C THR P 200 4.59 -83.17 -7.85
N MET P 201 4.20 -83.39 -6.60
CA MET P 201 5.17 -83.45 -5.51
C MET P 201 5.81 -84.81 -5.31
N ASP P 202 6.98 -84.96 -5.93
CA ASP P 202 7.89 -86.12 -5.74
C ASP P 202 8.55 -86.25 -4.33
N VAL P 203 8.41 -85.22 -3.47
CA VAL P 203 8.49 -85.43 -2.01
C VAL P 203 7.21 -86.21 -1.71
N SER P 204 7.36 -87.54 -1.55
CA SER P 204 6.32 -88.59 -1.85
C SER P 204 4.91 -88.42 -1.19
N LYS P 205 4.75 -88.82 0.07
CA LYS P 205 3.45 -88.79 0.77
C LYS P 205 3.13 -87.31 1.12
N LEU P 206 2.21 -86.71 0.33
CA LEU P 206 1.74 -85.31 0.45
C LEU P 206 1.05 -85.03 1.78
N SER P 207 1.30 -83.85 2.32
CA SER P 207 0.99 -83.56 3.71
C SER P 207 0.54 -82.10 3.77
N ALA P 208 -0.33 -81.78 4.74
CA ALA P 208 -0.82 -80.41 4.95
C ALA P 208 0.28 -79.41 5.28
N GLU P 209 1.27 -79.86 6.04
CA GLU P 209 2.47 -79.10 6.33
C GLU P 209 3.21 -78.62 5.05
N LYS P 210 3.05 -79.35 3.94
CA LYS P 210 3.77 -79.10 2.70
C LYS P 210 2.99 -78.25 1.68
N VAL P 211 1.72 -77.91 1.95
CA VAL P 211 0.94 -77.05 1.02
C VAL P 211 0.23 -75.90 1.70
N GLU P 212 -0.11 -74.94 0.85
CA GLU P 212 -0.85 -73.77 1.22
C GLU P 212 -1.94 -73.58 0.20
N ILE P 213 -3.16 -73.34 0.65
CA ILE P 213 -4.27 -73.12 -0.24
C ILE P 213 -5.02 -71.87 0.18
N ALA P 214 -5.27 -71.01 -0.80
CA ALA P 214 -6.04 -69.80 -0.59
C ALA P 214 -7.21 -69.87 -1.53
N THR P 215 -8.35 -69.37 -1.08
CA THR P 215 -9.52 -69.21 -1.93
C THR P 215 -10.02 -67.80 -1.87
N LEU P 216 -10.70 -67.42 -2.95
CA LEU P 216 -11.20 -66.07 -3.17
C LEU P 216 -12.59 -66.21 -3.72
N THR P 217 -13.55 -65.65 -2.98
CA THR P 217 -14.98 -65.77 -3.25
C THR P 217 -15.66 -64.42 -3.02
N ARG P 218 -16.93 -64.37 -3.36
CA ARG P 218 -17.81 -63.23 -3.11
C ARG P 218 -18.87 -63.66 -2.10
N GLU P 219 -19.05 -62.90 -1.04
CA GLU P 219 -20.13 -63.11 -0.03
C GLU P 219 -20.74 -61.75 0.28
N ASN P 220 -22.01 -61.58 -0.08
CA ASN P 220 -22.81 -60.39 0.27
C ASN P 220 -22.21 -59.11 -0.29
N GLY P 221 -21.91 -59.10 -1.58
CA GLY P 221 -21.31 -57.93 -2.25
C GLY P 221 -19.91 -57.54 -1.83
N LYS P 222 -19.17 -58.48 -1.27
CA LYS P 222 -17.83 -58.24 -0.74
C LYS P 222 -16.91 -59.41 -1.14
N THR P 223 -15.64 -59.12 -1.46
CA THR P 223 -14.66 -60.19 -1.74
C THR P 223 -14.09 -60.80 -0.44
N VAL P 224 -14.01 -62.12 -0.34
CA VAL P 224 -13.42 -62.75 0.85
C VAL P 224 -12.23 -63.56 0.39
N ILE P 225 -11.08 -63.38 1.04
CA ILE P 225 -9.83 -64.04 0.69
C ILE P 225 -9.41 -64.75 1.96
N ARG P 226 -9.29 -66.09 1.92
CA ARG P 226 -9.00 -66.87 3.11
C ARG P 226 -7.89 -67.85 2.76
N VAL P 227 -6.89 -67.94 3.65
CA VAL P 227 -5.89 -69.01 3.65
C VAL P 227 -6.51 -70.13 4.48
N LEU P 228 -6.69 -71.32 3.90
CA LEU P 228 -7.32 -72.44 4.60
C LEU P 228 -6.49 -72.88 5.82
N LYS P 229 -7.17 -73.19 6.92
CA LYS P 229 -6.51 -73.70 8.10
C LYS P 229 -6.01 -75.12 7.77
N GLN P 230 -4.98 -75.58 8.48
CA GLN P 230 -4.36 -76.89 8.25
C GLN P 230 -5.34 -78.06 8.47
N LYS P 231 -6.35 -77.87 9.35
CA LYS P 231 -7.43 -78.85 9.54
C LYS P 231 -8.21 -79.06 8.21
N GLU P 232 -8.56 -77.97 7.54
CA GLU P 232 -9.30 -78.04 6.27
C GLU P 232 -8.46 -78.67 5.13
N VAL P 233 -7.14 -78.37 5.10
CA VAL P 233 -6.20 -78.97 4.12
C VAL P 233 -6.02 -80.48 4.37
N GLU P 234 -5.84 -80.90 5.63
CA GLU P 234 -5.82 -82.37 5.98
C GLU P 234 -7.07 -83.10 5.52
N GLN P 235 -8.21 -82.44 5.67
CA GLN P 235 -9.50 -83.01 5.28
C GLN P 235 -9.58 -83.15 3.73
N LEU P 236 -9.13 -82.16 2.96
CA LEU P 236 -9.15 -82.34 1.49
C LEU P 236 -8.19 -83.46 1.00
N ILE P 237 -7.07 -83.65 1.71
CA ILE P 237 -6.10 -84.70 1.37
C ILE P 237 -6.70 -86.06 1.72
N LYS P 238 -7.26 -86.19 2.92
CA LYS P 238 -8.00 -87.44 3.35
C LYS P 238 -9.08 -87.82 2.30
N LYS P 239 -9.92 -86.85 1.87
CA LYS P 239 -10.96 -87.05 0.81
C LYS P 239 -10.39 -87.50 -0.54
N HIS P 240 -9.32 -86.87 -0.98
CA HIS P 240 -8.64 -87.33 -2.19
C HIS P 240 -8.11 -88.80 -2.06
N GLU P 241 -7.60 -89.15 -0.88
CA GLU P 241 -7.08 -90.53 -0.64
C GLU P 241 -8.23 -91.55 -0.55
N GLU P 242 -9.34 -91.16 0.08
CA GLU P 242 -10.58 -91.96 0.04
C GLU P 242 -11.06 -92.17 -1.40
N GLU P 243 -11.05 -91.11 -2.19
CA GLU P 243 -11.46 -91.20 -3.60
C GLU P 243 -10.64 -92.18 -4.44
N GLU P 244 -9.30 -92.16 -4.32
CA GLU P 244 -8.43 -93.22 -4.93
C GLU P 244 -8.80 -94.63 -4.39
N ALA P 245 -9.52 -95.43 -5.18
CA ALA P 245 -10.48 -96.49 -4.68
C ALA P 245 -11.76 -95.80 -4.11
N LYS P 246 -12.73 -95.45 -4.96
CA LYS P 246 -13.40 -96.36 -5.91
C LYS P 246 -12.65 -96.85 -7.15
N ALA P 247 -11.64 -96.11 -7.61
CA ALA P 247 -10.84 -96.49 -8.78
C ALA P 247 -10.49 -98.00 -8.91
N GLU P 248 -10.49 -98.78 -7.81
CA GLU P 248 -10.15 -100.23 -7.84
C GLU P 248 -11.33 -101.20 -7.62
N SER Q 2 22.39 -43.80 -14.24
CA SER Q 2 21.63 -44.44 -15.35
C SER Q 2 22.55 -45.12 -16.38
N TYR Q 3 22.02 -46.16 -17.00
CA TYR Q 3 22.79 -47.06 -17.84
C TYR Q 3 22.89 -46.48 -19.22
N ASP Q 4 24.10 -46.15 -19.67
CA ASP Q 4 24.37 -45.47 -20.95
C ASP Q 4 25.13 -46.28 -21.98
N ARG Q 5 25.25 -47.58 -21.85
CA ARG Q 5 26.00 -48.40 -22.79
C ARG Q 5 25.41 -48.27 -24.22
N ALA Q 6 26.28 -48.18 -25.22
CA ALA Q 6 25.89 -48.16 -26.62
C ALA Q 6 25.56 -49.61 -26.96
N ILE Q 7 24.30 -49.93 -27.17
CA ILE Q 7 23.90 -51.31 -27.38
C ILE Q 7 23.85 -51.62 -28.86
N THR Q 8 23.22 -50.79 -29.66
CA THR Q 8 23.20 -51.07 -31.08
C THR Q 8 24.33 -50.28 -31.71
N VAL Q 9 25.27 -50.99 -32.34
CA VAL Q 9 26.43 -50.39 -32.99
C VAL Q 9 26.63 -51.05 -34.31
N PHE Q 10 27.43 -50.39 -35.16
CA PHE Q 10 27.80 -51.03 -36.38
C PHE Q 10 28.84 -52.11 -36.21
N SER Q 11 28.82 -53.05 -37.15
CA SER Q 11 29.82 -54.05 -37.32
C SER Q 11 30.48 -53.88 -38.67
N PRO Q 12 31.56 -54.67 -38.95
CA PRO Q 12 32.36 -54.33 -40.13
C PRO Q 12 31.79 -54.27 -41.54
N ASP Q 13 30.70 -54.91 -41.83
CA ASP Q 13 30.21 -54.70 -43.21
C ASP Q 13 28.93 -53.86 -43.20
N GLY Q 14 28.83 -52.92 -42.26
CA GLY Q 14 27.68 -52.01 -42.21
C GLY Q 14 26.49 -52.56 -41.47
N HIS Q 15 26.62 -53.70 -40.84
CA HIS Q 15 25.48 -54.33 -40.15
C HIS Q 15 25.22 -53.73 -38.78
N LEU Q 16 23.94 -53.61 -38.45
CA LEU Q 16 23.51 -53.33 -37.11
C LEU Q 16 22.95 -54.68 -36.52
N PHE Q 17 23.83 -55.46 -35.94
CA PHE Q 17 23.46 -56.75 -35.35
C PHE Q 17 22.29 -56.78 -34.34
N GLN Q 18 22.21 -55.83 -33.40
CA GLN Q 18 21.03 -55.82 -32.51
C GLN Q 18 19.69 -55.69 -33.26
N VAL Q 19 19.70 -54.96 -34.38
CA VAL Q 19 18.49 -54.78 -35.22
C VAL Q 19 18.20 -56.09 -35.95
N GLU Q 20 19.23 -56.69 -36.52
CA GLU Q 20 19.07 -58.00 -37.19
C GLU Q 20 18.56 -59.09 -36.19
N TYR Q 21 19.03 -59.06 -34.95
CA TYR Q 21 18.62 -60.03 -33.93
C TYR Q 21 17.21 -59.74 -33.51
N ALA Q 22 16.82 -58.48 -33.42
CA ALA Q 22 15.42 -58.12 -33.20
C ALA Q 22 14.53 -58.64 -34.34
N GLN Q 23 15.03 -58.57 -35.58
CA GLN Q 23 14.33 -59.16 -36.75
C GLN Q 23 14.18 -60.69 -36.63
N GLU Q 24 15.16 -61.38 -36.08
CA GLU Q 24 15.02 -62.81 -35.78
C GLU Q 24 13.91 -63.10 -34.75
N ALA Q 25 13.75 -62.22 -33.76
CA ALA Q 25 12.70 -62.38 -32.77
C ALA Q 25 11.33 -62.23 -33.45
N VAL Q 26 11.24 -61.32 -34.41
CA VAL Q 26 10.00 -61.19 -35.20
C VAL Q 26 9.69 -62.52 -35.94
N LYS Q 27 10.70 -63.12 -36.57
CA LYS Q 27 10.52 -64.31 -37.37
C LYS Q 27 10.07 -65.51 -36.56
N LYS Q 28 10.42 -65.60 -35.29
CA LYS Q 28 9.88 -66.62 -34.42
C LYS Q 28 8.51 -66.27 -33.81
N GLY Q 29 7.92 -65.14 -34.17
CA GLY Q 29 6.60 -64.79 -33.72
C GLY Q 29 5.54 -65.51 -34.56
N SER Q 30 4.28 -65.46 -34.10
CA SER Q 30 3.18 -66.05 -34.77
C SER Q 30 2.93 -65.28 -36.04
N THR Q 31 2.51 -65.99 -37.08
CA THR Q 31 2.26 -65.37 -38.38
C THR Q 31 1.14 -64.36 -38.29
N ALA Q 32 1.31 -63.20 -38.89
CA ALA Q 32 0.24 -62.21 -39.02
C ALA Q 32 0.13 -61.85 -40.47
N VAL Q 33 -1.10 -61.61 -40.93
CA VAL Q 33 -1.34 -61.28 -42.34
C VAL Q 33 -2.30 -60.14 -42.44
N GLY Q 34 -2.08 -59.30 -43.44
CA GLY Q 34 -2.90 -58.13 -43.67
C GLY Q 34 -3.25 -58.08 -45.15
N VAL Q 35 -4.50 -57.81 -45.45
CA VAL Q 35 -4.91 -57.58 -46.81
C VAL Q 35 -5.81 -56.38 -46.91
N ARG Q 36 -5.41 -55.47 -47.78
CA ARG Q 36 -6.16 -54.29 -48.07
C ARG Q 36 -7.19 -54.59 -49.17
N GLY Q 37 -8.47 -54.59 -48.78
CA GLY Q 37 -9.58 -54.75 -49.74
C GLY Q 37 -9.95 -53.44 -50.44
N ARG Q 38 -11.09 -53.47 -51.13
CA ARG Q 38 -11.62 -52.31 -51.86
C ARG Q 38 -12.29 -51.31 -50.88
N ASP Q 39 -13.13 -51.84 -50.00
CA ASP Q 39 -13.75 -51.06 -48.91
C ASP Q 39 -13.70 -51.78 -47.55
N ILE Q 40 -12.72 -52.67 -47.41
CA ILE Q 40 -12.53 -53.37 -46.18
C ILE Q 40 -10.99 -53.54 -45.99
N VAL Q 41 -10.57 -53.74 -44.76
CA VAL Q 41 -9.22 -54.15 -44.50
C VAL Q 41 -9.27 -55.29 -43.49
N VAL Q 42 -8.47 -56.33 -43.72
CA VAL Q 42 -8.53 -57.51 -42.89
C VAL Q 42 -7.17 -57.88 -42.30
N LEU Q 43 -7.16 -58.16 -40.99
CA LEU Q 43 -6.03 -58.73 -40.28
C LEU Q 43 -6.35 -60.11 -39.76
N GLY Q 44 -5.42 -61.05 -39.94
CA GLY Q 44 -5.56 -62.37 -39.39
C GLY Q 44 -4.26 -62.82 -38.81
N VAL Q 45 -4.31 -63.55 -37.69
CA VAL Q 45 -3.10 -64.02 -37.03
C VAL Q 45 -3.16 -65.41 -36.45
N GLU Q 46 -2.03 -66.09 -36.49
CA GLU Q 46 -1.90 -67.47 -36.06
C GLU Q 46 -1.94 -67.62 -34.56
N LYS Q 47 -2.45 -68.78 -34.14
CA LYS Q 47 -2.19 -69.45 -32.84
C LYS Q 47 -2.09 -68.52 -31.65
N LYS Q 48 -0.90 -67.92 -31.45
CA LYS Q 48 -0.30 -67.60 -30.12
C LYS Q 48 0.08 -68.97 -29.46
N SER Q 49 -0.87 -69.60 -28.75
CA SER Q 49 -0.68 -70.92 -28.16
C SER Q 49 -1.61 -72.02 -28.68
N VAL Q 50 -2.86 -71.68 -29.02
CA VAL Q 50 -3.95 -72.60 -28.74
C VAL Q 50 -3.94 -72.76 -27.19
N ALA Q 51 -4.12 -73.98 -26.66
CA ALA Q 51 -4.18 -74.26 -25.20
C ALA Q 51 -5.58 -74.05 -24.64
N LYS Q 52 -6.24 -75.15 -24.34
CA LYS Q 52 -7.64 -75.16 -23.92
C LYS Q 52 -7.93 -74.32 -22.70
N LEU Q 53 -6.96 -74.19 -21.81
CA LEU Q 53 -7.25 -73.54 -20.54
C LEU Q 53 -7.08 -72.01 -20.56
N GLN Q 54 -6.64 -71.50 -21.70
CA GLN Q 54 -6.42 -70.09 -21.90
C GLN Q 54 -7.73 -69.34 -21.99
N ASP Q 55 -7.75 -68.15 -21.38
CA ASP Q 55 -8.80 -67.17 -21.59
C ASP Q 55 -8.43 -66.41 -22.84
N GLU Q 56 -9.13 -66.73 -23.91
CA GLU Q 56 -8.79 -66.26 -25.28
C GLU Q 56 -8.66 -64.74 -25.38
N ARG Q 57 -9.58 -64.05 -24.69
CA ARG Q 57 -9.67 -62.56 -24.65
C ARG Q 57 -8.34 -61.82 -24.32
N THR Q 58 -7.54 -62.46 -23.46
CA THR Q 58 -6.37 -61.85 -22.85
C THR Q 58 -5.12 -61.86 -23.70
N VAL Q 59 -5.14 -62.59 -24.82
CA VAL Q 59 -3.90 -62.76 -25.62
C VAL Q 59 -3.99 -62.30 -27.10
N ARG Q 60 -5.01 -61.54 -27.46
CA ARG Q 60 -5.16 -61.11 -28.85
C ARG Q 60 -3.91 -60.39 -29.36
N LYS Q 61 -3.56 -60.72 -30.59
CA LYS Q 61 -2.45 -60.18 -31.26
C LYS Q 61 -2.98 -59.07 -32.21
N ILE Q 62 -4.28 -58.74 -32.14
CA ILE Q 62 -4.88 -57.64 -32.89
C ILE Q 62 -5.46 -56.60 -31.89
N ALA Q 64 -6.82 -52.30 -31.14
CA ALA Q 64 -7.23 -50.98 -31.55
C ALA Q 64 -6.28 -49.92 -30.98
N LEU Q 65 -5.82 -49.00 -31.81
CA LEU Q 65 -4.99 -47.85 -31.41
C LEU Q 65 -5.85 -46.64 -31.16
N ASP Q 66 -6.87 -46.50 -32.00
CA ASP Q 66 -7.90 -45.50 -31.87
C ASP Q 66 -9.16 -46.03 -32.63
N ASP Q 67 -10.23 -45.25 -32.72
CA ASP Q 67 -11.46 -45.72 -33.42
C ASP Q 67 -11.23 -46.12 -34.88
N ASN Q 68 -10.33 -45.42 -35.56
CA ASN Q 68 -10.11 -45.65 -36.98
C ASN Q 68 -8.81 -46.41 -37.40
N VAL Q 69 -8.00 -46.86 -36.43
CA VAL Q 69 -6.72 -47.49 -36.72
C VAL Q 69 -6.49 -48.64 -35.79
N CYS Q 70 -6.04 -49.76 -36.32
CA CYS Q 70 -5.71 -50.86 -35.48
C CYS Q 70 -4.47 -51.52 -36.03
N MET Q 71 -3.96 -52.48 -35.27
CA MET Q 71 -2.72 -53.12 -35.60
C MET Q 71 -2.63 -54.54 -35.14
N ALA Q 72 -1.89 -55.31 -35.92
CA ALA Q 72 -1.39 -56.59 -35.50
C ALA Q 72 0.12 -56.50 -35.43
N PHE Q 73 0.71 -57.43 -34.70
CA PHE Q 73 2.16 -57.46 -34.56
C PHE Q 73 2.59 -58.88 -34.65
N ALA Q 74 3.88 -59.07 -34.88
CA ALA Q 74 4.53 -60.34 -34.63
C ALA Q 74 5.84 -60.04 -33.94
N GLY Q 75 6.18 -60.89 -32.98
CA GLY Q 75 7.45 -60.77 -32.31
C GLY Q 75 7.24 -60.87 -30.81
N LEU Q 76 8.06 -60.15 -30.04
CA LEU Q 76 7.98 -60.21 -28.56
C LEU Q 76 6.72 -59.51 -28.07
N THR Q 77 5.83 -60.26 -27.43
CA THR Q 77 4.50 -59.72 -27.12
C THR Q 77 4.58 -58.58 -26.09
N ALA Q 78 5.46 -58.73 -25.10
CA ALA Q 78 5.65 -57.71 -24.08
C ALA Q 78 6.15 -56.40 -24.75
N ASP Q 79 7.08 -56.51 -25.66
CA ASP Q 79 7.55 -55.33 -26.39
C ASP Q 79 6.37 -54.69 -27.15
N ALA Q 80 5.51 -55.51 -27.75
CA ALA Q 80 4.40 -54.98 -28.55
C ALA Q 80 3.47 -54.15 -27.72
N ARG Q 81 3.24 -54.60 -26.49
CA ARG Q 81 2.37 -53.89 -25.57
C ARG Q 81 2.89 -52.48 -25.27
N ILE Q 82 4.20 -52.32 -25.21
CA ILE Q 82 4.78 -51.02 -24.96
C ILE Q 82 4.53 -50.13 -26.15
N VAL Q 83 4.74 -50.65 -27.35
CA VAL Q 83 4.59 -49.83 -28.59
C VAL Q 83 3.16 -49.46 -28.75
N ILE Q 84 2.27 -50.42 -28.55
CA ILE Q 84 0.87 -50.15 -28.68
C ILE Q 84 0.40 -49.03 -27.73
N ASN Q 85 0.82 -49.09 -26.47
CA ASN Q 85 0.41 -48.07 -25.52
C ASN Q 85 0.98 -46.67 -25.88
N ARG Q 86 2.23 -46.60 -26.30
CA ARG Q 86 2.84 -45.37 -26.75
C ARG Q 86 2.05 -44.81 -27.95
N ALA Q 87 1.65 -45.67 -28.90
CA ALA Q 87 0.88 -45.23 -30.06
C ALA Q 87 -0.46 -44.72 -29.64
N ARG Q 88 -1.12 -45.39 -28.65
CA ARG Q 88 -2.41 -44.97 -28.18
C ARG Q 88 -2.36 -43.57 -27.55
N VAL Q 89 -1.30 -43.29 -26.81
CA VAL Q 89 -1.12 -42.04 -26.18
C VAL Q 89 -1.01 -40.97 -27.28
N GLU Q 90 -0.17 -41.26 -28.27
CA GLU Q 90 0.08 -40.35 -29.37
C GLU Q 90 -1.16 -40.05 -30.20
N CYS Q 91 -2.04 -41.06 -30.42
CA CYS Q 91 -3.34 -40.81 -31.12
C CYS Q 91 -4.19 -39.79 -30.41
N GLN Q 92 -4.22 -39.88 -29.09
CA GLN Q 92 -4.86 -38.85 -28.28
C GLN Q 92 -4.19 -37.45 -28.30
N SER Q 93 -2.86 -37.34 -28.24
CA SER Q 93 -2.18 -36.04 -28.50
C SER Q 93 -2.59 -35.46 -29.85
N HIS Q 94 -2.51 -36.23 -30.92
CA HIS Q 94 -2.98 -35.76 -32.25
C HIS Q 94 -4.41 -35.17 -32.19
N ARG Q 95 -5.39 -35.96 -31.75
CA ARG Q 95 -6.77 -35.47 -31.62
C ARG Q 95 -6.82 -34.21 -30.77
N LEU Q 96 -5.96 -34.13 -29.77
CA LEU Q 96 -5.91 -32.96 -28.90
C LEU Q 96 -5.50 -31.77 -29.74
N THR Q 97 -4.34 -31.85 -30.37
CA THR Q 97 -3.64 -30.65 -30.99
C THR Q 97 -4.09 -30.25 -32.45
N VAL Q 98 -4.65 -31.20 -33.16
CA VAL Q 98 -5.06 -31.00 -34.55
C VAL Q 98 -6.57 -31.25 -34.75
N GLU Q 99 -7.25 -31.81 -33.74
CA GLU Q 99 -8.68 -32.00 -33.77
C GLU Q 99 -9.13 -32.79 -35.00
N ASP Q 100 -8.29 -33.75 -35.42
CA ASP Q 100 -8.71 -34.80 -36.34
C ASP Q 100 -8.14 -36.04 -35.80
N PRO Q 101 -8.78 -37.17 -36.13
CA PRO Q 101 -8.07 -38.41 -35.92
C PRO Q 101 -6.79 -38.44 -36.77
N VAL Q 102 -5.87 -39.23 -36.31
CA VAL Q 102 -4.67 -39.49 -37.03
C VAL Q 102 -5.00 -40.16 -38.35
N THR Q 103 -4.15 -39.97 -39.34
CA THR Q 103 -4.12 -40.86 -40.49
C THR Q 103 -3.36 -42.10 -40.10
N VAL Q 104 -3.53 -43.14 -40.90
CA VAL Q 104 -2.85 -44.39 -40.66
C VAL Q 104 -1.37 -44.16 -40.86
N GLU Q 105 -1.06 -43.36 -41.87
CA GLU Q 105 0.30 -43.02 -42.15
C GLU Q 105 1.00 -42.25 -41.02
N TYR Q 106 0.34 -41.25 -40.45
CA TYR Q 106 0.86 -40.47 -39.32
C TYR Q 106 1.26 -41.37 -38.14
N ILE Q 107 0.34 -42.25 -37.74
CA ILE Q 107 0.63 -43.07 -36.63
C ILE Q 107 1.72 -44.11 -36.94
N THR Q 108 1.75 -44.58 -38.19
CA THR Q 108 2.72 -45.52 -38.67
C THR Q 108 4.09 -44.88 -38.60
N ARG Q 109 4.16 -43.65 -39.12
CA ARG Q 109 5.35 -42.84 -39.05
C ARG Q 109 5.85 -42.63 -37.58
N TYR Q 110 4.93 -42.39 -36.66
CA TYR Q 110 5.24 -42.19 -35.28
C TYR Q 110 5.85 -43.47 -34.69
N ILE Q 111 5.20 -44.62 -34.95
CA ILE Q 111 5.65 -45.90 -34.45
C ILE Q 111 7.05 -46.22 -35.03
N ALA Q 112 7.20 -46.01 -36.33
CA ALA Q 112 8.45 -46.29 -36.99
C ALA Q 112 9.64 -45.45 -36.37
N SER Q 113 9.39 -44.19 -36.08
CA SER Q 113 10.45 -43.34 -35.55
C SER Q 113 10.74 -43.60 -34.05
N LEU Q 114 9.74 -44.08 -33.30
CA LEU Q 114 9.98 -44.67 -32.01
C LEU Q 114 10.92 -45.87 -32.09
N LYS Q 115 10.59 -46.82 -32.96
CA LYS Q 115 11.47 -47.95 -33.18
C LYS Q 115 12.91 -47.52 -33.67
N GLN Q 116 13.01 -46.63 -34.67
CA GLN Q 116 14.32 -46.16 -35.08
C GLN Q 116 15.13 -45.61 -33.88
N ARG Q 117 14.51 -44.83 -33.01
CA ARG Q 117 15.22 -44.23 -31.86
C ARG Q 117 15.82 -45.27 -30.93
N TYR Q 118 15.11 -46.37 -30.72
CA TYR Q 118 15.60 -47.44 -29.87
C TYR Q 118 16.70 -48.24 -30.54
N THR Q 119 17.03 -47.95 -31.81
CA THR Q 119 18.23 -48.54 -32.45
C THR Q 119 19.42 -47.61 -32.42
N GLN Q 120 19.24 -46.38 -31.91
CA GLN Q 120 20.31 -45.39 -31.94
C GLN Q 120 20.51 -44.67 -30.61
N SER Q 121 19.96 -45.18 -29.52
CA SER Q 121 20.00 -44.55 -28.24
C SER Q 121 20.69 -45.43 -27.24
N ASN Q 122 21.52 -44.83 -26.42
CA ASN Q 122 22.23 -45.55 -25.39
C ASN Q 122 21.31 -46.21 -24.39
N GLY Q 123 21.78 -47.30 -23.82
CA GLY Q 123 21.10 -48.00 -22.75
C GLY Q 123 19.93 -48.93 -23.11
N ARG Q 124 19.52 -48.99 -24.36
CA ARG Q 124 18.32 -49.70 -24.82
C ARG Q 124 18.60 -50.65 -25.97
N ARG Q 125 17.88 -51.78 -25.98
CA ARG Q 125 17.87 -52.64 -27.13
C ARG Q 125 16.68 -52.24 -28.04
N PRO Q 126 16.75 -52.60 -29.29
CA PRO Q 126 15.59 -52.38 -30.17
C PRO Q 126 14.33 -53.20 -29.77
N PHE Q 127 13.20 -52.77 -30.30
CA PHE Q 127 11.94 -53.48 -30.06
C PHE Q 127 11.94 -54.70 -30.94
N GLY Q 128 11.59 -55.86 -30.36
CA GLY Q 128 11.55 -57.09 -31.12
C GLY Q 128 10.21 -57.34 -31.79
N ILE Q 129 9.71 -56.36 -32.54
CA ILE Q 129 8.42 -56.49 -33.22
C ILE Q 129 8.35 -55.81 -34.58
N SER Q 130 7.52 -56.40 -35.46
CA SER Q 130 6.99 -55.71 -36.60
C SER Q 130 5.50 -55.58 -36.39
N ALA Q 131 4.94 -54.58 -37.03
CA ALA Q 131 3.50 -54.29 -36.91
C ALA Q 131 2.87 -54.16 -38.29
N LEU Q 132 1.66 -54.64 -38.44
CA LEU Q 132 0.81 -54.32 -39.57
C LEU Q 132 -0.26 -53.35 -39.07
N ILE Q 133 -0.35 -52.19 -39.70
CA ILE Q 133 -1.20 -51.13 -39.22
C ILE Q 133 -2.21 -50.86 -40.30
N VAL Q 134 -3.49 -50.89 -39.94
CA VAL Q 134 -4.55 -50.74 -40.91
C VAL Q 134 -5.57 -49.74 -40.50
N GLY Q 135 -6.22 -49.21 -41.50
CA GLY Q 135 -7.44 -48.42 -41.28
C GLY Q 135 -7.84 -47.64 -42.50
N PHE Q 136 -8.59 -46.56 -42.25
CA PHE Q 136 -9.06 -45.68 -43.31
C PHE Q 136 -8.74 -44.22 -43.03
N ASP Q 137 -8.38 -43.50 -44.09
CA ASP Q 137 -8.24 -42.04 -44.06
C ASP Q 137 -9.55 -41.28 -44.27
N PHE Q 138 -9.61 -40.08 -43.66
CA PHE Q 138 -10.74 -39.13 -43.76
C PHE Q 138 -11.56 -39.21 -45.05
N ASP Q 139 -10.88 -39.41 -46.18
CA ASP Q 139 -11.54 -39.54 -47.51
C ASP Q 139 -11.97 -40.96 -47.93
N GLY Q 140 -11.98 -41.91 -47.00
CA GLY Q 140 -12.38 -43.30 -47.26
C GLY Q 140 -11.33 -44.29 -47.80
N THR Q 141 -10.12 -43.83 -48.11
CA THR Q 141 -9.11 -44.74 -48.71
C THR Q 141 -8.64 -45.75 -47.66
N PRO Q 142 -8.72 -47.05 -47.99
CA PRO Q 142 -8.21 -48.09 -47.08
C PRO Q 142 -6.66 -48.14 -47.10
N ARG Q 143 -6.05 -48.54 -45.98
CA ARG Q 143 -4.57 -48.50 -45.82
C ARG Q 143 -4.00 -49.67 -45.06
N LEU Q 144 -2.85 -50.15 -45.53
CA LEU Q 144 -2.14 -51.19 -44.83
C LEU Q 144 -0.65 -50.79 -44.84
N TYR Q 145 -0.08 -50.58 -43.67
CA TYR Q 145 1.34 -50.21 -43.51
C TYR Q 145 2.02 -51.27 -42.69
N GLN Q 146 3.32 -51.42 -42.89
CA GLN Q 146 4.09 -52.30 -42.03
C GLN Q 146 5.30 -51.56 -41.49
N THR Q 147 5.63 -51.81 -40.23
CA THR Q 147 6.89 -51.26 -39.61
C THR Q 147 7.71 -52.43 -39.19
N ASP Q 148 9.03 -52.25 -39.16
CA ASP Q 148 9.89 -53.29 -38.59
C ASP Q 148 10.84 -52.72 -37.54
N PRO Q 149 11.62 -53.59 -36.84
CA PRO Q 149 12.41 -53.14 -35.73
C PRO Q 149 13.42 -52.01 -36.09
N SER Q 150 13.83 -51.92 -37.34
CA SER Q 150 14.75 -50.91 -37.75
C SER Q 150 14.15 -49.53 -37.78
N GLY Q 151 12.83 -49.44 -37.69
CA GLY Q 151 12.13 -48.18 -37.97
C GLY Q 151 11.80 -47.88 -39.42
N THR Q 152 12.12 -48.78 -40.31
CA THR Q 152 11.63 -48.74 -41.70
C THR Q 152 10.12 -48.98 -41.72
N TYR Q 153 9.42 -48.27 -42.62
CA TYR Q 153 8.01 -48.57 -42.87
C TYR Q 153 7.59 -48.34 -44.32
N HIS Q 154 6.61 -49.13 -44.77
CA HIS Q 154 6.08 -49.02 -46.15
C HIS Q 154 4.61 -49.37 -46.15
N ALA Q 155 3.91 -48.96 -47.21
CA ALA Q 155 2.52 -49.34 -47.47
C ALA Q 155 2.49 -50.58 -48.36
N TRP Q 156 1.48 -51.44 -48.14
CA TRP Q 156 1.33 -52.70 -48.79
C TRP Q 156 -0.12 -52.94 -49.18
N LYS Q 157 -0.29 -53.65 -50.30
CA LYS Q 157 -1.57 -54.15 -50.76
C LYS Q 157 -1.98 -55.33 -49.93
N ALA Q 158 -0.99 -56.15 -49.63
CA ALA Q 158 -1.13 -57.23 -48.68
C ALA Q 158 0.25 -57.54 -48.18
N ASN Q 159 0.34 -58.18 -47.03
CA ASN Q 159 1.61 -58.61 -46.50
C ASN Q 159 1.44 -59.61 -45.35
N ALA Q 160 2.53 -60.27 -45.00
CA ALA Q 160 2.62 -61.10 -43.82
C ALA Q 160 3.91 -60.82 -43.09
N ILE Q 161 3.89 -61.00 -41.76
CA ILE Q 161 5.07 -60.95 -40.87
C ILE Q 161 4.99 -62.15 -39.91
N GLY Q 162 6.09 -62.41 -39.20
CA GLY Q 162 6.19 -63.58 -38.33
C GLY Q 162 6.68 -64.83 -39.07
N ARG Q 163 6.58 -65.97 -38.40
CA ARG Q 163 7.10 -67.21 -38.94
C ARG Q 163 6.34 -67.62 -40.18
N GLY Q 164 7.06 -68.07 -41.20
CA GLY Q 164 6.46 -68.37 -42.47
C GLY Q 164 6.02 -67.18 -43.30
N ALA Q 165 6.36 -65.96 -42.92
CA ALA Q 165 6.08 -64.79 -43.76
C ALA Q 165 6.57 -64.94 -45.22
N LYS Q 166 7.74 -65.57 -45.44
CA LYS Q 166 8.32 -65.69 -46.83
C LYS Q 166 7.35 -66.42 -47.75
N SER Q 167 6.90 -67.59 -47.32
CA SER Q 167 5.99 -68.36 -48.13
C SER Q 167 4.60 -67.71 -48.20
N VAL Q 168 4.12 -67.13 -47.09
CA VAL Q 168 2.81 -66.46 -47.10
C VAL Q 168 2.82 -65.27 -48.05
N ARG Q 169 3.91 -64.52 -48.04
CA ARG Q 169 4.07 -63.43 -49.00
C ARG Q 169 4.06 -63.95 -50.45
N GLU Q 170 4.74 -65.08 -50.70
CA GLU Q 170 4.77 -65.71 -52.05
C GLU Q 170 3.34 -66.06 -52.50
N PHE Q 171 2.57 -66.62 -51.60
CA PHE Q 171 1.16 -66.96 -51.86
C PHE Q 171 0.31 -65.74 -52.19
N LEU Q 172 0.45 -64.68 -51.39
CA LEU Q 172 -0.28 -63.42 -51.65
C LEU Q 172 0.10 -62.81 -52.99
N GLU Q 173 1.38 -62.86 -53.32
CA GLU Q 173 1.86 -62.32 -54.62
C GLU Q 173 1.12 -62.95 -55.79
N LYS Q 174 0.93 -64.28 -55.77
CA LYS Q 174 0.24 -65.00 -56.86
C LYS Q 174 -1.28 -64.87 -56.74
N ASN Q 175 -1.80 -64.74 -55.53
CA ASN Q 175 -3.27 -64.79 -55.29
C ASN Q 175 -3.95 -63.44 -55.10
N TYR Q 176 -3.22 -62.36 -54.93
CA TYR Q 176 -3.85 -61.07 -54.70
C TYR Q 176 -4.18 -60.44 -56.02
N THR Q 177 -5.45 -60.46 -56.38
CA THR Q 177 -5.94 -59.91 -57.65
C THR Q 177 -7.22 -59.14 -57.43
N ASP Q 178 -7.62 -58.37 -58.45
CA ASP Q 178 -8.86 -57.57 -58.38
C ASP Q 178 -10.05 -58.49 -58.06
N GLU Q 179 -10.01 -59.71 -58.59
CA GLU Q 179 -11.02 -60.77 -58.42
C GLU Q 179 -11.08 -61.32 -56.99
N ALA Q 180 -9.92 -61.57 -56.40
CA ALA Q 180 -9.85 -62.11 -55.03
C ALA Q 180 -10.35 -61.13 -53.92
N ILE Q 181 -10.42 -59.84 -54.25
CA ILE Q 181 -10.90 -58.79 -53.32
C ILE Q 181 -12.15 -58.04 -53.84
N GLU Q 182 -12.86 -58.65 -54.79
CA GLU Q 182 -14.03 -58.01 -55.37
C GLU Q 182 -15.10 -57.82 -54.32
N THR Q 183 -15.14 -58.73 -53.34
CA THR Q 183 -16.05 -58.60 -52.20
C THR Q 183 -15.38 -58.84 -50.90
N ASP Q 184 -16.12 -58.47 -49.85
CA ASP Q 184 -15.74 -58.63 -48.46
C ASP Q 184 -15.42 -60.07 -48.05
N ASP Q 185 -16.29 -61.00 -48.40
CA ASP Q 185 -16.12 -62.45 -48.13
C ASP Q 185 -14.85 -63.07 -48.74
N LEU Q 186 -14.56 -62.67 -49.98
CA LEU Q 186 -13.37 -63.16 -50.71
C LEU Q 186 -12.08 -62.57 -50.12
N THR Q 187 -12.12 -61.29 -49.72
CA THR Q 187 -11.02 -60.63 -48.99
C THR Q 187 -10.72 -61.36 -47.68
N ILE Q 188 -11.77 -61.62 -46.91
CA ILE Q 188 -11.62 -62.39 -45.67
C ILE Q 188 -11.09 -63.78 -45.98
N LYS Q 189 -11.62 -64.43 -47.02
CA LYS Q 189 -11.15 -65.78 -47.42
C LYS Q 189 -9.67 -65.79 -47.88
N LEU Q 190 -9.26 -64.75 -48.59
CA LEU Q 190 -7.85 -64.63 -49.00
C LEU Q 190 -6.91 -64.65 -47.79
N VAL Q 191 -7.26 -63.93 -46.72
CA VAL Q 191 -6.47 -63.96 -45.48
C VAL Q 191 -6.41 -65.34 -44.84
N ILE Q 192 -7.56 -66.00 -44.74
CA ILE Q 192 -7.62 -67.35 -44.15
C ILE Q 192 -6.79 -68.36 -44.96
N LYS Q 193 -6.95 -68.31 -46.29
CA LYS Q 193 -6.17 -69.18 -47.17
C LYS Q 193 -4.69 -68.90 -46.97
N ALA Q 194 -4.31 -67.62 -46.94
CA ALA Q 194 -2.95 -67.26 -46.75
C ALA Q 194 -2.38 -67.84 -45.43
N LEU Q 195 -3.12 -67.69 -44.34
CA LEU Q 195 -2.73 -68.33 -43.06
C LEU Q 195 -2.65 -69.84 -43.14
N LEU Q 196 -3.68 -70.46 -43.72
CA LEU Q 196 -3.73 -71.93 -43.83
C LEU Q 196 -2.50 -72.52 -44.58
N GLU Q 197 -1.80 -71.67 -45.33
CA GLU Q 197 -0.55 -72.02 -45.97
C GLU Q 197 0.59 -72.38 -44.99
N VAL Q 198 0.58 -71.83 -43.77
CA VAL Q 198 1.56 -72.28 -42.76
C VAL Q 198 1.01 -72.73 -41.43
N VAL Q 199 -0.22 -72.34 -41.08
CA VAL Q 199 -0.72 -72.55 -39.72
C VAL Q 199 -0.88 -74.03 -39.36
N GLN Q 200 -0.06 -74.47 -38.41
CA GLN Q 200 0.16 -75.84 -37.96
C GLN Q 200 -1.09 -76.55 -37.35
N SER Q 201 -2.18 -76.62 -38.13
CA SER Q 201 -3.52 -77.15 -37.70
C SER Q 201 -4.66 -76.54 -38.54
N GLY Q 202 -4.66 -75.20 -38.59
CA GLY Q 202 -5.54 -74.43 -39.46
C GLY Q 202 -6.95 -74.01 -39.01
N GLY Q 203 -7.61 -74.80 -38.14
CA GLY Q 203 -8.99 -74.51 -37.66
C GLY Q 203 -9.12 -73.25 -36.81
N LYS Q 204 -8.84 -73.40 -35.51
CA LYS Q 204 -8.72 -72.24 -34.60
C LYS Q 204 -7.86 -72.54 -33.34
N ASN Q 205 -6.58 -72.15 -33.28
CA ASN Q 205 -5.78 -71.48 -34.33
C ASN Q 205 -6.32 -70.12 -34.79
N ILE Q 206 -5.73 -69.53 -35.82
CA ILE Q 206 -6.27 -68.31 -36.50
C ILE Q 206 -7.28 -67.36 -35.72
N GLU Q 207 -6.86 -66.15 -35.40
CA GLU Q 207 -7.74 -65.02 -34.95
C GLU Q 207 -7.91 -64.07 -36.14
N LEU Q 208 -9.10 -63.49 -36.28
CA LEU Q 208 -9.36 -62.65 -37.43
C LEU Q 208 -10.26 -61.46 -37.15
N ALA Q 209 -9.89 -60.33 -37.75
CA ALA Q 209 -10.60 -59.08 -37.56
C ALA Q 209 -10.67 -58.25 -38.85
N VAL Q 210 -11.73 -57.47 -38.93
CA VAL Q 210 -12.07 -56.67 -40.11
C VAL Q 210 -12.33 -55.23 -39.72
N MET Q 211 -11.98 -54.31 -40.61
CA MET Q 211 -12.34 -52.93 -40.43
C MET Q 211 -12.99 -52.43 -41.69
N ARG Q 212 -14.22 -51.97 -41.56
CA ARG Q 212 -14.96 -51.39 -42.66
C ARG Q 212 -14.93 -49.89 -42.54
N ARG Q 213 -15.05 -49.22 -43.69
CA ARG Q 213 -15.04 -47.75 -43.77
C ARG Q 213 -16.08 -47.21 -42.78
N ASP Q 214 -15.61 -46.50 -41.76
CA ASP Q 214 -16.44 -45.92 -40.68
C ASP Q 214 -16.93 -46.92 -39.59
N GLN Q 215 -17.14 -48.19 -39.92
CA GLN Q 215 -17.90 -49.09 -39.06
C GLN Q 215 -17.12 -49.64 -37.85
N SER Q 216 -15.84 -49.30 -37.71
CA SER Q 216 -14.99 -49.73 -36.58
C SER Q 216 -14.75 -51.25 -36.37
N LEU Q 217 -13.64 -51.57 -35.69
CA LEU Q 217 -13.07 -52.92 -35.63
C LEU Q 217 -14.08 -54.01 -35.15
N LYS Q 218 -14.40 -55.00 -36.00
CA LYS Q 218 -15.16 -56.21 -35.62
C LYS Q 218 -14.21 -57.41 -35.58
N ILE Q 219 -14.08 -58.06 -34.43
CA ILE Q 219 -13.39 -59.35 -34.39
C ILE Q 219 -14.42 -60.44 -34.78
N LEU Q 220 -14.01 -61.38 -35.61
CA LEU Q 220 -14.81 -62.62 -35.81
C LEU Q 220 -14.10 -63.50 -34.75
N ASN Q 221 -14.65 -64.46 -33.99
CA ASN Q 221 -15.92 -65.20 -34.06
C ASN Q 221 -15.63 -66.62 -34.54
N PRO Q 222 -15.20 -67.53 -33.65
CA PRO Q 222 -14.69 -68.86 -34.07
C PRO Q 222 -15.64 -69.67 -34.95
N GLU Q 223 -16.93 -69.56 -34.65
CA GLU Q 223 -17.98 -70.12 -35.47
C GLU Q 223 -17.97 -69.62 -36.93
N GLU Q 224 -17.90 -68.30 -37.08
CA GLU Q 224 -17.84 -67.67 -38.42
C GLU Q 224 -16.58 -68.04 -39.20
N ILE Q 225 -15.48 -68.24 -38.48
CA ILE Q 225 -14.17 -68.52 -39.06
C ILE Q 225 -14.12 -69.94 -39.60
N GLU Q 226 -14.43 -70.92 -38.75
CA GLU Q 226 -14.43 -72.34 -39.18
C GLU Q 226 -15.38 -72.66 -40.35
N LYS Q 227 -16.35 -71.78 -40.59
CA LYS Q 227 -17.12 -71.75 -41.85
C LYS Q 227 -16.18 -71.62 -43.07
N TYR Q 228 -15.41 -70.54 -43.06
CA TYR Q 228 -14.45 -70.28 -44.10
C TYR Q 228 -13.33 -71.35 -44.15
N VAL Q 229 -12.92 -71.86 -42.98
CA VAL Q 229 -11.84 -72.89 -42.90
C VAL Q 229 -12.22 -74.15 -43.68
N ALA Q 230 -13.42 -74.67 -43.42
CA ALA Q 230 -13.98 -75.86 -44.11
C ALA Q 230 -14.12 -75.62 -45.63
N GLU Q 231 -14.77 -74.50 -45.95
CA GLU Q 231 -14.94 -73.98 -47.32
C GLU Q 231 -13.63 -73.80 -48.14
N ILE Q 232 -12.47 -73.70 -47.45
CA ILE Q 232 -11.13 -73.62 -48.05
C ILE Q 232 -10.33 -74.95 -48.03
N GLU Q 233 -10.53 -75.74 -46.96
CA GLU Q 233 -9.85 -77.04 -46.74
C GLU Q 233 -10.35 -78.11 -47.71
N LYS Q 234 -11.68 -78.15 -47.87
CA LYS Q 234 -12.30 -79.03 -48.86
C LYS Q 234 -12.05 -78.62 -50.32
N GLU Q 235 -11.79 -77.33 -50.57
CA GLU Q 235 -11.36 -76.88 -51.91
C GLU Q 235 -9.93 -77.33 -52.27
N LYS Q 236 -9.05 -77.38 -51.26
CA LYS Q 236 -7.67 -77.89 -51.40
C LYS Q 236 -7.53 -79.43 -51.37
N GLU Q 237 -8.62 -80.16 -51.13
CA GLU Q 237 -8.65 -81.64 -51.19
C GLU Q 237 -8.96 -82.02 -52.63
N GLU Q 238 -10.10 -81.50 -53.11
CA GLU Q 238 -10.52 -81.53 -54.54
C GLU Q 238 -9.33 -81.35 -55.47
N ASN Q 239 -8.53 -80.32 -55.17
CA ASN Q 239 -7.34 -79.94 -55.95
C ASN Q 239 -6.15 -80.92 -55.74
N GLU Q 240 -6.46 -82.23 -55.67
CA GLU Q 240 -5.53 -83.34 -55.82
C GLU Q 240 -6.28 -84.46 -56.60
N ASP R 9 35.64 -56.49 -27.57
CA ASP R 9 34.76 -55.26 -27.61
C ASP R 9 35.52 -53.98 -27.19
N ARG R 10 35.19 -52.91 -27.90
CA ARG R 10 35.85 -51.62 -27.84
C ARG R 10 34.74 -50.59 -27.86
N GLY R 11 35.00 -49.39 -27.44
CA GLY R 11 33.97 -48.41 -27.40
C GLY R 11 33.64 -47.83 -28.75
N VAL R 12 32.50 -47.15 -28.86
CA VAL R 12 32.11 -46.54 -30.16
C VAL R 12 33.01 -45.37 -30.64
N ASN R 13 33.79 -44.80 -29.73
CA ASN R 13 34.74 -43.77 -30.11
C ASN R 13 36.22 -44.22 -30.17
N THR R 14 36.46 -45.46 -30.59
CA THR R 14 37.80 -45.98 -30.70
C THR R 14 38.35 -45.71 -32.08
N PHE R 15 39.59 -45.16 -32.10
CA PHE R 15 40.41 -45.07 -33.33
C PHE R 15 41.10 -46.40 -33.67
N SER R 16 41.11 -46.74 -34.96
CA SER R 16 41.92 -47.82 -35.52
C SER R 16 43.35 -47.34 -35.61
N PRO R 17 44.29 -48.26 -35.86
CA PRO R 17 45.69 -47.87 -36.03
C PRO R 17 45.96 -47.04 -37.25
N GLU R 18 45.05 -47.02 -38.18
CA GLU R 18 45.20 -46.19 -39.35
C GLU R 18 44.64 -44.82 -39.12
N GLY R 19 44.09 -44.53 -37.93
CA GLY R 19 43.60 -43.21 -37.65
C GLY R 19 42.19 -42.91 -38.09
N ARG R 20 41.38 -43.94 -38.22
CA ARG R 20 39.93 -43.74 -38.47
C ARG R 20 39.06 -44.29 -37.30
N LEU R 21 37.88 -43.73 -37.18
CA LEU R 21 36.93 -44.17 -36.23
C LEU R 21 36.23 -45.40 -36.81
N PHE R 22 36.39 -46.55 -36.16
CA PHE R 22 35.79 -47.81 -36.62
C PHE R 22 34.30 -47.60 -37.03
N GLN R 23 33.52 -46.99 -36.11
CA GLN R 23 32.08 -46.87 -36.29
C GLN R 23 31.75 -46.04 -37.53
N VAL R 24 32.53 -44.99 -37.77
CA VAL R 24 32.34 -44.18 -39.00
C VAL R 24 32.67 -44.97 -40.25
N GLU R 25 33.77 -45.70 -40.22
CA GLU R 25 34.17 -46.56 -41.38
C GLU R 25 33.13 -47.63 -41.64
N TYR R 26 32.58 -48.20 -40.57
CA TYR R 26 31.51 -49.20 -40.77
C TYR R 26 30.22 -48.54 -41.31
N ALA R 27 29.89 -47.33 -40.85
CA ALA R 27 28.70 -46.63 -41.31
C ALA R 27 28.82 -46.34 -42.77
N ILE R 28 30.04 -46.02 -43.23
CA ILE R 28 30.34 -45.78 -44.67
C ILE R 28 30.12 -47.05 -45.48
N GLU R 29 30.49 -48.21 -44.93
CA GLU R 29 30.19 -49.49 -45.59
C GLU R 29 28.68 -49.76 -45.73
N ALA R 30 27.90 -49.29 -44.77
CA ALA R 30 26.46 -49.44 -44.85
C ALA R 30 25.82 -48.64 -46.02
N ILE R 31 26.42 -47.54 -46.42
CA ILE R 31 25.96 -46.76 -47.58
C ILE R 31 26.03 -47.60 -48.84
N LYS R 32 27.07 -48.41 -48.98
CA LYS R 32 27.26 -49.31 -50.15
C LYS R 32 26.15 -50.36 -50.31
N LEU R 33 25.35 -50.60 -49.27
CA LEU R 33 24.18 -51.48 -49.37
C LEU R 33 22.94 -50.70 -49.83
N GLY R 34 23.05 -49.38 -49.93
CA GLY R 34 21.88 -48.57 -50.30
C GLY R 34 21.66 -48.59 -51.80
N SER R 35 20.46 -48.15 -52.19
CA SER R 35 20.13 -47.95 -53.61
C SER R 35 20.94 -46.81 -54.19
N THR R 36 21.12 -46.81 -55.47
CA THR R 36 21.88 -45.79 -56.10
C THR R 36 21.08 -44.48 -56.17
N ALA R 37 21.68 -43.36 -55.79
CA ALA R 37 21.09 -42.08 -56.08
C ALA R 37 22.11 -41.21 -56.84
N ILE R 38 21.61 -40.35 -57.66
CA ILE R 38 22.40 -39.48 -58.53
C ILE R 38 21.94 -38.03 -58.38
N GLY R 39 22.93 -37.11 -58.35
CA GLY R 39 22.64 -35.70 -58.42
C GLY R 39 23.47 -35.07 -59.48
N ILE R 40 22.92 -34.12 -60.22
CA ILE R 40 23.66 -33.31 -61.23
C ILE R 40 23.26 -31.86 -61.11
N GLN R 41 24.25 -31.00 -61.01
CA GLN R 41 24.09 -29.57 -60.96
C GLN R 41 24.38 -28.96 -62.35
N THR R 42 23.44 -28.20 -62.87
CA THR R 42 23.64 -27.42 -64.09
C THR R 42 23.33 -25.95 -63.81
N SER R 43 23.67 -25.06 -64.76
CA SER R 43 23.31 -23.66 -64.63
C SER R 43 21.76 -23.42 -64.67
N GLU R 44 20.97 -24.40 -65.13
CA GLU R 44 19.50 -24.29 -65.14
C GLU R 44 18.80 -24.95 -63.99
N GLY R 45 19.53 -25.57 -63.10
CA GLY R 45 18.91 -26.24 -61.95
C GLY R 45 19.66 -27.49 -61.58
N VAL R 46 19.24 -28.10 -60.49
CA VAL R 46 19.74 -29.41 -60.11
C VAL R 46 18.65 -30.47 -60.21
N CYS R 47 19.06 -31.68 -60.60
CA CYS R 47 18.22 -32.86 -60.55
C CYS R 47 18.80 -33.93 -59.64
N LEU R 48 17.87 -34.68 -59.05
CA LEU R 48 18.13 -35.71 -58.13
C LEU R 48 17.32 -36.90 -58.63
N ALA R 49 17.96 -38.07 -58.75
CA ALA R 49 17.33 -39.26 -59.26
C ALA R 49 17.76 -40.43 -58.40
N VAL R 50 16.85 -41.34 -58.15
CA VAL R 50 17.15 -42.43 -57.26
C VAL R 50 16.41 -43.69 -57.66
N GLU R 51 17.08 -44.82 -57.45
CA GLU R 51 16.53 -46.15 -57.65
C GLU R 51 15.64 -46.48 -56.47
N LYS R 52 14.42 -46.89 -56.68
CA LYS R 52 13.57 -47.20 -55.52
C LYS R 52 13.96 -48.52 -54.85
N ARG R 53 14.20 -49.53 -55.66
CA ARG R 53 14.53 -50.87 -55.21
C ARG R 53 13.33 -51.54 -54.56
N ILE R 54 12.35 -51.88 -55.39
CA ILE R 54 11.09 -52.50 -55.00
C ILE R 54 11.39 -53.94 -54.71
N THR R 55 10.97 -54.46 -53.56
CA THR R 55 11.33 -55.85 -53.17
C THR R 55 10.18 -56.84 -53.33
N SER R 56 8.95 -56.35 -53.54
CA SER R 56 7.78 -57.20 -53.77
C SER R 56 6.76 -56.41 -54.61
N PRO R 57 6.03 -57.08 -55.52
CA PRO R 57 4.95 -56.33 -56.20
C PRO R 57 3.74 -55.95 -55.27
N LEU R 58 3.64 -56.55 -54.08
CA LEU R 58 2.62 -56.19 -53.10
C LEU R 58 2.90 -54.84 -52.39
N MET R 59 4.15 -54.41 -52.36
CA MET R 59 4.53 -53.12 -51.80
C MET R 59 3.96 -51.99 -52.66
N GLU R 60 3.51 -50.90 -52.06
CA GLU R 60 3.18 -49.66 -52.79
C GLU R 60 4.40 -48.85 -53.09
N PRO R 61 4.76 -48.73 -54.39
CA PRO R 61 5.96 -47.91 -54.74
C PRO R 61 5.93 -46.44 -54.32
N SER R 62 4.76 -45.82 -54.24
CA SER R 62 4.72 -44.42 -53.78
C SER R 62 4.98 -44.27 -52.26
N SER R 63 4.93 -45.35 -51.47
CA SER R 63 5.35 -45.28 -50.07
C SER R 63 6.87 -45.31 -49.91
N ILE R 64 7.65 -45.44 -51.01
CA ILE R 64 9.12 -45.35 -50.92
C ILE R 64 9.48 -43.89 -51.24
N GLU R 65 10.02 -43.18 -50.27
CA GLU R 65 10.38 -41.81 -50.45
C GLU R 65 11.87 -41.60 -50.14
N LYS R 66 12.69 -41.68 -51.16
CA LYS R 66 14.15 -41.46 -51.02
C LYS R 66 14.58 -40.08 -51.52
N ILE R 67 13.64 -39.32 -52.05
CA ILE R 67 13.85 -37.92 -52.32
C ILE R 67 12.77 -37.21 -51.53
N VAL R 68 13.16 -36.17 -50.81
CA VAL R 68 12.26 -35.37 -50.00
C VAL R 68 12.56 -33.85 -50.19
N GLU R 69 11.51 -33.05 -50.00
CA GLU R 69 11.66 -31.61 -49.91
C GLU R 69 12.17 -31.19 -48.52
N ILE R 70 13.22 -30.37 -48.53
CA ILE R 70 13.72 -29.72 -47.29
C ILE R 70 12.99 -28.41 -47.09
N ASP R 71 13.01 -27.58 -48.15
CA ASP R 71 12.25 -26.35 -48.23
C ASP R 71 11.95 -26.16 -49.72
N ALA R 72 11.31 -25.07 -50.07
CA ALA R 72 10.87 -24.89 -51.45
C ALA R 72 12.02 -24.88 -52.47
N HIS R 73 13.20 -24.43 -52.01
CA HIS R 73 14.38 -24.26 -52.85
C HIS R 73 15.41 -25.37 -52.64
N ILE R 74 15.08 -26.40 -51.87
CA ILE R 74 16.08 -27.42 -51.50
C ILE R 74 15.43 -28.80 -51.39
N GLY R 75 15.95 -29.77 -52.15
CA GLY R 75 15.59 -31.18 -51.98
C GLY R 75 16.77 -31.99 -51.50
N CYS R 76 16.45 -33.21 -51.13
CA CYS R 76 17.42 -34.11 -50.59
C CYS R 76 17.19 -35.55 -51.07
N ALA R 77 18.23 -36.18 -51.61
CA ALA R 77 18.22 -37.60 -51.95
C ALA R 77 19.11 -38.36 -50.98
N MET R 78 18.70 -39.55 -50.62
CA MET R 78 19.41 -40.31 -49.62
C MET R 78 19.75 -41.71 -50.08
N SER R 79 20.76 -42.31 -49.45
CA SER R 79 21.04 -43.72 -49.62
C SER R 79 21.61 -44.27 -48.35
N GLY R 80 21.26 -45.53 -48.03
CA GLY R 80 21.93 -46.25 -46.96
C GLY R 80 20.82 -46.79 -46.13
N LEU R 81 20.91 -46.61 -44.81
CA LEU R 81 19.89 -47.06 -43.87
C LEU R 81 18.85 -45.97 -43.71
N ILE R 82 17.75 -46.07 -44.48
CA ILE R 82 16.79 -44.97 -44.68
C ILE R 82 16.11 -44.47 -43.40
N ALA R 83 15.84 -45.38 -42.47
CA ALA R 83 15.23 -44.97 -41.22
C ALA R 83 16.16 -43.96 -40.47
N ASP R 84 17.48 -44.12 -40.54
CA ASP R 84 18.41 -43.19 -39.95
C ASP R 84 18.33 -41.77 -40.56
N ALA R 85 17.91 -41.67 -41.81
CA ALA R 85 17.85 -40.40 -42.47
C ALA R 85 16.76 -39.45 -41.93
N LYS R 86 15.74 -40.00 -41.25
CA LYS R 86 14.59 -39.21 -40.82
C LYS R 86 14.94 -38.11 -39.89
N THR R 87 15.77 -38.38 -38.88
CA THR R 87 16.12 -37.30 -38.01
C THR R 87 17.01 -36.26 -38.75
N LEU R 88 17.76 -36.69 -39.76
CA LEU R 88 18.65 -35.75 -40.43
C LEU R 88 17.79 -34.79 -41.24
N ILE R 89 16.81 -35.33 -41.91
CA ILE R 89 15.94 -34.58 -42.81
C ILE R 89 15.10 -33.61 -41.98
N ASP R 90 14.58 -34.13 -40.86
CA ASP R 90 13.83 -33.29 -39.95
C ASP R 90 14.65 -32.13 -39.49
N LYS R 91 15.92 -32.39 -39.14
CA LYS R 91 16.82 -31.36 -38.67
C LYS R 91 17.07 -30.34 -39.82
N ALA R 92 17.22 -30.80 -41.07
CA ALA R 92 17.47 -29.85 -42.15
C ALA R 92 16.22 -28.93 -42.28
N ARG R 93 15.04 -29.51 -42.24
CA ARG R 93 13.80 -28.78 -42.31
C ARG R 93 13.61 -27.72 -41.23
N VAL R 94 13.80 -28.11 -40.00
CA VAL R 94 13.67 -27.21 -38.89
C VAL R 94 14.70 -26.10 -38.99
N GLU R 95 15.92 -26.43 -39.29
CA GLU R 95 16.94 -25.41 -39.46
C GLU R 95 16.59 -24.30 -40.52
N THR R 96 16.03 -24.71 -41.65
CA THR R 96 15.74 -23.80 -42.72
C THR R 96 14.63 -22.92 -42.26
N GLN R 97 13.67 -23.47 -41.48
CA GLN R 97 12.60 -22.68 -40.92
C GLN R 97 13.04 -21.72 -39.78
N ASN R 98 13.99 -22.14 -38.95
CA ASN R 98 14.54 -21.27 -37.92
C ASN R 98 15.28 -20.13 -38.60
N HIS R 99 16.01 -20.45 -39.65
CA HIS R 99 16.76 -19.40 -40.32
C HIS R 99 15.83 -18.36 -40.96
N TRP R 100 14.78 -18.82 -41.61
CA TRP R 100 13.78 -17.95 -42.16
C TRP R 100 13.17 -17.03 -41.04
N PHE R 101 12.83 -17.65 -39.90
CA PHE R 101 12.25 -16.98 -38.81
C PHE R 101 13.16 -15.81 -38.29
N THR R 102 14.43 -16.08 -38.13
CA THR R 102 15.33 -15.19 -37.48
C THR R 102 15.82 -14.07 -38.44
N TYR R 103 16.08 -14.47 -39.69
CA TYR R 103 16.76 -13.66 -40.66
C TYR R 103 15.91 -13.19 -41.85
N ASN R 104 14.70 -13.73 -41.97
CA ASN R 104 13.79 -13.43 -43.01
C ASN R 104 14.38 -13.54 -44.41
N GLU R 105 15.03 -14.66 -44.69
CA GLU R 105 15.73 -14.98 -45.92
C GLU R 105 15.82 -16.47 -45.99
N THR R 106 16.09 -17.01 -47.16
CA THR R 106 16.26 -18.45 -47.34
C THR R 106 17.67 -18.83 -46.94
N MET R 107 17.84 -19.99 -46.37
CA MET R 107 19.14 -20.47 -45.95
C MET R 107 19.85 -21.02 -47.19
N THR R 108 21.16 -20.80 -47.32
CA THR R 108 21.88 -21.38 -48.47
C THR R 108 21.95 -22.94 -48.38
N VAL R 109 22.14 -23.58 -49.52
CA VAL R 109 22.27 -25.04 -49.61
C VAL R 109 23.47 -25.51 -48.80
N GLU R 110 24.58 -24.81 -48.97
CA GLU R 110 25.81 -25.05 -48.19
C GLU R 110 25.55 -24.97 -46.68
N SER R 111 24.84 -23.93 -46.24
CA SER R 111 24.53 -23.78 -44.81
C SER R 111 23.62 -24.88 -44.23
N VAL R 112 22.58 -25.28 -44.96
CA VAL R 112 21.74 -26.43 -44.55
C VAL R 112 22.62 -27.63 -44.42
N THR R 113 23.46 -27.89 -45.43
CA THR R 113 24.28 -29.08 -45.42
C THR R 113 25.20 -29.06 -44.19
N GLN R 114 25.82 -27.89 -43.96
CA GLN R 114 26.71 -27.69 -42.77
C GLN R 114 25.99 -27.96 -41.45
N ALA R 115 24.80 -27.44 -41.30
CA ALA R 115 24.04 -27.64 -40.05
C ALA R 115 23.75 -29.12 -39.76
N VAL R 116 23.40 -29.85 -40.81
CA VAL R 116 23.16 -31.30 -40.67
C VAL R 116 24.45 -32.03 -40.37
N SER R 117 25.51 -31.60 -41.00
CA SER R 117 26.77 -32.28 -40.88
C SER R 117 27.36 -32.11 -39.47
N ASN R 118 27.00 -31.05 -38.75
CA ASN R 118 27.39 -30.93 -37.36
C ASN R 118 26.83 -31.97 -36.39
N LEU R 119 25.85 -32.75 -36.83
CA LEU R 119 25.38 -33.88 -36.03
C LEU R 119 26.23 -35.13 -36.13
N ALA R 120 27.02 -35.18 -37.20
N ALA R 120 27.02 -35.37 -37.18
CA ALA R 120 27.84 -36.29 -37.44
CA ALA R 120 27.40 -36.81 -37.48
C ALA R 120 28.94 -35.92 -36.48
C ALA R 120 28.37 -37.62 -36.52
N LEU R 121 29.33 -36.95 -35.83
CA LEU R 121 30.22 -37.46 -34.79
C LEU R 121 29.67 -37.22 -33.36
N GLN R 122 28.45 -36.78 -33.24
CA GLN R 122 27.83 -36.59 -31.96
C GLN R 122 27.20 -37.88 -31.49
N PHE R 123 28.03 -38.88 -31.29
CA PHE R 123 27.65 -40.14 -30.67
C PHE R 123 28.67 -40.55 -29.62
N GLY R 124 28.26 -41.38 -28.68
CA GLY R 124 29.15 -41.82 -27.61
C GLY R 124 28.40 -42.09 -26.34
N GLU R 125 29.07 -42.71 -25.38
CA GLU R 125 28.44 -43.30 -24.18
C GLU R 125 28.98 -42.85 -22.84
N GLU R 126 29.74 -41.73 -22.77
CA GLU R 126 30.41 -41.22 -21.52
C GLU R 126 29.98 -39.81 -21.10
N ASP R 127 30.12 -38.85 -22.01
CA ASP R 127 29.70 -37.44 -21.75
C ASP R 127 28.17 -37.48 -21.73
N ALA R 128 27.61 -37.88 -22.88
CA ALA R 128 26.27 -38.48 -23.02
C ALA R 128 25.12 -37.94 -22.12
N ASP R 129 24.25 -37.10 -22.71
CA ASP R 129 23.18 -36.36 -22.00
C ASP R 129 21.94 -37.24 -21.66
N PRO R 130 20.91 -37.29 -22.54
CA PRO R 130 19.83 -38.33 -22.43
C PRO R 130 20.31 -39.78 -22.30
N GLY R 131 19.55 -40.70 -22.91
CA GLY R 131 20.16 -41.77 -23.73
C GLY R 131 20.41 -41.18 -25.16
N ALA R 132 21.53 -40.45 -25.35
CA ALA R 132 21.88 -39.70 -26.59
C ALA R 132 22.32 -40.68 -27.68
N MET R 133 22.71 -40.21 -28.87
CA MET R 133 23.06 -41.14 -30.00
C MET R 133 24.16 -42.14 -29.64
N SER R 134 23.92 -43.43 -29.84
CA SER R 134 24.90 -44.45 -29.58
C SER R 134 25.85 -44.77 -30.72
N ARG R 135 25.60 -44.24 -31.93
CA ARG R 135 26.32 -44.65 -33.08
C ARG R 135 26.14 -43.59 -34.16
N PRO R 136 26.99 -43.59 -35.15
CA PRO R 136 26.73 -42.71 -36.31
C PRO R 136 25.49 -43.07 -37.14
N PHE R 137 25.15 -42.18 -38.03
CA PHE R 137 24.04 -42.37 -39.00
C PHE R 137 24.52 -43.11 -40.24
N GLY R 138 23.83 -44.22 -40.62
CA GLY R 138 24.22 -45.01 -41.76
C GLY R 138 23.72 -44.52 -43.12
N VAL R 139 23.93 -43.24 -43.42
CA VAL R 139 23.23 -42.54 -44.46
C VAL R 139 24.23 -41.68 -45.20
N ALA R 140 24.14 -41.63 -46.52
CA ALA R 140 24.74 -40.55 -47.25
C ALA R 140 23.61 -39.69 -47.87
N LEU R 141 23.86 -38.38 -48.05
CA LEU R 141 22.85 -37.47 -48.53
C LEU R 141 23.39 -36.58 -49.63
N LEU R 142 22.56 -36.34 -50.62
CA LEU R 142 22.75 -35.29 -51.63
C LEU R 142 21.70 -34.18 -51.42
N PHE R 143 22.17 -32.96 -51.15
CA PHE R 143 21.30 -31.79 -50.99
C PHE R 143 21.42 -31.03 -52.31
N GLY R 144 20.30 -30.90 -53.00
CA GLY R 144 20.25 -30.15 -54.27
C GLY R 144 19.28 -28.97 -54.19
N GLY R 145 19.74 -27.79 -54.56
CA GLY R 145 18.89 -26.65 -54.53
C GLY R 145 19.43 -25.40 -55.22
N VAL R 146 18.65 -24.31 -55.08
CA VAL R 146 18.98 -23.01 -55.63
C VAL R 146 18.97 -21.92 -54.51
N ASP R 147 20.07 -21.17 -54.42
CA ASP R 147 20.18 -20.00 -53.54
C ASP R 147 20.79 -18.90 -54.36
N GLU R 148 21.20 -17.78 -53.79
CA GLU R 148 21.89 -16.72 -54.60
C GLU R 148 23.24 -17.06 -55.24
N LYS R 149 23.92 -18.13 -54.80
CA LYS R 149 25.06 -18.69 -55.56
C LYS R 149 24.54 -19.37 -56.84
N GLY R 150 23.21 -19.51 -57.02
CA GLY R 150 22.63 -20.22 -58.15
C GLY R 150 22.37 -21.69 -57.73
N PRO R 151 22.15 -22.56 -58.72
CA PRO R 151 21.99 -24.00 -58.42
C PRO R 151 23.20 -24.67 -57.73
N GLN R 152 22.91 -25.60 -56.82
CA GLN R 152 23.99 -26.23 -56.05
C GLN R 152 23.68 -27.60 -55.51
N LEU R 153 24.70 -28.48 -55.60
CA LEU R 153 24.62 -29.82 -55.15
C LEU R 153 25.74 -30.04 -54.16
N PHE R 154 25.40 -30.60 -53.02
CA PHE R 154 26.37 -30.93 -51.99
C PHE R 154 26.17 -32.39 -51.57
N HIS R 155 27.28 -33.05 -51.22
CA HIS R 155 27.26 -34.42 -50.77
C HIS R 155 27.69 -34.39 -49.30
N MET R 156 27.09 -35.25 -48.51
CA MET R 156 27.50 -35.45 -47.12
C MET R 156 27.44 -36.96 -46.81
N ASP R 157 28.43 -37.43 -46.04
CA ASP R 157 28.50 -38.81 -45.60
C ASP R 157 28.58 -38.92 -44.06
N PRO R 158 28.59 -40.14 -43.50
CA PRO R 158 28.57 -40.28 -42.03
C PRO R 158 29.78 -39.70 -41.25
N SER R 159 30.89 -39.41 -41.91
CA SER R 159 32.01 -38.73 -41.27
C SER R 159 31.68 -37.25 -40.89
N GLY R 160 30.66 -36.68 -41.51
CA GLY R 160 30.37 -35.30 -41.37
C GLY R 160 31.13 -34.43 -42.36
N THR R 161 31.91 -35.03 -43.24
CA THR R 161 32.51 -34.29 -44.33
C THR R 161 31.42 -33.98 -45.40
N PHE R 162 31.41 -32.73 -45.89
CA PHE R 162 30.46 -32.34 -46.90
C PHE R 162 31.20 -31.50 -47.91
N VAL R 163 30.73 -31.53 -49.15
CA VAL R 163 31.44 -30.85 -50.23
C VAL R 163 30.48 -30.63 -51.41
N GLN R 164 30.69 -29.55 -52.14
CA GLN R 164 29.96 -29.27 -53.38
C GLN R 164 30.46 -30.24 -54.48
N CYS R 165 29.56 -30.72 -55.35
CA CYS R 165 29.93 -31.54 -56.48
C CYS R 165 29.12 -31.13 -57.70
N ASP R 166 29.71 -31.20 -58.88
CA ASP R 166 29.00 -30.90 -60.11
C ASP R 166 28.03 -32.04 -60.44
N ALA R 167 28.46 -33.28 -60.22
CA ALA R 167 27.59 -34.46 -60.22
C ALA R 167 28.14 -35.53 -59.28
N ARG R 168 27.26 -36.34 -58.72
CA ARG R 168 27.67 -37.30 -57.73
C ARG R 168 26.70 -38.45 -57.63
N ALA R 169 27.22 -39.68 -57.56
CA ALA R 169 26.41 -40.81 -57.28
C ALA R 169 26.76 -41.34 -55.91
N ILE R 170 25.76 -41.91 -55.23
CA ILE R 170 25.98 -42.53 -53.92
C ILE R 170 25.21 -43.82 -53.88
N GLY R 171 25.57 -44.70 -52.96
CA GLY R 171 24.94 -46.02 -52.88
C GLY R 171 25.74 -47.08 -53.63
N SER R 172 25.10 -48.23 -53.83
CA SER R 172 25.81 -49.47 -54.17
C SER R 172 26.56 -49.39 -55.49
N ALA R 173 25.98 -48.75 -56.50
CA ALA R 173 26.65 -48.76 -57.78
C ALA R 173 27.39 -47.42 -58.06
N SER R 174 27.85 -46.77 -57.00
CA SER R 174 28.27 -45.40 -57.13
C SER R 174 29.59 -45.26 -57.82
N GLU R 175 30.48 -46.25 -57.67
CA GLU R 175 31.79 -46.21 -58.40
C GLU R 175 31.61 -46.18 -59.92
N GLY R 176 30.76 -47.09 -60.40
CA GLY R 176 30.39 -47.17 -61.83
C GLY R 176 29.62 -45.96 -62.33
N ALA R 177 28.60 -45.58 -61.58
CA ALA R 177 27.80 -44.43 -61.94
C ALA R 177 28.64 -43.17 -62.01
N GLN R 178 29.60 -43.03 -61.08
CA GLN R 178 30.43 -41.87 -61.03
C GLN R 178 31.33 -41.76 -62.27
N SER R 179 31.84 -42.89 -62.76
CA SER R 179 32.60 -42.99 -63.96
C SER R 179 31.78 -42.47 -65.18
N SER R 180 30.54 -42.94 -65.29
CA SER R 180 29.67 -42.48 -66.35
C SER R 180 29.36 -40.96 -66.20
N LEU R 181 29.18 -40.49 -64.95
CA LEU R 181 29.03 -39.08 -64.71
C LEU R 181 30.24 -38.24 -65.17
N GLN R 182 31.48 -38.65 -64.86
CA GLN R 182 32.70 -37.99 -65.39
C GLN R 182 32.58 -37.87 -66.90
N GLU R 183 32.21 -38.97 -67.54
CA GLU R 183 32.10 -39.07 -68.97
C GLU R 183 31.13 -38.06 -69.58
N VAL R 184 29.91 -37.99 -69.08
CA VAL R 184 28.85 -37.16 -69.72
C VAL R 184 28.74 -35.72 -69.20
N TYR R 185 29.29 -35.42 -68.01
CA TYR R 185 29.09 -34.12 -67.42
C TYR R 185 29.85 -33.01 -68.18
N HIS R 186 29.25 -31.84 -68.33
CA HIS R 186 29.96 -30.61 -68.79
C HIS R 186 29.27 -29.40 -68.23
N LYS R 187 30.04 -28.35 -67.94
CA LYS R 187 29.55 -27.12 -67.24
C LYS R 187 28.38 -26.46 -67.97
N SER R 188 28.39 -26.57 -69.28
CA SER R 188 27.34 -25.95 -70.10
C SER R 188 26.14 -26.89 -70.37
N MET R 189 26.17 -28.09 -69.84
CA MET R 189 25.06 -29.02 -69.98
C MET R 189 23.74 -28.38 -69.53
N THR R 190 22.65 -28.63 -70.26
CA THR R 190 21.33 -28.21 -69.82
C THR R 190 20.74 -29.14 -68.76
N LEU R 191 19.74 -28.67 -68.03
CA LEU R 191 19.00 -29.50 -67.13
C LEU R 191 18.30 -30.68 -67.82
N LYS R 192 17.69 -30.50 -69.00
CA LYS R 192 17.01 -31.66 -69.64
C LYS R 192 18.01 -32.76 -70.04
N GLU R 193 19.22 -32.37 -70.43
CA GLU R 193 20.33 -33.29 -70.70
C GLU R 193 20.79 -34.03 -69.43
N ALA R 194 20.86 -33.29 -68.32
CA ALA R 194 21.20 -33.89 -67.04
C ALA R 194 20.17 -34.95 -66.58
N ILE R 195 18.89 -34.67 -66.81
CA ILE R 195 17.82 -35.57 -66.47
C ILE R 195 17.95 -36.90 -67.24
N LYS R 196 18.10 -36.77 -68.57
CA LYS R 196 18.29 -37.91 -69.44
C LYS R 196 19.56 -38.70 -69.09
N SER R 197 20.68 -37.99 -68.93
CA SER R 197 21.94 -38.63 -68.49
C SER R 197 21.82 -39.47 -67.20
N SER R 198 21.09 -38.93 -66.24
CA SER R 198 20.97 -39.57 -64.94
C SER R 198 20.02 -40.78 -64.99
N LEU R 199 19.01 -40.72 -65.83
CA LEU R 199 18.18 -41.90 -66.07
C LEU R 199 18.88 -42.99 -66.88
N ILE R 200 19.63 -42.61 -67.92
CA ILE R 200 20.47 -43.57 -68.63
C ILE R 200 21.41 -44.31 -67.69
N ILE R 201 22.02 -43.58 -66.77
CA ILE R 201 22.98 -44.18 -65.87
C ILE R 201 22.24 -45.07 -64.85
N LEU R 202 21.12 -44.60 -64.29
CA LEU R 202 20.34 -45.44 -63.35
C LEU R 202 19.93 -46.70 -64.04
N LYS R 203 19.54 -46.58 -65.31
CA LYS R 203 19.19 -47.74 -66.10
C LYS R 203 20.35 -48.79 -66.19
N GLN R 204 21.57 -48.36 -66.53
CA GLN R 204 22.72 -49.27 -66.56
C GLN R 204 22.88 -50.00 -65.23
N VAL R 205 22.87 -49.24 -64.13
CA VAL R 205 23.39 -49.74 -62.87
C VAL R 205 22.35 -50.49 -62.03
N MET R 206 21.08 -50.20 -62.21
CA MET R 206 20.01 -50.88 -61.52
C MET R 206 19.95 -52.38 -61.85
N GLU R 207 19.75 -53.22 -60.83
CA GLU R 207 19.50 -54.69 -61.00
C GLU R 207 18.21 -54.89 -61.73
N GLU R 208 17.17 -54.15 -61.33
CA GLU R 208 15.83 -54.24 -61.99
C GLU R 208 15.74 -53.40 -63.28
N LYS R 209 14.90 -53.83 -64.20
CA LYS R 209 14.63 -53.07 -65.43
C LYS R 209 14.00 -51.72 -65.07
N LEU R 210 14.61 -50.60 -65.48
CA LEU R 210 14.06 -49.29 -65.13
C LEU R 210 12.70 -49.09 -65.70
N ASN R 211 11.78 -48.48 -64.94
CA ASN R 211 10.47 -48.01 -65.41
C ASN R 211 9.98 -46.85 -64.57
N ALA R 212 8.80 -46.33 -64.88
CA ALA R 212 8.28 -45.13 -64.23
C ALA R 212 7.76 -45.27 -62.80
N THR R 213 7.73 -46.49 -62.27
CA THR R 213 7.36 -46.70 -60.86
C THR R 213 8.51 -47.09 -59.94
N ASN R 214 9.62 -47.60 -60.47
CA ASN R 214 10.75 -48.00 -59.62
C ASN R 214 11.94 -47.00 -59.52
N ILE R 215 11.71 -45.76 -59.93
CA ILE R 215 12.64 -44.67 -59.74
C ILE R 215 11.87 -43.44 -59.25
N GLU R 216 12.58 -42.46 -58.68
CA GLU R 216 11.99 -41.14 -58.42
C GLU R 216 12.94 -40.13 -59.01
N LEU R 217 12.38 -39.00 -59.37
CA LEU R 217 13.20 -37.90 -59.91
C LEU R 217 12.62 -36.60 -59.39
N ALA R 218 13.50 -35.68 -58.98
CA ALA R 218 13.09 -34.32 -58.62
C ALA R 218 14.02 -33.28 -59.16
N THR R 219 13.52 -32.07 -59.31
CA THR R 219 14.35 -30.94 -59.74
C THR R 219 14.09 -29.73 -58.86
N VAL R 220 15.08 -28.84 -58.80
CA VAL R 220 14.90 -27.51 -58.33
C VAL R 220 15.57 -26.61 -59.38
N GLN R 221 14.92 -25.50 -59.73
CA GLN R 221 15.43 -24.58 -60.76
C GLN R 221 15.32 -23.15 -60.27
N PRO R 222 16.16 -22.24 -60.78
CA PRO R 222 15.99 -20.83 -60.39
C PRO R 222 14.55 -20.29 -60.52
N GLY R 223 13.85 -20.69 -61.55
CA GLY R 223 12.48 -20.28 -61.68
C GLY R 223 11.60 -20.78 -60.55
N GLN R 224 11.75 -22.07 -60.23
CA GLN R 224 10.67 -22.89 -59.80
C GLN R 224 11.03 -23.72 -58.58
N ASN R 225 10.02 -23.99 -57.78
CA ASN R 225 10.20 -24.72 -56.58
C ASN R 225 10.52 -26.22 -56.78
N PHE R 226 10.99 -26.83 -55.70
CA PHE R 226 11.20 -28.25 -55.61
C PHE R 226 10.02 -28.97 -56.25
N HIS R 227 10.32 -29.83 -57.19
CA HIS R 227 9.29 -30.51 -57.92
C HIS R 227 9.61 -32.03 -58.10
N MET R 228 8.75 -32.85 -57.49
CA MET R 228 8.77 -34.28 -57.67
C MET R 228 8.03 -34.62 -58.95
N PHE R 229 8.70 -35.35 -59.84
CA PHE R 229 8.08 -35.84 -61.05
C PHE R 229 6.97 -36.83 -60.74
N THR R 230 5.87 -36.63 -61.45
CA THR R 230 4.73 -37.56 -61.49
C THR R 230 5.02 -38.76 -62.38
N LYS R 231 4.23 -39.84 -62.26
CA LYS R 231 4.36 -41.04 -63.11
C LYS R 231 4.41 -40.59 -64.55
N GLU R 232 3.50 -39.70 -64.91
CA GLU R 232 3.29 -39.27 -66.30
C GLU R 232 4.52 -38.52 -66.81
N GLU R 233 5.07 -37.63 -65.97
CA GLU R 233 6.28 -36.90 -66.35
C GLU R 233 7.50 -37.82 -66.44
N LEU R 234 7.51 -38.90 -65.67
CA LEU R 234 8.60 -39.87 -65.72
C LEU R 234 8.53 -40.69 -67.01
N GLU R 235 7.33 -41.20 -67.27
CA GLU R 235 7.01 -41.89 -68.52
C GLU R 235 7.45 -41.12 -69.75
N GLU R 236 7.13 -39.83 -69.85
CA GLU R 236 7.64 -38.99 -70.94
C GLU R 236 9.16 -39.03 -71.09
N VAL R 237 9.90 -38.84 -69.99
CA VAL R 237 11.38 -38.82 -70.04
C VAL R 237 11.93 -40.20 -70.28
N ILE R 238 11.22 -41.24 -69.86
CA ILE R 238 11.69 -42.65 -70.06
C ILE R 238 11.69 -43.10 -71.52
N LYS R 239 10.83 -42.52 -72.35
CA LYS R 239 10.71 -42.88 -73.79
C LYS R 239 12.02 -42.90 -74.57
N ASP R 240 12.86 -41.91 -74.32
CA ASP R 240 14.20 -41.85 -74.91
C ASP R 240 15.13 -43.00 -74.45
N ILE R 241 14.74 -43.69 -73.38
CA ILE R 241 15.28 -44.96 -72.87
C ILE R 241 16.70 -44.76 -72.29
N PHE S 2 50.99 -58.11 -25.84
CA PHE S 2 52.00 -56.99 -25.91
C PHE S 2 51.47 -55.60 -26.37
N ARG S 3 50.35 -55.54 -27.08
CA ARG S 3 49.82 -54.28 -27.66
C ARG S 3 48.27 -54.09 -27.68
N ASN S 4 47.58 -55.18 -28.04
CA ASN S 4 46.12 -55.22 -28.25
C ASN S 4 45.26 -54.86 -27.05
N GLN S 5 45.59 -55.36 -25.85
CA GLN S 5 44.78 -55.00 -24.67
C GLN S 5 44.96 -53.55 -24.26
N TYR S 6 46.03 -52.92 -24.76
CA TYR S 6 46.34 -51.54 -24.46
C TYR S 6 45.91 -50.56 -25.53
N ASP S 7 45.23 -50.97 -26.58
CA ASP S 7 45.05 -49.99 -27.64
C ASP S 7 43.66 -49.50 -27.97
N ASN S 8 42.70 -49.81 -27.14
CA ASN S 8 41.39 -49.41 -27.45
C ASN S 8 40.85 -48.25 -26.65
N ASP S 9 41.42 -47.99 -25.46
CA ASP S 9 40.93 -47.01 -24.51
C ASP S 9 41.99 -45.96 -24.24
N VAL S 10 41.59 -44.71 -24.38
CA VAL S 10 42.45 -43.60 -24.14
C VAL S 10 42.87 -43.50 -22.67
N THR S 11 42.13 -44.14 -21.77
CA THR S 11 42.57 -44.26 -20.39
C THR S 11 43.58 -45.33 -20.06
N VAL S 12 43.98 -46.18 -20.99
CA VAL S 12 44.86 -47.28 -20.71
C VAL S 12 46.25 -46.92 -21.16
N TRP S 13 47.13 -46.73 -20.16
CA TRP S 13 48.58 -46.66 -20.40
C TRP S 13 49.11 -48.01 -20.84
N SER S 14 49.96 -48.04 -21.85
CA SER S 14 50.70 -49.27 -22.18
C SER S 14 51.88 -49.46 -21.24
N PRO S 15 52.46 -50.67 -21.27
CA PRO S 15 53.64 -50.87 -20.43
C PRO S 15 54.89 -50.06 -20.80
N GLN S 16 54.94 -49.41 -21.94
CA GLN S 16 56.04 -48.57 -22.36
C GLN S 16 55.78 -47.11 -22.07
N GLY S 17 54.67 -46.83 -21.38
CA GLY S 17 54.30 -45.49 -21.04
C GLY S 17 53.75 -44.67 -22.18
N ARG S 18 52.94 -45.32 -23.01
N ARG S 18 52.95 -45.21 -23.09
CA ARG S 18 52.30 -44.71 -24.17
CA ARG S 18 52.15 -44.29 -23.94
C ARG S 18 50.78 -44.89 -24.11
C ARG S 18 50.77 -44.79 -24.06
N ILE S 19 50.05 -44.09 -24.90
CA ILE S 19 48.64 -44.22 -25.00
C ILE S 19 48.35 -44.40 -26.48
N HIS S 20 48.03 -45.62 -26.84
CA HIS S 20 47.93 -46.01 -28.24
C HIS S 20 46.80 -45.24 -28.94
N GLN S 21 45.69 -44.99 -28.22
CA GLN S 21 44.61 -44.18 -28.78
C GLN S 21 45.04 -42.75 -29.17
N ILE S 22 45.94 -42.15 -28.43
CA ILE S 22 46.49 -40.85 -28.80
C ILE S 22 47.34 -41.00 -30.09
N GLU S 23 48.19 -42.00 -30.13
CA GLU S 23 49.04 -42.27 -31.32
C GLU S 23 48.22 -42.58 -32.54
N TYR S 24 47.17 -43.36 -32.38
CA TYR S 24 46.32 -43.63 -33.49
C TYR S 24 45.60 -42.39 -33.99
N ALA S 25 45.17 -41.50 -33.07
CA ALA S 25 44.54 -40.25 -33.45
C ALA S 25 45.51 -39.37 -34.26
N MET S 26 46.77 -39.45 -33.93
CA MET S 26 47.78 -38.72 -34.66
C MET S 26 47.93 -39.25 -36.06
N GLU S 27 47.67 -40.52 -36.29
CA GLU S 27 47.65 -41.03 -37.66
C GLU S 27 46.61 -40.38 -38.53
N ALA S 28 45.51 -39.94 -37.94
CA ALA S 28 44.52 -39.22 -38.71
C ALA S 28 45.14 -37.95 -39.29
N VAL S 29 46.00 -37.28 -38.56
CA VAL S 29 46.58 -36.09 -39.09
C VAL S 29 47.62 -36.39 -40.17
N LYS S 30 48.43 -37.45 -40.00
CA LYS S 30 49.48 -37.84 -40.97
C LYS S 30 48.92 -38.26 -42.28
N GLN S 31 47.70 -38.80 -42.29
CA GLN S 31 46.99 -39.06 -43.54
C GLN S 31 46.18 -37.92 -44.17
N GLY S 32 45.97 -36.81 -43.46
CA GLY S 32 45.41 -35.63 -44.09
C GLY S 32 46.33 -35.06 -45.20
N SER S 33 45.78 -34.22 -46.06
CA SER S 33 46.62 -33.63 -47.10
C SER S 33 47.53 -32.58 -46.51
N ALA S 34 48.72 -32.41 -47.02
CA ALA S 34 49.65 -31.47 -46.41
C ALA S 34 49.21 -30.00 -46.36
N THR S 35 49.68 -29.33 -45.31
CA THR S 35 49.61 -27.90 -45.19
C THR S 35 50.92 -27.39 -44.57
N VAL S 36 51.21 -26.13 -44.87
CA VAL S 36 52.42 -25.46 -44.47
C VAL S 36 52.05 -24.12 -43.81
N GLY S 37 52.77 -23.80 -42.74
CA GLY S 37 52.68 -22.53 -42.10
C GLY S 37 54.09 -21.92 -41.98
N LEU S 38 54.18 -20.62 -42.20
CA LEU S 38 55.42 -19.90 -41.98
C LEU S 38 55.16 -18.43 -41.70
N LYS S 39 56.16 -17.75 -41.18
CA LYS S 39 56.03 -16.36 -40.84
C LYS S 39 57.29 -15.56 -41.13
N SER S 40 57.09 -14.27 -41.35
CA SER S 40 58.16 -13.31 -41.42
C SER S 40 58.02 -12.44 -40.17
N LYS S 41 58.77 -11.35 -40.12
CA LYS S 41 58.61 -10.28 -39.12
C LYS S 41 57.21 -9.69 -39.06
N THR S 42 56.53 -9.60 -40.21
CA THR S 42 55.22 -8.91 -40.34
C THR S 42 53.98 -9.71 -40.76
N HIS S 43 54.15 -10.92 -41.31
CA HIS S 43 53.01 -11.73 -41.75
C HIS S 43 53.12 -13.18 -41.31
N ALA S 44 51.97 -13.84 -41.19
CA ALA S 44 51.87 -15.30 -40.96
C ALA S 44 51.06 -15.87 -42.10
N VAL S 45 51.63 -16.86 -42.80
CA VAL S 45 50.99 -17.48 -43.94
C VAL S 45 50.75 -18.99 -43.75
N LEU S 46 49.58 -19.40 -44.20
CA LEU S 46 49.19 -20.78 -44.31
C LEU S 46 49.00 -21.15 -45.77
N VAL S 47 49.53 -22.30 -46.15
CA VAL S 47 49.33 -22.84 -47.48
C VAL S 47 48.86 -24.28 -47.37
N ALA S 48 47.83 -24.64 -48.10
CA ALA S 48 47.22 -26.00 -47.98
C ALA S 48 46.98 -26.65 -49.31
N LEU S 49 47.24 -27.95 -49.37
CA LEU S 49 46.75 -28.80 -50.48
C LEU S 49 45.34 -29.31 -50.23
N LYS S 50 44.46 -29.10 -51.18
CA LYS S 50 43.12 -29.59 -51.08
C LYS S 50 42.98 -30.83 -51.90
N ARG S 51 42.50 -31.89 -51.24
CA ARG S 51 42.04 -33.13 -51.91
C ARG S 51 40.70 -33.00 -52.56
N ALA S 52 40.53 -33.47 -53.78
CA ALA S 52 39.19 -33.69 -54.35
C ALA S 52 38.87 -35.22 -54.42
N GLN S 53 37.76 -35.64 -53.81
CA GLN S 53 37.35 -37.09 -53.76
C GLN S 53 37.18 -37.67 -55.19
N SER S 54 36.61 -36.89 -56.11
CA SER S 54 36.53 -37.27 -57.56
C SER S 54 36.79 -36.02 -58.41
N GLU S 55 36.89 -36.17 -59.73
CA GLU S 55 37.14 -35.02 -60.64
C GLU S 55 36.03 -33.93 -60.63
N LEU S 56 34.78 -34.34 -60.36
CA LEU S 56 33.58 -33.47 -60.29
C LEU S 56 33.25 -32.95 -58.86
N ALA S 57 33.99 -33.39 -57.84
CA ALA S 57 33.92 -32.77 -56.50
C ALA S 57 34.81 -31.49 -56.48
N ALA S 58 34.36 -30.50 -55.71
CA ALA S 58 35.17 -29.36 -55.36
C ALA S 58 36.13 -29.87 -54.31
N HIS S 59 37.24 -29.17 -54.22
CA HIS S 59 38.29 -29.49 -53.27
C HIS S 59 37.83 -29.09 -51.85
N GLN S 60 38.12 -29.97 -50.90
CA GLN S 60 37.78 -29.79 -49.51
C GLN S 60 38.42 -28.51 -48.97
N LYS S 61 37.65 -27.67 -48.26
CA LYS S 61 38.23 -26.53 -47.59
C LYS S 61 39.25 -26.98 -46.52
N LYS S 62 40.39 -26.33 -46.53
CA LYS S 62 41.44 -26.63 -45.59
C LYS S 62 41.77 -25.49 -44.65
N ILE S 63 41.32 -24.29 -45.01
CA ILE S 63 41.71 -23.09 -44.31
C ILE S 63 40.45 -22.39 -43.85
N LEU S 64 40.43 -22.00 -42.58
CA LEU S 64 39.17 -21.51 -41.95
C LEU S 64 39.44 -20.24 -41.20
N HIS S 65 38.46 -19.34 -41.26
CA HIS S 65 38.53 -18.06 -40.56
CA HIS S 65 38.47 -18.06 -40.55
C HIS S 65 38.16 -18.28 -39.09
N VAL S 66 38.98 -17.76 -38.19
CA VAL S 66 38.65 -17.80 -36.76
C VAL S 66 38.23 -16.42 -36.24
N ASP S 67 39.06 -15.41 -36.48
CA ASP S 67 38.71 -14.05 -36.14
C ASP S 67 39.51 -13.11 -37.10
N ASN S 68 39.33 -11.83 -36.99
CA ASN S 68 40.08 -10.93 -37.88
C ASN S 68 41.60 -11.14 -37.91
N HIS S 69 42.15 -11.54 -36.79
CA HIS S 69 43.58 -11.67 -36.56
C HIS S 69 44.10 -13.14 -36.54
N ILE S 70 43.21 -14.10 -36.84
CA ILE S 70 43.51 -15.52 -36.65
C ILE S 70 42.82 -16.40 -37.68
N GLY S 71 43.58 -17.24 -38.32
CA GLY S 71 43.01 -18.30 -39.14
C GLY S 71 43.71 -19.60 -38.89
N ILE S 72 43.09 -20.67 -39.36
CA ILE S 72 43.64 -21.99 -39.23
C ILE S 72 43.65 -22.81 -40.50
N SER S 73 44.58 -23.77 -40.52
CA SER S 73 44.69 -24.79 -41.52
C SER S 73 44.51 -26.16 -40.78
N ILE S 74 43.80 -27.06 -41.41
CA ILE S 74 43.38 -28.31 -40.74
C ILE S 74 43.97 -29.55 -41.45
N ALA S 75 44.27 -30.58 -40.64
CA ALA S 75 44.54 -31.90 -41.18
C ALA S 75 43.99 -32.97 -40.24
N GLY S 76 43.24 -33.93 -40.77
CA GLY S 76 42.59 -34.93 -39.95
C GLY S 76 41.10 -34.94 -40.11
N LEU S 77 40.37 -35.30 -39.08
CA LEU S 77 38.92 -35.49 -39.22
C LEU S 77 38.23 -34.15 -39.33
N THR S 78 37.50 -33.97 -40.41
CA THR S 78 36.88 -32.69 -40.74
C THR S 78 35.91 -32.22 -39.69
N ALA S 79 35.15 -33.15 -39.16
CA ALA S 79 34.11 -32.83 -38.20
C ALA S 79 34.71 -32.34 -36.91
N ASP S 80 35.78 -32.98 -36.46
CA ASP S 80 36.55 -32.52 -35.33
C ASP S 80 37.16 -31.15 -35.62
N ALA S 81 37.60 -30.93 -36.84
CA ALA S 81 38.19 -29.63 -37.21
C ALA S 81 37.13 -28.55 -37.02
N ARG S 82 35.90 -28.81 -37.45
CA ARG S 82 34.82 -27.82 -37.29
C ARG S 82 34.47 -27.59 -35.80
N LEU S 83 34.47 -28.63 -35.01
CA LEU S 83 34.14 -28.50 -33.63
C LEU S 83 35.20 -27.61 -32.95
N LEU S 84 36.47 -27.84 -33.23
CA LEU S 84 37.53 -27.10 -32.60
C LEU S 84 37.54 -25.66 -33.11
N CYS S 85 37.28 -25.50 -34.39
CA CYS S 85 37.22 -24.19 -34.97
C CYS S 85 36.09 -23.38 -34.34
N ASN S 86 34.93 -24.03 -34.11
CA ASN S 86 33.82 -23.36 -33.49
C ASN S 86 34.17 -22.95 -32.05
N PHE S 87 34.88 -23.80 -31.33
CA PHE S 87 35.38 -23.44 -29.99
C PHE S 87 36.33 -22.23 -30.04
N MET S 88 37.24 -22.23 -31.02
CA MET S 88 38.13 -21.12 -31.18
C MET S 88 37.41 -19.82 -31.47
N ARG S 89 36.41 -19.88 -32.36
CA ARG S 89 35.61 -18.73 -32.71
C ARG S 89 34.89 -18.13 -31.51
N GLN S 90 34.37 -19.01 -30.69
CA GLN S 90 33.63 -18.61 -29.55
C GLN S 90 34.58 -17.95 -28.51
N GLU S 91 35.75 -18.51 -28.28
CA GLU S 91 36.69 -17.93 -27.32
C GLU S 91 37.10 -16.52 -27.76
N CYS S 92 37.28 -16.34 -29.07
CA CYS S 92 37.66 -15.03 -29.64
C CYS S 92 36.50 -14.03 -29.52
N LEU S 93 35.25 -14.47 -29.74
CA LEU S 93 34.09 -13.62 -29.55
C LEU S 93 33.94 -13.18 -28.07
N ASP S 94 34.10 -14.13 -27.15
CA ASP S 94 34.06 -13.86 -25.72
C ASP S 94 35.12 -12.81 -25.32
N SER S 95 36.33 -12.91 -25.84
CA SER S 95 37.33 -11.97 -25.41
C SER S 95 37.00 -10.60 -25.92
N ARG S 96 36.52 -10.49 -27.15
CA ARG S 96 36.04 -9.17 -27.63
C ARG S 96 34.84 -8.63 -26.87
N PHE S 97 33.88 -9.47 -26.54
CA PHE S 97 32.76 -9.06 -25.73
C PHE S 97 33.17 -8.50 -24.35
N VAL S 98 34.04 -9.21 -23.67
CA VAL S 98 34.39 -8.86 -22.30
C VAL S 98 35.39 -7.67 -22.27
N PHE S 99 36.44 -7.78 -23.06
CA PHE S 99 37.60 -6.88 -22.98
C PHE S 99 37.70 -5.87 -24.14
N ASP S 100 36.86 -6.03 -25.13
CA ASP S 100 36.88 -5.16 -26.31
C ASP S 100 38.28 -5.11 -27.00
N ARG S 101 38.97 -6.23 -27.03
CA ARG S 101 40.24 -6.37 -27.74
C ARG S 101 40.45 -7.82 -28.19
N PRO S 102 41.26 -8.04 -29.25
CA PRO S 102 41.48 -9.41 -29.78
C PRO S 102 42.12 -10.32 -28.76
N LEU S 103 41.67 -11.56 -28.69
CA LEU S 103 42.33 -12.56 -27.83
C LEU S 103 43.77 -12.79 -28.33
N PRO S 104 44.78 -12.63 -27.44
CA PRO S 104 46.09 -13.02 -27.88
C PRO S 104 46.21 -14.46 -28.34
N VAL S 105 47.03 -14.63 -29.39
CA VAL S 105 47.10 -15.88 -30.10
C VAL S 105 47.57 -16.98 -29.15
N SER S 106 48.56 -16.72 -28.34
CA SER S 106 49.12 -17.78 -27.45
C SER S 106 48.17 -18.17 -26.37
N ARG S 107 47.33 -17.25 -25.91
CA ARG S 107 46.23 -17.59 -24.97
C ARG S 107 45.19 -18.46 -25.58
N LEU S 108 44.85 -18.18 -26.85
CA LEU S 108 43.89 -19.01 -27.53
C LEU S 108 44.42 -20.41 -27.65
N VAL S 109 45.71 -20.53 -27.98
CA VAL S 109 46.31 -21.86 -28.16
C VAL S 109 46.35 -22.63 -26.82
N SER S 110 46.73 -21.96 -25.72
CA SER S 110 46.57 -22.57 -24.38
C SER S 110 45.17 -23.14 -24.11
N LEU S 111 44.15 -22.37 -24.49
CA LEU S 111 42.76 -22.81 -24.33
C LEU S 111 42.50 -24.10 -25.07
N ILE S 112 43.08 -24.22 -26.27
CA ILE S 112 42.88 -25.41 -27.11
C ILE S 112 43.53 -26.62 -26.44
N GLY S 113 44.74 -26.39 -25.96
CA GLY S 113 45.48 -27.38 -25.17
C GLY S 113 44.63 -27.93 -24.01
N SER S 114 44.08 -27.04 -23.21
CA SER S 114 43.23 -27.44 -22.05
C SER S 114 41.99 -28.18 -22.51
N LYS S 115 41.34 -27.63 -23.49
CA LYS S 115 40.14 -28.25 -23.98
C LYS S 115 40.42 -29.66 -24.49
N THR S 116 41.45 -29.80 -25.31
CA THR S 116 41.71 -31.04 -26.00
C THR S 116 42.34 -32.08 -25.11
N GLN S 117 42.93 -31.66 -24.00
CA GLN S 117 43.48 -32.63 -23.07
C GLN S 117 42.40 -33.47 -22.33
N ILE S 118 41.26 -32.85 -22.05
CA ILE S 118 40.26 -33.41 -21.15
C ILE S 118 39.78 -34.78 -21.58
N PRO S 119 39.36 -34.91 -22.84
CA PRO S 119 38.92 -36.27 -23.22
C PRO S 119 40.06 -37.34 -23.29
N THR S 120 41.32 -36.95 -23.27
CA THR S 120 42.38 -37.96 -23.25
C THR S 120 42.51 -38.67 -21.90
N GLN S 121 41.75 -38.25 -20.91
CA GLN S 121 41.89 -38.78 -19.58
C GLN S 121 40.65 -39.40 -18.99
N ARG S 122 39.60 -39.51 -19.78
CA ARG S 122 38.33 -39.99 -19.32
C ARG S 122 37.79 -41.14 -20.15
N TYR S 123 37.30 -42.15 -19.45
CA TYR S 123 36.91 -43.38 -20.05
C TYR S 123 35.79 -43.17 -21.03
N GLY S 124 35.85 -43.87 -22.15
CA GLY S 124 34.87 -43.75 -23.22
C GLY S 124 35.00 -42.47 -24.03
N ARG S 125 35.90 -41.55 -23.71
CA ARG S 125 36.05 -40.38 -24.54
C ARG S 125 37.18 -40.68 -25.51
N ARG S 126 37.43 -39.80 -26.46
CA ARG S 126 38.50 -40.02 -27.40
C ARG S 126 39.29 -38.76 -27.67
N PRO S 127 40.51 -38.88 -28.13
CA PRO S 127 41.16 -37.63 -28.52
C PRO S 127 40.48 -36.99 -29.73
N TYR S 128 40.70 -35.71 -29.88
CA TYR S 128 40.40 -35.02 -31.17
C TYR S 128 41.30 -35.58 -32.25
N GLY S 129 40.74 -35.93 -33.39
CA GLY S 129 41.50 -36.46 -34.45
C GLY S 129 41.86 -35.40 -35.47
N VAL S 130 42.41 -34.29 -35.01
CA VAL S 130 42.75 -33.22 -35.92
C VAL S 130 44.00 -32.47 -35.45
N GLY S 131 44.78 -32.04 -36.41
CA GLY S 131 45.94 -31.22 -36.15
C GLY S 131 45.70 -29.92 -36.86
N LEU S 132 46.13 -28.85 -36.22
CA LEU S 132 45.92 -27.52 -36.77
C LEU S 132 47.22 -26.79 -36.91
N LEU S 133 47.33 -26.03 -37.99
CA LEU S 133 48.30 -24.93 -38.05
C LEU S 133 47.55 -23.62 -37.88
N ILE S 134 48.03 -22.74 -36.98
CA ILE S 134 47.29 -21.54 -36.56
C ILE S 134 48.13 -20.31 -36.94
N ALA S 135 47.56 -19.43 -37.76
CA ALA S 135 48.25 -18.20 -38.18
C ALA S 135 47.60 -17.05 -37.51
N GLY S 136 48.39 -16.21 -36.86
CA GLY S 136 47.82 -15.09 -36.15
C GLY S 136 48.73 -13.92 -36.04
N TYR S 137 48.16 -12.76 -35.70
CA TYR S 137 48.95 -11.48 -35.55
C TYR S 137 48.38 -10.74 -34.37
N ASP S 138 49.23 -10.44 -33.41
CA ASP S 138 48.85 -9.66 -32.24
C ASP S 138 50.01 -8.73 -31.81
N ASP S 139 49.92 -8.19 -30.60
CA ASP S 139 50.91 -7.24 -30.08
C ASP S 139 52.28 -7.84 -30.06
N MET S 140 52.36 -9.16 -30.03
CA MET S 140 53.67 -9.82 -30.11
C MET S 140 54.08 -10.17 -31.55
N GLY S 141 53.43 -9.59 -32.56
CA GLY S 141 53.81 -9.89 -33.96
C GLY S 141 53.11 -11.14 -34.53
N PRO S 142 53.69 -11.70 -35.63
CA PRO S 142 53.06 -12.81 -36.28
C PRO S 142 53.33 -14.09 -35.54
N HIS S 143 52.39 -15.05 -35.65
CA HIS S 143 52.58 -16.38 -35.06
C HIS S 143 52.13 -17.50 -35.98
N ILE S 144 52.86 -18.61 -35.88
CA ILE S 144 52.46 -19.89 -36.40
C ILE S 144 52.49 -20.88 -35.25
N PHE S 145 51.34 -21.45 -34.93
CA PHE S 145 51.29 -22.49 -33.87
C PHE S 145 50.80 -23.79 -34.48
N GLN S 146 51.18 -24.90 -33.87
CA GLN S 146 50.75 -26.21 -34.29
C GLN S 146 50.08 -26.90 -33.12
N THR S 147 48.93 -27.51 -33.36
CA THR S 147 48.25 -28.26 -32.29
C THR S 147 48.05 -29.69 -32.73
N PRO S 149 46.52 -33.94 -31.65
CA PRO S 149 45.54 -34.77 -30.91
C PRO S 149 45.95 -35.17 -29.50
N SER S 150 47.24 -35.14 -29.22
CA SER S 150 47.77 -35.31 -27.88
C SER S 150 47.49 -34.15 -26.92
N ALA S 151 46.97 -33.06 -27.44
CA ALA S 151 46.74 -31.80 -26.77
C ALA S 151 47.98 -30.95 -26.57
N ASN S 152 49.14 -31.43 -26.98
CA ASN S 152 50.32 -30.59 -26.98
CA ASN S 152 50.31 -30.61 -27.03
C ASN S 152 50.20 -29.58 -28.14
N TYR S 153 50.95 -28.53 -28.01
CA TYR S 153 51.01 -27.49 -29.01
C TYR S 153 52.40 -26.87 -28.99
N PHE S 154 52.73 -26.19 -30.09
CA PHE S 154 54.07 -25.79 -30.38
C PHE S 154 54.02 -24.42 -30.99
N ASP S 155 54.98 -23.61 -30.62
CA ASP S 155 55.20 -22.31 -31.24
C ASP S 155 56.30 -22.49 -32.29
N CYS S 156 56.01 -22.16 -33.53
CA CYS S 156 56.83 -22.51 -34.66
C CYS S 156 57.33 -21.31 -35.45
N ARG S 157 58.56 -21.42 -35.97
CA ARG S 157 59.08 -20.53 -37.00
C ARG S 157 58.39 -20.87 -38.33
N ALA S 158 58.21 -22.16 -38.57
CA ALA S 158 57.44 -22.67 -39.70
C ALA S 158 57.10 -24.08 -39.39
N MET S 159 56.14 -24.65 -40.11
CA MET S 159 55.77 -26.04 -39.88
C MET S 159 54.99 -26.59 -41.06
N SER S 160 54.96 -27.90 -41.16
CA SER S 160 54.08 -28.65 -42.09
C SER S 160 53.61 -29.89 -41.38
N ILE S 161 52.36 -30.24 -41.61
CA ILE S 161 51.73 -31.46 -41.10
C ILE S 161 50.93 -32.06 -42.28
N GLY S 162 50.63 -33.34 -42.13
CA GLY S 162 49.90 -34.12 -43.15
C GLY S 162 50.81 -35.01 -43.98
N ALA S 163 50.27 -35.57 -45.04
CA ALA S 163 50.98 -36.64 -45.78
C ALA S 163 52.14 -36.07 -46.56
N ARG S 164 53.27 -36.76 -46.42
CA ARG S 164 54.56 -36.38 -46.96
C ARG S 164 55.02 -34.99 -46.52
N SER S 165 54.56 -34.56 -45.36
CA SER S 165 54.97 -33.28 -44.77
C SER S 165 56.46 -33.19 -44.38
N GLN S 166 57.11 -34.33 -44.21
CA GLN S 166 58.54 -34.42 -43.93
C GLN S 166 59.37 -33.70 -45.00
N SER S 167 58.98 -33.82 -46.26
CA SER S 167 59.68 -33.11 -47.33
C SER S 167 59.56 -31.62 -47.18
N ALA S 168 58.37 -31.19 -46.78
CA ALA S 168 58.12 -29.77 -46.63
C ALA S 168 58.91 -29.24 -45.47
N ARG S 169 58.99 -30.00 -44.39
CA ARG S 169 59.77 -29.59 -43.22
C ARG S 169 61.24 -29.42 -43.54
N THR S 170 61.77 -30.34 -44.37
CA THR S 170 63.16 -30.32 -44.79
C THR S 170 63.45 -29.07 -45.59
N TYR S 171 62.55 -28.75 -46.52
CA TYR S 171 62.65 -27.51 -47.27
C TYR S 171 62.65 -26.29 -46.31
N LEU S 172 61.67 -26.27 -45.41
CA LEU S 172 61.53 -25.16 -44.48
C LEU S 172 62.76 -25.00 -43.60
N GLU S 173 63.36 -26.10 -43.12
CA GLU S 173 64.61 -25.99 -42.33
C GLU S 173 65.72 -25.40 -43.14
N ARG S 174 65.79 -25.81 -44.39
CA ARG S 174 66.84 -25.39 -45.30
C ARG S 174 66.82 -23.86 -45.57
N HIS S 175 65.65 -23.24 -45.64
CA HIS S 175 65.49 -21.82 -45.98
C HIS S 175 64.99 -20.89 -44.85
N MET S 176 64.81 -21.42 -43.65
CA MET S 176 64.18 -20.63 -42.59
C MET S 176 64.96 -19.41 -42.12
N SER S 177 66.28 -19.40 -42.27
CA SER S 177 67.06 -18.18 -41.95
C SER S 177 66.72 -17.01 -42.88
N GLU S 178 66.07 -17.27 -44.01
CA GLU S 178 65.61 -16.22 -44.92
C GLU S 178 64.23 -15.67 -44.56
N PHE S 179 63.44 -16.38 -43.75
CA PHE S 179 62.00 -16.05 -43.68
C PHE S 179 61.69 -14.69 -43.06
N MET S 180 62.45 -14.31 -42.02
CA MET S 180 62.10 -13.16 -41.17
C MET S 180 62.13 -11.85 -42.00
N GLU S 181 63.05 -11.76 -42.94
CA GLU S 181 63.22 -10.52 -43.75
C GLU S 181 62.53 -10.59 -45.11
N CYS S 182 61.68 -11.58 -45.33
CA CYS S 182 60.97 -11.70 -46.61
C CYS S 182 59.81 -10.73 -46.71
N ASN S 183 59.58 -10.21 -47.92
CA ASN S 183 58.30 -9.55 -48.22
C ASN S 183 57.22 -10.61 -48.37
N LEU S 184 55.99 -10.19 -48.50
CA LEU S 184 54.88 -11.14 -48.45
C LEU S 184 54.94 -12.19 -49.60
N ASN S 185 55.31 -11.72 -50.79
CA ASN S 185 55.35 -12.60 -51.96
C ASN S 185 56.39 -13.65 -51.87
N GLU S 186 57.56 -13.25 -51.42
CA GLU S 186 58.65 -14.15 -51.14
C GLU S 186 58.19 -15.19 -50.12
N LEU S 187 57.54 -14.75 -49.06
CA LEU S 187 57.17 -15.63 -47.99
C LEU S 187 56.15 -16.66 -48.49
N VAL S 188 55.17 -16.21 -49.26
CA VAL S 188 54.17 -17.11 -49.81
C VAL S 188 54.79 -18.13 -50.79
N LYS S 189 55.69 -17.63 -51.64
CA LYS S 189 56.40 -18.49 -52.59
C LYS S 189 57.15 -19.57 -51.82
N HIS S 190 57.78 -19.21 -50.71
CA HIS S 190 58.51 -20.19 -49.87
C HIS S 190 57.50 -21.25 -49.37
N GLY S 191 56.33 -20.81 -48.92
CA GLY S 191 55.30 -21.69 -48.49
C GLY S 191 54.83 -22.65 -49.59
N LEU S 192 54.63 -22.09 -50.78
CA LEU S 192 54.24 -22.85 -51.94
C LEU S 192 55.31 -23.86 -52.40
N ARG S 193 56.58 -23.48 -52.38
CA ARG S 193 57.66 -24.42 -52.68
C ARG S 193 57.76 -25.59 -51.70
N ALA S 194 57.64 -25.29 -50.41
CA ALA S 194 57.67 -26.34 -49.39
C ALA S 194 56.50 -27.34 -49.59
N LEU S 195 55.32 -26.81 -49.82
CA LEU S 195 54.15 -27.61 -50.09
C LEU S 195 54.31 -28.46 -51.34
N ARG S 196 54.93 -27.89 -52.36
CA ARG S 196 55.17 -28.60 -53.61
C ARG S 196 56.07 -29.81 -53.44
N GLU S 197 57.01 -29.74 -52.51
CA GLU S 197 57.83 -30.91 -52.15
C GLU S 197 57.01 -32.11 -51.67
N THR S 198 55.80 -31.89 -51.17
CA THR S 198 54.97 -33.01 -50.70
C THR S 198 54.34 -33.81 -51.84
N LEU S 199 54.33 -33.28 -53.07
CA LEU S 199 53.67 -33.92 -54.21
C LEU S 199 54.46 -35.03 -54.93
N PRO S 200 53.77 -36.07 -55.45
CA PRO S 200 54.43 -36.97 -56.40
C PRO S 200 55.07 -36.16 -57.54
N ALA S 201 56.23 -36.64 -58.02
CA ALA S 201 57.06 -35.90 -59.02
C ALA S 201 56.28 -35.41 -60.25
N GLU S 202 55.25 -36.17 -60.64
CA GLU S 202 54.34 -35.87 -61.77
C GLU S 202 53.43 -34.64 -61.50
N GLN S 203 52.98 -34.50 -60.27
CA GLN S 203 51.88 -33.60 -59.86
C GLN S 203 52.43 -32.18 -59.60
N ASP S 204 51.60 -31.17 -59.85
CA ASP S 204 51.94 -29.78 -59.65
C ASP S 204 50.94 -29.03 -58.82
N LEU S 205 51.32 -27.85 -58.36
CA LEU S 205 50.41 -26.89 -57.77
C LEU S 205 49.56 -26.30 -58.88
N THR S 206 48.27 -26.20 -58.63
CA THR S 206 47.35 -25.58 -59.58
C THR S 206 46.39 -24.72 -58.80
N THR S 207 45.61 -23.93 -59.52
CA THR S 207 44.58 -23.13 -58.89
C THR S 207 43.47 -23.98 -58.27
N LYS S 208 43.31 -25.24 -58.67
CA LYS S 208 42.26 -26.11 -58.10
C LYS S 208 42.60 -26.74 -56.76
N ASN S 209 43.87 -27.03 -56.54
CA ASN S 209 44.29 -27.77 -55.37
C ASN S 209 45.01 -26.96 -54.28
N VAL S 210 45.27 -25.65 -54.52
CA VAL S 210 45.99 -24.85 -53.53
C VAL S 210 45.04 -23.86 -52.90
N SER S 211 45.21 -23.70 -51.59
CA SER S 211 44.54 -22.71 -50.82
C SER S 211 45.57 -21.95 -49.98
N ILE S 212 45.32 -20.67 -49.74
CA ILE S 212 46.27 -19.79 -49.07
C ILE S 212 45.55 -18.95 -48.05
N GLY S 213 46.15 -18.78 -46.88
CA GLY S 213 45.66 -17.87 -45.88
C GLY S 213 46.74 -16.93 -45.37
N ILE S 214 46.41 -15.66 -45.18
CA ILE S 214 47.42 -14.64 -44.83
C ILE S 214 46.85 -13.68 -43.81
N VAL S 215 47.66 -13.39 -42.81
CA VAL S 215 47.35 -12.37 -41.83
C VAL S 215 48.64 -11.64 -41.47
N GLY S 216 48.52 -10.35 -41.14
CA GLY S 216 49.72 -9.59 -40.73
C GLY S 216 49.44 -8.18 -40.31
N LYS S 217 50.50 -7.41 -40.10
CA LYS S 217 50.45 -6.00 -39.65
C LYS S 217 49.37 -5.16 -40.37
N ASP S 218 49.21 -5.29 -41.67
CA ASP S 218 48.30 -4.41 -42.40
C ASP S 218 47.14 -5.20 -43.00
N LEU S 219 46.89 -6.42 -42.52
CA LEU S 219 46.06 -7.34 -43.24
C LEU S 219 45.33 -8.34 -42.31
N GLU S 220 44.03 -8.19 -42.26
CA GLU S 220 43.15 -9.13 -41.60
C GLU S 220 43.25 -10.50 -42.26
N PHE S 221 42.94 -11.55 -41.50
CA PHE S 221 43.02 -12.90 -42.02
C PHE S 221 42.11 -13.06 -43.22
N THR S 222 42.72 -13.46 -44.34
CA THR S 222 42.09 -13.50 -45.68
C THR S 222 42.43 -14.85 -46.34
N ILE S 223 41.44 -15.47 -46.96
CA ILE S 223 41.62 -16.76 -47.62
C ILE S 223 41.56 -16.56 -49.13
N TYR S 224 42.51 -17.17 -49.84
CA TYR S 224 42.57 -17.12 -51.29
C TYR S 224 42.39 -18.52 -51.88
N ASP S 225 41.37 -18.69 -52.72
CA ASP S 225 41.12 -19.93 -53.41
C ASP S 225 40.89 -19.69 -54.86
N ASP S 226 41.03 -20.76 -55.64
CA ASP S 226 40.66 -20.82 -57.03
C ASP S 226 41.36 -19.76 -57.81
N ASP S 227 40.65 -18.93 -58.56
CA ASP S 227 41.29 -17.86 -59.33
C ASP S 227 42.13 -16.92 -58.48
N ASP S 228 41.76 -16.70 -57.21
CA ASP S 228 42.53 -15.82 -56.33
C ASP S 228 43.94 -16.30 -55.93
N VAL S 229 44.29 -17.56 -56.21
CA VAL S 229 45.68 -17.99 -55.95
C VAL S 229 46.59 -17.83 -57.14
N SER S 230 46.04 -17.60 -58.33
CA SER S 230 46.85 -17.41 -59.57
C SER S 230 48.01 -16.44 -59.44
N PRO S 231 47.78 -15.25 -58.87
CA PRO S 231 48.91 -14.32 -58.63
C PRO S 231 50.09 -14.90 -57.84
N PHE S 232 49.80 -15.70 -56.80
CA PHE S 232 50.87 -16.30 -56.02
C PHE S 232 51.60 -17.44 -56.77
N LEU S 233 50.87 -18.17 -57.62
CA LEU S 233 51.47 -19.29 -58.38
C LEU S 233 52.39 -18.91 -59.50
N GLU S 234 52.21 -17.77 -60.14
CA GLU S 234 53.23 -17.37 -61.09
C GLU S 234 54.05 -16.17 -60.65
N GLY S 235 55.12 -16.34 -59.85
CA GLY S 235 55.53 -17.56 -59.16
C GLY S 235 56.38 -18.46 -60.06
N LEU S 236 56.26 -19.77 -59.87
CA LEU S 236 56.84 -20.77 -60.79
C LEU S 236 58.36 -20.76 -60.80
N GLU S 237 58.96 -20.65 -59.62
CA GLU S 237 60.39 -20.88 -59.46
C GLU S 237 60.63 -22.40 -59.33
N GLU S 238 60.85 -23.07 -60.47
CA GLU S 238 61.23 -24.53 -60.60
C GLU S 238 60.57 -25.18 -61.84
N ARG S 239 61.13 -26.24 -62.46
CA ARG S 239 62.40 -27.00 -62.17
C ARG S 239 62.55 -27.60 -60.75
N THR T 6 51.70 -57.77 -17.46
CA THR T 6 50.95 -58.27 -16.28
C THR T 6 49.55 -58.80 -16.69
N GLY T 7 48.67 -58.99 -15.70
CA GLY T 7 47.41 -59.72 -15.90
C GLY T 7 46.07 -59.00 -16.16
N TYR T 8 45.66 -57.88 -15.50
CA TYR T 8 45.92 -57.16 -14.15
C TYR T 8 46.37 -55.68 -14.24
N ASP T 9 46.70 -55.21 -15.44
CA ASP T 9 47.31 -53.92 -15.59
C ASP T 9 46.52 -52.94 -16.43
N LEU T 10 45.21 -53.11 -16.54
CA LEU T 10 44.40 -52.30 -17.45
C LEU T 10 43.64 -51.16 -16.81
N SER T 11 43.52 -51.23 -15.49
CA SER T 11 42.76 -50.26 -14.77
C SER T 11 43.43 -49.85 -13.48
N ALA T 12 43.36 -48.55 -13.18
CA ALA T 12 43.81 -48.03 -11.90
C ALA T 12 42.93 -48.44 -10.71
N SER T 13 41.73 -48.96 -10.96
CA SER T 13 40.92 -49.59 -9.91
C SER T 13 41.19 -51.08 -9.66
N THR T 14 42.27 -51.64 -10.24
CA THR T 14 42.61 -53.05 -10.10
C THR T 14 44.01 -53.19 -9.53
N PHE T 15 44.09 -53.84 -8.36
CA PHE T 15 45.37 -54.30 -7.83
C PHE T 15 45.80 -55.57 -8.53
N SER T 16 47.10 -55.68 -8.75
CA SER T 16 47.72 -56.94 -9.12
C SER T 16 47.83 -57.84 -7.88
N PRO T 17 48.05 -59.15 -8.07
CA PRO T 17 48.11 -60.02 -6.87
C PRO T 17 49.21 -59.70 -5.86
N ASP T 18 50.23 -58.94 -6.26
CA ASP T 18 51.31 -58.54 -5.35
C ASP T 18 51.04 -57.18 -4.77
N GLY T 19 49.86 -56.62 -5.01
CA GLY T 19 49.47 -55.35 -4.42
C GLY T 19 50.01 -54.14 -5.16
N ARG T 20 50.21 -54.25 -6.46
CA ARG T 20 50.69 -53.12 -7.26
C ARG T 20 49.56 -52.52 -8.08
N VAL T 21 49.71 -51.26 -8.49
CA VAL T 21 48.77 -50.65 -9.37
C VAL T 21 49.55 -50.32 -10.63
N PHE T 22 49.48 -51.24 -11.60
CA PHE T 22 50.35 -51.13 -12.78
C PHE T 22 50.08 -49.91 -13.63
N GLN T 23 48.81 -49.43 -13.68
CA GLN T 23 48.49 -48.25 -14.48
C GLN T 23 49.22 -47.02 -13.97
N VAL T 24 49.41 -46.95 -12.66
CA VAL T 24 50.23 -45.88 -12.06
C VAL T 24 51.71 -46.03 -12.44
N GLU T 25 52.24 -47.24 -12.34
CA GLU T 25 53.60 -47.54 -12.78
C GLU T 25 53.86 -47.27 -14.27
N TYR T 26 52.85 -47.48 -15.11
CA TYR T 26 53.00 -47.19 -16.54
C TYR T 26 53.07 -45.72 -16.86
N ALA T 27 52.25 -44.97 -16.16
CA ALA T 27 52.31 -43.52 -16.15
C ALA T 27 53.66 -43.00 -15.66
N MET T 28 54.19 -43.59 -14.62
CA MET T 28 55.56 -43.25 -14.20
C MET T 28 56.60 -43.50 -15.29
N LYS T 29 56.39 -44.49 -16.14
CA LYS T 29 57.31 -44.76 -17.22
C LYS T 29 57.28 -43.64 -18.24
N ALA T 30 56.11 -43.05 -18.44
CA ALA T 30 56.02 -41.85 -19.32
C ALA T 30 56.92 -40.69 -18.84
N VAL T 31 56.98 -40.52 -17.53
CA VAL T 31 57.86 -39.53 -16.89
C VAL T 31 59.30 -39.95 -17.13
N GLU T 32 59.60 -41.20 -16.83
CA GLU T 32 60.97 -41.72 -17.03
C GLU T 32 61.51 -41.76 -18.47
N ASN T 33 60.64 -41.62 -19.46
CA ASN T 33 61.07 -41.44 -20.88
C ASN T 33 61.34 -40.01 -21.31
N SER T 34 60.87 -39.08 -20.52
CA SER T 34 61.02 -37.66 -20.76
C SER T 34 62.42 -37.13 -20.36
N SER T 35 62.87 -36.03 -20.97
CA SER T 35 64.18 -35.45 -20.67
C SER T 35 64.15 -34.83 -19.28
N THR T 36 65.32 -34.53 -18.76
CA THR T 36 65.48 -34.34 -17.33
C THR T 36 65.19 -32.87 -16.90
N ALA T 37 64.51 -32.76 -15.76
CA ALA T 37 64.33 -31.50 -15.04
C ALA T 37 64.89 -31.66 -13.63
N ILE T 38 65.49 -30.58 -13.12
CA ILE T 38 66.07 -30.57 -11.77
C ILE T 38 65.62 -29.32 -11.00
N GLY T 39 65.49 -29.48 -9.69
CA GLY T 39 65.35 -28.37 -8.80
C GLY T 39 66.35 -28.46 -7.68
N ILE T 40 66.83 -27.29 -7.26
CA ILE T 40 67.74 -27.19 -6.13
C ILE T 40 67.31 -26.04 -5.19
N ARG T 41 67.09 -26.40 -3.94
CA ARG T 41 66.85 -25.44 -2.87
C ARG T 41 68.24 -24.99 -2.31
N CYS T 42 68.39 -23.71 -2.01
CA CYS T 42 69.65 -23.24 -1.45
C CYS T 42 69.37 -22.24 -0.39
N LYS T 43 70.41 -21.47 0.04
CA LYS T 43 70.32 -20.61 1.24
C LYS T 43 69.16 -19.61 1.10
N ASP T 44 68.95 -19.08 -0.11
CA ASP T 44 68.07 -17.92 -0.32
C ASP T 44 67.03 -18.12 -1.46
N GLY T 45 66.80 -19.38 -1.87
CA GLY T 45 65.78 -19.70 -2.83
C GLY T 45 65.86 -21.04 -3.51
N VAL T 46 65.15 -21.13 -4.62
CA VAL T 46 65.05 -22.35 -5.39
C VAL T 46 65.32 -22.04 -6.85
N VAL T 47 66.10 -22.91 -7.49
CA VAL T 47 66.41 -22.80 -8.92
C VAL T 47 65.92 -24.06 -9.62
N PHE T 48 65.30 -23.88 -10.79
CA PHE T 48 64.89 -24.98 -11.65
C PHE T 48 65.65 -24.96 -12.96
N GLY T 49 66.01 -26.15 -13.44
CA GLY T 49 66.59 -26.33 -14.76
C GLY T 49 65.91 -27.44 -15.52
N VAL T 50 65.74 -27.26 -16.82
CA VAL T 50 65.21 -28.32 -17.69
C VAL T 50 66.01 -28.49 -18.95
N GLU T 51 66.35 -29.74 -19.25
CA GLU T 51 66.90 -30.19 -20.53
C GLU T 51 65.76 -30.24 -21.54
N LYS T 52 65.63 -29.22 -22.37
CA LYS T 52 64.48 -29.13 -23.25
C LYS T 52 64.95 -29.59 -24.61
N LEU T 53 64.55 -30.79 -25.03
CA LEU T 53 65.08 -31.38 -26.25
C LEU T 53 64.45 -30.64 -27.39
N VAL T 54 65.24 -30.30 -28.41
CA VAL T 54 64.65 -29.64 -29.57
C VAL T 54 64.43 -30.69 -30.66
N LEU T 55 63.16 -31.02 -30.90
CA LEU T 55 62.82 -32.10 -31.81
C LEU T 55 62.89 -31.62 -33.24
N SER T 56 62.78 -30.32 -33.46
CA SER T 56 62.96 -29.76 -34.80
C SER T 56 63.54 -28.36 -34.70
N LYS T 57 64.43 -28.02 -35.61
CA LYS T 57 64.90 -26.64 -35.79
C LYS T 57 63.79 -25.66 -36.25
N LEU T 58 62.61 -26.18 -36.64
CA LEU T 58 61.49 -25.32 -36.98
C LEU T 58 60.76 -24.68 -35.80
N TYR T 59 60.95 -25.18 -34.60
CA TYR T 59 60.32 -24.60 -33.43
C TYR T 59 61.02 -23.37 -32.93
N GLU T 60 60.25 -22.42 -32.38
CA GLU T 60 60.78 -21.18 -31.79
C GLU T 60 61.50 -21.49 -30.53
N GLU T 61 62.56 -20.75 -30.23
CA GLU T 61 63.11 -20.66 -28.86
C GLU T 61 61.99 -20.37 -27.85
N GLY T 62 61.86 -21.17 -26.79
CA GLY T 62 60.76 -20.97 -25.84
C GLY T 62 59.55 -21.87 -26.11
N SER T 63 59.40 -22.43 -27.30
CA SER T 63 58.27 -23.37 -27.49
C SER T 63 58.26 -24.52 -26.45
N ASN T 64 57.10 -25.05 -26.15
CA ASN T 64 56.96 -26.11 -25.13
C ASN T 64 57.72 -25.87 -23.83
N LYS T 65 57.57 -24.71 -23.22
CA LYS T 65 58.06 -24.47 -21.87
C LYS T 65 57.69 -25.58 -20.93
N ARG T 66 58.63 -25.94 -20.07
CA ARG T 66 58.42 -26.93 -19.03
C ARG T 66 58.50 -26.31 -17.66
N LEU T 67 58.61 -25.00 -17.63
CA LEU T 67 58.65 -24.20 -16.40
C LEU T 67 57.48 -23.26 -16.43
N PHE T 68 56.70 -23.24 -15.36
CA PHE T 68 55.45 -22.43 -15.25
C PHE T 68 55.37 -21.61 -13.99
N ASN T 69 54.70 -20.46 -14.06
CA ASN T 69 54.36 -19.71 -12.85
C ASN T 69 52.99 -20.22 -12.45
N VAL T 70 52.89 -20.76 -11.23
CA VAL T 70 51.56 -21.16 -10.75
C VAL T 70 50.98 -20.20 -9.71
N ASP T 71 51.81 -19.39 -9.11
CA ASP T 71 51.35 -18.24 -8.38
C ASP T 71 52.49 -17.25 -8.45
N ARG T 72 52.28 -16.04 -8.01
CA ARG T 72 53.38 -15.07 -8.17
C ARG T 72 54.66 -15.49 -7.41
N HIS T 73 54.49 -16.25 -6.33
CA HIS T 73 55.58 -16.77 -5.51
C HIS T 73 55.95 -18.26 -5.80
N VAL T 74 55.27 -18.91 -6.74
CA VAL T 74 55.44 -20.36 -6.96
C VAL T 74 55.73 -20.73 -8.40
N GLY T 75 56.84 -21.40 -8.58
CA GLY T 75 57.23 -21.99 -9.87
C GLY T 75 57.00 -23.47 -9.90
N MET T 76 56.74 -23.93 -11.12
CA MET T 76 56.52 -25.38 -11.38
C MET T 76 57.39 -25.88 -12.53
N ALA T 77 58.06 -27.01 -12.30
CA ALA T 77 58.91 -27.63 -13.29
C ALA T 77 58.43 -29.07 -13.54
N VAL T 78 58.25 -29.41 -14.81
CA VAL T 78 57.54 -30.64 -15.15
C VAL T 78 58.39 -31.60 -15.97
N ALA T 79 58.01 -32.87 -15.92
CA ALA T 79 58.49 -33.86 -16.86
C ALA T 79 57.37 -34.85 -17.12
N GLY T 80 57.35 -35.38 -18.34
CA GLY T 80 56.36 -36.37 -18.70
C GLY T 80 55.46 -35.83 -19.79
N LEU T 81 54.22 -36.27 -19.81
CA LEU T 81 53.32 -35.93 -20.93
C LEU T 81 52.88 -34.46 -20.77
N LEU T 82 53.24 -33.62 -21.71
CA LEU T 82 53.25 -32.20 -21.46
C LEU T 82 51.83 -31.66 -21.34
N ALA T 83 50.88 -32.20 -22.12
CA ALA T 83 49.49 -31.79 -21.98
C ALA T 83 48.92 -32.11 -20.58
N ASP T 84 49.29 -33.25 -20.00
CA ASP T 84 48.90 -33.57 -18.62
C ASP T 84 49.54 -32.56 -17.66
N ALA T 85 50.80 -32.22 -17.88
CA ALA T 85 51.50 -31.33 -16.96
C ALA T 85 50.85 -29.93 -17.02
N ARG T 86 50.47 -29.47 -18.20
CA ARG T 86 49.84 -28.17 -18.31
C ARG T 86 48.48 -28.09 -17.63
N SER T 87 47.74 -29.20 -17.69
CA SER T 87 46.49 -29.28 -17.01
C SER T 87 46.72 -29.23 -15.49
N LEU T 88 47.76 -29.87 -15.03
CA LEU T 88 48.12 -29.80 -13.62
C LEU T 88 48.57 -28.41 -13.19
N ALA T 89 49.29 -27.71 -14.03
CA ALA T 89 49.65 -26.33 -13.77
C ALA T 89 48.37 -25.50 -13.61
N ASP T 90 47.35 -25.76 -14.43
CA ASP T 90 46.09 -25.06 -14.26
C ASP T 90 45.34 -25.40 -12.98
N ILE T 91 45.35 -26.67 -12.60
CA ILE T 91 44.79 -27.05 -11.28
C ILE T 91 45.55 -26.27 -10.21
N ALA T 92 46.89 -26.24 -10.27
CA ALA T 92 47.66 -25.59 -9.22
C ALA T 92 47.34 -24.12 -9.17
N ARG T 93 47.16 -23.50 -10.31
CA ARG T 93 46.85 -22.09 -10.38
C ARG T 93 45.52 -21.76 -9.71
N GLU T 94 44.52 -22.58 -10.02
CA GLU T 94 43.21 -22.42 -9.49
C GLU T 94 43.21 -22.63 -7.99
N GLU T 95 43.97 -23.58 -7.51
CA GLU T 95 44.05 -23.84 -6.09
C GLU T 95 44.70 -22.67 -5.36
N ALA T 96 45.70 -22.08 -5.96
CA ALA T 96 46.36 -20.93 -5.36
C ALA T 96 45.46 -19.70 -5.33
N SER T 97 44.74 -19.49 -6.44
CA SER T 97 43.80 -18.41 -6.57
C SER T 97 42.64 -18.51 -5.57
N ASN T 98 42.02 -19.68 -5.49
CA ASN T 98 40.95 -19.92 -4.51
C ASN T 98 41.40 -19.77 -3.07
N PHE T 99 42.64 -20.15 -2.79
CA PHE T 99 43.16 -20.04 -1.45
C PHE T 99 43.22 -18.56 -1.05
N ARG T 100 43.78 -17.72 -1.94
CA ARG T 100 43.84 -16.30 -1.69
C ARG T 100 42.43 -15.67 -1.52
N SER T 101 41.49 -16.06 -2.36
CA SER T 101 40.10 -15.61 -2.20
C SER T 101 39.41 -15.98 -0.86
N ASN T 102 39.65 -17.19 -0.36
CA ASN T 102 39.01 -17.70 0.84
C ASN T 102 39.70 -17.28 2.13
N PHE T 103 41.00 -17.35 2.13
CA PHE T 103 41.82 -17.08 3.34
C PHE T 103 42.55 -15.75 3.38
N GLY T 104 42.66 -15.08 2.24
CA GLY T 104 43.18 -13.74 2.19
C GLY T 104 44.68 -13.62 2.27
N TYR T 105 45.42 -14.66 1.93
CA TYR T 105 46.90 -14.56 1.87
C TYR T 105 47.46 -15.59 0.90
N ASN T 106 48.74 -15.46 0.58
CA ASN T 106 49.37 -16.32 -0.41
C ASN T 106 49.45 -17.75 0.07
N ILE T 107 49.09 -18.71 -0.76
CA ILE T 107 49.10 -20.12 -0.37
C ILE T 107 50.49 -20.59 0.03
N PRO T 108 50.61 -21.20 1.22
CA PRO T 108 51.90 -21.79 1.59
C PRO T 108 52.23 -22.96 0.68
N LEU T 109 53.51 -23.11 0.39
CA LEU T 109 53.95 -24.03 -0.64
C LEU T 109 53.59 -25.45 -0.31
N LYS T 110 53.87 -25.83 0.91
CA LYS T 110 53.50 -27.18 1.35
C LYS T 110 52.02 -27.49 1.19
N HIS T 111 51.15 -26.57 1.58
CA HIS T 111 49.72 -26.75 1.41
C HIS T 111 49.33 -26.82 -0.09
N LEU T 112 49.98 -26.03 -0.95
CA LEU T 112 49.71 -26.14 -2.40
C LEU T 112 50.11 -27.51 -2.95
N ALA T 113 51.32 -27.97 -2.58
CA ALA T 113 51.79 -29.27 -2.95
C ALA T 113 50.84 -30.36 -2.49
N ASP T 114 50.40 -30.31 -1.25
CA ASP T 114 49.50 -31.34 -0.74
C ASP T 114 48.14 -31.35 -1.43
N ARG T 115 47.62 -30.18 -1.78
CA ARG T 115 46.34 -30.11 -2.46
C ARG T 115 46.39 -30.61 -3.87
N VAL T 116 47.40 -30.23 -4.63
CA VAL T 116 47.52 -30.75 -5.98
C VAL T 116 47.85 -32.26 -5.97
N ALA T 117 48.72 -32.71 -5.04
CA ALA T 117 48.97 -34.15 -4.84
C ALA T 117 47.68 -34.97 -4.67
N MET T 118 46.74 -34.44 -3.90
CA MET T 118 45.51 -35.16 -3.64
C MET T 118 44.63 -35.18 -4.87
N TYR T 119 44.73 -34.16 -5.69
CA TYR T 119 44.06 -34.17 -7.00
C TYR T 119 44.66 -35.26 -7.93
N VAL T 120 46.01 -35.31 -7.97
CA VAL T 120 46.74 -36.33 -8.73
C VAL T 120 46.34 -37.71 -8.21
N HIS T 121 46.33 -37.86 -6.88
CA HIS T 121 45.96 -39.15 -6.28
C HIS T 121 44.58 -39.61 -6.66
N ALA T 122 43.65 -38.69 -6.76
CA ALA T 122 42.27 -39.02 -7.14
C ALA T 122 42.15 -39.69 -8.51
N TYR T 123 43.15 -39.50 -9.37
CA TYR T 123 43.21 -40.18 -10.64
C TYR T 123 43.87 -41.57 -10.64
N THR T 124 44.10 -42.16 -9.46
CA THR T 124 44.78 -43.44 -9.36
C THR T 124 43.91 -44.48 -8.69
N LEU T 125 42.61 -44.23 -8.59
CA LEU T 125 41.63 -45.11 -7.87
C LEU T 125 40.57 -45.75 -8.78
N TYR T 126 40.48 -45.30 -10.03
CA TYR T 126 39.24 -45.56 -10.83
C TYR T 126 39.48 -46.05 -12.22
N SER T 127 38.63 -46.94 -12.72
CA SER T 127 38.61 -47.23 -14.14
C SER T 127 38.08 -46.08 -14.97
N ALA T 128 37.34 -45.15 -14.37
CA ALA T 128 36.73 -44.07 -15.11
C ALA T 128 37.73 -43.01 -15.64
N VAL T 129 38.92 -42.91 -15.03
CA VAL T 129 39.94 -41.97 -15.45
C VAL T 129 41.34 -42.64 -15.40
N ARG T 130 42.35 -42.05 -16.06
CA ARG T 130 43.69 -42.54 -16.02
C ARG T 130 44.59 -41.66 -15.18
N PRO T 131 45.66 -42.24 -14.61
CA PRO T 131 46.65 -41.42 -13.90
C PRO T 131 47.33 -40.41 -14.77
N PHE T 132 47.67 -39.28 -14.21
CA PHE T 132 48.51 -38.27 -14.91
C PHE T 132 49.87 -38.89 -15.25
N GLY T 133 50.37 -38.58 -16.44
CA GLY T 133 51.63 -39.06 -16.89
C GLY T 133 52.71 -38.00 -16.70
N CYS T 134 52.77 -37.44 -15.50
CA CYS T 134 53.73 -36.37 -15.22
CA CYS T 134 53.63 -36.29 -15.19
C CYS T 134 54.16 -36.35 -13.79
N SER T 135 55.39 -35.87 -13.61
CA SER T 135 55.91 -35.53 -12.29
C SER T 135 56.21 -34.07 -12.35
N PHE T 136 56.10 -33.41 -11.20
CA PHE T 136 56.42 -31.98 -11.20
C PHE T 136 57.00 -31.56 -9.86
N MET T 137 57.81 -30.53 -9.96
CA MET T 137 58.35 -29.86 -8.79
C MET T 137 57.69 -28.49 -8.62
N LEU T 138 57.47 -28.10 -7.36
CA LEU T 138 56.99 -26.79 -6.95
C LEU T 138 58.05 -26.12 -6.08
N GLY T 139 58.39 -24.87 -6.38
CA GLY T 139 59.38 -24.13 -5.66
C GLY T 139 58.89 -22.74 -5.28
N SER T 140 59.20 -22.33 -4.06
CA SER T 140 58.98 -20.94 -3.65
C SER T 140 59.98 -20.43 -2.59
N TYR T 141 59.89 -19.13 -2.32
CA TYR T 141 60.63 -18.49 -1.30
C TYR T 141 59.87 -17.32 -0.71
N SER T 142 59.92 -17.20 0.59
CA SER T 142 59.43 -16.01 1.30
C SER T 142 60.32 -15.80 2.50
N VAL T 143 60.29 -14.59 3.04
CA VAL T 143 61.09 -14.31 4.23
C VAL T 143 60.59 -15.14 5.40
N ASN T 144 59.28 -15.26 5.57
CA ASN T 144 58.70 -16.07 6.65
C ASN T 144 58.87 -17.60 6.58
N ASP T 145 58.78 -18.18 5.39
CA ASP T 145 58.85 -19.65 5.23
C ASP T 145 60.19 -20.16 4.72
N GLY T 146 61.09 -19.29 4.33
CA GLY T 146 62.29 -19.72 3.65
C GLY T 146 62.02 -20.30 2.26
N ALA T 147 63.00 -21.07 1.80
CA ALA T 147 63.00 -21.67 0.51
C ALA T 147 62.34 -23.02 0.67
N GLN T 148 61.48 -23.38 -0.28
CA GLN T 148 60.81 -24.67 -0.29
C GLN T 148 60.69 -25.27 -1.69
N LEU T 149 61.01 -26.56 -1.78
CA LEU T 149 61.05 -27.35 -3.02
C LEU T 149 60.34 -28.66 -2.74
N TYR T 150 59.23 -28.90 -3.45
CA TYR T 150 58.43 -30.13 -3.34
C TYR T 150 58.38 -30.80 -4.68
N MET T 151 58.19 -32.11 -4.64
CA MET T 151 58.07 -32.89 -5.86
C MET T 151 56.90 -33.87 -5.67
N ILE T 152 56.07 -33.92 -6.70
CA ILE T 152 54.91 -34.78 -6.75
C ILE T 152 55.03 -35.72 -7.99
N ASP T 153 54.71 -36.99 -7.78
CA ASP T 153 54.74 -38.00 -8.85
C ASP T 153 53.32 -38.49 -9.20
N PRO T 154 53.16 -39.33 -10.25
CA PRO T 154 51.84 -39.78 -10.71
C PRO T 154 51.05 -40.54 -9.67
N SER T 155 51.65 -41.10 -8.62
CA SER T 155 50.83 -41.75 -7.59
C SER T 155 50.18 -40.73 -6.66
N GLY T 156 50.65 -39.47 -6.69
CA GLY T 156 50.20 -38.44 -5.74
C GLY T 156 51.08 -38.26 -4.50
N VAL T 157 52.23 -38.94 -4.43
CA VAL T 157 53.16 -38.76 -3.28
C VAL T 157 53.85 -37.41 -3.48
N SER T 158 54.04 -36.73 -2.36
CA SER T 158 54.57 -35.38 -2.27
C SER T 158 55.59 -35.37 -1.09
N TYR T 159 56.82 -34.98 -1.36
CA TYR T 159 57.81 -34.79 -0.33
C TYR T 159 58.54 -33.50 -0.62
N GLY T 160 59.19 -32.97 0.41
CA GLY T 160 60.08 -31.84 0.30
C GLY T 160 61.55 -32.25 0.16
N TYR T 161 62.30 -31.45 -0.57
CA TYR T 161 63.61 -31.80 -1.04
C TYR T 161 64.59 -30.64 -0.86
N TRP T 162 65.85 -31.00 -0.65
CA TRP T 162 66.97 -30.11 -0.90
C TRP T 162 67.36 -30.05 -2.36
N GLY T 163 67.26 -31.18 -3.02
CA GLY T 163 67.54 -31.28 -4.45
C GLY T 163 66.71 -32.39 -5.03
N CYS T 164 66.41 -32.28 -6.31
CA CYS T 164 65.48 -33.21 -6.93
C CYS T 164 65.67 -33.23 -8.41
N ALA T 165 65.43 -34.42 -8.97
CA ALA T 165 65.47 -34.59 -10.37
C ALA T 165 64.40 -35.58 -10.84
N ILE T 166 63.89 -35.32 -12.01
CA ILE T 166 62.82 -36.14 -12.63
C ILE T 166 63.09 -36.27 -14.12
N GLY T 167 62.59 -37.36 -14.68
CA GLY T 167 62.87 -37.71 -16.04
C GLY T 167 63.93 -38.78 -16.14
N LYS T 168 64.48 -38.93 -17.33
CA LYS T 168 65.23 -40.12 -17.68
C LYS T 168 66.65 -40.20 -17.19
N ALA T 169 67.28 -39.09 -16.84
CA ALA T 169 68.62 -39.13 -16.26
C ALA T 169 68.55 -38.76 -14.77
N ARG T 170 67.48 -39.19 -14.14
CA ARG T 170 67.16 -38.80 -12.77
C ARG T 170 68.30 -39.15 -11.80
N GLN T 171 68.75 -40.40 -11.88
CA GLN T 171 69.81 -40.91 -10.99
C GLN T 171 71.15 -40.28 -11.25
N ALA T 172 71.52 -40.13 -12.51
CA ALA T 172 72.74 -39.41 -12.84
C ALA T 172 72.70 -37.97 -12.28
N ALA T 173 71.58 -37.29 -12.49
CA ALA T 173 71.39 -35.95 -11.96
C ALA T 173 71.56 -35.87 -10.42
N LYS T 174 70.83 -36.74 -9.70
CA LYS T 174 70.89 -36.79 -8.27
C LYS T 174 72.31 -36.99 -7.75
N THR T 175 73.06 -37.90 -8.36
CA THR T 175 74.43 -38.13 -7.87
C THR T 175 75.32 -36.88 -8.02
N GLU T 176 75.10 -36.06 -9.04
CA GLU T 176 75.80 -34.77 -9.16
C GLU T 176 75.30 -33.74 -8.14
N ILE T 177 74.00 -33.68 -7.93
CA ILE T 177 73.39 -32.72 -7.00
C ILE T 177 73.92 -32.96 -5.59
N GLU T 178 74.06 -34.24 -5.22
CA GLU T 178 74.63 -34.64 -3.91
C GLU T 178 76.02 -34.16 -3.65
N LYS T 179 76.78 -33.81 -4.69
CA LYS T 179 78.09 -33.21 -4.50
C LYS T 179 78.05 -31.76 -4.05
N LEU T 180 76.91 -31.07 -4.13
CA LEU T 180 76.83 -29.65 -3.77
C LEU T 180 76.43 -29.49 -2.32
N GLN T 181 77.06 -28.53 -1.65
CA GLN T 181 76.62 -28.05 -0.35
C GLN T 181 75.61 -26.91 -0.57
N MET T 182 74.41 -27.28 -0.98
CA MET T 182 73.44 -26.28 -1.46
C MET T 182 72.91 -25.38 -0.33
N LYS T 183 72.87 -25.91 0.90
CA LYS T 183 72.47 -25.16 2.11
C LYS T 183 73.22 -23.86 2.30
N GLU T 184 74.46 -23.82 1.84
CA GLU T 184 75.30 -22.65 2.04
C GLU T 184 75.52 -21.86 0.77
N MET T 185 74.81 -22.17 -0.30
CA MET T 185 75.01 -21.49 -1.58
C MET T 185 73.82 -20.57 -1.89
N THR T 186 74.08 -19.56 -2.71
CA THR T 186 73.06 -18.62 -3.13
C THR T 186 72.50 -19.10 -4.48
N CYS T 187 71.33 -18.55 -4.82
CA CYS T 187 70.73 -18.77 -6.13
C CYS T 187 71.68 -18.40 -7.30
N ARG T 188 72.44 -17.31 -7.20
CA ARG T 188 73.30 -16.85 -8.31
C ARG T 188 74.44 -17.87 -8.55
N ASP T 189 74.94 -18.53 -7.50
CA ASP T 189 75.90 -19.66 -7.63
C ASP T 189 75.23 -20.95 -8.20
N ILE T 190 74.06 -21.27 -7.66
CA ILE T 190 73.36 -22.51 -7.97
C ILE T 190 72.89 -22.60 -9.42
N VAL T 191 72.49 -21.48 -10.04
CA VAL T 191 72.07 -21.54 -11.49
C VAL T 191 73.16 -22.18 -12.33
N LYS T 192 74.40 -21.77 -12.08
CA LYS T 192 75.51 -22.31 -12.82
C LYS T 192 75.57 -23.79 -12.63
N GLU T 193 75.35 -24.24 -11.39
CA GLU T 193 75.50 -25.65 -11.06
C GLU T 193 74.39 -26.51 -11.65
N VAL T 194 73.19 -25.93 -11.69
CA VAL T 194 72.05 -26.50 -12.44
C VAL T 194 72.38 -26.65 -13.92
N ALA T 195 72.91 -25.62 -14.55
CA ALA T 195 73.28 -25.70 -15.95
C ALA T 195 74.32 -26.79 -16.16
N LYS T 196 75.35 -26.77 -15.34
CA LYS T 196 76.41 -27.76 -15.36
C LYS T 196 75.86 -29.22 -15.31
N ILE T 197 75.03 -29.51 -14.32
CA ILE T 197 74.46 -30.83 -14.15
C ILE T 197 73.60 -31.29 -15.35
N ILE T 198 72.78 -30.40 -15.88
CA ILE T 198 72.03 -30.71 -17.13
C ILE T 198 73.02 -31.11 -18.24
N TYR T 199 74.12 -30.38 -18.43
CA TYR T 199 75.12 -30.73 -19.46
C TYR T 199 75.80 -32.07 -19.24
N ILE T 200 75.96 -32.44 -17.97
CA ILE T 200 76.60 -33.71 -17.61
C ILE T 200 75.69 -34.87 -17.99
N VAL T 201 74.42 -34.81 -17.63
CA VAL T 201 73.50 -35.93 -17.81
C VAL T 201 72.86 -36.03 -19.19
N HIS T 202 72.96 -34.96 -19.97
CA HIS T 202 72.53 -34.94 -21.36
C HIS T 202 73.34 -35.91 -22.18
N ASP T 203 72.66 -36.81 -22.87
CA ASP T 203 73.32 -37.76 -23.73
C ASP T 203 73.45 -37.17 -25.15
N GLU T 204 74.55 -36.46 -25.42
CA GLU T 204 74.77 -35.73 -26.70
C GLU T 204 74.84 -36.66 -27.92
N VAL T 205 75.30 -37.90 -27.70
CA VAL T 205 75.27 -38.92 -28.73
C VAL T 205 73.78 -39.31 -29.05
N LYS T 206 73.03 -39.81 -28.08
CA LYS T 206 71.60 -40.22 -28.25
C LYS T 206 70.72 -39.03 -27.92
N ASP T 207 70.38 -38.24 -28.94
CA ASP T 207 69.72 -36.88 -28.84
C ASP T 207 70.74 -35.70 -28.81
N LYS T 208 71.12 -35.25 -30.01
CA LYS T 208 71.78 -33.94 -30.16
C LYS T 208 70.68 -32.85 -30.04
N ALA T 209 71.10 -31.61 -29.84
CA ALA T 209 70.23 -30.43 -29.68
C ALA T 209 69.23 -30.40 -28.50
N PHE T 210 69.57 -29.48 -27.58
CA PHE T 210 68.63 -29.11 -26.53
C PHE T 210 68.77 -27.63 -26.15
N GLU T 211 67.71 -27.08 -25.59
CA GLU T 211 67.72 -25.77 -24.96
C GLU T 211 67.74 -25.97 -23.46
N LEU T 212 68.56 -25.19 -22.80
CA LEU T 212 68.47 -25.09 -21.37
C LEU T 212 67.34 -24.08 -20.96
N GLU T 213 66.43 -24.53 -20.12
CA GLU T 213 65.43 -23.65 -19.57
C GLU T 213 65.77 -23.46 -18.09
N LEU T 214 65.82 -22.21 -17.64
CA LEU T 214 66.13 -21.89 -16.22
C LEU T 214 65.15 -20.91 -15.58
N SER T 215 64.75 -21.18 -14.34
CA SER T 215 63.92 -20.24 -13.60
C SER T 215 64.34 -20.26 -12.17
N TRP T 216 63.92 -19.22 -11.45
CA TRP T 216 64.21 -19.17 -10.03
C TRP T 216 63.24 -18.33 -9.21
N VAL T 217 63.32 -18.54 -7.90
CA VAL T 217 62.55 -17.80 -6.95
C VAL T 217 63.34 -17.73 -5.68
N GLY T 218 63.52 -16.52 -5.16
CA GLY T 218 64.42 -16.33 -4.01
C GLY T 218 64.46 -14.93 -3.52
N GLU T 219 65.29 -14.68 -2.52
CA GLU T 219 65.49 -13.31 -2.09
C GLU T 219 65.78 -12.37 -3.24
N LEU T 220 66.56 -12.81 -4.19
CA LEU T 220 66.99 -11.94 -5.27
C LEU T 220 65.88 -11.58 -6.25
N THR T 221 64.76 -12.30 -6.25
CA THR T 221 63.62 -11.95 -7.08
C THR T 221 62.46 -11.36 -6.22
N ASN T 222 62.81 -11.08 -4.96
CA ASN T 222 61.86 -10.65 -3.97
C ASN T 222 60.70 -11.66 -3.78
N GLY T 223 60.99 -12.94 -3.82
CA GLY T 223 59.98 -13.95 -3.58
C GLY T 223 59.02 -14.16 -4.75
N ARG T 224 59.33 -13.61 -5.92
CA ARG T 224 58.61 -13.82 -7.14
C ARG T 224 59.30 -14.91 -8.00
N HIS T 225 58.52 -15.87 -8.55
CA HIS T 225 59.08 -16.87 -9.50
C HIS T 225 59.21 -16.23 -10.87
N GLU T 226 60.36 -16.35 -11.51
CA GLU T 226 60.76 -15.59 -12.71
C GLU T 226 61.71 -16.43 -13.59
N ILE T 227 61.72 -16.22 -14.91
CA ILE T 227 62.73 -16.82 -15.76
C ILE T 227 64.09 -16.27 -15.29
N VAL T 228 65.16 -17.02 -15.42
CA VAL T 228 66.47 -16.51 -15.20
C VAL T 228 66.74 -15.58 -16.38
N PRO T 229 67.25 -14.36 -16.13
CA PRO T 229 67.52 -13.46 -17.24
C PRO T 229 68.49 -14.05 -18.27
N LYS T 230 68.31 -13.65 -19.51
CA LYS T 230 69.07 -14.16 -20.65
C LYS T 230 70.58 -14.16 -20.47
N ASP T 231 71.18 -13.05 -20.02
CA ASP T 231 72.65 -13.00 -19.81
C ASP T 231 73.16 -13.93 -18.70
N ILE T 232 72.45 -13.99 -17.58
CA ILE T 232 72.78 -14.99 -16.58
C ILE T 232 72.66 -16.43 -17.13
N ARG T 233 71.60 -16.77 -17.88
CA ARG T 233 71.50 -18.12 -18.47
C ARG T 233 72.68 -18.41 -19.41
N GLU T 234 73.07 -17.42 -20.22
CA GLU T 234 74.15 -17.61 -21.17
C GLU T 234 75.48 -17.83 -20.46
N GLU T 235 75.75 -17.06 -19.40
CA GLU T 235 76.98 -17.26 -18.60
C GLU T 235 76.92 -18.64 -17.91
N ALA T 236 75.76 -19.06 -17.42
CA ALA T 236 75.64 -20.40 -16.86
C ALA T 236 75.92 -21.50 -17.90
N GLU T 237 75.38 -21.38 -19.10
CA GLU T 237 75.64 -22.39 -20.15
C GLU T 237 77.11 -22.44 -20.49
N LYS T 238 77.72 -21.27 -20.64
CA LYS T 238 79.13 -21.21 -20.96
C LYS T 238 79.94 -21.87 -19.85
N TYR T 239 79.65 -21.57 -18.59
CA TYR T 239 80.30 -22.26 -17.47
C TYR T 239 80.14 -23.79 -17.56
N ALA T 240 78.92 -24.27 -17.81
CA ALA T 240 78.64 -25.72 -17.93
C ALA T 240 79.41 -26.40 -19.07
N LYS T 241 79.43 -25.73 -20.22
CA LYS T 241 80.07 -26.20 -21.44
C LYS T 241 81.60 -26.28 -21.27
N GLU T 242 82.23 -25.22 -20.78
CA GLU T 242 83.68 -25.24 -20.55
C GLU T 242 84.03 -26.22 -19.40
N SER T 243 83.18 -26.34 -18.40
CA SER T 243 83.33 -27.35 -17.35
C SER T 243 83.36 -28.79 -17.88
N LEU T 244 82.59 -29.04 -18.94
CA LEU T 244 82.57 -30.34 -19.67
C LEU T 244 83.85 -30.66 -20.49
N LYS T 245 84.43 -29.68 -21.19
CA LYS T 245 85.65 -29.87 -22.00
C LYS T 245 86.90 -29.71 -21.13
N SER U 2 36.92 -75.11 -4.82
CA SER U 2 37.41 -74.31 -3.64
C SER U 2 38.94 -74.50 -3.40
N ARG U 3 39.49 -73.80 -2.39
CA ARG U 3 40.94 -73.67 -2.10
C ARG U 3 41.66 -72.93 -3.26
N GLY U 4 41.56 -71.60 -3.24
CA GLY U 4 42.10 -70.74 -4.28
C GLY U 4 41.39 -70.74 -5.63
N SER U 5 40.12 -71.17 -5.71
CA SER U 5 39.39 -71.11 -6.97
C SER U 5 38.97 -69.69 -7.40
N SER U 6 38.73 -69.57 -8.68
CA SER U 6 38.42 -68.29 -9.30
C SER U 6 37.43 -68.46 -10.46
N ALA U 7 36.46 -67.56 -10.56
CA ALA U 7 35.56 -67.45 -11.74
C ALA U 7 35.41 -65.98 -12.20
N GLY U 8 35.28 -65.80 -13.50
CA GLY U 8 34.97 -64.52 -14.10
C GLY U 8 35.95 -63.47 -13.68
N PHE U 9 35.43 -62.35 -13.21
CA PHE U 9 36.25 -61.21 -12.89
C PHE U 9 36.60 -61.06 -11.40
N ASP U 10 36.57 -62.16 -10.63
CA ASP U 10 36.76 -62.07 -9.19
C ASP U 10 38.17 -61.78 -8.74
N ARG U 11 39.15 -61.78 -9.63
CA ARG U 11 40.49 -61.26 -9.28
C ARG U 11 40.74 -59.83 -9.66
N HIS U 12 39.79 -59.21 -10.35
CA HIS U 12 39.90 -57.85 -10.89
C HIS U 12 39.08 -56.76 -10.17
N ILE U 13 37.88 -57.13 -9.76
CA ILE U 13 36.97 -56.27 -9.05
C ILE U 13 36.51 -56.97 -7.79
N THR U 14 35.87 -56.23 -6.89
CA THR U 14 35.43 -56.69 -5.60
C THR U 14 34.10 -57.41 -5.66
N ILE U 15 34.08 -58.53 -6.37
CA ILE U 15 32.98 -59.48 -6.36
C ILE U 15 33.51 -60.73 -5.63
N PHE U 16 32.58 -61.54 -5.11
CA PHE U 16 32.93 -62.80 -4.47
C PHE U 16 33.55 -63.87 -5.36
N SER U 17 34.60 -64.50 -4.88
CA SER U 17 35.14 -65.72 -5.47
C SER U 17 34.23 -66.88 -5.05
N PRO U 18 34.44 -68.06 -5.62
CA PRO U 18 33.59 -69.20 -5.25
C PRO U 18 33.69 -69.64 -3.81
N GLU U 19 34.80 -69.37 -3.15
CA GLU U 19 34.92 -69.61 -1.73
C GLU U 19 34.36 -68.45 -0.88
N GLY U 20 33.89 -67.37 -1.49
CA GLY U 20 33.39 -66.24 -0.72
C GLY U 20 34.45 -65.26 -0.32
N ARG U 21 35.59 -65.26 -0.99
CA ARG U 21 36.67 -64.32 -0.74
C ARG U 21 36.58 -63.10 -1.65
N LEU U 22 37.29 -62.03 -1.28
CA LEU U 22 37.43 -60.82 -2.08
C LEU U 22 38.90 -60.66 -2.36
N TYR U 23 39.35 -61.20 -3.48
CA TYR U 23 40.76 -61.17 -3.83
C TYR U 23 41.34 -59.77 -3.85
N GLN U 24 40.56 -58.80 -4.39
CA GLN U 24 41.04 -57.43 -4.55
C GLN U 24 41.34 -56.80 -3.17
N VAL U 25 40.55 -57.18 -2.16
CA VAL U 25 40.79 -56.77 -0.79
C VAL U 25 42.06 -57.43 -0.25
N GLU U 26 42.21 -58.72 -0.47
CA GLU U 26 43.42 -59.44 -0.06
C GLU U 26 44.63 -58.78 -0.71
N TYR U 27 44.52 -58.39 -1.97
CA TYR U 27 45.66 -57.77 -2.64
C TYR U 27 46.00 -56.39 -2.10
N ALA U 28 45.00 -55.70 -1.57
CA ALA U 28 45.25 -54.41 -0.94
C ALA U 28 46.09 -54.55 0.34
N PHE U 29 45.98 -55.68 1.02
CA PHE U 29 46.83 -55.98 2.16
C PHE U 29 48.28 -56.16 1.71
N LYS U 30 48.50 -56.81 0.58
CA LYS U 30 49.86 -56.93 0.06
C LYS U 30 50.44 -55.56 -0.33
N ALA U 31 49.59 -54.67 -0.84
CA ALA U 31 50.02 -53.32 -1.20
C ALA U 31 50.57 -52.57 0.06
N ILE U 32 50.03 -52.86 1.23
CA ILE U 32 50.54 -52.28 2.49
C ILE U 32 52.04 -52.54 2.65
N ASN U 33 52.48 -53.73 2.29
CA ASN U 33 53.87 -54.14 2.44
C ASN U 33 54.81 -53.62 1.34
N GLN U 34 54.27 -53.11 0.22
CA GLN U 34 55.13 -52.56 -0.85
C GLN U 34 56.09 -51.49 -0.32
N GLY U 35 55.62 -50.64 0.57
CA GLY U 35 56.45 -49.61 1.19
C GLY U 35 57.60 -50.07 2.07
N GLY U 36 57.61 -51.34 2.46
CA GLY U 36 58.75 -51.92 3.18
C GLY U 36 58.91 -51.48 4.63
N LEU U 37 57.90 -50.87 5.23
CA LEU U 37 57.97 -50.33 6.57
C LEU U 37 57.04 -51.07 7.54
N THR U 38 57.39 -50.94 8.82
CA THR U 38 56.65 -51.54 9.94
C THR U 38 56.43 -50.46 11.03
N SER U 39 55.21 -50.46 11.59
CA SER U 39 54.80 -49.53 12.64
C SER U 39 54.27 -50.36 13.82
N VAL U 40 54.43 -49.80 15.03
CA VAL U 40 54.01 -50.41 16.28
C VAL U 40 53.30 -49.38 17.18
N ALA U 41 52.25 -49.81 17.87
CA ALA U 41 51.59 -48.94 18.80
C ALA U 41 51.31 -49.68 20.08
N VAL U 42 51.43 -49.00 21.22
CA VAL U 42 51.10 -49.64 22.53
C VAL U 42 50.43 -48.65 23.48
N ARG U 43 49.48 -49.18 24.26
CA ARG U 43 48.74 -48.38 25.22
C ARG U 43 49.04 -48.94 26.65
N GLY U 44 49.19 -48.04 27.60
CA GLY U 44 49.19 -48.39 29.02
C GLY U 44 48.10 -47.60 29.69
N LYS U 45 48.16 -47.56 31.01
CA LYS U 45 47.19 -46.83 31.79
C LYS U 45 47.34 -45.34 31.59
N ASP U 46 48.56 -44.85 31.44
CA ASP U 46 48.82 -43.41 31.43
C ASP U 46 48.97 -42.81 30.03
N ALA U 48 49.52 -43.60 25.44
CA ALA U 48 49.57 -44.41 24.25
C ALA U 48 50.64 -43.85 23.35
N VAL U 49 51.31 -44.76 22.65
CA VAL U 49 52.49 -44.43 21.88
C VAL U 49 52.43 -45.11 20.51
N ILE U 50 52.92 -44.38 19.51
CA ILE U 50 53.11 -44.90 18.17
C ILE U 50 54.59 -44.75 17.86
N VAL U 51 55.18 -45.80 17.27
CA VAL U 51 56.54 -45.74 16.74
C VAL U 51 56.57 -46.37 15.36
N THR U 52 57.31 -45.78 14.44
CA THR U 52 57.46 -46.32 13.10
C THR U 52 58.88 -46.11 12.62
N GLN U 53 59.26 -46.86 11.59
CA GLN U 53 60.55 -46.66 10.93
C GLN U 53 60.55 -45.38 10.14
N LYS U 54 61.69 -44.74 10.10
CA LYS U 54 61.87 -43.55 9.30
C LYS U 54 63.05 -43.83 8.43
N LYS U 55 62.83 -44.08 7.15
CA LYS U 55 63.91 -44.34 6.21
C LYS U 55 64.07 -43.11 5.32
N VAL U 56 65.22 -42.44 5.43
CA VAL U 56 65.64 -41.35 4.54
C VAL U 56 66.89 -41.87 3.78
N PRO U 57 66.68 -42.75 2.77
CA PRO U 57 67.85 -43.25 2.02
C PRO U 57 68.64 -42.11 1.36
N ASP U 58 67.90 -41.22 0.71
CA ASP U 58 68.48 -40.14 -0.08
C ASP U 58 69.32 -39.09 0.72
N LYS U 59 68.72 -38.16 1.44
CA LYS U 59 69.46 -37.00 2.04
C LYS U 59 69.42 -35.76 1.13
N LEU U 60 69.06 -35.95 -0.15
CA LEU U 60 68.57 -34.85 -0.94
C LEU U 60 67.14 -34.53 -0.52
N LEU U 61 66.52 -35.43 0.24
CA LEU U 61 65.24 -35.21 0.88
C LEU U 61 65.33 -34.21 2.00
N ASP U 62 64.28 -33.42 2.19
CA ASP U 62 64.13 -32.59 3.38
C ASP U 62 63.51 -33.55 4.39
N SER U 63 64.33 -34.12 5.26
CA SER U 63 63.88 -35.22 6.12
C SER U 63 62.74 -34.84 7.08
N SER U 64 62.61 -33.55 7.38
CA SER U 64 61.47 -33.08 8.17
C SER U 64 60.12 -33.31 7.45
N THR U 65 60.11 -33.48 6.12
CA THR U 65 58.86 -33.73 5.43
C THR U 65 58.63 -35.22 5.25
N VAL U 66 59.57 -36.07 5.71
CA VAL U 66 59.39 -37.50 5.62
C VAL U 66 58.87 -37.99 6.94
N THR U 67 57.59 -38.26 6.98
CA THR U 67 56.96 -38.72 8.20
C THR U 67 55.73 -39.55 7.84
N HIS U 68 55.44 -40.50 8.68
CA HIS U 68 54.20 -41.26 8.66
C HIS U 68 53.32 -41.01 9.88
N LEU U 69 53.67 -40.00 10.69
CA LEU U 69 52.89 -39.59 11.85
C LEU U 69 52.06 -38.33 11.47
N PHE U 70 50.79 -38.33 11.82
CA PHE U 70 49.96 -37.19 11.51
C PHE U 70 49.08 -36.82 12.66
N LYS U 71 48.96 -35.51 12.84
CA LYS U 71 47.95 -34.94 13.71
C LYS U 71 46.58 -34.95 13.00
N ILE U 72 45.57 -35.51 13.66
CA ILE U 72 44.21 -35.53 13.13
C ILE U 72 43.39 -34.39 13.74
N THR U 73 43.43 -34.27 15.06
CA THR U 73 42.95 -33.15 15.83
C THR U 73 44.11 -32.84 16.80
N GLU U 74 43.95 -31.84 17.67
CA GLU U 74 44.95 -31.58 18.69
C GLU U 74 45.20 -32.82 19.58
N ASN U 75 44.15 -33.60 19.84
CA ASN U 75 44.18 -34.76 20.74
C ASN U 75 44.15 -36.15 20.11
N ILE U 76 44.18 -36.26 18.80
CA ILE U 76 44.26 -37.53 18.15
C ILE U 76 45.41 -37.53 17.18
N GLY U 77 46.26 -38.54 17.36
CA GLY U 77 47.41 -38.76 16.50
C GLY U 77 47.24 -40.02 15.69
N CYS U 78 48.07 -40.13 14.66
CA CYS U 78 47.98 -41.30 13.82
C CYS U 78 49.28 -41.68 13.13
N VAL U 79 49.47 -42.99 12.97
CA VAL U 79 50.53 -43.49 12.13
C VAL U 79 49.89 -44.23 10.96
N MET U 80 50.39 -43.93 9.77
CA MET U 80 49.97 -44.56 8.52
CA MET U 80 49.98 -44.55 8.50
C MET U 80 51.02 -45.54 8.00
N THR U 81 50.56 -46.67 7.48
CA THR U 81 51.44 -47.69 6.94
C THR U 81 50.85 -48.17 5.60
N GLY U 82 51.70 -48.23 4.59
CA GLY U 82 51.33 -48.70 3.28
C GLY U 82 51.54 -47.64 2.25
N MET U 83 50.71 -47.65 1.22
CA MET U 83 50.90 -46.79 0.08
C MET U 83 50.75 -45.33 0.52
N THR U 84 51.71 -44.50 0.13
CA THR U 84 51.80 -43.16 0.70
C THR U 84 50.68 -42.21 0.34
N ALA U 85 50.44 -42.02 -0.95
CA ALA U 85 49.40 -41.11 -1.36
C ALA U 85 48.02 -41.61 -0.89
N ASP U 86 47.75 -42.90 -0.94
CA ASP U 86 46.54 -43.43 -0.32
C ASP U 86 46.44 -43.02 1.15
N SER U 87 47.55 -43.13 1.89
CA SER U 87 47.55 -42.79 3.30
C SER U 87 47.22 -41.28 3.57
N ARG U 88 47.85 -40.39 2.80
CA ARG U 88 47.67 -38.96 2.95
C ARG U 88 46.22 -38.60 2.70
N SER U 89 45.61 -39.30 1.76
CA SER U 89 44.20 -39.14 1.49
C SER U 89 43.33 -39.61 2.67
N GLN U 90 43.63 -40.74 3.24
CA GLN U 90 42.86 -41.22 4.36
C GLN U 90 43.06 -40.29 5.57
N VAL U 91 44.26 -39.73 5.73
CA VAL U 91 44.50 -38.74 6.78
C VAL U 91 43.60 -37.49 6.60
N GLN U 92 43.57 -36.95 5.39
CA GLN U 92 42.69 -35.79 5.10
C GLN U 92 41.22 -36.11 5.38
N ARG U 93 40.77 -37.28 5.01
CA ARG U 93 39.41 -37.65 5.32
C ARG U 93 39.12 -37.80 6.83
N ALA U 94 40.08 -38.34 7.56
CA ALA U 94 39.94 -38.40 9.03
C ALA U 94 39.87 -37.00 9.64
N ARG U 95 40.72 -36.10 9.16
CA ARG U 95 40.74 -34.73 9.65
C ARG U 95 39.37 -34.09 9.40
N TYR U 96 38.84 -34.33 8.21
CA TYR U 96 37.51 -33.79 7.84
C TYR U 96 36.42 -34.38 8.74
N GLU U 97 36.44 -35.67 8.95
CA GLU U 97 35.39 -36.33 9.75
C GLU U 97 35.37 -35.82 11.17
N ALA U 98 36.55 -35.61 11.75
CA ALA U 98 36.68 -35.16 13.11
C ALA U 98 36.24 -33.70 13.26
N ALA U 99 36.64 -32.87 12.30
CA ALA U 99 36.28 -31.46 12.37
C ALA U 99 34.75 -31.30 12.21
N ASN U 100 34.19 -32.08 11.33
CA ASN U 100 32.75 -32.09 11.12
C ASN U 100 31.96 -32.61 12.32
N TRP U 101 32.46 -33.67 12.95
CA TRP U 101 31.88 -34.15 14.18
C TRP U 101 31.78 -33.06 15.24
N LYS U 102 32.90 -32.38 15.47
CA LYS U 102 32.98 -31.31 16.45
C LYS U 102 32.01 -30.14 16.18
N TYR U 103 31.94 -29.75 14.91
CA TYR U 103 31.01 -28.75 14.48
C TYR U 103 29.51 -29.15 14.68
N LYS U 104 29.16 -30.37 14.35
CA LYS U 104 27.77 -30.85 14.49
C LYS U 104 27.34 -31.20 15.92
N TYR U 105 28.29 -31.69 16.72
CA TYR U 105 27.95 -32.30 18.02
C TYR U 105 28.50 -31.63 19.26
N GLY U 106 29.48 -30.75 19.07
CA GLY U 106 29.91 -29.86 20.11
C GLY U 106 30.92 -30.46 21.06
N TYR U 107 31.44 -31.63 20.75
CA TYR U 107 32.49 -32.27 21.55
C TYR U 107 33.40 -33.01 20.61
N GLU U 108 34.60 -33.30 21.06
CA GLU U 108 35.61 -33.95 20.22
C GLU U 108 35.21 -35.38 19.82
N ILE U 109 35.49 -35.77 18.60
CA ILE U 109 35.18 -37.14 18.19
C ILE U 109 35.97 -38.15 19.08
N PRO U 110 35.30 -39.17 19.67
CA PRO U 110 36.09 -40.25 20.31
C PRO U 110 36.93 -41.00 19.29
N VAL U 111 38.09 -41.52 19.72
CA VAL U 111 39.00 -42.23 18.81
C VAL U 111 38.30 -43.43 18.21
N ASP U 112 37.51 -44.16 19.01
CA ASP U 112 36.79 -45.31 18.49
C ASP U 112 35.80 -44.97 17.34
N MET U 113 35.13 -43.83 17.46
CA MET U 113 34.17 -43.37 16.45
C MET U 113 34.91 -42.91 15.21
N LEU U 114 36.04 -42.25 15.38
CA LEU U 114 36.81 -41.82 14.22
C LEU U 114 37.31 -43.05 13.43
N CYS U 115 37.85 -44.00 14.14
CA CYS U 115 38.33 -45.22 13.49
C CYS U 115 37.20 -45.95 12.76
N LYS U 116 36.08 -46.12 13.46
CA LYS U 116 34.90 -46.73 12.88
C LYS U 116 34.43 -46.01 11.63
N ARG U 117 34.40 -44.69 11.65
CA ARG U 117 33.94 -43.96 10.49
C ARG U 117 34.86 -44.20 9.30
N ILE U 118 36.15 -44.20 9.52
CA ILE U 118 37.12 -44.49 8.45
C ILE U 118 36.97 -45.92 7.93
N ALA U 119 36.83 -46.84 8.84
CA ALA U 119 36.55 -48.19 8.48
C ALA U 119 35.27 -48.39 7.67
N ASP U 120 34.20 -47.70 8.04
CA ASP U 120 32.94 -47.74 7.24
C ASP U 120 33.12 -47.16 5.83
N ILE U 121 33.96 -46.15 5.68
CA ILE U 121 34.23 -45.54 4.36
C ILE U 121 35.00 -46.55 3.52
N SER U 122 35.97 -47.24 4.13
CA SER U 122 36.75 -48.28 3.46
C SER U 122 35.89 -49.46 3.03
N GLN U 123 34.86 -49.75 3.82
CA GLN U 123 33.99 -50.85 3.48
C GLN U 123 33.34 -50.65 2.12
N VAL U 124 32.95 -49.42 1.84
CA VAL U 124 32.27 -49.09 0.55
C VAL U 124 33.13 -49.50 -0.66
N TYR U 125 34.43 -49.25 -0.56
CA TYR U 125 35.33 -49.68 -1.59
C TYR U 125 35.43 -51.22 -1.79
N THR U 126 35.07 -52.03 -0.79
CA THR U 126 35.09 -53.48 -0.92
C THR U 126 33.79 -54.02 -1.53
N GLN U 127 32.76 -53.18 -1.60
CA GLN U 127 31.43 -53.59 -2.12
C GLN U 127 31.02 -52.97 -3.44
N ASN U 128 31.63 -51.82 -3.79
CA ASN U 128 31.38 -51.13 -5.06
C ASN U 128 32.51 -51.34 -6.03
N ALA U 129 32.21 -51.76 -7.26
CA ALA U 129 33.23 -52.33 -8.16
C ALA U 129 34.15 -51.32 -8.86
N GLU U 130 33.73 -50.07 -8.91
CA GLU U 130 34.39 -49.08 -9.78
C GLU U 130 35.66 -48.39 -9.23
N MET U 131 35.96 -48.58 -7.95
CA MET U 131 37.19 -48.05 -7.36
C MET U 131 37.91 -49.14 -6.58
N ARG U 132 39.23 -49.03 -6.41
CA ARG U 132 39.94 -49.97 -5.56
C ARG U 132 39.90 -49.56 -4.09
N PRO U 133 40.15 -50.51 -3.21
CA PRO U 133 40.49 -50.18 -1.83
C PRO U 133 41.77 -49.40 -1.75
N LEU U 134 41.93 -48.63 -0.69
CA LEU U 134 43.22 -47.98 -0.40
C LEU U 134 44.19 -49.01 0.19
N GLY U 135 45.44 -48.97 -0.23
CA GLY U 135 46.43 -49.95 0.21
C GLY U 135 47.18 -49.44 1.42
N CYS U 136 46.45 -49.07 2.44
CA CYS U 136 47.04 -48.51 3.62
C CYS U 136 46.26 -48.91 4.83
N MET U 138 45.59 -47.57 9.04
CA MET U 138 45.65 -46.39 9.93
C MET U 138 45.62 -46.87 11.35
N ILE U 139 46.55 -46.37 12.15
CA ILE U 139 46.53 -46.61 13.58
C ILE U 139 46.33 -45.27 14.29
N LEU U 140 45.29 -45.17 15.12
CA LEU U 140 44.99 -43.95 15.83
C LEU U 140 45.29 -44.08 17.32
N ILE U 141 45.80 -43.01 17.93
CA ILE U 141 45.88 -42.89 19.40
C ILE U 141 45.20 -41.62 19.93
N GLY U 142 44.57 -41.75 21.10
CA GLY U 142 44.03 -40.61 21.83
C GLY U 142 43.60 -41.00 23.23
N ILE U 143 43.26 -40.00 24.04
CA ILE U 143 42.78 -40.21 25.39
C ILE U 143 41.25 -40.08 25.40
N ASP U 144 40.56 -41.10 25.88
CA ASP U 144 39.13 -41.00 26.17
C ASP U 144 38.95 -40.64 27.66
N GLU U 145 38.10 -39.66 27.96
CA GLU U 145 37.91 -39.18 29.36
C GLU U 145 37.55 -40.30 30.33
N GLU U 146 36.74 -41.25 29.87
CA GLU U 146 36.28 -42.37 30.69
C GLU U 146 37.11 -43.65 30.52
N GLN U 147 37.53 -44.01 29.30
CA GLN U 147 38.30 -45.28 29.08
C GLN U 147 39.87 -45.16 29.11
N GLY U 148 40.43 -43.98 29.32
CA GLY U 148 41.88 -43.82 29.32
C GLY U 148 42.48 -43.83 27.92
N PRO U 149 43.80 -44.04 27.83
CA PRO U 149 44.46 -44.07 26.52
C PRO U 149 43.88 -45.15 25.61
N GLN U 150 43.84 -44.84 24.32
CA GLN U 150 43.29 -45.74 23.31
C GLN U 150 44.19 -45.89 22.11
N VAL U 151 44.24 -47.11 21.57
CA VAL U 151 44.84 -47.35 20.26
C VAL U 151 43.86 -48.19 19.45
N TYR U 152 43.58 -47.66 18.26
CA TYR U 152 42.66 -48.27 17.34
C TYR U 152 43.36 -48.42 16.03
N LYS U 153 43.00 -49.47 15.31
CA LYS U 153 43.55 -49.72 13.98
C LYS U 153 42.42 -50.07 13.05
N CYS U 154 42.46 -49.53 11.84
CA CYS U 154 41.56 -50.06 10.80
C CYS U 154 42.35 -50.40 9.51
N ASP U 155 41.73 -51.18 8.63
CA ASP U 155 42.43 -51.81 7.53
C ASP U 155 41.65 -51.72 6.18
N PRO U 156 42.24 -52.17 5.08
CA PRO U 156 41.51 -52.00 3.79
C PRO U 156 40.22 -52.83 3.66
N ALA U 157 40.01 -53.83 4.51
CA ALA U 157 38.78 -54.58 4.49
C ALA U 157 37.66 -53.85 5.17
N GLY U 158 37.98 -52.73 5.84
CA GLY U 158 36.99 -52.07 6.66
C GLY U 158 36.81 -52.71 8.04
N TYR U 159 37.70 -53.62 8.43
CA TYR U 159 37.74 -54.07 9.83
C TYR U 159 38.42 -53.00 10.69
N TYR U 160 38.00 -52.95 11.96
CA TYR U 160 38.72 -52.12 12.95
C TYR U 160 38.58 -52.73 14.33
N GLY U 162 39.95 -51.90 18.69
CA GLY U 162 40.82 -51.33 19.71
C GLY U 162 41.78 -52.40 20.25
N PHE U 163 42.94 -51.96 20.67
CA PHE U 163 44.04 -52.85 21.01
C PHE U 163 44.78 -52.42 22.27
N LYS U 164 45.36 -53.40 22.94
CA LYS U 164 46.33 -53.14 24.00
C LYS U 164 47.67 -52.75 23.39
N ALA U 165 47.99 -53.41 22.27
CA ALA U 165 49.09 -53.05 21.41
C ALA U 165 48.86 -53.68 20.08
N THR U 166 49.50 -53.14 19.07
CA THR U 166 49.36 -53.68 17.71
C THR U 166 50.46 -53.19 16.80
N ALA U 167 50.42 -53.71 15.58
CA ALA U 167 51.41 -53.36 14.57
C ALA U 167 50.82 -53.39 13.21
N ALA U 168 51.59 -52.89 12.26
CA ALA U 168 51.21 -52.89 10.85
C ALA U 168 52.46 -52.96 10.00
N GLY U 169 52.30 -53.47 8.78
CA GLY U 169 53.38 -53.51 7.79
C GLY U 169 54.12 -54.83 7.73
N VAL U 170 55.35 -54.77 7.23
CA VAL U 170 56.09 -55.95 6.76
C VAL U 170 56.32 -56.96 7.89
N LYS U 171 56.74 -56.50 9.07
CA LYS U 171 56.95 -57.37 10.29
C LYS U 171 55.76 -57.38 11.28
N GLN U 172 54.54 -57.23 10.76
CA GLN U 172 53.33 -57.20 11.59
C GLN U 172 53.14 -58.46 12.43
N THR U 173 53.28 -59.62 11.81
CA THR U 173 53.08 -60.92 12.52
C THR U 173 54.13 -61.18 13.62
N GLU U 174 55.39 -60.81 13.35
CA GLU U 174 56.49 -60.94 14.32
C GLU U 174 56.28 -59.98 15.50
N SER U 175 55.86 -58.75 15.20
CA SER U 175 55.48 -57.77 16.23
C SER U 175 54.32 -58.24 17.07
N THR U 176 53.29 -58.77 16.42
CA THR U 176 52.16 -59.39 17.13
C THR U 176 52.54 -60.49 18.11
N SER U 177 53.45 -61.41 17.70
CA SER U 177 53.98 -62.45 18.60
C SER U 177 54.81 -61.87 19.74
N PHE U 178 55.70 -60.92 19.43
CA PHE U 178 56.50 -60.25 20.45
C PHE U 178 55.57 -59.65 21.52
N LEU U 179 54.56 -58.92 21.06
CA LEU U 179 53.70 -58.16 21.96
C LEU U 179 52.77 -59.10 22.73
N GLU U 180 52.21 -60.12 22.08
CA GLU U 180 51.43 -61.15 22.77
C GLU U 180 52.22 -61.79 23.91
N LYS U 181 53.46 -62.24 23.63
CA LYS U 181 54.33 -62.84 24.66
C LYS U 181 54.56 -61.86 25.80
N LYS U 182 54.71 -60.58 25.50
CA LYS U 182 54.89 -59.55 26.55
C LYS U 182 53.59 -59.17 27.29
N VAL U 183 52.53 -58.84 26.56
CA VAL U 183 51.23 -58.54 27.19
C VAL U 183 50.66 -59.69 28.09
N LYS U 184 51.16 -60.94 27.95
CA LYS U 184 50.63 -62.09 28.71
C LYS U 184 50.93 -62.05 30.21
N LYS U 185 52.10 -61.51 30.58
CA LYS U 185 52.47 -61.29 31.98
C LYS U 185 51.64 -60.18 32.67
N LYS U 186 51.47 -60.32 33.99
CA LYS U 186 50.73 -59.40 34.88
C LYS U 186 51.65 -58.51 35.75
N GLN U 193 56.69 -49.72 30.88
CA GLN U 193 57.11 -48.59 30.10
C GLN U 193 56.61 -48.73 28.66
N THR U 194 55.59 -47.94 28.31
CA THR U 194 54.92 -48.13 27.03
C THR U 194 55.85 -47.73 25.88
N VAL U 195 56.60 -46.64 26.05
CA VAL U 195 57.49 -46.16 24.99
C VAL U 195 58.62 -47.17 24.79
N GLU U 196 59.15 -47.71 25.88
CA GLU U 196 60.22 -48.70 25.77
C GLU U 196 59.76 -50.04 25.13
N THR U 197 58.56 -50.51 25.48
CA THR U 197 58.00 -51.70 24.81
C THR U 197 57.89 -51.50 23.30
N ALA U 198 57.32 -50.37 22.87
CA ALA U 198 57.14 -50.10 21.43
C ALA U 198 58.45 -50.10 20.65
N ILE U 199 59.44 -49.38 21.17
CA ILE U 199 60.70 -49.23 20.42
C ILE U 199 61.52 -50.57 20.49
N THR U 200 61.48 -51.28 21.62
CA THR U 200 62.06 -52.67 21.75
C THR U 200 61.41 -53.66 20.78
N CYS U 201 60.08 -53.69 20.72
CA CYS U 201 59.35 -54.56 19.79
C CYS U 201 59.81 -54.30 18.38
N LEU U 202 59.86 -53.04 18.01
CA LEU U 202 60.29 -52.68 16.68
C LEU U 202 61.74 -53.10 16.42
N SER U 203 62.61 -52.84 17.37
CA SER U 203 64.03 -53.15 17.23
C SER U 203 64.30 -54.66 17.18
N THR U 204 63.49 -55.46 17.88
CA THR U 204 63.62 -56.91 17.85
C THR U 204 63.25 -57.46 16.50
N VAL U 205 62.06 -57.14 16.04
CA VAL U 205 61.56 -57.77 14.83
C VAL U 205 62.32 -57.33 13.59
N LEU U 206 62.94 -56.15 13.61
CA LEU U 206 63.82 -55.70 12.50
C LEU U 206 65.29 -56.06 12.70
N SER U 207 65.70 -56.35 13.93
CA SER U 207 67.12 -56.54 14.29
C SER U 207 67.97 -55.33 13.90
N ILE U 208 67.64 -54.14 14.39
CA ILE U 208 68.40 -52.96 14.00
C ILE U 208 69.18 -52.30 15.14
N ASP U 209 68.55 -51.95 16.26
CA ASP U 209 69.22 -51.13 17.32
C ASP U 209 69.43 -49.71 16.77
N PHE U 210 68.45 -48.85 17.02
CA PHE U 210 68.20 -47.65 16.22
C PHE U 210 69.07 -46.47 16.58
N LYS U 211 69.28 -45.59 15.61
CA LYS U 211 69.73 -44.22 15.88
C LYS U 211 68.48 -43.37 16.06
N PRO U 212 68.60 -42.21 16.74
CA PRO U 212 67.38 -41.41 16.95
C PRO U 212 66.71 -40.87 15.66
N SER U 213 67.47 -40.71 14.58
CA SER U 213 66.97 -40.30 13.28
C SER U 213 66.33 -41.43 12.40
N GLU U 214 66.36 -42.68 12.88
CA GLU U 214 65.76 -43.81 12.15
C GLU U 214 64.36 -44.24 12.60
N ILE U 215 63.81 -43.60 13.63
CA ILE U 215 62.44 -43.85 14.04
C ILE U 215 61.72 -42.55 14.33
N GLU U 216 60.40 -42.58 14.30
CA GLU U 216 59.59 -41.47 14.75
C GLU U 216 58.70 -42.01 15.83
N VAL U 217 58.39 -41.14 16.79
CA VAL U 217 57.58 -41.50 17.94
C VAL U 217 56.60 -40.40 18.21
N GLY U 218 55.37 -40.81 18.48
CA GLY U 218 54.34 -39.90 18.90
C GLY U 218 53.61 -40.44 20.09
N VAL U 219 53.07 -39.53 20.91
CA VAL U 219 52.46 -39.86 22.22
C VAL U 219 51.23 -39.02 22.57
N VAL U 220 50.31 -39.64 23.32
CA VAL U 220 49.29 -38.94 24.06
C VAL U 220 49.33 -39.48 25.50
N THR U 221 49.11 -38.62 26.50
CA THR U 221 49.07 -39.02 27.90
C THR U 221 47.85 -38.44 28.61
N VAL U 222 47.47 -39.08 29.70
CA VAL U 222 46.33 -38.62 30.50
C VAL U 222 46.63 -37.22 31.07
N GLU U 223 47.88 -37.00 31.46
CA GLU U 223 48.39 -35.66 31.82
C GLU U 223 48.40 -34.64 30.72
N ASN U 224 48.82 -35.07 29.53
CA ASN U 224 49.00 -34.17 28.39
C ASN U 224 48.34 -34.83 27.21
N PRO U 225 47.01 -34.65 27.07
CA PRO U 225 46.31 -35.36 26.00
C PRO U 225 46.63 -34.86 24.59
N LYS U 226 47.25 -33.69 24.43
CA LYS U 226 47.57 -33.15 23.08
C LYS U 226 48.60 -34.10 22.45
N PHE U 227 48.33 -34.55 21.23
CA PHE U 227 49.24 -35.42 20.48
C PHE U 227 50.57 -34.71 20.34
N ARG U 228 51.66 -35.39 20.72
CA ARG U 228 53.00 -34.85 20.66
C ARG U 228 53.95 -35.76 19.84
N ILE U 229 54.75 -35.17 18.97
CA ILE U 229 55.77 -35.89 18.24
C ILE U 229 57.08 -35.61 18.97
N LEU U 230 57.80 -36.68 19.30
CA LEU U 230 59.08 -36.53 19.98
C LEU U 230 60.11 -35.99 19.02
N THR U 231 60.98 -35.14 19.56
CA THR U 231 62.18 -34.68 18.89
C THR U 231 63.24 -35.81 18.93
N GLU U 232 64.26 -35.63 18.12
CA GLU U 232 65.41 -36.53 18.05
C GLU U 232 66.07 -36.72 19.40
N ALA U 233 66.29 -35.60 20.08
CA ALA U 233 66.88 -35.59 21.38
C ALA U 233 66.01 -36.36 22.36
N GLU U 234 64.70 -36.13 22.31
CA GLU U 234 63.79 -36.84 23.21
C GLU U 234 63.81 -38.35 22.97
N ILE U 235 63.86 -38.72 21.71
CA ILE U 235 63.95 -40.14 21.32
C ILE U 235 65.28 -40.74 21.79
N ASP U 236 66.35 -39.98 21.59
CA ASP U 236 67.70 -40.41 21.97
C ASP U 236 67.75 -40.72 23.45
N ALA U 237 67.08 -39.91 24.27
CA ALA U 237 67.07 -40.16 25.71
C ALA U 237 66.48 -41.55 26.00
N HIS U 238 65.43 -41.94 25.26
CA HIS U 238 64.86 -43.27 25.44
C HIS U 238 65.77 -44.37 24.93
N LEU U 239 66.43 -44.16 23.80
CA LEU U 239 67.37 -45.14 23.29
C LEU U 239 68.55 -45.40 24.20
N VAL U 240 68.99 -44.36 24.91
CA VAL U 240 70.12 -44.41 25.82
C VAL U 240 69.70 -45.11 27.13
N ALA U 241 68.51 -44.78 27.65
CA ALA U 241 67.98 -45.44 28.85
C ALA U 241 67.81 -46.94 28.64
N LEU U 242 67.44 -47.32 27.43
CA LEU U 242 67.36 -48.73 27.07
C LEU U 242 68.72 -49.40 26.92
N ALA U 243 69.61 -48.75 26.18
CA ALA U 243 70.99 -49.22 25.99
C ALA U 243 71.71 -49.64 27.30
N GLU U 244 71.43 -48.91 28.38
CA GLU U 244 72.03 -49.13 29.68
C GLU U 244 71.18 -50.08 30.55
N ARG U 245 70.20 -50.74 29.91
CA ARG U 245 69.44 -51.92 30.40
C ARG U 245 69.20 -51.89 31.88
N THR V 1 1.75 -20.28 27.29
CA THR V 1 2.67 -21.25 27.89
C THR V 1 3.61 -20.59 28.86
N THR V 2 3.90 -21.32 29.93
CA THR V 2 4.97 -20.97 30.84
C THR V 2 5.84 -22.20 31.02
N ILE V 3 7.10 -22.09 30.60
CA ILE V 3 8.09 -23.13 30.75
C ILE V 3 9.34 -22.49 31.38
N ALA V 4 10.02 -23.30 32.16
CA ALA V 4 11.15 -22.81 32.93
C ALA V 4 12.07 -23.94 33.36
N GLY V 5 13.25 -23.54 33.79
CA GLY V 5 14.25 -24.46 34.19
C GLY V 5 15.29 -23.79 35.05
N VAL V 6 15.88 -24.60 35.91
CA VAL V 6 16.81 -24.17 36.91
C VAL V 6 17.91 -25.24 37.01
N VAL V 7 19.14 -24.82 37.21
CA VAL V 7 20.20 -25.71 37.64
C VAL V 7 20.27 -25.69 39.17
N TYR V 8 20.20 -26.86 39.80
CA TYR V 8 20.34 -26.96 41.28
C TYR V 8 21.63 -27.69 41.60
N LYS V 9 21.89 -27.90 42.92
CA LYS V 9 23.19 -28.39 43.37
C LYS V 9 23.61 -29.62 42.54
N ASP V 10 22.66 -30.56 42.43
CA ASP V 10 22.89 -31.91 41.86
C ASP V 10 22.27 -32.20 40.51
N GLY V 11 21.75 -31.19 39.86
CA GLY V 11 21.00 -31.44 38.63
C GLY V 11 20.22 -30.28 38.05
N ILE V 12 19.15 -30.66 37.35
CA ILE V 12 18.24 -29.78 36.67
C ILE V 12 16.82 -30.03 37.19
N VAL V 13 16.06 -28.95 37.36
CA VAL V 13 14.59 -29.04 37.44
C VAL V 13 13.98 -28.26 36.29
N LEU V 14 13.15 -28.95 35.48
CA LEU V 14 12.34 -28.34 34.41
C LEU V 14 10.89 -28.27 34.84
N GLY V 15 10.21 -27.25 34.33
CA GLY V 15 8.78 -27.05 34.67
C GLY V 15 7.95 -26.58 33.53
N ALA V 16 6.65 -26.88 33.62
CA ALA V 16 5.71 -26.37 32.62
C ALA V 16 4.29 -26.39 33.05
N ASP V 17 3.48 -25.53 32.44
CA ASP V 17 2.05 -25.55 32.57
C ASP V 17 1.46 -26.52 31.57
N THR V 18 0.13 -26.68 31.57
CA THR V 18 -0.50 -27.66 30.73
C THR V 18 -1.61 -27.13 29.84
N ARG V 19 -1.68 -25.81 29.63
CA ARG V 19 -2.70 -25.24 28.76
C ARG V 19 -2.20 -25.11 27.32
N ALA V 20 -3.02 -25.55 26.37
CA ALA V 20 -2.84 -25.10 24.95
C ALA V 20 -4.03 -24.34 24.47
N THR V 21 -3.80 -23.27 23.75
CA THR V 21 -4.87 -22.44 23.25
C THR V 21 -4.89 -22.34 21.71
N GLU V 22 -6.07 -22.07 21.18
CA GLU V 22 -6.33 -21.93 19.77
C GLU V 22 -7.11 -20.64 19.78
N GLY V 23 -6.55 -19.59 19.19
CA GLY V 23 -7.08 -18.24 19.41
C GLY V 23 -6.99 -17.90 20.88
N MET V 24 -8.02 -17.29 21.41
CA MET V 24 -8.08 -17.08 22.87
C MET V 24 -9.07 -18.10 23.51
N VAL V 25 -9.05 -19.33 23.01
CA VAL V 25 -9.84 -20.46 23.55
C VAL V 25 -8.92 -21.58 23.98
N VAL V 26 -9.16 -22.13 25.14
CA VAL V 26 -8.43 -23.31 25.61
C VAL V 26 -8.85 -24.54 24.82
N ALA V 27 -7.88 -25.15 24.17
CA ALA V 27 -8.08 -26.37 23.36
C ALA V 27 -7.71 -27.56 24.22
N ASP V 28 -6.57 -27.51 24.90
CA ASP V 28 -6.18 -28.60 25.76
C ASP V 28 -5.91 -28.09 27.13
N LYS V 29 -6.55 -28.73 28.09
CA LYS V 29 -6.33 -28.49 29.50
C LYS V 29 -5.19 -29.25 30.12
N ASN V 30 -4.67 -30.25 29.42
CA ASN V 30 -3.64 -31.13 29.97
C ASN V 30 -2.63 -31.56 28.94
N CYS V 31 -2.12 -30.58 28.26
CA CYS V 31 -1.12 -30.76 27.28
C CYS V 31 0.17 -31.15 28.00
N SER V 32 0.97 -32.07 27.47
CA SER V 32 2.33 -32.33 28.03
C SER V 32 3.44 -31.54 27.30
N LYS V 33 4.11 -30.63 27.98
CA LYS V 33 5.07 -29.72 27.33
C LYS V 33 6.52 -30.04 27.66
N ILE V 34 6.73 -31.01 28.55
CA ILE V 34 8.07 -31.47 28.84
C ILE V 34 8.36 -32.75 28.04
N HIS V 35 9.20 -32.65 27.00
CA HIS V 35 9.52 -33.71 26.06
C HIS V 35 10.83 -34.48 26.33
N PHE V 36 10.74 -35.79 26.16
CA PHE V 36 11.89 -36.68 26.18
C PHE V 36 12.83 -36.35 25.03
N ILE V 37 14.12 -36.21 25.36
CA ILE V 37 15.18 -36.12 24.37
C ILE V 37 16.04 -37.38 24.43
N SER V 38 16.55 -37.69 25.61
CA SER V 38 17.23 -38.92 25.86
C SER V 38 17.05 -39.31 27.35
N PRO V 39 17.50 -40.49 27.78
CA PRO V 39 17.17 -40.76 29.23
C PRO V 39 17.69 -39.65 30.21
N ASN V 40 18.76 -38.93 29.85
CA ASN V 40 19.34 -37.91 30.71
C ASN V 40 19.09 -36.47 30.27
N ILE V 41 18.24 -36.30 29.25
CA ILE V 41 17.97 -34.97 28.70
C ILE V 41 16.48 -34.80 28.34
N TYR V 42 15.85 -33.79 28.90
CA TYR V 42 14.52 -33.40 28.54
C TYR V 42 14.53 -31.94 27.97
N CYS V 43 13.39 -31.56 27.41
CA CYS V 43 13.23 -30.30 26.72
C CYS V 43 11.77 -29.79 26.82
N CYS V 44 11.57 -28.63 27.47
CA CYS V 44 10.25 -28.01 27.53
C CYS V 44 10.03 -27.26 26.25
N GLY V 45 8.79 -27.25 25.75
CA GLY V 45 8.51 -26.52 24.50
C GLY V 45 7.37 -25.52 24.57
N ALA V 46 7.63 -24.34 23.98
CA ALA V 46 6.65 -23.27 23.85
C ALA V 46 6.64 -22.85 22.37
N GLY V 47 5.59 -22.19 21.94
CA GLY V 47 5.52 -21.62 20.56
C GLY V 47 4.51 -22.42 19.81
N THR V 48 4.78 -22.71 18.56
CA THR V 48 3.83 -23.48 17.71
C THR V 48 3.90 -24.98 18.08
N ALA V 49 2.79 -25.55 18.49
CA ALA V 49 2.77 -26.87 19.07
C ALA V 49 3.29 -27.93 18.13
N ALA V 50 2.88 -27.93 16.86
CA ALA V 50 3.34 -28.94 15.92
C ALA V 50 4.85 -28.82 15.76
N ASP V 51 5.37 -27.60 15.75
CA ASP V 51 6.80 -27.42 15.59
C ASP V 51 7.60 -27.87 16.82
N THR V 52 7.13 -27.63 18.02
CA THR V 52 7.91 -28.07 19.21
C THR V 52 7.89 -29.61 19.29
N ASP V 53 6.72 -30.19 19.05
CA ASP V 53 6.55 -31.64 18.97
C ASP V 53 7.46 -32.30 17.93
N MET V 54 7.42 -31.82 16.69
CA MET V 54 8.21 -32.45 15.65
C MET V 54 9.70 -32.22 15.74
N THR V 55 10.09 -31.04 16.17
CA THR V 55 11.51 -30.73 16.38
C THR V 55 12.12 -31.59 17.49
N THR V 56 11.51 -31.65 18.67
CA THR V 56 12.08 -32.46 19.75
C THR V 56 12.13 -33.95 19.38
N GLN V 57 11.09 -34.49 18.73
CA GLN V 57 11.03 -35.90 18.31
C GLN V 57 12.16 -36.17 17.33
N LEU V 58 12.40 -35.25 16.38
CA LEU V 58 13.46 -35.45 15.42
C LEU V 58 14.85 -35.48 16.08
N ILE V 59 15.13 -34.50 16.91
CA ILE V 59 16.42 -34.45 17.57
C ILE V 59 16.57 -35.66 18.58
N SER V 60 15.51 -36.05 19.26
CA SER V 60 15.57 -37.20 20.18
C SER V 60 15.96 -38.45 19.37
N SER V 61 15.29 -38.66 18.26
CA SER V 61 15.57 -39.77 17.40
C SER V 61 17.01 -39.79 16.81
N ASN V 62 17.48 -38.64 16.27
CA ASN V 62 18.84 -38.58 15.81
C ASN V 62 19.81 -38.81 16.96
N LEU V 63 19.50 -38.30 18.13
CA LEU V 63 20.34 -38.54 19.32
C LEU V 63 20.40 -40.00 19.76
N GLU V 64 19.29 -40.71 19.57
CA GLU V 64 19.22 -42.13 19.85
C GLU V 64 20.15 -42.85 18.88
N LEU V 65 20.15 -42.47 17.60
CA LEU V 65 21.10 -43.00 16.62
C LEU V 65 22.54 -42.70 17.02
N HIS V 66 22.79 -41.48 17.45
CA HIS V 66 24.11 -41.08 17.92
C HIS V 66 24.57 -41.99 19.11
N SER V 67 23.74 -42.14 20.14
CA SER V 67 24.15 -42.95 21.35
C SER V 67 24.22 -44.43 21.14
N LEU V 68 23.34 -44.97 20.27
CA LEU V 68 23.45 -46.38 19.85
C LEU V 68 24.82 -46.64 19.19
N SER V 69 25.30 -45.66 18.47
CA SER V 69 26.53 -45.77 17.77
C SER V 69 27.72 -45.58 18.71
N THR V 70 27.68 -44.58 19.58
CA THR V 70 28.83 -44.28 20.43
C THR V 70 28.89 -45.23 21.62
N GLY V 71 27.77 -45.90 21.93
CA GLY V 71 27.61 -46.67 23.15
C GLY V 71 27.61 -45.81 24.42
N ARG V 72 27.46 -44.50 24.31
CA ARG V 72 27.54 -43.57 25.47
C ARG V 72 26.23 -42.80 25.60
N LEU V 73 26.06 -42.28 26.79
CA LEU V 73 24.99 -41.38 27.07
C LEU V 73 25.24 -40.03 26.34
N PRO V 74 24.22 -39.47 25.76
CA PRO V 74 24.48 -38.24 25.03
C PRO V 74 24.77 -37.03 25.89
N ARG V 75 25.37 -36.04 25.26
CA ARG V 75 25.67 -34.77 25.90
C ARG V 75 24.63 -33.70 25.60
N VAL V 76 24.39 -32.82 26.58
CA VAL V 76 23.43 -31.74 26.42
C VAL V 76 23.91 -30.78 25.32
N VAL V 77 25.22 -30.52 25.24
CA VAL V 77 25.76 -29.67 24.17
C VAL V 77 25.39 -30.20 22.76
N THR V 78 25.30 -31.49 22.61
CA THR V 78 24.94 -32.10 21.35
C THR V 78 23.49 -31.86 20.98
N ALA V 79 22.58 -32.09 21.92
CA ALA V 79 21.16 -31.74 21.70
C ALA V 79 21.02 -30.25 21.34
N ASN V 80 21.76 -29.40 22.06
CA ASN V 80 21.75 -27.96 21.78
C ASN V 80 22.22 -27.60 20.37
N ARG V 81 23.38 -28.08 19.96
CA ARG V 81 23.91 -27.86 18.61
C ARG V 81 22.96 -28.31 17.52
N MET V 82 22.44 -29.52 17.67
CA MET V 82 21.52 -30.07 16.67
C MET V 82 20.26 -29.20 16.51
N LEU V 83 19.69 -28.79 17.65
CA LEU V 83 18.46 -28.01 17.65
C LEU V 83 18.76 -26.63 17.01
N LYS V 84 19.81 -25.99 17.47
CA LYS V 84 20.09 -24.62 17.02
C LYS V 84 20.49 -24.54 15.53
N GLN V 85 21.25 -25.52 15.06
CA GLN V 85 21.59 -25.59 13.65
C GLN V 85 20.37 -25.83 12.74
N MET V 86 19.45 -26.65 13.21
CA MET V 86 18.22 -26.85 12.49
C MET V 86 17.36 -25.60 12.46
N LEU V 87 17.14 -25.00 13.64
CA LEU V 87 16.29 -23.79 13.72
C LEU V 87 16.91 -22.63 12.89
N PHE V 88 18.23 -22.49 12.92
CA PHE V 88 18.88 -21.47 12.13
C PHE V 88 18.64 -21.69 10.65
N ARG V 89 18.77 -22.93 10.23
CA ARG V 89 18.57 -23.30 8.84
C ARG V 89 17.17 -22.91 8.34
N TYR V 90 16.17 -23.01 9.19
CA TYR V 90 14.78 -22.62 8.87
C TYR V 90 14.43 -21.16 9.15
N GLN V 91 15.42 -20.38 9.63
CA GLN V 91 15.34 -18.96 9.59
C GLN V 91 14.23 -18.44 10.45
N GLY V 92 13.90 -19.17 11.51
CA GLY V 92 12.84 -18.71 12.39
C GLY V 92 11.45 -19.17 11.99
N TYR V 93 11.27 -19.83 10.86
CA TYR V 93 9.94 -20.32 10.47
C TYR V 93 9.45 -21.52 11.24
N ILE V 94 10.33 -22.18 11.96
CA ILE V 94 9.92 -23.23 12.90
C ILE V 94 9.78 -22.53 14.21
N GLY V 95 8.56 -22.40 14.72
CA GLY V 95 8.32 -21.58 15.84
C GLY V 95 8.51 -22.36 17.14
N ALA V 96 9.72 -22.89 17.38
CA ALA V 96 10.01 -23.66 18.62
C ALA V 96 10.88 -22.84 19.51
N ALA V 97 10.36 -22.56 20.72
CA ALA V 97 11.07 -21.92 21.74
C ALA V 97 11.23 -23.00 22.87
N LEU V 98 12.45 -23.33 23.25
CA LEU V 98 12.74 -24.50 24.04
C LEU V 98 13.58 -24.19 25.26
N VAL V 99 13.30 -24.95 26.33
CA VAL V 99 14.15 -24.98 27.51
C VAL V 99 14.73 -26.41 27.56
N LEU V 100 16.05 -26.54 27.30
CA LEU V 100 16.74 -27.77 27.18
C LEU V 100 17.62 -27.96 28.45
N GLY V 101 17.39 -29.07 29.13
CA GLY V 101 18.11 -29.37 30.32
C GLY V 101 18.45 -30.83 30.43
N GLY V 102 19.65 -31.09 30.95
CA GLY V 102 20.05 -32.42 31.23
C GLY V 102 21.29 -32.55 32.08
N VAL V 103 21.64 -33.80 32.31
CA VAL V 103 22.85 -34.17 33.05
C VAL V 103 23.67 -35.17 32.25
N ASP V 104 24.93 -34.81 32.00
CA ASP V 104 25.89 -35.70 31.31
CA ASP V 104 25.85 -35.68 31.29
C ASP V 104 27.17 -35.89 32.05
N VAL V 105 28.11 -36.53 31.40
CA VAL V 105 29.46 -36.79 31.93
C VAL V 105 30.15 -35.54 32.42
N THR V 106 29.90 -34.40 31.80
CA THR V 106 30.39 -33.11 32.32
C THR V 106 29.43 -32.40 33.31
N GLY V 107 28.34 -33.04 33.74
CA GLY V 107 27.47 -32.45 34.76
C GLY V 107 26.19 -31.83 34.24
N PRO V 108 25.52 -30.97 35.06
CA PRO V 108 24.22 -30.46 34.67
C PRO V 108 24.35 -29.29 33.72
N HIS V 109 23.49 -29.21 32.74
CA HIS V 109 23.53 -28.09 31.79
C HIS V 109 22.10 -27.72 31.38
N LEU V 110 21.92 -26.41 31.17
CA LEU V 110 20.64 -25.85 30.89
C LEU V 110 20.76 -24.74 29.82
N TYR V 111 19.92 -24.84 28.80
CA TYR V 111 19.94 -23.87 27.69
C TYR V 111 18.53 -23.38 27.37
N SER V 112 18.41 -22.13 26.95
CA SER V 112 17.18 -21.71 26.33
C SER V 112 17.48 -21.57 24.82
N ILE V 113 16.54 -21.97 23.97
CA ILE V 113 16.78 -22.02 22.52
C ILE V 113 15.66 -21.33 21.83
N TYR V 114 15.98 -20.37 20.98
CA TYR V 114 14.98 -19.51 20.35
C TYR V 114 14.70 -19.90 18.90
N PRO V 115 13.53 -19.54 18.37
CA PRO V 115 13.18 -20.01 17.07
C PRO V 115 14.18 -19.67 15.96
N HIS V 116 14.83 -18.51 16.02
CA HIS V 116 15.82 -18.18 14.95
C HIS V 116 17.12 -18.95 15.09
N GLY V 117 17.30 -19.66 16.20
CA GLY V 117 18.51 -20.43 16.38
C GLY V 117 19.55 -19.89 17.33
N SER V 118 19.22 -18.90 18.13
CA SER V 118 20.15 -18.47 19.20
C SER V 118 19.90 -19.32 20.41
N THR V 119 20.95 -19.56 21.18
CA THR V 119 20.85 -20.21 22.45
C THR V 119 21.62 -19.40 23.49
N ASP V 120 21.17 -19.55 24.72
CA ASP V 120 21.85 -19.03 25.87
C ASP V 120 21.97 -20.16 26.91
N LYS V 121 23.17 -20.30 27.47
CA LYS V 121 23.47 -21.27 28.48
C LYS V 121 23.52 -20.55 29.83
N LEU V 122 22.59 -20.90 30.72
CA LEU V 122 22.31 -20.09 31.92
C LEU V 122 21.85 -20.98 33.03
N PRO V 123 21.89 -20.51 34.30
CA PRO V 123 21.53 -21.37 35.43
C PRO V 123 20.04 -21.33 35.72
N TYR V 124 19.34 -20.40 35.09
CA TYR V 124 17.86 -20.39 35.07
C TYR V 124 17.34 -19.68 33.86
N VAL V 125 16.28 -20.20 33.26
CA VAL V 125 15.70 -19.62 32.04
C VAL V 125 14.21 -19.83 32.07
N THR V 126 13.52 -19.04 31.27
CA THR V 126 12.08 -19.14 31.11
C THR V 126 11.70 -18.80 29.65
N MET V 127 10.61 -19.40 29.19
CA MET V 127 10.07 -19.16 27.85
CA MET V 127 10.06 -19.14 27.87
C MET V 127 8.56 -19.24 27.87
N GLY V 128 7.98 -18.76 26.82
CA GLY V 128 6.53 -18.73 26.65
C GLY V 128 5.92 -17.37 26.97
N SER V 129 4.64 -17.22 26.73
CA SER V 129 3.94 -15.98 27.04
C SER V 129 3.93 -15.64 28.55
N GLY V 130 4.14 -16.62 29.42
CA GLY V 130 4.25 -16.36 30.86
C GLY V 130 5.67 -16.24 31.37
N SER V 131 6.62 -16.10 30.45
CA SER V 131 8.01 -16.16 30.83
C SER V 131 8.48 -15.03 31.72
N LEU V 132 7.89 -13.85 31.59
CA LEU V 132 8.31 -12.76 32.46
C LEU V 132 7.85 -12.95 33.89
N ALA V 133 6.65 -13.50 34.07
CA ALA V 133 6.08 -13.76 35.38
C ALA V 133 6.99 -14.78 36.09
N ALA V 134 7.31 -15.86 35.37
CA ALA V 134 8.23 -16.90 35.86
C ALA V 134 9.65 -16.33 36.12
N MET V 135 10.15 -15.51 35.22
CA MET V 135 11.47 -14.86 35.44
C MET V 135 11.53 -13.96 36.66
N ALA V 136 10.46 -13.27 36.95
CA ALA V 136 10.45 -12.38 38.05
C ALA V 136 10.60 -13.22 39.33
N VAL V 137 9.97 -14.37 39.36
CA VAL V 137 10.11 -15.30 40.53
C VAL V 137 11.57 -15.74 40.68
N PHE V 138 12.20 -16.09 39.55
CA PHE V 138 13.61 -16.52 39.57
C PHE V 138 14.54 -15.40 40.01
N GLU V 139 14.39 -14.21 39.43
CA GLU V 139 15.24 -13.10 39.89
C GLU V 139 15.11 -12.80 41.40
N ASP V 140 13.91 -12.93 41.93
CA ASP V 140 13.61 -12.57 43.28
C ASP V 140 14.11 -13.66 44.24
N LYS V 141 14.18 -14.93 43.83
CA LYS V 141 14.43 -16.06 44.78
C LYS V 141 15.51 -17.06 44.40
N PHE V 142 16.00 -17.06 43.17
CA PHE V 142 16.99 -18.06 42.82
C PHE V 142 18.23 -17.90 43.70
N ARG V 143 18.81 -19.00 44.13
CA ARG V 143 20.13 -18.99 44.72
C ARG V 143 20.90 -20.09 44.00
N PRO V 144 22.22 -19.93 43.89
CA PRO V 144 23.02 -21.03 43.38
C PRO V 144 23.03 -22.22 44.38
N ASP V 145 23.22 -23.41 43.85
CA ASP V 145 23.36 -24.66 44.62
C ASP V 145 22.19 -24.98 45.51
N MET V 146 20.98 -24.76 45.06
CA MET V 146 19.84 -25.15 45.84
C MET V 146 19.74 -26.66 45.97
N GLU V 147 19.12 -27.07 47.05
CA GLU V 147 18.77 -28.47 47.26
C GLU V 147 17.58 -28.82 46.38
N GLU V 148 17.33 -30.11 46.25
CA GLU V 148 16.35 -30.63 45.34
C GLU V 148 14.97 -30.09 45.63
N GLU V 149 14.54 -30.19 46.87
CA GLU V 149 13.21 -29.71 47.24
C GLU V 149 13.06 -28.19 47.11
N GLU V 150 14.12 -27.42 47.43
CA GLU V 150 14.07 -25.98 47.28
C GLU V 150 13.86 -25.65 45.81
N ALA V 151 14.64 -26.29 44.93
CA ALA V 151 14.58 -26.07 43.47
C ALA V 151 13.25 -26.44 42.85
N LYS V 152 12.64 -27.52 43.34
CA LYS V 152 11.30 -27.90 42.93
C LYS V 152 10.24 -26.90 43.35
N ASN V 153 10.32 -26.43 44.58
CA ASN V 153 9.47 -25.32 45.05
C ASN V 153 9.57 -24.07 44.18
N LEU V 154 10.79 -23.70 43.81
CA LEU V 154 11.06 -22.49 43.10
C LEU V 154 10.53 -22.59 41.67
N VAL V 155 10.76 -23.71 41.02
CA VAL V 155 10.25 -23.89 39.70
C VAL V 155 8.72 -23.91 39.67
N SER V 156 8.09 -24.58 40.61
CA SER V 156 6.63 -24.58 40.63
C SER V 156 6.04 -23.22 40.99
N GLU V 157 6.69 -22.43 41.85
CA GLU V 157 6.24 -21.10 42.09
C GLU V 157 6.33 -20.25 40.78
N ALA V 158 7.39 -20.46 40.02
CA ALA V 158 7.60 -19.72 38.78
C ALA V 158 6.56 -20.10 37.75
N ILE V 159 6.26 -21.37 37.61
CA ILE V 159 5.18 -21.80 36.70
C ILE V 159 3.84 -21.29 37.21
N ALA V 160 3.59 -21.38 38.51
CA ALA V 160 2.36 -20.82 39.04
C ALA V 160 2.18 -19.30 38.71
N ALA V 161 3.29 -18.54 38.77
CA ALA V 161 3.22 -17.13 38.48
C ALA V 161 2.71 -16.92 37.04
N GLY V 162 3.16 -17.74 36.11
CA GLY V 162 2.69 -17.68 34.73
C GLY V 162 1.23 -18.08 34.59
N ILE V 163 0.86 -19.17 35.29
CA ILE V 163 -0.48 -19.72 35.25
C ILE V 163 -1.53 -18.70 35.64
N PHE V 164 -1.20 -17.95 36.68
CA PHE V 164 -2.19 -17.06 37.22
C PHE V 164 -2.15 -15.68 36.61
N ASN V 165 -1.04 -15.28 36.02
CA ASN V 165 -0.90 -13.90 35.44
C ASN V 165 -0.90 -13.77 33.94
N ASP V 166 -0.80 -14.88 33.24
CA ASP V 166 -0.78 -14.96 31.78
C ASP V 166 -2.01 -15.73 31.26
N LEU V 167 -2.77 -15.07 30.41
CA LEU V 167 -3.94 -15.70 29.86
C LEU V 167 -3.60 -16.89 28.93
N GLY V 168 -2.38 -16.95 28.45
CA GLY V 168 -1.90 -18.08 27.66
C GLY V 168 -1.50 -19.30 28.44
N SER V 169 -1.55 -19.26 29.76
CA SER V 169 -1.06 -20.34 30.61
C SER V 169 -2.14 -20.72 31.58
N GLY V 170 -2.11 -22.00 31.92
CA GLY V 170 -3.07 -22.52 32.90
C GLY V 170 -3.00 -23.97 33.29
N SER V 171 -4.02 -24.38 34.01
CA SER V 171 -4.21 -25.78 34.41
C SER V 171 -3.05 -26.26 35.33
N ASN V 172 -2.35 -27.33 35.00
CA ASN V 172 -1.47 -28.00 35.96
C ASN V 172 -0.05 -27.53 35.85
N ILE V 173 0.71 -27.87 36.91
CA ILE V 173 2.18 -27.73 36.92
C ILE V 173 2.82 -29.11 36.77
N ASP V 174 3.61 -29.31 35.70
CA ASP V 174 4.43 -30.53 35.51
C ASP V 174 5.89 -30.18 35.83
N LEU V 175 6.59 -31.07 36.54
CA LEU V 175 8.03 -30.97 36.70
C LEU V 175 8.80 -32.18 36.14
N CYS V 176 10.08 -31.96 35.86
CA CYS V 176 11.00 -33.03 35.57
C CYS V 176 12.29 -32.76 36.31
N VAL V 177 12.68 -33.68 37.21
CA VAL V 177 13.92 -33.60 37.95
C VAL V 177 14.95 -34.58 37.41
N ILE V 178 16.14 -34.10 37.10
CA ILE V 178 17.18 -34.87 36.45
C ILE V 178 18.45 -34.69 37.28
N SER V 179 18.99 -35.78 37.83
CA SER V 179 20.32 -35.76 38.48
C SER V 179 21.15 -36.88 37.91
N LYS V 180 22.45 -36.94 38.27
CA LYS V 180 23.31 -38.14 38.00
C LYS V 180 22.61 -39.45 38.37
N ASN V 181 21.86 -39.44 39.46
CA ASN V 181 21.28 -40.68 40.03
C ASN V 181 19.81 -41.02 39.75
N LYS V 182 19.06 -40.09 39.19
CA LYS V 182 17.60 -40.21 39.16
C LYS V 182 17.02 -39.34 38.02
N LEU V 183 15.88 -39.82 37.51
CA LEU V 183 14.98 -39.04 36.74
C LEU V 183 13.54 -39.18 37.26
N ASP V 184 13.00 -38.08 37.80
CA ASP V 184 11.62 -37.99 38.28
C ASP V 184 10.80 -37.11 37.33
N PHE V 185 9.87 -37.73 36.60
CA PHE V 185 8.98 -37.07 35.66
C PHE V 185 7.67 -36.96 36.38
N LEU V 186 7.35 -35.75 36.84
CA LEU V 186 6.29 -35.53 37.80
C LEU V 186 5.16 -34.83 37.08
N ARG V 187 4.21 -35.66 36.58
CA ARG V 187 3.10 -35.21 35.77
C ARG V 187 1.78 -35.78 36.27
N PRO V 188 0.88 -35.00 36.88
CA PRO V 188 1.07 -33.61 37.30
C PRO V 188 1.92 -33.54 38.58
N TYR V 189 2.70 -32.46 38.76
CA TYR V 189 3.29 -32.13 40.03
C TYR V 189 2.26 -31.53 40.95
N THR V 190 1.47 -30.59 40.46
CA THR V 190 0.43 -29.85 41.20
C THR V 190 -0.76 -29.59 40.28
N VAL V 191 -1.95 -29.55 40.87
CA VAL V 191 -3.18 -29.27 40.17
C VAL V 191 -3.76 -28.05 40.88
N PRO V 192 -3.23 -26.84 40.62
CA PRO V 192 -3.80 -25.65 41.30
C PRO V 192 -5.23 -25.22 40.81
N ASN V 193 -5.69 -25.67 39.66
CA ASN V 193 -6.98 -25.24 39.08
C ASN V 193 -7.93 -26.42 38.92
N LYS V 194 -9.22 -26.18 39.12
CA LYS V 194 -10.23 -27.26 39.11
C LYS V 194 -11.58 -26.69 38.59
N LYS V 195 -12.26 -27.42 37.70
CA LYS V 195 -13.61 -27.02 37.22
C LYS V 195 -14.53 -27.01 38.42
N GLY V 196 -15.32 -25.95 38.54
CA GLY V 196 -16.33 -25.88 39.59
C GLY V 196 -17.34 -27.03 39.48
N THR V 197 -17.94 -27.40 40.60
CA THR V 197 -18.76 -28.62 40.70
C THR V 197 -20.15 -28.39 40.11
N ARG V 198 -20.61 -29.37 39.32
CA ARG V 198 -21.76 -29.26 38.39
C ARG V 198 -23.04 -29.17 39.20
N LEU V 199 -23.75 -28.04 39.07
CA LEU V 199 -24.84 -27.69 40.01
C LEU V 199 -26.20 -28.18 39.56
N GLY V 200 -26.47 -28.19 38.25
CA GLY V 200 -27.71 -28.75 37.71
C GLY V 200 -27.53 -30.18 37.24
N ARG V 201 -28.63 -30.92 37.19
CA ARG V 201 -28.70 -32.17 36.43
C ARG V 201 -29.41 -31.77 35.13
N TYR V 202 -28.99 -32.39 34.04
CA TYR V 202 -29.64 -32.25 32.75
C TYR V 202 -30.15 -33.64 32.29
N ARG V 203 -30.41 -34.55 33.23
CA ARG V 203 -30.49 -36.01 32.93
C ARG V 203 -31.30 -36.34 31.64
N CYS V 204 -30.67 -36.18 30.46
CA CYS V 204 -31.36 -36.16 29.13
C CYS V 204 -31.74 -37.56 28.67
N GLU V 205 -33.02 -37.90 28.80
CA GLU V 205 -33.53 -39.23 28.57
C GLU V 205 -33.47 -39.70 27.11
N LYS V 206 -33.47 -41.02 26.95
CA LYS V 206 -33.72 -41.70 25.65
C LYS V 206 -34.98 -41.13 24.96
N GLY V 207 -34.86 -40.83 23.66
CA GLY V 207 -35.96 -40.22 22.88
C GLY V 207 -36.03 -38.69 22.86
N THR V 208 -35.21 -38.03 23.72
CA THR V 208 -35.05 -36.58 23.73
C THR V 208 -34.65 -36.09 22.33
N THR V 209 -33.64 -36.76 21.75
CA THR V 209 -33.19 -36.49 20.39
C THR V 209 -34.07 -37.25 19.36
N ALA V 210 -34.86 -36.52 18.57
CA ALA V 210 -35.55 -37.10 17.43
C ALA V 210 -34.59 -37.62 16.33
N VAL V 211 -34.88 -38.81 15.82
CA VAL V 211 -34.02 -39.46 14.85
C VAL V 211 -34.75 -39.66 13.51
N LEU V 212 -34.11 -39.32 12.39
CA LEU V 212 -34.64 -39.52 11.01
C LEU V 212 -34.34 -40.88 10.36
N THR V 213 -33.20 -41.46 10.71
CA THR V 213 -32.59 -42.56 9.96
C THR V 213 -31.68 -43.31 10.92
N GLU V 214 -31.62 -44.63 10.77
CA GLU V 214 -30.74 -45.47 11.58
C GLU V 214 -30.25 -46.68 10.81
N LYS V 215 -29.02 -47.07 11.06
CA LYS V 215 -28.42 -48.23 10.46
C LYS V 215 -27.53 -48.83 11.54
N ILE V 216 -27.79 -50.07 11.89
CA ILE V 216 -26.88 -50.85 12.70
C ILE V 216 -26.01 -51.65 11.73
N THR V 217 -24.71 -51.66 11.96
CA THR V 217 -23.78 -52.56 11.32
C THR V 217 -23.14 -53.43 12.44
N PRO V 218 -23.47 -54.76 12.48
CA PRO V 218 -22.81 -55.65 13.44
C PRO V 218 -21.35 -55.95 13.05
N LEU V 219 -20.48 -56.13 14.04
CA LEU V 219 -19.03 -56.46 13.86
C LEU V 219 -18.64 -57.84 14.56
N GLU V 220 -17.37 -58.29 14.48
CA GLU V 220 -16.93 -59.70 14.92
C GLU V 220 -15.75 -59.76 15.93
N SER W 2 -11.84 -15.68 6.00
CA SER W 2 -11.07 -16.89 6.52
C SER W 2 -11.25 -18.13 5.64
N ILE W 3 -10.14 -18.78 5.30
CA ILE W 3 -10.12 -19.92 4.41
C ILE W 3 -10.98 -21.06 5.00
N MET W 4 -10.96 -21.25 6.32
CA MET W 4 -11.67 -22.33 6.99
C MET W 4 -13.16 -22.09 7.10
N SER W 5 -13.64 -20.87 7.01
CA SER W 5 -15.09 -20.64 6.92
C SER W 5 -15.72 -20.59 5.48
N TYR W 6 -14.92 -20.83 4.44
CA TYR W 6 -15.41 -20.73 3.02
C TYR W 6 -16.52 -21.77 2.81
N ASN W 7 -16.27 -22.98 3.29
CA ASN W 7 -17.28 -24.10 3.20
C ASN W 7 -18.02 -24.34 4.51
N GLY W 8 -17.50 -23.84 5.61
CA GLY W 8 -18.18 -24.03 6.90
C GLY W 8 -18.05 -25.44 7.42
N GLY W 9 -18.74 -25.82 8.47
CA GLY W 9 -18.76 -27.25 8.83
C GLY W 9 -18.30 -27.49 10.25
N ALA W 10 -18.73 -28.61 10.80
CA ALA W 10 -18.39 -28.90 12.17
C ALA W 10 -18.37 -30.39 12.41
N VAL W 11 -17.40 -30.81 13.21
CA VAL W 11 -17.29 -32.18 13.61
C VAL W 11 -16.92 -32.22 15.10
N MET W 12 -17.35 -33.28 15.74
CA MET W 12 -16.95 -33.52 17.12
C MET W 12 -16.82 -35.01 17.38
N ALA W 13 -16.00 -35.37 18.35
CA ALA W 13 -15.99 -36.75 18.91
C ALA W 13 -16.03 -36.70 20.42
N MET W 14 -16.43 -37.83 21.01
CA MET W 14 -16.72 -37.87 22.43
C MET W 14 -16.60 -39.30 22.95
N LYS W 15 -16.06 -39.45 24.15
CA LYS W 15 -15.74 -40.74 24.75
C LYS W 15 -16.75 -41.12 25.84
N GLY W 16 -17.17 -42.39 25.86
CA GLY W 16 -17.95 -43.01 26.96
C GLY W 16 -17.28 -44.24 27.56
N LYS W 17 -18.11 -44.99 28.30
N LYS W 17 -18.01 -45.09 28.27
CA LYS W 17 -17.78 -46.30 28.87
CA LYS W 17 -17.36 -46.19 29.05
C LYS W 17 -18.06 -47.43 27.84
C LYS W 17 -16.37 -47.24 28.37
N ASN W 18 -16.94 -47.95 27.41
CA ASN W 18 -16.39 -48.84 26.40
C ASN W 18 -16.96 -48.47 24.99
N CYS W 19 -17.08 -47.17 24.72
CA CYS W 19 -17.65 -46.77 23.45
C CYS W 19 -17.15 -45.37 23.08
N VAL W 20 -17.25 -45.03 21.80
CA VAL W 20 -16.98 -43.64 21.36
C VAL W 20 -18.02 -43.14 20.39
N ALA W 21 -18.08 -41.81 20.15
CA ALA W 21 -19.08 -41.24 19.25
C ALA W 21 -18.40 -40.19 18.41
N ILE W 22 -18.83 -40.08 17.16
CA ILE W 22 -18.34 -39.03 16.28
C ILE W 22 -19.54 -38.51 15.47
N ALA W 23 -19.59 -37.19 15.24
CA ALA W 23 -20.73 -36.52 14.61
C ALA W 23 -20.26 -35.36 13.69
N ALA W 24 -21.10 -35.01 12.70
CA ALA W 24 -20.79 -33.96 11.75
C ALA W 24 -22.07 -33.38 11.20
N ASP W 25 -22.02 -32.13 10.81
CA ASP W 25 -23.12 -31.56 10.08
C ASP W 25 -23.05 -32.13 8.70
N ARG W 26 -24.04 -31.82 7.85
CA ARG W 26 -24.13 -32.41 6.52
CA ARG W 26 -24.15 -32.41 6.52
C ARG W 26 -24.06 -31.38 5.36
N ARG W 27 -23.92 -30.11 5.69
CA ARG W 27 -23.93 -29.00 4.67
C ARG W 27 -22.64 -29.02 3.86
N PHE W 28 -22.79 -29.03 2.54
CA PHE W 28 -21.70 -28.57 1.66
C PHE W 28 -22.24 -27.26 1.08
N GLY W 29 -21.56 -26.17 1.40
CA GLY W 29 -21.88 -24.88 0.83
C GLY W 29 -20.61 -24.08 0.51
N ILE W 30 -20.82 -23.04 -0.30
CA ILE W 30 -19.77 -22.13 -0.76
C ILE W 30 -20.20 -20.73 -0.34
N GLN W 31 -19.48 -20.17 0.62
CA GLN W 31 -19.92 -18.95 1.30
C GLN W 31 -21.39 -19.09 1.74
N ALA W 32 -22.26 -18.17 1.34
CA ALA W 32 -23.65 -18.18 1.78
C ALA W 32 -24.51 -19.31 1.16
N GLN W 33 -24.09 -19.84 0.02
CA GLN W 33 -24.89 -20.75 -0.72
C GLN W 33 -24.76 -22.21 -0.30
N MET W 34 -25.85 -22.83 0.16
CA MET W 34 -25.85 -24.27 0.34
C MET W 34 -25.88 -24.90 -1.05
N VAL W 35 -25.05 -25.91 -1.28
CA VAL W 35 -25.02 -26.64 -2.52
C VAL W 35 -25.67 -27.99 -2.40
N THR W 36 -25.43 -28.65 -1.28
CA THR W 36 -25.95 -30.03 -1.03
C THR W 36 -26.05 -30.19 0.47
N THR W 37 -26.93 -31.08 0.92
CA THR W 37 -27.17 -31.32 2.31
C THR W 37 -26.82 -32.77 2.74
N ASP W 38 -25.97 -33.46 1.99
CA ASP W 38 -25.57 -34.82 2.37
C ASP W 38 -24.09 -35.05 2.13
N PHE W 39 -23.25 -34.08 2.48
CA PHE W 39 -21.87 -34.16 2.20
C PHE W 39 -21.17 -34.96 3.28
N GLN W 40 -20.37 -35.96 2.89
CA GLN W 40 -19.67 -36.80 3.86
C GLN W 40 -18.41 -36.14 4.45
N LYS W 41 -18.31 -36.11 5.77
CA LYS W 41 -17.17 -35.56 6.49
C LYS W 41 -16.51 -36.52 7.40
N ILE W 42 -17.20 -37.64 7.70
CA ILE W 42 -16.68 -38.71 8.53
C ILE W 42 -16.44 -39.95 7.66
N PHE W 43 -15.24 -40.51 7.77
CA PHE W 43 -14.78 -41.61 6.91
C PHE W 43 -14.23 -42.73 7.78
N PRO W 44 -14.59 -43.97 7.43
CA PRO W 44 -14.12 -45.15 8.17
C PRO W 44 -12.69 -45.41 7.86
N MET W 45 -11.89 -45.62 8.90
CA MET W 45 -10.50 -45.96 8.73
C MET W 45 -10.26 -47.34 9.35
N GLY W 46 -11.30 -48.13 9.47
CA GLY W 46 -11.24 -49.39 10.21
C GLY W 46 -12.62 -49.72 10.68
N ASP W 47 -12.80 -50.94 11.14
CA ASP W 47 -14.10 -51.37 11.61
C ASP W 47 -14.56 -50.57 12.80
N ARG W 48 -13.63 -50.22 13.70
CA ARG W 48 -13.92 -49.41 14.91
C ARG W 48 -13.14 -48.06 15.01
N LEU W 49 -12.86 -47.46 13.87
CA LEU W 49 -12.00 -46.31 13.86
C LEU W 49 -12.37 -45.39 12.71
N TYR W 50 -12.78 -44.18 13.06
CA TYR W 50 -13.34 -43.20 12.11
C TYR W 50 -12.58 -41.89 12.27
N ILE W 51 -12.51 -41.13 11.15
CA ILE W 51 -11.90 -39.82 11.16
C ILE W 51 -12.94 -38.86 10.62
N GLY W 52 -13.11 -37.76 11.31
CA GLY W 52 -13.98 -36.65 10.87
C GLY W 52 -13.16 -35.42 10.52
N LEU W 53 -13.50 -34.75 9.43
CA LEU W 53 -12.66 -33.62 8.93
C LEU W 53 -13.56 -32.48 8.66
N ALA W 54 -13.25 -31.34 9.26
CA ALA W 54 -13.97 -30.14 8.95
C ALA W 54 -12.93 -29.20 8.33
N GLY W 55 -13.38 -28.23 7.57
CA GLY W 55 -12.48 -27.23 6.99
C GLY W 55 -12.83 -27.09 5.54
N LEU W 56 -11.82 -26.78 4.73
CA LEU W 56 -12.04 -26.60 3.32
C LEU W 56 -12.41 -27.94 2.67
N ALA W 57 -13.56 -27.98 2.00
CA ALA W 57 -14.11 -29.20 1.46
C ALA W 57 -13.15 -29.97 0.56
N THR W 58 -12.42 -29.29 -0.28
CA THR W 58 -11.54 -30.00 -1.13
C THR W 58 -10.45 -30.76 -0.39
N ASP W 59 -9.96 -30.17 0.71
CA ASP W 59 -8.92 -30.83 1.55
C ASP W 59 -9.50 -31.90 2.48
N VAL W 60 -10.73 -31.75 2.91
CA VAL W 60 -11.43 -32.83 3.62
C VAL W 60 -11.39 -34.09 2.81
N GLN W 61 -11.72 -33.96 1.51
CA GLN W 61 -11.69 -35.07 0.61
C GLN W 61 -10.30 -35.58 0.35
N THR W 62 -9.35 -34.70 0.03
CA THR W 62 -8.01 -35.14 -0.29
C THR W 62 -7.33 -35.80 0.88
N VAL W 63 -7.45 -35.21 2.05
CA VAL W 63 -6.79 -35.79 3.23
C VAL W 63 -7.40 -37.18 3.50
N ALA W 64 -8.72 -37.29 3.39
CA ALA W 64 -9.38 -38.59 3.66
C ALA W 64 -8.88 -39.68 2.71
N GLN W 65 -8.73 -39.30 1.43
CA GLN W 65 -8.28 -40.21 0.39
C GLN W 65 -6.81 -40.55 0.48
N ARG W 66 -5.97 -39.57 0.74
CA ARG W 66 -4.53 -39.84 0.84
C ARG W 66 -4.24 -40.58 2.14
N LEU W 67 -5.01 -40.29 3.18
CA LEU W 67 -4.83 -41.02 4.40
C LEU W 67 -5.20 -42.50 4.16
N LYS W 68 -6.29 -42.72 3.44
CA LYS W 68 -6.73 -44.08 3.14
C LYS W 68 -5.65 -44.86 2.34
N PHE W 69 -5.01 -44.16 1.38
CA PHE W 69 -3.96 -44.74 0.61
C PHE W 69 -2.87 -45.25 1.52
N ARG W 70 -2.42 -44.38 2.40
CA ARG W 70 -1.38 -44.77 3.36
C ARG W 70 -1.78 -45.89 4.30
N LEU W 71 -2.99 -45.83 4.78
CA LEU W 71 -3.50 -46.85 5.73
C LEU W 71 -3.63 -48.20 5.09
N ASN W 72 -4.18 -48.26 3.89
CA ASN W 72 -4.31 -49.52 3.20
C ASN W 72 -2.96 -50.18 3.02
N LEU W 73 -1.95 -49.38 2.66
CA LEU W 73 -0.63 -49.91 2.47
C LEU W 73 -0.06 -50.39 3.77
N TYR W 74 -0.24 -49.62 4.81
CA TYR W 74 0.16 -50.01 6.19
C TYR W 74 -0.44 -51.35 6.60
N GLU W 75 -1.74 -51.53 6.41
CA GLU W 75 -2.42 -52.76 6.83
C GLU W 75 -2.04 -54.02 6.04
N LEU W 76 -1.86 -53.88 4.75
CA LEU W 76 -1.32 -54.94 3.91
C LEU W 76 0.08 -55.33 4.30
N LYS W 77 0.96 -54.36 4.58
CA LYS W 77 2.34 -54.66 4.98
C LYS W 77 2.46 -55.25 6.40
N GLU W 78 1.69 -54.72 7.32
CA GLU W 78 1.75 -55.12 8.68
C GLU W 78 0.77 -56.29 8.85
N GLY W 79 0.80 -56.92 9.93
CA GLY W 79 -0.19 -57.99 9.89
C GLY W 79 -1.67 -57.69 10.07
N ARG W 80 -2.09 -56.43 10.04
CA ARG W 80 -3.05 -56.06 11.09
C ARG W 80 -3.77 -54.80 10.95
N GLN W 81 -4.80 -54.66 11.75
CA GLN W 81 -5.50 -53.37 11.84
C GLN W 81 -4.72 -52.30 12.59
N ILE W 82 -4.76 -51.08 12.09
CA ILE W 82 -4.01 -50.00 12.77
C ILE W 82 -4.60 -49.66 14.17
N LYS W 83 -3.72 -49.42 15.13
CA LYS W 83 -4.13 -48.81 16.40
C LYS W 83 -4.54 -47.30 16.27
N PRO W 84 -5.51 -46.84 17.09
CA PRO W 84 -6.00 -45.48 17.06
C PRO W 84 -4.89 -44.45 17.21
N TYR W 85 -4.02 -44.66 18.20
CA TYR W 85 -2.88 -43.78 18.44
C TYR W 85 -1.91 -43.69 17.18
N THR W 86 -1.71 -44.85 16.54
CA THR W 86 -0.88 -44.96 15.36
C THR W 86 -1.50 -44.27 14.17
N LEU W 87 -2.82 -44.32 14.07
CA LEU W 87 -3.49 -43.54 13.02
C LEU W 87 -3.33 -42.02 13.23
N MET W 88 -3.45 -41.59 14.49
CA MET W 88 -3.17 -40.22 14.83
C MET W 88 -1.79 -39.80 14.35
N SER W 89 -0.80 -40.64 14.60
CA SER W 89 0.57 -40.32 14.20
C SER W 89 0.80 -40.29 12.69
N MET W 90 0.21 -41.26 12.01
CA MET W 90 0.16 -41.28 10.56
C MET W 90 -0.42 -40.00 9.98
N VAL W 91 -1.52 -39.52 10.55
CA VAL W 91 -2.22 -38.32 10.14
C VAL W 91 -1.36 -37.03 10.45
N ALA W 92 -0.81 -36.96 11.64
CA ALA W 92 0.12 -35.93 11.99
C ALA W 92 1.26 -35.78 10.97
N ASN W 93 1.84 -36.92 10.59
CA ASN W 93 2.94 -36.95 9.71
C ASN W 93 2.50 -36.42 8.34
N LEU W 94 1.34 -36.89 7.87
CA LEU W 94 0.79 -36.42 6.59
C LEU W 94 0.59 -34.89 6.59
N LEU W 95 -0.03 -34.37 7.65
CA LEU W 95 -0.29 -32.94 7.72
C LEU W 95 0.99 -32.10 7.83
N TYR W 96 1.92 -32.53 8.64
CA TYR W 96 3.13 -31.78 8.86
C TYR W 96 4.05 -31.77 7.67
N GLU W 97 3.96 -32.78 6.82
CA GLU W 97 4.64 -32.71 5.52
C GLU W 97 4.29 -31.44 4.77
N LYS W 98 3.11 -30.93 4.96
CA LYS W 98 2.66 -29.71 4.29
C LYS W 98 2.72 -28.50 5.21
N ARG W 99 3.68 -28.52 6.16
CA ARG W 99 3.84 -27.49 7.16
C ARG W 99 3.85 -26.11 6.52
N PHE W 100 4.51 -25.97 5.39
CA PHE W 100 4.58 -24.63 4.79
C PHE W 100 3.54 -24.34 3.68
N GLY W 101 2.56 -25.21 3.46
CA GLY W 101 1.40 -24.94 2.53
C GLY W 101 0.36 -25.98 2.91
N PRO W 102 -0.26 -25.82 4.06
CA PRO W 102 -1.03 -26.91 4.68
C PRO W 102 -2.36 -27.16 4.01
N TYR W 103 -2.84 -28.37 4.22
CA TYR W 103 -4.22 -28.67 3.94
C TYR W 103 -4.99 -27.91 4.98
N TYR W 104 -6.15 -27.38 4.61
CA TYR W 104 -6.99 -26.60 5.47
C TYR W 104 -8.08 -27.46 6.08
N THR W 105 -7.67 -28.38 6.92
CA THR W 105 -8.60 -29.29 7.56
C THR W 105 -8.03 -29.66 8.91
N GLU W 106 -8.89 -29.79 9.89
CA GLU W 106 -8.48 -30.10 11.27
C GLU W 106 -9.28 -31.35 11.75
N PRO W 107 -8.70 -32.52 11.67
CA PRO W 107 -9.48 -33.71 11.86
C PRO W 107 -9.71 -34.04 13.32
N VAL W 108 -10.75 -34.82 13.52
CA VAL W 108 -10.91 -35.53 14.77
C VAL W 108 -10.94 -37.03 14.49
N ILE W 109 -10.39 -37.83 15.39
CA ILE W 109 -10.36 -39.27 15.23
C ILE W 109 -11.10 -39.89 16.44
N ALA W 110 -11.93 -40.89 16.16
CA ALA W 110 -12.64 -41.62 17.22
C ALA W 110 -12.59 -43.10 16.92
N GLY W 111 -12.28 -43.89 17.96
CA GLY W 111 -12.19 -45.31 17.79
C GLY W 111 -11.95 -46.15 19.01
N LEU W 112 -12.01 -47.47 18.81
CA LEU W 112 -11.66 -48.42 19.83
C LEU W 112 -10.44 -49.19 19.38
N ASP W 113 -9.49 -49.40 20.28
CA ASP W 113 -8.35 -50.25 19.98
C ASP W 113 -8.76 -51.65 19.41
N PRO W 114 -8.22 -52.01 18.22
CA PRO W 114 -8.70 -53.23 17.56
C PRO W 114 -8.47 -54.52 18.33
N LYS W 115 -7.55 -54.51 19.29
CA LYS W 115 -7.35 -55.70 20.17
C LYS W 115 -8.03 -55.54 21.51
N THR W 116 -7.83 -54.42 22.20
CA THR W 116 -8.33 -54.27 23.62
C THR W 116 -9.68 -53.53 23.74
N PHE W 117 -10.12 -52.90 22.62
CA PHE W 117 -11.38 -52.13 22.57
C PHE W 117 -11.44 -50.91 23.51
N LYS W 118 -10.29 -50.43 23.98
CA LYS W 118 -10.24 -49.23 24.82
C LYS W 118 -10.65 -48.03 23.98
N PRO W 119 -11.46 -47.12 24.53
CA PRO W 119 -11.86 -45.90 23.77
C PRO W 119 -10.70 -44.97 23.46
N PHE W 120 -10.72 -44.35 22.28
CA PHE W 120 -9.73 -43.34 21.94
C PHE W 120 -10.40 -42.21 21.19
N ILE W 121 -10.01 -40.98 21.54
CA ILE W 121 -10.36 -39.79 20.74
C ILE W 121 -9.21 -38.79 20.74
N CYS W 122 -9.12 -38.06 19.62
CA CYS W 122 -8.13 -37.04 19.52
C CYS W 122 -8.53 -36.03 18.45
N SER W 123 -7.81 -34.94 18.44
CA SER W 123 -7.93 -34.03 17.31
C SER W 123 -6.57 -33.54 16.92
N LEU W 124 -6.47 -32.99 15.72
CA LEU W 124 -5.23 -32.41 15.31
C LEU W 124 -5.49 -31.09 14.63
N ASP W 125 -4.52 -30.20 14.72
CA ASP W 125 -4.57 -28.95 13.92
C ASP W 125 -4.13 -29.16 12.52
N LEU W 126 -4.17 -28.08 11.70
CA LEU W 126 -3.98 -28.26 10.26
C LEU W 126 -2.57 -28.63 9.90
N ILE W 127 -1.62 -28.41 10.82
CA ILE W 127 -0.23 -28.87 10.61
C ILE W 127 0.16 -30.06 11.42
N GLY W 128 -0.79 -30.70 12.05
CA GLY W 128 -0.54 -32.02 12.56
C GLY W 128 -0.14 -32.11 14.02
N CYS W 129 -0.50 -31.14 14.85
CA CYS W 129 -0.23 -31.21 16.26
C CYS W 129 -1.29 -32.10 16.89
N PRO W 130 -0.88 -33.24 17.48
CA PRO W 130 -1.92 -34.09 18.03
C PRO W 130 -2.35 -33.69 19.47
N MET W 131 -3.65 -33.78 19.75
CA MET W 131 -4.17 -33.62 21.06
C MET W 131 -5.13 -34.80 21.40
N VAL W 132 -4.70 -35.63 22.34
CA VAL W 132 -5.50 -36.74 22.88
C VAL W 132 -6.24 -36.23 24.12
N THR W 133 -7.55 -36.44 24.19
CA THR W 133 -8.27 -36.11 25.41
C THR W 133 -9.07 -37.32 25.92
N ASP W 134 -9.49 -37.21 27.17
CA ASP W 134 -10.33 -38.23 27.79
C ASP W 134 -11.82 -37.91 27.75
N ASP W 135 -12.23 -36.83 27.06
CA ASP W 135 -13.64 -36.41 27.09
C ASP W 135 -14.27 -36.12 25.74
N PHE W 136 -13.78 -35.07 25.05
CA PHE W 136 -14.37 -34.69 23.81
C PHE W 136 -13.36 -33.83 23.08
N VAL W 137 -13.58 -33.73 21.77
CA VAL W 137 -12.84 -32.84 20.92
C VAL W 137 -13.79 -32.29 19.91
N VAL W 138 -13.49 -31.09 19.43
CA VAL W 138 -14.35 -30.40 18.49
C VAL W 138 -13.50 -29.72 17.40
N SER W 139 -14.06 -29.53 16.22
CA SER W 139 -13.35 -28.87 15.15
C SER W 139 -14.34 -28.27 14.20
N GLY W 140 -14.16 -27.01 13.83
CA GLY W 140 -14.99 -26.44 12.76
C GLY W 140 -15.36 -25.01 13.06
N THR W 141 -16.28 -24.46 12.29
CA THR W 141 -16.59 -23.04 12.40
C THR W 141 -17.38 -22.67 13.63
N CYS W 142 -18.00 -23.61 14.31
CA CYS W 142 -18.66 -23.27 15.55
C CYS W 142 -17.97 -23.92 16.74
N ALA W 143 -16.63 -23.87 16.79
CA ALA W 143 -15.86 -24.50 17.84
C ALA W 143 -16.28 -23.98 19.21
N GLU W 144 -16.50 -22.66 19.32
CA GLU W 144 -16.93 -22.10 20.61
C GLU W 144 -18.29 -22.61 21.13
N GLN W 145 -19.24 -22.63 20.24
CA GLN W 145 -20.55 -23.11 20.49
C GLN W 145 -20.47 -24.60 20.95
N MET W 146 -19.67 -25.40 20.26
CA MET W 146 -19.42 -26.78 20.57
C MET W 146 -18.74 -26.93 21.94
N TYR W 147 -17.69 -26.14 22.22
CA TYR W 147 -17.08 -26.18 23.54
C TYR W 147 -18.08 -25.88 24.65
N GLY W 148 -18.97 -24.89 24.48
CA GLY W 148 -19.97 -24.56 25.47
C GLY W 148 -20.91 -25.75 25.79
N MET W 149 -21.39 -26.42 24.75
CA MET W 149 -22.27 -27.53 24.91
C MET W 149 -21.59 -28.73 25.49
N CYS W 150 -20.37 -29.01 25.01
CA CYS W 150 -19.63 -30.16 25.49
C CYS W 150 -19.22 -30.01 26.97
N GLU W 151 -18.69 -28.84 27.33
CA GLU W 151 -18.31 -28.59 28.72
C GLU W 151 -19.46 -28.70 29.70
N SER W 152 -20.64 -28.32 29.24
CA SER W 152 -21.81 -28.30 30.09
C SER W 152 -22.49 -29.70 30.22
N LEU W 153 -22.43 -30.52 29.19
CA LEU W 153 -23.21 -31.75 29.13
C LEU W 153 -22.38 -32.98 29.36
N TRP W 154 -21.11 -33.00 28.97
CA TRP W 154 -20.39 -34.26 28.98
C TRP W 154 -20.21 -34.79 30.41
N GLU W 155 -20.25 -36.10 30.57
CA GLU W 155 -19.90 -36.72 31.85
C GLU W 155 -19.08 -37.96 31.65
N PRO W 156 -18.28 -38.33 32.69
CA PRO W 156 -17.53 -39.57 32.62
C PRO W 156 -18.42 -40.84 32.55
N ASN W 157 -17.88 -41.87 31.91
CA ASN W 157 -18.45 -43.20 31.95
C ASN W 157 -19.89 -43.34 31.43
N MET W 158 -20.25 -42.60 30.39
CA MET W 158 -21.62 -42.66 29.85
C MET W 158 -21.81 -43.90 29.01
N ASP W 159 -22.98 -44.50 29.10
CA ASP W 159 -23.31 -45.67 28.28
C ASP W 159 -23.65 -45.22 26.87
N PRO W 160 -23.66 -46.13 25.87
CA PRO W 160 -23.97 -45.80 24.47
C PRO W 160 -25.18 -44.91 24.22
N ASP W 161 -26.25 -45.15 24.94
CA ASP W 161 -27.49 -44.37 24.82
C ASP W 161 -27.35 -42.94 25.34
N HIS W 162 -26.73 -42.82 26.53
CA HIS W 162 -26.44 -41.48 27.07
C HIS W 162 -25.43 -40.69 26.20
N LEU W 163 -24.39 -41.37 25.73
CA LEU W 163 -23.37 -40.77 24.88
C LEU W 163 -23.99 -40.24 23.60
N PHE W 164 -24.86 -41.05 22.98
CA PHE W 164 -25.67 -40.63 21.81
C PHE W 164 -26.49 -39.35 22.05
N GLU W 165 -27.26 -39.35 23.13
CA GLU W 165 -28.04 -38.13 23.48
C GLU W 165 -27.15 -36.89 23.68
N THR W 166 -26.00 -37.06 24.33
CA THR W 166 -25.14 -35.91 24.64
C THR W 166 -24.44 -35.33 23.42
N ILE W 167 -23.94 -36.20 22.56
CA ILE W 167 -23.23 -35.77 21.38
C ILE W 167 -24.21 -35.10 20.46
N SER W 168 -25.41 -35.67 20.35
CA SER W 168 -26.51 -35.15 19.49
C SER W 168 -26.96 -33.79 19.93
N GLN W 169 -27.19 -33.64 21.21
CA GLN W 169 -27.62 -32.34 21.73
C GLN W 169 -26.50 -31.28 21.59
N ALA W 170 -25.25 -31.68 21.83
CA ALA W 170 -24.13 -30.79 21.72
C ALA W 170 -24.00 -30.30 20.29
N MET W 171 -24.03 -31.22 19.32
CA MET W 171 -24.06 -30.83 17.90
C MET W 171 -25.20 -29.96 17.45
N LEU W 172 -26.44 -30.42 17.66
CA LEU W 172 -27.63 -29.68 17.20
C LEU W 172 -27.71 -28.24 17.72
N ASN W 173 -27.50 -28.07 19.00
CA ASN W 173 -27.60 -26.74 19.58
C ASN W 173 -26.39 -25.80 19.21
N ALA W 174 -25.24 -26.38 18.98
CA ALA W 174 -24.05 -25.64 18.59
C ALA W 174 -24.21 -25.13 17.17
N VAL W 175 -24.58 -26.02 16.24
CA VAL W 175 -24.74 -25.64 14.87
C VAL W 175 -25.88 -24.69 14.62
N ASP W 176 -26.88 -24.77 15.51
CA ASP W 176 -28.01 -23.82 15.43
C ASP W 176 -27.60 -22.39 15.76
N ARG W 177 -26.41 -22.17 16.31
CA ARG W 177 -25.89 -20.78 16.41
C ARG W 177 -24.81 -20.41 15.39
N ASP W 178 -24.72 -21.17 14.31
CA ASP W 178 -23.68 -20.97 13.26
C ASP W 178 -24.35 -20.90 11.87
N ALA W 179 -24.22 -19.75 11.16
CA ALA W 179 -24.91 -19.58 9.88
C ALA W 179 -24.48 -20.62 8.84
N VAL W 180 -23.19 -20.99 8.82
CA VAL W 180 -22.60 -21.86 7.78
C VAL W 180 -22.33 -23.33 8.21
N SER W 181 -22.96 -23.78 9.29
CA SER W 181 -22.97 -25.15 9.62
C SER W 181 -24.44 -25.56 9.82
N GLY W 182 -24.69 -26.83 9.48
CA GLY W 182 -25.96 -27.50 9.83
C GLY W 182 -26.52 -28.20 8.63
N MET W 183 -27.76 -27.88 8.29
CA MET W 183 -28.47 -28.64 7.29
C MET W 183 -28.43 -30.16 7.59
N GLY W 184 -28.43 -30.56 8.84
CA GLY W 184 -28.52 -32.01 9.16
C GLY W 184 -27.29 -32.34 9.96
N VAL W 185 -27.42 -33.34 10.78
CA VAL W 185 -26.35 -33.89 11.60
C VAL W 185 -26.35 -35.41 11.43
N ILE W 186 -25.15 -35.99 11.28
CA ILE W 186 -24.94 -37.43 11.27
C ILE W 186 -24.07 -37.83 12.46
N VAL W 187 -24.43 -38.97 13.08
CA VAL W 187 -23.77 -39.48 14.32
C VAL W 187 -23.50 -40.98 14.22
N HIS W 188 -22.27 -41.36 14.57
CA HIS W 188 -21.85 -42.75 14.57
C HIS W 188 -21.51 -43.10 16.02
N ILE W 189 -22.14 -44.14 16.56
CA ILE W 189 -21.72 -44.66 17.87
C ILE W 189 -20.90 -45.88 17.57
N ILE W 190 -19.67 -45.91 18.09
CA ILE W 190 -18.80 -47.08 17.94
C ILE W 190 -18.73 -47.93 19.22
N GLU W 191 -19.16 -49.17 19.10
CA GLU W 191 -19.06 -50.17 20.22
C GLU W 191 -18.24 -51.35 19.74
N LYS W 192 -17.84 -52.22 20.69
CA LYS W 192 -17.07 -53.45 20.40
C LYS W 192 -17.71 -54.13 19.21
N ASP W 193 -19.02 -54.31 19.37
CA ASP W 193 -19.81 -55.33 18.62
C ASP W 193 -20.64 -54.71 17.48
N LYS W 194 -20.81 -53.41 17.48
CA LYS W 194 -21.58 -52.79 16.43
C LYS W 194 -21.28 -51.31 16.25
N ILE W 195 -21.60 -50.84 15.06
CA ILE W 195 -21.64 -49.40 14.72
C ILE W 195 -23.07 -49.02 14.44
N THR W 196 -23.52 -47.95 15.07
CA THR W 196 -24.86 -47.42 14.88
C THR W 196 -24.74 -46.02 14.25
N THR W 197 -25.38 -45.86 13.09
CA THR W 197 -25.34 -44.66 12.36
C THR W 197 -26.74 -44.07 12.29
N ARG W 198 -26.85 -42.80 12.69
CA ARG W 198 -28.12 -42.06 12.69
C ARG W 198 -27.98 -40.67 12.07
N THR W 199 -28.99 -40.26 11.31
CA THR W 199 -29.19 -38.84 11.05
C THR W 199 -30.28 -38.34 11.99
N LEU W 200 -30.14 -37.08 12.37
CA LEU W 200 -30.97 -36.42 13.37
C LEU W 200 -32.00 -35.54 12.72
N LYS W 201 -33.15 -35.41 13.36
CA LYS W 201 -34.09 -34.36 12.95
C LYS W 201 -33.50 -33.01 13.28
N ALA W 202 -33.36 -32.15 12.29
CA ALA W 202 -32.56 -30.92 12.47
C ALA W 202 -33.09 -29.77 11.68
N ARG W 203 -32.83 -28.54 12.13
CA ARG W 203 -33.18 -27.35 11.38
C ARG W 203 -32.46 -27.35 9.99
N MET W 204 -33.17 -26.86 8.98
CA MET W 204 -32.70 -26.81 7.61
C MET W 204 -32.65 -25.37 7.07
N ASP W 205 -32.26 -24.45 7.98
CA ASP W 205 -31.99 -23.02 7.60
C ASP W 205 -30.49 -22.62 7.86
N MET X 1 -21.83 -14.24 -18.81
CA MET X 1 -21.25 -15.20 -17.82
C MET X 1 -22.04 -16.47 -17.69
N GLU X 2 -21.35 -17.55 -17.44
CA GLU X 2 -21.71 -18.80 -18.01
C GLU X 2 -22.71 -19.55 -17.10
N TYR X 3 -23.67 -20.24 -17.70
CA TYR X 3 -24.69 -20.92 -16.90
C TYR X 3 -24.62 -22.39 -17.26
N LEU X 4 -24.56 -23.24 -16.22
CA LEU X 4 -24.71 -24.67 -16.37
C LEU X 4 -25.81 -25.16 -15.42
N ILE X 5 -26.57 -26.18 -15.85
CA ILE X 5 -27.60 -26.79 -15.05
C ILE X 5 -27.73 -28.28 -15.40
N GLY X 6 -27.99 -29.09 -14.36
CA GLY X 6 -28.17 -30.48 -14.47
C GLY X 6 -29.36 -30.93 -13.59
N ILE X 7 -30.13 -31.87 -14.12
CA ILE X 7 -31.28 -32.46 -13.40
C ILE X 7 -31.27 -33.98 -13.59
N GLN X 8 -31.16 -34.74 -12.50
CA GLN X 8 -31.05 -36.19 -12.58
C GLN X 8 -32.42 -36.78 -12.23
N GLY X 9 -32.98 -37.52 -13.15
CA GLY X 9 -34.22 -38.37 -12.89
C GLY X 9 -33.94 -39.83 -12.60
N PRO X 10 -34.97 -40.68 -12.50
CA PRO X 10 -34.75 -42.08 -12.15
C PRO X 10 -33.82 -42.88 -13.05
N ASP X 11 -33.95 -42.67 -14.35
CA ASP X 11 -33.10 -43.33 -15.36
C ASP X 11 -32.46 -42.43 -16.43
N TYR X 12 -32.29 -41.14 -16.16
CA TYR X 12 -31.64 -40.19 -17.11
C TYR X 12 -31.02 -39.03 -16.34
N VAL X 13 -30.13 -38.27 -17.00
CA VAL X 13 -29.74 -36.97 -16.52
C VAL X 13 -29.90 -35.99 -17.66
N LEU X 14 -30.52 -34.85 -17.35
CA LEU X 14 -30.79 -33.82 -18.31
C LEU X 14 -29.78 -32.70 -17.92
N VAL X 15 -29.13 -32.11 -18.93
CA VAL X 15 -28.21 -31.00 -18.73
C VAL X 15 -28.39 -29.89 -19.77
N ALA X 16 -28.05 -28.65 -19.37
CA ALA X 16 -28.13 -27.55 -20.27
C ALA X 16 -27.07 -26.52 -19.92
N SER X 17 -26.69 -25.75 -20.93
CA SER X 17 -25.64 -24.74 -20.79
C SER X 17 -25.93 -23.59 -21.73
N ASP X 18 -25.51 -22.38 -21.37
CA ASP X 18 -25.72 -21.23 -22.28
C ASP X 18 -24.79 -21.30 -23.45
N ARG X 19 -25.12 -20.59 -24.51
CA ARG X 19 -24.35 -20.70 -25.74
C ARG X 19 -23.64 -19.40 -26.11
N VAL X 20 -23.35 -18.58 -25.08
CA VAL X 20 -22.69 -17.32 -25.26
C VAL X 20 -21.23 -17.43 -24.95
N ALA X 21 -20.41 -16.82 -25.78
CA ALA X 21 -18.99 -16.57 -25.47
C ALA X 21 -18.85 -15.07 -25.55
N ALA X 22 -18.48 -14.50 -24.44
CA ALA X 22 -18.51 -13.07 -24.30
C ALA X 22 -17.12 -12.57 -24.01
N SER X 23 -16.94 -11.31 -24.28
CA SER X 23 -15.69 -10.66 -24.07
C SER X 23 -15.95 -9.19 -23.89
N ASN X 24 -15.66 -8.68 -22.70
CA ASN X 24 -15.84 -7.28 -22.34
C ASN X 24 -17.34 -6.94 -22.41
N ILE X 25 -17.79 -6.01 -23.26
CA ILE X 25 -19.22 -5.71 -23.35
C ILE X 25 -19.99 -6.45 -24.48
N VAL X 26 -19.32 -7.33 -25.24
CA VAL X 26 -19.92 -7.92 -26.45
C VAL X 26 -20.02 -9.40 -26.31
N GLN X 27 -21.13 -9.96 -26.78
CA GLN X 27 -21.19 -11.41 -27.10
C GLN X 27 -20.46 -11.56 -28.46
N MET X 28 -19.46 -12.44 -28.52
CA MET X 28 -18.66 -12.71 -29.71
C MET X 28 -19.09 -14.00 -30.40
N LYS X 29 -19.81 -14.85 -29.69
CA LYS X 29 -20.43 -16.03 -30.27
C LYS X 29 -21.75 -16.33 -29.51
N ASP X 30 -22.78 -16.67 -30.27
CA ASP X 30 -24.09 -17.08 -29.76
C ASP X 30 -24.46 -18.53 -29.93
N ASP X 31 -23.60 -19.34 -30.55
CA ASP X 31 -23.79 -20.81 -30.62
C ASP X 31 -22.62 -21.56 -29.99
N HIS X 32 -22.10 -21.07 -28.88
CA HIS X 32 -21.02 -21.74 -28.23
C HIS X 32 -21.53 -22.99 -27.47
N ASP X 33 -20.73 -24.04 -27.43
CA ASP X 33 -21.09 -25.29 -26.77
C ASP X 33 -20.15 -25.49 -25.59
N LYS X 34 -20.68 -25.56 -24.38
CA LYS X 34 -19.87 -25.78 -23.18
C LYS X 34 -19.80 -27.24 -22.71
N MET X 35 -20.25 -28.19 -23.56
CA MET X 35 -20.27 -29.58 -23.20
C MET X 35 -19.20 -30.37 -23.92
N PHE X 36 -18.58 -31.30 -23.23
CA PHE X 36 -17.57 -32.15 -23.79
C PHE X 36 -17.99 -33.57 -23.58
N LYS X 37 -18.03 -34.34 -24.66
CA LYS X 37 -18.31 -35.76 -24.58
C LYS X 37 -17.07 -36.52 -24.13
N MET X 38 -17.17 -37.20 -22.99
CA MET X 38 -15.99 -37.91 -22.48
C MET X 38 -15.98 -39.34 -22.95
N SER X 39 -17.19 -39.90 -23.12
CA SER X 39 -17.44 -41.31 -23.43
C SER X 39 -18.88 -41.43 -23.98
N GLU X 40 -19.34 -42.63 -24.33
CA GLU X 40 -20.72 -42.77 -24.84
C GLU X 40 -21.80 -42.29 -23.89
N LYS X 41 -21.54 -42.36 -22.60
CA LYS X 41 -22.53 -42.00 -21.58
C LYS X 41 -22.02 -41.01 -20.54
N ILE X 42 -21.07 -40.13 -20.92
CA ILE X 42 -20.58 -39.11 -20.01
C ILE X 42 -20.40 -37.76 -20.70
N LEU X 43 -20.99 -36.70 -20.12
CA LEU X 43 -20.75 -35.29 -20.52
C LEU X 43 -20.07 -34.52 -19.37
N LEU X 44 -19.02 -33.79 -19.71
CA LEU X 44 -18.41 -32.83 -18.84
C LEU X 44 -18.83 -31.39 -19.31
N LEU X 45 -19.38 -30.59 -18.38
CA LEU X 45 -19.81 -29.24 -18.67
C LEU X 45 -18.86 -28.39 -17.86
N CYS X 46 -18.22 -27.47 -18.54
CA CYS X 46 -17.10 -26.75 -17.97
CA CYS X 46 -17.11 -26.70 -17.99
C CYS X 46 -17.23 -25.24 -18.30
N VAL X 47 -17.14 -24.40 -17.26
CA VAL X 47 -17.09 -22.95 -17.31
C VAL X 47 -15.94 -22.45 -16.42
N GLY X 48 -15.55 -21.21 -16.63
CA GLY X 48 -14.55 -20.58 -15.81
C GLY X 48 -13.64 -19.68 -16.62
N GLU X 49 -12.39 -19.64 -16.22
CA GLU X 49 -11.46 -18.68 -16.84
C GLU X 49 -11.14 -19.13 -18.28
N ALA X 50 -11.04 -18.17 -19.18
CA ALA X 50 -10.61 -18.45 -20.54
C ALA X 50 -9.24 -19.17 -20.55
N GLY X 51 -9.11 -20.10 -21.52
CA GLY X 51 -7.91 -20.89 -21.71
C GLY X 51 -8.04 -22.11 -20.72
N ASP X 52 -8.15 -21.85 -19.40
CA ASP X 52 -8.18 -22.93 -18.42
C ASP X 52 -9.33 -23.91 -18.72
N THR X 53 -10.45 -23.38 -19.14
CA THR X 53 -11.66 -24.24 -19.28
C THR X 53 -11.48 -25.30 -20.36
N VAL X 54 -11.11 -24.90 -21.55
CA VAL X 54 -10.86 -25.83 -22.65
C VAL X 54 -9.62 -26.69 -22.43
N GLN X 55 -8.51 -26.13 -21.93
CA GLN X 55 -7.36 -26.92 -21.72
C GLN X 55 -7.68 -28.05 -20.73
N PHE X 56 -8.35 -27.68 -19.66
CA PHE X 56 -8.66 -28.68 -18.62
C PHE X 56 -9.66 -29.74 -19.12
N ALA X 57 -10.77 -29.30 -19.67
CA ALA X 57 -11.81 -30.20 -20.21
C ALA X 57 -11.23 -31.19 -21.23
N GLU X 58 -10.46 -30.69 -22.18
CA GLU X 58 -9.84 -31.56 -23.19
C GLU X 58 -8.75 -32.51 -22.72
N TYR X 59 -7.93 -32.09 -21.78
CA TYR X 59 -7.02 -32.98 -21.16
C TYR X 59 -7.80 -34.17 -20.50
N ILE X 60 -8.85 -33.87 -19.76
CA ILE X 60 -9.64 -34.91 -19.15
C ILE X 60 -10.29 -35.86 -20.24
N GLN X 61 -10.95 -35.26 -21.21
CA GLN X 61 -11.58 -35.94 -22.30
C GLN X 61 -10.55 -36.94 -22.96
N LYS X 62 -9.33 -36.47 -23.30
CA LYS X 62 -8.39 -37.28 -23.92
C LYS X 62 -7.93 -38.41 -23.09
N ASN X 63 -7.81 -38.19 -21.79
CA ASN X 63 -7.39 -39.22 -20.88
C ASN X 63 -8.49 -40.26 -20.65
N VAL X 64 -9.73 -39.83 -20.67
CA VAL X 64 -10.88 -40.74 -20.53
C VAL X 64 -10.95 -41.64 -21.76
N GLN X 65 -10.77 -41.06 -22.93
CA GLN X 65 -10.74 -41.80 -24.18
C GLN X 65 -9.57 -42.78 -24.20
N LEU X 66 -8.44 -42.37 -23.64
CA LEU X 66 -7.26 -43.20 -23.63
C LEU X 66 -7.52 -44.43 -22.74
N TYR X 67 -8.20 -44.23 -21.63
CA TYR X 67 -8.57 -45.33 -20.73
C TYR X 67 -9.37 -46.42 -21.51
N LYS X 68 -10.35 -45.94 -22.29
CA LYS X 68 -11.15 -46.79 -23.14
C LYS X 68 -10.28 -47.59 -24.12
N MET X 69 -9.34 -46.91 -24.81
CA MET X 69 -8.51 -47.58 -25.78
C MET X 69 -7.57 -48.56 -25.12
N ARG X 70 -7.00 -48.24 -23.95
CA ARG X 70 -6.12 -49.15 -23.26
C ARG X 70 -6.89 -50.37 -22.73
N ASN X 71 -8.10 -50.15 -22.26
CA ASN X 71 -8.77 -51.18 -21.47
C ASN X 71 -9.94 -51.91 -22.13
N GLY X 72 -10.46 -51.38 -23.21
CA GLY X 72 -11.55 -51.98 -23.92
C GLY X 72 -12.94 -51.66 -23.39
N TYR X 73 -13.08 -51.01 -22.24
CA TYR X 73 -14.37 -50.54 -21.73
C TYR X 73 -14.10 -49.17 -21.17
N GLU X 74 -15.17 -48.48 -20.82
CA GLU X 74 -15.15 -47.10 -20.36
C GLU X 74 -15.15 -46.97 -18.87
N LEU X 75 -14.62 -45.84 -18.43
CA LEU X 75 -14.75 -45.40 -17.08
C LEU X 75 -16.19 -45.15 -16.77
N SER X 76 -16.61 -45.53 -15.57
CA SER X 76 -17.92 -45.14 -15.05
C SER X 76 -17.99 -43.58 -14.78
N PRO X 77 -19.21 -43.00 -14.74
CA PRO X 77 -19.34 -41.60 -14.34
C PRO X 77 -18.63 -41.26 -13.02
N THR X 78 -18.78 -42.11 -12.03
CA THR X 78 -18.14 -41.88 -10.77
C THR X 78 -16.63 -41.87 -10.85
N ALA X 79 -16.09 -42.87 -11.51
CA ALA X 79 -14.68 -42.95 -11.63
C ALA X 79 -14.14 -41.73 -12.45
N ALA X 80 -14.90 -41.29 -13.45
CA ALA X 80 -14.48 -40.16 -14.28
C ALA X 80 -14.53 -38.86 -13.44
N ALA X 81 -15.52 -38.77 -12.54
CA ALA X 81 -15.67 -37.62 -11.70
C ALA X 81 -14.54 -37.56 -10.71
N ASN X 82 -14.18 -38.71 -10.16
CA ASN X 82 -13.03 -38.74 -9.27
C ASN X 82 -11.69 -38.48 -9.96
N PHE X 83 -11.50 -39.05 -11.17
CA PHE X 83 -10.30 -38.75 -11.94
C PHE X 83 -10.21 -37.23 -12.14
N THR X 84 -11.33 -36.63 -12.51
CA THR X 84 -11.41 -35.22 -12.77
C THR X 84 -11.00 -34.40 -11.53
N ARG X 85 -11.52 -34.82 -10.39
CA ARG X 85 -11.21 -34.22 -9.11
C ARG X 85 -9.78 -34.34 -8.72
N ARG X 86 -9.16 -35.50 -8.94
CA ARG X 86 -7.76 -35.73 -8.55
C ARG X 86 -6.89 -34.74 -9.29
N ASN X 87 -7.16 -34.59 -10.57
CA ASN X 87 -6.35 -33.72 -11.40
C ASN X 87 -6.46 -32.27 -10.94
N LEU X 88 -7.68 -31.80 -10.74
CA LEU X 88 -7.94 -30.44 -10.32
C LEU X 88 -7.34 -30.15 -8.95
N ALA X 89 -7.54 -31.08 -7.99
CA ALA X 89 -6.95 -30.94 -6.68
C ALA X 89 -5.44 -30.99 -6.65
N ASP X 90 -4.88 -31.88 -7.44
CA ASP X 90 -3.42 -32.03 -7.52
C ASP X 90 -2.82 -30.74 -8.11
N LEU X 92 -4.09 -27.68 -7.73
CA LEU X 92 -4.54 -26.53 -6.95
C LEU X 92 -3.43 -25.73 -6.29
N ARG X 93 -2.46 -26.41 -5.71
CA ARG X 93 -1.35 -25.71 -5.08
C ARG X 93 -0.12 -25.75 -5.97
N SER X 94 -0.28 -26.08 -7.23
CA SER X 94 0.86 -26.14 -8.19
C SER X 94 1.05 -24.80 -8.82
N ARG X 95 2.02 -24.78 -9.68
CA ARG X 95 2.27 -23.64 -10.60
C ARG X 95 1.20 -23.46 -11.68
N THR X 96 0.37 -24.48 -11.92
CA THR X 96 -0.63 -24.42 -12.96
C THR X 96 -1.99 -24.89 -12.42
N PRO X 97 -2.65 -24.08 -11.60
CA PRO X 97 -4.02 -24.36 -11.17
C PRO X 97 -4.93 -24.03 -12.36
N TYR X 98 -6.04 -24.69 -12.42
CA TYR X 98 -7.09 -24.41 -13.46
C TYR X 98 -8.29 -23.81 -12.78
N HIS X 99 -8.73 -22.63 -13.20
CA HIS X 99 -9.90 -21.95 -12.56
CA HIS X 99 -9.86 -21.93 -12.59
C HIS X 99 -11.12 -22.30 -13.37
N VAL X 100 -11.69 -23.46 -13.03
CA VAL X 100 -12.82 -24.04 -13.76
C VAL X 100 -13.88 -24.53 -12.76
N ASN X 101 -15.16 -24.45 -13.16
CA ASN X 101 -16.23 -25.02 -12.45
C ASN X 101 -16.92 -25.95 -13.40
N LEU X 102 -17.42 -27.10 -12.86
CA LEU X 102 -17.83 -28.16 -13.71
C LEU X 102 -19.12 -28.89 -13.20
N LEU X 103 -19.90 -29.41 -14.13
CA LEU X 103 -20.82 -30.54 -13.86
C LEU X 103 -20.36 -31.72 -14.70
N LEU X 104 -20.49 -32.91 -14.12
CA LEU X 104 -20.26 -34.12 -14.83
C LEU X 104 -21.53 -34.91 -14.73
N ALA X 105 -22.06 -35.29 -15.89
CA ALA X 105 -23.29 -36.06 -16.01
C ALA X 105 -23.01 -37.39 -16.64
N GLY X 106 -23.67 -38.46 -16.15
CA GLY X 106 -23.40 -39.75 -16.71
C GLY X 106 -24.48 -40.77 -16.45
N TYR X 107 -24.44 -41.84 -17.23
CA TYR X 107 -25.32 -42.99 -17.01
C TYR X 107 -24.44 -44.23 -16.94
N ASP X 108 -24.52 -44.96 -15.84
CA ASP X 108 -23.79 -46.22 -15.68
C ASP X 108 -24.76 -47.40 -15.77
N GLU X 109 -24.33 -48.43 -16.48
CA GLU X 109 -25.11 -49.67 -16.68
C GLU X 109 -25.65 -50.20 -15.36
N HIS X 110 -24.86 -50.15 -14.29
CA HIS X 110 -25.22 -50.71 -12.99
C HIS X 110 -25.68 -49.73 -11.90
N GLU X 111 -25.12 -48.52 -11.81
CA GLU X 111 -25.53 -47.49 -10.82
C GLU X 111 -26.66 -46.53 -11.30
N GLY X 112 -26.98 -46.49 -12.61
CA GLY X 112 -28.00 -45.59 -13.15
C GLY X 112 -27.39 -44.20 -13.42
N PRO X 113 -28.23 -43.17 -13.50
CA PRO X 113 -27.82 -41.84 -13.75
C PRO X 113 -27.08 -41.20 -12.59
N ALA X 114 -26.17 -40.28 -12.90
CA ALA X 114 -25.44 -39.58 -11.88
C ALA X 114 -25.08 -38.15 -12.37
N LEU X 115 -25.19 -37.23 -11.43
CA LEU X 115 -24.82 -35.81 -11.61
C LEU X 115 -23.88 -35.42 -10.49
N TYR X 116 -22.76 -34.82 -10.88
CA TYR X 116 -21.71 -34.42 -9.99
C TYR X 116 -21.43 -32.93 -10.21
N TYR X 117 -21.16 -32.25 -9.10
CA TYR X 117 -20.80 -30.87 -9.05
C TYR X 117 -19.39 -30.74 -8.55
N MET X 118 -18.63 -29.90 -9.21
CA MET X 118 -17.31 -29.59 -8.76
C MET X 118 -16.99 -28.09 -8.95
N ASP X 119 -16.38 -27.48 -7.92
CA ASP X 119 -15.91 -26.12 -8.04
C ASP X 119 -14.42 -26.09 -8.30
N TYR X 120 -13.89 -24.88 -8.48
CA TYR X 120 -12.51 -24.72 -8.83
C TYR X 120 -11.58 -25.18 -7.74
N LEU X 121 -12.01 -25.14 -6.50
CA LEU X 121 -11.22 -25.75 -5.43
C LEU X 121 -11.09 -27.28 -5.47
N ALA X 122 -11.90 -27.88 -6.30
CA ALA X 122 -11.98 -29.31 -6.55
C ALA X 122 -12.79 -30.10 -5.44
N ALA X 123 -13.66 -29.42 -4.74
CA ALA X 123 -14.66 -30.11 -3.93
C ALA X 123 -15.63 -30.81 -4.84
N LEU X 124 -15.91 -32.11 -4.59
CA LEU X 124 -16.82 -32.86 -5.45
C LEU X 124 -18.02 -33.32 -4.67
N ALA X 125 -19.23 -33.01 -5.16
CA ALA X 125 -20.49 -33.48 -4.49
C ALA X 125 -21.39 -34.10 -5.55
N LYS X 126 -21.94 -35.22 -5.24
CA LYS X 126 -23.04 -35.78 -6.02
C LYS X 126 -24.33 -35.06 -5.62
N ALA X 127 -25.23 -34.85 -6.57
CA ALA X 127 -26.44 -34.09 -6.31
C ALA X 127 -27.54 -34.50 -7.24
N PRO X 128 -28.79 -34.39 -6.81
CA PRO X 128 -29.85 -34.75 -7.71
C PRO X 128 -30.13 -33.70 -8.76
N PHE X 129 -29.71 -32.48 -8.45
CA PHE X 129 -29.71 -31.38 -9.39
C PHE X 129 -28.72 -30.33 -8.93
N ALA X 130 -28.29 -29.47 -9.84
CA ALA X 130 -27.24 -28.52 -9.48
C ALA X 130 -27.12 -27.49 -10.59
N ALA X 131 -26.42 -26.40 -10.28
CA ALA X 131 -26.17 -25.37 -11.29
C ALA X 131 -24.96 -24.55 -10.95
N HIS X 132 -24.37 -23.97 -11.98
CA HIS X 132 -23.22 -23.06 -11.81
C HIS X 132 -23.50 -21.77 -12.48
N GLY X 133 -22.70 -20.76 -12.12
CA GLY X 133 -22.89 -19.42 -12.67
C GLY X 133 -23.76 -18.56 -11.78
N TYR X 134 -23.64 -17.26 -11.95
CA TYR X 134 -24.55 -16.33 -11.32
C TYR X 134 -26.03 -16.74 -11.51
N GLY X 135 -26.37 -17.28 -12.67
CA GLY X 135 -27.66 -17.74 -12.98
C GLY X 135 -28.17 -18.73 -11.95
N ALA X 136 -27.28 -19.51 -11.36
CA ALA X 136 -27.62 -20.52 -10.32
C ALA X 136 -28.33 -19.91 -9.14
N PHE X 137 -27.98 -18.68 -8.86
CA PHE X 137 -28.60 -17.97 -7.72
C PHE X 137 -30.11 -17.76 -7.90
N LEU X 138 -30.51 -17.63 -9.15
CA LEU X 138 -31.86 -17.32 -9.48
C LEU X 138 -32.65 -18.57 -9.83
N THR X 139 -31.99 -19.70 -10.04
CA THR X 139 -32.66 -20.91 -10.46
C THR X 139 -32.67 -22.09 -9.43
N LEU X 140 -31.72 -22.16 -8.53
CA LEU X 140 -31.64 -23.28 -7.58
C LEU X 140 -32.90 -23.43 -6.71
N SER X 141 -33.53 -22.31 -6.37
CA SER X 141 -34.74 -22.34 -5.55
C SER X 141 -35.94 -22.81 -6.37
N ILE X 142 -35.93 -22.52 -7.67
CA ILE X 142 -36.97 -23.08 -8.56
C ILE X 142 -36.83 -24.62 -8.60
N LEU X 143 -35.60 -25.10 -8.69
CA LEU X 143 -35.36 -26.54 -8.65
C LEU X 143 -35.73 -27.11 -7.31
N ASP X 144 -35.33 -26.49 -6.19
CA ASP X 144 -35.76 -26.98 -4.85
C ASP X 144 -37.27 -27.01 -4.70
N ARG X 145 -37.96 -26.05 -5.31
CA ARG X 145 -39.40 -25.95 -5.18
C ARG X 145 -40.18 -27.09 -5.91
N TYR X 146 -39.72 -27.46 -7.10
CA TYR X 146 -40.45 -28.31 -8.01
C TYR X 146 -39.80 -29.68 -8.26
N TYR X 147 -38.50 -29.84 -8.01
CA TYR X 147 -37.89 -31.17 -8.25
C TYR X 147 -38.49 -32.28 -7.36
N THR X 148 -38.70 -33.46 -7.93
CA THR X 148 -38.89 -34.69 -7.13
C THR X 148 -37.96 -35.75 -7.71
N PRO X 149 -37.67 -36.80 -6.88
CA PRO X 149 -36.71 -37.80 -7.38
C PRO X 149 -37.25 -38.64 -8.57
N THR X 150 -38.56 -38.71 -8.71
CA THR X 150 -39.18 -39.48 -9.79
C THR X 150 -39.60 -38.61 -10.98
N ILE X 151 -39.16 -37.38 -11.01
CA ILE X 151 -39.48 -36.49 -12.12
C ILE X 151 -39.24 -37.17 -13.49
N SER X 152 -40.22 -37.09 -14.37
CA SER X 152 -40.11 -37.70 -15.70
C SER X 152 -39.32 -36.78 -16.58
N ARG X 153 -38.89 -37.30 -17.69
CA ARG X 153 -38.02 -36.54 -18.54
C ARG X 153 -38.74 -35.35 -19.20
N GLU X 154 -40.00 -35.52 -19.55
CA GLU X 154 -40.85 -34.45 -20.06
C GLU X 154 -41.09 -33.29 -19.07
N ARG X 155 -41.31 -33.64 -17.81
CA ARG X 155 -41.45 -32.68 -16.76
C ARG X 155 -40.09 -32.01 -16.42
N ALA X 156 -38.98 -32.74 -16.48
CA ALA X 156 -37.63 -32.16 -16.28
C ALA X 156 -37.30 -31.11 -17.34
N VAL X 157 -37.68 -31.34 -18.59
CA VAL X 157 -37.55 -30.33 -19.65
C VAL X 157 -38.41 -29.10 -19.37
N GLU X 158 -39.59 -29.29 -18.81
CA GLU X 158 -40.44 -28.17 -18.39
C GLU X 158 -39.86 -27.36 -17.20
N LEU X 159 -39.36 -28.08 -16.21
CA LEU X 159 -38.70 -27.47 -15.09
C LEU X 159 -37.47 -26.69 -15.59
N LEU X 160 -36.66 -27.32 -16.46
CA LEU X 160 -35.51 -26.63 -17.07
C LEU X 160 -35.94 -25.32 -17.73
N ARG X 161 -37.01 -25.38 -18.49
CA ARG X 161 -37.58 -24.22 -19.16
C ARG X 161 -38.05 -23.11 -18.19
N LYS X 162 -38.60 -23.47 -17.05
CA LYS X 162 -38.95 -22.48 -16.04
C LYS X 162 -37.69 -21.74 -15.54
N CYS X 163 -36.61 -22.47 -15.32
CA CYS X 163 -35.33 -21.92 -14.89
C CYS X 163 -34.78 -20.93 -15.95
N LEU X 164 -34.78 -21.34 -17.20
CA LEU X 164 -34.24 -20.54 -18.28
C LEU X 164 -35.08 -19.31 -18.52
N GLU X 165 -36.39 -19.42 -18.33
CA GLU X 165 -37.30 -18.24 -18.40
C GLU X 165 -37.06 -17.25 -17.28
N GLU X 166 -36.71 -17.74 -16.13
CA GLU X 166 -36.38 -16.91 -15.00
C GLU X 166 -35.15 -16.08 -15.31
N LEU X 167 -34.19 -16.68 -16.00
CA LEU X 167 -32.97 -15.93 -16.43
C LEU X 167 -33.33 -14.82 -17.41
N GLN X 168 -34.28 -15.08 -18.29
CA GLN X 168 -34.74 -14.07 -19.25
C GLN X 168 -35.39 -12.90 -18.55
N LYS X 169 -36.18 -13.23 -17.56
CA LYS X 169 -36.92 -12.24 -16.82
C LYS X 169 -36.06 -11.43 -15.88
N ARG X 170 -35.28 -12.12 -15.09
CA ARG X 170 -34.71 -11.52 -13.89
C ARG X 170 -33.20 -11.31 -13.91
N PHE X 171 -32.44 -12.08 -14.68
CA PHE X 171 -31.02 -12.00 -14.73
C PHE X 171 -30.54 -10.77 -15.61
N ILE X 172 -29.52 -10.07 -15.15
CA ILE X 172 -29.02 -8.90 -15.85
C ILE X 172 -28.26 -9.15 -17.19
N LEU X 173 -27.73 -10.35 -17.35
CA LEU X 173 -27.07 -10.72 -18.57
C LEU X 173 -27.98 -11.33 -19.64
N ASN X 174 -27.59 -11.08 -20.88
CA ASN X 174 -28.29 -11.49 -22.10
C ASN X 174 -27.81 -12.89 -22.42
N LEU X 175 -28.56 -13.89 -21.97
CA LEU X 175 -28.34 -15.31 -22.34
C LEU X 175 -29.51 -15.83 -23.09
N PRO X 176 -29.54 -15.65 -24.42
CA PRO X 176 -30.78 -15.97 -25.09
C PRO X 176 -30.97 -17.42 -25.57
N THR X 177 -29.93 -18.26 -25.56
CA THR X 177 -30.07 -19.60 -26.06
C THR X 177 -29.25 -20.57 -25.29
N PHE X 178 -29.77 -21.79 -25.18
CA PHE X 178 -29.14 -22.85 -24.40
C PHE X 178 -29.08 -24.19 -25.12
N SER X 179 -27.96 -24.89 -24.92
CA SER X 179 -27.79 -26.26 -25.38
C SER X 179 -28.48 -27.15 -24.39
N VAL X 180 -29.19 -28.16 -24.88
CA VAL X 180 -29.84 -29.16 -24.01
C VAL X 180 -29.52 -30.60 -24.52
N ARG X 181 -29.11 -31.46 -23.58
CA ARG X 181 -28.83 -32.87 -23.87
C ARG X 181 -29.30 -33.75 -22.73
N ILE X 182 -29.60 -35.00 -23.04
CA ILE X 182 -30.03 -35.95 -22.03
C ILE X 182 -29.22 -37.20 -22.20
N ILE X 183 -28.85 -37.82 -21.09
CA ILE X 183 -28.06 -39.04 -21.08
C ILE X 183 -28.87 -40.13 -20.40
N ASP X 184 -28.92 -41.30 -21.04
CA ASP X 184 -29.64 -42.46 -20.48
C ASP X 184 -28.94 -43.73 -20.90
N LYS X 185 -29.59 -44.87 -20.68
CA LYS X 185 -29.04 -46.17 -21.04
C LYS X 185 -28.63 -46.29 -22.50
N ASN X 186 -29.27 -45.53 -23.39
CA ASN X 186 -28.87 -45.52 -24.79
C ASN X 186 -27.94 -44.39 -25.17
N GLY X 187 -27.25 -43.79 -24.23
CA GLY X 187 -26.27 -42.76 -24.59
C GLY X 187 -26.78 -41.30 -24.51
N ILE X 188 -26.16 -40.44 -25.32
CA ILE X 188 -26.29 -39.01 -25.22
C ILE X 188 -27.16 -38.58 -26.34
N HIS X 189 -28.20 -37.80 -26.05
CA HIS X 189 -29.14 -37.36 -27.06
C HIS X 189 -29.18 -35.85 -27.04
N ASP X 190 -29.09 -35.25 -28.22
CA ASP X 190 -29.23 -33.82 -28.38
C ASP X 190 -30.70 -33.51 -28.39
N LEU X 191 -31.16 -32.62 -27.53
CA LEU X 191 -32.50 -32.06 -27.67
C LEU X 191 -32.45 -30.75 -28.40
N ASP X 192 -33.61 -30.21 -28.73
CA ASP X 192 -33.65 -28.88 -29.35
C ASP X 192 -33.11 -27.85 -28.35
N ASN X 193 -32.44 -26.84 -28.89
CA ASN X 193 -32.04 -25.66 -28.13
C ASN X 193 -33.28 -24.98 -27.61
N ILE X 194 -33.15 -24.41 -26.42
CA ILE X 194 -34.19 -23.62 -25.85
C ILE X 194 -33.72 -22.23 -26.10
N SER X 195 -34.50 -21.49 -26.88
CA SER X 195 -34.13 -20.14 -27.32
C SER X 195 -35.22 -19.14 -27.01
N PHE X 196 -34.81 -17.87 -26.98
CA PHE X 196 -35.71 -16.76 -26.68
C PHE X 196 -35.42 -15.70 -27.74
N THR Y 1 -6.47 -0.08 -32.71
CA THR Y 1 -6.62 -1.03 -33.82
C THR Y 1 -8.03 -1.46 -34.03
N THR Y 2 -8.41 -1.64 -35.31
CA THR Y 2 -9.66 -2.29 -35.65
C THR Y 2 -9.33 -3.35 -36.72
N THR Y 3 -9.66 -4.61 -36.40
CA THR Y 3 -9.57 -5.69 -37.36
C THR Y 3 -10.92 -6.33 -37.43
N LEU Y 4 -11.26 -6.85 -38.59
CA LEU Y 4 -12.48 -7.67 -38.74
C LEU Y 4 -12.34 -8.82 -39.72
N ALA Y 5 -13.21 -9.83 -39.56
CA ALA Y 5 -13.29 -10.92 -40.53
C ALA Y 5 -14.61 -11.58 -40.50
N PHE Y 6 -15.06 -12.02 -41.69
CA PHE Y 6 -16.34 -12.73 -41.80
C PHE Y 6 -16.36 -13.76 -42.90
N LYS Y 7 -17.00 -14.89 -42.61
CA LYS Y 7 -17.26 -15.94 -43.56
C LYS Y 7 -18.49 -15.60 -44.32
N PHE Y 8 -18.49 -15.94 -45.60
CA PHE Y 8 -19.70 -15.82 -46.40
C PHE Y 8 -19.65 -16.81 -47.52
N ARG Y 9 -20.65 -16.82 -48.40
CA ARG Y 9 -20.70 -17.83 -49.46
C ARG Y 9 -19.42 -17.92 -50.30
N HIS Y 10 -18.74 -16.81 -50.50
CA HIS Y 10 -17.56 -16.76 -51.33
C HIS Y 10 -16.22 -16.72 -50.62
N GLY Y 11 -16.19 -17.12 -49.35
CA GLY Y 11 -14.95 -17.26 -48.59
C GLY Y 11 -14.93 -16.44 -47.32
N VAL Y 12 -13.82 -15.78 -47.04
CA VAL Y 12 -13.69 -14.96 -45.86
C VAL Y 12 -13.04 -13.63 -46.21
N ILE Y 13 -13.72 -12.56 -45.81
CA ILE Y 13 -13.20 -11.22 -45.90
C ILE Y 13 -12.42 -10.91 -44.62
N VAL Y 14 -11.25 -10.33 -44.79
CA VAL Y 14 -10.41 -9.95 -43.68
C VAL Y 14 -10.00 -8.49 -43.88
N ALA Y 15 -10.22 -7.63 -42.85
CA ALA Y 15 -9.85 -6.17 -43.00
C ALA Y 15 -9.26 -5.58 -41.73
N ALA Y 16 -8.38 -4.61 -41.90
CA ALA Y 16 -7.78 -3.94 -40.80
C ALA Y 16 -7.40 -2.49 -41.14
N ASP Y 17 -7.23 -1.73 -40.05
CA ASP Y 17 -6.64 -0.40 -40.14
C ASP Y 17 -5.11 -0.58 -40.09
N SER Y 18 -4.38 0.54 -40.02
CA SER Y 18 -2.97 0.50 -40.09
C SER Y 18 -2.21 1.39 -39.13
N ARG Y 19 -2.86 1.76 -38.00
CA ARG Y 19 -2.27 2.68 -37.05
C ARG Y 19 -1.59 1.91 -35.92
N ALA Y 20 -0.43 2.35 -35.52
CA ALA Y 20 0.15 2.01 -34.25
C ALA Y 20 0.31 3.23 -33.36
N THR Y 21 0.20 2.99 -32.06
CA THR Y 21 0.32 4.00 -31.06
C THR Y 21 1.19 3.58 -29.89
N ALA Y 22 1.91 4.56 -29.35
CA ALA Y 22 2.70 4.44 -28.11
C ALA Y 22 2.07 5.48 -27.21
N GLY Y 23 1.24 5.06 -26.27
CA GLY Y 23 0.37 5.98 -25.53
C GLY Y 23 -0.50 6.70 -26.57
N ALA Y 24 -0.61 8.00 -26.46
CA ALA Y 24 -1.36 8.75 -27.43
C ALA Y 24 -0.50 9.25 -28.66
N TYR Y 25 0.80 8.94 -28.70
CA TYR Y 25 1.67 9.23 -29.83
C TYR Y 25 1.38 8.21 -30.96
N ILE Y 26 1.08 8.74 -32.15
CA ILE Y 26 0.93 7.89 -33.33
C ILE Y 26 2.32 7.54 -33.85
N ALA Y 27 2.65 6.26 -33.74
CA ALA Y 27 3.99 5.76 -34.07
C ALA Y 27 4.07 5.36 -35.53
N SER Y 28 2.93 4.90 -36.08
CA SER Y 28 2.84 4.63 -37.51
C SER Y 28 1.42 4.65 -38.02
N GLN Y 29 1.27 5.03 -39.29
CA GLN Y 29 0.01 4.96 -40.03
C GLN Y 29 0.10 3.86 -41.12
N THR Y 30 1.19 3.08 -41.15
CA THR Y 30 1.42 2.14 -42.23
C THR Y 30 1.76 0.73 -41.76
N VAL Y 31 1.14 0.22 -40.68
CA VAL Y 31 1.41 -1.08 -40.20
C VAL Y 31 0.59 -2.07 -41.03
N LYS Y 32 1.21 -3.19 -41.42
CA LYS Y 32 0.47 -4.29 -42.01
C LYS Y 32 -0.03 -5.24 -40.90
N LYS Y 33 -1.31 -5.19 -40.60
CA LYS Y 33 -1.89 -5.99 -39.53
C LYS Y 33 -2.47 -7.33 -39.98
N VAL Y 34 -2.47 -7.58 -41.26
CA VAL Y 34 -2.78 -8.89 -41.84
C VAL Y 34 -1.54 -9.63 -42.23
N ILE Y 35 -1.25 -10.74 -41.57
CA ILE Y 35 -0.03 -11.53 -41.86
C ILE Y 35 -0.39 -12.71 -42.78
N GLU Y 36 0.47 -12.94 -43.72
CA GLU Y 36 0.30 -14.00 -44.66
C GLU Y 36 1.01 -15.23 -44.12
N ILE Y 37 0.28 -16.17 -43.52
CA ILE Y 37 0.88 -17.34 -42.88
C ILE Y 37 1.27 -18.35 -43.94
N ASN Y 38 0.37 -18.62 -44.89
CA ASN Y 38 0.73 -19.27 -46.12
C ASN Y 38 -0.25 -18.81 -47.20
N PRO Y 39 -0.18 -19.34 -48.43
CA PRO Y 39 -1.08 -18.77 -49.47
C PRO Y 39 -2.58 -19.06 -49.26
N TYR Y 40 -2.92 -19.87 -48.25
CA TYR Y 40 -4.31 -20.24 -47.97
C TYR Y 40 -4.78 -19.80 -46.58
N LEU Y 41 -3.91 -19.11 -45.82
CA LEU Y 41 -4.13 -18.77 -44.42
C LEU Y 41 -3.62 -17.35 -44.03
N LEU Y 42 -4.46 -16.54 -43.43
CA LEU Y 42 -4.09 -15.28 -42.91
C LEU Y 42 -4.32 -15.21 -41.43
N GLY Y 43 -3.49 -14.41 -40.80
CA GLY Y 43 -3.69 -14.01 -39.40
C GLY Y 43 -3.83 -12.53 -39.26
N THR Y 44 -4.66 -12.07 -38.35
CA THR Y 44 -4.73 -10.66 -38.03
C THR Y 44 -4.13 -10.33 -36.67
N MET Y 45 -3.70 -9.09 -36.52
CA MET Y 45 -3.01 -8.57 -35.32
C MET Y 45 -3.77 -7.43 -34.69
N ALA Y 46 -3.95 -7.51 -33.38
CA ALA Y 46 -4.42 -6.43 -32.56
C ALA Y 46 -3.85 -6.67 -31.15
N GLY Y 47 -3.46 -5.62 -30.43
CA GLY Y 47 -2.90 -5.69 -29.07
C GLY Y 47 -1.52 -5.14 -29.13
N GLY Y 48 -0.59 -5.86 -28.53
CA GLY Y 48 0.77 -5.53 -28.52
C GLY Y 48 1.38 -5.85 -29.86
N ALA Y 49 2.04 -4.85 -30.47
CA ALA Y 49 2.63 -5.03 -31.79
C ALA Y 49 3.71 -6.12 -31.78
N ALA Y 50 4.67 -6.05 -30.87
CA ALA Y 50 5.73 -7.05 -30.83
C ALA Y 50 5.15 -8.48 -30.53
N ASP Y 51 4.21 -8.57 -29.58
CA ASP Y 51 3.63 -9.84 -29.25
C ASP Y 51 2.93 -10.49 -30.44
N CYS Y 52 2.03 -9.74 -31.09
CA CYS Y 52 1.37 -10.27 -32.30
C CYS Y 52 2.32 -10.70 -33.36
N SER Y 53 3.32 -9.84 -33.70
CA SER Y 53 4.21 -10.16 -34.81
C SER Y 53 5.08 -11.32 -34.49
N PHE Y 54 5.58 -11.44 -33.23
CA PHE Y 54 6.43 -12.52 -32.89
C PHE Y 54 5.62 -13.86 -33.03
N TRP Y 55 4.51 -13.93 -32.35
CA TRP Y 55 3.75 -15.20 -32.16
C TRP Y 55 3.11 -15.64 -33.49
N GLU Y 56 2.70 -14.69 -34.34
CA GLU Y 56 2.19 -15.06 -35.63
C GLU Y 56 3.26 -15.48 -36.60
N ARG Y 57 4.45 -14.92 -36.48
CA ARG Y 57 5.56 -15.43 -37.24
C ARG Y 57 5.96 -16.83 -36.81
N LEU Y 58 5.83 -17.11 -35.51
CA LEU Y 58 6.16 -18.39 -35.00
C LEU Y 58 5.09 -19.41 -35.46
N LEU Y 59 3.88 -18.96 -35.53
CA LEU Y 59 2.78 -19.79 -36.10
C LEU Y 59 3.08 -20.12 -37.53
N ALA Y 60 3.52 -19.14 -38.32
CA ALA Y 60 3.93 -19.40 -39.68
C ALA Y 60 5.04 -20.43 -39.83
N ARG Y 61 6.06 -20.34 -39.00
CA ARG Y 61 7.13 -21.33 -39.01
C ARG Y 61 6.54 -22.73 -38.75
N GLN Y 62 5.70 -22.84 -37.75
CA GLN Y 62 5.20 -24.15 -37.31
C GLN Y 62 4.24 -24.77 -38.36
N CYS Y 63 3.40 -23.93 -38.96
CA CYS Y 63 2.53 -24.39 -40.06
C CYS Y 63 3.35 -24.93 -41.21
N ARG Y 64 4.48 -24.28 -41.51
CA ARG Y 64 5.33 -24.74 -42.57
C ARG Y 64 6.02 -26.09 -42.22
N ILE Y 65 6.51 -26.23 -41.00
CA ILE Y 65 7.10 -27.51 -40.54
C ILE Y 65 6.05 -28.62 -40.65
N TYR Y 66 4.85 -28.32 -40.18
CA TYR Y 66 3.71 -29.24 -40.27
C TYR Y 66 3.52 -29.72 -41.69
N GLU Y 67 3.52 -28.79 -42.65
CA GLU Y 67 3.28 -29.10 -44.05
C GLU Y 67 4.38 -29.98 -44.62
N LEU Y 68 5.63 -29.66 -44.30
CA LEU Y 68 6.75 -30.49 -44.68
C LEU Y 68 6.65 -31.90 -44.07
N ARG Y 69 6.32 -32.02 -42.79
CA ARG Y 69 6.27 -33.33 -42.13
C ARG Y 69 5.12 -34.19 -42.60
N ASN Y 70 3.95 -33.59 -42.77
CA ASN Y 70 2.71 -34.33 -43.04
C ASN Y 70 2.27 -34.36 -44.49
N LYS Y 71 2.93 -33.60 -45.36
CA LYS Y 71 2.67 -33.60 -46.80
C LYS Y 71 1.26 -33.15 -47.15
N GLU Y 72 0.70 -32.27 -46.32
CA GLU Y 72 -0.61 -31.64 -46.56
C GLU Y 72 -0.67 -30.32 -45.81
N ARG Y 73 -1.50 -29.42 -46.34
CA ARG Y 73 -1.81 -28.07 -45.81
C ARG Y 73 -2.35 -28.33 -44.39
N ILE Y 74 -1.93 -27.55 -43.43
CA ILE Y 74 -2.58 -27.56 -42.09
C ILE Y 74 -4.02 -27.03 -42.15
N SER Y 75 -4.92 -27.60 -41.40
CA SER Y 75 -6.26 -27.05 -41.31
C SER Y 75 -6.30 -25.71 -40.53
N VAL Y 76 -7.35 -24.91 -40.76
CA VAL Y 76 -7.62 -23.71 -39.99
C VAL Y 76 -7.77 -24.03 -38.48
N ALA Y 77 -8.47 -25.09 -38.17
CA ALA Y 77 -8.62 -25.54 -36.79
C ALA Y 77 -7.29 -25.84 -36.11
N ALA Y 78 -6.44 -26.59 -36.81
CA ALA Y 78 -5.18 -26.96 -36.29
C ALA Y 78 -4.25 -25.78 -36.15
N ALA Y 79 -4.26 -24.87 -37.12
CA ALA Y 79 -3.40 -23.70 -37.03
C ALA Y 79 -3.80 -22.85 -35.83
N SER Y 80 -5.11 -22.59 -35.69
CA SER Y 80 -5.60 -21.80 -34.57
C SER Y 80 -5.28 -22.46 -33.20
N LYS Y 81 -5.33 -23.80 -33.17
CA LYS Y 81 -5.03 -24.51 -31.99
C LYS Y 81 -3.55 -24.50 -31.65
N LEU Y 82 -2.66 -24.50 -32.66
CA LEU Y 82 -1.24 -24.39 -32.41
C LEU Y 82 -0.91 -23.05 -31.74
N LEU Y 83 -1.56 -21.99 -32.24
CA LEU Y 83 -1.37 -20.67 -31.65
C LEU Y 83 -1.91 -20.62 -30.22
N ALA Y 84 -3.13 -21.09 -30.02
CA ALA Y 84 -3.72 -21.12 -28.70
C ALA Y 84 -2.82 -21.83 -27.69
N ASN Y 85 -2.29 -23.00 -28.06
CA ASN Y 85 -1.49 -23.78 -27.17
C ASN Y 85 -0.14 -23.07 -26.87
N MET Y 86 0.44 -22.42 -27.86
CA MET Y 86 1.65 -21.67 -27.60
C MET Y 86 1.45 -20.51 -26.61
N VAL Y 87 0.39 -19.73 -26.75
CA VAL Y 87 0.21 -18.59 -25.88
C VAL Y 87 -0.31 -18.98 -24.43
N TYR Y 88 -0.97 -20.15 -24.32
CA TYR Y 88 -1.59 -20.53 -23.08
C TYR Y 88 -0.58 -20.50 -21.97
N GLN Y 89 0.60 -20.99 -22.25
CA GLN Y 89 1.71 -21.07 -21.29
C GLN Y 89 2.12 -19.74 -20.72
N TYR Y 90 1.87 -18.66 -21.45
CA TYR Y 90 2.24 -17.33 -21.04
C TYR Y 90 1.13 -16.58 -20.38
N LYS Y 91 -0.02 -17.22 -20.06
CA LYS Y 91 -1.08 -16.41 -19.43
C LYS Y 91 -0.67 -15.77 -18.12
N GLY Y 92 -1.11 -14.55 -17.91
CA GLY Y 92 -0.78 -13.86 -16.72
C GLY Y 92 0.52 -13.07 -16.82
N MET Y 93 1.31 -13.25 -17.89
CA MET Y 93 2.66 -12.61 -17.98
C MET Y 93 2.61 -11.33 -18.74
N GLY Y 94 1.43 -10.95 -19.18
CA GLY Y 94 1.25 -9.64 -19.77
C GLY Y 94 1.36 -9.62 -21.29
N LEU Y 95 1.26 -10.76 -21.94
CA LEU Y 95 1.14 -10.77 -23.43
C LEU Y 95 -0.17 -10.14 -23.80
N SER Y 96 -0.19 -9.36 -24.88
CA SER Y 96 -1.43 -8.80 -25.32
C SER Y 96 -1.62 -9.05 -26.81
N MET Y 97 -2.54 -9.95 -27.15
CA MET Y 97 -2.73 -10.39 -28.53
CA MET Y 97 -2.76 -10.32 -28.55
C MET Y 97 -4.17 -10.80 -28.72
N GLY Y 98 -4.74 -10.33 -29.79
CA GLY Y 98 -6.12 -10.77 -30.22
C GLY Y 98 -6.05 -10.94 -31.74
N THR Y 99 -6.22 -12.17 -32.18
CA THR Y 99 -5.97 -12.55 -33.54
C THR Y 99 -7.15 -13.25 -34.15
N MET Y 100 -7.33 -13.05 -35.43
CA MET Y 100 -8.21 -13.95 -36.21
C MET Y 100 -7.39 -14.79 -37.14
N ILE Y 101 -7.66 -16.10 -37.14
CA ILE Y 101 -7.02 -17.00 -38.07
C ILE Y 101 -8.10 -17.34 -39.14
N CYS Y 102 -7.76 -17.11 -40.41
CA CYS Y 102 -8.70 -17.10 -41.50
C CYS Y 102 -8.16 -17.91 -42.66
N GLY Y 103 -8.92 -18.89 -43.12
CA GLY Y 103 -8.50 -19.72 -44.23
C GLY Y 103 -9.65 -20.43 -44.93
N TRP Y 104 -9.29 -21.38 -45.78
CA TRP Y 104 -10.24 -22.24 -46.46
C TRP Y 104 -9.55 -23.59 -46.51
N ASP Y 105 -10.18 -24.60 -45.95
CA ASP Y 105 -9.61 -25.94 -45.88
C ASP Y 105 -10.66 -26.95 -46.27
N LYS Y 106 -10.47 -28.24 -45.97
CA LYS Y 106 -11.42 -29.29 -46.38
C LYS Y 106 -12.82 -29.11 -45.75
N ARG Y 107 -12.94 -28.36 -44.65
CA ARG Y 107 -14.27 -28.02 -44.11
C ARG Y 107 -14.80 -26.71 -44.73
N GLY Y 108 -14.13 -26.17 -45.75
CA GLY Y 108 -14.54 -24.90 -46.36
C GLY Y 108 -13.96 -23.69 -45.67
N PRO Y 109 -14.65 -22.54 -45.77
CA PRO Y 109 -14.14 -21.32 -45.15
C PRO Y 109 -14.05 -21.44 -43.65
N GLY Y 110 -12.98 -20.92 -43.09
CA GLY Y 110 -12.69 -21.12 -41.69
C GLY Y 110 -12.26 -19.84 -41.04
N LEU Y 111 -12.75 -19.64 -39.83
CA LEU Y 111 -12.45 -18.42 -39.08
C LEU Y 111 -12.44 -18.66 -37.60
N TYR Y 112 -11.32 -18.40 -36.97
CA TYR Y 112 -11.17 -18.57 -35.54
C TYR Y 112 -10.61 -17.33 -34.87
N TYR Y 113 -11.19 -16.95 -33.73
CA TYR Y 113 -10.63 -15.89 -32.89
C TYR Y 113 -9.76 -16.55 -31.80
N VAL Y 114 -8.57 -16.03 -31.61
CA VAL Y 114 -7.60 -16.54 -30.63
C VAL Y 114 -6.96 -15.37 -29.91
N ASP Y 115 -6.81 -15.45 -28.59
CA ASP Y 115 -6.19 -14.36 -27.88
C ASP Y 115 -5.33 -14.79 -26.77
N SER Y 116 -4.63 -13.83 -26.18
CA SER Y 116 -3.66 -14.09 -25.14
C SER Y 116 -4.28 -14.43 -23.77
N GLU Y 117 -5.60 -14.24 -23.60
CA GLU Y 117 -6.34 -14.65 -22.41
C GLU Y 117 -6.66 -16.11 -22.42
N GLY Y 118 -6.47 -16.73 -23.57
CA GLY Y 118 -6.69 -18.15 -23.77
C GLY Y 118 -7.91 -18.52 -24.61
N ASN Y 119 -8.66 -17.54 -25.15
CA ASN Y 119 -9.86 -17.86 -25.91
C ASN Y 119 -9.45 -18.41 -27.25
N ARG Y 120 -10.22 -19.37 -27.71
CA ARG Y 120 -10.14 -19.86 -29.07
C ARG Y 120 -11.54 -20.25 -29.48
N ILE Y 121 -12.12 -19.54 -30.43
CA ILE Y 121 -13.50 -19.85 -30.85
C ILE Y 121 -13.71 -19.65 -32.33
N SER Y 122 -14.47 -20.55 -32.88
CA SER Y 122 -14.89 -20.52 -34.27
C SER Y 122 -16.09 -19.61 -34.38
N GLY Y 123 -16.28 -18.96 -35.50
CA GLY Y 123 -17.48 -18.24 -35.70
C GLY Y 123 -17.62 -17.66 -37.08
N ALA Y 124 -18.75 -17.02 -37.32
CA ALA Y 124 -19.10 -16.50 -38.64
C ALA Y 124 -18.45 -15.11 -38.91
N THR Y 125 -18.37 -14.30 -37.87
CA THR Y 125 -17.86 -12.95 -37.95
C THR Y 125 -17.22 -12.59 -36.61
N PHE Y 126 -16.18 -11.75 -36.64
CA PHE Y 126 -15.54 -11.27 -35.49
C PHE Y 126 -15.00 -9.86 -35.85
N SER Y 127 -14.84 -9.04 -34.83
CA SER Y 127 -14.00 -7.83 -34.89
C SER Y 127 -13.18 -7.78 -33.56
N VAL Y 128 -11.95 -7.30 -33.64
CA VAL Y 128 -11.00 -7.32 -32.56
C VAL Y 128 -10.24 -6.02 -32.52
N GLY Y 129 -9.93 -5.55 -31.29
CA GLY Y 129 -9.10 -4.30 -31.13
C GLY Y 129 -9.96 -3.23 -30.46
N SER Y 130 -9.34 -2.11 -30.17
CA SER Y 130 -9.97 -1.02 -29.48
C SER Y 130 -11.12 -0.42 -30.25
N GLY Y 131 -11.11 -0.56 -31.58
CA GLY Y 131 -12.22 -0.10 -32.41
C GLY Y 131 -13.27 -1.12 -32.78
N SER Y 132 -13.16 -2.34 -32.23
CA SER Y 132 -14.04 -3.41 -32.56
C SER Y 132 -15.50 -3.15 -32.29
N VAL Y 133 -15.80 -2.46 -31.19
CA VAL Y 133 -17.23 -2.18 -30.89
C VAL Y 133 -17.91 -1.33 -32.01
N TYR Y 134 -17.18 -0.41 -32.62
CA TYR Y 134 -17.69 0.40 -33.70
C TYR Y 134 -17.90 -0.41 -34.98
N ALA Y 135 -16.92 -1.24 -35.28
CA ALA Y 135 -16.96 -2.12 -36.45
C ALA Y 135 -18.06 -3.12 -36.33
N TYR Y 136 -18.30 -3.60 -35.11
CA TYR Y 136 -19.37 -4.59 -34.94
C TYR Y 136 -20.71 -4.03 -35.32
N GLY Y 137 -20.96 -2.80 -34.90
CA GLY Y 137 -22.23 -2.17 -35.25
C GLY Y 137 -22.49 -2.13 -36.74
N VAL Y 138 -21.51 -1.65 -37.52
CA VAL Y 138 -21.75 -1.54 -38.95
C VAL Y 138 -21.74 -2.89 -39.68
N MET Y 139 -20.78 -3.73 -39.33
CA MET Y 139 -20.70 -5.06 -39.84
C MET Y 139 -21.99 -5.79 -39.55
N ASP Y 140 -22.45 -5.76 -38.30
CA ASP Y 140 -23.64 -6.52 -38.00
C ASP Y 140 -24.86 -6.04 -38.77
N ARG Y 141 -25.01 -4.73 -39.02
CA ARG Y 141 -26.23 -4.27 -39.68
CA ARG Y 141 -26.21 -4.22 -39.69
C ARG Y 141 -26.21 -4.58 -41.18
N GLY Y 142 -25.06 -4.89 -41.73
CA GLY Y 142 -24.94 -5.16 -43.14
C GLY Y 142 -24.62 -6.59 -43.52
N TYR Y 143 -24.31 -7.45 -42.55
CA TYR Y 143 -23.79 -8.75 -42.87
C TYR Y 143 -24.89 -9.69 -43.37
N SER Y 144 -24.56 -10.54 -44.33
CA SER Y 144 -25.36 -11.71 -44.70
C SER Y 144 -24.44 -12.73 -45.28
N TYR Y 145 -24.74 -14.01 -45.06
CA TYR Y 145 -23.97 -15.10 -45.70
C TYR Y 145 -24.04 -14.98 -47.23
N ASP Y 146 -25.12 -14.41 -47.74
CA ASP Y 146 -25.34 -14.32 -49.19
C ASP Y 146 -25.00 -13.00 -49.79
N LEU Y 147 -24.15 -12.24 -49.11
CA LEU Y 147 -23.54 -11.06 -49.73
C LEU Y 147 -22.86 -11.41 -51.05
N GLU Y 148 -23.05 -10.56 -52.05
CA GLU Y 148 -22.20 -10.59 -53.24
C GLU Y 148 -20.78 -10.16 -52.88
N VAL Y 149 -19.81 -10.58 -53.68
CA VAL Y 149 -18.43 -10.32 -53.42
C VAL Y 149 -18.19 -8.82 -53.20
N GLU Y 150 -18.63 -7.99 -54.14
CA GLU Y 150 -18.37 -6.55 -54.06
C GLU Y 150 -19.12 -5.88 -52.90
N GLN Y 151 -20.28 -6.43 -52.54
CA GLN Y 151 -21.04 -5.93 -51.37
C GLN Y 151 -20.27 -6.23 -50.07
N ALA Y 152 -19.61 -7.39 -50.04
CA ALA Y 152 -18.85 -7.81 -48.92
C ALA Y 152 -17.60 -6.94 -48.73
N TYR Y 153 -16.92 -6.65 -49.82
CA TYR Y 153 -15.79 -5.71 -49.80
C TYR Y 153 -16.24 -4.35 -49.27
N ASP Y 154 -17.35 -3.83 -49.81
CA ASP Y 154 -17.91 -2.57 -49.35
C ASP Y 154 -18.18 -2.58 -47.82
N LEU Y 155 -18.80 -3.62 -47.32
CA LEU Y 155 -19.13 -3.73 -45.89
C LEU Y 155 -17.89 -3.66 -45.00
N ALA Y 156 -16.87 -4.46 -45.35
CA ALA Y 156 -15.65 -4.54 -44.58
C ALA Y 156 -14.93 -3.22 -44.55
N ARG Y 157 -14.76 -2.65 -45.72
CA ARG Y 157 -14.19 -1.33 -45.87
C ARG Y 157 -14.92 -0.24 -45.02
N ARG Y 158 -16.24 -0.19 -45.14
CA ARG Y 158 -17.02 0.77 -44.41
C ARG Y 158 -16.95 0.59 -42.87
N ALA Y 159 -17.02 -0.64 -42.40
CA ALA Y 159 -16.97 -0.96 -40.98
C ALA Y 159 -15.64 -0.48 -40.37
N ILE Y 160 -14.53 -0.84 -40.98
CA ILE Y 160 -13.24 -0.37 -40.50
C ILE Y 160 -13.21 1.13 -40.52
N TYR Y 161 -13.69 1.73 -41.61
CA TYR Y 161 -13.68 3.19 -41.76
C TYR Y 161 -14.41 3.92 -40.61
N GLN Y 162 -15.62 3.48 -40.35
CA GLN Y 162 -16.41 3.99 -39.22
C GLN Y 162 -15.73 3.84 -37.87
N ALA Y 163 -15.04 2.73 -37.67
CA ALA Y 163 -14.22 2.52 -36.46
C ALA Y 163 -13.07 3.53 -36.38
N THR Y 164 -12.44 3.85 -37.50
CA THR Y 164 -11.34 4.84 -37.50
C THR Y 164 -11.81 6.24 -37.12
N TYR Y 165 -13.04 6.52 -37.45
CA TYR Y 165 -13.67 7.78 -37.18
C TYR Y 165 -13.96 7.99 -35.66
N ARG Y 166 -14.51 6.98 -34.98
CA ARG Y 166 -14.82 7.08 -33.54
C ARG Y 166 -13.63 6.81 -32.61
N ASP Y 167 -12.78 5.83 -32.97
CA ASP Y 167 -11.72 5.32 -32.13
C ASP Y 167 -10.41 6.05 -32.39
N ALA Y 168 -9.91 6.75 -31.37
CA ALA Y 168 -8.66 7.49 -31.47
C ALA Y 168 -7.46 6.56 -31.83
N TYR Y 169 -7.58 5.30 -31.45
CA TYR Y 169 -6.49 4.37 -31.68
C TYR Y 169 -6.61 3.58 -32.96
N SER Y 170 -7.54 3.94 -33.84
CA SER Y 170 -7.60 3.34 -35.16
C SER Y 170 -7.55 4.46 -36.22
N GLY Y 171 -6.87 4.12 -37.33
CA GLY Y 171 -6.69 5.08 -38.45
C GLY Y 171 -5.76 4.59 -39.56
N GLY Y 172 -5.43 5.51 -40.47
CA GLY Y 172 -4.41 5.22 -41.50
C GLY Y 172 -5.08 4.77 -42.77
N ALA Y 173 -5.07 3.47 -43.02
CA ALA Y 173 -5.60 2.94 -44.22
C ALA Y 173 -6.35 1.67 -43.94
N VAL Y 174 -7.31 1.40 -44.79
CA VAL Y 174 -8.00 0.18 -44.75
C VAL Y 174 -7.37 -0.83 -45.72
N ASN Y 175 -6.96 -1.98 -45.15
CA ASN Y 175 -6.32 -3.03 -45.90
C ASN Y 175 -7.26 -4.20 -45.89
N LEU Y 176 -7.58 -4.66 -47.10
CA LEU Y 176 -8.63 -5.65 -47.29
C LEU Y 176 -8.13 -6.84 -48.12
N TYR Y 177 -8.49 -8.03 -47.65
CA TYR Y 177 -8.09 -9.31 -48.16
C TYR Y 177 -9.34 -10.21 -48.31
N HIS Y 178 -9.23 -11.17 -49.21
CA HIS Y 178 -10.32 -12.10 -49.51
C HIS Y 178 -9.74 -13.48 -49.63
N VAL Y 179 -10.10 -14.34 -48.69
CA VAL Y 179 -9.68 -15.75 -48.76
C VAL Y 179 -10.67 -16.50 -49.63
N ARG Y 180 -10.17 -17.05 -50.73
CA ARG Y 180 -10.97 -17.87 -51.69
C ARG Y 180 -10.43 -19.26 -51.64
N GLU Y 181 -11.12 -20.19 -52.29
CA GLU Y 181 -10.74 -21.62 -52.22
C GLU Y 181 -9.37 -21.91 -52.78
N ASP Y 182 -8.92 -21.14 -53.76
CA ASP Y 182 -7.57 -21.31 -54.32
C ASP Y 182 -6.50 -20.36 -53.73
N GLY Y 183 -6.77 -19.73 -52.59
CA GLY Y 183 -5.82 -18.83 -51.96
C GLY Y 183 -6.40 -17.49 -51.63
N TRP Y 184 -5.70 -16.73 -50.82
CA TRP Y 184 -6.13 -15.39 -50.51
C TRP Y 184 -5.66 -14.49 -51.64
N ILE Y 185 -6.38 -13.39 -51.81
CA ILE Y 185 -5.89 -12.26 -52.59
C ILE Y 185 -5.97 -11.00 -51.74
N ARG Y 186 -5.01 -10.13 -51.95
CA ARG Y 186 -5.02 -8.77 -51.46
CA ARG Y 186 -5.08 -8.76 -51.41
C ARG Y 186 -6.00 -7.95 -52.33
N VAL Y 187 -7.07 -7.40 -51.82
CA VAL Y 187 -8.09 -6.73 -52.66
C VAL Y 187 -7.76 -5.27 -52.80
N SER Y 188 -7.49 -4.59 -51.69
CA SER Y 188 -7.25 -3.15 -51.78
C SER Y 188 -6.63 -2.59 -50.52
N SER Y 189 -6.07 -1.39 -50.72
CA SER Y 189 -5.55 -0.60 -49.64
C SER Y 189 -6.03 0.82 -49.82
N ASP Y 190 -6.98 1.26 -49.00
CA ASP Y 190 -7.54 2.63 -49.18
C ASP Y 190 -7.29 3.53 -47.96
N ASN Y 191 -6.57 4.62 -48.18
CA ASN Y 191 -6.44 5.65 -47.18
C ASN Y 191 -7.81 6.12 -46.70
N VAL Y 192 -7.95 6.16 -45.38
CA VAL Y 192 -9.11 6.72 -44.72
C VAL Y 192 -9.49 8.16 -45.09
N ALA Y 193 -8.51 9.03 -45.42
CA ALA Y 193 -8.80 10.36 -45.91
C ALA Y 193 -9.46 10.34 -47.29
N ASP Y 194 -9.06 9.41 -48.15
CA ASP Y 194 -9.74 9.21 -49.46
C ASP Y 194 -11.09 8.56 -49.25
N LEU Y 195 -11.24 7.61 -48.30
CA LEU Y 195 -12.58 7.06 -48.04
C LEU Y 195 -13.59 8.07 -47.48
N HIS Y 196 -13.11 8.99 -46.66
CA HIS Y 196 -13.97 10.07 -46.11
C HIS Y 196 -14.59 10.93 -47.22
N GLU Y 197 -13.76 11.29 -48.20
CA GLU Y 197 -14.17 12.07 -49.37
C GLU Y 197 -15.36 11.38 -50.04
N LYS Y 198 -15.21 10.07 -50.25
CA LYS Y 198 -16.19 9.26 -50.90
C LYS Y 198 -17.46 9.06 -50.06
N TYR Y 199 -17.39 8.73 -48.79
CA TYR Y 199 -18.64 8.31 -48.09
C TYR Y 199 -19.57 9.44 -47.63
N SER Y 200 -20.84 9.23 -47.17
CA SER Y 200 -21.89 8.20 -47.60
C SER Y 200 -23.11 7.90 -46.57
N GLY Y 201 -23.57 8.87 -45.76
CA GLY Y 201 -24.80 8.66 -44.92
C GLY Y 201 -26.07 8.59 -45.81
N ARG Z 1 13.98 -0.61 -3.46
CA ARG Z 1 13.62 -0.78 -4.88
C ARG Z 1 14.78 -0.14 -5.70
N PHE Z 2 15.92 -0.85 -5.72
CA PHE Z 2 16.85 -0.81 -6.85
C PHE Z 2 16.05 -0.78 -8.16
N SER Z 3 16.25 0.23 -9.04
CA SER Z 3 15.77 0.21 -10.43
C SER Z 3 16.91 -0.08 -11.42
N PRO Z 4 16.72 -1.07 -12.32
CA PRO Z 4 17.75 -1.45 -13.23
C PRO Z 4 17.82 -0.57 -14.47
N TYR Z 5 17.05 0.48 -14.52
CA TYR Z 5 16.99 1.33 -15.67
C TYR Z 5 17.27 2.76 -15.24
N VAL Z 6 17.79 3.51 -16.15
CA VAL Z 6 17.81 4.94 -16.05
C VAL Z 6 17.68 5.51 -17.48
N PHE Z 7 17.14 6.71 -17.62
CA PHE Z 7 17.00 7.31 -18.97
C PHE Z 7 18.22 8.21 -19.25
N ASN Z 8 18.92 7.99 -20.35
CA ASN Z 8 20.13 8.75 -20.67
C ASN Z 8 19.99 9.61 -21.92
N GLY Z 9 18.81 9.64 -22.50
CA GLY Z 9 18.55 10.65 -23.51
C GLY Z 9 19.04 10.28 -24.86
N GLY Z 10 18.90 11.17 -25.78
CA GLY Z 10 19.38 10.84 -27.11
C GLY Z 10 18.27 10.82 -28.14
N THR Z 11 18.55 11.50 -29.25
CA THR Z 11 17.65 11.53 -30.38
C THR Z 11 18.32 10.92 -31.65
N ILE Z 12 17.57 10.03 -32.32
CA ILE Z 12 18.04 9.33 -33.55
C ILE Z 12 17.06 9.58 -34.73
N LEU Z 13 17.62 9.52 -35.94
CA LEU Z 13 16.88 9.80 -37.15
C LEU Z 13 17.51 8.98 -38.27
N ALA Z 14 16.65 8.43 -39.15
CA ALA Z 14 17.12 7.87 -40.41
C ALA Z 14 16.21 8.18 -41.60
N ILE Z 15 16.84 8.30 -42.75
CA ILE Z 15 16.16 8.66 -44.02
C ILE Z 15 16.67 7.76 -45.13
N ALA Z 16 15.75 7.12 -45.84
CA ALA Z 16 16.06 6.35 -47.04
C ALA Z 16 15.96 7.21 -48.31
N GLY Z 17 17.01 7.21 -49.09
CA GLY Z 17 16.98 7.87 -50.43
C GLY Z 17 16.97 6.76 -51.45
N GLU Z 18 17.03 7.15 -52.70
CA GLU Z 18 17.05 6.22 -53.80
C GLU Z 18 18.32 5.41 -53.85
N ASP Z 19 19.46 6.03 -53.56
CA ASP Z 19 20.76 5.35 -53.52
C ASP Z 19 21.61 5.77 -52.29
N PHE Z 20 20.94 6.10 -51.20
CA PHE Z 20 21.65 6.40 -49.97
C PHE Z 20 20.78 6.19 -48.81
N ALA Z 21 21.39 6.18 -47.65
CA ALA Z 21 20.65 6.24 -46.39
C ALA Z 21 21.41 7.14 -45.40
N ILE Z 22 20.69 7.91 -44.59
CA ILE Z 22 21.26 8.74 -43.55
C ILE Z 22 20.85 8.22 -42.18
N VAL Z 23 21.80 8.10 -41.26
CA VAL Z 23 21.51 7.87 -39.85
C VAL Z 23 22.22 8.92 -39.07
N ALA Z 24 21.44 9.63 -38.27
CA ALA Z 24 21.94 10.78 -37.54
C ALA Z 24 21.53 10.67 -36.07
N SER Z 25 22.37 11.22 -35.21
CA SER Z 25 22.09 11.33 -33.81
C SER Z 25 22.78 12.49 -33.14
N ASP Z 26 22.22 12.96 -32.03
CA ASP Z 26 22.94 14.01 -31.25
C ASP Z 26 24.02 13.27 -30.44
N THR Z 27 24.92 13.99 -29.77
CA THR Z 27 26.01 13.32 -29.07
C THR Z 27 25.96 13.51 -27.58
N ARG Z 28 24.86 14.01 -27.03
CA ARG Z 28 24.76 14.25 -25.56
C ARG Z 28 24.38 12.99 -24.80
N LEU Z 29 25.03 12.74 -23.68
CA LEU Z 29 24.62 11.61 -22.82
C LEU Z 29 24.32 12.22 -21.45
N SER Z 30 23.09 12.07 -21.02
CA SER Z 30 22.53 12.73 -19.86
C SER Z 30 22.13 11.75 -18.74
N GLU Z 31 21.83 12.28 -17.58
CA GLU Z 31 21.26 11.50 -16.52
C GLU Z 31 20.71 12.46 -15.54
N GLY Z 32 19.43 12.30 -15.18
CA GLY Z 32 18.74 13.22 -14.26
C GLY Z 32 18.73 14.64 -14.89
N PHE Z 33 19.26 15.59 -14.16
CA PHE Z 33 19.48 16.99 -14.69
C PHE Z 33 20.91 17.28 -15.14
N SER Z 34 21.72 16.25 -15.30
CA SER Z 34 23.19 16.34 -15.56
C SER Z 34 23.55 15.79 -16.88
N ILE Z 35 24.67 16.29 -17.36
CA ILE Z 35 25.26 15.78 -18.57
C ILE Z 35 26.50 14.97 -18.21
N HIS Z 36 26.53 13.72 -18.67
CA HIS Z 36 27.67 12.82 -18.48
C HIS Z 36 28.84 13.26 -19.40
N THR Z 37 28.53 13.38 -20.70
CA THR Z 37 29.50 13.77 -21.66
C THR Z 37 28.76 14.35 -22.83
N ARG Z 38 29.43 15.29 -23.47
CA ARG Z 38 28.96 15.90 -24.69
C ARG Z 38 29.35 15.16 -25.97
N ASP Z 39 30.09 14.07 -25.86
CA ASP Z 39 30.59 13.36 -27.03
C ASP Z 39 30.35 11.87 -27.01
N SER Z 40 29.10 11.50 -27.10
CA SER Z 40 28.64 10.11 -27.04
C SER Z 40 27.62 9.93 -28.13
N PRO Z 41 28.06 9.57 -29.31
CA PRO Z 41 27.10 9.41 -30.41
C PRO Z 41 26.33 8.08 -30.28
N LYS Z 42 25.20 8.04 -30.96
CA LYS Z 42 24.20 7.01 -30.84
C LYS Z 42 24.09 6.14 -32.03
N CYS Z 43 25.04 6.31 -32.95
CA CYS Z 43 25.14 5.55 -34.17
CA CYS Z 43 25.15 5.56 -34.18
C CYS Z 43 26.32 4.58 -34.07
N TYR Z 44 26.18 3.42 -34.67
CA TYR Z 44 27.19 2.36 -34.65
C TYR Z 44 27.21 1.73 -36.00
N LYS Z 45 28.39 1.63 -36.57
CA LYS Z 45 28.55 0.98 -37.88
C LYS Z 45 28.42 -0.58 -37.70
N LEU Z 46 27.54 -1.23 -38.44
CA LEU Z 46 27.39 -2.70 -38.39
C LEU Z 46 28.14 -3.41 -39.55
N THR Z 47 27.95 -2.91 -40.77
CA THR Z 47 28.66 -3.42 -41.93
C THR Z 47 28.96 -2.18 -42.77
N ASP Z 48 29.59 -2.36 -43.90
CA ASP Z 48 29.79 -1.27 -44.89
C ASP Z 48 28.51 -0.67 -45.42
N LYS Z 49 27.40 -1.38 -45.28
CA LYS Z 49 26.10 -1.05 -45.84
C LYS Z 49 25.00 -0.75 -44.79
N THR Z 50 25.35 -0.85 -43.52
CA THR Z 50 24.37 -0.75 -42.47
C THR Z 50 24.89 -0.08 -41.18
N VAL Z 51 24.11 0.91 -40.70
CA VAL Z 51 24.38 1.64 -39.50
C VAL Z 51 23.15 1.50 -38.62
N ILE Z 52 23.35 1.38 -37.33
CA ILE Z 52 22.23 1.37 -36.39
C ILE Z 52 22.32 2.56 -35.46
N GLY Z 53 21.19 3.23 -35.22
CA GLY Z 53 21.08 4.26 -34.15
C GLY Z 53 20.36 3.62 -32.94
N CYS Z 54 20.84 3.88 -31.72
CA CYS Z 54 20.33 3.38 -30.44
C CYS Z 54 20.30 4.44 -29.39
N SER Z 55 19.12 4.70 -28.85
CA SER Z 55 19.03 5.56 -27.69
C SER Z 55 18.19 5.00 -26.63
N GLY Z 56 18.34 5.56 -25.45
CA GLY Z 56 17.48 5.14 -24.29
C GLY Z 56 18.37 4.94 -23.10
N PHE Z 57 18.28 3.77 -22.45
CA PHE Z 57 19.14 3.48 -21.34
C PHE Z 57 20.49 3.07 -21.90
N HIS Z 58 21.54 3.81 -21.57
CA HIS Z 58 22.88 3.55 -22.14
C HIS Z 58 23.51 2.23 -21.78
N GLY Z 59 23.28 1.75 -20.56
CA GLY Z 59 23.69 0.43 -20.26
C GLY Z 59 23.20 -0.67 -21.23
N ASP Z 60 21.96 -0.54 -21.68
CA ASP Z 60 21.38 -1.47 -22.65
C ASP Z 60 21.88 -1.15 -24.07
N CYS Z 61 22.11 0.12 -24.39
CA CYS Z 61 22.63 0.45 -25.70
C CYS Z 61 23.96 -0.22 -25.93
N LEU Z 62 24.85 -0.12 -24.93
CA LEU Z 62 26.10 -0.74 -25.00
C LEU Z 62 26.06 -2.27 -25.10
N THR Z 63 25.30 -2.90 -24.25
CA THR Z 63 25.17 -4.35 -24.29
C THR Z 63 24.62 -4.84 -25.63
N LEU Z 64 23.51 -4.27 -26.05
CA LEU Z 64 22.85 -4.71 -27.29
C LEU Z 64 23.76 -4.53 -28.51
N THR Z 65 24.49 -3.41 -28.60
CA THR Z 65 25.32 -3.22 -29.77
C THR Z 65 26.44 -4.25 -29.76
N LYS Z 66 26.99 -4.59 -28.58
CA LYS Z 66 27.96 -5.66 -28.51
C LYS Z 66 27.44 -7.05 -28.87
N ILE Z 67 26.21 -7.34 -28.49
CA ILE Z 67 25.53 -8.56 -28.93
C ILE Z 67 25.33 -8.61 -30.46
N ILE Z 68 24.86 -7.50 -31.01
CA ILE Z 68 24.72 -7.44 -32.47
C ILE Z 68 26.03 -7.67 -33.18
N GLU Z 69 27.10 -7.04 -32.68
CA GLU Z 69 28.43 -7.25 -33.28
C GLU Z 69 28.90 -8.69 -33.27
N ALA Z 70 28.71 -9.36 -32.12
CA ALA Z 70 29.06 -10.74 -32.02
C ALA Z 70 28.19 -11.56 -32.99
N ARG Z 71 26.90 -11.29 -33.08
CA ARG Z 71 26.03 -12.09 -33.97
C ARG Z 71 26.32 -11.89 -35.45
N LEU Z 72 26.79 -10.68 -35.84
CA LEU Z 72 27.19 -10.50 -37.21
C LEU Z 72 28.38 -11.34 -37.57
N LYS Z 73 29.41 -11.43 -36.73
CA LYS Z 73 30.53 -12.28 -36.96
C LYS Z 73 30.14 -13.77 -36.99
N MET Z 74 29.28 -14.18 -36.07
CA MET Z 74 28.76 -15.58 -36.06
C MET Z 74 28.05 -15.93 -37.37
N TYR Z 75 27.20 -15.03 -37.85
CA TYR Z 75 26.48 -15.22 -39.12
C TYR Z 75 27.46 -15.35 -40.30
N LYS Z 76 28.46 -14.52 -40.32
CA LYS Z 76 29.44 -14.52 -41.38
C LYS Z 76 30.24 -15.82 -41.38
N HIS Z 77 30.67 -16.23 -40.21
CA HIS Z 77 31.33 -17.50 -40.05
C HIS Z 77 30.53 -18.70 -40.49
N SER Z 78 29.27 -18.79 -40.16
CA SER Z 78 28.51 -19.95 -40.59
C SER Z 78 27.95 -19.87 -42.00
N ASN Z 79 27.65 -18.67 -42.49
CA ASN Z 79 27.05 -18.53 -43.81
C ASN Z 79 28.02 -18.01 -44.90
N ASN Z 80 29.22 -17.65 -44.55
CA ASN Z 80 30.20 -17.10 -45.53
C ASN Z 80 29.79 -15.91 -46.35
N LYS Z 81 29.05 -15.02 -45.73
CA LYS Z 81 28.72 -13.71 -46.30
C LYS Z 81 28.30 -12.77 -45.16
N ALA Z 82 28.41 -11.46 -45.41
CA ALA Z 82 27.98 -10.45 -44.46
C ALA Z 82 26.46 -10.46 -44.42
N MET Z 83 25.89 -10.20 -43.25
CA MET Z 83 24.43 -10.03 -43.12
C MET Z 83 23.93 -8.81 -43.88
N THR Z 84 22.82 -8.97 -44.58
CA THR Z 84 22.14 -7.88 -45.20
C THR Z 84 21.44 -6.98 -44.20
N THR Z 85 21.05 -5.83 -44.68
CA THR Z 85 20.36 -4.87 -43.86
C THR Z 85 19.03 -5.45 -43.30
N GLY Z 86 18.27 -6.06 -44.19
CA GLY Z 86 17.05 -6.72 -43.93
C GLY Z 86 17.21 -7.89 -42.93
N ALA Z 87 18.27 -8.70 -43.08
CA ALA Z 87 18.50 -9.80 -42.18
C ALA Z 87 18.89 -9.29 -40.82
N ILE Z 88 19.67 -8.19 -40.76
CA ILE Z 88 20.04 -7.57 -39.50
C ILE Z 88 18.78 -7.09 -38.74
N ALA Z 89 17.86 -6.51 -39.50
CA ALA Z 89 16.65 -6.04 -38.89
C ALA Z 89 15.81 -7.19 -38.33
N ALA Z 90 15.63 -8.25 -39.11
CA ALA Z 90 14.82 -9.43 -38.65
C ALA Z 90 15.50 -10.06 -37.43
N MET Z 91 16.85 -10.07 -37.39
CA MET Z 91 17.56 -10.65 -36.30
C MET Z 91 17.33 -9.86 -35.08
N LEU Z 92 17.48 -8.54 -35.20
CA LEU Z 92 17.31 -7.63 -34.08
C LEU Z 92 15.92 -7.73 -33.44
N SER Z 93 14.88 -7.89 -34.28
CA SER Z 93 13.54 -8.17 -33.77
C SER Z 93 13.54 -9.34 -32.74
N THR Z 94 14.19 -10.45 -33.10
CA THR Z 94 14.29 -11.63 -32.25
C THR Z 94 15.16 -11.37 -31.00
N ILE Z 95 16.23 -10.60 -31.11
CA ILE Z 95 17.07 -10.34 -29.97
C ILE Z 95 16.26 -9.52 -28.96
N LEU Z 96 15.52 -8.53 -29.45
CA LEU Z 96 14.72 -7.71 -28.59
C LEU Z 96 13.61 -8.53 -27.90
N TYR Z 97 12.99 -9.44 -28.64
CA TYR Z 97 11.91 -10.24 -28.10
C TYR Z 97 12.46 -11.22 -27.06
N SER Z 98 13.75 -11.63 -27.12
CA SER Z 98 14.29 -12.60 -26.17
C SER Z 98 14.20 -12.02 -24.75
N ARG Z 99 14.14 -10.68 -24.65
CA ARG Z 99 14.02 -9.99 -23.40
C ARG Z 99 12.62 -9.46 -23.16
N ARG Z 100 11.60 -10.06 -23.80
CA ARG Z 100 10.25 -9.57 -23.66
C ARG Z 100 9.84 -9.31 -22.19
N PHE Z 101 10.30 -10.13 -21.26
CA PHE Z 101 9.98 -9.96 -19.83
C PHE Z 101 11.01 -9.16 -18.99
N PHE Z 102 12.08 -8.57 -19.59
CA PHE Z 102 13.06 -7.60 -18.89
C PHE Z 102 13.68 -6.81 -20.05
N PRO Z 103 12.91 -5.95 -20.65
CA PRO Z 103 13.24 -5.45 -21.96
C PRO Z 103 14.53 -4.64 -22.00
N TYR Z 104 15.22 -4.69 -23.13
CA TYR Z 104 16.24 -3.66 -23.44
C TYR Z 104 15.45 -2.37 -23.52
N TYR Z 105 15.87 -1.35 -22.74
CA TYR Z 105 15.28 -0.01 -22.82
C TYR Z 105 16.00 0.81 -23.88
N VAL Z 106 15.72 0.46 -25.13
CA VAL Z 106 16.45 1.02 -26.27
C VAL Z 106 15.46 1.27 -27.39
N TYR Z 107 15.60 2.40 -28.07
CA TYR Z 107 14.90 2.67 -29.32
C TYR Z 107 15.90 2.53 -30.43
N ASN Z 108 15.58 1.68 -31.40
CA ASN Z 108 16.47 1.40 -32.47
C ASN Z 108 15.94 1.80 -33.84
N ILE Z 109 16.83 2.36 -34.61
CA ILE Z 109 16.56 2.64 -36.08
C ILE Z 109 17.76 2.15 -36.88
N ILE Z 110 17.52 1.28 -37.86
CA ILE Z 110 18.53 0.80 -38.75
C ILE Z 110 18.47 1.60 -40.08
N GLY Z 111 19.62 2.10 -40.57
CA GLY Z 111 19.67 2.70 -41.86
C GLY Z 111 20.76 2.04 -42.68
N GLY Z 112 20.44 1.75 -43.91
CA GLY Z 112 21.40 1.12 -44.82
C GLY Z 112 20.90 0.97 -46.24
N LEU Z 113 21.66 0.22 -47.01
CA LEU Z 113 21.30 -0.12 -48.38
C LEU Z 113 20.74 -1.56 -48.38
N ASP Z 114 19.66 -1.75 -49.15
CA ASP Z 114 19.11 -3.05 -49.41
C ASP Z 114 19.88 -3.70 -50.55
N GLU Z 115 19.40 -4.86 -51.02
CA GLU Z 115 20.18 -5.68 -51.93
C GLU Z 115 20.14 -5.19 -53.36
N GLU Z 116 19.27 -4.25 -53.68
CA GLU Z 116 19.34 -3.56 -54.96
C GLU Z 116 20.08 -2.20 -54.88
N GLY Z 117 20.68 -1.87 -53.75
CA GLY Z 117 21.43 -0.62 -53.59
C GLY Z 117 20.57 0.57 -53.20
N LYS Z 118 19.32 0.31 -52.87
CA LYS Z 118 18.41 1.39 -52.49
C LYS Z 118 18.48 1.61 -50.98
N GLY Z 119 18.28 2.85 -50.57
CA GLY Z 119 18.10 3.21 -49.16
C GLY Z 119 17.03 2.35 -48.46
N ALA Z 120 17.34 1.93 -47.24
CA ALA Z 120 16.40 1.22 -46.41
C ALA Z 120 16.49 1.66 -44.93
N VAL Z 121 15.32 1.94 -44.33
CA VAL Z 121 15.20 2.32 -42.96
C VAL Z 121 14.26 1.27 -42.26
N TYR Z 122 14.71 0.77 -41.12
CA TYR Z 122 13.86 -0.08 -40.26
C TYR Z 122 13.79 0.50 -38.88
N SER Z 123 12.59 0.66 -38.37
CA SER Z 123 12.37 1.21 -37.07
C SER Z 123 11.73 0.16 -36.11
N PHE Z 124 12.12 0.21 -34.86
CA PHE Z 124 11.80 -0.81 -33.84
C PHE Z 124 11.20 -0.19 -32.60
N ASP Z 125 10.30 -0.91 -31.93
CA ASP Z 125 10.02 -0.65 -30.55
C ASP Z 125 10.93 -1.52 -29.62
N PRO Z 126 10.93 -1.24 -28.31
CA PRO Z 126 11.94 -1.90 -27.46
C PRO Z 126 11.85 -3.42 -27.39
N VAL Z 127 10.70 -3.98 -27.67
CA VAL Z 127 10.58 -5.43 -27.60
C VAL Z 127 10.53 -6.09 -28.98
N GLY Z 128 10.78 -5.31 -30.04
CA GLY Z 128 11.15 -5.93 -31.31
C GLY Z 128 10.16 -5.87 -32.49
N SER Z 129 9.08 -5.18 -32.30
CA SER Z 129 8.13 -4.95 -33.34
C SER Z 129 8.90 -4.03 -34.34
N TYR Z 130 8.76 -4.24 -35.62
CA TYR Z 130 9.45 -3.33 -36.59
C TYR Z 130 8.79 -3.35 -37.91
N GLN Z 131 9.22 -2.40 -38.72
CA GLN Z 131 8.85 -2.38 -40.12
C GLN Z 131 9.80 -1.49 -40.88
N ARG Z 132 9.66 -1.59 -42.19
CA ARG Z 132 10.44 -0.76 -43.07
C ARG Z 132 9.75 0.63 -43.22
N ASP Z 133 10.50 1.69 -43.23
CA ASP Z 133 9.96 3.05 -43.37
C ASP Z 133 10.77 3.77 -44.43
N SER Z 134 10.23 4.84 -44.92
CA SER Z 134 10.95 5.78 -45.83
C SER Z 134 11.88 6.72 -45.02
N PHE Z 135 11.46 7.04 -43.79
CA PHE Z 135 12.19 7.87 -42.85
C PHE Z 135 11.58 7.70 -41.47
N LYS Z 136 12.33 7.98 -40.44
CA LYS Z 136 11.88 7.77 -39.12
C LYS Z 136 12.74 8.47 -38.09
N ALA Z 137 12.10 9.12 -37.09
CA ALA Z 137 12.80 9.68 -35.96
C ALA Z 137 12.50 8.83 -34.70
N GLY Z 138 13.45 8.80 -33.80
CA GLY Z 138 13.34 7.99 -32.58
C GLY Z 138 14.04 8.66 -31.43
N GLY Z 139 13.71 8.22 -30.20
CA GLY Z 139 14.35 8.80 -29.07
C GLY Z 139 13.66 10.00 -28.45
N SER Z 140 14.43 10.75 -27.67
CA SER Z 140 13.94 11.80 -26.83
C SER Z 140 13.10 12.87 -27.60
N ALA Z 141 13.61 13.39 -28.70
CA ALA Z 141 12.91 14.40 -29.48
C ALA Z 141 12.13 13.83 -30.66
N SER Z 142 11.73 12.56 -30.65
CA SER Z 142 11.05 11.99 -31.86
C SER Z 142 9.77 12.65 -32.22
N ALA Z 143 9.05 13.11 -31.24
CA ALA Z 143 7.77 13.75 -31.48
C ALA Z 143 7.91 15.13 -32.03
N MET Z 144 9.05 15.72 -31.80
CA MET Z 144 9.38 17.00 -32.46
C MET Z 144 9.85 16.84 -33.88
N LEU Z 145 10.67 15.83 -34.18
CA LEU Z 145 11.14 15.62 -35.49
C LEU Z 145 10.14 15.02 -36.47
N GLN Z 146 9.36 14.04 -36.02
CA GLN Z 146 8.61 13.25 -36.97
C GLN Z 146 7.62 14.07 -37.83
N PRO Z 147 6.84 15.00 -37.21
CA PRO Z 147 5.87 15.73 -38.00
C PRO Z 147 6.49 16.53 -39.11
N LEU Z 148 7.66 17.10 -38.85
CA LEU Z 148 8.27 17.92 -39.88
C LEU Z 148 8.70 16.98 -41.05
N LEU Z 149 9.22 15.79 -40.69
CA LEU Z 149 9.61 14.84 -41.73
C LEU Z 149 8.36 14.37 -42.52
N ASP Z 150 7.26 14.09 -41.80
CA ASP Z 150 6.01 13.72 -42.46
C ASP Z 150 5.64 14.75 -43.56
N ASN Z 151 5.70 16.04 -43.19
CA ASN Z 151 5.32 17.12 -44.04
C ASN Z 151 6.28 17.30 -45.19
N GLN Z 152 7.58 17.40 -44.88
CA GLN Z 152 8.59 17.81 -45.86
C GLN Z 152 9.13 16.66 -46.70
N VAL Z 153 9.20 15.44 -46.14
CA VAL Z 153 9.61 14.27 -46.93
C VAL Z 153 8.44 13.52 -47.47
N GLY Z 154 7.40 13.33 -46.64
CA GLY Z 154 6.21 12.64 -47.07
C GLY Z 154 5.27 13.53 -47.86
N PHE Z 155 5.51 14.84 -47.88
CA PHE Z 155 4.63 15.79 -48.55
C PHE Z 155 3.19 15.80 -47.99
N LYS Z 156 3.01 15.39 -46.73
CA LYS Z 156 1.69 15.40 -46.16
C LYS Z 156 1.08 16.75 -45.76
N ASN Z 157 -0.25 16.80 -45.98
CA ASN Z 157 -1.07 17.95 -45.84
C ASN Z 157 -0.75 19.08 -46.85
N MET Z 158 0.00 18.81 -47.89
CA MET Z 158 0.27 19.84 -49.00
C MET Z 158 -0.48 19.56 -50.29
N GLN Z 159 -1.11 20.57 -50.88
CA GLN Z 159 -1.72 20.52 -52.22
C GLN Z 159 -0.81 21.20 -53.20
N ASN Z 160 -0.99 20.85 -54.48
CA ASN Z 160 -0.32 21.50 -55.61
C ASN Z 160 1.21 21.58 -55.40
N VAL Z 161 1.81 20.46 -54.99
CA VAL Z 161 3.27 20.29 -54.79
C VAL Z 161 3.68 19.03 -55.55
N GLU Z 162 4.70 19.15 -56.42
CA GLU Z 162 5.28 18.00 -57.16
C GLU Z 162 6.04 17.09 -56.17
N HIS Z 163 5.70 15.80 -56.17
CA HIS Z 163 6.34 14.80 -55.31
C HIS Z 163 7.68 14.32 -55.90
N VAL Z 164 8.69 15.20 -55.88
CA VAL Z 164 10.01 14.88 -56.48
C VAL Z 164 10.78 13.88 -55.58
N PRO Z 165 11.76 13.13 -56.17
CA PRO Z 165 12.66 12.30 -55.34
C PRO Z 165 13.57 13.16 -54.44
N LEU Z 166 13.89 12.58 -53.30
CA LEU Z 166 14.64 13.25 -52.26
C LEU Z 166 16.11 13.21 -52.60
N SER Z 167 16.69 14.35 -52.87
CA SER Z 167 18.12 14.38 -53.10
C SER Z 167 18.82 14.29 -51.73
N LEU Z 168 20.08 13.85 -51.82
CA LEU Z 168 20.98 13.84 -50.71
C LEU Z 168 21.13 15.25 -50.07
N ASP Z 169 21.26 16.29 -50.91
CA ASP Z 169 21.54 17.64 -50.44
C ASP Z 169 20.36 18.34 -49.73
N ARG Z 170 19.17 18.12 -50.26
CA ARG Z 170 17.95 18.44 -49.49
C ARG Z 170 17.83 17.56 -48.17
N ALA Z 171 18.08 16.26 -48.21
CA ALA Z 171 17.90 15.36 -46.97
C ALA Z 171 18.89 15.83 -45.89
N MET Z 172 20.09 16.17 -46.31
CA MET Z 172 21.06 16.69 -45.36
C MET Z 172 20.58 17.98 -44.67
N ARG Z 173 20.00 18.87 -45.48
CA ARG Z 173 19.52 20.14 -44.99
C ARG Z 173 18.43 19.95 -43.99
N LEU Z 174 17.51 19.02 -44.30
CA LEU Z 174 16.42 18.69 -43.44
C LEU Z 174 16.95 18.19 -42.12
N VAL Z 175 17.89 17.26 -42.17
CA VAL Z 175 18.44 16.61 -41.00
C VAL Z 175 19.03 17.67 -40.03
N LYS Z 176 19.83 18.56 -40.58
CA LYS Z 176 20.44 19.57 -39.75
C LYS Z 176 19.38 20.49 -39.15
N ASP Z 177 18.39 20.88 -39.95
CA ASP Z 177 17.34 21.76 -39.47
C ASP Z 177 16.51 21.15 -38.33
N VAL Z 178 16.04 19.92 -38.50
CA VAL Z 178 15.19 19.31 -37.46
C VAL Z 178 15.96 19.15 -36.15
N PHE Z 179 17.23 18.81 -36.20
CA PHE Z 179 18.00 18.72 -34.97
C PHE Z 179 18.22 20.06 -34.27
N ILE Z 180 18.52 21.11 -35.07
CA ILE Z 180 18.64 22.42 -34.54
C ILE Z 180 17.32 22.90 -33.87
N SER Z 181 16.17 22.58 -34.45
CA SER Z 181 14.88 22.82 -33.85
C SER Z 181 14.64 21.99 -32.55
N ALA Z 182 14.99 20.72 -32.58
CA ALA Z 182 14.87 19.88 -31.36
C ALA Z 182 15.77 20.42 -30.22
N ALA Z 183 16.97 20.92 -30.56
CA ALA Z 183 17.88 21.37 -29.52
C ALA Z 183 17.35 22.62 -28.80
N GLU Z 184 16.48 23.36 -29.48
CA GLU Z 184 15.79 24.46 -28.88
C GLU Z 184 14.85 24.08 -27.72
N ARG Z 185 14.24 22.91 -27.79
CA ARG Z 185 13.12 22.59 -26.96
C ARG Z 185 13.24 21.32 -26.09
N ASP Z 186 13.86 20.27 -26.61
CA ASP Z 186 14.21 19.08 -25.86
C ASP Z 186 15.49 19.35 -25.04
N VAL Z 187 15.41 19.29 -23.70
CA VAL Z 187 16.61 19.53 -22.85
C VAL Z 187 17.68 18.46 -23.07
N TYR Z 188 17.29 17.23 -23.44
CA TYR Z 188 18.25 16.19 -23.70
C TYR Z 188 19.02 16.27 -25.04
N THR Z 189 18.55 17.00 -26.04
CA THR Z 189 19.15 16.99 -27.32
C THR Z 189 20.05 18.24 -27.42
N GLY Z 190 21.29 17.97 -27.69
CA GLY Z 190 22.27 19.02 -27.78
C GLY Z 190 23.68 18.61 -28.09
N ASP Z 191 24.56 19.62 -27.97
CA ASP Z 191 26.02 19.51 -28.14
C ASP Z 191 26.54 19.40 -29.57
N ALA Z 192 26.17 18.35 -30.23
CA ALA Z 192 26.60 18.06 -31.57
C ALA Z 192 25.66 17.11 -32.25
N LEU Z 193 25.56 17.30 -33.57
CA LEU Z 193 24.88 16.38 -34.45
C LEU Z 193 25.89 15.55 -35.28
N ARG Z 194 25.76 14.22 -35.24
CA ARG Z 194 26.61 13.30 -35.99
C ARG Z 194 25.79 12.69 -37.07
N ILE Z 195 26.25 12.82 -38.32
CA ILE Z 195 25.52 12.27 -39.51
C ILE Z 195 26.37 11.23 -40.21
N CYS Z 196 25.82 10.06 -40.51
CA CYS Z 196 26.48 8.99 -41.28
C CYS Z 196 25.73 8.90 -42.59
N ILE Z 197 26.43 9.02 -43.70
CA ILE Z 197 25.85 8.89 -45.04
C ILE Z 197 26.32 7.56 -45.67
N VAL Z 198 25.39 6.63 -45.83
CA VAL Z 198 25.68 5.31 -46.41
C VAL Z 198 25.37 5.33 -47.90
N THR Z 199 26.36 5.08 -48.76
CA THR Z 199 26.14 4.95 -50.22
C THR Z 199 26.94 3.74 -50.70
N LYS Z 200 26.90 3.43 -51.99
CA LYS Z 200 27.71 2.32 -52.51
C LYS Z 200 29.24 2.52 -52.35
N GLU Z 201 29.70 3.75 -52.22
CA GLU Z 201 31.11 4.00 -51.99
C GLU Z 201 31.55 3.76 -50.55
N GLY Z 202 30.64 3.70 -49.61
CA GLY Z 202 30.99 3.48 -48.23
C GLY Z 202 30.18 4.40 -47.36
N ILE Z 203 30.72 4.67 -46.18
CA ILE Z 203 30.03 5.43 -45.12
C ILE Z 203 30.86 6.67 -44.80
N ARG Z 204 30.30 7.86 -44.95
CA ARG Z 204 31.01 9.03 -44.51
C ARG Z 204 30.24 9.79 -43.43
N GLU Z 205 30.98 10.59 -42.72
CA GLU Z 205 30.63 11.16 -41.48
C GLU Z 205 30.73 12.65 -41.59
N GLU Z 206 29.67 13.36 -41.18
CA GLU Z 206 29.74 14.84 -40.94
C GLU Z 206 29.38 15.07 -39.49
N THR Z 207 29.95 16.12 -38.93
CA THR Z 207 29.47 16.57 -37.63
C THR Z 207 29.14 18.05 -37.58
N VAL Z 208 28.03 18.38 -36.95
CA VAL Z 208 27.67 19.79 -36.79
C VAL Z 208 27.36 20.11 -35.35
N SER Z 209 27.79 21.32 -35.00
CA SER Z 209 27.64 21.84 -33.68
C SER Z 209 26.17 22.12 -33.34
N LEU Z 210 25.77 21.83 -32.10
CA LEU Z 210 24.48 22.22 -31.58
C LEU Z 210 24.66 22.94 -30.27
N ARG Z 211 23.64 23.66 -29.84
CA ARG Z 211 23.62 24.36 -28.53
C ARG Z 211 24.06 23.51 -27.35
N LYS Z 212 24.83 24.08 -26.45
CA LYS Z 212 25.38 23.37 -25.30
C LYS Z 212 24.65 23.50 -23.95
N ASP Z 213 23.63 24.36 -23.88
CA ASP Z 213 22.84 24.56 -22.66
C ASP Z 213 21.75 23.47 -22.45
N THR AA 1 24.33 -6.32 -3.57
CA THR AA 1 23.79 -5.36 -2.61
C THR AA 1 22.42 -4.77 -3.02
N GLN AA 2 21.51 -4.87 -2.11
CA GLN AA 2 20.25 -4.17 -2.18
C GLN AA 2 20.31 -2.84 -1.43
N ASN AA 3 21.07 -2.80 -0.35
CA ASN AA 3 21.06 -1.68 0.57
C ASN AA 3 22.50 -1.34 0.93
N PRO AA 4 23.05 -0.29 0.37
CA PRO AA 4 24.45 0.00 0.72
C PRO AA 4 24.71 0.27 2.24
N MET AA 5 25.86 -0.08 2.77
CA MET AA 5 26.10 0.07 4.19
C MET AA 5 27.20 1.16 4.38
N VAL AA 6 28.46 0.80 4.48
CA VAL AA 6 29.50 1.80 4.51
C VAL AA 6 29.80 2.22 3.11
N THR AA 7 29.78 3.54 2.85
CA THR AA 7 29.90 4.09 1.52
C THR AA 7 30.96 5.23 1.45
N GLY AA 8 31.48 5.46 0.25
CA GLY AA 8 32.37 6.56 -0.05
C GLY AA 8 31.68 7.50 -1.01
N THR AA 9 32.11 8.76 -1.00
CA THR AA 9 31.49 9.81 -1.74
C THR AA 9 32.19 9.95 -3.09
N SER AA 10 32.25 11.16 -3.62
CA SER AA 10 32.92 11.46 -4.91
C SER AA 10 34.31 10.95 -5.21
N VAL AA 11 34.53 10.61 -6.49
CA VAL AA 11 35.81 10.35 -7.05
C VAL AA 11 35.92 11.30 -8.25
N LEU AA 12 37.06 11.97 -8.37
CA LEU AA 12 37.36 12.88 -9.46
C LEU AA 12 38.44 12.27 -10.34
N GLY AA 13 38.45 12.67 -11.61
CA GLY AA 13 39.44 12.28 -12.57
C GLY AA 13 39.60 13.34 -13.66
N VAL AA 14 40.86 13.58 -14.07
CA VAL AA 14 41.15 14.47 -15.15
C VAL AA 14 42.43 14.06 -15.95
N LYS AA 15 42.32 14.14 -17.26
CA LYS AA 15 43.41 13.79 -18.11
C LYS AA 15 44.37 14.99 -18.19
N PHE AA 16 45.66 14.68 -18.29
CA PHE AA 16 46.72 15.69 -18.53
C PHE AA 16 47.72 15.15 -19.53
N GLU AA 17 48.61 16.04 -20.03
CA GLU AA 17 49.57 15.68 -21.04
C GLU AA 17 50.57 14.74 -20.43
N GLY AA 18 50.53 13.51 -20.89
CA GLY AA 18 51.34 12.43 -20.35
C GLY AA 18 50.68 11.63 -19.24
N GLY AA 19 49.43 11.85 -18.95
CA GLY AA 19 48.83 11.01 -17.87
C GLY AA 19 47.41 11.33 -17.43
N VAL AA 20 47.05 10.80 -16.28
CA VAL AA 20 45.76 11.00 -15.68
C VAL AA 20 45.94 11.06 -14.18
N VAL AA 21 45.15 11.92 -13.55
CA VAL AA 21 45.12 12.00 -12.08
C VAL AA 21 43.67 11.74 -11.61
N ILE AA 22 43.54 10.92 -10.56
CA ILE AA 22 42.30 10.76 -9.84
C ILE AA 22 42.47 11.08 -8.34
N ALA AA 23 41.36 11.48 -7.71
CA ALA AA 23 41.34 11.86 -6.31
C ALA AA 23 40.11 11.29 -5.63
N ALA AA 24 40.27 10.92 -4.35
CA ALA AA 24 39.18 10.49 -3.54
C ALA AA 24 39.55 10.63 -2.10
N ASP AA 25 38.57 11.11 -1.33
CA ASP AA 25 38.74 11.16 0.10
C ASP AA 25 38.81 9.74 0.74
N MET AA 26 39.25 9.70 1.98
CA MET AA 26 39.57 8.46 2.68
C MET AA 26 38.50 8.05 3.71
N LEU AA 27 37.24 8.41 3.44
CA LEU AA 27 36.16 8.25 4.37
C LEU AA 27 35.21 7.13 3.95
N GLY AA 28 34.90 6.26 4.88
CA GLY AA 28 33.75 5.36 4.75
C GLY AA 28 32.65 5.78 5.70
N SER AA 29 31.49 6.21 5.16
CA SER AA 29 30.46 6.79 5.96
C SER AA 29 29.40 5.72 6.19
N TYR AA 30 28.73 5.76 7.31
CA TYR AA 30 27.71 4.81 7.65
C TYR AA 30 26.49 5.64 7.91
N GLY AA 31 25.68 5.87 6.88
CA GLY AA 31 24.66 6.89 6.95
C GLY AA 31 25.38 8.24 7.04
N SER AA 32 24.91 9.08 7.94
CA SER AA 32 25.58 10.35 8.20
C SER AA 32 26.89 10.20 9.04
N LEU AA 33 27.12 9.05 9.67
CA LEU AA 33 28.28 8.84 10.55
C LEU AA 33 29.57 8.72 9.74
N ALA AA 34 30.55 9.53 10.06
CA ALA AA 34 31.87 9.42 9.41
C ALA AA 34 32.61 8.32 10.20
N ARG AA 35 32.45 7.07 9.81
CA ARG AA 35 32.82 5.95 10.61
C ARG AA 35 34.26 5.51 10.47
N PHE AA 36 34.69 5.33 9.25
CA PHE AA 36 36.05 4.81 8.95
C PHE AA 36 36.81 5.88 8.20
N ARG AA 37 37.69 6.54 8.94
CA ARG AA 37 38.30 7.79 8.47
C ARG AA 37 39.65 7.64 7.80
N ASN AA 38 40.09 6.41 7.62
CA ASN AA 38 41.37 6.17 7.00
C ASN AA 38 41.41 5.00 6.01
N ILE AA 39 40.47 4.93 5.08
CA ILE AA 39 40.39 3.84 4.12
C ILE AA 39 40.72 4.38 2.76
N SER AA 40 41.42 3.59 1.95
CA SER AA 40 41.73 4.00 0.56
C SER AA 40 40.60 3.50 -0.39
N ARG AA 41 40.09 4.39 -1.20
CA ARG AA 41 39.12 4.13 -2.18
C ARG AA 41 39.68 4.11 -3.58
N ILE AA 42 40.97 4.02 -3.68
CA ILE AA 42 41.67 3.96 -4.94
C ILE AA 42 42.46 2.65 -4.95
N MET AA 43 42.52 2.05 -6.11
CA MET AA 43 43.26 0.84 -6.35
C MET AA 43 44.22 1.03 -7.54
N ARG AA 44 45.45 0.62 -7.37
CA ARG AA 44 46.35 0.32 -8.48
C ARG AA 44 45.95 -1.04 -9.08
N VAL AA 45 45.47 -1.04 -10.31
CA VAL AA 45 45.08 -2.29 -10.98
C VAL AA 45 46.30 -2.99 -11.58
N ASN AA 46 47.07 -2.28 -12.40
CA ASN AA 46 48.36 -2.75 -12.90
C ASN AA 46 49.17 -1.53 -13.26
N ASN AA 47 50.25 -1.69 -13.99
CA ASN AA 47 51.13 -0.56 -14.22
C ASN AA 47 50.62 0.60 -15.02
N SER AA 48 49.54 0.38 -15.73
CA SER AA 48 49.02 1.36 -16.66
C SER AA 48 47.63 1.89 -16.20
N THR AA 49 47.03 1.32 -15.14
CA THR AA 49 45.64 1.50 -14.82
C THR AA 49 45.38 1.60 -13.33
N MET AA 50 44.54 2.55 -12.98
CA MET AA 50 44.05 2.71 -11.61
C MET AA 50 42.58 2.94 -11.64
N LEU AA 51 41.99 2.74 -10.46
CA LEU AA 51 40.53 2.73 -10.27
C LEU AA 51 40.16 3.44 -8.98
N GLY AA 52 39.16 4.30 -9.05
CA GLY AA 52 38.55 4.91 -7.89
C GLY AA 52 37.08 4.54 -7.75
N ALA AA 53 36.60 4.30 -6.54
CA ALA AA 53 35.18 3.89 -6.32
C ALA AA 53 34.40 4.65 -5.26
N SER AA 54 33.23 5.13 -5.65
CA SER AA 54 32.20 5.66 -4.82
C SER AA 54 31.22 4.48 -4.51
N GLY AA 55 30.44 4.63 -3.48
CA GLY AA 55 29.40 3.71 -3.13
C GLY AA 55 29.88 2.72 -2.15
N ASP AA 56 29.24 1.57 -2.14
CA ASP AA 56 29.41 0.57 -1.05
C ASP AA 56 30.87 0.03 -0.98
N TYR AA 57 31.55 0.26 0.13
CA TYR AA 57 32.94 -0.08 0.25
C TYR AA 57 33.18 -1.57 0.26
N ALA AA 58 32.27 -2.37 0.83
CA ALA AA 58 32.43 -3.82 0.76
C ALA AA 58 32.37 -4.33 -0.68
N ASP AA 59 31.43 -3.82 -1.48
CA ASP AA 59 31.41 -4.13 -2.90
C ASP AA 59 32.69 -3.71 -3.60
N PHE AA 60 33.22 -2.56 -3.27
CA PHE AA 60 34.53 -2.14 -3.83
C PHE AA 60 35.67 -3.12 -3.46
N GLN AA 61 35.70 -3.54 -2.19
CA GLN AA 61 36.67 -4.52 -1.76
C GLN AA 61 36.55 -5.84 -2.56
N TYR AA 62 35.33 -6.24 -2.88
CA TYR AA 62 35.14 -7.45 -3.65
C TYR AA 62 35.69 -7.25 -5.07
N LEU AA 63 35.34 -6.15 -5.70
CA LEU AA 63 35.92 -5.87 -7.00
C LEU AA 63 37.44 -5.85 -6.97
N LYS AA 64 38.02 -5.28 -5.91
CA LYS AA 64 39.47 -5.23 -5.77
C LYS AA 64 40.06 -6.62 -5.72
N GLN AA 65 39.39 -7.49 -4.97
CA GLN AA 65 39.77 -8.87 -4.85
C GLN AA 65 39.73 -9.54 -6.24
N VAL AA 66 38.61 -9.40 -6.96
CA VAL AA 66 38.42 -10.08 -8.23
C VAL AA 66 39.43 -9.53 -9.28
N LEU AA 67 39.52 -8.23 -9.39
CA LEU AA 67 40.36 -7.62 -10.38
C LEU AA 67 41.83 -7.82 -10.07
N GLY AA 68 42.21 -7.78 -8.82
CA GLY AA 68 43.59 -8.06 -8.44
C GLY AA 68 44.02 -9.47 -8.78
N GLN AA 69 43.13 -10.44 -8.59
CA GLN AA 69 43.40 -11.81 -8.95
C GLN AA 69 43.49 -11.98 -10.49
N MET AA 70 42.64 -11.29 -11.25
CA MET AA 70 42.74 -11.34 -12.68
C MET AA 70 44.05 -10.82 -13.21
N VAL AA 71 44.61 -9.76 -12.62
CA VAL AA 71 45.92 -9.25 -13.10
C VAL AA 71 47.01 -10.24 -12.70
N ILE AA 72 46.98 -10.78 -11.49
CA ILE AA 72 47.92 -11.80 -11.12
C ILE AA 72 47.89 -12.95 -12.15
N ASP AA 73 46.69 -13.41 -12.53
CA ASP AA 73 46.56 -14.58 -13.43
C ASP AA 73 47.24 -14.29 -14.74
N GLU AA 74 47.00 -13.10 -15.27
CA GLU AA 74 47.58 -12.68 -16.49
C GLU AA 74 49.12 -12.55 -16.38
N GLU AA 75 49.63 -12.03 -15.27
CA GLU AA 75 51.06 -11.93 -15.07
C GLU AA 75 51.74 -13.29 -15.02
N LEU AA 76 51.04 -14.33 -14.55
CA LEU AA 76 51.62 -15.66 -14.51
C LEU AA 76 52.07 -16.20 -15.88
N LEU AA 77 51.40 -15.76 -16.93
CA LEU AA 77 51.65 -16.23 -18.28
C LEU AA 77 52.90 -15.61 -18.86
N GLY AA 78 53.24 -14.41 -18.43
CA GLY AA 78 54.47 -13.74 -18.91
C GLY AA 78 54.64 -13.78 -20.41
N ASP AA 79 53.56 -13.44 -21.13
CA ASP AA 79 53.49 -13.59 -22.58
C ASP AA 79 53.51 -12.24 -23.36
N GLY AA 80 53.80 -11.11 -22.72
CA GLY AA 80 53.85 -9.83 -23.44
C GLY AA 80 52.51 -9.11 -23.72
N HIS AA 81 51.41 -9.59 -23.16
CA HIS AA 81 50.13 -8.93 -23.30
C HIS AA 81 49.69 -8.63 -21.92
N SER AA 82 49.18 -7.43 -21.74
CA SER AA 82 48.66 -6.95 -20.48
C SER AA 82 47.40 -6.30 -20.77
N TYR AA 83 46.48 -6.34 -19.81
CA TYR AA 83 45.22 -5.61 -19.92
C TYR AA 83 45.47 -4.08 -19.97
N SER AA 84 45.03 -3.45 -21.05
CA SER AA 84 45.06 -2.03 -21.18
C SER AA 84 43.98 -1.42 -20.27
N PRO AA 85 44.09 -0.11 -19.99
CA PRO AA 85 43.06 0.60 -19.23
C PRO AA 85 41.69 0.44 -19.86
N ARG AA 86 41.65 0.49 -21.17
CA ARG AA 86 40.42 0.31 -21.89
C ARG AA 86 39.79 -1.10 -21.71
N ALA AA 87 40.63 -2.11 -21.68
CA ALA AA 87 40.19 -3.47 -21.47
C ALA AA 87 39.60 -3.69 -20.09
N ILE AA 88 40.24 -3.11 -19.08
CA ILE AA 88 39.77 -3.15 -17.72
C ILE AA 88 38.44 -2.42 -17.61
N HIS AA 89 38.34 -1.29 -18.31
CA HIS AA 89 37.10 -0.55 -18.30
C HIS AA 89 35.96 -1.37 -18.92
N SER AA 90 36.25 -2.04 -20.03
CA SER AA 90 35.30 -2.90 -20.70
C SER AA 90 34.85 -4.03 -19.77
N TRP AA 91 35.80 -4.67 -19.13
CA TRP AA 91 35.52 -5.81 -18.24
C TRP AA 91 34.56 -5.34 -17.13
N LEU AA 92 34.86 -4.18 -16.54
CA LEU AA 92 34.06 -3.57 -15.49
C LEU AA 92 32.65 -3.23 -15.94
N THR AA 93 32.55 -2.64 -17.13
CA THR AA 93 31.27 -2.40 -17.71
C THR AA 93 30.43 -3.71 -17.74
N ARG AA 94 31.02 -4.79 -18.25
CA ARG AA 94 30.30 -6.08 -18.36
C ARG AA 94 29.89 -6.67 -17.01
N ALA AA 95 30.80 -6.60 -16.06
CA ALA AA 95 30.62 -7.13 -14.73
C ALA AA 95 29.46 -6.36 -14.02
N MET AA 96 29.47 -5.02 -14.11
CA MET AA 96 28.40 -4.23 -13.53
C MET AA 96 27.05 -4.46 -14.23
N TYR AA 97 27.05 -4.51 -15.59
CA TYR AA 97 25.80 -4.78 -16.28
C TYR AA 97 25.25 -6.14 -15.90
N SER AA 98 26.14 -7.11 -15.80
CA SER AA 98 25.68 -8.48 -15.51
C SER AA 98 25.05 -8.56 -14.11
N ARG AA 99 25.64 -7.87 -13.16
CA ARG AA 99 25.17 -7.86 -11.78
C ARG AA 99 23.80 -7.11 -11.67
N ARG AA 100 23.70 -5.99 -12.40
CA ARG AA 100 22.44 -5.28 -12.58
C ARG AA 100 21.33 -6.15 -13.15
N SER AA 101 21.67 -6.97 -14.16
CA SER AA 101 20.73 -7.77 -14.89
C SER AA 101 20.28 -8.99 -14.06
N LYS AA 102 20.98 -9.37 -13.00
CA LYS AA 102 20.49 -10.31 -11.98
C LYS AA 102 19.77 -9.66 -10.82
N MET AA 103 19.48 -8.36 -10.91
CA MET AA 103 18.81 -7.56 -9.85
C MET AA 103 19.63 -7.63 -8.52
N ASN AA 104 20.96 -7.70 -8.62
CA ASN AA 104 21.82 -7.79 -7.49
C ASN AA 104 23.07 -7.02 -7.76
N PRO AA 105 22.94 -5.70 -7.74
CA PRO AA 105 24.06 -4.90 -8.28
C PRO AA 105 25.24 -4.86 -7.32
N LEU AA 106 26.39 -4.49 -7.86
CA LEU AA 106 27.46 -4.02 -7.06
C LEU AA 106 27.26 -2.54 -6.96
N TRP AA 107 27.10 -2.05 -5.72
CA TRP AA 107 26.62 -0.67 -5.52
C TRP AA 107 27.72 0.40 -5.58
N ASN AA 108 28.28 0.61 -6.77
CA ASN AA 108 29.45 1.47 -6.92
C ASN AA 108 29.35 2.28 -8.19
N THR AA 109 30.05 3.39 -8.21
CA THR AA 109 30.30 4.17 -9.40
C THR AA 109 31.81 4.37 -9.44
N MET AA 110 32.42 4.05 -10.59
CA MET AA 110 33.86 4.02 -10.66
C MET AA 110 34.45 4.88 -11.78
N VAL AA 111 35.70 5.23 -11.55
CA VAL AA 111 36.52 6.04 -12.47
C VAL AA 111 37.75 5.22 -12.68
N ILE AA 112 38.04 4.91 -13.95
CA ILE AA 112 39.22 4.17 -14.37
C ILE AA 112 40.13 5.20 -15.09
N GLY AA 113 41.37 5.28 -14.63
CA GLY AA 113 42.38 6.14 -15.19
C GLY AA 113 43.51 5.31 -15.70
N GLY AA 114 44.06 5.65 -16.86
CA GLY AA 114 45.21 4.95 -17.31
C GLY AA 114 46.11 5.73 -18.26
N TYR AA 115 47.30 5.17 -18.48
CA TYR AA 115 48.18 5.61 -19.53
C TYR AA 115 48.77 4.39 -20.29
N ALA AA 116 48.54 4.32 -21.59
CA ALA AA 116 49.04 3.22 -22.42
C ALA AA 116 49.34 3.75 -23.83
N ASP AA 117 50.52 3.39 -24.36
CA ASP AA 117 50.93 3.74 -25.73
C ASP AA 117 50.78 5.23 -26.02
N GLY AA 118 51.32 6.10 -25.18
CA GLY AA 118 51.12 7.54 -25.35
C GLY AA 118 49.72 8.18 -25.29
N GLU AA 119 48.68 7.44 -24.90
CA GLU AA 119 47.31 7.96 -24.78
C GLU AA 119 46.85 7.90 -23.30
N SER AA 120 46.28 8.99 -22.80
CA SER AA 120 45.60 9.02 -21.51
C SER AA 120 44.20 8.37 -21.66
N PHE AA 121 43.84 7.55 -20.71
CA PHE AA 121 42.51 6.97 -20.68
C PHE AA 121 41.78 7.39 -19.42
N LEU AA 122 40.56 7.87 -19.59
CA LEU AA 122 39.66 8.09 -18.42
C LEU AA 122 38.26 7.63 -18.73
N GLY AA 123 37.75 6.76 -17.90
CA GLY AA 123 36.44 6.17 -18.15
C GLY AA 123 35.62 5.97 -16.90
N TYR AA 124 34.30 6.04 -17.09
CA TYR AA 124 33.33 5.95 -16.03
C TYR AA 124 32.55 4.65 -16.18
N VAL AA 125 32.23 3.99 -15.07
CA VAL AA 125 31.27 2.85 -15.06
C VAL AA 125 30.41 2.95 -13.81
N ASP AA 126 29.10 2.79 -13.95
CA ASP AA 126 28.19 2.83 -12.80
C ASP AA 126 27.56 1.47 -12.55
N MET AA 127 26.76 1.42 -11.51
CA MET AA 127 26.17 0.17 -11.07
C MET AA 127 25.21 -0.47 -12.05
N LEU AA 128 24.72 0.32 -12.99
CA LEU AA 128 23.82 -0.17 -14.01
C LEU AA 128 24.51 -0.52 -15.32
N GLY AA 129 25.83 -0.38 -15.41
CA GLY AA 129 26.55 -0.67 -16.64
C GLY AA 129 26.56 0.50 -17.59
N VAL AA 130 26.16 1.66 -17.13
CA VAL AA 130 26.33 2.92 -17.92
C VAL AA 130 27.84 3.20 -17.91
N ALA AA 131 28.47 3.32 -19.09
CA ALA AA 131 29.91 3.63 -19.17
C ALA AA 131 30.21 4.53 -20.35
N TYR AA 132 31.29 5.34 -20.21
CA TYR AA 132 31.68 6.26 -21.27
C TYR AA 132 33.02 6.80 -20.88
N GLU AA 133 33.60 7.50 -21.83
CA GLU AA 133 34.91 8.16 -21.66
C GLU AA 133 34.78 9.64 -21.71
N ALA AA 134 35.69 10.35 -21.02
CA ALA AA 134 35.65 11.81 -21.09
C ALA AA 134 36.94 12.39 -20.60
N PRO AA 135 37.20 13.65 -20.94
CA PRO AA 135 38.49 14.25 -20.47
C PRO AA 135 38.53 14.51 -18.98
N SER AA 136 37.36 14.59 -18.36
CA SER AA 136 37.28 14.74 -16.90
C SER AA 136 36.00 14.02 -16.43
N LEU AA 137 36.03 13.55 -15.21
CA LEU AA 137 34.91 12.84 -14.61
C LEU AA 137 34.81 13.17 -13.12
N ALA AA 138 33.59 13.03 -12.59
CA ALA AA 138 33.34 13.27 -11.15
C ALA AA 138 32.09 12.55 -10.77
N THR AA 139 32.16 11.64 -9.82
CA THR AA 139 30.97 10.90 -9.42
C THR AA 139 30.33 11.63 -8.26
N GLY AA 140 29.13 11.19 -7.86
CA GLY AA 140 28.41 11.69 -6.69
C GLY AA 140 28.17 13.19 -6.76
N TYR AA 141 28.36 13.85 -5.62
CA TYR AA 141 28.20 15.27 -5.55
C TYR AA 141 29.25 15.99 -6.44
N GLY AA 142 30.36 15.30 -6.73
CA GLY AA 142 31.36 15.75 -7.65
C GLY AA 142 30.79 16.11 -9.00
N ALA AA 143 29.78 15.41 -9.43
CA ALA AA 143 29.12 15.69 -10.72
C ALA AA 143 28.45 17.06 -10.74
N TYR AA 144 27.93 17.52 -9.61
CA TYR AA 144 27.35 18.81 -9.46
C TYR AA 144 28.34 19.94 -9.07
N LEU AA 145 29.34 19.63 -8.28
CA LEU AA 145 30.21 20.64 -7.70
C LEU AA 145 31.59 20.72 -8.36
N ALA AA 146 32.15 19.63 -8.82
CA ALA AA 146 33.49 19.54 -9.33
C ALA AA 146 33.51 19.64 -10.81
N GLN AA 147 32.67 18.84 -11.45
CA GLN AA 147 32.62 18.76 -12.89
C GLN AA 147 32.38 20.11 -13.63
N PRO AA 148 31.51 21.00 -13.13
CA PRO AA 148 31.38 22.31 -13.78
C PRO AA 148 32.75 23.06 -13.83
N LEU AA 149 33.52 22.97 -12.75
CA LEU AA 149 34.82 23.63 -12.65
C LEU AA 149 35.82 22.97 -13.62
N LEU AA 150 35.85 21.64 -13.59
CA LEU AA 150 36.73 20.88 -14.47
C LEU AA 150 36.49 21.23 -15.97
N ARG AA 151 35.22 21.24 -16.37
CA ARG AA 151 34.88 21.47 -17.77
C ARG AA 151 35.11 22.95 -18.24
N GLU AA 152 34.94 23.89 -17.35
CA GLU AA 152 35.14 25.25 -17.62
C GLU AA 152 36.67 25.47 -17.86
N VAL AA 153 37.53 24.86 -17.04
CA VAL AA 153 39.00 24.95 -17.26
C VAL AA 153 39.36 24.29 -18.58
N LEU AA 154 38.88 23.06 -18.78
CA LEU AA 154 39.16 22.32 -19.97
C LEU AA 154 38.71 22.98 -21.28
N GLU AA 155 37.69 23.82 -21.25
CA GLU AA 155 37.26 24.61 -22.41
C GLU AA 155 38.26 25.72 -22.78
N LYS AA 156 38.69 26.50 -21.79
CA LYS AA 156 39.75 27.52 -22.00
C LYS AA 156 41.12 26.92 -22.37
N GLN AA 157 41.37 25.64 -22.05
CA GLN AA 157 42.66 25.00 -22.23
C GLN AA 157 42.51 23.49 -22.16
N PRO AA 158 42.27 22.82 -23.30
CA PRO AA 158 42.02 21.37 -23.24
C PRO AA 158 43.21 20.52 -22.75
N VAL AA 159 44.43 21.00 -22.97
CA VAL AA 159 45.62 20.25 -22.64
C VAL AA 159 46.21 20.86 -21.43
N LEU AA 160 46.19 20.11 -20.34
CA LEU AA 160 46.74 20.56 -19.05
C LEU AA 160 48.04 19.87 -18.77
N SER AA 161 48.97 20.60 -18.17
CA SER AA 161 50.13 19.98 -17.59
C SER AA 161 49.74 19.16 -16.36
N GLN AA 162 50.66 18.31 -15.91
CA GLN AA 162 50.48 17.54 -14.67
C GLN AA 162 50.24 18.47 -13.46
N THR AA 163 51.04 19.53 -13.32
CA THR AA 163 50.94 20.37 -12.11
C THR AA 163 49.66 21.26 -12.14
N GLU AA 164 49.22 21.68 -13.34
CA GLU AA 164 47.89 22.32 -13.55
C GLU AA 164 46.66 21.39 -13.24
N ALA AA 165 46.70 20.17 -13.69
CA ALA AA 165 45.66 19.18 -13.35
C ALA AA 165 45.60 18.93 -11.86
N ARG AA 166 46.75 18.80 -11.25
CA ARG AA 166 46.82 18.57 -9.83
C ARG AA 166 46.29 19.80 -9.00
N ASP AA 167 46.66 21.05 -9.36
CA ASP AA 167 46.13 22.24 -8.71
CA ASP AA 167 46.08 22.32 -8.76
C ASP AA 167 44.58 22.28 -8.88
N LEU AA 168 44.10 21.89 -10.04
CA LEU AA 168 42.68 21.89 -10.33
C LEU AA 168 41.86 20.84 -9.49
N VAL AA 169 42.43 19.67 -9.35
CA VAL AA 169 41.87 18.66 -8.49
C VAL AA 169 41.81 19.15 -7.03
N GLU AA 170 42.87 19.80 -6.55
CA GLU AA 170 42.89 20.31 -5.17
C GLU AA 170 41.76 21.34 -4.93
N ARG AA 171 41.52 22.21 -5.92
CA ARG AA 171 40.47 23.20 -5.84
C ARG AA 171 39.10 22.50 -5.76
N CYS AA 172 38.91 21.46 -6.55
CA CYS AA 172 37.64 20.71 -6.54
C CYS AA 172 37.44 19.99 -5.21
N MET AA 173 38.48 19.38 -4.68
CA MET AA 173 38.39 18.72 -3.40
C MET AA 173 38.03 19.68 -2.27
N ARG AA 174 38.52 20.93 -2.37
CA ARG AA 174 38.17 21.92 -1.42
C ARG AA 174 36.64 22.25 -1.42
N VAL AA 175 36.11 22.47 -2.62
CA VAL AA 175 34.74 22.79 -2.81
C VAL AA 175 33.85 21.63 -2.30
N LEU AA 176 34.24 20.43 -2.61
CA LEU AA 176 33.56 19.25 -2.09
C LEU AA 176 33.54 19.17 -0.56
N TYR AA 177 34.65 19.49 0.09
CA TYR AA 177 34.71 19.56 1.51
C TYR AA 177 33.81 20.69 2.08
N TYR AA 178 33.70 21.79 1.38
CA TYR AA 178 32.79 22.86 1.80
C TYR AA 178 31.30 22.48 1.74
N ARG AA 179 30.92 21.71 0.71
CA ARG AA 179 29.49 21.55 0.28
C ARG AA 179 28.85 20.19 0.29
N ASP AA 180 29.64 19.16 0.49
CA ASP AA 180 29.17 17.75 0.55
C ASP AA 180 29.28 17.32 2.02
N ALA AA 181 28.13 17.10 2.66
CA ALA AA 181 28.08 16.66 4.04
C ALA AA 181 28.65 15.27 4.30
N ARG AA 182 29.02 14.54 3.27
CA ARG AA 182 29.67 13.27 3.42
C ARG AA 182 31.14 13.27 3.01
N SER AA 183 31.74 14.44 2.83
CA SER AA 183 33.11 14.48 2.53
C SER AA 183 33.95 14.55 3.83
N TYR AA 184 35.25 14.48 3.64
CA TYR AA 184 36.21 14.49 4.71
C TYR AA 184 37.49 15.09 4.20
N ASN AA 185 38.16 15.89 5.02
CA ASN AA 185 39.35 16.65 4.51
C ASN AA 185 40.66 15.87 4.70
N ARG AA 186 40.70 14.70 4.11
CA ARG AA 186 41.78 13.77 4.16
C ARG AA 186 41.61 12.93 2.90
N PHE AA 187 42.46 13.14 1.93
CA PHE AA 187 42.30 12.48 0.64
C PHE AA 187 43.57 11.96 0.01
N GLN AA 188 43.40 11.17 -1.02
CA GLN AA 188 44.49 10.67 -1.80
C GLN AA 188 44.40 11.22 -3.21
N ILE AA 189 45.55 11.41 -3.84
CA ILE AA 189 45.65 11.67 -5.25
C ILE AA 189 46.46 10.55 -5.84
N ALA AA 190 45.99 10.00 -6.94
CA ALA AA 190 46.69 8.94 -7.66
C ALA AA 190 46.97 9.39 -9.08
N THR AA 191 48.16 9.10 -9.54
CA THR AA 191 48.59 9.58 -10.86
C THR AA 191 49.11 8.41 -11.66
N VAL AA 192 48.78 8.40 -12.94
CA VAL AA 192 49.34 7.41 -13.81
C VAL AA 192 50.01 8.11 -14.94
N THR AA 193 51.24 7.70 -15.21
CA THR AA 193 52.06 8.25 -16.32
C THR AA 193 52.80 7.07 -16.99
N GLU AA 194 53.68 7.36 -17.94
CA GLU AA 194 54.70 6.44 -18.43
C GLU AA 194 55.40 5.62 -17.36
N LYS AA 195 55.68 6.22 -16.21
CA LYS AA 195 56.41 5.58 -15.13
C LYS AA 195 55.55 4.63 -14.27
N GLY AA 196 54.23 4.58 -14.47
CA GLY AA 196 53.39 3.74 -13.65
C GLY AA 196 52.39 4.52 -12.82
N VAL AA 197 51.92 3.89 -11.76
CA VAL AA 197 50.88 4.42 -10.92
C VAL AA 197 51.45 4.80 -9.57
N GLU AA 198 51.23 6.03 -9.12
CA GLU AA 198 51.64 6.49 -7.79
C GLU AA 198 50.40 6.96 -7.05
N ILE AA 199 50.30 6.58 -5.78
CA ILE AA 199 49.21 6.99 -4.91
C ILE AA 199 49.82 7.81 -3.79
N GLU AA 200 49.41 9.07 -3.67
CA GLU AA 200 49.91 9.92 -2.61
C GLU AA 200 48.85 10.18 -1.62
N GLY AA 201 49.25 10.29 -0.36
N GLY AA 201 49.24 10.24 -0.35
CA GLY AA 201 48.35 10.71 0.72
CA GLY AA 201 48.35 10.67 0.71
C GLY AA 201 48.93 10.26 2.03
C GLY AA 201 48.91 10.21 2.02
N PRO AA 202 48.24 10.55 3.14
CA PRO AA 202 47.04 11.37 3.26
C PRO AA 202 47.31 12.87 3.04
N LEU AA 203 46.48 13.48 2.20
CA LEU AA 203 46.52 14.91 1.92
C LEU AA 203 45.28 15.63 2.49
N SER AA 204 45.43 16.92 2.73
CA SER AA 204 44.40 17.86 3.21
C SER AA 204 44.41 19.10 2.38
N THR AA 205 43.29 19.79 2.27
CA THR AA 205 43.24 21.10 1.59
C THR AA 205 43.22 22.16 2.67
N GLU AA 206 43.87 23.32 2.41
CA GLU AA 206 43.58 24.55 3.16
C GLU AA 206 42.15 25.00 2.95
N THR AA 207 41.61 25.63 3.98
CA THR AA 207 40.24 26.08 3.92
C THR AA 207 40.19 27.49 4.42
N ASN AA 208 39.22 28.22 3.91
CA ASN AA 208 38.99 29.55 4.38
C ASN AA 208 37.57 29.69 5.01
N TRP AA 209 37.48 30.29 6.18
CA TRP AA 209 36.23 30.47 6.92
C TRP AA 209 35.87 31.95 7.18
N ASP AA 210 36.50 32.87 6.42
CA ASP AA 210 36.30 34.31 6.50
C ASP AA 210 34.81 34.67 6.47
N ILE AA 211 34.07 34.00 5.61
CA ILE AA 211 32.63 34.26 5.52
C ILE AA 211 31.88 34.11 6.84
N ALA AA 212 32.42 33.35 7.80
CA ALA AA 212 31.81 33.27 9.14
C ALA AA 212 31.61 34.59 9.81
N HIS AA 213 32.43 35.58 9.48
CA HIS AA 213 32.28 36.96 9.99
C HIS AA 213 31.58 37.96 9.04
N MET AA 214 31.05 37.52 7.91
CA MET AA 214 30.37 38.39 6.93
C MET AA 214 28.84 38.14 6.88
N ILE AA 215 28.20 37.84 8.00
CA ILE AA 215 26.74 37.62 7.95
C ILE AA 215 26.22 39.05 7.64
N SER AA 216 25.96 39.23 6.33
CA SER AA 216 26.51 40.39 5.46
C SER AA 216 25.84 41.81 5.42
N THR BA 1 23.99 -3.54 22.38
CA THR BA 1 25.38 -4.01 22.52
C THR BA 1 26.42 -2.96 22.33
N THR BA 2 27.46 -3.07 23.12
CA THR BA 2 28.68 -2.32 22.85
C THR BA 2 29.86 -3.31 22.86
N ILE BA 3 30.66 -3.30 21.80
CA ILE BA 3 31.85 -4.11 21.71
C ILE BA 3 33.02 -3.22 21.37
N MET BA 4 34.20 -3.68 21.76
CA MET BA 4 35.42 -2.87 21.58
C MET BA 4 36.67 -3.71 21.63
N ALA BA 5 37.68 -3.31 20.88
CA ALA BA 5 39.01 -3.92 20.96
C ALA BA 5 40.09 -2.93 20.61
N VAL BA 6 41.24 -3.13 21.22
CA VAL BA 6 42.34 -2.21 21.21
C VAL BA 6 43.67 -2.96 21.06
N GLN BA 7 44.48 -2.55 20.10
CA GLN BA 7 45.81 -3.11 19.97
C GLN BA 7 46.80 -2.46 20.99
N PHE BA 8 47.69 -3.27 21.56
CA PHE BA 8 48.84 -2.75 22.31
C PHE BA 8 50.09 -3.49 21.80
N ASP BA 9 51.26 -3.09 22.22
CA ASP BA 9 52.49 -3.77 21.76
C ASP BA 9 52.57 -5.15 22.42
N GLY BA 10 52.32 -6.19 21.63
CA GLY BA 10 52.35 -7.59 22.11
C GLY BA 10 50.99 -8.23 22.28
N GLY BA 11 49.93 -7.53 21.89
CA GLY BA 11 48.62 -8.12 22.06
C GLY BA 11 47.45 -7.21 21.81
N VAL BA 12 46.30 -7.71 22.26
CA VAL BA 12 45.05 -6.99 22.20
C VAL BA 12 44.22 -7.15 23.48
N VAL BA 13 43.41 -6.13 23.72
CA VAL BA 13 42.35 -6.14 24.70
C VAL BA 13 40.98 -6.08 23.99
N LEU BA 14 40.05 -6.91 24.43
CA LEU BA 14 38.70 -6.91 23.90
C LEU BA 14 37.76 -6.70 25.04
N GLY BA 15 36.63 -6.07 24.75
CA GLY BA 15 35.54 -5.95 25.73
C GLY BA 15 34.12 -5.94 25.15
N ALA BA 16 33.19 -6.33 26.00
CA ALA BA 16 31.78 -6.28 25.62
C ALA BA 16 30.91 -6.08 26.81
N ASP BA 17 29.74 -5.48 26.57
CA ASP BA 17 28.66 -5.51 27.58
C ASP BA 17 28.06 -6.92 27.56
N SER BA 18 27.05 -7.18 28.36
CA SER BA 18 26.49 -8.51 28.48
C SER BA 18 25.01 -8.62 28.28
N ARG BA 19 24.41 -7.74 27.47
CA ARG BA 19 22.93 -7.64 27.39
C ARG BA 19 22.35 -8.17 26.08
N THR BA 20 21.44 -9.14 26.15
CA THR BA 20 20.70 -9.62 25.01
C THR BA 20 19.27 -9.17 25.20
N THR BA 21 18.71 -8.53 24.16
CA THR BA 21 17.35 -8.02 24.21
C THR BA 21 16.46 -8.57 23.09
N THR BA 22 15.18 -8.75 23.39
CA THR BA 22 14.15 -8.92 22.39
C THR BA 22 13.13 -7.85 22.72
N GLY BA 23 12.96 -6.92 21.80
CA GLY BA 23 12.21 -5.72 22.13
C GLY BA 23 12.98 -5.07 23.26
N SER BA 24 12.27 -4.62 24.28
CA SER BA 24 12.99 -4.06 25.39
C SER BA 24 13.05 -5.03 26.63
N TYR BA 25 12.78 -6.32 26.38
CA TYR BA 25 13.01 -7.37 27.41
C TYR BA 25 14.46 -7.90 27.34
N ILE BA 26 15.09 -7.99 28.49
CA ILE BA 26 16.44 -8.48 28.59
C ILE BA 26 16.35 -10.00 28.77
N ALA BA 27 16.65 -10.71 27.69
CA ALA BA 27 16.58 -12.18 27.69
C ALA BA 27 17.78 -12.82 28.28
N ASN BA 28 18.88 -12.12 28.34
CA ASN BA 28 20.07 -12.57 29.03
C ASN BA 28 20.80 -11.32 29.52
N ARG BA 29 20.98 -11.21 30.83
CA ARG BA 29 21.69 -10.05 31.44
C ARG BA 29 23.22 -10.25 31.55
N VAL BA 30 23.72 -11.48 31.29
CA VAL BA 30 25.15 -11.83 31.48
C VAL BA 30 25.71 -12.58 30.28
N THR BA 31 25.20 -12.26 29.10
CA THR BA 31 25.70 -12.80 27.84
C THR BA 31 27.22 -12.64 27.70
N ASP BA 32 27.83 -13.65 27.11
CA ASP BA 32 29.22 -13.61 26.77
C ASP BA 32 29.29 -13.35 25.27
N LYS BA 33 29.60 -12.13 24.92
CA LYS BA 33 29.67 -11.72 23.52
C LYS BA 33 31.07 -11.83 22.93
N LEU BA 34 32.04 -12.26 23.73
CA LEU BA 34 33.41 -12.40 23.25
C LEU BA 34 33.62 -13.84 23.07
N THR BA 35 33.75 -14.30 21.82
CA THR BA 35 33.84 -15.75 21.61
C THR BA 35 35.17 -16.21 21.00
N PRO BA 36 35.77 -17.25 21.61
CA PRO BA 36 37.06 -17.72 21.12
C PRO BA 36 36.89 -18.43 19.78
N ILE BA 37 37.70 -18.09 18.82
CA ILE BA 37 37.64 -18.72 17.48
C ILE BA 37 38.83 -19.69 17.31
N HIS BA 38 39.95 -19.39 17.97
CA HIS BA 38 41.06 -20.28 18.07
C HIS BA 38 41.77 -19.93 19.40
N ASP BA 39 42.92 -20.52 19.69
CA ASP BA 39 43.66 -20.29 20.93
C ASP BA 39 43.88 -18.80 21.26
N ARG BA 40 44.26 -17.99 20.27
CA ARG BA 40 44.58 -16.61 20.51
C ARG BA 40 43.85 -15.62 19.60
N ILE BA 41 42.64 -16.01 19.14
CA ILE BA 41 41.82 -15.23 18.25
C ILE BA 41 40.37 -15.28 18.72
N PHE BA 42 39.82 -14.11 18.99
CA PHE BA 42 38.45 -13.98 19.47
C PHE BA 42 37.66 -13.14 18.49
N CYS BA 43 36.35 -13.31 18.53
CA CYS BA 43 35.49 -12.30 17.95
C CYS BA 43 34.52 -11.70 18.98
N CYS BA 44 34.27 -10.41 18.83
CA CYS BA 44 33.26 -9.74 19.60
C CYS BA 44 32.05 -9.66 18.72
N ARG BA 45 30.89 -9.95 19.27
CA ARG BA 45 29.67 -10.06 18.45
C ARG BA 45 28.58 -9.04 18.79
N SER BA 46 28.04 -8.39 17.76
CA SER BA 46 26.88 -7.53 17.87
C SER BA 46 25.92 -7.83 16.71
N GLY BA 47 24.67 -7.47 16.90
CA GLY BA 47 23.61 -7.55 15.90
C GLY BA 47 22.75 -8.71 16.33
N SER BA 48 22.45 -9.58 15.44
CA SER BA 48 21.59 -10.73 15.69
C SER BA 48 22.34 -11.82 16.47
N ALA BA 49 21.75 -12.28 17.58
CA ALA BA 49 22.30 -13.37 18.34
C ALA BA 49 22.36 -14.64 17.55
N ALA BA 50 21.34 -14.97 16.80
CA ALA BA 50 21.36 -16.21 16.04
C ALA BA 50 22.39 -16.18 14.93
N ASP BA 51 22.40 -15.09 14.18
CA ASP BA 51 23.32 -14.93 13.06
C ASP BA 51 24.76 -14.97 13.52
N THR BA 52 25.09 -14.20 14.56
CA THR BA 52 26.47 -14.16 14.99
C THR BA 52 26.97 -15.47 15.59
N GLN BA 53 26.12 -16.18 16.31
CA GLN BA 53 26.50 -17.51 16.84
C GLN BA 53 26.75 -18.54 15.69
N ALA BA 54 25.86 -18.55 14.70
CA ALA BA 54 25.98 -19.46 13.57
C ALA BA 54 27.28 -19.15 12.84
N VAL BA 55 27.55 -17.87 12.59
CA VAL BA 55 28.71 -17.50 11.79
C VAL BA 55 29.98 -17.80 12.58
N ALA BA 56 30.01 -17.48 13.85
CA ALA BA 56 31.18 -17.78 14.70
C ALA BA 56 31.48 -19.29 14.73
N ASP BA 57 30.46 -20.13 14.91
CA ASP BA 57 30.61 -21.58 14.88
C ASP BA 57 31.15 -22.08 13.55
N ALA BA 58 30.65 -21.51 12.43
CA ALA BA 58 31.10 -21.93 11.12
C ALA BA 58 32.55 -21.55 10.91
N VAL BA 59 32.94 -20.35 11.28
CA VAL BA 59 34.35 -19.90 11.17
C VAL BA 59 35.31 -20.70 12.06
N THR BA 60 34.87 -20.99 13.27
CA THR BA 60 35.67 -21.80 14.20
C THR BA 60 36.01 -23.11 13.54
N TYR BA 61 34.99 -23.74 12.96
CA TYR BA 61 35.17 -24.98 12.21
C TYR BA 61 36.13 -24.84 11.02
N GLN BA 62 35.95 -23.83 10.17
CA GLN BA 62 36.85 -23.59 9.03
C GLN BA 62 38.29 -23.30 9.45
N LEU BA 63 38.45 -22.45 10.44
CA LEU BA 63 39.75 -22.09 10.93
C LEU BA 63 40.45 -23.29 11.63
N GLY BA 64 39.69 -24.12 12.34
CA GLY BA 64 40.28 -25.26 13.07
C GLY BA 64 40.86 -26.27 12.10
N PHE BA 65 40.10 -26.54 11.04
CA PHE BA 65 40.51 -27.48 10.02
C PHE BA 65 41.74 -26.94 9.29
N HIS BA 66 41.69 -25.68 8.87
CA HIS BA 66 42.81 -24.98 8.19
C HIS BA 66 44.09 -25.05 9.00
N SER BA 67 43.93 -24.80 10.29
CA SER BA 67 45.08 -24.82 11.21
C SER BA 67 45.73 -26.22 11.38
N ILE BA 68 44.94 -27.28 11.41
CA ILE BA 68 45.48 -28.63 11.45
C ILE BA 68 46.20 -28.99 10.15
N GLU BA 69 45.62 -28.62 9.05
CA GLU BA 69 46.26 -28.84 7.75
C GLU BA 69 47.63 -28.17 7.64
N LEU BA 70 47.70 -26.91 8.02
CA LEU BA 70 48.96 -26.18 7.97
C LEU BA 70 49.94 -26.53 9.05
N ASN BA 71 49.44 -27.14 10.13
CA ASN BA 71 50.22 -27.46 11.29
C ASN BA 71 50.95 -26.23 11.85
N GLU BA 72 50.20 -25.15 12.00
CA GLU BA 72 50.69 -23.87 12.51
C GLU BA 72 49.54 -23.08 13.10
N PRO BA 73 49.83 -22.13 14.03
CA PRO BA 73 48.74 -21.28 14.54
C PRO BA 73 48.21 -20.38 13.41
N PRO BA 74 46.90 -20.14 13.39
CA PRO BA 74 46.35 -19.35 12.31
C PRO BA 74 46.69 -17.87 12.50
N LEU BA 75 46.80 -17.18 11.37
CA LEU BA 75 46.88 -15.74 11.34
C LEU BA 75 45.56 -15.07 11.73
N VAL BA 76 45.65 -13.95 12.46
CA VAL BA 76 44.44 -13.21 12.85
C VAL BA 76 43.75 -12.68 11.57
N HIS BA 77 44.56 -12.23 10.61
CA HIS BA 77 44.07 -11.78 9.33
C HIS BA 77 43.26 -12.87 8.57
N THR BA 78 43.62 -14.14 8.75
CA THR BA 78 42.89 -15.26 8.16
C THR BA 78 41.51 -15.47 8.81
N ALA BA 79 41.46 -15.43 10.16
CA ALA BA 79 40.20 -15.47 10.83
C ALA BA 79 39.29 -14.33 10.37
N ALA BA 80 39.83 -13.14 10.29
CA ALA BA 80 39.05 -11.99 9.83
C ALA BA 80 38.55 -12.19 8.43
N SER BA 81 39.41 -12.70 7.54
CA SER BA 81 39.01 -12.90 6.12
C SER BA 81 37.88 -13.94 6.03
N LEU BA 82 37.93 -14.96 6.88
CA LEU BA 82 36.87 -15.96 6.86
C LEU BA 82 35.54 -15.36 7.31
N PHE BA 83 35.56 -14.53 8.36
CA PHE BA 83 34.37 -13.81 8.81
C PHE BA 83 33.82 -12.90 7.71
N LYS BA 84 34.72 -12.14 7.12
CA LYS BA 84 34.40 -11.21 6.02
C LYS BA 84 33.73 -11.95 4.84
N GLU BA 85 34.36 -13.00 4.34
CA GLU BA 85 33.85 -13.76 3.23
C GLU BA 85 32.42 -14.20 3.50
N MET BA 86 32.17 -14.73 4.69
CA MET BA 86 30.81 -15.18 5.02
C MET BA 86 29.80 -14.00 5.23
N CYS BA 87 30.25 -12.96 5.92
CA CYS BA 87 29.41 -11.75 6.15
C CYS BA 87 29.16 -10.94 4.90
N TYR BA 88 30.05 -10.97 3.93
CA TYR BA 88 29.84 -10.29 2.65
C TYR BA 88 28.92 -11.08 1.73
N ARG BA 89 29.24 -12.35 1.49
CA ARG BA 89 28.46 -13.26 0.67
C ARG BA 89 26.97 -13.29 1.07
N TYR BA 90 26.72 -13.39 2.37
CA TYR BA 90 25.38 -13.45 2.94
C TYR BA 90 24.90 -12.13 3.58
N ARG BA 91 25.42 -10.99 3.08
CA ARG BA 91 25.11 -9.71 3.68
C ARG BA 91 23.59 -9.44 3.63
N GLU BA 92 22.89 -9.92 2.65
CA GLU BA 92 21.45 -9.71 2.65
C GLU BA 92 20.67 -10.53 3.67
N ASP BA 93 21.24 -11.56 4.25
CA ASP BA 93 20.52 -12.43 5.15
C ASP BA 93 21.07 -12.43 6.55
N LEU BA 94 22.07 -11.58 6.83
CA LEU BA 94 22.73 -11.58 8.13
C LEU BA 94 22.70 -10.19 8.67
N MET BA 95 22.58 -10.10 10.00
CA MET BA 95 22.75 -8.88 10.72
C MET BA 95 23.86 -9.09 11.75
N ALA BA 96 25.09 -8.80 11.36
CA ALA BA 96 26.24 -9.15 12.14
C ALA BA 96 27.25 -8.01 12.05
N GLY BA 97 27.61 -7.46 13.20
CA GLY BA 97 28.68 -6.42 13.27
C GLY BA 97 29.73 -7.02 14.16
N ILE BA 98 30.89 -7.33 13.59
CA ILE BA 98 31.88 -8.16 14.24
C ILE BA 98 33.19 -7.41 14.44
N ILE BA 99 33.87 -7.70 15.56
CA ILE BA 99 35.29 -7.33 15.68
C ILE BA 99 36.09 -8.59 15.85
N ILE BA 100 37.12 -8.75 15.03
CA ILE BA 100 38.05 -9.89 15.17
C ILE BA 100 39.36 -9.34 15.78
N ALA BA 101 39.80 -9.94 16.87
CA ALA BA 101 41.06 -9.52 17.47
C ALA BA 101 41.80 -10.68 18.05
N GLY BA 102 43.11 -10.58 17.97
CA GLY BA 102 43.93 -11.64 18.52
C GLY BA 102 45.37 -11.43 18.31
N TRP BA 103 46.14 -12.49 18.55
CA TRP BA 103 47.59 -12.46 18.40
C TRP BA 103 48.00 -13.61 17.53
N ASP BA 104 48.95 -13.36 16.64
CA ASP BA 104 49.70 -14.45 16.03
C ASP BA 104 51.21 -14.13 15.96
N PRO BA 105 52.07 -15.15 15.75
CA PRO BA 105 53.52 -14.88 15.82
C PRO BA 105 54.08 -14.04 14.70
N GLN BA 106 53.33 -13.90 13.61
CA GLN BA 106 53.83 -13.22 12.45
C GLN BA 106 53.59 -11.71 12.55
N GLU BA 107 52.39 -11.33 12.93
CA GLU BA 107 51.97 -9.92 12.94
C GLU BA 107 51.61 -9.38 14.29
N GLY BA 108 51.68 -10.21 15.33
CA GLY BA 108 51.43 -9.74 16.70
C GLY BA 108 49.96 -9.43 16.95
N GLY BA 109 49.71 -8.43 17.79
CA GLY BA 109 48.38 -8.05 18.19
C GLY BA 109 47.65 -7.32 17.07
N GLN BA 110 46.46 -7.80 16.73
CA GLN BA 110 45.74 -7.18 15.63
C GLN BA 110 44.24 -7.08 15.91
N VAL BA 111 43.63 -6.00 15.40
CA VAL BA 111 42.22 -5.73 15.52
C VAL BA 111 41.61 -5.48 14.11
N TYR BA 112 40.58 -6.21 13.74
CA TYR BA 112 39.88 -6.06 12.47
C TYR BA 112 38.43 -5.82 12.72
N SER BA 113 37.87 -4.79 12.07
CA SER BA 113 36.42 -4.60 12.01
C SER BA 113 35.80 -5.24 10.77
N VAL BA 114 34.72 -6.01 11.00
CA VAL BA 114 33.86 -6.51 9.90
C VAL BA 114 32.42 -6.02 10.15
N PRO BA 115 32.12 -4.79 9.76
CA PRO BA 115 30.84 -4.26 10.10
C PRO BA 115 29.76 -4.87 9.16
N MET BA 116 28.55 -4.47 9.39
CA MET BA 116 27.43 -4.94 8.57
C MET BA 116 27.67 -4.53 7.10
N GLY BA 117 27.40 -5.49 6.23
CA GLY BA 117 27.74 -5.38 4.82
C GLY BA 117 28.98 -6.21 4.41
N GLY BA 118 29.87 -6.49 5.34
CA GLY BA 118 30.98 -7.35 5.12
C GLY BA 118 32.25 -6.74 4.58
N MET BA 119 32.49 -5.47 4.85
CA MET BA 119 33.80 -4.89 4.59
C MET BA 119 34.72 -5.36 5.72
N MET BA 120 36.03 -5.24 5.53
CA MET BA 120 37.03 -5.55 6.56
C MET BA 120 38.11 -4.48 6.52
N VAL BA 121 38.49 -3.99 7.69
CA VAL BA 121 39.51 -2.98 7.80
C VAL BA 121 40.24 -3.25 9.10
N ARG BA 122 41.58 -3.18 9.04
CA ARG BA 122 42.40 -3.24 10.24
C ARG BA 122 42.36 -1.90 10.93
N GLN BA 123 42.24 -1.89 12.26
CA GLN BA 123 42.28 -0.63 13.06
C GLN BA 123 43.12 -0.70 14.34
N SER BA 124 43.62 0.42 14.82
CA SER BA 124 44.31 0.48 16.14
C SER BA 124 43.37 0.09 17.26
N PHE BA 125 42.14 0.56 17.16
CA PHE BA 125 41.09 0.17 18.07
C PHE BA 125 39.81 0.22 17.29
N ALA BA 126 38.87 -0.60 17.69
CA ALA BA 126 37.59 -0.66 17.04
C ALA BA 126 36.47 -0.63 18.09
N ILE BA 127 35.31 -0.09 17.70
CA ILE BA 127 34.13 -0.12 18.52
C ILE BA 127 32.96 -0.44 17.62
N GLY BA 128 31.98 -1.14 18.16
CA GLY BA 128 30.79 -1.47 17.35
C GLY BA 128 29.62 -1.77 18.27
N GLY BA 129 28.51 -2.16 17.65
CA GLY BA 129 27.22 -2.23 18.32
C GLY BA 129 26.52 -0.93 18.51
N SER BA 130 25.25 -0.99 18.80
CA SER BA 130 24.41 0.19 19.00
C SER BA 130 25.04 1.21 20.00
N GLY BA 131 25.66 0.75 21.09
CA GLY BA 131 26.16 1.68 22.09
C GLY BA 131 27.39 2.43 21.63
N SER BA 132 28.08 1.92 20.62
CA SER BA 132 29.27 2.56 20.12
C SER BA 132 29.00 4.00 19.69
N SER BA 133 27.79 4.31 19.21
CA SER BA 133 27.48 5.73 18.86
C SER BA 133 27.81 6.72 19.97
N TYR BA 134 27.54 6.34 21.23
CA TYR BA 134 27.66 7.22 22.33
C TYR BA 134 29.04 7.42 22.83
N ILE BA 135 29.98 6.60 22.37
CA ILE BA 135 31.38 6.75 22.76
C ILE BA 135 32.36 7.10 21.64
N TYR BA 136 31.92 7.49 20.45
CA TYR BA 136 32.86 7.98 19.42
C TYR BA 136 33.71 9.13 19.93
N GLY BA 137 33.08 10.12 20.49
CA GLY BA 137 33.78 11.28 21.03
C GLY BA 137 34.77 10.94 22.13
N TYR BA 138 34.32 10.13 23.08
CA TYR BA 138 35.10 9.69 24.18
C TYR BA 138 36.39 9.01 23.67
N VAL BA 139 36.23 7.99 22.84
CA VAL BA 139 37.40 7.28 22.35
C VAL BA 139 38.29 8.16 21.48
N ASP BA 140 37.69 9.00 20.63
CA ASP BA 140 38.52 9.92 19.83
C ASP BA 140 39.37 10.87 20.69
N ALA BA 141 38.86 11.29 21.85
CA ALA BA 141 39.53 12.25 22.73
C ALA BA 141 40.53 11.54 23.65
N THR BA 142 40.29 10.27 23.96
CA THR BA 142 41.04 9.57 24.98
C THR BA 142 42.13 8.64 24.39
N TYR BA 143 41.91 8.05 23.23
CA TYR BA 143 42.92 7.18 22.64
C TYR BA 143 44.29 7.86 22.59
N ARG BA 144 45.33 7.11 22.97
CA ARG BA 144 46.75 7.54 22.86
C ARG BA 144 47.53 6.41 22.18
N GLU BA 145 48.38 6.78 21.25
CA GLU BA 145 49.34 5.84 20.68
C GLU BA 145 50.28 5.35 21.78
N GLY BA 146 50.51 4.05 21.82
CA GLY BA 146 51.53 3.45 22.68
C GLY BA 146 51.05 3.08 24.05
N MET BA 147 49.76 2.85 24.22
CA MET BA 147 49.20 2.49 25.52
CA MET BA 147 49.21 2.51 25.52
C MET BA 147 49.68 1.13 25.95
N THR BA 148 49.82 0.92 27.25
CA THR BA 148 50.18 -0.39 27.76
C THR BA 148 48.96 -1.26 27.78
N LYS BA 149 49.16 -2.54 28.04
CA LYS BA 149 48.05 -3.46 28.27
C LYS BA 149 47.07 -2.93 29.33
N GLU BA 150 47.60 -2.48 30.45
CA GLU BA 150 46.77 -2.11 31.60
C GLU BA 150 45.97 -0.84 31.30
N GLU BA 151 46.58 0.08 30.56
CA GLU BA 151 45.90 1.27 30.09
C GLU BA 151 44.81 0.94 29.08
N CYS BA 152 45.08 0.01 28.18
CA CYS BA 152 44.05 -0.48 27.21
C CYS BA 152 42.88 -1.13 27.93
N LEU BA 153 43.14 -1.91 29.00
CA LEU BA 153 42.06 -2.46 29.82
C LEU BA 153 41.22 -1.38 30.48
N GLN BA 154 41.86 -0.36 31.05
CA GLN BA 154 41.16 0.76 31.68
C GLN BA 154 40.32 1.58 30.69
N PHE BA 155 40.90 1.90 29.55
CA PHE BA 155 40.31 2.62 28.43
C PHE BA 155 39.04 1.90 27.90
N THR BA 156 39.17 0.61 27.67
CA THR BA 156 38.08 -0.26 27.28
C THR BA 156 36.97 -0.29 28.33
N ALA BA 157 37.31 -0.54 29.58
CA ALA BA 157 36.29 -0.58 30.64
C ALA BA 157 35.51 0.75 30.80
N ASN BA 158 36.23 1.87 30.72
CA ASN BA 158 35.65 3.18 30.79
C ASN BA 158 34.68 3.44 29.64
N ALA BA 159 35.13 3.19 28.43
CA ALA BA 159 34.33 3.36 27.22
C ALA BA 159 33.06 2.53 27.28
N LEU BA 160 33.19 1.27 27.66
CA LEU BA 160 32.01 0.41 27.73
C LEU BA 160 31.06 0.86 28.81
N ALA BA 161 31.60 1.33 29.95
CA ALA BA 161 30.76 1.80 31.06
C ALA BA 161 29.90 3.02 30.64
N LEU BA 162 30.52 3.94 29.89
CA LEU BA 162 29.85 5.10 29.37
C LEU BA 162 28.75 4.74 28.40
N ALA BA 163 29.02 3.81 27.51
CA ALA BA 163 28.03 3.37 26.54
C ALA BA 163 26.88 2.66 27.21
N MET BA 164 27.16 1.81 28.18
CA MET BA 164 26.16 1.03 28.88
C MET BA 164 25.25 1.92 29.69
N GLU BA 165 25.75 3.00 30.22
CA GLU BA 165 24.91 3.97 30.92
C GLU BA 165 23.81 4.63 30.01
N ARG BA 166 24.15 4.87 28.75
CA ARG BA 166 23.31 5.60 27.82
C ARG BA 166 22.47 4.76 26.87
N ASP BA 167 22.98 3.61 26.45
CA ASP BA 167 22.32 2.78 25.45
C ASP BA 167 21.41 1.75 26.16
N GLY BA 168 20.10 1.82 25.93
CA GLY BA 168 19.13 0.84 26.42
C GLY BA 168 19.43 -0.60 26.05
N SER BA 169 20.03 -0.77 24.88
CA SER BA 169 20.44 -2.08 24.42
C SER BA 169 21.74 -2.61 24.93
N SER BA 170 22.43 -1.87 25.80
CA SER BA 170 23.68 -2.35 26.38
C SER BA 170 23.55 -2.31 27.88
N GLY BA 171 24.24 -3.18 28.58
CA GLY BA 171 24.15 -3.16 30.04
C GLY BA 171 24.65 -4.45 30.65
N GLY BA 172 24.49 -4.58 31.97
CA GLY BA 172 24.87 -5.76 32.67
C GLY BA 172 26.25 -5.70 33.28
N VAL BA 173 27.11 -6.64 32.88
CA VAL BA 173 28.54 -6.67 33.32
C VAL BA 173 29.41 -6.33 32.13
N ILE BA 174 30.63 -5.94 32.42
CA ILE BA 174 31.65 -5.82 31.39
C ILE BA 174 32.53 -7.03 31.41
N ARG BA 175 32.63 -7.68 30.25
CA ARG BA 175 33.57 -8.82 30.04
C ARG BA 175 34.75 -8.32 29.24
N LEU BA 176 35.95 -8.62 29.76
CA LEU BA 176 37.22 -8.23 29.18
C LEU BA 176 38.08 -9.42 28.94
N ALA BA 177 38.92 -9.34 27.91
CA ALA BA 177 39.89 -10.34 27.65
C ALA BA 177 41.13 -9.67 27.13
N ALA BA 178 42.30 -10.19 27.55
CA ALA BA 178 43.57 -9.75 27.02
C ALA BA 178 44.23 -10.94 26.33
N ILE BA 179 44.75 -10.73 25.14
CA ILE BA 179 45.37 -11.76 24.37
C ILE BA 179 46.75 -11.32 23.97
N ALA BA 180 47.68 -12.24 24.20
CA ALA BA 180 49.10 -12.01 23.97
C ALA BA 180 49.75 -13.36 23.70
N GLU BA 181 51.05 -13.34 23.40
CA GLU BA 181 51.76 -14.59 23.15
C GLU BA 181 51.59 -15.55 24.33
N SER BA 182 51.58 -15.06 25.56
CA SER BA 182 51.47 -15.93 26.73
C SER BA 182 50.09 -16.59 26.94
N GLY BA 183 49.09 -16.13 26.23
CA GLY BA 183 47.75 -16.73 26.32
C GLY BA 183 46.63 -15.71 26.44
N VAL BA 184 45.55 -16.16 27.03
CA VAL BA 184 44.33 -15.40 27.14
C VAL BA 184 43.97 -15.21 28.60
N GLU BA 185 43.68 -13.97 28.99
CA GLU BA 185 43.26 -13.64 30.36
C GLU BA 185 41.92 -12.96 30.31
N ARG BA 186 40.94 -13.58 30.93
CA ARG BA 186 39.60 -13.13 30.93
C ARG BA 186 39.18 -12.65 32.29
N GLN BA 187 38.36 -11.61 32.32
CA GLN BA 187 37.77 -11.13 33.60
C GLN BA 187 36.45 -10.41 33.37
N VAL BA 188 35.70 -10.28 34.45
CA VAL BA 188 34.43 -9.62 34.51
C VAL BA 188 34.52 -8.45 35.48
N LEU BA 189 34.07 -7.28 35.05
CA LEU BA 189 33.76 -6.18 35.97
C LEU BA 189 32.28 -6.19 36.21
N LEU BA 190 31.89 -6.29 37.48
CA LEU BA 190 30.48 -6.24 37.88
C LEU BA 190 30.18 -5.31 39.05
N GLY BA 191 28.93 -4.88 39.15
CA GLY BA 191 28.51 -3.98 40.23
C GLY BA 191 29.41 -2.76 40.39
N ASP BA 192 30.00 -2.63 41.57
CA ASP BA 192 30.86 -1.49 41.92
C ASP BA 192 32.19 -1.47 41.20
N GLN BA 193 32.59 -2.56 40.58
CA GLN BA 193 33.82 -2.62 39.82
C GLN BA 193 33.71 -1.87 38.47
N ILE BA 194 32.49 -1.58 38.03
CA ILE BA 194 32.28 -0.86 36.74
C ILE BA 194 32.60 0.62 36.99
N PRO BA 195 33.49 1.24 36.18
CA PRO BA 195 33.77 2.65 36.36
C PRO BA 195 32.48 3.43 36.41
N LYS BA 196 32.47 4.44 37.25
CA LYS BA 196 31.30 5.21 37.64
C LYS BA 196 31.56 6.69 37.31
N PHE BA 197 30.57 7.36 36.73
CA PHE BA 197 30.68 8.81 36.50
C PHE BA 197 29.36 9.39 37.03
N ALA BA 198 29.41 10.40 37.91
CA ALA BA 198 28.15 11.00 38.45
C ALA BA 198 27.17 11.52 37.37
N VAL BA 199 25.85 11.29 37.57
CA VAL BA 199 24.78 12.01 36.85
C VAL BA 199 24.89 13.46 37.35
N ALA BA 200 24.81 14.43 36.42
CA ALA BA 200 25.24 15.83 36.71
C ALA BA 200 24.12 16.65 37.30
N THR BA 201 23.92 16.50 38.61
CA THR BA 201 22.81 17.11 39.32
C THR BA 201 23.06 18.60 39.53
N LEU BA 202 21.96 19.32 39.66
CA LEU BA 202 22.03 20.77 39.68
C LEU BA 202 22.72 21.37 40.94
N PRO BA 203 23.70 22.29 40.75
CA PRO BA 203 24.24 23.10 41.90
C PRO BA 203 23.19 24.00 42.59
#